data_1XFW
#
_entry.id   1XFW
#
_cell.length_a   320.501
_cell.length_b   185.044
_cell.length_c   142.454
_cell.angle_alpha   90.00
_cell.angle_beta   90.22
_cell.angle_gamma   90.00
#
_symmetry.space_group_name_H-M   'C 1 2 1'
#
loop_
_entity.id
_entity.type
_entity.pdbx_description
1 polymer 'Calmodulin-sensitive adenylate cyclase'
2 polymer 'Calmodulin 2'
3 non-polymer 'MAGNESIUM ION'
4 non-polymer "ADENOSINE-3',5'-CYCLIC-MONOPHOSPHATE"
5 non-polymer 'CALCIUM ION'
6 water water
#
loop_
_entity_poly.entity_id
_entity_poly.type
_entity_poly.pdbx_seq_one_letter_code
_entity_poly.pdbx_strand_id
1 'polypeptide(L)'
;MHHHHHHAAAMNEHYTESDIKRNHKTEKNKTEKEKFKDSINNLVKTEFTNETLDKIQQTQDLLKKIPKDVLEIYSELGGE
IYFTDIDLVEHKELQDLSEEEKNSMNSRGEKVPFASRFVFEKKRETPKLIINIKDYAINSEQSKEVYYEIGKGISLDIIS
KDKSLDPEFLNLIKSLSDDSDSSDLLFSQKFKEKLELNNKSIDINFIKENLTEFQHAFSLAFSYYFAPDHRTVLELYAPD
MFEYMNKLEKGGFEKISESLKKEGVEKDRIDVLKGEKALKASGLVPEHADAFKKIARELNTYILFRPVNKLATNLIKSGV
ATKGLNVHGKSSDWGPVAGYIPFDQDLSKKHGQQLAVEKGNLENKKSITEHEGEIGKIPLKLDHLRIEELKENGIILKGK
KEIDNGKKYYLLESNNQVYEFRISDENNEVQYKTKEGKITVLGEKFNWRNIEVMAKNVEGVLKPLTADYDLFALAPSLTE
IKKQIPQKEWDKVVNTPNSLEKQKGVTNLLIKYGIERKPDSTKGTLSNWQKQMLDRLNEAVKYTGYTGGDVVNHGTEQDN
EEFPEKDNEIFIINPEGEFILTKNWEMTGRFIEKNITGKDYLYYFNRSYNKIAPGNKAYIEWTDPITKAKINTIPTSAEF
IKNLSSIRRSSNVGVYKDSGDKDEFAKKESVKKIAGYLSDYYNSANHIFSQEKKRKISIFRGIQAYNEIENVLKSKQIAP
EYKNYFQYLKERITNQVQLLLTHQKSNIEFKLLYKQLNFTENETDNFEVFQKIIDEK
;
A,B,C,D,E,F
2 'polypeptide(L)'
;MADQLTEEQIAEFKEAFSLFDKDGDGTITTKELGTVMRSLGQNPTEAELQDMINEVDADGNGTIDFPEFLTMMARKMKDT
DSEEEIREAFRVFDKDGNGYISAAELRHVMTNLGEKLTDEEVDQMIREADIDGDGQVNYEEFVQMMTAK
;
O,P,Q,R,S,T
#
# COMPACT_ATOMS: atom_id res chain seq x y z
N ASN A 41 31.16 -21.93 -6.76
CA ASN A 41 31.17 -20.82 -5.75
C ASN A 41 30.34 -19.59 -6.17
N ASN A 42 29.03 -19.68 -5.97
CA ASN A 42 28.09 -18.59 -6.33
C ASN A 42 28.34 -17.30 -5.54
N LEU A 43 28.60 -16.23 -6.29
CA LEU A 43 28.92 -14.93 -5.71
C LEU A 43 27.81 -14.09 -5.12
N VAL A 44 26.78 -13.81 -5.91
CA VAL A 44 25.71 -12.97 -5.40
C VAL A 44 24.59 -13.71 -4.72
N LYS A 45 24.16 -13.15 -3.60
CA LYS A 45 23.07 -13.70 -2.81
C LYS A 45 21.98 -12.64 -2.76
N THR A 46 20.73 -13.04 -3.02
CA THR A 46 19.59 -12.12 -2.97
C THR A 46 18.74 -12.47 -1.75
N GLU A 47 18.78 -11.61 -0.73
CA GLU A 47 18.07 -11.90 0.49
C GLU A 47 16.56 -12.01 0.35
N PHE A 48 15.91 -10.87 0.16
CA PHE A 48 14.47 -10.87 0.07
C PHE A 48 13.93 -10.81 -1.36
N THR A 49 13.38 -11.96 -1.78
CA THR A 49 12.72 -12.04 -3.09
C THR A 49 11.32 -11.44 -2.81
N ASN A 50 11.33 -10.18 -2.35
CA ASN A 50 10.12 -9.42 -1.93
C ASN A 50 9.53 -8.45 -2.93
N GLU A 51 10.34 -7.59 -3.49
CA GLU A 51 9.77 -6.68 -4.48
C GLU A 51 9.50 -7.51 -5.76
N THR A 52 9.11 -6.86 -6.83
CA THR A 52 8.97 -7.63 -8.04
C THR A 52 10.31 -7.42 -8.75
N LEU A 53 10.27 -7.49 -10.05
CA LEU A 53 11.43 -7.24 -10.88
C LEU A 53 12.05 -5.91 -10.46
N ASP A 54 11.22 -5.00 -9.99
CA ASP A 54 11.72 -3.69 -9.59
C ASP A 54 12.98 -3.80 -8.71
N LYS A 55 13.00 -4.72 -7.75
CA LYS A 55 14.18 -4.88 -6.90
C LYS A 55 15.18 -5.74 -7.64
N ILE A 56 14.72 -6.92 -8.08
CA ILE A 56 15.55 -7.87 -8.82
C ILE A 56 16.18 -7.18 -10.00
N GLN A 57 15.33 -6.77 -10.94
CA GLN A 57 15.78 -6.09 -12.14
C GLN A 57 16.55 -4.83 -11.83
N GLN A 58 16.88 -4.62 -10.55
CA GLN A 58 17.67 -3.44 -10.17
C GLN A 58 19.05 -3.93 -9.72
N THR A 59 19.09 -5.09 -9.06
CA THR A 59 20.34 -5.68 -8.64
C THR A 59 21.03 -6.21 -9.91
N GLN A 60 20.23 -6.58 -10.90
CA GLN A 60 20.78 -7.04 -12.17
C GLN A 60 21.34 -5.80 -12.85
N ASP A 61 20.47 -4.82 -13.11
CA ASP A 61 20.91 -3.58 -13.74
C ASP A 61 22.15 -3.09 -13.02
N LEU A 62 22.45 -3.70 -11.90
CA LEU A 62 23.60 -3.26 -11.15
C LEU A 62 24.85 -4.04 -11.50
N LEU A 63 24.79 -5.36 -11.44
CA LEU A 63 25.95 -6.17 -11.73
C LEU A 63 26.31 -6.24 -13.21
N LYS A 64 25.33 -6.09 -14.10
CA LYS A 64 25.57 -6.17 -15.55
C LYS A 64 26.46 -5.03 -16.01
N LYS A 65 26.76 -4.12 -15.10
CA LYS A 65 27.59 -2.99 -15.41
C LYS A 65 29.02 -3.18 -14.89
N ILE A 66 29.17 -3.99 -13.85
CA ILE A 66 30.49 -4.28 -13.31
C ILE A 66 31.07 -5.39 -14.21
N PRO A 67 32.34 -5.25 -14.62
CA PRO A 67 33.00 -6.24 -15.50
C PRO A 67 33.12 -7.64 -14.92
N LYS A 68 32.41 -8.56 -15.56
CA LYS A 68 32.40 -9.96 -15.15
C LYS A 68 33.63 -10.38 -14.37
N ASP A 69 34.80 -10.14 -14.94
CA ASP A 69 36.04 -10.54 -14.28
C ASP A 69 36.26 -9.89 -12.93
N VAL A 70 35.95 -8.61 -12.80
CA VAL A 70 36.15 -7.96 -11.52
C VAL A 70 35.39 -8.74 -10.45
N LEU A 71 34.41 -9.53 -10.88
CA LEU A 71 33.64 -10.35 -9.96
C LEU A 71 34.48 -11.61 -9.68
N GLU A 72 35.01 -12.22 -10.74
CA GLU A 72 35.85 -13.41 -10.61
C GLU A 72 37.05 -13.09 -9.70
N ILE A 73 37.36 -11.80 -9.58
CA ILE A 73 38.46 -11.34 -8.74
C ILE A 73 37.94 -11.34 -7.32
N TYR A 74 36.64 -11.15 -7.21
CA TYR A 74 36.02 -11.13 -5.91
C TYR A 74 35.87 -12.56 -5.44
N SER A 75 35.04 -13.34 -6.15
CA SER A 75 34.81 -14.73 -5.77
C SER A 75 36.10 -15.45 -5.41
N GLU A 76 37.19 -15.04 -6.03
CA GLU A 76 38.47 -15.67 -5.75
C GLU A 76 38.88 -15.30 -4.33
N LEU A 77 38.74 -14.03 -3.99
CA LEU A 77 39.07 -13.56 -2.65
C LEU A 77 37.98 -14.10 -1.71
N GLY A 78 37.34 -15.19 -2.13
CA GLY A 78 36.30 -15.79 -1.33
C GLY A 78 35.16 -14.87 -0.95
N GLY A 79 35.05 -13.74 -1.67
CA GLY A 79 33.98 -12.80 -1.40
C GLY A 79 32.60 -13.30 -1.78
N GLU A 80 31.58 -12.56 -1.39
CA GLU A 80 30.19 -12.91 -1.68
C GLU A 80 29.44 -11.58 -1.60
N ILE A 81 28.66 -11.22 -2.61
CA ILE A 81 27.97 -9.94 -2.52
C ILE A 81 26.56 -10.14 -1.95
N TYR A 82 26.18 -9.29 -1.00
CA TYR A 82 24.87 -9.44 -0.37
C TYR A 82 23.88 -8.35 -0.72
N PHE A 83 22.80 -8.74 -1.36
CA PHE A 83 21.76 -7.79 -1.71
C PHE A 83 20.58 -8.13 -0.82
N THR A 84 20.00 -7.13 -0.18
CA THR A 84 18.87 -7.42 0.70
C THR A 84 17.71 -6.48 0.39
N ASP A 85 16.62 -6.61 1.17
CA ASP A 85 15.38 -5.80 0.99
C ASP A 85 15.42 -4.49 1.80
N ILE A 86 14.98 -4.51 3.06
CA ILE A 86 15.09 -3.33 3.92
C ILE A 86 15.78 -3.67 5.21
N ASP A 87 17.04 -3.66 5.10
CA ASP A 87 17.94 -3.84 6.16
C ASP A 87 18.92 -2.71 5.92
N LEU A 88 18.79 -1.64 6.65
CA LEU A 88 19.80 -0.65 6.45
C LEU A 88 20.86 -0.86 7.50
N VAL A 89 20.40 -0.55 8.72
CA VAL A 89 21.21 -0.62 9.93
C VAL A 89 21.80 -1.99 10.20
N GLU A 90 22.52 -2.09 11.30
CA GLU A 90 23.16 -3.34 11.73
C GLU A 90 22.04 -4.35 11.93
N HIS A 91 21.34 -4.67 10.85
CA HIS A 91 20.22 -5.61 10.94
C HIS A 91 20.47 -6.86 10.12
N LYS A 92 21.37 -6.78 9.16
CA LYS A 92 21.63 -7.94 8.32
C LYS A 92 22.23 -9.08 9.12
N GLU A 93 21.83 -10.28 8.76
CA GLU A 93 22.29 -11.50 9.43
C GLU A 93 23.81 -11.69 9.36
N LEU A 94 24.52 -10.62 9.01
CA LEU A 94 25.98 -10.65 8.92
C LEU A 94 26.54 -9.24 9.13
N GLN A 95 25.70 -8.34 9.65
CA GLN A 95 26.12 -6.96 9.89
C GLN A 95 26.38 -6.57 11.33
N ASP A 96 26.63 -7.59 12.17
CA ASP A 96 26.90 -7.39 13.60
C ASP A 96 28.43 -7.09 13.86
N LEU A 97 28.95 -7.36 15.10
CA LEU A 97 30.32 -6.95 15.60
C LEU A 97 31.62 -7.72 15.32
N SER A 98 32.18 -7.66 14.13
CA SER A 98 33.41 -8.46 13.85
C SER A 98 34.65 -7.58 13.65
N GLU A 99 34.82 -7.19 12.44
CA GLU A 99 35.84 -6.24 12.12
C GLU A 99 35.05 -5.03 11.67
N GLU A 100 34.59 -4.19 12.57
CA GLU A 100 33.79 -3.07 12.14
C GLU A 100 34.64 -1.81 11.85
N GLU A 101 34.05 -0.65 12.13
CA GLU A 101 34.68 0.65 11.92
C GLU A 101 35.71 1.02 12.98
N LYS A 102 36.98 0.99 12.57
CA LYS A 102 38.11 1.33 13.44
C LYS A 102 38.51 2.80 13.24
N ASN A 103 39.24 3.06 12.15
CA ASN A 103 39.67 4.43 11.78
C ASN A 103 38.76 5.01 10.66
N SER A 104 38.27 6.27 10.85
CA SER A 104 37.30 7.03 9.99
C SER A 104 37.84 7.70 8.71
N MET A 105 37.80 6.94 7.68
CA MET A 105 38.14 7.34 6.33
C MET A 105 37.09 6.52 5.65
N ASN A 106 35.94 7.03 5.28
CA ASN A 106 34.85 6.12 4.89
C ASN A 106 34.34 6.06 3.48
N SER A 107 33.64 7.10 3.06
CA SER A 107 33.15 7.14 1.70
C SER A 107 34.16 7.91 0.89
N ARG A 108 33.78 8.17 -0.35
CA ARG A 108 34.58 8.96 -1.27
C ARG A 108 35.38 10.06 -0.50
N GLY A 109 34.61 10.97 0.16
CA GLY A 109 35.06 12.07 1.01
C GLY A 109 35.01 11.49 2.42
N GLU A 110 34.71 12.20 3.45
CA GLU A 110 34.66 11.39 4.66
C GLU A 110 33.47 11.73 5.50
N LYS A 111 32.68 10.75 5.83
CA LYS A 111 31.49 11.19 6.48
C LYS A 111 31.21 10.41 7.78
N VAL A 112 31.44 9.10 7.73
CA VAL A 112 31.26 8.16 8.86
C VAL A 112 29.90 8.13 9.58
N PRO A 113 28.78 8.28 8.84
CA PRO A 113 27.46 8.25 9.48
C PRO A 113 26.77 6.89 9.35
N PHE A 114 27.56 5.82 9.31
CA PHE A 114 27.06 4.46 9.16
C PHE A 114 25.54 4.39 9.06
N ALA A 115 24.87 4.56 10.18
CA ALA A 115 23.42 4.49 10.23
C ALA A 115 22.75 4.65 8.87
N SER A 116 22.80 5.87 8.34
CA SER A 116 22.19 6.20 7.05
C SER A 116 22.61 5.37 5.84
N ARG A 117 23.75 4.67 5.94
CA ARG A 117 24.27 3.85 4.84
C ARG A 117 23.40 2.73 4.27
N PHE A 118 23.73 2.32 3.04
CA PHE A 118 23.02 1.26 2.33
C PHE A 118 23.99 0.28 1.67
N VAL A 119 25.26 0.67 1.65
CA VAL A 119 26.30 -0.14 1.06
C VAL A 119 27.41 -0.32 2.06
N PHE A 120 27.77 -1.57 2.32
CA PHE A 120 28.87 -1.84 3.25
C PHE A 120 29.74 -3.05 2.88
N GLU A 121 30.98 -3.00 3.36
CA GLU A 121 31.97 -4.02 3.12
C GLU A 121 32.67 -4.49 4.42
N LYS A 122 32.52 -5.77 4.74
CA LYS A 122 33.15 -6.38 5.92
C LYS A 122 34.62 -6.56 5.47
N LYS A 123 35.48 -5.65 5.88
CA LYS A 123 36.87 -5.66 5.44
C LYS A 123 37.87 -6.79 5.73
N ARG A 124 37.76 -7.61 6.78
CA ARG A 124 39.03 -8.32 7.15
C ARG A 124 39.65 -9.63 6.62
N GLU A 125 38.89 -10.66 6.29
CA GLU A 125 39.42 -11.93 5.80
C GLU A 125 38.91 -12.16 4.40
N THR A 126 37.71 -12.66 4.40
CA THR A 126 36.91 -12.87 3.19
C THR A 126 35.90 -11.72 2.98
N PRO A 127 36.20 -10.79 2.06
CA PRO A 127 35.31 -9.66 1.78
C PRO A 127 33.85 -10.02 1.62
N LYS A 128 33.00 -9.22 2.24
CA LYS A 128 31.57 -9.42 2.18
C LYS A 128 30.93 -8.08 1.87
N LEU A 129 30.46 -7.92 0.64
CA LEU A 129 29.82 -6.68 0.26
C LEU A 129 28.33 -6.84 0.51
N ILE A 130 27.72 -5.87 1.18
CA ILE A 130 26.30 -5.92 1.48
C ILE A 130 25.56 -4.69 0.97
N ILE A 131 24.51 -4.93 0.21
CA ILE A 131 23.74 -3.88 -0.42
C ILE A 131 22.25 -4.04 -0.31
N ASN A 132 21.58 -2.94 0.01
CA ASN A 132 20.13 -2.95 0.11
C ASN A 132 19.61 -1.92 -0.87
N ILE A 133 18.43 -2.19 -1.42
CA ILE A 133 17.83 -1.27 -2.36
C ILE A 133 16.43 -0.97 -1.86
N LYS A 134 15.95 0.24 -2.08
CA LYS A 134 14.61 0.55 -1.64
C LYS A 134 13.64 0.79 -2.79
N ASP A 135 13.36 2.03 -3.19
CA ASP A 135 12.44 2.13 -4.28
C ASP A 135 13.14 2.46 -5.57
N TYR A 136 12.33 2.65 -6.55
CA TYR A 136 12.79 2.84 -7.85
C TYR A 136 14.13 3.61 -8.14
N ALA A 137 14.65 4.77 -7.68
CA ALA A 137 15.86 5.07 -8.57
C ALA A 137 17.19 5.80 -8.24
N ILE A 138 18.23 5.06 -8.70
CA ILE A 138 19.70 5.24 -8.63
C ILE A 138 20.30 6.00 -9.82
N ASN A 139 19.48 6.04 -10.86
CA ASN A 139 19.84 6.62 -12.16
C ASN A 139 19.66 8.13 -12.33
N SER A 140 18.96 8.78 -11.41
CA SER A 140 18.75 10.23 -11.48
C SER A 140 20.07 10.93 -11.11
N GLU A 141 20.51 10.74 -9.88
CA GLU A 141 21.79 11.30 -9.43
C GLU A 141 22.61 10.08 -9.03
N GLN A 142 23.15 9.40 -10.05
CA GLN A 142 23.95 8.20 -9.89
C GLN A 142 25.06 8.35 -8.84
N SER A 143 25.16 9.56 -8.30
CA SER A 143 26.16 9.86 -7.26
C SER A 143 25.92 8.97 -6.04
N LYS A 144 24.94 8.08 -6.16
CA LYS A 144 24.60 7.15 -5.09
C LYS A 144 25.14 5.75 -5.41
N GLU A 145 24.94 5.29 -6.64
CA GLU A 145 25.43 3.99 -7.04
C GLU A 145 26.95 3.97 -7.08
N VAL A 146 27.54 5.14 -7.27
CA VAL A 146 29.00 5.23 -7.31
C VAL A 146 29.61 4.55 -6.09
N TYR A 147 28.95 4.65 -4.94
CA TYR A 147 29.51 4.02 -3.75
C TYR A 147 29.41 2.52 -3.76
N TYR A 148 28.50 1.99 -4.57
CA TYR A 148 28.40 0.56 -4.66
C TYR A 148 29.51 0.19 -5.63
N GLU A 149 30.16 1.20 -6.18
CA GLU A 149 31.25 1.00 -7.13
C GLU A 149 32.59 1.10 -6.40
N ILE A 150 32.85 2.26 -5.79
CA ILE A 150 34.09 2.41 -5.04
C ILE A 150 33.91 1.51 -3.83
N GLY A 151 32.78 1.69 -3.14
CA GLY A 151 32.49 0.87 -1.97
C GLY A 151 32.93 -0.54 -2.30
N LYS A 152 32.85 -0.86 -3.58
CA LYS A 152 33.28 -2.16 -4.05
C LYS A 152 34.78 -2.11 -4.26
N GLY A 153 35.20 -1.23 -5.15
CA GLY A 153 36.62 -1.07 -5.45
C GLY A 153 37.55 -1.32 -4.27
N ILE A 154 37.07 -1.08 -3.05
CA ILE A 154 37.88 -1.30 -1.86
C ILE A 154 38.08 -2.81 -1.66
N SER A 155 37.52 -3.59 -2.58
CA SER A 155 37.65 -5.03 -2.55
C SER A 155 38.99 -5.34 -3.20
N LEU A 156 39.15 -4.90 -4.46
CA LEU A 156 40.35 -5.16 -5.29
C LEU A 156 41.57 -4.22 -5.26
N ASP A 157 41.55 -3.13 -4.57
CA ASP A 157 42.72 -2.30 -4.57
C ASP A 157 43.83 -3.07 -3.88
N ILE A 158 43.73 -2.89 -2.60
CA ILE A 158 44.65 -3.43 -1.61
C ILE A 158 44.94 -4.90 -1.89
N ILE A 159 44.27 -5.44 -2.89
CA ILE A 159 44.42 -6.83 -3.27
C ILE A 159 44.47 -6.88 -4.80
N SER A 160 44.04 -5.78 -5.41
CA SER A 160 44.02 -5.67 -6.87
C SER A 160 45.41 -5.84 -7.45
N LYS A 161 45.99 -4.71 -7.86
CA LYS A 161 47.33 -4.68 -8.43
C LYS A 161 48.04 -3.55 -7.72
N ASP A 162 47.21 -2.66 -7.17
CA ASP A 162 47.84 -1.56 -6.46
C ASP A 162 48.88 -2.19 -5.55
N LYS A 163 48.54 -3.24 -4.81
CA LYS A 163 49.61 -3.77 -3.94
C LYS A 163 49.72 -5.31 -3.79
N SER A 164 48.74 -6.14 -4.25
CA SER A 164 48.81 -7.64 -4.13
C SER A 164 50.15 -8.06 -4.64
N LEU A 165 50.23 -8.16 -5.98
CA LEU A 165 51.60 -8.15 -6.41
C LEU A 165 51.80 -6.82 -5.76
N ASP A 166 52.98 -6.29 -5.67
CA ASP A 166 53.05 -5.01 -4.94
C ASP A 166 52.67 -3.80 -5.79
N PRO A 167 52.72 -2.63 -5.17
CA PRO A 167 52.53 -1.52 -6.01
C PRO A 167 53.53 -1.87 -7.06
N GLU A 168 53.18 -2.19 -8.25
CA GLU A 168 54.35 -2.40 -9.05
C GLU A 168 54.61 -1.10 -9.84
N PHE A 169 55.87 -0.82 -10.21
CA PHE A 169 56.09 0.40 -10.98
C PHE A 169 54.81 0.86 -11.71
N LEU A 170 54.09 -0.08 -12.32
CA LEU A 170 52.85 0.24 -13.03
C LEU A 170 52.05 1.33 -12.32
N ASN A 171 51.60 1.05 -11.10
CA ASN A 171 50.82 2.01 -10.33
C ASN A 171 51.75 2.87 -9.47
N LEU A 172 52.97 2.42 -9.27
CA LEU A 172 53.94 3.17 -8.47
C LEU A 172 54.37 4.40 -9.26
N ILE A 173 54.44 4.25 -10.58
CA ILE A 173 54.84 5.34 -11.46
C ILE A 173 53.59 6.11 -11.91
N LYS A 174 52.47 5.39 -12.01
CA LYS A 174 51.21 5.98 -12.45
C LYS A 174 50.65 6.89 -11.35
N SER A 175 51.01 6.61 -10.11
CA SER A 175 50.57 7.44 -8.99
C SER A 175 51.47 8.66 -9.05
N LEU A 176 52.69 8.45 -9.53
CA LEU A 176 53.68 9.51 -9.68
C LEU A 176 53.23 10.53 -10.71
N SER A 177 52.25 10.15 -11.55
CA SER A 177 51.72 11.07 -12.54
C SER A 177 50.85 12.06 -11.78
N ASP A 178 51.29 12.34 -10.57
CA ASP A 178 50.64 13.33 -9.77
C ASP A 178 50.75 14.57 -10.62
N ASP A 179 52.00 14.87 -10.92
CA ASP A 179 52.23 16.06 -11.71
C ASP A 179 53.46 16.07 -12.64
N SER A 180 54.07 14.92 -13.01
CA SER A 180 55.33 15.09 -13.80
C SER A 180 55.32 14.65 -15.27
N ASP A 181 54.48 13.68 -15.60
CA ASP A 181 54.41 13.13 -16.98
C ASP A 181 53.66 14.02 -17.99
N SER A 182 52.33 14.01 -17.90
CA SER A 182 51.45 14.77 -18.79
C SER A 182 51.07 16.14 -18.23
N SER A 183 50.74 17.08 -19.12
CA SER A 183 50.35 18.44 -18.75
C SER A 183 48.96 18.53 -18.13
N ASP A 184 48.63 17.57 -17.25
CA ASP A 184 47.34 17.55 -16.56
C ASP A 184 47.55 17.34 -15.05
N LEU A 185 47.87 18.44 -14.35
CA LEU A 185 48.10 18.45 -12.91
C LEU A 185 46.73 18.43 -12.22
N LEU A 186 45.84 17.61 -12.78
CA LEU A 186 44.49 17.46 -12.28
C LEU A 186 44.32 16.10 -11.59
N PHE A 187 44.40 16.13 -10.27
CA PHE A 187 44.26 14.93 -9.45
C PHE A 187 43.52 15.36 -8.20
N SER A 188 42.79 16.46 -8.34
CA SER A 188 42.00 17.06 -7.27
C SER A 188 40.96 16.08 -6.70
N GLN A 189 40.45 15.20 -7.57
CA GLN A 189 39.42 14.22 -7.20
C GLN A 189 39.91 12.90 -6.60
N LYS A 190 41.11 12.88 -6.04
CA LYS A 190 41.65 11.66 -5.44
C LYS A 190 42.77 11.98 -4.45
N PHE A 191 43.34 13.18 -4.54
CA PHE A 191 44.43 13.60 -3.67
C PHE A 191 44.19 14.98 -3.01
N LYS A 192 43.69 14.97 -1.77
CA LYS A 192 43.44 16.22 -1.06
C LYS A 192 44.22 16.30 0.24
N GLU A 193 43.56 15.93 1.33
CA GLU A 193 44.16 15.98 2.66
C GLU A 193 45.41 15.12 2.84
N LYS A 194 45.59 14.12 1.99
CA LYS A 194 46.74 13.24 2.11
C LYS A 194 47.77 13.42 0.99
N LEU A 195 47.38 14.14 -0.07
CA LEU A 195 48.29 14.42 -1.17
C LEU A 195 48.04 15.75 -1.89
N GLU A 196 47.78 16.79 -1.11
CA GLU A 196 47.62 18.13 -1.66
C GLU A 196 49.08 18.57 -1.63
N LEU A 197 49.91 17.58 -1.28
CA LEU A 197 51.36 17.68 -1.18
C LEU A 197 51.93 17.68 -2.61
N ASN A 198 51.71 18.79 -3.31
CA ASN A 198 52.17 18.97 -4.69
C ASN A 198 53.69 19.19 -4.67
N ASN A 199 54.22 19.39 -3.46
CA ASN A 199 55.63 19.62 -3.25
C ASN A 199 56.30 18.37 -2.64
N LYS A 200 56.41 17.32 -3.46
CA LYS A 200 57.04 16.07 -3.03
C LYS A 200 57.13 15.10 -4.21
N SER A 201 58.29 14.45 -4.34
CA SER A 201 58.53 13.48 -5.41
C SER A 201 58.02 12.12 -4.90
N ILE A 202 56.77 11.79 -5.24
CA ILE A 202 56.10 10.56 -4.79
C ILE A 202 56.48 9.23 -5.44
N ASP A 203 57.69 8.75 -5.17
CA ASP A 203 58.14 7.46 -5.70
C ASP A 203 58.09 6.50 -4.50
N ILE A 204 59.15 5.75 -4.28
CA ILE A 204 59.21 4.80 -3.17
C ILE A 204 59.60 5.53 -1.87
N ASN A 205 59.84 6.80 -2.01
CA ASN A 205 60.23 7.42 -0.81
C ASN A 205 59.04 7.50 0.19
N PHE A 206 57.85 7.83 -0.30
CA PHE A 206 56.74 8.10 0.62
C PHE A 206 55.38 7.43 0.36
N ILE A 207 55.30 6.59 -0.66
CA ILE A 207 54.03 5.91 -1.00
C ILE A 207 53.71 4.67 -0.12
N LYS A 208 54.70 4.16 0.61
CA LYS A 208 54.47 3.00 1.49
C LYS A 208 53.63 3.47 2.69
N GLU A 209 54.20 4.43 3.44
CA GLU A 209 53.57 5.02 4.62
C GLU A 209 52.04 4.95 4.58
N ASN A 210 51.46 5.39 3.47
CA ASN A 210 50.00 5.40 3.32
C ASN A 210 49.43 4.64 2.13
N LEU A 211 49.38 3.31 2.26
CA LEU A 211 48.83 2.45 1.23
C LEU A 211 47.35 2.75 1.08
N THR A 212 46.72 3.09 2.20
CA THR A 212 45.29 3.39 2.24
C THR A 212 44.84 4.53 1.33
N GLU A 213 45.54 5.67 1.36
CA GLU A 213 45.12 6.80 0.54
C GLU A 213 45.24 6.51 -0.94
N PHE A 214 46.05 5.53 -1.30
CA PHE A 214 46.20 5.19 -2.69
C PHE A 214 45.24 4.08 -3.08
N GLN A 215 44.27 3.87 -2.19
CA GLN A 215 43.22 2.88 -2.39
C GLN A 215 42.00 3.75 -2.59
N HIS A 216 41.87 4.81 -1.79
CA HIS A 216 40.75 5.74 -1.89
C HIS A 216 40.75 6.28 -3.29
N ALA A 217 41.87 6.04 -3.99
CA ALA A 217 42.06 6.49 -5.36
C ALA A 217 41.59 5.41 -6.33
N PHE A 218 42.38 4.33 -6.45
CA PHE A 218 42.03 3.24 -7.34
C PHE A 218 40.53 2.95 -7.27
N SER A 219 39.96 3.16 -6.09
CA SER A 219 38.55 2.94 -5.86
C SER A 219 37.70 3.99 -6.55
N LEU A 220 38.06 5.26 -6.38
CA LEU A 220 37.32 6.35 -7.00
C LEU A 220 37.57 6.39 -8.49
N ALA A 221 38.66 5.74 -8.91
CA ALA A 221 39.03 5.68 -10.31
C ALA A 221 38.21 4.58 -10.97
N PHE A 222 37.83 3.61 -10.16
CA PHE A 222 37.03 2.46 -10.60
C PHE A 222 35.57 2.92 -10.65
N SER A 223 35.12 3.47 -9.54
CA SER A 223 33.75 3.97 -9.41
C SER A 223 33.51 4.98 -10.52
N TYR A 224 34.54 5.74 -10.84
CA TYR A 224 34.38 6.71 -11.88
C TYR A 224 34.40 6.05 -13.24
N TYR A 225 35.17 4.98 -13.42
CA TYR A 225 35.18 4.36 -14.74
C TYR A 225 33.90 3.61 -15.05
N PHE A 226 33.36 2.90 -14.07
CA PHE A 226 32.15 2.13 -14.30
C PHE A 226 30.83 2.79 -13.92
N ALA A 227 30.89 3.95 -13.28
CA ALA A 227 29.67 4.66 -12.92
C ALA A 227 28.90 4.85 -14.21
N PRO A 228 27.62 4.45 -14.23
CA PRO A 228 26.72 4.56 -15.38
C PRO A 228 26.59 5.96 -15.97
N ASP A 229 27.01 6.98 -15.22
CA ASP A 229 26.90 8.34 -15.71
C ASP A 229 28.22 8.99 -16.09
N HIS A 230 29.04 9.30 -15.09
CA HIS A 230 30.31 9.97 -15.36
C HIS A 230 31.46 9.08 -15.78
N ARG A 231 31.57 8.87 -17.08
CA ARG A 231 32.61 8.02 -17.65
C ARG A 231 33.81 8.79 -18.20
N THR A 232 33.53 9.91 -18.87
CA THR A 232 34.59 10.75 -19.45
C THR A 232 35.28 11.62 -18.42
N VAL A 233 34.61 11.84 -17.29
CA VAL A 233 35.19 12.66 -16.25
C VAL A 233 36.61 12.14 -15.99
N LEU A 234 36.78 10.81 -15.96
CA LEU A 234 38.10 10.22 -15.74
C LEU A 234 38.95 10.18 -17.01
N GLU A 235 38.39 10.66 -18.12
CA GLU A 235 39.10 10.68 -19.40
C GLU A 235 39.56 12.10 -19.69
N LEU A 236 38.73 13.05 -19.27
CA LEU A 236 39.01 14.47 -19.45
C LEU A 236 40.02 14.86 -18.40
N TYR A 237 39.72 14.53 -17.14
CA TYR A 237 40.53 14.92 -15.94
C TYR A 237 41.72 14.10 -15.49
N ALA A 238 41.57 12.83 -15.32
CA ALA A 238 42.72 12.07 -15.06
C ALA A 238 42.99 11.54 -16.46
N PRO A 239 44.18 11.76 -17.07
CA PRO A 239 44.39 11.20 -18.41
C PRO A 239 44.96 9.79 -18.43
N ASP A 240 45.65 9.40 -17.35
CA ASP A 240 46.26 8.08 -17.28
C ASP A 240 45.44 7.05 -16.48
N MET A 241 45.07 7.38 -15.25
CA MET A 241 44.28 6.44 -14.44
C MET A 241 43.24 5.85 -15.34
N PHE A 242 42.72 6.68 -16.23
CA PHE A 242 41.73 6.23 -17.19
C PHE A 242 42.31 5.09 -18.02
N GLU A 243 43.37 5.39 -18.75
CA GLU A 243 44.02 4.37 -19.56
C GLU A 243 44.26 3.15 -18.68
N TYR A 244 44.76 3.41 -17.47
CA TYR A 244 45.03 2.36 -16.49
C TYR A 244 43.85 1.42 -16.36
N MET A 245 42.72 1.97 -15.93
CA MET A 245 41.52 1.18 -15.77
C MET A 245 41.17 0.50 -17.07
N ASN A 246 41.11 1.27 -18.15
CA ASN A 246 40.75 0.72 -19.45
C ASN A 246 41.58 -0.50 -19.77
N LYS A 247 42.89 -0.38 -19.66
CA LYS A 247 43.77 -1.52 -19.92
C LYS A 247 43.25 -2.68 -19.07
N LEU A 248 42.95 -2.37 -17.80
CA LEU A 248 42.44 -3.39 -16.89
C LEU A 248 41.17 -4.02 -17.43
N GLU A 249 40.28 -3.22 -18.01
CA GLU A 249 39.08 -3.82 -18.56
C GLU A 249 39.49 -4.58 -19.81
N LYS A 250 40.46 -4.02 -20.54
CA LYS A 250 40.94 -4.64 -21.77
C LYS A 250 41.41 -6.07 -21.50
N GLY A 251 41.96 -6.31 -20.30
CA GLY A 251 42.43 -7.63 -19.94
C GLY A 251 43.17 -7.71 -18.61
N GLY A 252 43.30 -6.59 -17.93
CA GLY A 252 44.02 -6.56 -16.66
C GLY A 252 43.33 -7.29 -15.52
N PHE A 253 42.03 -7.08 -15.38
CA PHE A 253 41.29 -7.73 -14.31
C PHE A 253 41.44 -9.24 -14.48
N GLU A 254 41.46 -9.72 -15.72
CA GLU A 254 41.63 -11.14 -15.97
C GLU A 254 43.04 -11.54 -15.60
N LYS A 255 43.96 -10.57 -15.63
CA LYS A 255 45.36 -10.83 -15.27
C LYS A 255 45.36 -11.45 -13.90
N ILE A 256 45.11 -10.59 -12.91
CA ILE A 256 45.07 -10.94 -11.50
C ILE A 256 44.02 -12.01 -11.24
N SER A 257 42.93 -11.98 -11.99
CA SER A 257 41.90 -12.97 -11.80
C SER A 257 42.47 -14.34 -12.10
N GLU A 258 43.58 -14.37 -12.84
CA GLU A 258 44.23 -15.62 -13.19
C GLU A 258 45.52 -15.85 -12.38
N SER A 259 45.96 -14.83 -11.65
CA SER A 259 47.15 -14.97 -10.83
C SER A 259 46.71 -15.38 -9.43
N LEU A 260 45.42 -15.14 -9.13
CA LEU A 260 44.86 -15.54 -7.84
C LEU A 260 44.26 -16.92 -8.04
N LYS A 261 43.89 -17.20 -9.29
CA LYS A 261 43.30 -18.48 -9.64
C LYS A 261 44.41 -19.52 -9.59
N LYS A 262 45.56 -19.21 -10.18
CA LYS A 262 46.67 -20.16 -10.18
C LYS A 262 47.15 -20.39 -8.76
N GLU A 263 47.22 -19.33 -7.96
CA GLU A 263 47.63 -19.53 -6.59
C GLU A 263 46.41 -20.04 -5.83
N GLY A 264 45.43 -20.53 -6.57
CA GLY A 264 44.25 -21.05 -5.91
C GLY A 264 44.58 -22.47 -5.51
N VAL A 265 45.25 -23.16 -6.43
CA VAL A 265 45.66 -24.53 -6.23
C VAL A 265 47.01 -24.58 -5.53
N GLU A 266 48.04 -24.05 -6.19
CA GLU A 266 49.38 -24.03 -5.61
C GLU A 266 49.32 -23.57 -4.15
N LYS A 267 48.25 -22.88 -3.80
CA LYS A 267 48.04 -22.39 -2.45
C LYS A 267 47.74 -23.60 -1.58
N ASP A 268 46.46 -23.97 -1.53
CA ASP A 268 46.00 -25.13 -0.77
C ASP A 268 46.23 -26.34 -1.67
N ARG A 269 47.16 -27.19 -1.26
CA ARG A 269 47.52 -28.38 -2.00
C ARG A 269 48.08 -29.38 -1.01
N ILE A 270 48.67 -30.44 -1.53
CA ILE A 270 49.24 -31.49 -0.70
C ILE A 270 50.72 -31.18 -0.50
N ASP A 271 51.08 -30.85 0.76
CA ASP A 271 52.46 -30.50 1.10
C ASP A 271 53.38 -31.68 0.86
N VAL A 272 54.03 -31.72 -0.25
CA VAL A 272 54.96 -32.76 -0.49
C VAL A 272 56.19 -31.99 -0.87
N LEU A 273 57.31 -32.22 -0.28
CA LEU A 273 58.42 -31.42 -0.78
C LEU A 273 58.79 -31.92 -2.19
N LYS A 274 58.64 -31.12 -3.27
CA LYS A 274 58.92 -31.60 -4.62
C LYS A 274 60.38 -31.28 -4.91
N GLY A 275 60.72 -31.13 -6.19
CA GLY A 275 62.09 -30.82 -6.56
C GLY A 275 63.15 -31.78 -6.01
N GLU A 276 64.36 -31.28 -5.77
CA GLU A 276 65.43 -32.13 -5.28
C GLU A 276 65.47 -32.32 -3.76
N LYS A 277 64.64 -31.59 -3.03
CA LYS A 277 64.63 -31.76 -1.58
C LYS A 277 64.18 -33.18 -1.26
N ALA A 278 63.38 -33.76 -2.16
CA ALA A 278 62.87 -35.12 -2.00
C ALA A 278 63.99 -36.08 -2.30
N LEU A 279 64.50 -35.95 -3.51
CA LEU A 279 65.60 -36.77 -3.95
C LEU A 279 66.63 -36.92 -2.82
N LYS A 280 66.54 -36.07 -1.80
CA LYS A 280 67.45 -36.11 -0.65
C LYS A 280 67.09 -37.27 0.25
N ALA A 281 65.81 -37.38 0.60
CA ALA A 281 65.38 -38.49 1.46
C ALA A 281 65.07 -39.68 0.57
N SER A 282 65.06 -39.44 -0.73
CA SER A 282 64.79 -40.47 -1.73
C SER A 282 65.83 -41.60 -1.72
N GLY A 283 67.08 -41.26 -1.45
CA GLY A 283 68.12 -42.27 -1.42
C GLY A 283 68.50 -42.76 -2.79
N LEU A 284 67.61 -42.58 -3.76
CA LEU A 284 67.94 -43.03 -5.09
C LEU A 284 69.14 -42.26 -5.62
N VAL A 285 69.93 -42.94 -6.44
CA VAL A 285 71.12 -42.36 -7.06
C VAL A 285 70.69 -41.35 -8.10
N PRO A 286 70.86 -40.05 -7.78
CA PRO A 286 70.50 -38.94 -8.66
C PRO A 286 70.50 -39.24 -10.15
N GLU A 287 71.64 -39.67 -10.69
CA GLU A 287 71.70 -39.95 -12.12
C GLU A 287 70.62 -40.95 -12.54
N HIS A 288 70.23 -41.81 -11.60
CA HIS A 288 69.22 -42.81 -11.83
C HIS A 288 67.87 -42.14 -11.79
N ALA A 289 67.60 -41.43 -10.69
CA ALA A 289 66.32 -40.75 -10.56
C ALA A 289 66.11 -39.99 -11.85
N ASP A 290 67.09 -39.17 -12.21
CA ASP A 290 67.02 -38.40 -13.44
C ASP A 290 66.84 -39.33 -14.64
N ALA A 291 67.54 -40.47 -14.58
CA ALA A 291 67.49 -41.48 -15.65
C ALA A 291 66.07 -42.02 -15.82
N PHE A 292 65.39 -42.22 -14.69
CA PHE A 292 64.02 -42.72 -14.65
C PHE A 292 63.10 -41.62 -15.19
N LYS A 293 63.41 -40.39 -14.81
CA LYS A 293 62.66 -39.20 -15.20
C LYS A 293 62.20 -39.29 -16.66
N LYS A 294 63.02 -39.92 -17.50
CA LYS A 294 62.69 -40.04 -18.91
C LYS A 294 61.70 -41.15 -19.25
N ILE A 295 61.70 -42.25 -18.50
CA ILE A 295 60.78 -43.34 -18.78
C ILE A 295 59.35 -42.99 -18.42
N ALA A 296 59.16 -42.35 -17.25
CA ALA A 296 57.84 -41.96 -16.80
C ALA A 296 57.13 -41.22 -17.91
N ARG A 297 57.87 -40.37 -18.63
CA ARG A 297 57.30 -39.61 -19.73
C ARG A 297 56.90 -40.47 -20.92
N GLU A 298 57.88 -40.89 -21.72
CA GLU A 298 57.62 -41.71 -22.89
C GLU A 298 56.37 -42.56 -22.68
N LEU A 299 56.46 -43.48 -21.72
CA LEU A 299 55.40 -44.42 -21.35
C LEU A 299 54.22 -43.77 -20.60
N ASN A 300 54.51 -42.71 -19.85
CA ASN A 300 53.48 -42.00 -19.10
C ASN A 300 52.93 -42.82 -17.98
N THR A 301 53.69 -42.93 -16.90
CA THR A 301 53.26 -43.69 -15.73
C THR A 301 54.03 -43.28 -14.47
N TYR A 302 53.31 -42.99 -13.39
CA TYR A 302 53.98 -42.61 -12.14
C TYR A 302 54.80 -43.77 -11.66
N ILE A 303 55.98 -43.48 -11.16
CA ILE A 303 56.80 -44.54 -10.61
C ILE A 303 56.89 -44.22 -9.12
N LEU A 304 56.52 -45.14 -8.25
CA LEU A 304 56.59 -44.83 -6.83
C LEU A 304 57.52 -45.79 -6.13
N PHE A 305 58.54 -45.24 -5.46
CA PHE A 305 59.55 -46.05 -4.74
C PHE A 305 59.47 -45.95 -3.22
N ARG A 306 60.03 -46.93 -2.51
CA ARG A 306 60.07 -46.92 -1.05
C ARG A 306 61.41 -46.35 -0.59
N PRO A 307 61.53 -45.99 0.69
CA PRO A 307 62.81 -45.43 1.16
C PRO A 307 64.00 -46.35 1.00
N VAL A 308 64.95 -45.89 0.18
CA VAL A 308 66.18 -46.64 -0.09
C VAL A 308 67.24 -46.10 0.88
N ASN A 309 67.78 -46.98 1.74
CA ASN A 309 68.80 -46.56 2.72
C ASN A 309 69.84 -45.62 2.07
N LYS A 310 70.25 -44.56 2.78
CA LYS A 310 71.23 -43.62 2.21
C LYS A 310 72.64 -44.24 2.15
N LEU A 311 72.94 -45.10 3.12
CA LEU A 311 74.23 -45.78 3.20
C LEU A 311 74.32 -46.82 2.07
N ALA A 312 73.57 -46.60 0.99
CA ALA A 312 73.58 -47.52 -0.15
C ALA A 312 73.54 -46.64 -1.37
N THR A 313 73.06 -45.41 -1.15
CA THR A 313 72.92 -44.40 -2.20
C THR A 313 74.14 -44.32 -3.10
N ASN A 314 75.32 -44.54 -2.52
CA ASN A 314 76.56 -44.48 -3.26
C ASN A 314 77.08 -45.87 -3.61
N LEU A 315 76.88 -46.86 -2.73
CA LEU A 315 77.32 -48.23 -2.99
C LEU A 315 76.74 -48.64 -4.32
N ILE A 316 75.67 -47.95 -4.71
CA ILE A 316 75.04 -48.24 -5.99
C ILE A 316 75.81 -47.49 -7.07
N LYS A 317 75.70 -46.16 -7.12
CA LYS A 317 76.41 -45.38 -8.15
C LYS A 317 77.76 -46.03 -8.32
N SER A 318 78.39 -46.34 -7.20
CA SER A 318 79.67 -47.02 -7.16
C SER A 318 79.66 -48.21 -8.14
N GLY A 319 78.78 -49.17 -7.91
CA GLY A 319 78.68 -50.32 -8.80
C GLY A 319 78.33 -51.60 -8.09
N VAL A 320 77.89 -51.49 -6.83
CA VAL A 320 77.51 -52.65 -6.04
C VAL A 320 76.19 -53.21 -6.47
N ALA A 321 76.04 -54.53 -6.39
CA ALA A 321 74.81 -55.18 -6.79
C ALA A 321 73.71 -54.92 -5.76
N THR A 322 72.49 -55.30 -6.12
CA THR A 322 71.33 -55.09 -5.26
C THR A 322 70.64 -56.35 -4.77
N LYS A 323 70.26 -56.36 -3.49
CA LYS A 323 69.56 -57.50 -2.92
C LYS A 323 68.28 -57.84 -3.66
N GLY A 324 68.20 -59.07 -4.11
CA GLY A 324 67.02 -59.53 -4.83
C GLY A 324 66.08 -60.21 -3.86
N LEU A 325 65.34 -61.19 -4.37
CA LEU A 325 64.41 -61.92 -3.54
C LEU A 325 65.12 -63.05 -2.81
N ASN A 326 66.12 -63.61 -3.48
CA ASN A 326 66.88 -64.72 -2.94
C ASN A 326 67.59 -64.41 -1.62
N VAL A 327 67.74 -63.13 -1.29
CA VAL A 327 68.40 -62.77 -0.03
C VAL A 327 67.47 -62.11 0.97
N HIS A 328 67.58 -62.52 2.22
CA HIS A 328 66.76 -61.97 3.29
C HIS A 328 67.62 -61.58 4.49
N GLY A 329 68.88 -61.21 4.23
CA GLY A 329 69.78 -60.82 5.31
C GLY A 329 69.41 -59.43 5.77
N LYS A 330 70.03 -58.98 6.83
CA LYS A 330 69.70 -57.66 7.26
C LYS A 330 70.87 -56.75 6.83
N SER A 331 70.63 -55.48 6.53
CA SER A 331 71.73 -54.62 6.19
C SER A 331 72.39 -54.16 7.49
N SER A 332 73.28 -53.20 7.39
CA SER A 332 73.92 -52.67 8.56
C SER A 332 73.91 -51.16 8.50
N ASP A 333 73.94 -50.57 9.69
CA ASP A 333 73.87 -49.13 9.89
C ASP A 333 75.00 -48.67 10.79
N TRP A 334 76.17 -49.31 10.64
CA TRP A 334 77.35 -48.99 11.45
C TRP A 334 78.55 -49.88 11.06
N GLY A 335 79.75 -49.47 11.46
CA GLY A 335 80.93 -50.25 11.16
C GLY A 335 81.38 -50.03 9.74
N PRO A 336 82.31 -50.86 9.24
CA PRO A 336 82.77 -50.69 7.86
C PRO A 336 81.77 -51.39 6.94
N VAL A 337 81.24 -52.49 7.44
CA VAL A 337 80.28 -53.28 6.69
C VAL A 337 79.01 -52.51 6.32
N ALA A 338 78.66 -51.52 7.14
CA ALA A 338 77.45 -50.70 6.92
C ALA A 338 77.16 -50.38 5.46
N GLY A 339 75.95 -50.71 5.02
CA GLY A 339 75.60 -50.46 3.63
C GLY A 339 75.66 -51.77 2.87
N TYR A 340 76.27 -52.76 3.50
CA TYR A 340 76.41 -54.08 2.91
C TYR A 340 75.63 -55.09 3.76
N ILE A 341 75.37 -56.27 3.21
CA ILE A 341 74.64 -57.31 3.96
C ILE A 341 75.65 -58.29 4.56
N PRO A 342 76.16 -57.99 5.76
CA PRO A 342 77.12 -58.94 6.30
C PRO A 342 76.62 -60.38 6.26
N PHE A 343 77.56 -61.31 6.15
CA PHE A 343 77.23 -62.72 6.17
C PHE A 343 77.15 -62.97 7.66
N ASP A 344 77.96 -62.20 8.38
CA ASP A 344 77.97 -62.29 9.83
C ASP A 344 76.83 -61.37 10.23
N GLN A 345 75.73 -61.97 10.66
CA GLN A 345 74.58 -61.18 11.04
C GLN A 345 74.85 -60.23 12.18
N ASP A 346 75.61 -60.67 13.17
CA ASP A 346 75.90 -59.80 14.31
C ASP A 346 76.59 -58.49 13.92
N LEU A 347 76.82 -58.30 12.62
CA LEU A 347 77.44 -57.08 12.13
C LEU A 347 76.42 -56.28 11.34
N SER A 348 75.17 -56.39 11.77
CA SER A 348 74.06 -55.70 11.13
C SER A 348 73.17 -55.06 12.18
N LYS A 349 72.11 -54.39 11.71
CA LYS A 349 71.15 -53.69 12.58
C LYS A 349 70.71 -54.48 13.79
N LYS A 350 70.56 -55.79 13.61
CA LYS A 350 70.12 -56.66 14.71
C LYS A 350 71.30 -57.16 15.55
N HIS A 351 72.10 -56.21 16.00
CA HIS A 351 73.29 -56.44 16.81
C HIS A 351 72.96 -56.63 18.29
N GLY A 352 72.70 -57.89 18.68
CA GLY A 352 72.38 -58.19 20.05
C GLY A 352 71.25 -59.21 20.19
N GLN A 353 70.18 -59.01 19.43
CA GLN A 353 69.04 -59.93 19.47
C GLN A 353 69.61 -61.30 19.18
N GLN A 354 69.97 -61.99 20.25
CA GLN A 354 70.57 -63.30 20.14
C GLN A 354 69.71 -64.29 19.35
N LEU A 355 68.69 -63.79 18.65
CA LEU A 355 67.83 -64.66 17.85
C LEU A 355 67.54 -64.09 16.46
N ALA A 356 67.49 -62.77 16.35
CA ALA A 356 67.27 -62.14 15.06
C ALA A 356 68.49 -62.52 14.25
N VAL A 357 69.59 -62.68 14.98
CA VAL A 357 70.88 -63.05 14.42
C VAL A 357 70.99 -64.57 14.37
N GLU A 358 70.62 -65.25 15.46
CA GLU A 358 70.68 -66.71 15.50
C GLU A 358 69.69 -67.34 14.49
N LYS A 359 68.76 -66.52 14.02
CA LYS A 359 67.81 -66.98 13.03
C LYS A 359 68.03 -66.03 11.86
N GLY A 360 69.05 -65.19 12.00
CA GLY A 360 69.42 -64.24 10.97
C GLY A 360 70.50 -64.85 10.09
N ASN A 361 71.56 -65.36 10.72
CA ASN A 361 72.62 -65.99 9.97
C ASN A 361 71.91 -67.14 9.28
N LEU A 362 71.13 -67.87 10.07
CA LEU A 362 70.39 -69.02 9.58
C LEU A 362 69.75 -68.74 8.23
N GLU A 363 69.62 -67.46 7.91
CA GLU A 363 69.01 -67.01 6.65
C GLU A 363 69.99 -66.96 5.48
N ASN A 364 71.12 -66.26 5.66
CA ASN A 364 72.14 -66.13 4.62
C ASN A 364 72.62 -67.50 4.24
N LYS A 365 72.97 -68.31 5.25
CA LYS A 365 73.43 -69.65 5.01
C LYS A 365 72.56 -70.32 3.93
N LYS A 366 71.26 -70.37 4.16
CA LYS A 366 70.33 -70.98 3.19
C LYS A 366 70.35 -70.24 1.86
N SER A 367 70.51 -68.92 1.92
CA SER A 367 70.52 -68.10 0.73
C SER A 367 71.51 -68.67 -0.28
N ILE A 368 72.60 -69.23 0.24
CA ILE A 368 73.63 -69.84 -0.59
C ILE A 368 73.33 -71.32 -0.66
N THR A 369 73.20 -71.94 0.50
CA THR A 369 72.88 -73.35 0.61
C THR A 369 71.98 -73.82 -0.53
N GLU A 370 71.06 -72.96 -0.98
CA GLU A 370 70.13 -73.30 -2.05
C GLU A 370 70.63 -72.82 -3.40
N HIS A 371 70.48 -71.51 -3.65
CA HIS A 371 70.90 -70.92 -4.91
C HIS A 371 72.43 -70.75 -4.95
N GLU A 372 73.18 -71.84 -4.96
CA GLU A 372 74.63 -71.70 -5.02
C GLU A 372 75.05 -71.42 -6.47
N GLY A 373 75.99 -70.51 -6.62
CA GLY A 373 76.44 -70.14 -7.94
C GLY A 373 75.97 -68.73 -8.20
N GLU A 374 74.74 -68.43 -7.78
CA GLU A 374 74.18 -67.10 -7.95
C GLU A 374 74.35 -66.30 -6.65
N ILE A 375 74.09 -66.93 -5.51
CA ILE A 375 74.23 -66.24 -4.23
C ILE A 375 75.40 -66.79 -3.39
N GLY A 376 76.35 -65.92 -3.06
CA GLY A 376 77.48 -66.35 -2.27
C GLY A 376 77.97 -65.23 -1.37
N LYS A 377 79.12 -65.49 -0.73
CA LYS A 377 79.75 -64.55 0.18
C LYS A 377 81.14 -64.18 -0.28
N ILE A 378 81.49 -62.89 -0.25
CA ILE A 378 82.82 -62.49 -0.65
C ILE A 378 83.39 -61.52 0.39
N PRO A 379 84.72 -61.40 0.45
CA PRO A 379 85.36 -60.50 1.41
C PRO A 379 85.13 -59.05 1.09
N LEU A 380 85.00 -58.26 2.15
CA LEU A 380 84.76 -56.83 2.04
C LEU A 380 85.98 -56.09 1.51
N LYS A 381 85.73 -55.06 0.71
CA LYS A 381 86.80 -54.24 0.13
C LYS A 381 86.34 -52.80 -0.06
N LEU A 382 86.27 -52.05 1.03
CA LEU A 382 85.83 -50.65 0.98
C LEU A 382 86.79 -49.88 0.09
N ASP A 383 86.27 -49.21 -0.94
CA ASP A 383 87.17 -48.45 -1.82
C ASP A 383 87.61 -47.11 -1.22
N HIS A 384 88.16 -46.24 -2.07
CA HIS A 384 88.66 -44.95 -1.60
C HIS A 384 87.59 -43.98 -1.12
N LEU A 385 86.71 -43.55 -2.03
CA LEU A 385 85.65 -42.60 -1.71
C LEU A 385 84.83 -43.06 -0.50
N ARG A 386 84.32 -44.28 -0.59
CA ARG A 386 83.52 -44.86 0.48
C ARG A 386 84.06 -44.55 1.88
N ILE A 387 85.36 -44.79 2.09
CA ILE A 387 85.98 -44.51 3.38
C ILE A 387 85.76 -43.06 3.75
N GLU A 388 86.24 -42.15 2.92
CA GLU A 388 86.08 -40.74 3.23
C GLU A 388 84.64 -40.39 3.52
N GLU A 389 83.70 -41.18 2.99
CA GLU A 389 82.27 -40.94 3.21
C GLU A 389 81.78 -41.36 4.60
N LEU A 390 81.91 -42.65 4.88
CA LEU A 390 81.50 -43.19 6.16
C LEU A 390 82.19 -42.37 7.25
N LYS A 391 82.99 -41.40 6.80
CA LYS A 391 83.74 -40.53 7.67
C LYS A 391 82.86 -39.38 8.14
N GLU A 392 82.72 -38.35 7.32
CA GLU A 392 81.92 -37.19 7.71
C GLU A 392 80.48 -37.58 8.08
N ASN A 393 80.08 -38.80 7.74
CA ASN A 393 78.74 -39.24 8.09
C ASN A 393 78.86 -39.80 9.51
N GLY A 394 80.10 -40.07 9.91
CA GLY A 394 80.40 -40.56 11.23
C GLY A 394 80.15 -42.02 11.55
N ILE A 395 80.56 -42.92 10.67
CA ILE A 395 80.36 -44.34 10.94
C ILE A 395 81.66 -45.02 11.34
N ILE A 396 82.76 -44.48 10.82
CA ILE A 396 84.11 -44.99 11.09
C ILE A 396 85.07 -43.82 11.29
N LEU A 397 86.20 -44.10 11.94
CA LEU A 397 87.22 -43.10 12.20
C LEU A 397 88.59 -43.67 11.83
N LYS A 398 89.15 -43.19 10.72
CA LYS A 398 90.45 -43.65 10.25
C LYS A 398 91.58 -43.00 11.06
N GLY A 399 92.39 -43.82 11.72
CA GLY A 399 93.47 -43.30 12.54
C GLY A 399 94.76 -44.11 12.59
N LYS A 400 95.33 -44.23 13.78
CA LYS A 400 96.59 -44.95 13.98
C LYS A 400 96.77 -46.22 13.12
N LYS A 401 98.02 -46.46 12.73
CA LYS A 401 98.39 -47.60 11.90
C LYS A 401 98.97 -48.74 12.72
N GLU A 402 99.16 -49.88 12.06
CA GLU A 402 99.73 -51.06 12.68
C GLU A 402 100.37 -51.94 11.62
N ILE A 403 101.13 -52.94 12.06
CA ILE A 403 101.82 -53.84 11.15
C ILE A 403 101.85 -55.28 11.60
N ASP A 404 101.47 -56.17 10.69
CA ASP A 404 101.48 -57.59 10.97
C ASP A 404 101.95 -58.38 9.77
N ASN A 405 102.76 -59.39 10.05
CA ASN A 405 103.30 -60.27 9.02
C ASN A 405 104.09 -59.53 7.95
N GLY A 406 104.17 -58.21 8.06
CA GLY A 406 104.91 -57.43 7.08
C GLY A 406 104.05 -56.50 6.23
N LYS A 407 102.73 -56.69 6.33
CA LYS A 407 101.79 -55.87 5.57
C LYS A 407 101.26 -54.73 6.42
N LYS A 408 100.93 -53.62 5.76
CA LYS A 408 100.43 -52.45 6.46
C LYS A 408 98.94 -52.54 6.66
N TYR A 409 98.48 -51.97 7.77
CA TYR A 409 97.07 -51.96 8.14
C TYR A 409 96.69 -50.65 8.80
N TYR A 410 95.85 -49.86 8.16
CA TYR A 410 95.38 -48.62 8.77
C TYR A 410 94.28 -49.13 9.69
N LEU A 411 94.20 -48.59 10.91
CA LEU A 411 93.20 -49.05 11.85
C LEU A 411 91.88 -48.32 11.71
N LEU A 412 90.79 -49.09 11.67
CA LEU A 412 89.47 -48.52 11.57
C LEU A 412 88.78 -48.66 12.91
N GLU A 413 88.43 -47.51 13.49
CA GLU A 413 87.77 -47.46 14.79
C GLU A 413 86.25 -47.25 14.69
N SER A 414 85.51 -47.97 15.52
CA SER A 414 84.05 -47.85 15.58
C SER A 414 83.66 -48.03 17.05
N ASN A 415 82.94 -47.05 17.60
CA ASN A 415 82.57 -47.10 19.00
C ASN A 415 81.64 -48.23 19.39
N ASN A 416 81.89 -49.42 18.84
CA ASN A 416 81.10 -50.57 19.22
C ASN A 416 81.89 -51.14 20.39
N GLN A 417 81.29 -52.06 21.14
CA GLN A 417 81.96 -52.62 22.29
C GLN A 417 82.14 -54.13 22.21
N VAL A 418 82.35 -54.66 21.02
CA VAL A 418 82.56 -56.11 20.88
C VAL A 418 83.45 -56.50 19.69
N TYR A 419 83.51 -55.64 18.67
CA TYR A 419 84.30 -55.93 17.48
C TYR A 419 85.28 -54.81 17.16
N GLU A 420 86.51 -55.18 16.83
CA GLU A 420 87.51 -54.20 16.45
C GLU A 420 87.72 -54.46 14.96
N PHE A 421 87.86 -53.39 14.20
CA PHE A 421 88.00 -53.53 12.76
C PHE A 421 89.29 -52.94 12.20
N ARG A 422 89.73 -53.46 11.05
CA ARG A 422 90.94 -52.98 10.39
C ARG A 422 90.93 -53.26 8.89
N ILE A 423 91.23 -52.25 8.10
CA ILE A 423 91.27 -52.47 6.65
C ILE A 423 92.71 -52.83 6.26
N SER A 424 92.92 -53.29 5.06
CA SER A 424 94.29 -53.59 4.70
C SER A 424 94.94 -52.38 4.04
N ASP A 425 95.95 -52.64 3.21
CA ASP A 425 96.62 -51.58 2.48
C ASP A 425 96.86 -52.01 1.05
N GLU A 426 97.34 -53.23 0.88
CA GLU A 426 97.58 -53.77 -0.45
C GLU A 426 96.22 -53.78 -1.11
N ASN A 427 95.41 -54.77 -0.74
CA ASN A 427 94.04 -54.90 -1.22
C ASN A 427 93.27 -54.35 -0.02
N ASN A 428 92.42 -53.35 -0.24
CA ASN A 428 91.70 -52.74 0.86
C ASN A 428 90.73 -53.65 1.59
N GLU A 429 91.11 -54.90 1.85
CA GLU A 429 90.21 -55.79 2.57
C GLU A 429 89.92 -55.17 3.93
N VAL A 430 89.07 -55.83 4.71
CA VAL A 430 88.72 -55.33 6.02
C VAL A 430 88.64 -56.54 6.91
N GLN A 431 88.86 -56.32 8.20
CA GLN A 431 88.84 -57.44 9.12
C GLN A 431 88.34 -57.06 10.51
N TYR A 432 87.79 -58.05 11.21
CA TYR A 432 87.30 -57.88 12.58
C TYR A 432 87.75 -59.04 13.47
N LYS A 433 87.44 -58.95 14.76
CA LYS A 433 87.79 -59.98 15.73
C LYS A 433 87.11 -59.59 17.03
N THR A 434 86.87 -60.54 17.90
CA THR A 434 86.25 -60.21 19.18
C THR A 434 87.35 -59.60 20.01
N LYS A 435 87.03 -58.54 20.76
CA LYS A 435 88.03 -57.88 21.61
C LYS A 435 88.49 -58.80 22.75
N GLU A 436 89.71 -58.54 23.25
CA GLU A 436 90.33 -59.32 24.32
C GLU A 436 89.55 -59.29 25.63
N GLY A 437 88.39 -58.64 25.59
CA GLY A 437 87.54 -58.53 26.77
C GLY A 437 86.07 -58.44 26.40
N LYS A 438 85.61 -59.39 25.59
CA LYS A 438 84.23 -59.45 25.16
C LYS A 438 83.94 -60.71 24.35
N ILE A 439 82.65 -61.04 24.23
CA ILE A 439 82.20 -62.22 23.50
C ILE A 439 81.06 -61.88 22.51
N THR A 440 80.66 -62.86 21.72
CA THR A 440 79.57 -62.68 20.75
C THR A 440 78.31 -63.26 21.39
N VAL A 441 77.19 -62.59 21.21
CA VAL A 441 75.93 -63.06 21.79
C VAL A 441 75.66 -64.55 21.61
N LEU A 442 76.18 -65.13 20.54
CA LEU A 442 75.97 -66.56 20.29
C LEU A 442 76.95 -67.36 21.13
N GLY A 443 78.06 -66.72 21.51
CA GLY A 443 79.06 -67.38 22.34
C GLY A 443 80.38 -67.65 21.64
N GLU A 444 80.74 -66.78 20.71
CA GLU A 444 81.97 -66.94 19.94
C GLU A 444 83.02 -65.88 20.29
N LYS A 445 84.27 -66.16 19.94
CA LYS A 445 85.40 -65.26 20.18
C LYS A 445 86.44 -65.60 19.13
N PHE A 446 86.94 -64.61 18.40
CA PHE A 446 87.95 -64.90 17.38
C PHE A 446 88.93 -63.78 17.06
N ASN A 447 90.00 -64.15 16.36
CA ASN A 447 91.00 -63.18 16.01
C ASN A 447 90.72 -62.63 14.61
N TRP A 448 91.52 -61.69 14.18
CA TRP A 448 91.32 -61.08 12.88
C TRP A 448 90.92 -62.04 11.75
N ARG A 449 89.78 -61.76 11.11
CA ARG A 449 89.25 -62.54 9.99
C ARG A 449 88.81 -61.49 8.97
N ASN A 450 88.51 -61.92 7.76
CA ASN A 450 88.08 -60.99 6.73
C ASN A 450 86.56 -60.87 6.84
N ILE A 451 86.04 -59.64 6.76
CA ILE A 451 84.60 -59.40 6.84
C ILE A 451 83.93 -59.86 5.57
N GLU A 452 82.98 -60.77 5.68
CA GLU A 452 82.28 -61.24 4.50
C GLU A 452 80.90 -60.61 4.32
N VAL A 453 80.65 -60.15 3.11
CA VAL A 453 79.38 -59.54 2.76
C VAL A 453 78.69 -60.55 1.84
N MET A 454 77.40 -60.34 1.57
CA MET A 454 76.71 -61.25 0.69
C MET A 454 76.95 -60.75 -0.71
N ALA A 455 76.87 -61.64 -1.69
CA ALA A 455 77.07 -61.25 -3.08
C ALA A 455 76.41 -62.18 -4.08
N LYS A 456 75.55 -61.60 -4.92
CA LYS A 456 74.86 -62.37 -5.94
C LYS A 456 75.82 -62.52 -7.08
N ASN A 457 75.36 -63.15 -8.15
CA ASN A 457 76.21 -63.37 -9.31
C ASN A 457 75.88 -62.42 -10.46
N VAL A 458 76.84 -61.58 -10.81
CA VAL A 458 76.67 -60.61 -11.89
C VAL A 458 77.62 -60.91 -13.03
N GLU A 459 77.09 -61.41 -14.15
CA GLU A 459 77.92 -61.73 -15.29
C GLU A 459 79.11 -62.56 -14.82
N GLY A 460 78.80 -63.69 -14.19
CA GLY A 460 79.86 -64.55 -13.70
C GLY A 460 80.86 -63.94 -12.76
N VAL A 461 80.44 -63.00 -11.93
CA VAL A 461 81.36 -62.41 -10.97
C VAL A 461 80.61 -62.07 -9.68
N LEU A 462 80.94 -62.73 -8.58
CA LEU A 462 80.24 -62.44 -7.33
C LEU A 462 80.46 -61.00 -6.86
N LYS A 463 79.51 -60.12 -7.19
CA LYS A 463 79.59 -58.75 -6.76
C LYS A 463 78.85 -58.68 -5.42
N PRO A 464 79.26 -57.78 -4.51
CA PRO A 464 78.62 -57.63 -3.19
C PRO A 464 77.20 -57.06 -3.25
N LEU A 465 76.45 -57.25 -2.18
CA LEU A 465 75.07 -56.80 -2.16
C LEU A 465 74.71 -55.69 -1.19
N THR A 466 73.94 -54.73 -1.69
CA THR A 466 73.43 -53.62 -0.91
C THR A 466 71.97 -53.53 -1.31
N ALA A 467 71.24 -52.65 -0.63
CA ALA A 467 69.82 -52.45 -0.89
C ALA A 467 69.48 -52.25 -2.38
N ASP A 468 68.26 -52.63 -2.74
CA ASP A 468 67.77 -52.51 -4.11
C ASP A 468 66.69 -51.45 -4.10
N TYR A 469 66.23 -51.06 -5.27
CA TYR A 469 65.17 -50.07 -5.34
C TYR A 469 63.88 -50.87 -5.25
N ASP A 470 63.12 -50.70 -4.17
CA ASP A 470 61.86 -51.44 -4.05
C ASP A 470 60.71 -50.52 -4.48
N LEU A 471 60.10 -50.83 -5.63
CA LEU A 471 58.98 -50.04 -6.15
C LEU A 471 57.73 -50.12 -5.27
N PHE A 472 57.18 -48.97 -4.85
CA PHE A 472 55.97 -48.98 -4.03
C PHE A 472 54.74 -49.23 -4.89
N ALA A 473 54.82 -48.91 -6.16
CA ALA A 473 53.71 -49.15 -7.08
C ALA A 473 54.01 -48.52 -8.41
N LEU A 474 53.29 -48.94 -9.43
CA LEU A 474 53.49 -48.36 -10.75
C LEU A 474 52.13 -47.90 -11.29
N ALA A 475 52.00 -46.64 -11.64
CA ALA A 475 50.71 -46.17 -12.12
C ALA A 475 50.84 -45.77 -13.57
N PRO A 476 50.31 -46.58 -14.48
CA PRO A 476 50.39 -46.26 -15.91
C PRO A 476 49.13 -45.56 -16.40
N SER A 477 49.28 -44.70 -17.38
CA SER A 477 48.13 -44.01 -17.90
C SER A 477 47.12 -45.04 -18.34
N LEU A 478 45.88 -44.81 -17.95
CA LEU A 478 44.80 -45.71 -18.30
C LEU A 478 44.80 -46.00 -19.80
N THR A 479 45.43 -45.12 -20.58
CA THR A 479 45.47 -45.35 -22.02
C THR A 479 46.64 -46.22 -22.42
N GLU A 480 47.73 -46.07 -21.69
CA GLU A 480 48.93 -46.84 -21.95
C GLU A 480 48.60 -48.33 -21.94
N ILE A 481 47.58 -48.72 -21.19
CA ILE A 481 47.19 -50.12 -21.13
C ILE A 481 46.54 -50.52 -22.45
N LYS A 482 45.74 -49.63 -23.03
CA LYS A 482 45.10 -49.94 -24.31
C LYS A 482 46.20 -50.30 -25.31
N LYS A 483 47.29 -49.54 -25.27
CA LYS A 483 48.44 -49.75 -26.12
C LYS A 483 49.12 -51.02 -25.62
N GLN A 484 48.32 -51.94 -25.11
CA GLN A 484 48.85 -53.19 -24.57
C GLN A 484 48.03 -54.33 -25.14
N ILE A 485 46.77 -54.06 -25.42
CA ILE A 485 45.89 -55.08 -25.95
C ILE A 485 46.12 -55.17 -27.46
N PRO A 486 46.35 -56.38 -27.99
CA PRO A 486 46.56 -56.57 -29.42
C PRO A 486 45.33 -56.14 -30.22
N GLN A 487 45.52 -55.15 -31.08
CA GLN A 487 44.47 -54.54 -31.89
C GLN A 487 43.30 -55.38 -32.36
N LYS A 488 43.47 -56.70 -32.42
CA LYS A 488 42.38 -57.55 -32.87
C LYS A 488 41.49 -57.99 -31.71
N GLU A 489 42.10 -58.32 -30.58
CA GLU A 489 41.31 -58.71 -29.43
C GLU A 489 40.38 -57.57 -29.02
N TRP A 490 40.95 -56.40 -28.74
CA TRP A 490 40.13 -55.26 -28.32
C TRP A 490 39.11 -54.97 -29.37
N ASP A 491 39.37 -55.44 -30.57
CA ASP A 491 38.48 -55.26 -31.71
C ASP A 491 37.33 -56.26 -31.62
N LYS A 492 37.67 -57.53 -31.73
CA LYS A 492 36.68 -58.59 -31.65
C LYS A 492 35.74 -58.41 -30.47
N VAL A 493 36.08 -57.51 -29.55
CA VAL A 493 35.24 -57.27 -28.38
C VAL A 493 34.23 -56.16 -28.55
N VAL A 494 34.68 -55.02 -29.07
CA VAL A 494 33.79 -53.87 -29.26
C VAL A 494 32.81 -54.07 -30.43
N ASN A 495 33.21 -54.86 -31.43
CA ASN A 495 32.35 -55.14 -32.57
C ASN A 495 31.28 -56.16 -32.16
N THR A 496 30.77 -55.98 -30.94
CA THR A 496 29.74 -56.85 -30.38
C THR A 496 28.45 -56.08 -30.21
N PRO A 497 27.30 -56.76 -30.36
CA PRO A 497 25.97 -56.16 -30.22
C PRO A 497 25.55 -55.81 -28.80
N ASN A 498 25.44 -56.83 -27.96
CA ASN A 498 25.03 -56.67 -26.57
C ASN A 498 25.72 -55.53 -25.84
N SER A 499 24.96 -54.46 -25.58
CA SER A 499 25.48 -53.29 -24.88
C SER A 499 26.09 -53.66 -23.52
N LEU A 500 25.50 -54.65 -22.87
CA LEU A 500 25.96 -55.10 -21.56
C LEU A 500 27.23 -55.92 -21.65
N GLU A 501 27.26 -56.83 -22.61
CA GLU A 501 28.39 -57.72 -22.82
C GLU A 501 29.59 -56.98 -23.41
N LYS A 502 29.33 -55.86 -24.06
CA LYS A 502 30.39 -55.08 -24.66
C LYS A 502 31.18 -54.39 -23.54
N GLN A 503 30.61 -54.41 -22.34
CA GLN A 503 31.27 -53.82 -21.19
C GLN A 503 32.08 -54.92 -20.55
N LYS A 504 31.39 -55.99 -20.18
CA LYS A 504 32.03 -57.15 -19.58
C LYS A 504 33.26 -57.46 -20.42
N GLY A 505 33.09 -57.53 -21.74
CA GLY A 505 34.21 -57.82 -22.62
C GLY A 505 35.37 -56.85 -22.39
N VAL A 506 35.04 -55.56 -22.37
CA VAL A 506 36.05 -54.54 -22.16
C VAL A 506 36.74 -54.76 -20.83
N THR A 507 35.96 -54.62 -19.75
CA THR A 507 36.48 -54.81 -18.38
C THR A 507 37.45 -55.99 -18.27
N ASN A 508 37.04 -57.15 -18.77
CA ASN A 508 37.90 -58.32 -18.73
C ASN A 508 39.18 -58.04 -19.46
N LEU A 509 39.10 -57.29 -20.56
CA LEU A 509 40.30 -56.93 -21.31
C LEU A 509 41.20 -56.07 -20.43
N LEU A 510 40.61 -55.03 -19.85
CA LEU A 510 41.28 -54.10 -18.96
C LEU A 510 41.95 -54.94 -17.86
N ILE A 511 41.22 -55.93 -17.37
CA ILE A 511 41.69 -56.85 -16.32
C ILE A 511 42.82 -57.76 -16.83
N LYS A 512 42.57 -58.45 -17.93
CA LYS A 512 43.56 -59.34 -18.51
C LYS A 512 44.85 -58.65 -18.91
N TYR A 513 44.75 -57.43 -19.42
CA TYR A 513 45.95 -56.72 -19.84
C TYR A 513 46.46 -55.71 -18.87
N GLY A 514 45.67 -55.41 -17.84
CA GLY A 514 46.12 -54.39 -16.93
C GLY A 514 46.22 -54.69 -15.45
N ILE A 515 45.18 -55.28 -14.91
CA ILE A 515 45.12 -55.59 -13.48
C ILE A 515 45.73 -56.94 -13.06
N GLU A 516 45.52 -57.97 -13.87
CA GLU A 516 46.03 -59.30 -13.57
C GLU A 516 47.48 -59.35 -13.14
N ARG A 517 47.76 -60.25 -12.23
CA ARG A 517 49.10 -60.42 -11.67
C ARG A 517 49.44 -61.90 -11.49
N LYS A 518 50.37 -62.40 -12.31
CA LYS A 518 50.79 -63.79 -12.23
C LYS A 518 52.04 -63.80 -11.37
N PRO A 519 52.41 -64.97 -10.82
CA PRO A 519 53.61 -65.03 -9.99
C PRO A 519 54.84 -65.14 -10.90
N ASP A 520 56.00 -65.42 -10.33
CA ASP A 520 57.16 -65.49 -11.18
C ASP A 520 58.34 -66.16 -10.53
N SER A 521 59.02 -66.92 -11.37
CA SER A 521 60.20 -67.70 -11.03
C SER A 521 61.28 -66.82 -10.43
N THR A 522 61.47 -65.63 -11.00
CA THR A 522 62.50 -64.73 -10.51
C THR A 522 62.10 -63.35 -10.01
N LYS A 523 61.16 -62.68 -10.68
CA LYS A 523 60.79 -61.31 -10.31
C LYS A 523 59.65 -61.06 -9.35
N GLY A 524 59.41 -62.02 -8.45
CA GLY A 524 58.34 -61.88 -7.48
C GLY A 524 56.98 -62.14 -8.09
N THR A 525 55.99 -61.37 -7.67
CA THR A 525 54.64 -61.49 -8.21
C THR A 525 54.35 -60.16 -8.83
N LEU A 526 54.25 -60.09 -10.15
CA LEU A 526 53.97 -58.81 -10.77
C LEU A 526 53.26 -58.91 -12.08
N SER A 527 52.74 -57.78 -12.51
CA SER A 527 52.01 -57.70 -13.74
C SER A 527 52.92 -58.02 -14.88
N ASN A 528 52.40 -58.01 -16.10
CA ASN A 528 53.20 -58.24 -17.28
C ASN A 528 53.85 -56.93 -17.70
N TRP A 529 53.05 -55.89 -17.91
CA TRP A 529 53.63 -54.59 -18.27
C TRP A 529 54.54 -54.18 -17.12
N GLN A 530 54.17 -54.57 -15.91
CA GLN A 530 54.99 -54.23 -14.77
C GLN A 530 56.39 -54.75 -14.99
N LYS A 531 56.51 -55.93 -15.58
CA LYS A 531 57.82 -56.46 -15.85
C LYS A 531 58.45 -55.61 -16.94
N GLN A 532 57.74 -55.44 -18.04
CA GLN A 532 58.29 -54.65 -19.13
C GLN A 532 58.79 -53.31 -18.59
N MET A 533 58.00 -52.70 -17.71
CA MET A 533 58.39 -51.44 -17.11
C MET A 533 59.66 -51.71 -16.31
N LEU A 534 59.63 -52.79 -15.54
CA LEU A 534 60.75 -53.16 -14.70
C LEU A 534 62.01 -53.32 -15.52
N ASP A 535 61.88 -53.63 -16.80
CA ASP A 535 63.09 -53.75 -17.61
C ASP A 535 63.59 -52.35 -17.96
N ARG A 536 62.78 -51.59 -18.70
CA ARG A 536 63.14 -50.23 -19.11
C ARG A 536 63.80 -49.43 -18.01
N LEU A 537 63.48 -49.71 -16.76
CA LEU A 537 64.10 -48.99 -15.66
C LEU A 537 65.55 -49.41 -15.54
N ASN A 538 65.78 -50.73 -15.52
CA ASN A 538 67.12 -51.27 -15.41
C ASN A 538 68.03 -50.93 -16.60
N GLU A 539 67.51 -51.06 -17.83
CA GLU A 539 68.29 -50.75 -19.02
C GLU A 539 68.54 -49.25 -19.11
N ALA A 540 67.68 -48.49 -18.45
CA ALA A 540 67.82 -47.05 -18.46
C ALA A 540 68.94 -46.65 -17.53
N VAL A 541 69.03 -47.30 -16.38
CA VAL A 541 70.09 -46.97 -15.43
C VAL A 541 71.35 -47.71 -15.77
N LYS A 542 71.42 -48.25 -16.98
CA LYS A 542 72.60 -48.97 -17.42
C LYS A 542 73.33 -48.14 -18.48
N TYR A 543 72.58 -47.48 -19.36
CA TYR A 543 73.18 -46.64 -20.40
C TYR A 543 73.65 -45.36 -19.72
N THR A 544 73.57 -45.39 -18.39
CA THR A 544 73.97 -44.26 -17.55
C THR A 544 75.37 -44.55 -17.05
N GLY A 545 75.63 -45.81 -16.71
CA GLY A 545 76.94 -46.19 -16.23
C GLY A 545 76.97 -47.14 -15.05
N TYR A 546 75.92 -47.91 -14.83
CA TYR A 546 75.86 -48.86 -13.72
C TYR A 546 76.49 -50.16 -14.17
N THR A 547 77.19 -50.83 -13.25
CA THR A 547 77.87 -52.10 -13.54
C THR A 547 77.48 -53.27 -12.64
N GLY A 548 76.31 -53.19 -12.00
CA GLY A 548 75.89 -54.26 -11.11
C GLY A 548 74.65 -54.95 -11.63
N GLY A 549 74.31 -54.64 -12.87
CA GLY A 549 73.15 -55.24 -13.49
C GLY A 549 71.86 -54.46 -13.34
N ASP A 550 70.86 -55.10 -12.73
CA ASP A 550 69.54 -54.50 -12.50
C ASP A 550 69.52 -53.84 -11.13
N VAL A 551 68.67 -52.84 -10.96
CA VAL A 551 68.60 -52.17 -9.69
C VAL A 551 67.16 -52.22 -9.14
N VAL A 552 66.30 -52.92 -9.86
CA VAL A 552 64.90 -53.13 -9.48
C VAL A 552 64.71 -54.62 -9.78
N ASN A 553 64.60 -55.43 -8.73
CA ASN A 553 64.51 -56.87 -8.88
C ASN A 553 63.18 -57.63 -8.85
N HIS A 554 62.11 -57.00 -8.38
CA HIS A 554 60.81 -57.67 -8.26
C HIS A 554 59.65 -56.70 -8.36
N GLY A 555 58.45 -57.27 -8.44
CA GLY A 555 57.23 -56.48 -8.54
C GLY A 555 57.03 -55.44 -7.46
N THR A 556 55.93 -54.70 -7.58
CA THR A 556 55.59 -53.61 -6.67
C THR A 556 55.10 -53.99 -5.31
N GLU A 557 55.63 -53.35 -4.29
CA GLU A 557 55.23 -53.60 -2.91
C GLU A 557 53.71 -53.80 -2.68
N GLN A 558 52.89 -53.36 -3.63
CA GLN A 558 51.43 -53.50 -3.53
C GLN A 558 51.02 -54.92 -3.89
N ASP A 559 51.98 -55.83 -3.77
CA ASP A 559 51.78 -57.24 -4.03
C ASP A 559 52.50 -58.01 -2.95
N ASN A 560 53.19 -57.25 -2.11
CA ASN A 560 53.86 -57.84 -1.00
C ASN A 560 52.75 -58.06 0.00
N GLU A 561 51.81 -58.94 -0.35
CA GLU A 561 50.65 -59.30 0.50
C GLU A 561 51.10 -60.00 1.79
N GLU A 562 52.11 -60.85 1.66
CA GLU A 562 52.72 -61.59 2.74
C GLU A 562 53.25 -60.73 3.87
N PHE A 563 54.35 -60.02 3.62
CA PHE A 563 54.96 -59.17 4.65
C PHE A 563 54.97 -57.69 4.30
N PRO A 564 53.79 -57.12 4.03
CA PRO A 564 53.60 -55.72 3.67
C PRO A 564 54.20 -54.79 4.71
N GLU A 565 54.81 -53.69 4.27
CA GLU A 565 55.42 -52.72 5.18
C GLU A 565 54.88 -51.31 4.94
N LYS A 566 54.59 -50.60 6.02
CA LYS A 566 54.03 -49.25 5.95
C LYS A 566 55.05 -48.12 5.99
N ASP A 567 55.46 -47.64 4.81
CA ASP A 567 56.42 -46.55 4.76
C ASP A 567 55.75 -45.22 4.76
N ASN A 568 56.27 -44.31 5.57
CA ASN A 568 55.69 -43.01 5.65
C ASN A 568 56.02 -42.28 4.37
N GLU A 569 57.26 -41.81 4.27
CA GLU A 569 57.68 -41.09 3.08
C GLU A 569 57.75 -41.98 1.83
N ILE A 570 57.28 -41.47 0.70
CA ILE A 570 57.32 -42.22 -0.55
C ILE A 570 57.70 -41.32 -1.72
N PHE A 571 58.84 -41.59 -2.33
CA PHE A 571 59.29 -40.81 -3.48
C PHE A 571 58.41 -41.24 -4.67
N ILE A 572 57.93 -40.27 -5.45
CA ILE A 572 57.09 -40.52 -6.62
C ILE A 572 57.71 -39.79 -7.79
N ILE A 573 57.28 -40.08 -9.00
CA ILE A 573 57.84 -39.41 -10.16
C ILE A 573 56.77 -39.24 -11.23
N ASN A 574 55.99 -38.15 -11.20
CA ASN A 574 54.90 -38.00 -12.18
C ASN A 574 55.36 -38.16 -13.60
N PRO A 575 54.43 -38.52 -14.50
CA PRO A 575 54.70 -38.74 -15.93
C PRO A 575 55.30 -37.54 -16.66
N GLU A 576 55.87 -36.62 -15.89
CA GLU A 576 56.45 -35.41 -16.44
C GLU A 576 57.93 -35.26 -16.11
N GLY A 577 58.31 -35.61 -14.90
CA GLY A 577 59.70 -35.52 -14.53
C GLY A 577 59.95 -34.77 -13.24
N GLU A 578 58.91 -34.70 -12.42
CA GLU A 578 59.03 -34.01 -11.15
C GLU A 578 59.14 -35.01 -10.02
N PHE A 579 60.13 -34.83 -9.15
CA PHE A 579 60.33 -35.74 -8.03
C PHE A 579 59.52 -35.23 -6.87
N ILE A 580 58.60 -36.07 -6.40
CA ILE A 580 57.74 -35.68 -5.29
C ILE A 580 57.85 -36.71 -4.20
N LEU A 581 58.19 -36.27 -3.00
CA LEU A 581 58.28 -37.21 -1.91
C LEU A 581 57.20 -36.93 -0.92
N THR A 582 56.22 -37.80 -0.78
CA THR A 582 55.17 -37.55 0.20
C THR A 582 55.75 -37.61 1.61
N LYS A 583 54.90 -37.49 2.63
CA LYS A 583 55.37 -37.50 4.01
C LYS A 583 54.51 -38.34 4.96
N ASN A 584 53.34 -38.76 4.50
CA ASN A 584 52.46 -39.55 5.35
C ASN A 584 51.96 -40.79 4.65
N TRP A 585 51.34 -41.68 5.43
CA TRP A 585 50.76 -42.87 4.85
C TRP A 585 49.46 -42.35 4.29
N GLU A 586 48.96 -41.29 4.92
CA GLU A 586 47.71 -40.64 4.53
C GLU A 586 48.00 -39.78 3.31
N MET A 587 48.88 -38.81 3.49
CA MET A 587 49.23 -37.94 2.38
C MET A 587 49.44 -38.81 1.17
N THR A 588 50.23 -39.86 1.36
CA THR A 588 50.53 -40.78 0.27
C THR A 588 49.26 -41.32 -0.32
N GLY A 589 48.36 -41.76 0.55
CA GLY A 589 47.10 -42.29 0.06
C GLY A 589 46.24 -41.18 -0.53
N ARG A 590 46.52 -39.96 -0.07
CA ARG A 590 45.82 -38.73 -0.44
C ARG A 590 46.34 -38.23 -1.79
N PHE A 591 47.64 -38.34 -2.00
CA PHE A 591 48.25 -37.90 -3.24
C PHE A 591 47.90 -38.85 -4.37
N ILE A 592 47.59 -40.08 -4.03
CA ILE A 592 47.25 -41.04 -5.07
C ILE A 592 45.81 -40.82 -5.52
N GLU A 593 44.93 -40.48 -4.57
CA GLU A 593 43.52 -40.23 -4.90
C GLU A 593 43.37 -39.05 -5.81
N LYS A 594 44.06 -37.98 -5.45
CA LYS A 594 44.02 -36.73 -6.19
C LYS A 594 44.70 -36.71 -7.55
N ASN A 595 45.94 -37.20 -7.63
CA ASN A 595 46.67 -37.20 -8.89
C ASN A 595 46.72 -38.48 -9.68
N ILE A 596 46.52 -39.63 -9.03
CA ILE A 596 46.54 -40.90 -9.75
C ILE A 596 45.13 -41.45 -9.93
N THR A 597 44.61 -42.07 -8.88
CA THR A 597 43.25 -42.62 -8.93
C THR A 597 42.35 -41.75 -9.80
N GLY A 598 41.89 -40.64 -9.23
CA GLY A 598 41.00 -39.73 -9.94
C GLY A 598 41.60 -38.84 -11.00
N LYS A 599 42.52 -39.37 -11.80
CA LYS A 599 43.13 -38.57 -12.88
C LYS A 599 43.40 -39.39 -14.16
N ASP A 600 42.76 -40.57 -14.22
CA ASP A 600 42.83 -41.49 -15.35
C ASP A 600 44.05 -42.42 -15.41
N TYR A 601 44.59 -42.77 -14.25
CA TYR A 601 45.72 -43.69 -14.17
C TYR A 601 45.29 -44.98 -13.45
N LEU A 602 45.62 -46.10 -14.05
CA LEU A 602 45.27 -47.39 -13.45
C LEU A 602 46.11 -47.69 -12.24
N TYR A 603 45.50 -47.67 -11.07
CA TYR A 603 46.23 -48.01 -9.86
C TYR A 603 45.44 -49.08 -9.15
N TYR A 604 46.12 -49.91 -8.35
CA TYR A 604 45.42 -50.94 -7.59
C TYR A 604 46.17 -51.08 -6.28
N PHE A 605 45.44 -51.11 -5.17
CA PHE A 605 46.09 -51.17 -3.88
C PHE A 605 46.17 -52.57 -3.26
N ASN A 606 47.24 -52.76 -2.48
CA ASN A 606 47.55 -54.02 -1.83
C ASN A 606 46.41 -54.85 -1.31
N ARG A 607 46.32 -56.06 -1.86
CA ARG A 607 45.25 -56.97 -1.49
C ARG A 607 45.14 -57.14 0.00
N SER A 608 46.25 -57.01 0.71
CA SER A 608 46.18 -57.22 2.12
C SER A 608 45.94 -55.99 2.96
N TYR A 609 45.57 -54.90 2.31
CA TYR A 609 45.29 -53.67 3.06
C TYR A 609 43.90 -53.84 3.63
N ASN A 610 43.76 -53.47 4.91
CA ASN A 610 42.50 -53.58 5.66
C ASN A 610 42.28 -54.96 6.25
N LYS A 611 43.16 -55.90 5.93
CA LYS A 611 43.03 -57.24 6.47
C LYS A 611 44.28 -57.44 7.28
N ILE A 612 44.42 -58.58 7.92
CA ILE A 612 45.63 -58.86 8.69
C ILE A 612 46.49 -59.68 7.74
N ALA A 613 47.71 -59.23 7.47
CA ALA A 613 48.58 -59.97 6.56
C ALA A 613 49.25 -61.17 7.23
N PRO A 614 48.93 -62.37 6.75
CA PRO A 614 49.44 -63.66 7.26
C PRO A 614 50.85 -63.67 7.82
N GLY A 615 51.83 -63.42 6.95
CA GLY A 615 53.22 -63.42 7.36
C GLY A 615 53.58 -62.62 8.60
N ASN A 616 53.57 -61.30 8.47
CA ASN A 616 53.93 -60.44 9.60
C ASN A 616 52.68 -60.11 10.43
N LYS A 617 51.58 -60.77 10.08
CA LYS A 617 50.31 -60.56 10.78
C LYS A 617 50.07 -59.05 11.07
N ALA A 618 50.10 -58.24 10.01
CA ALA A 618 49.93 -56.80 10.15
C ALA A 618 48.68 -56.26 9.48
N TYR A 619 48.14 -55.20 10.07
CA TYR A 619 46.93 -54.54 9.60
C TYR A 619 47.29 -53.13 9.10
N ILE A 620 47.17 -52.93 7.79
CA ILE A 620 47.47 -51.61 7.20
C ILE A 620 46.21 -51.07 6.50
N GLU A 621 45.71 -49.96 7.02
CA GLU A 621 44.50 -49.31 6.52
C GLU A 621 44.68 -48.53 5.22
N TRP A 622 43.66 -48.59 4.36
CA TRP A 622 43.67 -47.90 3.06
C TRP A 622 42.25 -47.69 2.53
N THR A 623 41.77 -46.44 2.57
CA THR A 623 40.43 -46.09 2.08
C THR A 623 39.89 -46.89 0.92
N ASP A 624 39.01 -47.85 1.22
CA ASP A 624 38.40 -48.69 0.19
C ASP A 624 36.97 -48.18 0.05
N PRO A 625 36.65 -47.58 -1.10
CA PRO A 625 35.34 -47.03 -1.41
C PRO A 625 34.27 -48.09 -1.36
N ILE A 626 34.56 -49.30 -1.79
CA ILE A 626 33.51 -50.29 -1.73
C ILE A 626 33.00 -50.37 -0.31
N THR A 627 33.91 -50.52 0.62
CA THR A 627 33.57 -50.57 2.02
C THR A 627 32.81 -49.32 2.42
N LYS A 628 33.13 -48.20 1.77
CA LYS A 628 32.47 -46.91 2.04
C LYS A 628 30.95 -47.13 2.00
N ALA A 629 30.48 -47.65 0.87
CA ALA A 629 29.09 -47.92 0.60
C ALA A 629 28.52 -49.17 1.21
N LYS A 630 29.29 -49.88 2.02
CA LYS A 630 28.73 -51.08 2.59
C LYS A 630 27.63 -50.75 3.59
N ILE A 631 27.83 -49.70 4.38
CA ILE A 631 26.84 -49.32 5.37
C ILE A 631 25.42 -49.22 4.84
N ASN A 632 25.25 -48.81 3.59
CA ASN A 632 23.90 -48.67 3.02
C ASN A 632 23.64 -49.69 1.96
N THR A 633 24.12 -50.91 2.14
CA THR A 633 23.85 -51.94 1.14
C THR A 633 23.33 -53.21 1.75
N ILE A 634 22.20 -53.69 1.26
CA ILE A 634 21.63 -54.92 1.79
C ILE A 634 22.60 -56.04 1.39
N PRO A 635 22.94 -56.90 2.35
CA PRO A 635 23.86 -58.01 2.11
C PRO A 635 23.38 -59.01 1.08
N THR A 636 24.29 -59.88 0.66
CA THR A 636 24.02 -60.92 -0.30
C THR A 636 23.81 -62.28 0.38
N SER A 637 23.06 -63.16 -0.24
CA SER A 637 22.80 -64.48 0.31
C SER A 637 24.10 -65.01 0.87
N ALA A 638 25.10 -65.07 -0.02
CA ALA A 638 26.43 -65.58 0.33
C ALA A 638 27.22 -64.70 1.27
N GLU A 639 27.00 -63.40 1.25
CA GLU A 639 27.74 -62.57 2.16
C GLU A 639 27.22 -62.93 3.53
N PHE A 640 25.93 -63.25 3.57
CA PHE A 640 25.21 -63.62 4.79
C PHE A 640 25.61 -64.96 5.31
N ILE A 641 25.38 -65.99 4.52
CA ILE A 641 25.76 -67.32 4.93
C ILE A 641 27.18 -67.23 5.50
N LYS A 642 28.10 -66.69 4.69
CA LYS A 642 29.48 -66.52 5.11
C LYS A 642 29.61 -66.04 6.54
N ASN A 643 29.11 -64.83 6.83
CA ASN A 643 29.18 -64.27 8.19
C ASN A 643 28.69 -65.23 9.26
N LEU A 644 27.65 -65.99 8.96
CA LEU A 644 27.15 -66.99 9.93
C LEU A 644 28.31 -67.98 10.07
N SER A 645 28.71 -68.56 8.95
CA SER A 645 29.81 -69.51 8.91
C SER A 645 31.00 -69.01 9.72
N SER A 646 31.14 -67.71 9.85
CA SER A 646 32.25 -67.19 10.61
C SER A 646 32.00 -67.34 12.10
N ILE A 647 31.03 -66.59 12.62
CA ILE A 647 30.70 -66.62 14.05
C ILE A 647 30.66 -68.05 14.61
N ARG A 648 30.37 -69.01 13.75
CA ARG A 648 30.33 -70.40 14.14
C ARG A 648 31.74 -70.68 14.69
N ARG A 649 32.72 -70.59 13.80
CA ARG A 649 34.10 -70.83 14.19
C ARG A 649 34.59 -69.90 15.29
N SER A 650 33.75 -68.96 15.71
CA SER A 650 34.11 -68.01 16.76
C SER A 650 33.51 -68.42 18.10
N SER A 651 32.23 -68.06 18.29
CA SER A 651 31.55 -68.68 19.39
C SER A 651 31.38 -70.05 18.76
N ASN A 652 31.79 -71.08 19.46
CA ASN A 652 31.63 -72.41 18.85
C ASN A 652 30.17 -72.82 18.77
N VAL A 653 29.26 -71.91 18.56
CA VAL A 653 27.86 -72.29 18.46
C VAL A 653 27.18 -71.64 17.27
N GLY A 654 26.52 -72.42 16.44
CA GLY A 654 25.87 -71.82 15.28
C GLY A 654 24.45 -71.37 15.52
N VAL A 655 23.95 -70.48 14.66
CA VAL A 655 22.60 -69.95 14.78
C VAL A 655 21.61 -71.02 15.16
N TYR A 656 21.73 -72.17 14.51
CA TYR A 656 20.83 -73.27 14.80
C TYR A 656 21.63 -74.53 15.12
N LYS A 657 21.22 -75.25 16.16
CA LYS A 657 21.91 -76.45 16.54
C LYS A 657 21.28 -77.67 15.90
N ASP A 658 22.06 -78.75 15.77
CA ASP A 658 21.51 -79.97 15.23
C ASP A 658 20.97 -80.64 16.48
N SER A 659 19.66 -80.51 16.70
CA SER A 659 19.02 -81.07 17.88
C SER A 659 17.58 -81.46 17.60
N GLY A 660 16.89 -81.87 18.65
CA GLY A 660 15.51 -82.28 18.54
C GLY A 660 14.57 -81.14 18.84
N ASP A 661 15.02 -80.15 19.62
CA ASP A 661 14.16 -79.00 19.96
C ASP A 661 13.57 -78.58 18.64
N LYS A 662 12.27 -78.29 18.61
CA LYS A 662 11.67 -77.91 17.35
C LYS A 662 11.77 -76.42 17.17
N ASP A 663 12.42 -75.75 18.11
CA ASP A 663 12.55 -74.31 17.94
C ASP A 663 13.84 -74.04 17.20
N GLU A 664 14.81 -74.90 17.42
CA GLU A 664 16.08 -74.77 16.74
C GLU A 664 15.71 -74.85 15.27
N PHE A 665 14.97 -75.88 14.89
CA PHE A 665 14.52 -76.04 13.50
C PHE A 665 13.94 -74.69 13.08
N ALA A 666 12.89 -74.26 13.77
CA ALA A 666 12.26 -72.98 13.48
C ALA A 666 13.30 -71.99 13.04
N LYS A 667 14.22 -71.68 13.96
CA LYS A 667 15.30 -70.75 13.68
C LYS A 667 15.98 -71.12 12.38
N LYS A 668 16.39 -72.38 12.23
CA LYS A 668 17.02 -72.80 10.99
C LYS A 668 16.12 -72.37 9.85
N GLU A 669 14.96 -73.03 9.72
CA GLU A 669 14.03 -72.73 8.65
C GLU A 669 13.98 -71.25 8.36
N SER A 670 14.04 -70.46 9.42
CA SER A 670 13.98 -69.02 9.29
C SER A 670 15.15 -68.37 8.57
N VAL A 671 16.38 -68.75 8.91
CA VAL A 671 17.52 -68.16 8.23
C VAL A 671 17.51 -68.61 6.79
N LYS A 672 17.04 -69.83 6.54
CA LYS A 672 17.00 -70.31 5.17
C LYS A 672 16.02 -69.40 4.43
N LYS A 673 15.17 -68.71 5.19
CA LYS A 673 14.18 -67.79 4.60
C LYS A 673 14.79 -66.44 4.26
N ILE A 674 15.66 -65.93 5.13
CA ILE A 674 16.33 -64.66 4.87
C ILE A 674 17.32 -64.89 3.73
N ALA A 675 17.96 -66.05 3.77
CA ALA A 675 18.93 -66.42 2.75
C ALA A 675 18.29 -66.25 1.41
N GLY A 676 16.98 -66.45 1.35
CA GLY A 676 16.28 -66.27 0.09
C GLY A 676 16.11 -64.79 -0.17
N TYR A 677 15.17 -64.19 0.57
CA TYR A 677 14.86 -62.75 0.48
C TYR A 677 16.07 -61.94 0.04
N LEU A 678 17.22 -62.15 0.68
CA LEU A 678 18.40 -61.43 0.27
C LEU A 678 18.69 -61.81 -1.17
N SER A 679 18.91 -63.10 -1.40
CA SER A 679 19.22 -63.57 -2.73
C SER A 679 18.19 -63.10 -3.72
N ASP A 680 16.99 -62.80 -3.25
CA ASP A 680 15.92 -62.36 -4.15
C ASP A 680 16.07 -60.89 -4.50
N TYR A 681 16.65 -60.12 -3.59
CA TYR A 681 16.85 -58.69 -3.80
C TYR A 681 17.69 -58.55 -5.06
N TYR A 682 18.81 -59.26 -5.07
CA TYR A 682 19.73 -59.23 -6.19
C TYR A 682 19.36 -60.17 -7.33
N ASN A 683 18.23 -59.91 -8.00
CA ASN A 683 17.82 -60.77 -9.11
C ASN A 683 18.13 -60.08 -10.41
N SER A 684 18.73 -60.82 -11.34
CA SER A 684 19.11 -60.27 -12.64
C SER A 684 17.95 -59.97 -13.55
N ALA A 685 16.79 -60.54 -13.25
CA ALA A 685 15.63 -60.26 -14.08
C ALA A 685 14.95 -58.99 -13.60
N ASN A 686 15.62 -58.21 -12.75
CA ASN A 686 15.06 -56.95 -12.28
C ASN A 686 15.21 -55.99 -13.44
N HIS A 687 15.79 -56.48 -14.55
CA HIS A 687 16.03 -55.65 -15.74
C HIS A 687 14.85 -55.41 -16.67
N ILE A 688 13.95 -56.38 -16.74
CA ILE A 688 12.76 -56.24 -17.58
C ILE A 688 11.74 -55.35 -16.90
N PHE A 689 12.18 -54.63 -15.88
CA PHE A 689 11.29 -53.75 -15.18
C PHE A 689 11.78 -52.34 -15.40
N SER A 690 11.01 -51.37 -14.92
CA SER A 690 11.34 -49.96 -15.04
C SER A 690 12.05 -49.47 -13.80
N GLN A 691 13.00 -48.56 -13.98
CA GLN A 691 13.75 -48.03 -12.85
C GLN A 691 12.86 -47.86 -11.62
N GLU A 692 11.66 -47.32 -11.86
CA GLU A 692 10.69 -47.09 -10.79
C GLU A 692 10.43 -48.36 -10.00
N LYS A 693 9.82 -49.34 -10.65
CA LYS A 693 9.49 -50.61 -10.01
C LYS A 693 10.73 -51.19 -9.29
N LYS A 694 11.83 -51.32 -10.01
CA LYS A 694 13.07 -51.83 -9.44
C LYS A 694 13.18 -51.37 -8.00
N ARG A 695 12.98 -50.08 -7.73
CA ARG A 695 13.07 -49.55 -6.36
C ARG A 695 12.00 -50.14 -5.48
N LYS A 696 10.77 -50.09 -5.95
CA LYS A 696 9.66 -50.65 -5.20
C LYS A 696 9.92 -52.15 -4.99
N ILE A 697 9.79 -52.91 -6.07
CA ILE A 697 10.02 -54.34 -6.01
C ILE A 697 11.15 -54.75 -5.04
N SER A 698 12.23 -53.98 -5.03
CA SER A 698 13.38 -54.26 -4.17
C SER A 698 13.18 -53.76 -2.75
N ILE A 699 12.51 -52.63 -2.57
CA ILE A 699 12.29 -52.12 -1.22
C ILE A 699 11.48 -53.16 -0.47
N PHE A 700 10.65 -53.89 -1.18
CA PHE A 700 9.85 -54.90 -0.51
C PHE A 700 10.76 -56.07 -0.15
N ARG A 701 11.41 -56.63 -1.17
CA ARG A 701 12.32 -57.75 -0.98
C ARG A 701 13.16 -57.37 0.23
N GLY A 702 13.62 -56.13 0.24
CA GLY A 702 14.43 -55.69 1.34
C GLY A 702 13.63 -55.91 2.61
N ILE A 703 12.57 -55.12 2.78
CA ILE A 703 11.69 -55.19 3.95
C ILE A 703 11.37 -56.60 4.41
N GLN A 704 11.04 -57.47 3.46
CA GLN A 704 10.73 -58.85 3.79
C GLN A 704 11.86 -59.44 4.61
N ALA A 705 13.08 -59.11 4.22
CA ALA A 705 14.26 -59.57 4.91
C ALA A 705 14.26 -59.00 6.33
N TYR A 706 14.15 -57.68 6.43
CA TYR A 706 14.13 -57.00 7.72
C TYR A 706 13.11 -57.65 8.63
N ASN A 707 12.17 -58.38 8.04
CA ASN A 707 11.14 -59.04 8.81
C ASN A 707 11.67 -60.32 9.39
N GLU A 708 11.84 -61.35 8.57
CA GLU A 708 12.35 -62.62 9.08
C GLU A 708 13.56 -62.40 9.97
N ILE A 709 14.16 -61.22 9.91
CA ILE A 709 15.29 -60.93 10.77
C ILE A 709 14.63 -60.53 12.10
N GLU A 710 13.72 -59.56 12.00
CA GLU A 710 12.98 -59.06 13.16
C GLU A 710 12.34 -60.22 13.88
N ASN A 711 12.07 -61.29 13.14
CA ASN A 711 11.44 -62.48 13.68
C ASN A 711 12.38 -63.29 14.55
N VAL A 712 13.60 -63.51 14.09
CA VAL A 712 14.55 -64.28 14.86
C VAL A 712 15.12 -63.51 16.04
N LEU A 713 15.34 -62.20 15.86
CA LEU A 713 15.90 -61.37 16.94
C LEU A 713 14.98 -61.49 18.15
N LYS A 714 13.72 -61.81 17.85
CA LYS A 714 12.69 -61.99 18.86
C LYS A 714 12.38 -63.49 18.85
N SER A 715 13.43 -64.30 18.96
CA SER A 715 13.26 -65.75 18.95
C SER A 715 13.58 -66.41 20.29
N LYS A 716 14.13 -67.61 20.19
CA LYS A 716 14.59 -68.37 21.34
C LYS A 716 15.99 -67.91 21.59
N GLN A 717 16.78 -68.74 22.21
CA GLN A 717 18.10 -68.30 22.62
C GLN A 717 19.22 -68.27 21.60
N ILE A 718 19.05 -67.50 20.52
CA ILE A 718 20.12 -67.37 19.55
C ILE A 718 21.14 -66.56 20.33
N ALA A 719 22.36 -67.11 20.44
CA ALA A 719 23.42 -66.45 21.19
C ALA A 719 23.48 -64.97 20.88
N PRO A 720 24.25 -64.21 21.65
CA PRO A 720 24.32 -62.78 21.36
C PRO A 720 25.17 -62.53 20.12
N GLU A 721 26.23 -63.32 19.98
CA GLU A 721 27.13 -63.20 18.83
C GLU A 721 26.27 -63.00 17.60
N TYR A 722 25.21 -63.79 17.50
CA TYR A 722 24.29 -63.68 16.38
C TYR A 722 23.27 -62.61 16.66
N LYS A 723 22.95 -62.41 17.92
CA LYS A 723 21.98 -61.37 18.24
C LYS A 723 22.55 -60.07 17.67
N ASN A 724 23.85 -59.87 17.83
CA ASN A 724 24.54 -58.67 17.34
C ASN A 724 24.53 -58.56 15.81
N TYR A 725 25.14 -59.54 15.13
CA TYR A 725 25.17 -59.56 13.66
C TYR A 725 23.82 -59.14 13.13
N PHE A 726 22.77 -59.90 13.46
CA PHE A 726 21.42 -59.55 13.03
C PHE A 726 21.16 -58.08 13.41
N GLN A 727 21.49 -57.71 14.64
CA GLN A 727 21.28 -56.34 15.07
C GLN A 727 21.81 -55.44 13.97
N TYR A 728 22.94 -55.85 13.40
CA TYR A 728 23.64 -55.10 12.36
C TYR A 728 23.02 -55.27 10.96
N LEU A 729 22.68 -56.49 10.58
CA LEU A 729 22.07 -56.74 9.28
C LEU A 729 20.84 -55.86 9.10
N LYS A 730 20.29 -55.39 10.20
CA LYS A 730 19.12 -54.56 10.14
C LYS A 730 19.51 -53.19 9.64
N GLU A 731 20.42 -52.53 10.37
CA GLU A 731 20.84 -51.21 9.98
C GLU A 731 21.13 -51.17 8.49
N ARG A 732 21.67 -52.26 7.95
CA ARG A 732 21.96 -52.32 6.52
C ARG A 732 20.62 -52.18 5.79
N ILE A 733 19.87 -53.28 5.72
CA ILE A 733 18.55 -53.31 5.07
C ILE A 733 17.94 -51.93 5.18
N THR A 734 17.69 -51.54 6.42
CA THR A 734 17.12 -50.24 6.73
C THR A 734 17.72 -49.17 5.84
N ASN A 735 19.01 -48.91 6.00
CA ASN A 735 19.69 -47.90 5.19
C ASN A 735 19.43 -48.13 3.69
N GLN A 736 19.65 -49.35 3.23
CA GLN A 736 19.47 -49.70 1.83
C GLN A 736 18.06 -49.37 1.42
N VAL A 737 17.13 -49.72 2.30
CA VAL A 737 15.72 -49.50 2.03
C VAL A 737 15.40 -48.02 2.14
N GLN A 738 16.14 -47.29 2.97
CA GLN A 738 15.90 -45.87 3.11
C GLN A 738 16.39 -45.17 1.87
N LEU A 739 17.57 -45.57 1.43
CA LEU A 739 18.20 -45.03 0.23
C LEU A 739 17.31 -45.23 -1.01
N LEU A 740 16.76 -46.42 -1.16
CA LEU A 740 15.89 -46.70 -2.29
C LEU A 740 14.65 -45.84 -2.25
N LEU A 741 14.41 -45.23 -1.11
CA LEU A 741 13.25 -44.37 -0.98
C LEU A 741 13.67 -42.98 -1.41
N THR A 742 14.67 -42.39 -0.76
CA THR A 742 15.08 -41.04 -1.13
C THR A 742 15.57 -40.93 -2.58
N HIS A 743 15.31 -41.92 -3.31
CA HIS A 743 15.68 -41.72 -4.64
C HIS A 743 14.40 -41.25 -5.30
N GLN A 744 13.23 -41.61 -4.76
CA GLN A 744 12.00 -41.31 -5.50
C GLN A 744 10.94 -40.36 -4.81
N LYS A 745 10.37 -40.81 -3.70
CA LYS A 745 9.40 -40.04 -2.91
C LYS A 745 9.82 -40.11 -1.40
N SER A 746 10.38 -38.98 -0.80
CA SER A 746 11.02 -39.06 0.59
C SER A 746 10.44 -38.32 1.77
N ASN A 747 9.20 -38.57 2.10
CA ASN A 747 8.55 -37.97 3.22
C ASN A 747 8.32 -39.09 4.20
N ILE A 748 8.52 -40.27 3.65
CA ILE A 748 8.28 -41.57 4.28
C ILE A 748 9.54 -42.07 4.97
N GLU A 749 9.36 -42.66 6.13
CA GLU A 749 10.49 -43.19 6.89
C GLU A 749 10.34 -44.69 7.04
N PHE A 750 11.48 -45.37 7.08
CA PHE A 750 11.46 -46.80 7.20
C PHE A 750 10.58 -47.22 8.36
N LYS A 751 10.95 -46.74 9.54
CA LYS A 751 10.22 -47.05 10.78
C LYS A 751 8.71 -47.05 10.60
N LEU A 752 8.20 -45.96 10.04
CA LEU A 752 6.78 -45.79 9.80
C LEU A 752 6.30 -46.75 8.72
N LEU A 753 6.84 -46.61 7.51
CA LEU A 753 6.47 -47.44 6.38
C LEU A 753 6.30 -48.87 6.83
N TYR A 754 7.15 -49.28 7.76
CA TYR A 754 7.09 -50.64 8.28
C TYR A 754 5.79 -50.85 9.04
N LYS A 755 5.58 -50.04 10.07
CA LYS A 755 4.39 -50.10 10.89
C LYS A 755 3.17 -50.45 10.06
N GLN A 756 2.88 -49.60 9.08
CA GLN A 756 1.74 -49.75 8.18
C GLN A 756 1.59 -51.09 7.43
N LEU A 757 2.55 -52.00 7.57
CA LEU A 757 2.45 -53.30 6.89
C LEU A 757 1.83 -54.37 7.78
N ASN A 758 1.44 -55.49 7.16
CA ASN A 758 0.82 -56.59 7.89
C ASN A 758 1.41 -57.95 7.49
N PHE A 759 2.51 -58.34 8.14
CA PHE A 759 3.15 -59.63 7.85
C PHE A 759 2.69 -60.65 8.88
N THR A 760 1.43 -61.06 8.80
CA THR A 760 0.85 -62.04 9.73
C THR A 760 0.51 -63.36 9.01
N GLU A 761 -0.71 -63.48 8.51
CA GLU A 761 -1.11 -64.71 7.83
C GLU A 761 -1.31 -64.54 6.33
N ASN A 762 -1.46 -63.30 5.86
CA ASN A 762 -1.65 -63.03 4.43
C ASN A 762 -0.77 -61.90 3.89
N GLU A 763 0.12 -62.24 2.96
CA GLU A 763 1.04 -61.29 2.34
C GLU A 763 0.39 -60.71 1.08
N THR A 764 -0.50 -61.49 0.48
CA THR A 764 -1.22 -61.13 -0.74
C THR A 764 -1.40 -59.63 -0.99
N ASP A 765 -2.43 -59.04 -0.39
CA ASP A 765 -2.69 -57.61 -0.56
C ASP A 765 -1.70 -56.70 0.15
N ASN A 766 -0.83 -57.28 0.98
CA ASN A 766 0.15 -56.48 1.70
C ASN A 766 1.03 -55.74 0.71
N PHE A 767 1.42 -56.41 -0.36
CA PHE A 767 2.24 -55.74 -1.36
C PHE A 767 1.36 -54.65 -1.96
N GLU A 768 0.09 -55.01 -2.23
CA GLU A 768 -0.86 -54.05 -2.79
C GLU A 768 -0.94 -52.85 -1.84
N VAL A 769 -0.86 -53.13 -0.54
CA VAL A 769 -0.90 -52.10 0.48
C VAL A 769 0.33 -51.23 0.33
N PHE A 770 1.46 -51.89 0.14
CA PHE A 770 2.73 -51.20 0.00
C PHE A 770 2.71 -50.16 -1.13
N GLN A 771 2.20 -50.56 -2.30
CA GLN A 771 2.12 -49.66 -3.44
C GLN A 771 1.50 -48.33 -3.04
N LYS A 772 0.28 -48.39 -2.51
CA LYS A 772 -0.44 -47.20 -2.08
C LYS A 772 0.28 -46.41 -1.00
N ILE A 773 1.26 -47.04 -0.35
CA ILE A 773 2.00 -46.34 0.69
C ILE A 773 2.91 -45.30 0.08
N ILE A 774 3.07 -45.35 -1.25
CA ILE A 774 3.91 -44.36 -1.93
C ILE A 774 3.13 -43.62 -3.04
N ASP A 775 2.38 -42.60 -2.61
CA ASP A 775 1.58 -41.76 -3.50
C ASP A 775 1.27 -40.43 -2.81
N ASN B 41 12.57 -40.52 74.67
CA ASN B 41 13.33 -40.02 75.80
C ASN B 41 12.54 -38.89 76.49
N ASN B 42 12.58 -38.66 77.77
CA ASN B 42 11.69 -37.58 78.17
C ASN B 42 12.53 -36.29 78.38
N LEU B 43 12.15 -35.14 77.83
CA LEU B 43 12.98 -33.95 77.98
C LEU B 43 12.99 -33.25 79.33
N VAL B 44 11.82 -32.90 79.84
CA VAL B 44 11.79 -32.19 81.10
C VAL B 44 11.74 -33.06 82.33
N LYS B 45 12.52 -32.67 83.32
CA LYS B 45 12.61 -33.36 84.59
C LYS B 45 12.20 -32.37 85.67
N THR B 46 11.30 -32.77 86.56
CA THR B 46 10.85 -31.90 87.67
C THR B 46 11.43 -32.46 88.97
N GLU B 47 12.40 -31.74 89.54
CA GLU B 47 13.06 -32.22 90.73
C GLU B 47 12.16 -32.36 91.94
N PHE B 48 11.80 -31.30 92.48
CA PHE B 48 10.98 -31.35 93.67
C PHE B 48 9.49 -31.11 93.43
N THR B 49 8.75 -32.22 93.58
CA THR B 49 7.29 -32.15 93.49
C THR B 49 6.87 -31.65 94.88
N ASN B 50 7.39 -30.46 95.24
CA ASN B 50 7.20 -29.83 96.57
C ASN B 50 6.13 -28.75 96.68
N GLU B 51 6.15 -27.79 95.79
CA GLU B 51 5.09 -26.78 95.87
C GLU B 51 3.79 -27.45 95.39
N THR B 52 2.73 -26.68 95.24
CA THR B 52 1.55 -27.29 94.68
C THR B 52 1.66 -26.94 93.20
N LEU B 53 0.48 -26.77 92.61
CA LEU B 53 0.41 -26.36 91.23
C LEU B 53 1.19 -25.08 91.05
N ASP B 54 1.25 -24.28 92.09
CA ASP B 54 1.97 -23.02 92.01
C ASP B 54 3.35 -23.18 91.34
N LYS B 55 4.09 -24.22 91.71
CA LYS B 55 5.41 -24.45 91.10
C LYS B 55 5.20 -25.15 89.78
N ILE B 56 4.48 -26.27 89.84
CA ILE B 56 4.17 -27.09 88.67
C ILE B 56 3.55 -26.21 87.60
N GLN B 57 2.36 -25.73 87.91
CA GLN B 57 1.62 -24.88 86.99
C GLN B 57 2.41 -23.64 86.61
N GLN B 58 3.68 -23.58 86.97
CA GLN B 58 4.53 -22.44 86.61
C GLN B 58 5.56 -22.93 85.59
N THR B 59 6.03 -24.16 85.78
CA THR B 59 6.99 -24.74 84.85
C THR B 59 6.18 -25.07 83.58
N GLN B 60 4.89 -25.34 83.73
CA GLN B 60 4.05 -25.62 82.58
C GLN B 60 3.87 -24.27 81.89
N ASP B 61 3.28 -23.31 82.59
CA ASP B 61 3.09 -21.97 82.03
C ASP B 61 4.38 -21.53 81.38
N LEU B 62 5.45 -22.27 81.62
CA LEU B 62 6.71 -21.88 81.05
C LEU B 62 6.97 -22.56 79.71
N LEU B 63 6.86 -23.87 79.66
CA LEU B 63 7.11 -24.60 78.44
C LEU B 63 6.04 -24.45 77.38
N LYS B 64 4.79 -24.24 77.81
CA LYS B 64 3.68 -24.11 76.86
C LYS B 64 3.84 -22.89 75.97
N LYS B 65 4.84 -22.08 76.28
CA LYS B 65 5.11 -20.88 75.51
C LYS B 65 6.25 -21.10 74.52
N ILE B 66 7.15 -22.01 74.82
CA ILE B 66 8.26 -22.32 73.92
C ILE B 66 7.68 -23.27 72.87
N PRO B 67 7.98 -23.03 71.58
CA PRO B 67 7.47 -23.86 70.48
C PRO B 67 7.90 -25.33 70.51
N LYS B 68 6.91 -26.19 70.72
CA LYS B 68 7.13 -27.62 70.79
C LYS B 68 8.38 -28.10 70.08
N ASP B 69 8.50 -27.74 68.81
CA ASP B 69 9.66 -28.17 68.04
C ASP B 69 11.00 -27.70 68.59
N VAL B 70 11.08 -26.46 69.05
CA VAL B 70 12.35 -25.97 69.58
C VAL B 70 12.80 -26.93 70.67
N LEU B 71 11.85 -27.69 71.22
CA LEU B 71 12.17 -28.66 72.26
C LEU B 71 12.70 -29.90 71.56
N GLU B 72 12.01 -30.35 70.51
CA GLU B 72 12.46 -31.50 69.74
C GLU B 72 13.86 -31.26 69.19
N ILE B 73 14.25 -29.99 69.10
CA ILE B 73 15.58 -29.61 68.63
C ILE B 73 16.51 -29.80 69.79
N TYR B 74 15.96 -29.68 70.99
CA TYR B 74 16.76 -29.86 72.17
C TYR B 74 16.95 -31.35 72.39
N SER B 75 15.87 -32.06 72.66
CA SER B 75 15.94 -33.49 72.91
C SER B 75 16.84 -34.21 71.92
N GLU B 76 16.91 -33.68 70.71
CA GLU B 76 17.74 -34.28 69.68
C GLU B 76 19.19 -34.09 70.07
N LEU B 77 19.53 -32.88 70.49
CA LEU B 77 20.89 -32.58 70.91
C LEU B 77 21.09 -33.28 72.26
N GLY B 78 20.30 -34.33 72.49
CA GLY B 78 20.40 -35.08 73.72
C GLY B 78 20.23 -34.26 74.98
N GLY B 79 19.66 -33.05 74.84
CA GLY B 79 19.45 -32.20 75.99
C GLY B 79 18.36 -32.69 76.93
N GLU B 80 18.26 -32.06 78.08
CA GLU B 80 17.26 -32.41 79.10
C GLU B 80 17.06 -31.14 79.91
N ILE B 81 15.85 -30.69 80.13
CA ILE B 81 15.69 -29.47 80.91
C ILE B 81 15.45 -29.79 82.38
N TYR B 82 16.15 -29.10 83.28
CA TYR B 82 16.01 -29.38 84.70
C TYR B 82 15.32 -28.30 85.48
N PHE B 83 14.17 -28.64 86.06
CA PHE B 83 13.43 -27.70 86.88
C PHE B 83 13.56 -28.21 88.30
N THR B 84 13.94 -27.38 89.17
CA THR B 84 14.09 -27.83 90.56
C THR B 84 13.32 -26.91 91.50
N ASP B 85 13.42 -27.18 92.81
CA ASP B 85 12.71 -26.41 93.87
C ASP B 85 13.55 -25.23 94.38
N ILE B 86 14.40 -25.42 95.38
CA ILE B 86 15.30 -24.36 95.85
C ILE B 86 16.73 -24.85 95.86
N ASP B 87 17.27 -24.77 94.72
CA ASP B 87 18.63 -25.05 94.45
C ASP B 87 19.03 -23.85 93.61
N LEU B 88 19.68 -22.90 94.21
CA LEU B 88 20.12 -21.85 93.33
C LEU B 88 21.54 -22.15 92.93
N VAL B 89 22.36 -21.96 93.99
CA VAL B 89 23.80 -22.15 93.89
C VAL B 89 24.19 -23.53 93.37
N GLU B 90 25.50 -23.75 93.30
CA GLU B 90 26.07 -25.02 92.85
C GLU B 90 25.57 -26.08 93.81
N HIS B 91 24.26 -26.30 93.83
CA HIS B 91 23.69 -27.27 94.74
C HIS B 91 23.00 -28.40 93.99
N LYS B 92 22.63 -28.15 92.74
CA LYS B 92 21.95 -29.18 91.98
C LYS B 92 22.83 -30.38 91.75
N GLU B 93 22.21 -31.55 91.78
CA GLU B 93 22.90 -32.81 91.59
C GLU B 93 23.60 -32.94 90.24
N LEU B 94 23.76 -31.82 89.56
CA LEU B 94 24.41 -31.77 88.26
C LEU B 94 25.02 -30.37 88.02
N GLN B 95 25.12 -29.58 89.09
CA GLN B 95 25.66 -28.23 89.00
C GLN B 95 27.07 -28.03 89.53
N ASP B 96 27.83 -29.19 89.60
CA ASP B 96 29.22 -29.17 90.10
C ASP B 96 30.24 -28.86 88.95
N LEU B 97 31.55 -29.26 89.09
CA LEU B 97 32.71 -28.87 88.21
C LEU B 97 33.06 -29.54 86.87
N SER B 98 32.33 -29.30 85.80
CA SER B 98 32.64 -30.01 84.53
C SER B 98 33.19 -29.06 83.44
N GLU B 99 32.27 -28.50 82.73
CA GLU B 99 32.59 -27.48 81.78
C GLU B 99 31.92 -26.26 82.37
N GLU B 100 32.55 -25.56 83.31
CA GLU B 100 31.88 -24.42 83.89
C GLU B 100 32.17 -23.11 83.15
N GLU B 101 32.20 -21.95 83.94
CA GLU B 101 32.46 -20.61 83.44
C GLU B 101 33.93 -20.35 83.11
N LYS B 102 34.22 -20.26 81.81
CA LYS B 102 35.58 -20.00 81.31
C LYS B 102 35.74 -18.50 81.01
N ASN B 103 35.22 -18.13 79.84
CA ASN B 103 35.26 -16.71 79.44
C ASN B 103 33.89 -16.03 79.71
N SER B 104 33.93 -14.82 80.34
CA SER B 104 32.80 -13.99 80.82
C SER B 104 32.04 -13.15 79.79
N MET B 105 30.98 -13.72 79.28
CA MET B 105 30.02 -13.09 78.41
C MET B 105 28.82 -13.90 78.85
N ASN B 106 27.97 -13.42 79.76
CA ASN B 106 26.98 -14.34 80.33
C ASN B 106 25.52 -14.14 80.01
N SER B 107 24.94 -13.13 80.60
CA SER B 107 23.55 -12.89 80.31
C SER B 107 23.44 -11.98 79.12
N ARG B 108 22.20 -11.58 78.85
CA ARG B 108 21.89 -10.63 77.79
C ARG B 108 23.05 -9.65 77.59
N GLY B 109 23.35 -8.90 78.64
CA GLY B 109 24.41 -7.89 78.78
C GLY B 109 25.53 -8.67 79.48
N GLU B 110 26.33 -8.10 80.32
CA GLU B 110 27.27 -9.07 80.89
C GLU B 110 27.41 -8.90 82.37
N LYS B 111 27.20 -9.94 83.11
CA LYS B 111 27.19 -9.65 84.51
C LYS B 111 28.09 -10.60 85.32
N VAL B 112 28.02 -11.83 84.99
CA VAL B 112 28.80 -12.90 85.62
C VAL B 112 28.73 -13.09 87.15
N PRO B 113 27.54 -12.89 87.75
CA PRO B 113 27.41 -13.06 89.20
C PRO B 113 26.83 -14.41 89.60
N PHE B 114 27.10 -15.43 88.78
CA PHE B 114 26.60 -16.78 89.01
C PHE B 114 25.72 -16.91 90.24
N ALA B 115 26.35 -16.92 91.41
CA ALA B 115 25.65 -17.05 92.68
C ALA B 115 24.16 -16.74 92.59
N SER B 116 23.84 -15.46 92.41
CA SER B 116 22.46 -14.98 92.33
C SER B 116 21.55 -15.62 91.26
N ARG B 117 22.15 -16.28 90.26
CA ARG B 117 21.41 -16.92 89.17
C ARG B 117 20.37 -18.00 89.52
N PHE B 118 19.44 -18.23 88.58
CA PHE B 118 18.37 -19.22 88.73
C PHE B 118 18.21 -20.05 87.47
N VAL B 119 18.87 -19.62 86.41
CA VAL B 119 18.82 -20.31 85.13
C VAL B 119 20.23 -20.57 84.66
N PHE B 120 20.53 -21.83 84.34
CA PHE B 120 21.85 -22.17 83.84
C PHE B 120 21.87 -23.28 82.79
N GLU B 121 22.91 -23.24 81.97
CA GLU B 121 23.12 -24.20 80.89
C GLU B 121 24.54 -24.80 80.89
N LYS B 122 24.62 -26.11 81.04
CA LYS B 122 25.89 -26.84 81.03
C LYS B 122 26.23 -26.91 79.54
N LYS B 123 27.10 -26.01 79.08
CA LYS B 123 27.42 -25.90 77.65
C LYS B 123 28.08 -27.02 76.83
N ARG B 124 28.88 -28.04 77.33
CA ARG B 124 29.78 -28.75 76.35
C ARG B 124 29.52 -29.94 75.42
N GLU B 125 28.76 -30.96 75.81
CA GLU B 125 28.48 -32.13 74.98
C GLU B 125 27.01 -32.19 74.68
N THR B 126 26.32 -32.68 75.71
CA THR B 126 24.86 -32.74 75.78
C THR B 126 24.28 -31.64 76.65
N PRO B 127 23.71 -30.57 76.03
CA PRO B 127 23.13 -29.45 76.76
C PRO B 127 22.21 -29.85 77.90
N LYS B 128 22.39 -29.18 79.03
CA LYS B 128 21.60 -29.42 80.22
C LYS B 128 21.13 -28.08 80.75
N LEU B 129 19.86 -27.77 80.57
CA LEU B 129 19.32 -26.52 81.04
C LEU B 129 18.76 -26.78 82.43
N ILE B 130 19.12 -25.93 83.39
CA ILE B 130 18.65 -26.08 84.76
C ILE B 130 17.95 -24.83 85.25
N ILE B 131 16.74 -25.01 85.76
CA ILE B 131 15.91 -23.91 86.21
C ILE B 131 15.23 -24.14 87.54
N ASN B 132 15.27 -23.13 88.39
CA ASN B 132 14.62 -23.22 89.68
C ASN B 132 13.61 -22.09 89.75
N ILE B 133 12.52 -22.33 90.46
CA ILE B 133 11.50 -21.31 90.60
C ILE B 133 11.24 -21.14 92.09
N LYS B 134 10.92 -19.93 92.51
CA LYS B 134 10.64 -19.74 93.92
C LYS B 134 9.19 -19.40 94.20
N ASP B 135 8.85 -18.19 94.33
CA ASP B 135 7.45 -17.98 94.58
C ASP B 135 6.74 -17.45 93.36
N TYR B 136 5.50 -17.16 93.60
CA TYR B 136 4.64 -16.78 92.57
C TYR B 136 5.15 -15.93 91.35
N ALA B 137 5.91 -14.82 91.25
CA ALA B 137 5.80 -14.35 89.80
C ALA B 137 6.82 -13.63 88.89
N ILE B 138 6.89 -14.24 87.68
CA ILE B 138 7.71 -14.02 86.48
C ILE B 138 7.05 -13.10 85.45
N ASN B 139 5.73 -12.91 85.67
CA ASN B 139 4.85 -12.15 84.78
C ASN B 139 4.75 -10.63 85.00
N SER B 140 5.25 -10.15 86.13
CA SER B 140 5.22 -8.70 86.42
C SER B 140 6.26 -8.01 85.54
N GLU B 141 7.54 -8.35 85.76
CA GLU B 141 8.62 -7.79 84.93
C GLU B 141 9.26 -9.02 84.31
N GLN B 142 8.60 -9.54 83.28
CA GLN B 142 9.04 -10.73 82.53
C GLN B 142 10.50 -10.66 82.13
N SER B 143 11.15 -9.54 82.43
CA SER B 143 12.56 -9.33 82.13
C SER B 143 13.39 -10.39 82.85
N LYS B 144 12.71 -11.29 83.54
CA LYS B 144 13.37 -12.37 84.28
C LYS B 144 13.25 -13.69 83.49
N GLU B 145 12.04 -13.98 83.02
CA GLU B 145 11.82 -15.21 82.26
C GLU B 145 12.57 -15.15 80.94
N VAL B 146 12.83 -13.95 80.45
CA VAL B 146 13.53 -13.80 79.18
C VAL B 146 14.83 -14.61 79.20
N TYR B 147 15.48 -14.69 80.35
CA TYR B 147 16.73 -15.44 80.40
C TYR B 147 16.53 -16.93 80.33
N TYR B 148 15.34 -17.39 80.67
CA TYR B 148 15.07 -18.80 80.55
C TYR B 148 14.76 -19.00 79.07
N GLU B 149 14.71 -17.90 78.34
CA GLU B 149 14.44 -17.92 76.91
C GLU B 149 15.76 -17.86 76.14
N ILE B 150 16.51 -16.79 76.33
CA ILE B 150 17.80 -16.68 75.66
C ILE B 150 18.66 -17.75 76.32
N GLY B 151 18.69 -17.71 77.65
CA GLY B 151 19.46 -18.68 78.41
C GLY B 151 19.27 -20.01 77.72
N LYS B 152 18.12 -20.16 77.10
CA LYS B 152 17.80 -21.38 76.38
C LYS B 152 18.40 -21.23 75.00
N GLY B 153 17.93 -20.22 74.27
CA GLY B 153 18.42 -19.97 72.92
C GLY B 153 19.87 -20.34 72.68
N ILE B 154 20.69 -20.28 73.73
CA ILE B 154 22.11 -20.63 73.60
C ILE B 154 22.23 -22.14 73.37
N SER B 155 21.09 -22.82 73.31
CA SER B 155 21.05 -24.24 73.07
C SER B 155 21.13 -24.40 71.57
N LEU B 156 20.22 -23.82 70.79
CA LEU B 156 20.09 -23.91 69.32
C LEU B 156 20.83 -22.94 68.39
N ASP B 157 21.51 -21.95 68.87
CA ASP B 157 22.18 -21.07 67.94
C ASP B 157 23.28 -21.88 67.24
N ILE B 158 24.29 -21.86 68.03
CA ILE B 158 25.55 -22.49 67.68
C ILE B 158 25.33 -23.90 67.15
N ILE B 159 24.07 -24.34 67.17
CA ILE B 159 23.70 -25.65 66.71
C ILE B 159 22.42 -25.50 65.89
N SER B 160 21.78 -24.34 66.05
CA SER B 160 20.54 -24.05 65.37
C SER B 160 20.72 -24.08 63.87
N LYS B 161 20.81 -22.91 63.24
CA LYS B 161 21.01 -22.74 61.81
C LYS B 161 22.08 -21.68 61.67
N ASP B 162 22.21 -20.90 62.75
CA ASP B 162 23.25 -19.89 62.68
C ASP B 162 24.49 -20.59 62.16
N LYS B 163 24.85 -21.73 62.71
CA LYS B 163 26.09 -22.33 62.18
C LYS B 163 26.12 -23.88 62.00
N SER B 164 25.16 -24.69 62.53
CA SER B 164 25.16 -26.18 62.37
C SER B 164 25.35 -26.47 60.93
N LEU B 165 24.25 -26.39 60.16
CA LEU B 165 24.57 -26.27 58.78
C LEU B 165 25.37 -25.02 59.08
N ASP B 166 26.10 -24.46 58.16
CA ASP B 166 26.87 -23.30 58.59
C ASP B 166 26.10 -22.00 58.61
N PRO B 167 26.73 -20.91 59.09
CA PRO B 167 25.97 -19.74 58.92
C PRO B 167 25.58 -19.84 57.46
N GLU B 168 24.39 -20.15 57.07
CA GLU B 168 24.25 -20.14 55.65
C GLU B 168 23.81 -18.76 55.22
N PHE B 169 24.15 -18.31 54.00
CA PHE B 169 23.71 -16.99 53.55
C PHE B 169 22.48 -16.49 54.32
N LEU B 170 21.50 -17.37 54.55
CA LEU B 170 20.30 -17.01 55.28
C LEU B 170 20.60 -16.05 56.44
N ASN B 171 21.38 -16.51 57.42
CA ASN B 171 21.73 -15.70 58.57
C ASN B 171 23.03 -14.92 58.30
N LEU B 172 23.78 -15.36 57.29
CA LEU B 172 25.02 -14.68 56.95
C LEU B 172 24.68 -13.34 56.30
N ILE B 173 23.58 -13.31 55.56
CA ILE B 173 23.12 -12.09 54.89
C ILE B 173 22.17 -11.33 55.82
N LYS B 174 21.45 -12.07 56.66
CA LYS B 174 20.49 -11.48 57.59
C LYS B 174 21.23 -10.74 58.71
N SER B 175 22.45 -11.18 58.99
CA SER B 175 23.26 -10.53 60.01
C SER B 175 23.79 -9.27 59.34
N LEU B 176 23.97 -9.35 58.02
CA LEU B 176 24.45 -8.25 57.20
C LEU B 176 23.43 -7.12 57.17
N SER B 177 22.19 -7.42 57.56
CA SER B 177 21.14 -6.40 57.62
C SER B 177 21.45 -5.55 58.85
N ASP B 178 22.78 -5.43 59.07
CA ASP B 178 23.23 -4.60 60.14
C ASP B 178 22.67 -3.24 59.74
N ASP B 179 23.07 -2.85 58.55
CA ASP B 179 22.63 -1.56 58.08
C ASP B 179 22.46 -1.38 56.56
N SER B 180 22.34 -2.43 55.72
CA SER B 180 22.32 -2.12 54.27
C SER B 180 21.02 -2.35 53.49
N ASP B 181 20.16 -3.32 53.99
CA ASP B 181 18.91 -3.68 53.30
C ASP B 181 17.75 -2.69 53.53
N SER B 182 17.14 -2.77 54.71
CA SER B 182 16.00 -1.93 55.09
C SER B 182 16.42 -0.66 55.84
N SER B 183 15.57 0.37 55.78
CA SER B 183 15.83 1.66 56.45
C SER B 183 15.66 1.61 57.96
N ASP B 184 16.15 0.53 58.58
CA ASP B 184 16.09 0.36 60.04
C ASP B 184 17.47 -0.03 60.60
N LEU B 185 18.33 0.98 60.77
CA LEU B 185 19.68 0.80 61.30
C LEU B 185 19.58 0.64 62.81
N LEU B 186 18.57 -0.13 63.23
CA LEU B 186 18.30 -0.40 64.63
C LEU B 186 18.67 -1.84 64.97
N PHE B 187 19.85 -2.00 65.56
CA PHE B 187 20.36 -3.29 65.98
C PHE B 187 21.10 -3.07 67.28
N SER B 188 20.72 -1.98 67.94
CA SER B 188 21.28 -1.57 69.22
C SER B 188 21.16 -2.65 70.30
N GLN B 189 20.07 -3.43 70.21
CA GLN B 189 19.77 -4.49 71.18
C GLN B 189 20.41 -5.86 70.94
N LYS B 190 21.49 -5.90 70.17
CA LYS B 190 22.18 -7.16 69.88
C LYS B 190 23.63 -6.94 69.45
N PHE B 191 23.93 -5.71 69.04
CA PHE B 191 25.27 -5.37 68.58
C PHE B 191 25.85 -4.11 69.24
N LYS B 192 26.65 -4.30 70.29
CA LYS B 192 27.26 -3.17 70.99
C LYS B 192 28.78 -3.22 70.99
N GLU B 193 29.33 -3.76 72.06
CA GLU B 193 30.78 -3.86 72.21
C GLU B 193 31.49 -4.69 71.14
N LYS B 194 30.75 -5.56 70.46
CA LYS B 194 31.36 -6.41 69.43
C LYS B 194 30.94 -6.03 68.01
N LEU B 195 29.91 -5.20 67.90
CA LEU B 195 29.46 -4.74 66.59
C LEU B 195 28.84 -3.33 66.58
N GLU B 196 29.47 -2.41 67.29
CA GLU B 196 29.04 -1.02 67.29
C GLU B 196 29.85 -0.53 66.09
N LEU B 197 30.48 -1.53 65.46
CA LEU B 197 31.31 -1.38 64.27
C LEU B 197 30.37 -1.17 63.07
N ASN B 198 29.76 0.01 63.03
CA ASN B 198 28.84 0.40 61.95
C ASN B 198 29.65 0.67 60.68
N ASN B 199 30.97 0.73 60.86
CA ASN B 199 31.90 0.99 59.77
C ASN B 199 32.63 -0.30 59.37
N LYS B 200 31.90 -1.23 58.76
CA LYS B 200 32.46 -2.50 58.31
C LYS B 200 31.41 -3.30 57.54
N SER B 201 31.82 -3.88 56.42
CA SER B 201 30.94 -4.70 55.57
C SER B 201 30.99 -6.12 56.12
N ILE B 202 30.04 -6.45 56.99
CA ILE B 202 29.96 -7.76 57.66
C ILE B 202 29.48 -8.98 56.88
N ASP B 203 30.29 -9.44 55.93
CA ASP B 203 29.93 -10.62 55.14
C ASP B 203 30.84 -11.74 55.69
N ILE B 204 31.50 -12.47 54.80
CA ILE B 204 32.39 -13.56 55.21
C ILE B 204 33.77 -12.99 55.60
N ASN B 205 33.93 -11.71 55.43
CA ASN B 205 35.21 -11.23 55.76
C ASN B 205 35.48 -11.33 57.28
N PHE B 206 34.48 -10.99 58.10
CA PHE B 206 34.73 -10.89 59.54
C PHE B 206 33.76 -11.59 60.52
N ILE B 207 32.72 -12.28 60.01
CA ILE B 207 31.72 -12.95 60.87
C ILE B 207 32.19 -14.31 61.46
N LYS B 208 33.27 -14.87 60.92
CA LYS B 208 33.80 -16.13 61.44
C LYS B 208 34.45 -15.87 62.80
N GLU B 209 35.47 -15.00 62.78
CA GLU B 209 36.22 -14.60 63.98
C GLU B 209 35.39 -14.72 65.27
N ASN B 210 34.19 -14.15 65.26
CA ASN B 210 33.32 -14.19 66.44
C ASN B 210 31.95 -14.81 66.27
N LEU B 211 31.91 -16.14 66.24
CA LEU B 211 30.67 -16.89 66.10
C LEU B 211 29.81 -16.63 67.34
N THR B 212 30.48 -16.47 68.48
CA THR B 212 29.81 -16.22 69.74
C THR B 212 28.92 -15.00 69.80
N GLU B 213 29.40 -13.85 69.33
CA GLU B 213 28.60 -12.63 69.39
C GLU B 213 27.36 -12.72 68.52
N PHE B 214 27.37 -13.61 67.55
CA PHE B 214 26.22 -13.75 66.68
C PHE B 214 25.31 -14.85 67.20
N GLN B 215 25.54 -15.21 68.46
CA GLN B 215 24.75 -16.20 69.16
C GLN B 215 24.03 -15.36 70.21
N HIS B 216 24.77 -14.44 70.82
CA HIS B 216 24.20 -13.56 71.84
C HIS B 216 23.04 -12.82 71.18
N ALA B 217 22.99 -12.92 69.86
CA ALA B 217 21.95 -12.28 69.05
C ALA B 217 20.79 -13.25 68.85
N PHE B 218 21.00 -14.26 68.02
CA PHE B 218 19.94 -15.25 67.76
C PHE B 218 19.20 -15.59 69.05
N SER B 219 19.95 -15.57 70.15
CA SER B 219 19.42 -15.88 71.46
C SER B 219 18.49 -14.78 71.95
N LEU B 220 18.94 -13.54 71.86
CA LEU B 220 18.13 -12.40 72.31
C LEU B 220 16.98 -12.16 71.34
N ALA B 221 17.12 -12.70 70.13
CA ALA B 221 16.10 -12.55 69.10
C ALA B 221 15.02 -13.58 69.36
N PHE B 222 15.42 -14.67 70.00
CA PHE B 222 14.53 -15.77 70.35
C PHE B 222 13.80 -15.37 71.62
N SER B 223 14.57 -15.00 72.63
CA SER B 223 14.03 -14.57 73.91
C SER B 223 13.07 -13.43 73.67
N TYR B 224 13.39 -12.61 72.70
CA TYR B 224 12.50 -11.51 72.42
C TYR B 224 11.27 -11.99 71.66
N TYR B 225 11.42 -12.99 70.80
CA TYR B 225 10.24 -13.43 70.06
C TYR B 225 9.25 -14.17 70.93
N PHE B 226 9.75 -15.03 71.82
CA PHE B 226 8.86 -15.81 72.66
C PHE B 226 8.59 -15.26 74.06
N ALA B 227 9.26 -14.18 74.44
CA ALA B 227 9.02 -13.60 75.75
C ALA B 227 7.54 -13.26 75.78
N PRO B 228 6.84 -13.71 76.83
CA PRO B 228 5.41 -13.49 77.03
C PRO B 228 4.96 -12.03 76.99
N ASP B 229 5.91 -11.10 77.11
CA ASP B 229 5.57 -9.68 77.10
C ASP B 229 5.98 -8.94 75.84
N HIS B 230 7.27 -8.73 75.66
CA HIS B 230 7.75 -7.99 74.52
C HIS B 230 7.89 -8.77 73.23
N ARG B 231 6.80 -8.81 72.45
CA ARG B 231 6.78 -9.52 71.18
C ARG B 231 6.99 -8.63 69.97
N THR B 232 6.38 -7.44 69.98
CA THR B 232 6.49 -6.50 68.87
C THR B 232 7.81 -5.75 68.90
N VAL B 233 8.46 -5.71 70.05
CA VAL B 233 9.72 -5.01 70.14
C VAL B 233 10.62 -5.49 69.00
N LEU B 234 10.60 -6.79 68.73
CA LEU B 234 11.41 -7.38 67.65
C LEU B 234 10.74 -7.22 66.28
N GLU B 235 9.56 -6.62 66.25
CA GLU B 235 8.83 -6.40 65.01
C GLU B 235 8.94 -4.93 64.60
N LEU B 236 8.97 -4.08 65.62
CA LEU B 236 9.09 -2.63 65.44
C LEU B 236 10.55 -2.35 65.13
N TYR B 237 11.48 -2.86 65.96
CA TYR B 237 12.95 -2.61 65.91
C TYR B 237 13.87 -3.43 65.03
N ALA B 238 13.81 -4.72 65.11
CA ALA B 238 14.55 -5.46 64.17
C ALA B 238 13.44 -5.79 63.19
N PRO B 239 13.50 -5.44 61.91
CA PRO B 239 12.41 -5.79 61.00
C PRO B 239 12.55 -7.17 60.35
N ASP B 240 13.78 -7.66 60.26
CA ASP B 240 14.03 -8.96 59.63
C ASP B 240 14.20 -10.12 60.63
N MET B 241 15.10 -9.97 61.60
CA MET B 241 15.31 -11.04 62.59
C MET B 241 13.95 -11.55 62.97
N PHE B 242 12.99 -10.63 63.06
CA PHE B 242 11.62 -10.99 63.39
C PHE B 242 11.11 -11.98 62.37
N GLU B 243 11.07 -11.55 61.11
CA GLU B 243 10.61 -12.42 60.05
C GLU B 243 11.37 -13.75 60.16
N TYR B 244 12.67 -13.63 60.36
CA TYR B 244 13.57 -14.77 60.50
C TYR B 244 12.98 -15.77 61.50
N MET B 245 12.83 -15.34 62.73
CA MET B 245 12.27 -16.17 63.77
C MET B 245 10.92 -16.70 63.35
N ASN B 246 10.03 -15.79 62.95
CA ASN B 246 8.69 -16.18 62.55
C ASN B 246 8.71 -17.31 61.55
N LYS B 247 9.50 -17.15 60.49
CA LYS B 247 9.61 -18.21 59.49
C LYS B 247 9.96 -19.50 60.25
N LEU B 248 10.93 -19.38 61.16
CA LEU B 248 11.36 -20.52 61.97
C LEU B 248 10.19 -21.13 62.71
N GLU B 249 9.33 -20.30 63.27
CA GLU B 249 8.17 -20.86 63.96
C GLU B 249 7.24 -21.43 62.91
N LYS B 250 7.16 -20.75 61.77
CA LYS B 250 6.30 -21.19 60.68
C LYS B 250 6.63 -22.62 60.27
N GLY B 251 7.91 -22.99 60.39
CA GLY B 251 8.34 -24.34 60.04
C GLY B 251 9.85 -24.56 60.03
N GLY B 252 10.61 -23.52 60.38
CA GLY B 252 12.06 -23.63 60.39
C GLY B 252 12.62 -24.53 61.48
N PHE B 253 12.10 -24.39 62.69
CA PHE B 253 12.57 -25.21 63.79
C PHE B 253 12.36 -26.68 63.43
N GLU B 254 11.26 -26.99 62.74
CA GLU B 254 11.00 -28.36 62.33
C GLU B 254 12.00 -28.74 61.24
N LYS B 255 12.53 -27.75 60.54
CA LYS B 255 13.52 -27.99 59.49
C LYS B 255 14.65 -28.78 60.11
N ILE B 256 15.43 -28.06 60.91
CA ILE B 256 16.59 -28.60 61.62
C ILE B 256 16.19 -29.76 62.54
N SER B 257 15.00 -29.66 63.12
CA SER B 257 14.55 -30.71 64.00
C SER B 257 14.45 -31.99 63.21
N GLU B 258 14.38 -31.88 61.88
CA GLU B 258 14.29 -33.04 61.03
C GLU B 258 15.61 -33.33 60.29
N SER B 259 16.56 -32.40 60.38
CA SER B 259 17.86 -32.60 59.75
C SER B 259 18.79 -33.21 60.80
N LEU B 260 18.42 -33.07 62.07
CA LEU B 260 19.19 -33.66 63.16
C LEU B 260 18.58 -35.02 63.44
N LYS B 261 17.30 -35.15 63.09
CA LYS B 261 16.58 -36.39 63.29
C LYS B 261 17.09 -37.39 62.27
N LYS B 262 17.20 -36.96 61.01
CA LYS B 262 17.69 -37.85 59.95
C LYS B 262 19.12 -38.25 60.24
N GLU B 263 19.94 -37.30 60.68
CA GLU B 263 21.31 -37.67 60.99
C GLU B 263 21.28 -38.32 62.37
N GLY B 264 20.11 -38.75 62.80
CA GLY B 264 20.01 -39.39 64.08
C GLY B 264 20.39 -40.84 63.85
N VAL B 265 19.88 -41.37 62.74
CA VAL B 265 20.14 -42.74 62.35
C VAL B 265 21.41 -42.82 61.53
N GLU B 266 21.42 -42.17 60.37
CA GLU B 266 22.61 -42.17 59.51
C GLU B 266 23.88 -41.93 60.34
N LYS B 267 23.69 -41.32 61.51
CA LYS B 267 24.78 -41.03 62.43
C LYS B 267 25.25 -42.36 62.98
N ASP B 268 24.62 -42.78 64.07
CA ASP B 268 24.94 -44.05 64.72
C ASP B 268 24.19 -45.14 63.93
N ARG B 269 24.96 -45.97 63.22
CA ARG B 269 24.43 -47.05 62.41
C ARG B 269 25.47 -48.15 62.31
N ILE B 270 25.22 -49.10 61.43
CA ILE B 270 26.13 -50.22 61.24
C ILE B 270 27.09 -49.89 60.10
N ASP B 271 28.36 -49.72 60.45
CA ASP B 271 29.40 -49.37 59.47
C ASP B 271 29.56 -50.46 58.44
N VAL B 272 28.88 -50.33 57.35
CA VAL B 272 29.06 -51.28 56.33
C VAL B 272 29.43 -50.42 55.15
N LEU B 273 30.48 -50.67 54.47
CA LEU B 273 30.69 -49.78 53.34
C LEU B 273 29.62 -50.06 52.26
N LYS B 274 28.74 -49.15 51.91
CA LYS B 274 27.69 -49.43 50.95
C LYS B 274 28.20 -49.03 49.58
N GLY B 275 27.30 -48.70 48.67
CA GLY B 275 27.72 -48.29 47.34
C GLY B 275 28.62 -49.26 46.60
N GLU B 276 29.49 -48.75 45.73
CA GLU B 276 30.38 -49.62 44.97
C GLU B 276 31.67 -50.00 45.67
N LYS B 277 31.95 -49.42 46.83
CA LYS B 277 33.18 -49.78 47.54
C LYS B 277 33.09 -51.23 47.94
N ALA B 278 31.86 -51.72 48.11
CA ALA B 278 31.61 -53.10 48.51
C ALA B 278 31.83 -53.96 47.30
N LEU B 279 31.07 -53.66 46.26
CA LEU B 279 31.17 -54.37 45.01
C LEU B 279 32.64 -54.63 44.67
N LYS B 280 33.55 -53.92 45.34
CA LYS B 280 34.99 -54.09 45.13
C LYS B 280 35.47 -55.37 45.78
N ALA B 281 35.10 -55.58 47.04
CA ALA B 281 35.50 -56.80 47.73
C ALA B 281 34.48 -57.89 47.42
N SER B 282 33.38 -57.46 46.80
CA SER B 282 32.31 -58.37 46.43
C SER B 282 32.73 -59.45 45.43
N GLY B 283 33.63 -59.09 44.51
CA GLY B 283 34.10 -60.03 43.53
C GLY B 283 33.06 -60.34 42.47
N LEU B 284 31.80 -60.08 42.77
CA LEU B 284 30.78 -60.32 41.79
C LEU B 284 31.01 -59.43 40.57
N VAL B 285 30.65 -59.97 39.41
CA VAL B 285 30.79 -59.27 38.15
C VAL B 285 29.77 -58.14 38.08
N PRO B 286 30.25 -56.89 38.23
CA PRO B 286 29.42 -55.69 38.20
C PRO B 286 28.12 -55.79 37.44
N GLU B 287 28.20 -56.09 36.16
CA GLU B 287 26.98 -56.19 35.36
C GLU B 287 25.96 -57.18 35.96
N HIS B 288 26.48 -58.15 36.69
CA HIS B 288 25.68 -59.17 37.35
C HIS B 288 25.09 -58.57 38.61
N ALA B 289 25.96 -58.02 39.44
CA ALA B 289 25.49 -57.40 40.68
C ALA B 289 24.36 -56.49 40.30
N ASP B 290 24.62 -55.60 39.36
CA ASP B 290 23.61 -54.66 38.88
C ASP B 290 22.41 -55.44 38.33
N ALA B 291 22.70 -56.54 37.65
CA ALA B 291 21.67 -57.41 37.07
C ALA B 291 20.74 -57.97 38.14
N PHE B 292 21.35 -58.34 39.27
CA PHE B 292 20.63 -58.89 40.42
C PHE B 292 19.81 -57.78 41.05
N LYS B 293 20.41 -56.60 41.10
CA LYS B 293 19.81 -55.40 41.67
C LYS B 293 18.32 -55.29 41.31
N LYS B 294 17.96 -55.79 40.14
CA LYS B 294 16.57 -55.73 39.71
C LYS B 294 15.68 -56.83 40.28
N ILE B 295 16.23 -58.01 40.54
CA ILE B 295 15.41 -59.09 41.07
C ILE B 295 15.02 -58.85 42.53
N ALA B 296 15.98 -58.37 43.32
CA ALA B 296 15.73 -58.09 44.74
C ALA B 296 14.48 -57.24 44.86
N ARG B 297 14.32 -56.28 43.96
CA ARG B 297 13.17 -55.41 43.98
C ARG B 297 11.87 -56.11 43.63
N GLU B 298 11.64 -56.38 42.35
CA GLU B 298 10.42 -57.06 41.90
C GLU B 298 9.88 -57.98 43.01
N LEU B 299 10.65 -59.02 43.29
CA LEU B 299 10.35 -60.04 44.31
C LEU B 299 10.47 -59.53 45.78
N ASN B 300 11.35 -58.58 46.00
CA ASN B 300 11.53 -58.02 47.34
C ASN B 300 12.14 -59.01 48.28
N THR B 301 13.44 -59.24 48.16
CA THR B 301 14.15 -60.15 49.03
C THR B 301 15.66 -59.89 49.05
N TYR B 302 16.24 -59.77 50.23
CA TYR B 302 17.68 -59.53 50.31
C TYR B 302 18.42 -60.72 49.74
N ILE B 303 19.47 -60.44 48.99
CA ILE B 303 20.26 -61.53 48.46
C ILE B 303 21.60 -61.39 49.16
N LEU B 304 22.07 -62.45 49.82
CA LEU B 304 23.36 -62.33 50.49
C LEU B 304 24.34 -63.33 49.94
N PHE B 305 25.49 -62.85 49.47
CA PHE B 305 26.52 -63.70 48.87
C PHE B 305 27.79 -63.81 49.71
N ARG B 306 28.60 -64.85 49.49
CA ARG B 306 29.88 -65.03 50.19
C ARG B 306 31.01 -64.48 49.30
N PRO B 307 32.19 -64.28 49.88
CA PRO B 307 33.30 -63.74 49.09
C PRO B 307 33.68 -64.58 47.89
N VAL B 308 33.51 -63.99 46.70
CA VAL B 308 33.83 -64.63 45.43
C VAL B 308 35.25 -64.19 45.06
N ASN B 309 36.18 -65.14 44.94
CA ASN B 309 37.58 -64.82 44.60
C ASN B 309 37.63 -63.77 43.47
N LYS B 310 38.53 -62.80 43.58
CA LYS B 310 38.66 -61.76 42.55
C LYS B 310 39.26 -62.30 41.26
N LEU B 311 40.17 -63.28 41.38
CA LEU B 311 40.82 -63.91 40.25
C LEU B 311 39.80 -64.77 39.51
N ALA B 312 38.51 -64.45 39.63
CA ALA B 312 37.47 -65.20 38.96
C ALA B 312 36.48 -64.16 38.46
N THR B 313 36.52 -63.01 39.12
CA THR B 313 35.66 -61.87 38.81
C THR B 313 35.52 -61.62 37.31
N ASN B 314 36.59 -61.88 36.58
CA ASN B 314 36.60 -61.67 35.15
C ASN B 314 36.43 -62.98 34.38
N LEU B 315 37.00 -64.08 34.88
CA LEU B 315 36.86 -65.38 34.23
C LEU B 315 35.39 -65.62 34.02
N ILE B 316 34.57 -64.95 34.82
CA ILE B 316 33.14 -65.08 34.70
C ILE B 316 32.67 -64.16 33.57
N LYS B 317 32.70 -62.85 33.78
CA LYS B 317 32.25 -61.90 32.73
C LYS B 317 32.73 -62.48 31.42
N SER B 318 33.98 -62.91 31.42
CA SER B 318 34.60 -63.53 30.25
C SER B 318 33.65 -64.58 29.65
N GLY B 319 33.31 -65.61 30.43
CA GLY B 319 32.40 -66.62 29.94
C GLY B 319 32.69 -68.00 30.47
N VAL B 320 33.56 -68.08 31.49
CA VAL B 320 33.93 -69.35 32.09
C VAL B 320 32.84 -69.90 32.97
N ALA B 321 32.70 -71.22 32.99
CA ALA B 321 31.67 -71.86 33.80
C ALA B 321 32.01 -71.77 35.28
N THR B 322 31.05 -72.16 36.11
CA THR B 322 31.22 -72.10 37.56
C THR B 322 31.16 -73.44 38.27
N LYS B 323 32.06 -73.64 39.24
CA LYS B 323 32.09 -74.88 40.00
C LYS B 323 30.78 -75.17 40.69
N GLY B 324 30.23 -76.34 40.41
CA GLY B 324 28.97 -76.73 41.03
C GLY B 324 29.26 -77.57 42.25
N LEU B 325 28.36 -78.51 42.52
CA LEU B 325 28.54 -79.38 43.67
C LEU B 325 29.41 -80.57 43.30
N ASN B 326 29.29 -81.00 42.05
CA ASN B 326 30.04 -82.14 41.55
C ASN B 326 31.54 -81.97 41.64
N VAL B 327 32.04 -80.74 41.82
CA VAL B 327 33.48 -80.53 41.91
C VAL B 327 33.93 -80.04 43.27
N HIS B 328 35.02 -80.62 43.76
CA HIS B 328 35.57 -80.25 45.06
C HIS B 328 37.07 -79.98 44.96
N GLY B 329 37.52 -79.55 43.79
CA GLY B 329 38.93 -79.26 43.59
C GLY B 329 39.27 -77.96 44.26
N LYS B 330 40.53 -77.60 44.33
CA LYS B 330 40.86 -76.36 44.96
C LYS B 330 41.17 -75.35 43.84
N SER B 331 40.91 -74.07 44.02
CA SER B 331 41.26 -73.13 42.99
C SER B 331 42.75 -72.82 43.14
N SER B 332 43.22 -71.84 42.39
CA SER B 332 44.60 -71.47 42.48
C SER B 332 44.67 -69.97 42.62
N ASP B 333 45.76 -69.53 43.24
CA ASP B 333 46.05 -68.13 43.54
C ASP B 333 47.43 -67.75 43.07
N TRP B 334 47.84 -68.32 41.93
CA TRP B 334 49.16 -68.06 41.35
C TRP B 334 49.35 -68.84 40.05
N GLY B 335 50.34 -68.44 39.25
CA GLY B 335 50.61 -69.13 38.01
C GLY B 335 49.64 -68.71 36.92
N PRO B 336 49.61 -69.41 35.79
CA PRO B 336 48.68 -69.05 34.71
C PRO B 336 47.32 -69.65 35.04
N VAL B 337 47.36 -70.84 35.63
CA VAL B 337 46.15 -71.56 36.01
C VAL B 337 45.28 -70.79 37.00
N ALA B 338 45.90 -69.94 37.81
CA ALA B 338 45.18 -69.15 38.82
C ALA B 338 43.81 -68.65 38.37
N GLY B 339 42.79 -68.96 39.17
CA GLY B 339 41.45 -68.56 38.82
C GLY B 339 40.70 -69.74 38.24
N TYR B 340 41.45 -70.79 37.93
CA TYR B 340 40.88 -72.00 37.37
C TYR B 340 41.12 -73.14 38.36
N ILE B 341 40.42 -74.25 38.19
CA ILE B 341 40.59 -75.41 39.07
C ILE B 341 41.53 -76.42 38.41
N PRO B 342 42.83 -76.25 38.60
CA PRO B 342 43.69 -77.24 37.95
C PRO B 342 43.27 -78.67 38.21
N PHE B 343 43.57 -79.55 37.26
CA PHE B 343 43.29 -80.96 37.41
C PHE B 343 44.50 -81.42 38.19
N ASP B 344 45.60 -80.72 37.95
CA ASP B 344 46.84 -80.99 38.64
C ASP B 344 46.69 -80.18 39.93
N GLN B 345 46.43 -80.88 41.03
CA GLN B 345 46.25 -80.19 42.28
C GLN B 345 47.45 -79.38 42.70
N ASP B 346 48.64 -79.93 42.50
CA ASP B 346 49.84 -79.20 42.92
C ASP B 346 49.99 -77.84 42.25
N LEU B 347 49.01 -77.46 41.44
CA LEU B 347 49.02 -76.16 40.78
C LEU B 347 47.91 -75.29 41.34
N SER B 348 47.61 -75.51 42.62
CA SER B 348 46.57 -74.78 43.33
C SER B 348 47.08 -74.33 44.69
N LYS B 349 46.22 -73.65 45.44
CA LYS B 349 46.53 -73.11 46.77
C LYS B 349 47.27 -74.08 47.67
N LYS B 350 46.92 -75.36 47.59
CA LYS B 350 47.55 -76.37 48.42
C LYS B 350 48.82 -76.94 47.77
N HIS B 351 49.70 -76.02 47.40
CA HIS B 351 50.98 -76.32 46.76
C HIS B 351 52.07 -76.72 47.76
N GLY B 352 52.14 -78.01 48.06
CA GLY B 352 53.13 -78.51 49.00
C GLY B 352 52.58 -79.59 49.92
N GLN B 353 51.40 -79.33 50.49
CA GLN B 353 50.76 -80.30 51.39
C GLN B 353 50.69 -81.59 50.62
N GLN B 354 51.71 -82.40 50.78
CA GLN B 354 51.80 -83.66 50.07
C GLN B 354 50.58 -84.58 50.31
N LEU B 355 49.52 -84.02 50.88
CA LEU B 355 48.31 -84.82 51.13
C LEU B 355 47.03 -84.09 50.74
N ALA B 356 47.04 -82.76 50.87
CA ALA B 356 45.88 -81.97 50.48
C ALA B 356 45.77 -82.18 48.98
N VAL B 357 46.94 -82.41 48.39
CA VAL B 357 47.09 -82.64 46.96
C VAL B 357 46.96 -84.13 46.68
N GLU B 358 47.63 -84.97 47.47
CA GLU B 358 47.56 -86.43 47.30
C GLU B 358 46.13 -86.95 47.58
N LYS B 359 45.33 -86.11 48.24
CA LYS B 359 43.95 -86.47 48.51
C LYS B 359 43.15 -85.37 47.83
N GLY B 360 43.88 -84.51 47.11
CA GLY B 360 43.27 -83.42 46.37
C GLY B 360 43.02 -83.85 44.94
N ASN B 361 44.04 -84.40 44.29
CA ASN B 361 43.88 -84.88 42.94
C ASN B 361 42.82 -85.96 43.08
N LEU B 362 43.02 -86.82 44.07
CA LEU B 362 42.12 -87.93 44.36
C LEU B 362 40.66 -87.49 44.26
N GLU B 363 40.45 -86.18 44.35
CA GLU B 363 39.11 -85.61 44.29
C GLU B 363 38.59 -85.36 42.86
N ASN B 364 39.39 -84.64 42.06
CA ASN B 364 39.05 -84.34 40.66
C ASN B 364 38.84 -85.63 39.92
N LYS B 365 39.79 -86.53 40.04
CA LYS B 365 39.70 -87.82 39.37
C LYS B 365 38.28 -88.38 39.53
N LYS B 366 37.80 -88.50 40.76
CA LYS B 366 36.44 -89.02 41.01
C LYS B 366 35.38 -88.10 40.41
N SER B 367 35.64 -86.81 40.44
CA SER B 367 34.71 -85.83 39.91
C SER B 367 34.29 -86.22 38.50
N ILE B 368 35.24 -86.79 37.76
CA ILE B 368 35.00 -87.24 36.40
C ILE B 368 34.63 -88.72 36.48
N THR B 369 35.51 -89.49 37.10
CA THR B 369 35.30 -90.92 37.28
C THR B 369 33.82 -91.27 37.46
N GLU B 370 33.06 -90.39 38.09
CA GLU B 370 31.63 -90.63 38.32
C GLU B 370 30.77 -89.94 37.28
N HIS B 371 30.60 -88.63 37.42
CA HIS B 371 29.80 -87.85 36.48
C HIS B 371 30.56 -87.62 35.17
N GLU B 372 30.82 -88.68 34.40
CA GLU B 372 31.52 -88.47 33.14
C GLU B 372 30.53 -87.98 32.07
N GLY B 373 30.97 -87.01 31.29
CA GLY B 373 30.10 -86.45 30.28
C GLY B 373 29.76 -85.03 30.70
N GLU B 374 29.55 -84.85 32.00
CA GLU B 374 29.24 -83.54 32.54
C GLU B 374 30.51 -82.91 33.12
N ILE B 375 31.29 -83.70 33.86
CA ILE B 375 32.53 -83.17 34.44
C ILE B 375 33.79 -83.79 33.81
N GLY B 376 34.63 -82.95 33.23
CA GLY B 376 35.84 -83.42 32.61
C GLY B 376 36.96 -82.41 32.76
N LYS B 377 38.07 -82.70 32.06
CA LYS B 377 39.26 -81.86 32.08
C LYS B 377 39.61 -81.38 30.67
N ILE B 378 39.93 -80.11 30.52
CA ILE B 378 40.32 -79.60 29.22
C ILE B 378 41.58 -78.76 29.35
N PRO B 379 42.32 -78.59 28.25
CA PRO B 379 43.55 -77.80 28.27
C PRO B 379 43.30 -76.33 28.47
N LEU B 380 44.21 -75.69 29.18
CA LEU B 380 44.13 -74.27 29.48
C LEU B 380 44.37 -73.43 28.24
N LYS B 381 43.66 -72.30 28.16
CA LYS B 381 43.79 -71.38 27.03
C LYS B 381 43.53 -69.95 27.48
N LEU B 382 44.50 -69.35 28.17
CA LEU B 382 44.36 -67.97 28.65
C LEU B 382 44.16 -67.05 27.47
N ASP B 383 43.09 -66.27 27.46
CA ASP B 383 42.84 -65.36 26.33
C ASP B 383 43.70 -64.10 26.39
N HIS B 384 43.35 -63.11 25.58
CA HIS B 384 44.12 -61.87 25.51
C HIS B 384 44.08 -61.02 26.77
N LEU B 385 42.90 -60.50 27.11
CA LEU B 385 42.73 -59.65 28.29
C LEU B 385 43.30 -60.28 29.54
N ARG B 386 42.86 -61.52 29.81
CA ARG B 386 43.31 -62.26 30.98
C ARG B 386 44.80 -62.12 31.24
N ILE B 387 45.62 -62.33 30.21
CA ILE B 387 47.06 -62.21 30.34
C ILE B 387 47.42 -60.82 30.88
N GLU B 388 47.04 -59.80 30.14
CA GLU B 388 47.35 -58.45 30.57
C GLU B 388 46.90 -58.21 32.00
N GLU B 389 45.88 -58.95 32.45
CA GLU B 389 45.36 -58.79 33.82
C GLU B 389 46.27 -59.41 34.88
N LEU B 390 46.46 -60.72 34.80
CA LEU B 390 47.29 -61.44 35.73
C LEU B 390 48.65 -60.74 35.77
N LYS B 391 48.77 -59.70 34.94
CA LYS B 391 49.98 -58.91 34.83
C LYS B 391 50.05 -57.88 35.93
N GLU B 392 49.36 -56.75 35.76
CA GLU B 392 49.40 -55.69 36.76
C GLU B 392 48.95 -56.18 38.13
N ASN B 393 48.34 -57.37 38.19
CA ASN B 393 47.92 -57.90 39.47
C ASN B 393 49.14 -58.64 40.02
N GLY B 394 50.08 -58.91 39.11
CA GLY B 394 51.32 -59.56 39.48
C GLY B 394 51.33 -61.06 39.70
N ILE B 395 50.70 -61.82 38.80
CA ILE B 395 50.70 -63.27 38.98
C ILE B 395 51.64 -63.93 37.99
N ILE B 396 51.81 -63.29 36.83
CA ILE B 396 52.68 -63.78 35.77
C ILE B 396 53.44 -62.62 35.16
N LEU B 397 54.55 -62.93 34.49
CA LEU B 397 55.38 -61.93 33.83
C LEU B 397 55.70 -62.39 32.41
N LYS B 398 55.09 -61.75 31.43
CA LYS B 398 55.31 -62.09 30.03
C LYS B 398 56.63 -61.51 29.53
N GLY B 399 57.53 -62.38 29.07
CA GLY B 399 58.83 -61.93 28.60
C GLY B 399 59.45 -62.68 27.43
N LYS B 400 60.75 -62.95 27.53
CA LYS B 400 61.49 -63.63 26.47
C LYS B 400 60.73 -64.76 25.76
N LYS B 401 61.01 -64.90 24.47
CA LYS B 401 60.38 -65.90 23.62
C LYS B 401 61.27 -67.11 23.40
N GLU B 402 60.69 -68.14 22.79
CA GLU B 402 61.40 -69.38 22.51
C GLU B 402 60.74 -70.09 21.33
N ILE B 403 61.41 -71.10 20.79
CA ILE B 403 60.88 -71.85 19.66
C ILE B 403 61.14 -73.33 19.72
N ASP B 404 60.09 -74.10 19.48
CA ASP B 404 60.21 -75.54 19.48
C ASP B 404 59.33 -76.15 18.39
N ASN B 405 59.89 -77.15 17.72
CA ASN B 405 59.20 -77.87 16.67
C ASN B 405 58.74 -76.96 15.52
N GLY B 406 59.02 -75.66 15.65
CA GLY B 406 58.63 -74.73 14.60
C GLY B 406 57.56 -73.74 15.01
N LYS B 407 56.95 -73.99 16.16
CA LYS B 407 55.90 -73.12 16.68
C LYS B 407 56.47 -72.11 17.69
N LYS B 408 55.84 -70.95 17.75
CA LYS B 408 56.28 -69.90 18.64
C LYS B 408 55.70 -70.07 20.02
N TYR B 409 56.47 -69.68 21.03
CA TYR B 409 56.08 -69.77 22.43
C TYR B 409 56.58 -68.57 23.22
N TYR B 410 55.67 -67.74 23.71
CA TYR B 410 56.07 -66.61 24.54
C TYR B 410 56.26 -67.29 25.90
N LEU B 411 57.30 -66.92 26.62
CA LEU B 411 57.56 -67.55 27.90
C LEU B 411 56.84 -66.85 29.05
N LEU B 412 56.18 -67.65 29.88
CA LEU B 412 55.47 -67.12 31.03
C LEU B 412 56.26 -67.47 32.28
N GLU B 413 56.68 -66.44 32.99
CA GLU B 413 57.46 -66.58 34.21
C GLU B 413 56.62 -66.41 35.48
N SER B 414 56.89 -67.27 36.46
CA SER B 414 56.22 -67.22 37.76
C SER B 414 57.25 -67.61 38.83
N ASN B 415 57.45 -66.73 39.82
CA ASN B 415 58.46 -66.99 40.83
C ASN B 415 58.21 -68.21 41.71
N ASN B 416 57.75 -69.29 41.10
CA ASN B 416 57.57 -70.51 41.84
C ASN B 416 58.92 -71.19 41.69
N GLN B 417 59.17 -72.23 42.49
CA GLN B 417 60.44 -72.91 42.43
C GLN B 417 60.32 -74.39 42.08
N VAL B 418 59.35 -74.75 41.25
CA VAL B 418 59.20 -76.16 40.85
C VAL B 418 58.59 -76.36 39.44
N TYR B 419 57.84 -75.37 38.97
CA TYR B 419 57.20 -75.46 37.67
C TYR B 419 57.52 -74.26 36.79
N GLU B 420 57.84 -74.53 35.52
CA GLU B 420 58.11 -73.47 34.57
C GLU B 420 56.93 -73.52 33.62
N PHE B 421 56.43 -72.36 33.23
CA PHE B 421 55.26 -72.30 32.37
C PHE B 421 55.51 -71.59 31.05
N ARG B 422 54.69 -71.94 30.05
CA ARG B 422 54.80 -71.33 28.73
C ARG B 422 53.47 -71.40 27.96
N ILE B 423 53.03 -70.22 27.42
CA ILE B 423 51.78 -70.26 26.65
C ILE B 423 52.15 -70.51 25.18
N SER B 424 51.18 -70.79 24.34
CA SER B 424 51.57 -70.99 22.95
C SER B 424 51.43 -69.67 22.19
N ASP B 425 51.22 -69.83 20.86
CA ASP B 425 51.04 -68.66 20.03
C ASP B 425 49.89 -68.87 19.07
N GLU B 426 49.87 -70.05 18.44
CA GLU B 426 48.81 -70.40 17.52
C GLU B 426 47.55 -70.36 18.36
N ASN B 427 47.36 -71.43 19.14
CA ASN B 427 46.25 -71.54 20.06
C ASN B 427 46.93 -71.20 21.37
N ASN B 428 46.41 -70.23 22.10
CA ASN B 428 47.04 -69.80 23.33
C ASN B 428 47.07 -70.82 24.44
N GLU B 429 47.39 -72.08 24.12
CA GLU B 429 47.45 -73.09 25.16
C GLU B 429 48.54 -72.68 26.14
N VAL B 430 48.71 -73.45 27.20
CA VAL B 430 49.69 -73.16 28.21
C VAL B 430 50.31 -74.48 28.59
N GLN B 431 51.53 -74.43 29.08
CA GLN B 431 52.20 -75.67 29.44
C GLN B 431 53.18 -75.49 30.60
N TYR B 432 53.40 -76.59 31.32
CA TYR B 432 54.34 -76.62 32.45
C TYR B 432 55.22 -77.87 32.39
N LYS B 433 56.18 -77.96 33.31
CA LYS B 433 57.09 -79.09 33.39
C LYS B 433 57.90 -78.90 34.66
N THR B 434 58.43 -79.99 35.21
CA THR B 434 59.23 -79.84 36.42
C THR B 434 60.57 -79.31 35.95
N LYS B 435 61.15 -78.38 36.69
CA LYS B 435 62.44 -77.79 36.34
C LYS B 435 63.57 -78.83 36.40
N GLU B 436 64.63 -78.59 35.63
CA GLU B 436 65.80 -79.49 35.56
C GLU B 436 66.52 -79.67 36.89
N GLY B 437 65.96 -79.06 37.93
CA GLY B 437 66.55 -79.14 39.27
C GLY B 437 65.49 -79.06 40.35
N LYS B 438 64.48 -79.92 40.24
CA LYS B 438 63.41 -79.98 41.22
C LYS B 438 62.44 -81.12 40.94
N ILE B 439 61.65 -81.49 41.94
CA ILE B 439 60.68 -82.58 41.85
C ILE B 439 59.30 -82.15 42.36
N THR B 440 58.32 -83.03 42.22
CA THR B 440 56.96 -82.77 42.69
C THR B 440 56.81 -83.47 44.03
N VAL B 441 56.15 -82.83 44.99
CA VAL B 441 55.96 -83.42 46.31
C VAL B 441 55.53 -84.89 46.29
N LEU B 442 54.82 -85.30 45.25
CA LEU B 442 54.37 -86.68 45.15
C LEU B 442 55.51 -87.56 44.65
N GLY B 443 56.46 -86.93 43.96
CA GLY B 443 57.62 -87.65 43.44
C GLY B 443 57.67 -87.78 41.94
N GLU B 444 57.13 -86.78 41.24
CA GLU B 444 57.09 -86.78 39.78
C GLU B 444 58.01 -85.74 39.16
N LYS B 445 58.32 -85.92 37.88
CA LYS B 445 59.18 -85.02 37.12
C LYS B 445 58.79 -85.17 35.67
N PHE B 446 58.52 -84.08 34.97
CA PHE B 446 58.12 -84.18 33.57
C PHE B 446 58.44 -83.00 32.68
N ASN B 447 58.37 -83.16 31.39
CA ASN B 447 58.65 -82.12 30.45
C ASN B 447 57.38 -81.39 30.05
N TRP B 448 57.50 -80.37 29.24
CA TRP B 448 56.33 -79.61 28.83
C TRP B 448 55.08 -80.42 28.51
N ARG B 449 53.98 -80.16 29.19
CA ARG B 449 52.67 -80.80 29.00
C ARG B 449 51.68 -79.64 28.95
N ASN B 450 50.45 -79.93 28.59
CA ASN B 450 49.44 -78.88 28.55
C ASN B 450 48.77 -78.85 29.92
N ILE B 451 48.56 -77.64 30.45
CA ILE B 451 47.92 -77.47 31.75
C ILE B 451 46.44 -77.77 31.64
N GLU B 452 45.97 -78.73 32.43
CA GLU B 452 44.55 -79.06 32.38
C GLU B 452 43.76 -78.47 33.55
N VAL B 453 42.64 -77.87 33.20
CA VAL B 453 41.77 -77.27 34.18
C VAL B 453 40.53 -78.17 34.22
N MET B 454 39.67 -77.98 35.21
CA MET B 454 38.47 -78.78 35.27
C MET B 454 37.42 -78.08 34.43
N ALA B 455 36.47 -78.84 33.90
CA ALA B 455 35.43 -78.26 33.07
C ALA B 455 34.14 -79.08 33.05
N LYS B 456 33.04 -78.43 33.44
CA LYS B 456 31.74 -79.09 33.45
C LYS B 456 31.25 -79.06 32.03
N ASN B 457 30.03 -79.55 31.82
CA ASN B 457 29.45 -79.59 30.49
C ASN B 457 28.38 -78.49 30.30
N VAL B 458 28.65 -77.58 29.38
CA VAL B 458 27.74 -76.48 29.10
C VAL B 458 27.21 -76.60 27.67
N GLU B 459 25.93 -76.95 27.52
CA GLU B 459 25.36 -77.08 26.19
C GLU B 459 26.29 -77.91 25.33
N GLY B 460 26.56 -79.14 25.79
CA GLY B 460 27.43 -80.03 25.05
C GLY B 460 28.81 -79.51 24.71
N VAL B 461 29.39 -78.70 25.59
CA VAL B 461 30.74 -78.20 25.34
C VAL B 461 31.49 -78.07 26.66
N LEU B 462 32.52 -78.86 26.87
CA LEU B 462 33.27 -78.76 28.10
C LEU B 462 33.92 -77.38 28.30
N LYS B 463 33.25 -76.50 29.04
CA LYS B 463 33.79 -75.19 29.34
C LYS B 463 34.56 -75.34 30.65
N PRO B 464 35.63 -74.54 30.84
CA PRO B 464 36.46 -74.61 32.07
C PRO B 464 35.73 -74.10 33.30
N LEU B 465 36.25 -74.46 34.46
CA LEU B 465 35.61 -74.07 35.71
C LEU B 465 36.37 -73.10 36.62
N THR B 466 35.63 -72.13 37.12
CA THR B 466 36.15 -71.15 38.07
C THR B 466 35.09 -71.07 39.14
N ALA B 467 35.37 -70.30 40.18
CA ALA B 467 34.44 -70.15 41.30
C ALA B 467 33.02 -69.77 40.87
N ASP B 468 32.05 -70.14 41.70
CA ASP B 468 30.64 -69.86 41.46
C ASP B 468 30.21 -68.84 42.50
N TYR B 469 29.00 -68.32 42.35
CA TYR B 469 28.50 -67.38 43.33
C TYR B 469 27.85 -68.23 44.41
N ASP B 470 28.41 -68.23 45.62
CA ASP B 470 27.79 -69.03 46.67
C ASP B 470 26.92 -68.11 47.54
N LEU B 471 25.60 -68.30 47.46
CA LEU B 471 24.66 -67.50 48.24
C LEU B 471 24.78 -67.74 49.77
N PHE B 472 24.98 -66.68 50.56
CA PHE B 472 25.05 -66.84 52.01
C PHE B 472 23.67 -67.02 52.62
N ALA B 473 22.65 -66.53 51.94
CA ALA B 473 21.27 -66.67 52.41
C ALA B 473 20.34 -65.88 51.55
N LEU B 474 19.06 -66.18 51.62
CA LEU B 474 18.09 -65.42 50.85
C LEU B 474 17.00 -64.97 51.79
N ALA B 475 16.74 -63.68 51.87
CA ALA B 475 15.70 -63.19 52.78
C ALA B 475 14.57 -62.59 52.00
N PRO B 476 13.44 -63.29 51.89
CA PRO B 476 12.29 -62.80 51.15
C PRO B 476 11.31 -62.08 52.06
N SER B 477 10.62 -61.09 51.53
CA SER B 477 9.66 -60.38 52.33
C SER B 477 8.67 -61.38 52.88
N LEU B 478 8.39 -61.25 54.17
CA LEU B 478 7.46 -62.14 54.83
C LEU B 478 6.16 -62.22 54.04
N THR B 479 5.89 -61.23 53.21
CA THR B 479 4.65 -61.26 52.43
C THR B 479 4.82 -62.03 51.13
N GLU B 480 6.02 -61.94 50.56
CA GLU B 480 6.32 -62.60 49.32
C GLU B 480 6.02 -64.09 49.47
N ILE B 481 6.11 -64.62 50.68
CA ILE B 481 5.83 -66.03 50.90
C ILE B 481 4.33 -66.27 50.74
N LYS B 482 3.51 -65.36 51.24
CA LYS B 482 2.07 -65.52 51.12
C LYS B 482 1.73 -65.70 49.65
N LYS B 483 2.40 -64.91 48.82
CA LYS B 483 2.24 -64.96 47.36
C LYS B 483 2.89 -66.25 46.91
N GLN B 484 2.84 -67.27 47.76
CA GLN B 484 3.45 -68.54 47.44
C GLN B 484 2.44 -69.64 47.74
N ILE B 485 1.59 -69.39 48.72
CA ILE B 485 0.58 -70.36 49.10
C ILE B 485 -0.61 -70.23 48.16
N PRO B 486 -1.05 -71.36 47.55
CA PRO B 486 -2.20 -71.35 46.63
C PRO B 486 -3.46 -70.87 47.35
N GLN B 487 -4.00 -69.76 46.85
CA GLN B 487 -5.17 -69.10 47.41
C GLN B 487 -6.26 -69.91 48.09
N LYS B 488 -6.34 -71.20 47.78
CA LYS B 488 -7.36 -72.03 48.41
C LYS B 488 -6.86 -72.65 49.71
N GLU B 489 -5.61 -73.09 49.72
CA GLU B 489 -5.07 -73.67 50.93
C GLU B 489 -5.08 -72.64 52.06
N TRP B 490 -4.45 -71.50 51.83
CA TRP B 490 -4.38 -70.45 52.85
C TRP B 490 -5.78 -70.06 53.25
N ASP B 491 -6.72 -70.36 52.36
CA ASP B 491 -8.13 -70.07 52.58
C ASP B 491 -8.73 -71.12 53.51
N LYS B 492 -8.76 -72.35 53.02
CA LYS B 492 -9.31 -73.44 53.81
C LYS B 492 -8.76 -73.47 55.25
N VAL B 493 -7.72 -72.67 55.49
CA VAL B 493 -7.11 -72.63 56.82
C VAL B 493 -7.68 -71.55 57.72
N VAL B 494 -7.78 -70.33 57.20
CA VAL B 494 -8.29 -69.20 57.98
C VAL B 494 -9.80 -69.28 58.23
N ASN B 495 -10.52 -69.93 57.30
CA ASN B 495 -11.97 -70.09 57.43
C ASN B 495 -12.26 -71.18 58.46
N THR B 496 -11.46 -71.20 59.53
CA THR B 496 -11.59 -72.18 60.61
C THR B 496 -12.02 -71.48 61.89
N PRO B 497 -12.80 -72.18 62.72
CA PRO B 497 -13.31 -71.65 64.00
C PRO B 497 -12.28 -71.52 65.11
N ASN B 498 -11.70 -72.64 65.50
CA ASN B 498 -10.71 -72.69 66.57
C ASN B 498 -9.62 -71.62 66.46
N SER B 499 -9.68 -70.63 67.35
CA SER B 499 -8.70 -69.54 67.38
C SER B 499 -7.27 -70.08 67.49
N LEU B 500 -7.11 -71.17 68.23
CA LEU B 500 -5.80 -71.76 68.44
C LEU B 500 -5.31 -72.52 67.22
N GLU B 501 -6.20 -73.28 66.62
CA GLU B 501 -5.89 -74.09 65.45
C GLU B 501 -5.72 -73.24 64.21
N LYS B 502 -6.30 -72.04 64.22
CA LYS B 502 -6.18 -71.15 63.08
C LYS B 502 -4.77 -70.59 63.03
N GLN B 503 -4.03 -70.78 64.12
CA GLN B 503 -2.65 -70.32 64.19
C GLN B 503 -1.81 -71.49 63.68
N LYS B 504 -1.95 -72.62 64.37
CA LYS B 504 -1.22 -73.81 64.00
C LYS B 504 -1.32 -73.96 62.50
N GLY B 505 -2.55 -73.87 61.97
CA GLY B 505 -2.76 -74.00 60.55
C GLY B 505 -1.89 -73.02 59.77
N VAL B 506 -1.90 -71.75 60.19
CA VAL B 506 -1.12 -70.73 59.53
C VAL B 506 0.35 -71.09 59.57
N THR B 507 0.90 -71.13 60.78
CA THR B 507 2.31 -71.46 61.01
C THR B 507 2.78 -72.62 60.12
N ASN B 508 2.02 -73.72 60.10
CA ASN B 508 2.39 -74.84 59.26
C ASN B 508 2.44 -74.43 57.82
N LEU B 509 1.54 -73.54 57.41
CA LEU B 509 1.53 -73.05 56.05
C LEU B 509 2.84 -72.26 55.79
N LEU B 510 3.12 -71.34 56.71
CA LEU B 510 4.32 -70.51 56.66
C LEU B 510 5.51 -71.45 56.54
N ILE B 511 5.47 -72.53 57.32
CA ILE B 511 6.52 -73.57 57.34
C ILE B 511 6.58 -74.34 56.03
N LYS B 512 5.45 -74.91 55.63
CA LYS B 512 5.37 -75.68 54.39
C LYS B 512 5.74 -74.88 53.14
N TYR B 513 5.36 -73.62 53.09
CA TYR B 513 5.69 -72.80 51.93
C TYR B 513 6.87 -71.91 52.08
N GLY B 514 7.39 -71.79 53.29
CA GLY B 514 8.49 -70.88 53.47
C GLY B 514 9.78 -71.36 54.09
N ILE B 515 9.65 -72.08 55.21
CA ILE B 515 10.82 -72.57 55.94
C ILE B 515 11.37 -73.94 55.48
N GLU B 516 10.46 -74.86 55.17
CA GLU B 516 10.85 -76.21 54.75
C GLU B 516 11.95 -76.23 53.70
N ARG B 517 12.79 -77.24 53.82
CA ARG B 517 13.92 -77.42 52.92
C ARG B 517 14.11 -78.91 52.57
N LYS B 518 13.83 -79.26 51.32
CA LYS B 518 13.99 -80.63 50.87
C LYS B 518 15.36 -80.70 50.22
N PRO B 519 15.91 -81.91 50.05
CA PRO B 519 17.22 -82.04 49.42
C PRO B 519 17.05 -81.98 47.90
N ASP B 520 18.10 -82.28 47.16
CA ASP B 520 17.96 -82.20 45.73
C ASP B 520 19.06 -82.90 44.96
N SER B 521 18.61 -83.52 43.89
CA SER B 521 19.43 -84.28 42.96
C SER B 521 20.58 -83.44 42.43
N THR B 522 20.30 -82.18 42.10
CA THR B 522 21.32 -81.31 41.55
C THR B 522 21.67 -80.03 42.30
N LYS B 523 20.67 -79.31 42.82
CA LYS B 523 20.95 -78.02 43.47
C LYS B 523 21.22 -77.95 44.96
N GLY B 524 21.78 -79.03 45.51
CA GLY B 524 22.09 -79.08 46.93
C GLY B 524 20.84 -79.29 47.75
N THR B 525 20.77 -78.64 48.90
CA THR B 525 19.61 -78.73 49.79
C THR B 525 19.05 -77.33 49.87
N LEU B 526 17.88 -77.09 49.30
CA LEU B 526 17.34 -75.75 49.37
C LEU B 526 15.84 -75.72 49.31
N SER B 527 15.30 -74.56 49.65
CA SER B 527 13.89 -74.34 49.68
C SER B 527 13.35 -74.46 48.29
N ASN B 528 12.05 -74.31 48.14
CA ASN B 528 11.42 -74.35 46.83
C ASN B 528 11.51 -72.96 46.19
N TRP B 529 11.02 -71.94 46.88
CA TRP B 529 11.12 -70.59 46.34
C TRP B 529 12.61 -70.31 46.17
N GLN B 530 13.43 -70.87 47.04
CA GLN B 530 14.85 -70.65 46.95
C GLN B 530 15.32 -71.08 45.58
N LYS B 531 14.76 -72.16 45.07
CA LYS B 531 15.16 -72.61 43.75
C LYS B 531 14.63 -71.60 42.75
N GLN B 532 13.34 -71.32 42.82
CA GLN B 532 12.76 -70.36 41.89
C GLN B 532 13.60 -69.08 41.88
N MET B 533 14.02 -68.62 43.05
CA MET B 533 14.85 -67.44 43.14
C MET B 533 16.15 -67.77 42.43
N LEU B 534 16.69 -68.94 42.73
CA LEU B 534 17.94 -69.37 42.14
C LEU B 534 17.87 -69.34 40.63
N ASP B 535 16.69 -69.50 40.06
CA ASP B 535 16.59 -69.47 38.62
C ASP B 535 16.68 -68.02 38.16
N ARG B 536 15.70 -67.20 38.55
CA ARG B 536 15.67 -65.78 38.18
C ARG B 536 17.02 -65.09 38.23
N LEU B 537 17.90 -65.56 39.11
CA LEU B 537 19.23 -64.97 39.20
C LEU B 537 20.02 -65.35 37.97
N ASN B 538 20.02 -66.65 37.65
CA ASN B 538 20.75 -67.15 36.48
C ASN B 538 20.23 -66.61 35.16
N GLU B 539 18.91 -66.60 34.98
CA GLU B 539 18.31 -66.11 33.73
C GLU B 539 18.51 -64.60 33.64
N ALA B 540 18.70 -63.95 34.79
CA ALA B 540 18.89 -62.53 34.80
C ALA B 540 20.30 -62.21 34.34
N VAL B 541 21.27 -63.00 34.77
CA VAL B 541 22.65 -62.76 34.37
C VAL B 541 22.95 -63.40 33.04
N LYS B 542 21.88 -63.77 32.32
CA LYS B 542 22.04 -64.38 31.01
C LYS B 542 21.59 -63.40 29.94
N TYR B 543 20.52 -62.64 30.21
CA TYR B 543 20.00 -61.64 29.26
C TYR B 543 20.95 -60.45 29.32
N THR B 544 22.05 -60.66 30.07
CA THR B 544 23.07 -59.64 30.25
C THR B 544 24.19 -59.94 29.27
N GLY B 545 24.48 -61.22 29.08
CA GLY B 545 25.54 -61.61 28.15
C GLY B 545 26.48 -62.70 28.61
N TYR B 546 26.04 -63.54 29.55
CA TYR B 546 26.88 -64.64 30.07
C TYR B 546 26.68 -65.84 29.16
N THR B 547 27.75 -66.61 28.96
CA THR B 547 27.74 -67.80 28.09
C THR B 547 28.20 -69.08 28.77
N GLY B 548 28.17 -69.12 30.09
CA GLY B 548 28.60 -70.32 30.80
C GLY B 548 27.46 -70.98 31.54
N GLY B 549 26.25 -70.53 31.23
CA GLY B 549 25.08 -71.10 31.86
C GLY B 549 24.64 -70.39 33.12
N ASP B 550 24.58 -71.15 34.22
CA ASP B 550 24.18 -70.64 35.54
C ASP B 550 25.41 -70.17 36.32
N VAL B 551 25.21 -69.23 37.23
CA VAL B 551 26.32 -68.73 38.00
C VAL B 551 26.06 -68.92 39.50
N VAL B 552 24.93 -69.54 39.80
CA VAL B 552 24.53 -69.87 41.17
C VAL B 552 24.03 -71.31 41.05
N ASN B 553 24.80 -72.25 41.58
CA ASN B 553 24.49 -73.67 41.43
C ASN B 553 23.77 -74.49 42.52
N HIS B 554 23.69 -73.97 43.74
CA HIS B 554 23.08 -74.70 44.84
C HIS B 554 22.49 -73.76 45.90
N GLY B 555 21.74 -74.36 46.83
CA GLY B 555 21.11 -73.62 47.91
C GLY B 555 22.03 -72.73 48.72
N THR B 556 21.45 -72.03 49.69
CA THR B 556 22.16 -71.09 50.54
C THR B 556 23.04 -71.67 51.61
N GLU B 557 24.24 -71.13 51.74
CA GLU B 557 25.20 -71.59 52.74
C GLU B 557 24.60 -71.88 54.12
N GLN B 558 23.41 -71.37 54.40
CA GLN B 558 22.74 -71.57 55.69
C GLN B 558 22.09 -72.94 55.73
N ASP B 559 22.58 -73.82 54.86
CA ASP B 559 22.14 -75.20 54.76
C ASP B 559 23.35 -76.08 54.62
N ASN B 560 24.48 -75.42 54.50
CA ASN B 560 25.72 -76.12 54.42
C ASN B 560 26.00 -76.51 55.88
N GLU B 561 25.13 -77.37 56.41
CA GLU B 561 25.23 -77.89 57.79
C GLU B 561 26.50 -78.73 57.99
N GLU B 562 26.82 -79.51 56.96
CA GLU B 562 27.99 -80.36 56.90
C GLU B 562 29.32 -79.63 57.11
N PHE B 563 29.73 -78.85 56.09
CA PHE B 563 31.00 -78.13 56.18
C PHE B 563 30.84 -76.62 56.13
N PRO B 564 30.07 -76.07 57.08
CA PRO B 564 29.79 -74.63 57.21
C PRO B 564 31.06 -73.83 57.30
N GLU B 565 31.10 -72.65 56.67
CA GLU B 565 32.30 -71.80 56.71
C GLU B 565 31.95 -70.39 57.18
N LYS B 566 32.79 -69.85 58.05
CA LYS B 566 32.57 -68.52 58.64
C LYS B 566 33.23 -67.37 57.89
N ASP B 567 32.48 -66.72 57.01
CA ASP B 567 33.02 -65.59 56.25
C ASP B 567 32.81 -64.29 56.97
N ASN B 568 33.86 -63.49 57.03
CA ASN B 568 33.75 -62.22 57.69
C ASN B 568 32.90 -61.33 56.84
N GLU B 569 33.47 -60.79 55.78
CA GLU B 569 32.74 -59.90 54.90
C GLU B 569 31.62 -60.62 54.11
N ILE B 570 30.47 -59.97 53.99
CA ILE B 570 29.35 -60.54 53.27
C ILE B 570 28.65 -59.46 52.46
N PHE B 571 28.65 -59.62 51.15
CA PHE B 571 27.99 -58.69 50.26
C PHE B 571 26.48 -58.98 50.39
N ILE B 572 25.66 -57.94 50.52
CA ILE B 572 24.20 -58.07 50.63
C ILE B 572 23.58 -57.17 49.58
N ILE B 573 22.29 -57.31 49.30
CA ILE B 573 21.65 -56.48 48.31
C ILE B 573 20.21 -56.21 48.72
N ASN B 574 19.94 -55.17 49.52
CA ASN B 574 18.57 -54.93 49.97
C ASN B 574 17.56 -54.88 48.85
N PRO B 575 16.29 -55.15 49.17
CA PRO B 575 15.19 -55.15 48.20
C PRO B 575 14.98 -53.86 47.44
N GLU B 576 16.01 -53.02 47.44
CA GLU B 576 15.94 -51.73 46.77
C GLU B 576 16.98 -51.55 45.68
N GLY B 577 18.18 -52.05 45.92
CA GLY B 577 19.22 -51.95 44.92
C GLY B 577 20.52 -51.38 45.44
N GLU B 578 20.71 -51.45 46.75
CA GLU B 578 21.92 -50.94 47.36
C GLU B 578 22.85 -52.09 47.72
N PHE B 579 24.11 -51.98 47.31
CA PHE B 579 25.09 -53.03 47.61
C PHE B 579 25.71 -52.71 48.95
N ILE B 580 25.58 -53.63 49.88
CA ILE B 580 26.12 -53.44 51.21
C ILE B 580 27.02 -54.60 51.55
N LEU B 581 28.25 -54.32 51.92
CA LEU B 581 29.15 -55.38 52.28
C LEU B 581 29.48 -55.26 53.74
N THR B 582 29.01 -56.19 54.56
CA THR B 582 29.33 -56.12 55.98
C THR B 582 30.84 -56.34 56.19
N LYS B 583 31.29 -56.39 57.43
CA LYS B 583 32.71 -56.57 57.72
C LYS B 583 33.00 -57.57 58.85
N ASN B 584 31.98 -57.97 59.58
CA ASN B 584 32.18 -58.90 60.67
C ASN B 584 31.21 -60.04 60.64
N TRP B 585 31.48 -61.05 61.45
CA TRP B 585 30.58 -62.18 61.55
C TRP B 585 29.48 -61.64 62.43
N GLU B 586 29.87 -60.71 63.29
CA GLU B 586 28.96 -60.05 64.23
C GLU B 586 28.15 -59.02 63.48
N MET B 587 28.83 -58.05 62.89
CA MET B 587 28.15 -57.03 62.14
C MET B 587 27.13 -57.72 61.26
N THR B 588 27.58 -58.77 60.57
CA THR B 588 26.74 -59.53 59.67
C THR B 588 25.55 -60.03 60.42
N GLY B 589 25.78 -60.61 61.58
CA GLY B 589 24.67 -61.12 62.36
C GLY B 589 23.85 -59.97 62.92
N ARG B 590 24.50 -58.82 63.04
CA ARG B 590 23.93 -57.59 63.57
C ARG B 590 23.09 -56.89 62.50
N PHE B 591 23.57 -56.91 61.27
CA PHE B 591 22.84 -56.27 60.18
C PHE B 591 21.61 -57.07 59.82
N ILE B 592 21.63 -58.37 60.13
CA ILE B 592 20.47 -59.19 59.80
C ILE B 592 19.37 -58.98 60.83
N GLU B 593 19.77 -58.81 62.10
CA GLU B 593 18.81 -58.58 63.18
C GLU B 593 18.05 -57.28 62.96
N LYS B 594 18.82 -56.23 62.67
CA LYS B 594 18.29 -54.89 62.47
C LYS B 594 17.47 -54.67 61.20
N ASN B 595 17.99 -55.10 60.05
CA ASN B 595 17.28 -54.90 58.78
C ASN B 595 16.50 -56.06 58.21
N ILE B 596 16.84 -57.29 58.60
CA ILE B 596 16.12 -58.45 58.09
C ILE B 596 15.20 -59.02 59.16
N THR B 597 15.78 -59.80 60.08
CA THR B 597 15.00 -60.39 61.16
C THR B 597 13.87 -59.46 61.58
N GLY B 598 14.20 -58.45 62.38
CA GLY B 598 13.22 -57.53 62.89
C GLY B 598 12.73 -56.44 61.92
N LYS B 599 12.60 -56.72 60.65
CA LYS B 599 12.03 -55.83 59.66
C LYS B 599 11.03 -56.82 59.12
N ASP B 600 10.39 -56.79 58.04
CA ASP B 600 9.55 -57.98 58.05
C ASP B 600 9.96 -59.01 57.05
N TYR B 601 11.12 -59.66 57.26
CA TYR B 601 11.66 -60.65 56.33
C TYR B 601 11.93 -62.04 56.93
N LEU B 602 11.49 -63.07 56.20
CA LEU B 602 11.68 -64.43 56.66
C LEU B 602 13.12 -64.85 56.52
N TYR B 603 13.82 -65.04 57.63
CA TYR B 603 15.20 -65.49 57.56
C TYR B 603 15.31 -66.68 58.48
N TYR B 604 16.25 -67.57 58.22
CA TYR B 604 16.47 -68.73 59.10
C TYR B 604 17.95 -69.01 59.10
N PHE B 605 18.52 -69.23 60.27
CA PHE B 605 19.96 -69.44 60.35
C PHE B 605 20.38 -70.89 60.47
N ASN B 606 21.57 -71.14 59.91
CA ASN B 606 22.16 -72.47 59.84
C ASN B 606 21.97 -73.40 61.00
N ARG B 607 21.32 -74.52 60.68
CA ARG B 607 21.00 -75.51 61.69
C ARG B 607 22.20 -75.88 62.50
N SER B 608 23.39 -75.82 61.91
CA SER B 608 24.55 -76.22 62.67
C SER B 608 25.25 -75.12 63.42
N TYR B 609 24.62 -73.96 63.52
CA TYR B 609 25.23 -72.87 64.26
C TYR B 609 25.01 -73.16 65.74
N ASN B 610 26.07 -72.97 66.52
CA ASN B 610 26.05 -73.22 67.96
C ASN B 610 26.31 -74.68 68.30
N LYS B 611 26.40 -75.53 67.30
CA LYS B 611 26.67 -76.93 67.54
C LYS B 611 27.98 -77.20 66.84
N ILE B 612 28.49 -78.42 66.93
CA ILE B 612 29.74 -78.74 66.25
C ILE B 612 29.28 -79.41 64.97
N ALA B 613 29.71 -78.87 63.82
CA ALA B 613 29.31 -79.43 62.54
C ALA B 613 30.10 -80.68 62.19
N PRO B 614 29.43 -81.83 62.08
CA PRO B 614 30.00 -83.15 61.77
C PRO B 614 31.20 -83.17 60.84
N GLY B 615 30.98 -82.78 59.59
CA GLY B 615 32.03 -82.77 58.58
C GLY B 615 33.35 -82.12 58.97
N ASN B 616 33.36 -80.80 59.05
CA ASN B 616 34.59 -80.10 59.42
C ASN B 616 34.69 -79.93 60.93
N LYS B 617 33.77 -80.57 61.65
CA LYS B 617 33.75 -80.51 63.11
C LYS B 617 34.01 -79.07 63.60
N ALA B 618 33.20 -78.13 63.12
CA ALA B 618 33.37 -76.72 63.48
C ALA B 618 32.20 -76.14 64.29
N TYR B 619 32.55 -75.19 65.15
CA TYR B 619 31.59 -74.53 66.01
C TYR B 619 31.47 -73.05 65.60
N ILE B 620 30.31 -72.67 65.07
CA ILE B 620 30.09 -71.29 64.66
C ILE B 620 28.90 -70.70 65.45
N GLU B 621 29.20 -69.70 66.26
CA GLU B 621 28.22 -69.04 67.12
C GLU B 621 27.28 -68.08 66.40
N TRP B 622 26.01 -68.06 66.83
CA TRP B 622 24.97 -67.19 66.24
C TRP B 622 23.82 -66.98 67.23
N THR B 623 23.71 -65.76 67.78
CA THR B 623 22.65 -65.41 68.73
C THR B 623 21.30 -66.08 68.53
N ASP B 624 21.02 -67.10 69.33
CA ASP B 624 19.76 -67.81 69.27
C ASP B 624 18.95 -67.34 70.48
N PRO B 625 17.86 -66.61 70.23
CA PRO B 625 16.99 -66.08 71.27
C PRO B 625 16.39 -67.18 72.10
N ILE B 626 16.05 -68.31 71.50
CA ILE B 626 15.46 -69.34 72.33
C ILE B 626 16.41 -69.63 73.48
N THR B 627 17.66 -69.87 73.14
CA THR B 627 18.68 -70.14 74.13
C THR B 627 18.75 -68.96 75.11
N LYS B 628 18.48 -67.76 74.63
CA LYS B 628 18.49 -66.55 75.47
C LYS B 628 17.66 -66.82 76.74
N ALA B 629 16.41 -67.21 76.52
CA ALA B 629 15.45 -67.48 77.57
C ALA B 629 15.56 -68.83 78.22
N LYS B 630 16.59 -69.60 77.90
CA LYS B 630 16.67 -70.91 78.53
C LYS B 630 16.99 -70.75 80.01
N ILE B 631 17.88 -69.81 80.34
CA ILE B 631 18.26 -69.61 81.72
C ILE B 631 17.09 -69.49 82.69
N ASN B 632 15.98 -68.91 82.26
CA ASN B 632 14.82 -68.75 83.15
C ASN B 632 13.67 -69.64 82.74
N THR B 633 13.96 -70.84 82.29
CA THR B 633 12.87 -71.75 81.92
C THR B 633 13.01 -73.12 82.54
N ILE B 634 11.95 -73.57 83.21
CA ILE B 634 12.00 -74.89 83.85
C ILE B 634 12.05 -75.89 82.71
N PRO B 635 12.96 -76.87 82.80
CA PRO B 635 13.11 -77.89 81.77
C PRO B 635 11.89 -78.77 81.57
N THR B 636 11.92 -79.53 80.49
CA THR B 636 10.85 -80.45 80.14
C THR B 636 11.21 -81.89 80.52
N SER B 637 10.19 -82.71 80.76
CA SER B 637 10.42 -84.11 81.12
C SER B 637 11.51 -84.64 80.22
N ALA B 638 11.25 -84.55 78.92
CA ALA B 638 12.18 -85.04 77.90
C ALA B 638 13.48 -84.27 77.77
N GLU B 639 13.47 -82.99 78.11
CA GLU B 639 14.70 -82.25 78.00
C GLU B 639 15.58 -82.82 79.11
N PHE B 640 14.91 -83.18 80.20
CA PHE B 640 15.57 -83.74 81.38
C PHE B 640 16.10 -85.13 81.16
N ILE B 641 15.20 -86.06 80.86
CA ILE B 641 15.63 -87.41 80.61
C ILE B 641 16.84 -87.32 79.68
N LYS B 642 16.67 -86.66 78.54
CA LYS B 642 17.74 -86.50 77.57
C LYS B 642 19.08 -86.20 78.22
N ASN B 643 19.19 -85.07 78.93
CA ASN B 643 20.44 -84.69 79.60
C ASN B 643 21.03 -85.79 80.46
N LEU B 644 20.16 -86.57 81.11
CA LEU B 644 20.63 -87.69 81.92
C LEU B 644 21.24 -88.64 80.90
N SER B 645 20.43 -89.06 79.94
CA SER B 645 20.88 -89.94 78.88
C SER B 645 22.23 -89.52 78.31
N SER B 646 22.53 -88.24 78.40
CA SER B 646 23.80 -87.78 77.88
C SER B 646 24.93 -88.13 78.81
N ILE B 647 24.95 -87.50 79.98
CA ILE B 647 26.00 -87.74 80.97
C ILE B 647 26.33 -89.22 81.14
N ARG B 648 25.35 -90.08 80.85
CA ARG B 648 25.55 -91.51 80.95
C ARG B 648 26.68 -91.79 79.99
N ARG B 649 26.44 -91.54 78.71
CA ARG B 649 27.44 -91.78 77.69
C ARG B 649 28.75 -90.98 77.92
N SER B 650 28.75 -90.15 78.95
CA SER B 650 29.92 -89.33 79.26
C SER B 650 30.73 -89.94 80.41
N SER B 651 30.27 -89.67 81.64
CA SER B 651 30.80 -90.46 82.71
C SER B 651 30.07 -91.73 82.40
N ASN B 652 30.77 -92.83 82.29
CA ASN B 652 30.04 -94.08 81.99
C ASN B 652 29.19 -94.53 83.16
N VAL B 653 28.62 -93.64 83.94
CA VAL B 653 27.80 -94.05 85.04
C VAL B 653 26.51 -93.29 85.11
N GLY B 654 25.38 -93.96 85.17
CA GLY B 654 24.11 -93.25 85.21
C GLY B 654 23.63 -92.88 86.61
N VAL B 655 22.73 -91.92 86.69
CA VAL B 655 22.20 -91.46 87.98
C VAL B 655 21.91 -92.60 88.90
N TYR B 656 21.32 -93.66 88.36
CA TYR B 656 21.00 -94.82 89.17
C TYR B 656 21.56 -96.06 88.51
N LYS B 657 22.18 -96.93 89.31
CA LYS B 657 22.75 -98.14 88.77
C LYS B 657 21.76 -99.29 88.87
N ASP B 658 21.95 -100.31 88.04
CA ASP B 658 21.08 -101.48 88.10
C ASP B 658 21.80 -102.34 89.13
N SER B 659 21.34 -102.28 90.37
CA SER B 659 21.97 -103.02 91.47
C SER B 659 20.97 -103.41 92.52
N GLY B 660 21.48 -104.01 93.59
CA GLY B 660 20.64 -104.45 94.69
C GLY B 660 20.53 -103.40 95.77
N ASP B 661 21.51 -102.50 95.87
CA ASP B 661 21.48 -101.45 96.89
C ASP B 661 20.09 -100.88 96.79
N LYS B 662 19.44 -100.63 97.91
CA LYS B 662 18.09 -100.10 97.84
C LYS B 662 18.13 -98.62 97.82
N ASP B 663 19.32 -98.05 97.79
CA ASP B 663 19.39 -96.61 97.74
C ASP B 663 19.44 -96.18 96.30
N GLU B 664 20.02 -97.02 95.47
CA GLU B 664 20.10 -96.76 94.06
C GLU B 664 18.64 -96.64 93.62
N PHE B 665 17.85 -97.65 93.97
CA PHE B 665 16.43 -97.63 93.64
C PHE B 665 15.89 -96.27 94.08
N ALA B 666 15.99 -95.98 95.37
CA ALA B 666 15.55 -94.71 95.91
C ALA B 666 15.79 -93.62 94.89
N LYS B 667 17.06 -93.41 94.57
CA LYS B 667 17.48 -92.40 93.60
C LYS B 667 16.67 -92.56 92.34
N LYS B 668 16.64 -93.76 91.78
CA LYS B 668 15.85 -94.00 90.57
C LYS B 668 14.45 -93.45 90.82
N GLU B 669 13.69 -94.13 91.68
CA GLU B 669 12.32 -93.74 92.00
C GLU B 669 12.19 -92.23 92.05
N SER B 670 13.21 -91.59 92.61
CA SER B 670 13.22 -90.15 92.75
C SER B 670 13.25 -89.37 91.44
N VAL B 671 14.12 -89.74 90.51
CA VAL B 671 14.18 -89.01 89.26
C VAL B 671 12.89 -89.27 88.50
N LYS B 672 12.32 -90.46 88.65
CA LYS B 672 11.09 -90.75 87.95
C LYS B 672 10.06 -89.78 88.50
N LYS B 673 10.34 -89.24 89.71
CA LYS B 673 9.42 -88.30 90.35
C LYS B 673 9.56 -86.89 89.79
N ILE B 674 10.80 -86.46 89.52
CA ILE B 674 11.03 -85.15 88.95
C ILE B 674 10.55 -85.19 87.51
N ALA B 675 10.79 -86.32 86.86
CA ALA B 675 10.39 -86.50 85.48
C ALA B 675 8.92 -86.19 85.38
N GLY B 676 8.19 -86.43 86.46
CA GLY B 676 6.76 -86.11 86.45
C GLY B 676 6.60 -84.61 86.62
N TYR B 677 6.80 -84.15 87.86
CA TYR B 677 6.71 -82.74 88.23
C TYR B 677 7.03 -81.83 87.04
N LEU B 678 8.13 -82.07 86.35
CA LEU B 678 8.45 -81.25 85.21
C LEU B 678 7.33 -81.43 84.20
N SER B 679 7.14 -82.66 83.76
CA SER B 679 6.10 -82.94 82.78
C SER B 679 4.77 -82.37 83.23
N ASP B 680 4.58 -82.20 84.52
CA ASP B 680 3.31 -81.69 85.02
C ASP B 680 3.23 -80.17 84.88
N TYR B 681 4.39 -79.50 84.90
CA TYR B 681 4.44 -78.05 84.77
C TYR B 681 3.82 -77.71 83.44
N TYR B 682 4.30 -78.38 82.40
CA TYR B 682 3.81 -78.16 81.05
C TYR B 682 2.55 -78.96 80.70
N ASN B 683 1.44 -78.66 81.37
CA ASN B 683 0.19 -79.36 81.07
C ASN B 683 -0.71 -78.49 80.23
N SER B 684 -1.26 -79.08 79.18
CA SER B 684 -2.12 -78.35 78.26
C SER B 684 -3.46 -77.98 78.84
N ALA B 685 -3.86 -78.63 79.93
CA ALA B 685 -5.13 -78.28 80.55
C ALA B 685 -4.94 -77.11 81.50
N ASN B 686 -3.80 -76.44 81.42
CA ASN B 686 -3.56 -75.28 82.27
C ASN B 686 -4.39 -74.16 81.65
N HIS B 687 -5.10 -74.48 80.56
CA HIS B 687 -5.91 -73.48 79.83
C HIS B 687 -7.28 -73.17 80.41
N ILE B 688 -7.90 -74.16 81.05
CA ILE B 688 -9.20 -73.96 81.66
C ILE B 688 -9.06 -73.21 82.97
N PHE B 689 -7.90 -72.61 83.18
CA PHE B 689 -7.66 -71.86 84.37
C PHE B 689 -7.46 -70.41 83.99
N SER B 690 -7.36 -69.56 85.00
CA SER B 690 -7.17 -68.13 84.79
C SER B 690 -5.70 -67.78 84.86
N GLN B 691 -5.28 -66.81 84.04
CA GLN B 691 -3.88 -66.41 84.01
C GLN B 691 -3.27 -66.44 85.41
N GLU B 692 -4.02 -65.92 86.39
CA GLU B 692 -3.58 -65.87 87.78
C GLU B 692 -3.15 -67.25 88.26
N LYS B 693 -4.11 -68.17 88.36
CA LYS B 693 -3.85 -69.52 88.83
C LYS B 693 -2.67 -70.13 88.08
N LYS B 694 -2.73 -70.11 86.75
CA LYS B 694 -1.66 -70.65 85.92
C LYS B 694 -0.31 -70.39 86.60
N ARG B 695 -0.08 -69.15 87.04
CA ARG B 695 1.20 -68.81 87.69
C ARG B 695 1.35 -69.56 88.99
N LYS B 696 0.32 -69.49 89.81
CA LYS B 696 0.35 -70.19 91.09
C LYS B 696 0.52 -71.69 90.80
N ILE B 697 -0.53 -72.31 90.29
CA ILE B 697 -0.51 -73.73 89.98
C ILE B 697 0.84 -74.21 89.46
N SER B 698 1.48 -73.41 88.62
CA SER B 698 2.78 -73.76 88.03
C SER B 698 3.95 -73.46 88.97
N ILE B 699 3.86 -72.38 89.74
CA ILE B 699 4.94 -72.09 90.67
C ILE B 699 5.08 -73.25 91.62
N PHE B 700 3.97 -73.90 91.93
CA PHE B 700 4.05 -75.03 92.83
C PHE B 700 4.71 -76.20 92.12
N ARG B 701 4.12 -76.60 91.00
CA ARG B 701 4.64 -77.70 90.20
C ARG B 701 6.14 -77.44 90.11
N GLY B 702 6.49 -76.20 89.83
CA GLY B 702 7.90 -75.86 89.74
C GLY B 702 8.56 -76.29 91.02
N ILE B 703 8.24 -75.57 92.10
CA ILE B 703 8.78 -75.83 93.45
C ILE B 703 8.88 -77.29 93.82
N GLN B 704 7.82 -78.04 93.53
CA GLN B 704 7.80 -79.47 93.82
C GLN B 704 9.03 -80.10 93.20
N ALA B 705 9.33 -79.69 91.98
CA ALA B 705 10.49 -80.18 91.26
C ALA B 705 11.76 -79.82 92.03
N TYR B 706 11.92 -78.53 92.31
CA TYR B 706 13.07 -78.02 93.05
C TYR B 706 13.27 -78.83 94.32
N ASN B 707 12.21 -79.51 94.76
CA ASN B 707 12.29 -80.30 95.96
C ASN B 707 12.94 -81.64 95.66
N GLU B 708 12.22 -82.54 95.00
CA GLU B 708 12.81 -83.84 94.69
C GLU B 708 14.21 -83.70 94.11
N ILE B 709 14.56 -82.50 93.69
CA ILE B 709 15.90 -82.27 93.18
C ILE B 709 16.73 -82.08 94.45
N GLU B 710 16.28 -81.15 95.28
CA GLU B 710 16.95 -80.83 96.54
C GLU B 710 17.13 -82.11 97.34
N ASN B 711 16.26 -83.08 97.09
CA ASN B 711 16.28 -84.36 97.78
C ASN B 711 17.43 -85.24 97.33
N VAL B 712 17.62 -85.34 96.02
CA VAL B 712 18.71 -86.17 95.51
C VAL B 712 20.08 -85.53 95.69
N LEU B 713 20.16 -84.22 95.54
CA LEU B 713 21.45 -83.52 95.68
C LEU B 713 22.01 -83.83 97.07
N LYS B 714 21.08 -84.16 97.98
CA LYS B 714 21.40 -84.51 99.35
C LYS B 714 21.09 -86.00 99.46
N SER B 715 21.63 -86.80 98.53
CA SER B 715 21.40 -88.25 98.52
C SER B 715 22.66 -89.05 98.84
N LYS B 716 22.74 -90.22 98.20
CA LYS B 716 23.88 -91.10 98.30
C LYS B 716 24.86 -90.62 97.27
N GLN B 717 25.71 -91.49 96.82
CA GLN B 717 26.78 -91.07 95.93
C GLN B 717 26.47 -90.84 94.46
N ILE B 718 25.53 -89.95 94.14
CA ILE B 718 25.27 -89.63 92.74
C ILE B 718 26.53 -88.90 92.33
N ALA B 719 27.19 -89.40 91.29
CA ALA B 719 28.42 -88.81 90.82
C ALA B 719 28.33 -87.29 90.77
N PRO B 720 29.46 -86.62 90.56
CA PRO B 720 29.38 -85.15 90.52
C PRO B 720 28.77 -84.71 89.19
N GLU B 721 29.12 -85.43 88.11
CA GLU B 721 28.60 -85.14 86.78
C GLU B 721 27.13 -84.80 86.92
N TYR B 722 26.43 -85.61 87.71
CA TYR B 722 25.02 -85.39 87.95
C TYR B 722 24.84 -84.41 89.08
N LYS B 723 25.78 -84.39 90.01
CA LYS B 723 25.66 -83.44 91.10
C LYS B 723 25.58 -82.06 90.47
N ASN B 724 26.40 -81.83 89.44
CA ASN B 724 26.44 -80.56 88.73
C ASN B 724 25.13 -80.25 88.00
N TYR B 725 24.77 -81.10 87.03
CA TYR B 725 23.53 -80.91 86.26
C TYR B 725 22.43 -80.48 87.21
N PHE B 726 22.11 -81.32 88.18
CA PHE B 726 21.08 -80.98 89.17
C PHE B 726 21.42 -79.58 89.74
N GLN B 727 22.68 -79.37 90.10
CA GLN B 727 23.06 -78.07 90.63
C GLN B 727 22.48 -77.01 89.72
N TYR B 728 22.52 -77.29 88.42
CA TYR B 728 22.05 -76.38 87.38
C TYR B 728 20.53 -76.38 87.20
N LEU B 729 19.92 -77.56 87.17
CA LEU B 729 18.47 -77.65 87.02
C LEU B 729 17.77 -76.81 88.07
N LYS B 730 18.49 -76.52 89.15
CA LYS B 730 17.92 -75.73 90.21
C LYS B 730 17.82 -74.29 89.78
N GLU B 731 18.96 -73.70 89.43
CA GLU B 731 18.97 -72.32 89.02
C GLU B 731 17.84 -72.08 88.01
N ARG B 732 17.56 -73.06 87.16
CA ARG B 732 16.47 -72.92 86.20
C ARG B 732 15.19 -72.74 87.00
N ILE B 733 14.63 -73.85 87.49
CA ILE B 733 13.40 -73.84 88.30
C ILE B 733 13.33 -72.52 89.02
N THR B 734 14.30 -72.31 89.90
CA THR B 734 14.39 -71.08 90.68
C THR B 734 14.02 -69.88 89.82
N ASN B 735 14.84 -69.59 88.82
CA ASN B 735 14.59 -68.45 87.93
C ASN B 735 13.15 -68.49 87.38
N GLN B 736 12.76 -69.63 86.83
CA GLN B 736 11.44 -69.79 86.26
C GLN B 736 10.42 -69.48 87.31
N VAL B 737 10.66 -69.98 88.51
CA VAL B 737 9.73 -69.77 89.60
C VAL B 737 9.79 -68.33 90.08
N GLN B 738 10.95 -67.71 89.94
CA GLN B 738 11.10 -66.32 90.36
C GLN B 738 10.34 -65.45 89.39
N LEU B 739 10.51 -65.74 88.11
CA LEU B 739 9.86 -65.02 87.03
C LEU B 739 8.34 -65.08 87.15
N LEU B 740 7.80 -66.26 87.44
CA LEU B 740 6.37 -66.42 87.59
C LEU B 740 5.86 -65.62 88.76
N LEU B 741 6.77 -65.18 89.60
CA LEU B 741 6.38 -64.40 90.75
C LEU B 741 6.35 -62.93 90.33
N THR B 742 7.48 -62.40 89.85
CA THR B 742 7.49 -61.01 89.44
C THR B 742 6.52 -60.68 88.31
N HIS B 743 5.62 -61.61 88.07
CA HIS B 743 4.70 -61.22 87.11
C HIS B 743 3.52 -60.71 87.93
N GLN B 744 3.34 -61.20 89.16
CA GLN B 744 2.12 -60.85 89.89
C GLN B 744 2.26 -60.05 91.24
N LYS B 745 2.88 -60.68 92.24
CA LYS B 745 3.13 -60.05 93.55
C LYS B 745 4.64 -60.29 93.94
N SER B 746 5.54 -59.24 93.86
CA SER B 746 7.04 -59.47 94.01
C SER B 746 7.83 -58.91 95.17
N ASN B 747 7.46 -59.27 96.38
CA ASN B 747 8.15 -58.84 97.56
C ASN B 747 8.76 -60.09 98.13
N ILE B 748 8.32 -61.14 97.55
CA ILE B 748 8.62 -62.52 97.93
C ILE B 748 9.80 -63.06 97.15
N GLU B 749 10.65 -63.81 97.82
CA GLU B 749 11.82 -64.38 97.18
C GLU B 749 11.74 -65.90 97.22
N PHE B 750 12.27 -66.53 96.19
CA PHE B 750 12.23 -67.97 96.13
C PHE B 750 12.75 -68.57 97.41
N LYS B 751 13.99 -68.23 97.75
CA LYS B 751 14.65 -68.74 98.96
C LYS B 751 13.73 -68.78 100.17
N LEU B 752 13.08 -67.64 100.43
CA LEU B 752 12.18 -67.51 101.56
C LEU B 752 10.91 -68.33 101.34
N LEU B 753 10.17 -67.99 100.28
CA LEU B 753 8.94 -68.68 99.96
C LEU B 753 9.10 -70.16 100.18
N TYR B 754 10.28 -70.68 99.87
CA TYR B 754 10.58 -72.10 100.04
C TYR B 754 10.55 -72.46 101.51
N LYS B 755 11.41 -71.79 102.28
CA LYS B 755 11.50 -72.01 103.73
C LYS B 755 10.12 -72.30 104.32
N GLN B 756 9.21 -71.33 104.15
CA GLN B 756 7.85 -71.41 104.67
C GLN B 756 7.02 -72.64 104.30
N LEU B 757 7.53 -73.53 103.45
CA LEU B 757 6.77 -74.72 103.07
C LEU B 757 7.12 -75.93 103.93
N ASN B 758 6.29 -76.97 103.85
CA ASN B 758 6.49 -78.18 104.63
C ASN B 758 6.32 -79.45 103.79
N PHE B 759 7.39 -79.88 103.13
CA PHE B 759 7.35 -81.08 102.29
C PHE B 759 7.91 -82.25 103.10
N THR B 760 7.15 -82.69 104.11
CA THR B 760 7.56 -83.81 104.97
C THR B 760 6.66 -85.04 104.76
N GLU B 761 5.59 -85.15 105.55
CA GLU B 761 4.69 -86.28 105.43
C GLU B 761 3.32 -85.93 104.86
N ASN B 762 2.96 -84.65 104.89
CA ASN B 762 1.67 -84.19 104.37
C ASN B 762 1.76 -82.97 103.45
N GLU B 763 1.38 -83.16 102.19
CA GLU B 763 1.40 -82.08 101.19
C GLU B 763 0.06 -81.36 101.17
N THR B 764 -0.99 -82.10 101.56
CA THR B 764 -2.36 -81.60 101.61
C THR B 764 -2.52 -80.09 101.79
N ASP B 765 -2.48 -79.63 103.03
CA ASP B 765 -2.63 -78.21 103.33
C ASP B 765 -1.43 -77.35 102.91
N ASN B 766 -0.33 -78.00 102.52
CA ASN B 766 0.87 -77.27 102.13
C ASN B 766 0.54 -76.36 100.96
N PHE B 767 -0.25 -76.86 100.00
CA PHE B 767 -0.63 -76.03 98.88
C PHE B 767 -1.49 -74.91 99.44
N GLU B 768 -2.39 -75.29 100.36
CA GLU B 768 -3.26 -74.31 100.99
C GLU B 768 -2.37 -73.25 101.65
N VAL B 769 -1.25 -73.70 102.22
CA VAL B 769 -0.30 -72.80 102.86
C VAL B 769 0.28 -71.88 101.82
N PHE B 770 0.64 -72.45 100.68
CA PHE B 770 1.21 -71.71 99.59
C PHE B 770 0.34 -70.53 99.15
N GLN B 771 -0.95 -70.79 98.97
CA GLN B 771 -1.89 -69.75 98.56
C GLN B 771 -1.73 -68.51 99.42
N LYS B 772 -1.90 -68.70 100.73
CA LYS B 772 -1.79 -67.60 101.69
C LYS B 772 -0.42 -66.94 101.68
N ILE B 773 0.58 -67.60 101.11
CA ILE B 773 1.90 -67.02 101.07
C ILE B 773 1.94 -65.87 100.08
N ILE B 774 0.88 -65.73 99.29
CA ILE B 774 0.80 -64.63 98.31
C ILE B 774 -0.45 -63.79 98.51
N ASP B 775 -0.38 -62.87 99.47
CA ASP B 775 -1.47 -61.95 99.81
C ASP B 775 -0.90 -60.74 100.55
N ASN C 41 -6.17 32.30 31.86
CA ASN C 41 -6.89 33.51 31.31
C ASN C 41 -5.95 34.53 30.66
N ASN C 42 -5.42 34.17 29.48
CA ASN C 42 -4.50 35.03 28.73
C ASN C 42 -5.11 36.37 28.36
N LEU C 43 -4.42 37.43 28.76
CA LEU C 43 -4.86 38.80 28.54
C LEU C 43 -4.69 39.40 27.15
N VAL C 44 -3.47 39.39 26.63
CA VAL C 44 -3.26 39.98 25.33
C VAL C 44 -3.45 39.04 24.15
N LYS C 45 -4.12 39.56 23.12
CA LYS C 45 -4.38 38.85 21.90
C LYS C 45 -3.74 39.63 20.76
N THR C 46 -2.98 38.94 19.90
CA THR C 46 -2.33 39.58 18.75
C THR C 46 -3.04 39.12 17.48
N GLU C 47 -3.78 40.03 16.87
CA GLU C 47 -4.55 39.68 15.69
C GLU C 47 -3.75 39.22 14.51
N PHE C 48 -3.09 40.25 13.80
CA PHE C 48 -2.31 39.92 12.61
C PHE C 48 -0.82 39.75 12.86
N THR C 49 -0.41 38.48 12.78
CA THR C 49 1.02 38.15 12.87
C THR C 49 1.55 38.43 11.45
N ASN C 50 1.37 39.69 11.03
CA ASN C 50 1.71 40.18 9.67
C ASN C 50 3.03 40.92 9.50
N GLU C 51 3.29 41.90 10.32
CA GLU C 51 4.57 42.57 10.20
C GLU C 51 5.65 41.61 10.73
N THR C 52 6.88 42.06 10.84
CA THR C 52 7.85 41.20 11.44
C THR C 52 7.86 41.66 12.90
N LEU C 53 9.00 41.46 13.60
CA LEU C 53 9.19 41.90 14.95
C LEU C 53 8.78 43.35 15.05
N ASP C 54 8.93 44.08 13.95
CA ASP C 54 8.57 45.50 13.96
C ASP C 54 7.20 45.75 14.61
N LYS C 55 6.20 44.92 14.31
CA LYS C 55 4.88 45.08 14.91
C LYS C 55 4.91 44.43 16.27
N ILE C 56 5.29 43.15 16.29
CA ILE C 56 5.38 42.37 17.52
C ILE C 56 6.22 43.12 18.53
N GLN C 57 7.50 43.25 18.21
CA GLN C 57 8.44 43.92 19.08
C GLN C 57 8.03 45.35 19.37
N GLN C 58 6.81 45.72 19.00
CA GLN C 58 6.31 47.07 19.29
C GLN C 58 5.17 46.94 20.31
N THR C 59 4.40 45.87 20.20
CA THR C 59 3.34 45.61 21.16
C THR C 59 4.01 45.16 22.45
N GLN C 60 5.20 44.55 22.33
CA GLN C 60 5.94 44.14 23.51
C GLN C 60 6.48 45.43 24.11
N ASP C 61 7.28 46.16 23.34
CA ASP C 61 7.84 47.43 23.82
C ASP C 61 6.72 48.25 24.43
N LEU C 62 5.49 47.80 24.24
CA LEU C 62 4.39 48.55 24.77
C LEU C 62 3.97 48.04 26.15
N LEU C 63 3.73 46.75 26.28
CA LEU C 63 3.29 46.19 27.55
C LEU C 63 4.38 46.12 28.61
N LYS C 64 5.63 45.96 28.18
CA LYS C 64 6.75 45.86 29.12
C LYS C 64 6.94 47.14 29.92
N LYS C 65 6.16 48.16 29.57
CA LYS C 65 6.24 49.43 30.24
C LYS C 65 5.09 49.60 31.25
N ILE C 66 3.97 48.93 30.99
CA ILE C 66 2.83 48.99 31.90
C ILE C 66 3.14 47.98 33.01
N PRO C 67 2.93 48.36 34.28
CA PRO C 67 3.20 47.51 35.44
C PRO C 67 2.41 46.20 35.48
N LYS C 68 3.13 45.10 35.35
CA LYS C 68 2.54 43.78 35.36
C LYS C 68 1.21 43.70 36.10
N ASP C 69 1.18 44.16 37.33
CA ASP C 69 -0.04 44.10 38.12
C ASP C 69 -1.20 44.89 37.53
N VAL C 70 -0.95 46.07 36.99
CA VAL C 70 -2.05 46.83 36.44
C VAL C 70 -2.73 45.96 35.39
N LEU C 71 -2.03 44.94 34.90
CA LEU C 71 -2.61 44.04 33.92
C LEU C 71 -3.46 43.04 34.70
N GLU C 72 -2.90 42.49 35.77
CA GLU C 72 -3.63 41.53 36.61
C GLU C 72 -4.92 42.18 37.13
N ILE C 73 -4.96 43.51 37.12
CA ILE C 73 -6.12 44.26 37.57
C ILE C 73 -7.09 44.24 36.41
N TYR C 74 -6.54 44.14 35.22
CA TYR C 74 -7.36 44.10 34.04
C TYR C 74 -7.94 42.70 33.92
N SER C 75 -7.09 41.72 33.70
CA SER C 75 -7.53 40.34 33.54
C SER C 75 -8.58 39.96 34.56
N GLU C 76 -8.49 40.57 35.75
CA GLU C 76 -9.45 40.27 36.80
C GLU C 76 -10.81 40.82 36.37
N LEU C 77 -10.81 42.05 35.88
CA LEU C 77 -12.05 42.67 35.42
C LEU C 77 -12.45 41.97 34.12
N GLY C 78 -11.96 40.73 33.96
CA GLY C 78 -12.28 39.96 32.77
C GLY C 78 -11.89 40.62 31.47
N GLY C 79 -11.03 41.64 31.54
CA GLY C 79 -10.60 42.32 30.34
C GLY C 79 -9.70 41.49 29.45
N GLU C 80 -9.42 42.01 28.25
CA GLU C 80 -8.58 41.34 27.28
C GLU C 80 -8.06 42.46 26.40
N ILE C 81 -6.76 42.57 26.16
CA ILE C 81 -6.29 43.65 25.31
C ILE C 81 -6.16 43.18 23.85
N TYR C 82 -6.66 43.97 22.92
CA TYR C 82 -6.60 43.59 21.52
C TYR C 82 -5.65 44.39 20.67
N PHE C 83 -4.64 43.71 20.13
CA PHE C 83 -3.68 44.37 19.26
C PHE C 83 -3.95 43.82 17.86
N THR C 84 -4.05 44.80 16.83
CA THR C 84 -4.33 44.33 15.48
C THR C 84 -3.35 44.95 14.49
N ASP C 85 -3.53 44.63 13.20
CA ASP C 85 -2.65 45.11 12.11
C ASP C 85 -3.14 46.46 11.51
N ILE C 86 -4.02 46.42 10.51
CA ILE C 86 -4.60 47.67 9.99
C ILE C 86 -6.10 47.59 9.99
N ASP C 87 -6.60 47.88 11.12
CA ASP C 87 -7.97 47.99 11.38
C ASP C 87 -8.03 49.30 12.14
N LEU C 88 -8.41 50.35 11.50
CA LEU C 88 -8.54 51.53 12.30
C LEU C 88 -9.98 51.66 12.71
N VAL C 89 -10.81 51.82 11.71
CA VAL C 89 -12.25 52.02 11.81
C VAL C 89 -12.99 50.83 12.40
N GLU C 90 -14.30 50.97 12.49
CA GLU C 90 -15.19 49.93 13.02
C GLU C 90 -15.01 48.71 12.14
N HIS C 91 -13.80 48.15 12.12
CA HIS C 91 -13.52 47.00 11.29
C HIS C 91 -13.14 45.79 12.11
N LYS C 92 -12.72 46.00 13.35
CA LYS C 92 -12.32 44.88 14.17
C LYS C 92 -13.49 43.97 14.48
N GLU C 93 -13.20 42.68 14.52
CA GLU C 93 -14.22 41.67 14.78
C GLU C 93 -14.90 41.81 16.13
N LEU C 94 -14.75 42.99 16.73
CA LEU C 94 -15.36 43.30 18.03
C LEU C 94 -15.56 44.81 18.16
N GLN C 95 -15.46 45.52 17.05
CA GLN C 95 -15.62 46.98 17.06
C GLN C 95 -16.93 47.51 16.50
N ASP C 96 -17.93 46.79 16.40
CA ASP C 96 -19.26 47.16 15.87
C ASP C 96 -20.15 47.80 17.00
N LEU C 97 -21.52 47.76 16.87
CA LEU C 97 -22.52 48.50 17.72
C LEU C 97 -23.03 48.03 19.09
N SER C 98 -22.26 48.13 20.15
CA SER C 98 -22.74 47.61 21.46
C SER C 98 -22.99 48.73 22.48
N GLU C 99 -21.96 49.07 23.17
CA GLU C 99 -21.99 50.20 24.05
C GLU C 99 -21.01 51.16 23.40
N GLU C 100 -21.44 51.94 22.41
CA GLU C 100 -20.49 52.81 21.77
C GLU C 100 -20.41 54.20 22.44
N GLU C 101 -20.22 55.07 21.65
CA GLU C 101 -20.10 56.47 22.07
C GLU C 101 -21.44 57.14 22.36
N LYS C 102 -21.71 57.38 23.65
CA LYS C 102 -22.93 58.02 24.12
C LYS C 102 -22.69 59.53 24.32
N ASN C 103 -21.98 60.01 25.41
CA ASN C 103 -21.62 61.40 25.73
C ASN C 103 -20.12 61.68 25.42
N SER C 104 -19.81 62.83 24.72
CA SER C 104 -18.49 63.26 24.20
C SER C 104 -17.52 63.93 25.18
N MET C 105 -16.72 63.14 25.77
CA MET C 105 -15.58 63.50 26.61
C MET C 105 -14.72 62.35 26.21
N ASN C 106 -13.81 62.50 25.29
CA ASN C 106 -13.17 61.31 24.81
C ASN C 106 -11.76 61.08 25.23
N SER C 107 -10.86 61.76 24.55
CA SER C 107 -9.45 61.65 24.81
C SER C 107 -9.08 62.61 25.92
N ARG C 108 -7.78 62.71 26.17
CA ARG C 108 -7.23 63.64 27.15
C ARG C 108 -8.11 64.88 27.21
N GLY C 109 -8.03 65.73 26.16
CA GLY C 109 -8.78 66.98 25.94
C GLY C 109 -10.09 66.50 25.29
N GLU C 110 -10.70 67.20 24.41
CA GLU C 110 -11.87 66.49 23.90
C GLU C 110 -11.97 66.61 22.41
N LYS C 111 -12.05 65.50 21.73
CA LYS C 111 -11.97 65.69 20.31
C LYS C 111 -13.10 64.97 19.56
N VAL C 112 -13.51 63.64 20.00
CA VAL C 112 -14.56 62.77 19.44
C VAL C 112 -14.54 62.47 17.93
N PRO C 113 -13.34 62.31 17.32
CA PRO C 113 -13.28 62.03 15.89
C PRO C 113 -13.08 60.54 15.59
N PHE C 114 -13.60 59.68 16.47
CA PHE C 114 -13.48 58.23 16.33
C PHE C 114 -12.67 57.80 15.11
N ALA C 115 -13.30 57.88 13.94
CA ALA C 115 -12.66 57.49 12.68
C ALA C 115 -11.15 57.40 12.76
N SER C 116 -10.49 58.56 12.87
CA SER C 116 -9.04 58.65 12.94
C SER C 116 -8.33 57.86 14.05
N ARG C 117 -9.08 57.45 15.07
CA ARG C 117 -8.53 56.70 16.21
C ARG C 117 -7.81 55.37 15.93
N PHE C 118 -6.97 54.97 16.89
CA PHE C 118 -6.21 53.72 16.81
C PHE C 118 -6.26 52.95 18.13
N VAL C 119 -6.78 53.61 19.16
CA VAL C 119 -6.90 53.02 20.47
C VAL C 119 -8.31 53.17 20.96
N PHE C 120 -8.94 52.06 21.34
CA PHE C 120 -10.30 52.12 21.86
C PHE C 120 -10.60 51.12 22.97
N GLU C 121 -11.60 51.49 23.78
CA GLU C 121 -12.03 50.69 24.92
C GLU C 121 -13.56 50.49 24.94
N LYS C 122 -13.99 49.23 24.87
CA LYS C 122 -15.42 48.88 24.92
C LYS C 122 -15.75 49.00 26.42
N LYS C 123 -16.35 50.13 26.80
CA LYS C 123 -16.62 50.40 28.21
C LYS C 123 -17.55 49.56 29.09
N ARG C 124 -18.54 48.92 28.56
CA ARG C 124 -19.58 48.54 29.58
C ARG C 124 -19.65 47.37 30.58
N GLU C 125 -19.18 46.18 30.25
CA GLU C 125 -19.24 45.02 31.16
C GLU C 125 -17.83 44.59 31.46
N THR C 126 -17.35 43.73 30.60
CA THR C 126 -15.96 43.26 30.55
C THR C 126 -15.10 44.12 29.60
N PRO C 127 -14.28 45.02 30.16
CA PRO C 127 -13.42 45.91 29.37
C PRO C 127 -12.65 45.20 28.26
N LYS C 128 -12.65 45.83 27.10
CA LYS C 128 -11.97 45.30 25.93
C LYS C 128 -11.16 46.44 25.32
N LEU C 129 -9.86 46.41 25.51
CA LEU C 129 -8.99 47.44 24.96
C LEU C 129 -8.54 46.96 23.58
N ILE C 130 -8.66 47.82 22.58
CA ILE C 130 -8.27 47.46 21.22
C ILE C 130 -7.26 48.44 20.64
N ILE C 131 -6.15 47.91 20.17
CA ILE C 131 -5.07 48.73 19.65
C ILE C 131 -4.49 48.23 18.35
N ASN C 132 -4.25 49.17 17.45
CA ASN C 132 -3.66 48.82 16.17
C ASN C 132 -2.38 49.63 16.04
N ILE C 133 -1.40 49.07 15.35
CA ILE C 133 -0.16 49.77 15.15
C ILE C 133 0.14 49.77 13.66
N LYS C 134 0.78 50.82 13.17
CA LYS C 134 1.09 50.85 11.75
C LYS C 134 2.60 50.80 11.47
N ASP C 135 3.30 51.93 11.19
CA ASP C 135 4.69 51.74 10.94
C ASP C 135 5.53 52.13 12.13
N TYR C 136 6.80 52.06 11.89
CA TYR C 136 7.75 52.25 12.91
C TYR C 136 7.50 53.28 14.07
N ALA C 137 7.06 54.56 14.09
CA ALA C 137 7.31 55.07 15.51
C ALA C 137 6.52 56.10 16.37
N ILE C 138 6.30 55.59 17.60
CA ILE C 138 5.58 56.10 18.79
C ILE C 138 6.46 56.88 19.77
N ASN C 139 7.77 56.69 19.68
CA ASN C 139 8.82 57.23 20.53
C ASN C 139 9.33 58.65 20.22
N SER C 140 8.97 59.18 19.05
CA SER C 140 9.40 60.53 18.69
C SER C 140 8.58 61.54 19.51
N GLU C 141 7.27 61.55 19.30
CA GLU C 141 6.38 62.42 20.08
C GLU C 141 5.42 61.45 20.77
N GLN C 142 5.93 60.84 21.84
CA GLN C 142 5.19 59.87 22.65
C GLN C 142 3.80 60.36 23.04
N SER C 143 3.49 61.59 22.66
CA SER C 143 2.18 62.19 22.94
C SER C 143 1.09 61.36 22.27
N LYS C 144 1.50 60.25 21.64
CA LYS C 144 0.57 59.36 20.96
C LYS C 144 0.33 58.11 21.81
N GLU C 145 1.41 57.53 22.33
CA GLU C 145 1.30 56.34 23.15
C GLU C 145 0.60 56.66 24.47
N VAL C 146 0.69 57.92 24.89
CA VAL C 146 0.06 58.34 26.13
C VAL C 146 -1.40 57.90 26.15
N TYR C 147 -2.07 57.93 25.00
CA TYR C 147 -3.47 57.55 24.98
C TYR C 147 -3.69 56.07 25.14
N TYR C 148 -2.66 55.29 24.84
CA TYR C 148 -2.80 53.86 25.05
C TYR C 148 -2.53 53.67 26.53
N GLU C 149 -2.19 54.77 27.20
CA GLU C 149 -1.93 54.75 28.63
C GLU C 149 -3.17 55.21 29.40
N ILE C 150 -3.61 56.43 29.14
CA ILE C 150 -4.81 56.92 29.79
C ILE C 150 -5.93 56.11 29.17
N GLY C 151 -5.96 56.07 27.83
CA GLY C 151 -6.97 55.30 27.13
C GLY C 151 -7.14 54.01 27.89
N LYS C 152 -6.07 53.58 28.53
CA LYS C 152 -6.10 52.38 29.33
C LYS C 152 -6.62 52.77 30.70
N GLY C 153 -5.89 53.65 31.38
CA GLY C 153 -6.28 54.11 32.70
C GLY C 153 -7.77 54.17 32.94
N ILE C 154 -8.57 54.37 31.89
CA ILE C 154 -10.01 54.43 32.02
C ILE C 154 -10.55 53.03 32.33
N SER C 155 -9.64 52.07 32.44
CA SER C 155 -9.98 50.70 32.77
C SER C 155 -10.10 50.67 34.27
N LEU C 156 -9.01 51.02 34.91
CA LEU C 156 -8.91 50.98 36.39
C LEU C 156 -9.34 52.17 37.26
N ASP C 157 -9.72 53.28 36.72
CA ASP C 157 -10.13 54.36 37.59
C ASP C 157 -11.40 53.92 38.31
N ILE C 158 -12.42 54.17 37.63
CA ILE C 158 -13.81 53.92 38.00
C ILE C 158 -13.98 52.54 38.62
N ILE C 159 -12.89 51.79 38.64
CA ILE C 159 -12.87 50.44 39.18
C ILE C 159 -11.59 50.29 39.99
N SER C 160 -10.66 51.22 39.76
CA SER C 160 -9.37 51.20 40.45
C SER C 160 -9.55 51.32 41.95
N LYS C 161 -9.26 52.51 42.39
CA LYS C 161 -9.41 52.81 43.81
C LYS C 161 -10.15 54.12 43.88
N ASP C 162 -10.08 54.84 42.76
CA ASP C 162 -10.79 56.10 42.76
C ASP C 162 -12.17 55.79 43.30
N LYS C 163 -12.85 54.76 42.81
CA LYS C 163 -14.19 54.55 43.37
C LYS C 163 -14.64 53.08 43.64
N SER C 164 -13.93 52.02 43.17
CA SER C 164 -14.34 50.59 43.42
C SER C 164 -14.59 50.45 44.87
N LEU C 165 -13.50 50.28 45.64
CA LEU C 165 -13.77 50.56 47.01
C LEU C 165 -14.20 51.95 46.63
N ASP C 166 -14.74 52.75 47.51
CA ASP C 166 -15.17 54.06 47.00
C ASP C 166 -14.08 55.08 46.91
N PRO C 167 -14.44 56.31 46.49
CA PRO C 167 -13.42 57.31 46.58
C PRO C 167 -13.00 57.15 47.98
N GLU C 168 -11.94 56.53 48.34
CA GLU C 168 -11.77 56.54 49.79
C GLU C 168 -10.97 57.78 50.23
N PHE C 169 -11.22 58.37 51.39
CA PHE C 169 -10.44 59.54 51.80
C PHE C 169 -9.12 59.65 51.00
N LEU C 170 -8.43 58.53 50.85
CA LEU C 170 -7.17 58.50 50.09
C LEU C 170 -7.22 59.44 48.88
N ASN C 171 -8.10 59.14 47.93
CA ASN C 171 -8.23 59.96 46.73
C ASN C 171 -9.26 61.07 46.95
N LEU C 172 -10.09 60.92 47.97
CA LEU C 172 -11.09 61.94 48.26
C LEU C 172 -10.39 63.16 48.83
N ILE C 173 -9.33 62.93 49.59
CA ILE C 173 -8.55 64.02 50.19
C ILE C 173 -7.43 64.44 49.23
N LYS C 174 -6.95 63.49 48.44
CA LYS C 174 -5.87 63.74 47.48
C LYS C 174 -6.38 64.58 46.30
N SER C 175 -7.68 64.48 46.03
CA SER C 175 -8.30 65.26 44.96
C SER C 175 -8.45 66.66 45.57
N LEU C 176 -8.65 66.69 46.88
CA LEU C 176 -8.80 67.94 47.63
C LEU C 176 -7.51 68.75 47.60
N SER C 177 -6.40 68.10 47.25
CA SER C 177 -5.12 68.79 47.14
C SER C 177 -5.20 69.62 45.86
N ASP C 178 -6.40 70.08 45.50
CA ASP C 178 -6.61 70.94 44.38
C ASP C 178 -5.71 72.11 44.70
N ASP C 179 -5.98 72.67 45.87
CA ASP C 179 -5.20 73.81 46.26
C ASP C 179 -4.97 74.04 47.77
N SER C 180 -5.15 73.04 48.67
CA SER C 180 -5.03 73.42 50.09
C SER C 180 -3.83 72.89 50.90
N ASP C 181 -3.33 71.72 50.59
CA ASP C 181 -2.21 71.06 51.31
C ASP C 181 -0.82 71.68 51.04
N SER C 182 -0.27 71.37 49.86
CA SER C 182 1.05 71.85 49.44
C SER C 182 0.98 73.14 48.62
N SER C 183 2.09 73.90 48.63
CA SER C 183 2.19 75.16 47.89
C SER C 183 2.33 74.97 46.37
N ASP C 184 1.55 74.04 45.82
CA ASP C 184 1.57 73.77 44.39
C ASP C 184 0.12 73.74 43.83
N LEU C 185 -0.43 74.93 43.60
CA LEU C 185 -1.79 75.08 43.06
C LEU C 185 -1.74 74.82 41.56
N LEU C 186 -0.97 73.78 41.20
CA LEU C 186 -0.79 73.37 39.82
C LEU C 186 -1.55 72.06 39.56
N PHE C 187 -2.73 72.20 38.96
CA PHE C 187 -3.59 71.06 38.62
C PHE C 187 -4.24 71.41 37.30
N SER C 188 -3.58 72.31 36.57
CA SER C 188 -4.02 72.78 35.27
C SER C 188 -4.19 71.65 34.27
N GLN C 189 -3.36 70.60 34.41
CA GLN C 189 -3.36 69.45 33.51
C GLN C 189 -4.35 68.31 33.83
N LYS C 190 -5.40 68.61 34.58
CA LYS C 190 -6.40 67.61 34.93
C LYS C 190 -7.73 68.24 35.35
N PHE C 191 -7.69 69.53 35.68
CA PHE C 191 -8.89 70.25 36.10
C PHE C 191 -9.11 71.58 35.35
N LYS C 192 -9.94 71.55 34.31
CA LYS C 192 -10.21 72.76 33.54
C LYS C 192 -11.69 73.12 33.54
N GLU C 193 -12.38 72.68 32.50
CA GLU C 193 -13.80 72.98 32.33
C GLU C 193 -14.70 72.44 33.44
N LYS C 194 -14.22 71.44 34.17
CA LYS C 194 -15.03 70.86 35.24
C LYS C 194 -14.52 71.19 36.64
N LEU C 195 -13.30 71.72 36.72
CA LEU C 195 -12.73 72.12 38.00
C LEU C 195 -11.74 73.30 37.93
N GLU C 196 -12.11 74.31 37.16
CA GLU C 196 -11.32 75.53 37.09
C GLU C 196 -11.96 76.29 38.25
N LEU C 197 -12.83 75.54 38.94
CA LEU C 197 -13.59 75.99 40.10
C LEU C 197 -12.62 76.01 41.29
N ASN C 198 -11.72 76.98 41.28
CA ASN C 198 -10.71 77.15 42.34
C ASN C 198 -11.40 77.71 43.58
N ASN C 199 -12.67 78.11 43.39
CA ASN C 199 -13.47 78.68 44.46
C ASN C 199 -14.53 77.67 44.93
N LYS C 200 -14.08 76.61 45.59
CA LYS C 200 -14.96 75.56 46.11
C LYS C 200 -14.16 74.56 46.94
N SER C 201 -14.71 74.18 48.10
CA SER C 201 -14.06 73.21 48.99
C SER C 201 -14.51 71.81 48.53
N ILE C 202 -13.69 71.18 47.69
CA ILE C 202 -13.98 69.88 47.09
C ILE C 202 -13.83 68.62 47.94
N ASP C 203 -14.73 68.45 48.92
CA ASP C 203 -14.71 67.26 49.77
C ASP C 203 -15.88 66.41 49.28
N ILE C 204 -16.72 65.94 50.20
CA ILE C 204 -17.88 65.10 49.84
C ILE C 204 -19.05 66.01 49.42
N ASN C 205 -18.80 67.30 49.41
CA ASN C 205 -19.92 68.07 49.03
C ASN C 205 -20.21 67.95 47.51
N PHE C 206 -19.17 67.97 46.68
CA PHE C 206 -19.39 68.04 45.24
C PHE C 206 -18.65 67.06 44.32
N ILE C 207 -17.87 66.14 44.98
CA ILE C 207 -17.11 65.17 44.18
C ILE C 207 -17.92 63.97 43.66
N LYS C 208 -19.12 63.75 44.22
CA LYS C 208 -19.97 62.65 43.77
C LYS C 208 -20.53 63.01 42.39
N GLU C 209 -21.27 64.12 42.35
CA GLU C 209 -21.90 64.63 41.13
C GLU C 209 -21.15 64.21 39.85
N ASN C 210 -19.83 64.43 39.84
CA ASN C 210 -19.01 64.09 38.67
C ASN C 210 -17.85 63.12 38.90
N LEU C 211 -18.19 61.84 39.01
CA LEU C 211 -17.19 60.79 39.20
C LEU C 211 -16.30 60.74 37.95
N THR C 212 -16.91 61.02 36.81
CA THR C 212 -16.21 60.99 35.53
C THR C 212 -15.02 61.92 35.41
N GLU C 213 -15.18 63.18 35.82
CA GLU C 213 -14.06 64.12 35.69
C GLU C 213 -12.89 63.76 36.58
N PHE C 214 -13.14 62.96 37.60
CA PHE C 214 -12.06 62.56 38.48
C PHE C 214 -11.49 61.23 38.03
N GLN C 215 -11.83 60.87 36.80
CA GLN C 215 -11.33 59.67 36.16
C GLN C 215 -10.42 60.22 35.08
N HIS C 216 -10.88 61.27 34.39
CA HIS C 216 -10.09 61.91 33.34
C HIS C 216 -8.79 62.33 33.97
N ALA C 217 -8.75 62.30 35.30
CA ALA C 217 -7.57 62.68 36.06
C ALA C 217 -6.71 61.45 36.34
N PHE C 218 -7.17 60.58 37.23
CA PHE C 218 -6.43 59.37 37.56
C PHE C 218 -5.82 58.76 36.29
N SER C 219 -6.55 58.91 35.18
CA SER C 219 -6.12 58.40 33.90
C SER C 219 -4.94 59.17 33.35
N LEU C 220 -5.03 60.49 33.36
CA LEU C 220 -3.95 61.34 32.86
C LEU C 220 -2.77 61.32 33.82
N ALA C 221 -3.04 60.91 35.06
CA ALA C 221 -2.00 60.84 36.08
C ALA C 221 -1.25 59.52 35.91
N PHE C 222 -1.95 58.55 35.33
CA PHE C 222 -1.40 57.23 35.05
C PHE C 222 -0.58 57.34 33.76
N SER C 223 -1.23 57.85 32.72
CA SER C 223 -0.60 58.05 31.43
C SER C 223 0.64 58.88 31.61
N TYR C 224 0.56 59.83 32.54
CA TYR C 224 1.72 60.66 32.75
C TYR C 224 2.77 59.91 33.55
N TYR C 225 2.37 59.04 34.47
CA TYR C 225 3.39 58.34 35.24
C TYR C 225 4.13 57.31 34.43
N PHE C 226 3.41 56.57 33.59
CA PHE C 226 4.05 55.53 32.79
C PHE C 226 4.45 55.89 31.37
N ALA C 227 4.08 57.08 30.93
CA ALA C 227 4.47 57.51 29.59
C ALA C 227 5.99 57.43 29.55
N PRO C 228 6.53 56.75 28.53
CA PRO C 228 7.97 56.56 28.32
C PRO C 228 8.79 57.83 28.28
N ASP C 229 8.14 58.98 28.11
CA ASP C 229 8.85 60.24 28.04
C ASP C 229 8.66 61.15 29.25
N HIS C 230 7.48 61.71 29.40
CA HIS C 230 7.23 62.63 30.50
C HIS C 230 6.88 61.98 31.82
N ARG C 231 7.92 61.71 32.61
CA ARG C 231 7.76 61.08 33.92
C ARG C 231 7.81 62.07 35.08
N THR C 232 8.72 63.04 34.99
CA THR C 232 8.88 64.05 36.05
C THR C 232 7.82 65.12 35.98
N VAL C 233 7.20 65.28 34.81
CA VAL C 233 6.17 66.28 34.67
C VAL C 233 5.17 66.12 35.84
N LEU C 234 4.84 64.88 36.18
CA LEU C 234 3.92 64.61 37.29
C LEU C 234 4.61 64.66 38.65
N GLU C 235 5.91 64.91 38.65
CA GLU C 235 6.69 65.00 39.88
C GLU C 235 6.97 66.47 40.20
N LEU C 236 7.18 67.24 39.13
CA LEU C 236 7.46 68.67 39.23
C LEU C 236 6.12 69.36 39.51
N TYR C 237 5.12 69.07 38.57
CA TYR C 237 3.77 69.71 38.59
C TYR C 237 2.68 69.23 39.52
N ALA C 238 2.38 67.97 39.51
CA ALA C 238 1.47 67.52 40.49
C ALA C 238 2.46 66.97 41.49
N PRO C 239 2.47 67.39 42.87
CA PRO C 239 3.42 66.81 43.82
C PRO C 239 2.92 65.56 44.55
N ASP C 240 1.60 65.42 44.66
CA ASP C 240 1.01 64.28 45.35
C ASP C 240 0.53 63.16 44.42
N MET C 241 -0.30 63.49 43.43
CA MET C 241 -0.79 62.47 42.49
C MET C 241 0.38 61.58 42.16
N PHE C 242 1.55 62.20 42.03
CA PHE C 242 2.76 61.46 41.74
C PHE C 242 2.99 60.42 42.84
N GLU C 243 3.16 60.91 44.06
CA GLU C 243 3.37 59.99 45.16
C GLU C 243 2.28 58.93 45.13
N TYR C 244 1.05 59.38 44.91
CA TYR C 244 -0.12 58.51 44.83
C TYR C 244 0.17 57.33 43.91
N MET C 245 0.42 57.65 42.65
CA MET C 245 0.71 56.63 41.67
C MET C 245 1.88 55.78 42.13
N ASN C 246 2.99 56.43 42.49
CA ASN C 246 4.17 55.71 42.92
C ASN C 246 3.85 54.69 43.98
N LYS C 247 3.15 55.12 45.02
CA LYS C 247 2.76 54.19 46.09
C LYS C 247 2.06 53.02 45.40
N LEU C 248 1.16 53.34 44.48
CA LEU C 248 0.43 52.32 43.74
C LEU C 248 1.39 51.37 43.04
N GLU C 249 2.44 51.89 42.43
CA GLU C 249 3.39 51.00 41.79
C GLU C 249 4.13 50.26 42.89
N LYS C 250 4.41 50.97 43.98
CA LYS C 250 5.13 50.38 45.11
C LYS C 250 4.42 49.12 45.59
N GLY C 251 3.09 49.11 45.51
CA GLY C 251 2.31 47.95 45.93
C GLY C 251 0.80 48.15 45.93
N GLY C 252 0.35 49.32 45.50
CA GLY C 252 -1.07 49.60 45.48
C GLY C 252 -1.87 48.83 44.44
N PHE C 253 -1.34 48.75 43.23
CA PHE C 253 -2.02 48.03 42.17
C PHE C 253 -2.22 46.58 42.62
N GLU C 254 -1.24 46.03 43.35
CA GLU C 254 -1.36 44.66 43.84
C GLU C 254 -2.41 44.62 44.93
N LYS C 255 -2.65 45.78 45.56
CA LYS C 255 -3.67 45.88 46.63
C LYS C 255 -4.97 45.38 46.04
N ILE C 256 -5.54 46.23 45.19
CA ILE C 256 -6.81 45.99 44.52
C ILE C 256 -6.73 44.72 43.66
N SER C 257 -5.56 44.46 43.09
CA SER C 257 -5.42 43.27 42.27
C SER C 257 -5.67 42.05 43.14
N GLU C 258 -5.57 42.22 44.45
CA GLU C 258 -5.79 41.13 45.39
C GLU C 258 -7.13 41.26 46.11
N SER C 259 -7.79 42.40 45.95
CA SER C 259 -9.09 42.61 46.59
C SER C 259 -10.15 42.21 45.57
N LEU C 260 -9.77 42.16 44.30
CA LEU C 260 -10.70 41.75 43.23
C LEU C 260 -10.47 40.26 43.05
N LYS C 261 -9.26 39.81 43.40
CA LYS C 261 -8.92 38.40 43.29
C LYS C 261 -9.68 37.65 44.37
N LYS C 262 -9.65 38.16 45.60
CA LYS C 262 -10.35 37.51 46.70
C LYS C 262 -11.84 37.49 46.42
N GLU C 263 -12.37 38.60 45.92
CA GLU C 263 -13.78 38.59 45.61
C GLU C 263 -13.96 37.88 44.27
N GLY C 264 -12.94 37.13 43.88
CA GLY C 264 -13.04 36.40 42.65
C GLY C 264 -13.78 35.13 42.96
N VAL C 265 -13.43 34.55 44.10
CA VAL C 265 -14.05 33.32 44.56
C VAL C 265 -15.30 33.65 45.37
N GLU C 266 -15.13 34.34 46.49
CA GLU C 266 -16.25 34.71 47.34
C GLU C 266 -17.41 35.26 46.49
N LYS C 267 -17.07 35.71 45.28
CA LYS C 267 -18.07 36.23 44.35
C LYS C 267 -18.89 35.04 43.86
N ASP C 268 -18.39 34.41 42.79
CA ASP C 268 -19.03 33.25 42.19
C ASP C 268 -18.58 32.05 43.03
N ARG C 269 -19.54 31.43 43.67
CA ARG C 269 -19.28 30.29 44.52
C ARG C 269 -20.58 29.53 44.66
N ILE C 270 -20.59 28.60 45.59
CA ILE C 270 -21.76 27.78 45.84
C ILE C 270 -22.58 28.45 46.95
N ASP C 271 -23.77 28.93 46.58
CA ASP C 271 -24.66 29.62 47.51
C ASP C 271 -25.09 28.67 48.62
N VAL C 272 -24.42 28.70 49.83
CA VAL C 272 -24.85 27.89 50.91
C VAL C 272 -24.97 28.88 52.03
N LEU C 273 -26.03 28.97 52.72
CA LEU C 273 -25.99 29.96 53.79
C LEU C 273 -25.04 29.46 54.89
N LYS C 274 -23.91 30.12 55.06
CA LYS C 274 -22.97 29.63 56.03
C LYS C 274 -23.33 30.25 57.38
N GLY C 275 -22.36 30.38 58.28
CA GLY C 275 -22.63 30.97 59.58
C GLY C 275 -23.77 30.33 60.38
N GLU C 276 -24.47 31.11 61.19
CA GLU C 276 -25.55 30.55 62.00
C GLU C 276 -26.90 30.50 61.31
N LYS C 277 -27.03 31.06 60.12
CA LYS C 277 -28.31 31.01 59.42
C LYS C 277 -28.62 29.55 59.12
N ALA C 278 -27.57 28.74 58.98
CA ALA C 278 -27.71 27.32 58.68
C ALA C 278 -28.15 26.62 59.95
N LEU C 279 -27.32 26.78 60.97
CA LEU C 279 -27.59 26.21 62.26
C LEU C 279 -29.09 26.37 62.59
N LYS C 280 -29.77 27.26 61.87
CA LYS C 280 -31.21 27.50 62.08
C LYS C 280 -32.03 26.36 61.52
N ALA C 281 -31.73 25.97 60.27
CA ALA C 281 -32.47 24.87 59.66
C ALA C 281 -31.76 23.58 60.04
N SER C 282 -30.60 23.72 60.65
CA SER C 282 -29.79 22.58 61.08
C SER C 282 -30.49 21.72 62.14
N GLY C 283 -31.24 22.37 63.02
CA GLY C 283 -31.94 21.63 64.06
C GLY C 283 -31.02 21.14 65.14
N LEU C 284 -29.73 21.04 64.84
CA LEU C 284 -28.81 20.59 65.85
C LEU C 284 -28.79 21.57 67.01
N VAL C 285 -28.58 21.05 68.21
CA VAL C 285 -28.50 21.83 69.42
C VAL C 285 -27.22 22.65 69.41
N PRO C 286 -27.34 23.96 69.19
CA PRO C 286 -26.22 24.90 69.15
C PRO C 286 -24.99 24.51 69.93
N GLU C 287 -25.14 24.30 71.23
CA GLU C 287 -23.97 23.93 72.04
C GLU C 287 -23.28 22.68 71.51
N HIS C 288 -24.05 21.83 70.83
CA HIS C 288 -23.56 20.60 70.26
C HIS C 288 -22.84 20.94 68.97
N ALA C 289 -23.52 21.65 68.09
CA ALA C 289 -22.93 22.04 66.83
C ALA C 289 -21.58 22.63 67.16
N ASP C 290 -21.58 23.61 68.04
CA ASP C 290 -20.36 24.28 68.46
C ASP C 290 -19.41 23.23 69.07
N ALA C 291 -19.97 22.29 69.81
CA ALA C 291 -19.22 21.22 70.46
C ALA C 291 -18.49 20.36 69.44
N PHE C 292 -19.18 20.09 68.34
CA PHE C 292 -18.65 19.30 67.23
C PHE C 292 -17.56 20.10 66.53
N LYS C 293 -17.81 21.40 66.41
CA LYS C 293 -16.92 22.35 65.77
C LYS C 293 -15.45 22.06 66.12
N LYS C 294 -15.22 21.58 67.34
CA LYS C 294 -13.88 21.28 67.78
C LYS C 294 -13.32 19.94 67.27
N ILE C 295 -14.17 18.94 67.09
CA ILE C 295 -13.68 17.65 66.63
C ILE C 295 -13.25 17.69 65.16
N ALA C 296 -14.05 18.36 64.34
CA ALA C 296 -13.75 18.46 62.92
C ALA C 296 -12.32 18.93 62.75
N ARG C 297 -11.90 19.86 63.59
CA ARG C 297 -10.55 20.39 63.52
C ARG C 297 -9.48 19.39 63.92
N GLU C 298 -9.34 19.14 65.22
CA GLU C 298 -8.34 18.19 65.72
C GLU C 298 -8.07 17.10 64.69
N LEU C 299 -9.11 16.29 64.44
CA LEU C 299 -9.10 15.16 63.51
C LEU C 299 -9.08 15.58 62.02
N ASN C 300 -9.68 16.73 61.72
CA ASN C 300 -9.71 17.24 60.35
C ASN C 300 -10.57 16.40 59.45
N THR C 301 -11.88 16.54 59.59
CA THR C 301 -12.83 15.80 58.77
C THR C 301 -14.20 16.46 58.72
N TYR C 302 -14.75 16.65 57.53
CA TYR C 302 -16.06 17.27 57.42
C TYR C 302 -17.09 16.36 58.06
N ILE C 303 -18.02 16.94 58.79
CA ILE C 303 -19.07 16.16 59.39
C ILE C 303 -20.33 16.60 58.66
N LEU C 304 -21.07 15.68 58.06
CA LEU C 304 -22.27 16.10 57.36
C LEU C 304 -23.50 15.45 57.96
N PHE C 305 -24.47 16.25 58.40
CA PHE C 305 -25.70 15.74 59.04
C PHE C 305 -26.96 15.93 58.19
N ARG C 306 -28.01 15.16 58.48
CA ARG C 306 -29.29 15.29 57.77
C ARG C 306 -30.22 16.19 58.61
N PRO C 307 -31.32 16.66 58.01
CA PRO C 307 -32.23 17.53 58.76
C PRO C 307 -32.81 16.90 60.01
N VAL C 308 -32.46 17.50 61.15
CA VAL C 308 -32.95 17.05 62.46
C VAL C 308 -34.19 17.87 62.78
N ASN C 309 -35.34 17.22 62.97
CA ASN C 309 -36.59 17.92 63.28
C ASN C 309 -36.36 19.02 64.34
N LYS C 310 -36.97 20.19 64.15
CA LYS C 310 -36.78 21.30 65.11
C LYS C 310 -37.50 21.01 66.44
N LEU C 311 -38.64 20.31 66.36
CA LEU C 311 -39.43 19.97 67.53
C LEU C 311 -38.68 18.90 68.33
N ALA C 312 -37.35 18.86 68.22
CA ALA C 312 -36.54 17.90 68.94
C ALA C 312 -35.31 18.65 69.36
N THR C 313 -35.05 19.75 68.64
CA THR C 313 -33.90 20.62 68.88
C THR C 313 -33.69 20.92 70.36
N ASN C 314 -34.79 21.00 71.09
CA ASN C 314 -34.72 21.29 72.51
C ASN C 314 -34.90 20.04 73.36
N LEU C 315 -35.75 19.11 72.92
CA LEU C 315 -35.98 17.86 73.65
C LEU C 315 -34.61 17.23 73.89
N ILE C 316 -33.65 17.62 73.06
CA ILE C 316 -32.31 17.12 73.21
C ILE C 316 -31.61 17.94 74.28
N LYS C 317 -31.29 19.19 73.98
CA LYS C 317 -30.58 20.04 74.96
C LYS C 317 -31.18 19.71 76.32
N SER C 318 -32.51 19.62 76.34
CA SER C 318 -33.26 19.28 77.53
C SER C 318 -32.63 18.05 78.21
N GLY C 319 -32.58 16.92 77.49
CA GLY C 319 -31.98 15.74 78.05
C GLY C 319 -32.64 14.45 77.61
N VAL C 320 -33.51 14.55 76.60
CA VAL C 320 -34.22 13.38 76.08
C VAL C 320 -33.31 12.51 75.25
N ALA C 321 -33.54 11.21 75.30
CA ALA C 321 -32.73 10.26 74.54
C ALA C 321 -33.05 10.34 73.07
N THR C 322 -32.23 9.65 72.26
CA THR C 322 -32.39 9.66 70.81
C THR C 322 -32.71 8.31 70.17
N LYS C 323 -33.64 8.30 69.23
CA LYS C 323 -34.02 7.07 68.54
C LYS C 323 -32.83 6.40 67.89
N GLY C 324 -32.62 5.15 68.23
CA GLY C 324 -31.52 4.39 67.66
C GLY C 324 -32.04 3.58 66.49
N LEU C 325 -31.43 2.42 66.29
CA LEU C 325 -31.83 1.56 65.20
C LEU C 325 -32.99 0.67 65.64
N ASN C 326 -32.98 0.30 66.91
CA ASN C 326 -34.01 -0.55 67.47
C ASN C 326 -35.42 0.02 67.35
N VAL C 327 -35.56 1.32 67.11
CA VAL C 327 -36.89 1.91 66.99
C VAL C 327 -37.20 2.41 65.59
N HIS C 328 -38.40 2.11 65.13
CA HIS C 328 -38.85 2.55 63.80
C HIS C 328 -40.22 3.21 63.87
N GLY C 329 -40.53 3.83 65.01
CA GLY C 329 -41.82 4.49 65.17
C GLY C 329 -41.79 5.80 64.41
N LYS C 330 -42.93 6.43 64.34
CA LYS C 330 -42.92 7.67 63.63
C LYS C 330 -42.94 8.79 64.69
N SER C 331 -42.34 9.94 64.43
CA SER C 331 -42.42 11.00 65.41
C SER C 331 -43.76 11.70 65.23
N SER C 332 -43.92 12.84 65.88
CA SER C 332 -45.14 13.59 65.75
C SER C 332 -44.82 15.04 65.51
N ASP C 333 -45.75 15.72 64.85
CA ASP C 333 -45.64 17.11 64.45
C ASP C 333 -46.87 17.89 64.89
N TRP C 334 -47.39 17.54 66.06
CA TRP C 334 -48.59 18.17 66.61
C TRP C 334 -48.98 17.56 67.96
N GLY C 335 -49.83 18.26 68.71
CA GLY C 335 -50.26 17.75 70.00
C GLY C 335 -49.20 17.96 71.07
N PRO C 336 -49.35 17.33 72.24
CA PRO C 336 -48.35 17.50 73.29
C PRO C 336 -47.21 16.54 73.02
N VAL C 337 -47.58 15.38 72.50
CA VAL C 337 -46.61 14.33 72.19
C VAL C 337 -45.57 14.77 71.16
N ALA C 338 -45.94 15.71 70.28
CA ALA C 338 -45.04 16.21 69.23
C ALA C 338 -43.58 16.36 69.66
N GLY C 339 -42.68 15.73 68.90
CA GLY C 339 -41.27 15.78 69.25
C GLY C 339 -40.88 14.47 69.90
N TYR C 340 -41.89 13.69 70.26
CA TYR C 340 -41.67 12.40 70.90
C TYR C 340 -42.22 11.30 69.99
N ILE C 341 -41.84 10.06 70.23
CA ILE C 341 -42.32 8.93 69.42
C ILE C 341 -43.48 8.27 70.14
N PRO C 342 -44.70 8.76 69.93
CA PRO C 342 -45.79 8.09 70.64
C PRO C 342 -45.78 6.59 70.47
N PHE C 343 -46.30 5.89 71.48
CA PHE C 343 -46.42 4.44 71.42
C PHE C 343 -47.71 4.28 70.64
N ASP C 344 -48.57 5.26 70.83
CA ASP C 344 -49.85 5.29 70.14
C ASP C 344 -49.50 5.94 68.82
N GLN C 345 -49.45 5.13 67.77
CA GLN C 345 -49.09 5.67 66.47
C GLN C 345 -50.04 6.74 65.98
N ASP C 346 -51.33 6.56 66.21
CA ASP C 346 -52.29 7.55 65.75
C ASP C 346 -52.06 8.96 66.32
N LEU C 347 -51.01 9.10 67.12
CA LEU C 347 -50.67 10.40 67.69
C LEU C 347 -49.35 10.88 67.08
N SER C 348 -49.15 10.52 65.81
CA SER C 348 -47.96 10.89 65.06
C SER C 348 -48.33 11.37 63.67
N LYS C 349 -47.32 11.75 62.91
CA LYS C 349 -47.48 12.26 61.55
C LYS C 349 -48.46 11.47 60.69
N LYS C 350 -48.46 10.15 60.87
CA LYS C 350 -49.35 9.31 60.10
C LYS C 350 -50.73 9.15 60.76
N HIS C 351 -51.33 10.29 61.07
CA HIS C 351 -52.63 10.40 61.72
C HIS C 351 -53.80 10.23 60.72
N GLY C 352 -54.23 8.99 60.51
CA GLY C 352 -55.31 8.73 59.59
C GLY C 352 -55.09 7.49 58.75
N GLN C 353 -53.88 7.37 58.18
CA GLN C 353 -53.54 6.22 57.34
C GLN C 353 -53.80 5.00 58.19
N GLN C 354 -55.02 4.50 58.08
CA GLN C 354 -55.44 3.35 58.86
C GLN C 354 -54.52 2.12 58.69
N LEU C 355 -53.34 2.33 58.10
CA LEU C 355 -52.40 1.23 57.91
C LEU C 355 -50.97 1.61 58.27
N ALA C 356 -50.62 2.88 58.06
CA ALA C 356 -49.28 3.34 58.40
C ALA C 356 -49.24 3.21 59.91
N VAL C 357 -50.41 3.35 60.51
CA VAL C 357 -50.60 3.25 61.95
C VAL C 357 -50.88 1.79 62.32
N GLU C 358 -51.76 1.12 61.57
CA GLU C 358 -52.09 -0.28 61.85
C GLU C 358 -50.86 -1.19 61.61
N LYS C 359 -49.87 -0.64 60.91
CA LYS C 359 -48.63 -1.38 60.67
C LYS C 359 -47.56 -0.49 61.29
N GLY C 360 -48.03 0.57 61.94
CA GLY C 360 -47.14 1.51 62.62
C GLY C 360 -47.00 1.11 64.08
N ASN C 361 -48.14 0.90 64.74
CA ASN C 361 -48.09 0.48 66.12
C ASN C 361 -47.37 -0.86 66.06
N LEU C 362 -47.80 -1.69 65.12
CA LEU C 362 -47.23 -3.01 64.92
C LEU C 362 -45.72 -2.99 65.01
N GLU C 363 -45.15 -1.79 64.85
CA GLU C 363 -43.70 -1.59 64.88
C GLU C 363 -43.15 -1.40 66.30
N ASN C 364 -43.70 -0.44 67.04
CA ASN C 364 -43.27 -0.16 68.40
C ASN C 364 -43.42 -1.40 69.25
N LYS C 365 -44.58 -2.02 69.16
CA LYS C 365 -44.83 -3.25 69.90
C LYS C 365 -43.62 -4.18 69.81
N LYS C 366 -43.19 -4.51 68.59
CA LYS C 366 -42.03 -5.38 68.38
C LYS C 366 -40.76 -4.75 68.94
N SER C 367 -40.66 -3.43 68.82
CA SER C 367 -39.49 -2.72 69.29
C SER C 367 -39.18 -3.13 70.73
N ILE C 368 -40.24 -3.36 71.50
CA ILE C 368 -40.13 -3.79 72.88
C ILE C 368 -40.17 -5.29 72.90
N THR C 369 -41.23 -5.84 72.32
CA THR C 369 -41.42 -7.29 72.23
C THR C 369 -40.09 -8.04 72.10
N GLU C 370 -39.12 -7.44 71.42
CA GLU C 370 -37.81 -8.07 71.21
C GLU C 370 -36.79 -7.58 72.22
N HIS C 371 -36.29 -6.36 72.00
CA HIS C 371 -35.29 -5.78 72.89
C HIS C 371 -35.95 -5.27 74.18
N GLU C 372 -36.48 -6.15 75.02
CA GLU C 372 -37.09 -5.69 76.26
C GLU C 372 -36.00 -5.42 77.29
N GLY C 373 -36.15 -4.32 78.02
CA GLY C 373 -35.15 -3.96 78.99
C GLY C 373 -34.44 -2.71 78.49
N GLU C 374 -34.19 -2.68 77.17
CA GLU C 374 -33.54 -1.54 76.57
C GLU C 374 -34.60 -0.63 75.93
N ILE C 375 -35.57 -1.21 75.25
CA ILE C 375 -36.63 -0.41 74.62
C ILE C 375 -38.00 -0.63 75.27
N GLY C 376 -38.58 0.45 75.77
CA GLY C 376 -39.88 0.37 76.41
C GLY C 376 -40.69 1.63 76.20
N LYS C 377 -41.81 1.70 76.90
CA LYS C 377 -42.74 2.82 76.83
C LYS C 377 -42.93 3.47 78.19
N ILE C 378 -42.90 4.79 78.25
CA ILE C 378 -43.11 5.46 79.52
C ILE C 378 -44.09 6.61 79.33
N PRO C 379 -44.76 7.04 80.41
CA PRO C 379 -45.73 8.13 80.33
C PRO C 379 -45.09 9.45 80.04
N LEU C 380 -45.80 10.27 79.28
CA LEU C 380 -45.34 11.58 78.90
C LEU C 380 -45.32 12.55 80.08
N LYS C 381 -44.33 13.43 80.09
CA LYS C 381 -44.20 14.43 81.15
C LYS C 381 -43.56 15.72 80.62
N LEU C 382 -44.34 16.51 79.88
CA LEU C 382 -43.84 17.76 79.32
C LEU C 382 -43.40 18.67 80.45
N ASP C 383 -42.15 19.13 80.41
CA ASP C 383 -41.66 20.00 81.47
C ASP C 383 -42.15 21.44 81.33
N HIS C 384 -41.53 22.35 82.09
CA HIS C 384 -41.95 23.75 82.07
C HIS C 384 -41.67 24.49 80.76
N LEU C 385 -40.40 24.65 80.40
CA LEU C 385 -40.03 25.33 79.16
C LEU C 385 -40.75 24.80 77.96
N ARG C 386 -40.66 23.48 77.76
CA ARG C 386 -41.30 22.82 76.64
C ARG C 386 -42.71 23.33 76.36
N ILE C 387 -43.54 23.42 77.40
CA ILE C 387 -44.90 23.93 77.24
C ILE C 387 -44.86 25.31 76.61
N GLU C 388 -44.21 26.24 77.29
CA GLU C 388 -44.15 27.60 76.78
C GLU C 388 -43.66 27.61 75.34
N GLU C 389 -42.90 26.61 74.94
CA GLU C 389 -42.37 26.53 73.57
C GLU C 389 -43.42 26.10 72.53
N LEU C 390 -43.95 24.90 72.71
CA LEU C 390 -44.97 24.37 71.81
C LEU C 390 -46.08 25.41 71.72
N LYS C 391 -45.90 26.49 72.48
CA LYS C 391 -46.86 27.58 72.53
C LYS C 391 -46.64 28.53 71.36
N GLU C 392 -45.68 29.44 71.47
CA GLU C 392 -45.44 30.40 70.40
C GLU C 392 -45.15 29.72 69.06
N ASN C 393 -44.87 28.42 69.09
CA ASN C 393 -44.63 27.71 67.84
C ASN C 393 -46.00 27.30 67.34
N GLY C 394 -46.99 27.35 68.24
CA GLY C 394 -48.36 27.04 67.91
C GLY C 394 -48.77 25.58 67.79
N ILE C 395 -48.37 24.74 68.74
CA ILE C 395 -48.76 23.35 68.66
C ILE C 395 -49.83 23.01 69.68
N ILE C 396 -49.82 23.75 70.78
CA ILE C 396 -50.78 23.59 71.88
C ILE C 396 -51.19 24.95 72.41
N LEU C 397 -52.33 24.99 73.08
CA LEU C 397 -52.86 26.22 73.66
C LEU C 397 -53.28 25.96 75.11
N LYS C 398 -52.50 26.47 76.06
CA LYS C 398 -52.79 26.28 77.48
C LYS C 398 -53.90 27.24 77.93
N GLY C 399 -55.01 26.68 78.42
CA GLY C 399 -56.13 27.49 78.86
C GLY C 399 -56.92 27.01 80.06
N LYS C 400 -58.25 27.11 79.98
CA LYS C 400 -59.14 26.72 81.07
C LYS C 400 -58.70 25.48 81.85
N LYS C 401 -59.01 25.49 83.15
CA LYS C 401 -58.66 24.41 84.06
C LYS C 401 -59.85 23.50 84.35
N GLU C 402 -59.56 22.39 85.02
CA GLU C 402 -60.58 21.42 85.38
C GLU C 402 -60.12 20.63 86.61
N ILE C 403 -61.03 19.88 87.20
CA ILE C 403 -60.73 19.08 88.38
C ILE C 403 -61.38 17.72 88.42
N ASP C 404 -60.58 16.72 88.71
CA ASP C 404 -61.08 15.36 88.81
C ASP C 404 -60.39 14.62 89.94
N ASN C 405 -61.20 13.84 90.67
CA ASN C 405 -60.72 13.03 91.77
C ASN C 405 -60.02 13.86 92.86
N GLY C 406 -59.92 15.17 92.65
CA GLY C 406 -59.30 16.02 93.64
C GLY C 406 -58.00 16.67 93.18
N LYS C 407 -57.49 16.20 92.05
CA LYS C 407 -56.25 16.71 91.48
C LYS C 407 -56.53 17.77 90.41
N LYS C 408 -55.62 18.72 90.29
CA LYS C 408 -55.77 19.79 89.32
C LYS C 408 -55.26 19.36 87.96
N TYR C 409 -55.91 19.90 86.92
CA TYR C 409 -55.56 19.60 85.54
C TYR C 409 -55.72 20.84 84.67
N TYR C 410 -54.61 21.37 84.13
CA TYR C 410 -54.72 22.50 83.22
C TYR C 410 -55.08 21.82 81.91
N LEU C 411 -55.99 22.41 81.15
CA LEU C 411 -56.43 21.80 79.91
C LEU C 411 -55.56 22.19 78.73
N LEU C 412 -55.15 21.19 77.96
CA LEU C 412 -54.34 21.43 76.79
C LEU C 412 -55.19 21.23 75.55
N GLU C 413 -55.32 22.31 74.78
CA GLU C 413 -56.12 22.31 73.56
C GLU C 413 -55.28 22.16 72.29
N SER C 414 -55.77 21.34 71.36
CA SER C 414 -55.13 21.11 70.07
C SER C 414 -56.23 20.96 69.03
N ASN C 415 -56.20 21.79 67.98
CA ASN C 415 -57.25 21.75 66.97
C ASN C 415 -57.35 20.46 66.17
N ASN C 416 -57.20 19.33 66.86
CA ASN C 416 -57.36 18.06 66.20
C ASN C 416 -58.84 17.78 66.37
N GLN C 417 -59.37 16.80 65.65
CA GLN C 417 -60.78 16.50 65.74
C GLN C 417 -61.07 15.07 66.19
N VAL C 418 -60.23 14.50 67.05
CA VAL C 418 -60.45 13.15 67.53
C VAL C 418 -59.92 12.88 68.94
N TYR C 419 -58.92 13.65 69.36
CA TYR C 419 -58.32 13.46 70.68
C TYR C 419 -58.29 14.76 71.49
N GLU C 420 -58.66 14.66 72.75
CA GLU C 420 -58.62 15.82 73.63
C GLU C 420 -57.50 15.51 74.59
N PHE C 421 -56.69 16.52 74.92
CA PHE C 421 -55.55 16.32 75.77
C PHE C 421 -55.58 17.15 77.05
N ARG C 422 -54.88 16.66 78.08
CA ARG C 422 -54.80 17.36 79.37
C ARG C 422 -53.54 16.98 80.14
N ILE C 423 -52.85 17.92 80.66
CA ILE C 423 -51.65 17.59 81.46
C ILE C 423 -52.06 17.54 82.93
N SER C 424 -51.20 17.06 83.79
CA SER C 424 -51.61 17.05 85.19
C SER C 424 -51.12 18.33 85.87
N ASP C 425 -50.89 18.33 87.15
CA ASP C 425 -50.38 19.46 87.91
C ASP C 425 -49.34 19.00 88.90
N GLU C 426 -49.63 17.90 89.59
CA GLU C 426 -48.69 17.33 90.55
C GLU C 426 -47.48 16.97 89.72
N ASN C 427 -47.60 15.85 89.01
CA ASN C 427 -46.56 15.37 88.11
C ASN C 427 -47.14 15.81 86.76
N ASN C 428 -46.38 16.57 85.99
CA ASN C 428 -46.87 17.07 84.72
C ASN C 428 -47.20 16.01 83.67
N GLU C 429 -47.83 14.92 84.08
CA GLU C 429 -48.19 13.90 83.10
C GLU C 429 -49.12 14.54 82.07
N VAL C 430 -49.50 13.77 81.08
CA VAL C 430 -50.39 14.25 80.05
C VAL C 430 -51.33 13.13 79.73
N GLN C 431 -52.51 13.47 79.24
CA GLN C 431 -53.50 12.45 78.94
C GLN C 431 -54.40 12.82 77.77
N TYR C 432 -54.91 11.77 77.12
CA TYR C 432 -55.83 11.92 75.99
C TYR C 432 -57.02 10.96 76.11
N LYS C 433 -57.97 11.08 75.19
CA LYS C 433 -59.15 10.23 75.18
C LYS C 433 -59.90 10.55 73.89
N THR C 434 -60.70 9.62 73.41
CA THR C 434 -61.44 9.89 72.18
C THR C 434 -62.58 10.81 72.60
N LYS C 435 -62.90 11.81 71.79
CA LYS C 435 -63.99 12.74 72.10
C LYS C 435 -65.35 12.04 72.09
N GLU C 436 -66.30 12.61 72.83
CA GLU C 436 -67.65 12.06 72.96
C GLU C 436 -68.41 12.01 71.63
N GLY C 437 -67.73 12.38 70.56
CA GLY C 437 -68.32 12.37 69.23
C GLY C 437 -67.29 12.10 68.14
N LYS C 438 -66.55 11.00 68.33
CA LYS C 438 -65.54 10.60 67.37
C LYS C 438 -64.91 9.24 67.74
N ILE C 439 -64.27 8.63 66.75
CA ILE C 439 -63.64 7.32 66.92
C ILE C 439 -62.19 7.33 66.40
N THR C 440 -61.48 6.22 66.60
CA THR C 440 -60.10 6.06 66.14
C THR C 440 -60.16 5.26 64.84
N VAL C 441 -59.35 5.63 63.86
CA VAL C 441 -59.34 4.94 62.57
C VAL C 441 -59.33 3.42 62.68
N LEU C 442 -58.75 2.89 63.76
CA LEU C 442 -58.69 1.45 63.94
C LEU C 442 -60.02 0.95 64.48
N GLY C 443 -60.76 1.85 65.12
CA GLY C 443 -62.07 1.51 65.68
C GLY C 443 -62.13 1.49 67.19
N GLU C 444 -61.34 2.36 67.82
CA GLU C 444 -61.29 2.43 69.28
C GLU C 444 -61.89 3.73 69.84
N LYS C 445 -62.24 3.71 71.12
CA LYS C 445 -62.81 4.88 71.81
C LYS C 445 -62.45 4.71 73.28
N PHE C 446 -61.87 5.74 73.89
CA PHE C 446 -61.52 5.61 75.30
C PHE C 446 -61.50 6.89 76.12
N ASN C 447 -61.51 6.70 77.42
CA ASN C 447 -61.51 7.83 78.30
C ASN C 447 -60.07 8.21 78.67
N TRP C 448 -59.91 9.26 79.41
CA TRP C 448 -58.58 9.71 79.79
C TRP C 448 -57.58 8.61 80.16
N ARG C 449 -56.42 8.63 79.46
CA ARG C 449 -55.34 7.68 79.71
C ARG C 449 -54.07 8.51 79.68
N ASN C 450 -52.95 7.93 80.08
CA ASN C 450 -51.69 8.66 80.07
C ASN C 450 -51.05 8.44 78.70
N ILE C 451 -50.52 9.51 78.11
CA ILE C 451 -49.86 9.41 76.80
C ILE C 451 -48.52 8.73 76.95
N GLU C 452 -48.34 7.63 76.22
CA GLU C 452 -47.07 6.91 76.29
C GLU C 452 -46.16 7.19 75.10
N VAL C 453 -44.91 7.50 75.41
CA VAL C 453 -43.91 7.77 74.41
C VAL C 453 -42.96 6.57 74.44
N MET C 454 -42.09 6.46 73.45
CA MET C 454 -41.16 5.35 73.45
C MET C 454 -39.96 5.79 74.25
N ALA C 455 -39.25 4.83 74.83
CA ALA C 455 -38.08 5.16 75.63
C ALA C 455 -37.05 4.04 75.72
N LYS C 456 -35.82 4.35 75.32
CA LYS C 456 -34.75 3.37 75.35
C LYS C 456 -34.25 3.35 76.78
N ASN C 457 -33.23 2.56 77.02
CA ASN C 457 -32.66 2.45 78.36
C ASN C 457 -31.34 3.21 78.49
N VAL C 458 -31.35 4.22 79.35
CA VAL C 458 -30.17 5.04 79.57
C VAL C 458 -29.67 4.88 81.00
N GLU C 459 -28.54 4.21 81.18
CA GLU C 459 -28.00 4.02 82.52
C GLU C 459 -29.13 3.52 83.42
N GLY C 460 -29.72 2.39 83.05
CA GLY C 460 -30.78 1.82 83.85
C GLY C 460 -31.97 2.72 84.13
N VAL C 461 -32.32 3.60 83.20
CA VAL C 461 -33.48 4.46 83.40
C VAL C 461 -34.18 4.71 82.07
N LEU C 462 -35.39 4.21 81.90
CA LEU C 462 -36.10 4.43 80.64
C LEU C 462 -36.35 5.91 80.35
N LYS C 463 -35.47 6.52 79.57
CA LYS C 463 -35.63 7.90 79.19
C LYS C 463 -36.43 7.90 77.89
N PRO C 464 -37.25 8.94 77.63
CA PRO C 464 -38.07 9.03 76.41
C PRO C 464 -37.25 9.25 75.15
N LEU C 465 -37.86 8.95 74.01
CA LEU C 465 -37.15 9.08 72.74
C LEU C 465 -37.62 10.15 71.76
N THR C 466 -36.65 10.87 71.21
CA THR C 466 -36.89 11.89 70.20
C THR C 466 -35.85 11.61 69.13
N ALA C 467 -35.93 12.34 68.03
CA ALA C 467 -35.01 12.17 66.92
C ALA C 467 -33.53 12.17 67.35
N ASP C 468 -32.70 11.51 66.54
CA ASP C 468 -31.27 11.42 66.78
C ASP C 468 -30.57 12.21 65.69
N TYR C 469 -29.27 12.39 65.82
CA TYR C 469 -28.54 13.09 64.77
C TYR C 469 -28.15 12.03 63.76
N ASP C 470 -28.70 12.10 62.55
CA ASP C 470 -28.34 11.10 61.56
C ASP C 470 -27.25 11.69 60.64
N LEU C 471 -26.03 11.17 60.74
CA LEU C 471 -24.92 11.65 59.92
C LEU C 471 -25.12 11.35 58.42
N PHE C 472 -25.02 12.37 57.55
CA PHE C 472 -25.15 12.13 56.11
C PHE C 472 -23.88 11.54 55.53
N ALA C 473 -22.75 11.77 56.19
CA ALA C 473 -21.48 11.22 55.74
C ALA C 473 -20.36 11.79 56.55
N LEU C 474 -19.21 11.14 56.51
CA LEU C 474 -18.05 11.66 57.24
C LEU C 474 -16.88 11.75 56.27
N ALA C 475 -16.30 12.92 56.12
CA ALA C 475 -15.18 13.05 55.20
C ALA C 475 -13.91 13.37 55.96
N PRO C 476 -13.02 12.39 56.10
CA PRO C 476 -11.77 12.62 56.83
C PRO C 476 -10.64 12.99 55.88
N SER C 477 -9.70 13.77 56.37
CA SER C 477 -8.59 14.15 55.53
C SER C 477 -7.92 12.88 55.05
N LEU C 478 -7.64 12.85 53.76
CA LEU C 478 -6.98 11.70 53.16
C LEU C 478 -5.74 11.30 53.97
N THR C 479 -5.19 12.23 54.74
CA THR C 479 -4.02 11.93 55.54
C THR C 479 -4.37 11.32 56.88
N GLU C 480 -5.49 11.78 57.42
CA GLU C 480 -5.96 11.29 58.70
C GLU C 480 -6.07 9.77 58.66
N ILE C 481 -6.30 9.20 57.48
CA ILE C 481 -6.44 7.75 57.35
C ILE C 481 -5.05 7.12 57.53
N LYS C 482 -4.02 7.76 56.99
CA LYS C 482 -2.67 7.23 57.12
C LYS C 482 -2.39 7.05 58.62
N LYS C 483 -2.80 8.05 59.39
CA LYS C 483 -2.65 8.04 60.84
C LYS C 483 -3.62 7.01 61.38
N GLN C 484 -3.86 5.97 60.57
CA GLN C 484 -4.78 4.93 60.97
C GLN C 484 -4.11 3.58 60.75
N ILE C 485 -3.23 3.52 59.77
CA ILE C 485 -2.53 2.30 59.46
C ILE C 485 -1.35 2.15 60.41
N PRO C 486 -1.22 0.99 61.08
CA PRO C 486 -0.10 0.76 62.01
C PRO C 486 1.23 0.82 61.28
N GLN C 487 2.06 1.77 61.71
CA GLN C 487 3.37 2.06 61.12
C GLN C 487 4.18 0.95 60.50
N LYS C 488 3.92 -0.30 60.90
CA LYS C 488 4.67 -1.42 60.33
C LYS C 488 4.01 -1.96 59.07
N GLU C 489 2.68 -2.05 59.08
CA GLU C 489 1.99 -2.53 57.91
C GLU C 489 2.27 -1.61 56.72
N TRP C 490 1.97 -0.32 56.86
CA TRP C 490 2.20 0.62 55.77
C TRP C 490 3.63 0.58 55.37
N ASP C 491 4.47 0.11 56.28
CA ASP C 491 5.90 0.00 56.06
C ASP C 491 6.19 -1.23 55.20
N LYS C 492 5.90 -2.40 55.76
CA LYS C 492 6.13 -3.64 55.05
C LYS C 492 5.57 -3.60 53.63
N VAL C 493 4.79 -2.58 53.31
CA VAL C 493 4.20 -2.46 51.97
C VAL C 493 5.02 -1.62 51.02
N VAL C 494 5.46 -0.45 51.47
CA VAL C 494 6.25 0.44 50.61
C VAL C 494 7.69 -0.06 50.39
N ASN C 495 8.22 -0.81 51.35
CA ASN C 495 9.56 -1.37 51.25
C ASN C 495 9.53 -2.57 50.29
N THR C 496 8.75 -2.43 49.21
CA THR C 496 8.60 -3.48 48.22
C THR C 496 9.19 -3.01 46.89
N PRO C 497 9.74 -3.94 46.11
CA PRO C 497 10.36 -3.66 44.80
C PRO C 497 9.39 -3.31 43.68
N ASN C 498 8.53 -4.27 43.36
CA ASN C 498 7.57 -4.10 42.28
C ASN C 498 6.80 -2.78 42.31
N SER C 499 7.12 -1.91 41.37
CA SER C 499 6.48 -0.60 41.26
C SER C 499 4.95 -0.73 41.18
N LEU C 500 4.50 -1.78 40.50
CA LEU C 500 3.07 -2.00 40.32
C LEU C 500 2.41 -2.52 41.59
N GLU C 501 3.07 -3.46 42.23
CA GLU C 501 2.56 -4.08 43.45
C GLU C 501 2.63 -3.13 44.63
N LYS C 502 3.51 -2.15 44.55
CA LYS C 502 3.65 -1.18 45.63
C LYS C 502 2.45 -0.26 45.62
N GLN C 503 1.66 -0.32 44.55
CA GLN C 503 0.46 0.50 44.44
C GLN C 503 -0.65 -0.36 45.00
N LYS C 504 -0.83 -1.52 44.40
CA LYS C 504 -1.85 -2.45 44.83
C LYS C 504 -1.78 -2.53 46.35
N GLY C 505 -0.57 -2.73 46.86
CA GLY C 505 -0.39 -2.82 48.31
C GLY C 505 -0.94 -1.60 49.02
N VAL C 506 -0.60 -0.41 48.52
CA VAL C 506 -1.08 0.83 49.11
C VAL C 506 -2.59 0.87 49.07
N THR C 507 -3.14 0.91 47.85
CA THR C 507 -4.59 0.95 47.64
C THR C 507 -5.34 0.02 48.59
N ASN C 508 -4.91 -1.24 48.69
CA ASN C 508 -5.56 -2.17 49.59
C ASN C 508 -5.49 -1.66 51.01
N LEU C 509 -4.37 -1.02 51.36
CA LEU C 509 -4.22 -0.46 52.70
C LEU C 509 -5.26 0.65 52.89
N LEU C 510 -5.30 1.56 51.92
CA LEU C 510 -6.22 2.68 51.90
C LEU C 510 -7.63 2.11 52.05
N ILE C 511 -7.89 1.00 51.36
CA ILE C 511 -9.18 0.31 51.39
C ILE C 511 -9.43 -0.33 52.74
N LYS C 512 -8.50 -1.16 53.19
CA LYS C 512 -8.62 -1.85 54.48
C LYS C 512 -8.76 -0.90 55.67
N TYR C 513 -8.04 0.21 55.65
CA TYR C 513 -8.13 1.15 56.75
C TYR C 513 -9.03 2.32 56.53
N GLY C 514 -9.50 2.52 55.31
CA GLY C 514 -10.32 3.68 55.07
C GLY C 514 -11.68 3.52 54.46
N ILE C 515 -11.76 2.74 53.39
CA ILE C 515 -13.04 2.53 52.69
C ILE C 515 -13.93 1.39 53.23
N GLU C 516 -13.32 0.27 53.61
CA GLU C 516 -14.04 -0.89 54.11
C GLU C 516 -15.10 -0.55 55.14
N ARG C 517 -16.19 -1.30 55.08
CA ARG C 517 -17.31 -1.10 55.98
C ARG C 517 -17.90 -2.45 56.41
N LYS C 518 -17.71 -2.80 57.69
CA LYS C 518 -18.23 -4.04 58.23
C LYS C 518 -19.57 -3.69 58.87
N PRO C 519 -20.43 -4.70 59.11
CA PRO C 519 -21.72 -4.43 59.73
C PRO C 519 -21.53 -4.32 61.24
N ASP C 520 -22.62 -4.29 61.99
CA ASP C 520 -22.45 -4.14 63.42
C ASP C 520 -23.68 -4.48 64.21
N SER C 521 -23.41 -5.13 65.33
CA SER C 521 -24.39 -5.58 66.30
C SER C 521 -25.27 -4.42 66.76
N THR C 522 -24.64 -3.27 67.02
CA THR C 522 -25.39 -2.12 67.50
C THR C 522 -25.39 -0.84 66.67
N LYS C 523 -24.24 -0.45 66.12
CA LYS C 523 -24.16 0.81 65.39
C LYS C 523 -24.41 0.86 63.89
N GLY C 524 -25.24 -0.05 63.40
CA GLY C 524 -25.54 -0.09 61.99
C GLY C 524 -24.42 -0.70 61.18
N THR C 525 -24.19 -0.17 60.00
CA THR C 525 -23.11 -0.63 59.13
C THR C 525 -22.19 0.57 58.96
N LEU C 526 -21.01 0.51 59.54
CA LEU C 526 -20.12 1.65 59.40
C LEU C 526 -18.67 1.28 59.47
N SER C 527 -17.85 2.22 59.05
CA SER C 527 -16.42 2.05 59.02
C SER C 527 -15.93 1.87 60.42
N ASN C 528 -14.63 1.66 60.57
CA ASN C 528 -14.03 1.54 61.89
C ASN C 528 -13.73 2.94 62.44
N TRP C 529 -13.00 3.76 61.69
CA TRP C 529 -12.72 5.11 62.15
C TRP C 529 -14.07 5.80 62.28
N GLN C 530 -15.02 5.43 61.43
CA GLN C 530 -16.32 6.03 61.51
C GLN C 530 -16.89 5.83 62.89
N LYS C 531 -16.64 4.67 63.48
CA LYS C 531 -17.13 4.44 64.82
C LYS C 531 -16.34 5.32 65.76
N GLN C 532 -15.02 5.24 65.68
CA GLN C 532 -14.19 6.06 66.55
C GLN C 532 -14.67 7.51 66.48
N MET C 533 -14.95 7.98 65.27
CA MET C 533 -15.43 9.34 65.09
C MET C 533 -16.75 9.44 65.81
N LEU C 534 -17.59 8.43 65.60
CA LEU C 534 -18.92 8.39 66.19
C LEU C 534 -18.83 8.48 67.71
N ASP C 535 -17.72 8.07 68.29
CA ASP C 535 -17.61 8.17 69.73
C ASP C 535 -17.29 9.61 70.10
N ARG C 536 -16.14 10.11 69.65
CA ARG C 536 -15.71 11.48 69.94
C ARG C 536 -16.83 12.49 69.83
N LEU C 537 -17.81 12.23 68.96
CA LEU C 537 -18.93 13.16 68.82
C LEU C 537 -19.79 13.08 70.07
N ASN C 538 -20.15 11.86 70.48
CA ASN C 538 -20.97 11.65 71.66
C ASN C 538 -20.31 12.11 72.96
N GLU C 539 -19.04 11.77 73.16
CA GLU C 539 -18.31 12.17 74.37
C GLU C 539 -18.10 13.68 74.37
N ALA C 540 -18.11 14.27 73.18
CA ALA C 540 -17.91 15.69 73.06
C ALA C 540 -19.18 16.41 73.50
N VAL C 541 -20.33 15.88 73.11
CA VAL C 541 -21.60 16.50 73.48
C VAL C 541 -22.04 16.06 74.85
N LYS C 542 -21.11 15.47 75.60
CA LYS C 542 -21.41 15.00 76.95
C LYS C 542 -20.71 15.90 77.96
N TYR C 543 -19.47 16.31 77.65
CA TYR C 543 -18.70 17.19 78.53
C TYR C 543 -19.29 18.58 78.38
N THR C 544 -20.40 18.64 77.64
CA THR C 544 -21.10 19.88 77.39
C THR C 544 -22.25 19.97 78.38
N GLY C 545 -22.88 18.83 78.64
CA GLY C 545 -24.00 18.79 79.59
C GLY C 545 -25.20 17.98 79.18
N TYR C 546 -25.02 16.98 78.30
CA TYR C 546 -26.12 16.13 77.86
C TYR C 546 -26.26 14.97 78.84
N THR C 547 -27.50 14.55 79.08
CA THR C 547 -27.79 13.46 80.02
C THR C 547 -28.59 12.31 79.42
N GLY C 548 -28.59 12.17 78.10
CA GLY C 548 -29.35 11.10 77.47
C GLY C 548 -28.43 10.11 76.78
N GLY C 549 -27.14 10.23 77.06
CA GLY C 549 -26.17 9.33 76.48
C GLY C 549 -25.56 9.81 75.19
N ASP C 550 -25.72 9.00 74.13
CA ASP C 550 -25.20 9.29 72.80
C ASP C 550 -26.26 10.03 71.98
N VAL C 551 -25.82 10.81 71.01
CA VAL C 551 -26.78 11.53 70.21
C VAL C 551 -26.58 11.21 68.73
N VAL C 552 -25.67 10.27 68.46
CA VAL C 552 -25.38 9.77 67.12
C VAL C 552 -25.30 8.27 67.34
N ASN C 553 -26.30 7.53 66.86
CA ASN C 553 -26.38 6.09 67.10
C ASN C 553 -25.92 5.04 66.08
N HIS C 554 -25.71 5.44 64.83
CA HIS C 554 -25.33 4.50 63.78
C HIS C 554 -24.50 5.17 62.68
N GLY C 555 -23.97 4.34 61.78
CA GLY C 555 -23.16 4.80 60.67
C GLY C 555 -23.82 5.85 59.79
N THR C 556 -23.06 6.30 58.79
CA THR C 556 -23.50 7.34 57.87
C THR C 556 -24.53 6.97 56.83
N GLU C 557 -25.53 7.80 56.67
CA GLU C 557 -26.59 7.56 55.69
C GLU C 557 -26.11 7.03 54.32
N GLN C 558 -24.81 7.18 54.03
CA GLN C 558 -24.24 6.72 52.76
C GLN C 558 -23.99 5.22 52.82
N ASP C 559 -24.69 4.57 53.74
CA ASP C 559 -24.64 3.14 53.93
C ASP C 559 -26.04 2.64 54.11
N ASN C 560 -26.95 3.58 54.17
CA ASN C 560 -28.33 3.25 54.28
C ASN C 560 -28.72 2.85 52.86
N GLU C 561 -28.11 1.77 52.39
CA GLU C 561 -28.36 1.22 51.04
C GLU C 561 -29.83 0.75 50.89
N GLU C 562 -30.33 0.13 51.95
CA GLU C 562 -31.67 -0.38 52.06
C GLU C 562 -32.76 0.67 51.81
N PHE C 563 -32.95 1.59 52.75
CA PHE C 563 -33.98 2.64 52.62
C PHE C 563 -33.40 4.04 52.57
N PRO C 564 -32.53 4.31 51.59
CA PRO C 564 -31.88 5.59 51.38
C PRO C 564 -32.89 6.71 51.22
N GLU C 565 -32.61 7.89 51.77
CA GLU C 565 -33.52 9.03 51.67
C GLU C 565 -32.79 10.25 51.11
N LYS C 566 -33.47 10.96 50.21
CA LYS C 566 -32.90 12.13 49.54
C LYS C 566 -33.21 13.46 50.20
N ASP C 567 -32.31 13.94 51.06
CA ASP C 567 -32.53 15.22 51.73
C ASP C 567 -31.97 16.37 50.93
N ASN C 568 -32.76 17.41 50.81
CA ASN C 568 -32.32 18.56 50.06
C ASN C 568 -31.25 19.24 50.86
N GLU C 569 -31.65 19.99 51.89
CA GLU C 569 -30.69 20.69 52.72
C GLU C 569 -29.80 19.76 53.56
N ILE C 570 -28.51 20.06 53.64
CA ILE C 570 -27.59 19.25 54.41
C ILE C 570 -26.61 20.14 55.16
N PHE C 571 -26.65 20.08 56.48
CA PHE C 571 -25.74 20.85 57.32
C PHE C 571 -24.38 20.16 57.24
N ILE C 572 -23.31 20.93 57.05
CA ILE C 572 -21.94 20.40 56.96
C ILE C 572 -21.09 21.17 57.95
N ILE C 573 -19.89 20.70 58.24
CA ILE C 573 -19.04 21.39 59.19
C ILE C 573 -17.58 21.24 58.76
N ASN C 574 -17.05 22.12 57.92
CA ASN C 574 -15.66 21.94 57.46
C ASN C 574 -14.66 21.79 58.57
N PRO C 575 -13.53 21.16 58.29
CA PRO C 575 -12.46 20.91 59.27
C PRO C 575 -11.90 22.15 59.94
N GLU C 576 -12.67 23.23 59.89
CA GLU C 576 -12.24 24.50 60.46
C GLU C 576 -13.20 25.02 61.54
N GLY C 577 -14.49 24.85 61.32
CA GLY C 577 -15.45 25.30 62.30
C GLY C 577 -16.55 26.16 61.74
N GLU C 578 -16.77 26.05 60.44
CA GLU C 578 -17.80 26.83 59.79
C GLU C 578 -19.00 25.97 59.49
N PHE C 579 -20.18 26.44 59.87
CA PHE C 579 -21.39 25.69 59.64
C PHE C 579 -21.93 26.07 58.28
N ILE C 580 -22.07 25.08 57.41
CA ILE C 580 -22.55 25.34 56.06
C ILE C 580 -23.72 24.45 55.78
N LEU C 581 -24.83 25.04 55.38
CA LEU C 581 -25.99 24.24 55.09
C LEU C 581 -26.30 24.33 53.61
N THR C 582 -26.09 23.27 52.85
CA THR C 582 -26.39 23.34 51.43
C THR C 582 -27.91 23.52 51.23
N LYS C 583 -28.36 23.52 49.98
CA LYS C 583 -29.79 23.70 49.70
C LYS C 583 -30.36 22.75 48.63
N ASN C 584 -29.48 22.05 47.94
CA ASN C 584 -29.93 21.13 46.90
C ASN C 584 -29.32 19.77 47.03
N TRP C 585 -29.85 18.83 46.25
CA TRP C 585 -29.28 17.50 46.25
C TRP C 585 -28.10 17.65 45.33
N GLU C 586 -28.22 18.61 44.42
CA GLU C 586 -27.18 18.93 43.45
C GLU C 586 -26.11 19.74 44.14
N MET C 587 -26.51 20.90 44.67
CA MET C 587 -25.56 21.75 45.36
C MET C 587 -24.75 20.86 46.29
N THR C 588 -25.47 20.03 47.04
CA THR C 588 -24.84 19.13 47.99
C THR C 588 -23.84 18.27 47.29
N GLY C 589 -24.24 17.70 46.17
CA GLY C 589 -23.31 16.86 45.43
C GLY C 589 -22.21 17.69 44.80
N ARG C 590 -22.53 18.97 44.61
CA ARG C 590 -21.65 19.97 43.99
C ARG C 590 -20.64 20.48 45.02
N PHE C 591 -21.11 20.67 46.25
CA PHE C 591 -20.23 21.16 47.31
C PHE C 591 -19.27 20.07 47.74
N ILE C 592 -19.63 18.82 47.51
CA ILE C 592 -18.74 17.74 47.89
C ILE C 592 -17.64 17.59 46.86
N GLU C 593 -17.99 17.77 45.58
CA GLU C 593 -16.99 17.66 44.51
C GLU C 593 -15.91 18.72 44.65
N LYS C 594 -16.37 19.95 44.87
CA LYS C 594 -15.50 21.10 44.99
C LYS C 594 -14.64 21.18 46.25
N ASN C 595 -15.23 20.97 47.42
CA ASN C 595 -14.49 21.06 48.67
C ASN C 595 -14.04 19.77 49.32
N ILE C 596 -14.72 18.66 49.02
CA ILE C 596 -14.33 17.38 49.61
C ILE C 596 -13.62 16.52 48.58
N THR C 597 -14.38 15.86 47.71
CA THR C 597 -13.80 15.01 46.67
C THR C 597 -12.47 15.58 46.19
N GLY C 598 -12.55 16.60 45.34
CA GLY C 598 -11.35 17.21 44.79
C GLY C 598 -10.55 18.14 45.69
N LYS C 599 -10.40 17.78 46.96
CA LYS C 599 -9.61 18.61 47.87
C LYS C 599 -8.78 17.79 48.87
N ASP C 600 -8.64 16.50 48.56
CA ASP C 600 -7.85 15.53 49.33
C ASP C 600 -8.53 14.92 50.56
N TYR C 601 -9.86 14.79 50.49
CA TYR C 601 -10.62 14.16 51.57
C TYR C 601 -11.26 12.87 51.06
N LEU C 602 -11.10 11.81 51.82
CA LEU C 602 -11.66 10.53 51.44
C LEU C 602 -13.17 10.51 51.59
N TYR C 603 -13.90 10.46 50.48
CA TYR C 603 -15.35 10.39 50.57
C TYR C 603 -15.77 9.23 49.72
N TYR C 604 -16.92 8.64 50.04
CA TYR C 604 -17.45 7.53 49.23
C TYR C 604 -18.96 7.67 49.24
N PHE C 605 -19.57 7.54 48.07
CA PHE C 605 -21.01 7.72 47.99
C PHE C 605 -21.82 6.44 47.99
N ASN C 606 -23.04 6.55 48.53
CA ASN C 606 -23.96 5.44 48.69
C ASN C 606 -24.02 4.41 47.59
N ARG C 607 -23.70 3.19 47.98
CA ARG C 607 -23.68 2.09 47.04
C ARG C 607 -24.95 2.01 46.24
N SER C 608 -26.06 2.42 46.82
CA SER C 608 -27.30 2.30 46.08
C SER C 608 -27.70 3.50 45.27
N TYR C 609 -26.76 4.44 45.09
CA TYR C 609 -27.06 5.62 44.28
C TYR C 609 -26.93 5.19 42.82
N ASN C 610 -27.91 5.60 42.01
CA ASN C 610 -27.98 5.26 40.58
C ASN C 610 -28.62 3.90 40.33
N LYS C 611 -28.94 3.17 41.39
CA LYS C 611 -29.58 1.88 41.24
C LYS C 611 -30.90 2.04 41.95
N ILE C 612 -31.73 1.00 41.93
CA ILE C 612 -33.01 1.07 42.62
C ILE C 612 -32.74 0.40 43.94
N ALA C 613 -33.00 1.08 45.05
CA ALA C 613 -32.75 0.53 46.38
C ALA C 613 -33.86 -0.45 46.80
N PRO C 614 -33.51 -1.72 46.97
CA PRO C 614 -34.41 -2.81 47.37
C PRO C 614 -35.57 -2.46 48.29
N GLY C 615 -35.24 -2.05 49.51
CA GLY C 615 -36.25 -1.70 50.49
C GLY C 615 -37.34 -0.75 50.06
N ASN C 616 -37.00 0.53 49.90
CA ASN C 616 -37.99 1.51 49.48
C ASN C 616 -38.05 1.61 47.96
N LYS C 617 -37.35 0.69 47.29
CA LYS C 617 -37.33 0.65 45.84
C LYS C 617 -37.20 2.07 45.25
N ALA C 618 -36.16 2.80 45.67
CA ALA C 618 -35.93 4.16 45.21
C ALA C 618 -34.67 4.35 44.38
N TYR C 619 -34.74 5.31 43.47
CA TYR C 619 -33.65 5.63 42.57
C TYR C 619 -33.12 7.03 42.89
N ILE C 620 -31.90 7.11 43.41
CA ILE C 620 -31.30 8.41 43.72
C ILE C 620 -30.02 8.60 42.91
N GLU C 621 -30.04 9.61 42.04
CA GLU C 621 -28.93 9.92 41.15
C GLU C 621 -27.75 10.63 41.82
N TRP C 622 -26.53 10.28 41.39
CA TRP C 622 -25.29 10.86 41.93
C TRP C 622 -24.13 10.69 40.95
N THR C 623 -23.71 11.79 40.32
CA THR C 623 -22.61 11.79 39.36
C THR C 623 -21.48 10.79 39.62
N ASP C 624 -21.50 9.68 38.88
CA ASP C 624 -20.47 8.66 39.00
C ASP C 624 -19.57 8.82 37.78
N PRO C 625 -18.32 9.24 37.99
CA PRO C 625 -17.34 9.44 36.93
C PRO C 625 -17.07 8.17 36.18
N ILE C 626 -17.05 7.04 36.84
CA ILE C 626 -16.78 5.83 36.08
C ILE C 626 -17.78 5.74 34.95
N THR C 627 -19.04 5.88 35.29
CA THR C 627 -20.09 5.83 34.30
C THR C 627 -19.86 6.92 33.24
N LYS C 628 -19.27 8.03 33.65
CA LYS C 628 -18.95 9.14 32.74
C LYS C 628 -18.24 8.58 31.51
N ALA C 629 -17.14 7.88 31.77
CA ALA C 629 -16.30 7.30 30.74
C ALA C 629 -16.78 5.99 30.18
N LYS C 630 -17.97 5.54 30.54
CA LYS C 630 -18.41 4.28 29.99
C LYS C 630 -18.68 4.41 28.49
N ILE C 631 -19.28 5.53 28.09
CA ILE C 631 -19.61 5.74 26.69
C ILE C 631 -18.46 5.48 25.74
N ASN C 632 -17.23 5.76 26.14
CA ASN C 632 -16.07 5.54 25.25
C ASN C 632 -15.22 4.40 25.73
N THR C 633 -15.81 3.35 26.25
CA THR C 633 -15.00 2.22 26.68
C THR C 633 -15.52 0.91 26.14
N ILE C 634 -14.63 0.14 25.51
CA ILE C 634 -15.03 -1.15 24.97
C ILE C 634 -15.35 -2.03 26.17
N PRO C 635 -16.49 -2.74 26.13
CA PRO C 635 -16.91 -3.61 27.22
C PRO C 635 -15.97 -4.77 27.49
N THR C 636 -16.20 -5.43 28.61
CA THR C 636 -15.41 -6.59 29.03
C THR C 636 -16.15 -7.90 28.74
N SER C 637 -15.40 -8.98 28.55
CA SER C 637 -16.00 -10.28 28.28
C SER C 637 -17.19 -10.44 29.20
N ALA C 638 -16.91 -10.33 30.50
CA ALA C 638 -17.92 -10.49 31.53
C ALA C 638 -18.96 -9.39 31.61
N GLU C 639 -18.60 -8.19 31.20
CA GLU C 639 -19.58 -7.12 31.25
C GLU C 639 -20.59 -7.50 30.17
N PHE C 640 -20.06 -8.13 29.12
CA PHE C 640 -20.85 -8.55 27.96
C PHE C 640 -21.73 -9.73 28.25
N ILE C 641 -21.12 -10.84 28.63
CA ILE C 641 -21.90 -12.01 28.96
C ILE C 641 -23.03 -11.54 29.88
N LYS C 642 -22.67 -10.87 30.96
CA LYS C 642 -23.65 -10.36 31.91
C LYS C 642 -24.87 -9.76 31.23
N ASN C 643 -24.68 -8.68 30.45
CA ASN C 643 -25.78 -8.02 29.75
C ASN C 643 -26.65 -8.98 28.96
N LEU C 644 -26.03 -10.00 28.36
CA LEU C 644 -26.80 -11.00 27.63
C LEU C 644 -27.65 -11.68 28.69
N SER C 645 -26.97 -12.25 29.69
CA SER C 645 -27.63 -12.92 30.79
C SER C 645 -28.81 -12.10 31.32
N SER C 646 -28.75 -10.79 31.17
CA SER C 646 -29.85 -9.97 31.64
C SER C 646 -31.03 -10.05 30.72
N ILE C 647 -30.88 -9.52 29.50
CA ILE C 647 -31.98 -9.53 28.52
C ILE C 647 -32.70 -10.88 28.44
N ARG C 648 -31.98 -11.94 28.79
CA ARG C 648 -32.56 -13.27 28.79
C ARG C 648 -33.72 -13.18 29.76
N ARG C 649 -33.41 -12.93 31.03
CA ARG C 649 -34.43 -12.81 32.04
C ARG C 649 -35.47 -11.71 31.75
N SER C 650 -35.25 -10.89 30.64
CA SER C 650 -36.15 -9.81 30.27
C SER C 650 -37.10 -10.24 29.17
N SER C 651 -36.60 -10.18 27.92
CA SER C 651 -37.33 -10.85 26.89
C SER C 651 -36.96 -12.26 27.28
N ASN C 652 -37.94 -13.12 27.46
CA ASN C 652 -37.57 -14.49 27.84
C ASN C 652 -36.88 -15.23 26.70
N VAL C 653 -36.10 -14.57 25.88
CA VAL C 653 -35.44 -15.27 24.81
C VAL C 653 -33.97 -14.89 24.71
N GLY C 654 -33.09 -15.95 24.74
CA GLY C 654 -31.68 -15.60 24.66
C GLY C 654 -31.14 -15.46 23.25
N VAL C 655 -30.00 -14.79 23.10
CA VAL C 655 -29.36 -14.57 21.80
C VAL C 655 -29.40 -15.81 20.95
N TYR C 656 -29.14 -16.96 21.57
CA TYR C 656 -29.15 -18.20 20.84
C TYR C 656 -30.02 -19.21 21.58
N LYS C 657 -30.85 -19.93 20.82
CA LYS C 657 -31.73 -20.91 21.42
C LYS C 657 -31.09 -22.28 21.39
N ASP C 658 -31.52 -23.16 22.29
CA ASP C 658 -31.01 -24.52 22.31
C ASP C 658 -31.95 -25.20 21.35
N SER C 659 -31.51 -25.35 20.10
CA SER C 659 -32.33 -25.96 19.05
C SER C 659 -31.47 -26.69 18.03
N GLY C 660 -32.14 -27.19 17.00
CA GLY C 660 -31.45 -27.91 15.94
C GLY C 660 -31.06 -27.00 14.79
N ASP C 661 -31.78 -25.88 14.61
CA ASP C 661 -31.47 -24.95 13.52
C ASP C 661 -29.98 -24.77 13.61
N LYS C 662 -29.29 -24.78 12.48
CA LYS C 662 -27.85 -24.63 12.54
C LYS C 662 -27.48 -23.18 12.48
N ASP C 663 -28.47 -22.31 12.45
CA ASP C 663 -28.14 -20.91 12.41
C ASP C 663 -28.06 -20.40 13.82
N GLU C 664 -28.87 -21.00 14.69
CA GLU C 664 -28.86 -20.63 16.08
C GLU C 664 -27.41 -20.88 16.51
N PHE C 665 -26.92 -22.08 16.23
CA PHE C 665 -25.54 -22.43 16.57
C PHE C 665 -24.66 -21.30 16.06
N ALA C 666 -24.68 -21.07 14.75
CA ALA C 666 -23.92 -20.01 14.16
C ALA C 666 -23.85 -18.82 15.10
N LYS C 667 -25.02 -18.25 15.38
CA LYS C 667 -25.14 -17.11 16.29
C LYS C 667 -24.39 -17.42 17.56
N LYS C 668 -24.69 -18.55 18.19
CA LYS C 668 -23.97 -18.92 19.41
C LYS C 668 -22.49 -18.79 19.15
N GLU C 669 -21.95 -19.68 18.33
CA GLU C 669 -20.53 -19.69 18.01
C GLU C 669 -19.99 -18.28 17.87
N SER C 670 -20.80 -17.43 17.27
CA SER C 670 -20.41 -16.06 17.04
C SER C 670 -20.21 -15.21 18.29
N VAL C 671 -21.15 -15.27 19.23
CA VAL C 671 -21.00 -14.47 20.45
C VAL C 671 -19.84 -15.03 21.24
N LYS C 672 -19.61 -16.34 21.17
CA LYS C 672 -18.50 -16.91 21.88
C LYS C 672 -17.24 -16.28 21.28
N LYS C 673 -17.38 -15.77 20.05
CA LYS C 673 -16.25 -15.15 19.35
C LYS C 673 -16.00 -13.73 19.82
N ILE C 674 -17.06 -12.97 20.04
CA ILE C 674 -16.93 -11.60 20.53
C ILE C 674 -16.46 -11.67 21.99
N ALA C 675 -17.00 -12.66 22.71
CA ALA C 675 -16.64 -12.86 24.09
C ALA C 675 -15.15 -12.95 24.19
N GLY C 676 -14.52 -13.45 23.14
CA GLY C 676 -13.06 -13.52 23.13
C GLY C 676 -12.49 -12.15 22.88
N TYR C 677 -12.57 -11.72 21.61
CA TYR C 677 -12.10 -10.41 21.16
C TYR C 677 -12.15 -9.38 22.28
N LEU C 678 -13.27 -9.27 22.97
CA LEU C 678 -13.35 -8.33 24.06
C LEU C 678 -12.31 -8.73 25.08
N SER C 679 -12.45 -9.93 25.60
CA SER C 679 -11.53 -10.42 26.60
C SER C 679 -10.10 -10.27 26.14
N ASP C 680 -9.88 -10.24 24.83
CA ASP C 680 -8.52 -10.12 24.31
C ASP C 680 -8.04 -8.68 24.36
N TYR C 681 -8.97 -7.73 24.27
CA TYR C 681 -8.62 -6.32 24.32
C TYR C 681 -7.91 -6.07 25.63
N TYR C 682 -8.56 -6.51 26.70
CA TYR C 682 -8.02 -6.34 28.05
C TYR C 682 -7.01 -7.42 28.46
N ASN C 683 -5.86 -7.48 27.77
CA ASN C 683 -4.86 -8.49 28.12
C ASN C 683 -3.76 -7.83 28.93
N SER C 684 -3.37 -8.48 30.02
CA SER C 684 -2.34 -7.95 30.90
C SER C 684 -0.95 -8.00 30.30
N ALA C 685 -0.76 -8.80 29.27
CA ALA C 685 0.54 -8.86 28.64
C ALA C 685 0.68 -7.75 27.61
N ASN C 686 -0.23 -6.78 27.65
CA ASN C 686 -0.15 -5.66 26.73
C ASN C 686 0.96 -4.77 27.27
N HIS C 687 1.56 -5.20 28.39
CA HIS C 687 2.62 -4.41 29.06
C HIS C 687 4.01 -4.52 28.48
N ILE C 688 4.35 -5.69 27.91
CA ILE C 688 5.65 -5.88 27.29
C ILE C 688 5.69 -5.20 25.93
N PHE C 689 4.73 -4.33 25.68
CA PHE C 689 4.70 -3.62 24.43
C PHE C 689 4.92 -2.15 24.73
N SER C 690 5.03 -1.37 23.67
CA SER C 690 5.24 0.08 23.77
C SER C 690 3.91 0.82 23.68
N GLN C 691 3.77 1.89 24.44
CA GLN C 691 2.54 2.66 24.42
C GLN C 691 1.94 2.71 23.02
N GLU C 692 2.79 2.95 22.03
CA GLU C 692 2.37 3.02 20.62
C GLU C 692 1.58 1.78 20.23
N LYS C 693 2.26 0.65 20.19
CA LYS C 693 1.63 -0.61 19.82
C LYS C 693 0.34 -0.84 20.59
N LYS C 694 0.41 -0.76 21.91
CA LYS C 694 -0.76 -0.94 22.77
C LYS C 694 -1.97 -0.35 22.05
N ARG C 695 -1.87 0.87 21.54
CA ARG C 695 -3.02 1.49 20.86
C ARG C 695 -3.38 0.73 19.61
N LYS C 696 -2.39 0.47 18.78
CA LYS C 696 -2.61 -0.27 17.55
C LYS C 696 -3.17 -1.64 17.92
N ILE C 697 -2.31 -2.49 18.48
CA ILE C 697 -2.73 -3.83 18.88
C ILE C 697 -4.16 -3.89 19.42
N SER C 698 -4.54 -2.89 20.22
CA SER C 698 -5.88 -2.83 20.81
C SER C 698 -6.95 -2.29 19.85
N ILE C 699 -6.58 -1.34 19.01
CA ILE C 699 -7.55 -0.82 18.06
C ILE C 699 -7.99 -1.96 17.17
N PHE C 700 -7.11 -2.91 16.94
CA PHE C 700 -7.50 -4.02 16.10
C PHE C 700 -8.44 -4.92 16.87
N ARG C 701 -7.96 -5.39 18.02
CA ARG C 701 -8.75 -6.26 18.89
C ARG C 701 -10.13 -5.60 18.94
N GLY C 702 -10.13 -4.29 19.14
CA GLY C 702 -11.40 -3.58 19.18
C GLY C 702 -12.16 -3.89 17.92
N ILE C 703 -11.66 -3.36 16.81
CA ILE C 703 -12.27 -3.56 15.47
C ILE C 703 -12.77 -4.96 15.19
N GLN C 704 -11.95 -5.95 15.53
CA GLN C 704 -12.32 -7.34 15.33
C GLN C 704 -13.66 -7.58 15.99
N ALA C 705 -13.84 -7.00 17.17
CA ALA C 705 -15.08 -7.13 17.92
C ALA C 705 -16.21 -6.50 17.11
N TYR C 706 -16.01 -5.22 16.75
CA TYR C 706 -17.00 -4.48 15.98
C TYR C 706 -17.42 -5.27 14.76
N ASN C 707 -16.60 -6.23 14.38
CA ASN C 707 -16.88 -7.07 13.23
C ASN C 707 -17.87 -8.15 13.59
N GLU C 708 -17.42 -9.17 14.33
CA GLU C 708 -18.34 -10.24 14.71
C GLU C 708 -19.64 -9.68 15.25
N ILE C 709 -19.65 -8.41 15.61
CA ILE C 709 -20.87 -7.80 16.09
C ILE C 709 -21.63 -7.46 14.80
N GLU C 710 -20.95 -6.75 13.92
CA GLU C 710 -21.52 -6.34 12.62
C GLU C 710 -22.05 -7.56 11.90
N ASN C 711 -21.46 -8.71 12.22
CA ASN C 711 -21.84 -9.98 11.62
C ASN C 711 -23.19 -10.48 12.12
N VAL C 712 -23.38 -10.45 13.43
CA VAL C 712 -24.65 -10.93 13.97
C VAL C 712 -25.80 -9.95 13.75
N LEU C 713 -25.53 -8.65 13.80
CA LEU C 713 -26.57 -7.64 13.62
C LEU C 713 -27.20 -7.89 12.24
N LYS C 714 -26.40 -8.51 11.38
CA LYS C 714 -26.82 -8.85 10.03
C LYS C 714 -26.93 -10.37 10.01
N SER C 715 -27.62 -10.78 10.97
CA SER C 715 -27.80 -12.21 11.07
C SER C 715 -29.22 -12.68 10.78
N LYS C 716 -29.61 -13.73 11.49
CA LYS C 716 -30.95 -14.28 11.44
C LYS C 716 -31.75 -13.49 12.42
N GLN C 717 -32.80 -14.07 12.93
CA GLN C 717 -33.72 -13.32 13.78
C GLN C 717 -33.34 -13.09 15.23
N ILE C 718 -32.23 -12.60 15.53
CA ILE C 718 -31.88 -12.29 16.90
C ILE C 718 -32.89 -11.23 17.24
N ALA C 719 -33.65 -11.47 18.31
CA ALA C 719 -34.68 -10.52 18.74
C ALA C 719 -34.18 -9.09 18.69
N PRO C 720 -35.08 -8.12 18.84
CA PRO C 720 -34.60 -6.73 18.81
C PRO C 720 -33.89 -6.38 20.11
N GLU C 721 -34.41 -6.92 21.22
CA GLU C 721 -33.82 -6.69 22.54
C GLU C 721 -32.31 -6.78 22.38
N TYR C 722 -31.86 -7.80 21.66
CA TYR C 722 -30.45 -7.99 21.41
C TYR C 722 -30.03 -7.16 20.24
N LYS C 723 -30.93 -6.95 19.29
CA LYS C 723 -30.56 -6.14 18.15
C LYS C 723 -30.10 -4.79 18.69
N ASN C 724 -30.82 -4.28 19.70
CA ASN C 724 -30.51 -2.99 20.33
C ASN C 724 -29.17 -3.01 21.06
N TYR C 725 -29.04 -3.86 22.07
CA TYR C 725 -27.78 -3.98 22.84
C TYR C 725 -26.62 -3.92 21.89
N PHE C 726 -26.54 -4.87 20.95
CA PHE C 726 -25.47 -4.89 19.95
C PHE C 726 -25.43 -3.50 19.28
N GLN C 727 -26.58 -2.97 18.91
CA GLN C 727 -26.59 -1.66 18.28
C GLN C 727 -25.74 -0.74 19.14
N TYR C 728 -25.85 -0.92 20.45
CA TYR C 728 -25.14 -0.11 21.45
C TYR C 728 -23.68 -0.50 21.65
N LEU C 729 -23.41 -1.80 21.76
CA LEU C 729 -22.04 -2.26 21.92
C LEU C 729 -21.14 -1.73 20.82
N LYS C 730 -21.77 -1.31 19.72
CA LYS C 730 -21.01 -0.78 18.61
C LYS C 730 -20.51 0.61 18.96
N GLU C 731 -21.44 1.50 19.26
CA GLU C 731 -21.08 2.87 19.59
C GLU C 731 -19.92 2.85 20.59
N ARG C 732 -19.91 1.89 21.50
CA ARG C 732 -18.83 1.80 22.46
C ARG C 732 -17.55 1.57 21.66
N ILE C 733 -17.33 0.33 21.23
CA ILE C 733 -16.15 -0.05 20.44
C ILE C 733 -15.71 1.15 19.64
N THR C 734 -16.60 1.55 18.74
CA THR C 734 -16.37 2.70 17.90
C THR C 734 -15.67 3.81 18.67
N ASN C 735 -16.38 4.39 19.65
CA ASN C 735 -15.82 5.46 20.46
C ASN C 735 -14.44 5.08 21.03
N GLN C 736 -14.37 3.90 21.66
CA GLN C 736 -13.13 3.42 22.25
C GLN C 736 -12.07 3.37 21.18
N VAL C 737 -12.45 2.88 20.01
CA VAL C 737 -11.51 2.77 18.92
C VAL C 737 -11.19 4.14 18.36
N GLN C 738 -12.12 5.07 18.45
CA GLN C 738 -11.89 6.40 17.95
C GLN C 738 -10.92 7.10 18.86
N LEU C 739 -11.16 6.95 20.15
CA LEU C 739 -10.33 7.54 21.20
C LEU C 739 -8.89 7.05 21.08
N LEU C 740 -8.70 5.76 20.89
CA LEU C 740 -7.36 5.21 20.76
C LEU C 740 -6.65 5.76 19.53
N LEU C 741 -7.42 6.38 18.66
CA LEU C 741 -6.85 6.96 17.48
C LEU C 741 -6.42 8.37 17.81
N THR C 742 -7.36 9.21 18.25
CA THR C 742 -6.99 10.59 18.56
C THR C 742 -5.95 10.71 19.68
N HIS C 743 -5.32 9.72 20.05
CA HIS C 743 -4.32 9.90 21.00
C HIS C 743 -3.04 10.02 20.15
N GLN C 744 -3.03 9.44 18.96
CA GLN C 744 -1.75 9.39 18.23
C GLN C 744 -1.68 10.12 16.83
N LYS C 745 -2.46 9.63 15.86
CA LYS C 745 -2.54 10.23 14.52
C LYS C 745 -4.04 10.37 14.12
N SER C 746 -4.64 11.63 14.14
CA SER C 746 -6.14 11.80 13.98
C SER C 746 -6.77 12.49 12.79
N ASN C 747 -6.51 11.97 11.61
CA ASN C 747 -7.06 12.50 10.40
C ASN C 747 -8.00 11.43 9.89
N ILE C 748 -7.89 10.17 10.46
CA ILE C 748 -8.54 8.91 10.16
C ILE C 748 -9.81 8.75 10.97
N GLU C 749 -10.85 8.23 10.34
CA GLU C 749 -12.13 8.03 11.00
C GLU C 749 -12.45 6.55 11.05
N PHE C 750 -13.13 6.16 12.12
CA PHE C 750 -13.49 4.77 12.27
C PHE C 750 -14.15 4.24 11.03
N LYS C 751 -15.27 4.88 10.66
CA LYS C 751 -16.05 4.49 9.48
C LYS C 751 -15.17 4.14 8.28
N LEU C 752 -14.26 5.04 7.96
CA LEU C 752 -13.35 4.86 6.85
C LEU C 752 -12.36 3.74 7.12
N LEU C 753 -11.55 3.92 8.16
CA LEU C 753 -10.53 2.94 8.54
C LEU C 753 -11.10 1.54 8.40
N TYR C 754 -12.37 1.40 8.73
CA TYR C 754 -13.05 0.10 8.66
C TYR C 754 -13.12 -0.34 7.21
N LYS C 755 -13.77 0.48 6.37
CA LYS C 755 -13.93 0.20 4.95
C LYS C 755 -12.69 -0.48 4.39
N GLN C 756 -11.56 0.21 4.50
CA GLN C 756 -10.28 -0.27 4.00
C GLN C 756 -9.79 -1.65 4.47
N LEU C 757 -10.53 -2.31 5.36
CA LEU C 757 -10.12 -3.63 5.82
C LEU C 757 -10.79 -4.76 5.04
N ASN C 758 -10.26 -5.98 5.19
CA ASN C 758 -10.80 -7.14 4.49
C ASN C 758 -10.97 -8.35 5.42
N PHE C 759 -12.12 -8.42 6.10
CA PHE C 759 -12.39 -9.54 7.00
C PHE C 759 -13.25 -10.57 6.27
N THR C 760 -12.66 -11.26 5.29
CA THR C 760 -13.36 -12.28 4.50
C THR C 760 -12.82 -13.69 4.79
N GLU C 761 -11.83 -14.13 4.02
CA GLU C 761 -11.27 -15.46 4.22
C GLU C 761 -9.84 -15.46 4.78
N ASN C 762 -9.15 -14.32 4.67
CA ASN C 762 -7.78 -14.21 5.18
C ASN C 762 -7.53 -12.94 6.02
N GLU C 763 -7.20 -13.13 7.29
CA GLU C 763 -6.94 -12.04 8.22
C GLU C 763 -5.44 -11.72 8.20
N THR C 764 -4.64 -12.73 7.87
CA THR C 764 -3.18 -12.63 7.81
C THR C 764 -2.62 -11.24 7.53
N ASP C 765 -2.55 -10.86 6.27
CA ASP C 765 -2.02 -9.55 5.88
C ASP C 765 -2.94 -8.38 6.23
N ASN C 766 -4.17 -8.68 6.65
CA ASN C 766 -5.11 -7.63 6.99
C ASN C 766 -4.54 -6.77 8.09
N PHE C 767 -3.91 -7.41 9.08
CA PHE C 767 -3.31 -6.65 10.17
C PHE C 767 -2.18 -5.84 9.53
N GLU C 768 -1.43 -6.49 8.65
CA GLU C 768 -0.33 -5.83 7.96
C GLU C 768 -0.90 -4.61 7.23
N VAL C 769 -2.10 -4.78 6.69
CA VAL C 769 -2.79 -3.70 5.98
C VAL C 769 -3.08 -2.58 6.96
N PHE C 770 -3.57 -2.97 8.13
CA PHE C 770 -3.92 -2.02 9.16
C PHE C 770 -2.76 -1.11 9.53
N GLN C 771 -1.58 -1.70 9.74
CA GLN C 771 -0.40 -0.93 10.10
C GLN C 771 -0.22 0.26 9.15
N LYS C 772 -0.12 -0.05 7.86
CA LYS C 772 0.07 0.97 6.84
C LYS C 772 -1.07 1.97 6.79
N ILE C 773 -2.20 1.64 7.40
CA ILE C 773 -3.33 2.57 7.39
C ILE C 773 -3.04 3.74 8.30
N ILE C 774 -1.97 3.64 9.10
CA ILE C 774 -1.60 4.73 9.99
C ILE C 774 -0.16 5.20 9.75
N ASP C 775 0.01 6.03 8.74
CA ASP C 775 1.30 6.60 8.35
C ASP C 775 1.10 7.87 7.52
N ASN D 41 -70.90 15.84 -21.02
CA ASN D 41 -72.03 16.73 -21.10
C ASN D 41 -71.98 17.51 -22.44
N ASN D 42 -73.11 17.88 -22.98
CA ASN D 42 -73.02 18.63 -24.23
C ASN D 42 -73.51 20.04 -23.91
N LEU D 43 -72.68 21.05 -24.11
CA LEU D 43 -73.00 22.43 -23.67
C LEU D 43 -74.06 23.22 -24.45
N VAL D 44 -73.89 23.32 -25.76
CA VAL D 44 -74.84 24.09 -26.53
C VAL D 44 -76.03 23.32 -27.04
N LYS D 45 -77.19 23.95 -26.93
CA LYS D 45 -78.44 23.39 -27.39
C LYS D 45 -79.01 24.34 -28.44
N THR D 46 -79.43 23.80 -29.58
CA THR D 46 -80.02 24.61 -30.66
C THR D 46 -81.51 24.30 -30.73
N GLU D 47 -82.33 25.25 -30.31
CA GLU D 47 -83.76 25.03 -30.26
C GLU D 47 -84.42 24.79 -31.60
N PHE D 48 -84.57 25.90 -32.44
CA PHE D 48 -85.21 25.75 -33.72
C PHE D 48 -84.26 25.63 -34.91
N THR D 49 -84.23 24.39 -35.43
CA THR D 49 -83.45 24.11 -36.65
C THR D 49 -84.37 24.60 -37.79
N ASN D 50 -84.71 25.90 -37.71
CA ASN D 50 -85.66 26.57 -38.64
C ASN D 50 -85.05 27.38 -39.78
N GLU D 51 -84.13 28.25 -39.48
CA GLU D 51 -83.52 28.99 -40.58
C GLU D 51 -82.60 28.02 -41.33
N THR D 52 -81.85 28.50 -42.29
CA THR D 52 -80.91 27.62 -42.92
C THR D 52 -79.62 27.87 -42.14
N LEU D 53 -78.48 27.59 -42.79
CA LEU D 53 -77.18 27.87 -42.24
C LEU D 53 -77.17 29.28 -41.68
N ASP D 54 -77.96 30.15 -42.27
CA ASP D 54 -78.01 31.53 -41.83
C ASP D 54 -78.12 31.64 -40.30
N LYS D 55 -78.97 30.82 -39.68
CA LYS D 55 -79.11 30.86 -38.22
C LYS D 55 -77.99 30.03 -37.62
N ILE D 56 -77.90 28.78 -38.07
CA ILE D 56 -76.87 27.83 -37.62
C ILE D 56 -75.51 28.47 -37.77
N GLN D 57 -75.12 28.69 -39.02
CA GLN D 57 -73.84 29.28 -39.32
C GLN D 57 -73.66 30.64 -38.66
N GLN D 58 -74.58 31.02 -37.77
CA GLN D 58 -74.46 32.29 -37.05
C GLN D 58 -74.16 31.98 -35.59
N THR D 59 -74.76 30.91 -35.07
CA THR D 59 -74.50 30.49 -33.71
C THR D 59 -73.08 29.90 -33.69
N GLN D 60 -72.65 29.35 -34.82
CA GLN D 60 -71.31 28.81 -34.92
C GLN D 60 -70.39 30.03 -34.95
N ASP D 61 -70.56 30.88 -35.95
CA ASP D 61 -69.76 32.09 -36.06
C ASP D 61 -69.71 32.77 -34.71
N LEU D 62 -70.57 32.33 -33.80
CA LEU D 62 -70.59 32.94 -32.51
C LEU D 62 -69.68 32.25 -31.49
N LEU D 63 -69.82 30.94 -31.36
CA LEU D 63 -69.00 30.21 -30.40
C LEU D 63 -67.55 30.03 -30.83
N LYS D 64 -67.29 29.99 -32.14
CA LYS D 64 -65.93 29.80 -32.64
C LYS D 64 -65.02 30.95 -32.27
N LYS D 65 -65.62 31.98 -31.68
CA LYS D 65 -64.88 33.15 -31.27
C LYS D 65 -64.60 33.14 -29.77
N ILE D 66 -65.45 32.47 -29.00
CA ILE D 66 -65.25 32.37 -27.56
C ILE D 66 -64.24 31.24 -27.37
N PRO D 67 -63.23 31.44 -26.51
CA PRO D 67 -62.17 30.44 -26.25
C PRO D 67 -62.66 29.12 -25.68
N LYS D 68 -62.51 28.07 -26.47
CA LYS D 68 -62.93 26.74 -26.09
C LYS D 68 -62.99 26.51 -24.59
N ASP D 69 -61.90 26.80 -23.91
CA ASP D 69 -61.85 26.60 -22.47
C ASP D 69 -62.88 27.40 -21.69
N VAL D 70 -63.10 28.65 -22.06
CA VAL D 70 -64.07 29.44 -21.32
C VAL D 70 -65.39 28.70 -21.34
N LEU D 71 -65.55 27.78 -22.29
CA LEU D 71 -66.77 26.98 -22.37
C LEU D 71 -66.63 25.85 -21.35
N GLU D 72 -65.48 25.18 -21.36
CA GLU D 72 -65.21 24.11 -20.41
C GLU D 72 -65.36 24.63 -18.98
N ILE D 73 -65.27 25.94 -18.82
CA ILE D 73 -65.41 26.58 -17.51
C ILE D 73 -66.90 26.68 -17.25
N TYR D 74 -67.64 26.76 -18.33
CA TYR D 74 -69.08 26.85 -18.22
C TYR D 74 -69.61 25.47 -17.91
N SER D 75 -69.45 24.55 -18.87
CA SER D 75 -69.95 23.20 -18.71
C SER D 75 -69.64 22.63 -17.34
N GLU D 76 -68.54 23.08 -16.75
CA GLU D 76 -68.15 22.60 -15.43
C GLU D 76 -69.14 23.16 -14.43
N LEU D 77 -69.46 24.44 -14.55
CA LEU D 77 -70.41 25.06 -13.66
C LEU D 77 -71.80 24.51 -14.03
N GLY D 78 -71.82 23.33 -14.65
CA GLY D 78 -73.06 22.72 -15.04
C GLY D 78 -73.92 23.57 -15.96
N GLY D 79 -73.33 24.60 -16.56
CA GLY D 79 -74.07 25.46 -17.47
C GLY D 79 -74.45 24.79 -18.78
N GLU D 80 -75.27 25.47 -19.56
CA GLU D 80 -75.74 24.97 -20.83
C GLU D 80 -76.12 26.22 -21.62
N ILE D 81 -75.67 26.39 -22.85
CA ILE D 81 -76.05 27.60 -23.57
C ILE D 81 -77.26 27.33 -24.45
N TYR D 82 -78.23 28.24 -24.41
CA TYR D 82 -79.44 28.04 -25.20
C TYR D 82 -79.60 28.99 -26.37
N PHE D 83 -79.61 28.44 -27.57
CA PHE D 83 -79.80 29.24 -28.77
C PHE D 83 -81.19 28.87 -29.28
N THR D 84 -82.03 29.96 -29.62
CA THR D 84 -83.38 29.66 -30.10
C THR D 84 -83.66 30.45 -31.37
N ASP D 85 -84.89 30.29 -31.90
CA ASP D 85 -85.33 30.96 -33.16
C ASP D 85 -85.96 32.34 -32.89
N ILE D 86 -87.26 32.41 -32.64
CA ILE D 86 -87.90 33.68 -32.28
C ILE D 86 -88.67 33.54 -30.99
N ASP D 87 -87.94 33.65 -29.97
CA ASP D 87 -88.40 33.68 -28.64
C ASP D 87 -87.64 34.87 -28.07
N LEU D 88 -88.30 35.98 -27.97
CA LEU D 88 -87.57 37.04 -27.33
C LEU D 88 -87.95 37.04 -25.88
N VAL D 89 -89.19 37.35 -25.66
CA VAL D 89 -89.81 37.49 -24.35
C VAL D 89 -89.80 36.20 -23.53
N GLU D 90 -90.39 36.27 -22.34
CA GLU D 90 -90.48 35.14 -21.42
C GLU D 90 -91.27 34.07 -22.15
N HIS D 91 -90.71 33.55 -23.25
CA HIS D 91 -91.39 32.54 -24.03
C HIS D 91 -90.62 31.23 -24.05
N LYS D 92 -89.32 31.30 -23.79
CA LYS D 92 -88.52 30.10 -23.82
C LYS D 92 -88.95 29.11 -22.75
N GLU D 93 -88.89 27.83 -23.11
CA GLU D 93 -89.27 26.75 -22.21
C GLU D 93 -88.45 26.69 -20.94
N LEU D 94 -87.75 27.79 -20.64
CA LEU D 94 -86.92 27.88 -19.44
C LEU D 94 -86.76 29.36 -19.04
N GLN D 95 -87.60 30.22 -19.62
CA GLN D 95 -87.53 31.66 -19.33
C GLN D 95 -88.63 32.21 -18.43
N ASP D 96 -89.30 31.40 -17.70
CA ASP D 96 -90.38 31.78 -16.78
C ASP D 96 -89.81 32.23 -15.38
N LEU D 97 -90.62 32.15 -14.27
CA LEU D 97 -90.33 32.73 -12.91
C LEU D 97 -89.47 32.06 -11.84
N SER D 98 -88.15 32.06 -11.97
CA SER D 98 -87.33 31.35 -10.95
C SER D 98 -86.48 32.31 -10.10
N GLU D 99 -85.34 32.60 -10.61
CA GLU D 99 -84.49 33.60 -10.03
C GLU D 99 -84.47 34.67 -11.09
N GLU D 100 -85.44 35.55 -11.14
CA GLU D 100 -85.44 36.56 -12.19
C GLU D 100 -84.70 37.83 -11.78
N GLU D 101 -85.17 38.88 -12.25
CA GLU D 101 -84.62 40.21 -12.00
C GLU D 101 -84.98 40.78 -10.63
N LYS D 102 -83.99 40.83 -9.75
CA LYS D 102 -84.16 41.36 -8.39
C LYS D 102 -83.71 42.84 -8.35
N ASN D 103 -82.41 43.13 -8.35
CA ASN D 103 -81.83 44.48 -8.35
C ASN D 103 -81.30 44.85 -9.76
N SER D 104 -81.61 46.10 -10.18
CA SER D 104 -81.34 46.66 -11.54
C SER D 104 -79.97 47.23 -11.87
N MET D 105 -79.15 46.40 -12.42
CA MET D 105 -77.87 46.70 -12.94
C MET D 105 -77.88 45.68 -14.01
N ASN D 106 -78.10 46.01 -15.27
CA ASN D 106 -78.27 44.86 -16.15
C ASN D 106 -77.20 44.63 -17.20
N SER D 107 -77.27 45.44 -18.19
CA SER D 107 -76.35 45.39 -19.26
C SER D 107 -75.12 46.20 -18.93
N ARG D 108 -74.23 46.32 -19.92
CA ARG D 108 -73.03 47.12 -19.80
C ARG D 108 -73.24 48.36 -18.91
N GLY D 109 -74.13 49.28 -19.36
CA GLY D 109 -74.58 50.50 -18.69
C GLY D 109 -75.85 50.07 -17.95
N GLU D 110 -76.86 50.86 -17.79
CA GLU D 110 -77.95 50.17 -17.12
C GLU D 110 -79.27 50.48 -17.76
N LYS D 111 -79.99 49.48 -18.14
CA LYS D 111 -81.14 49.86 -18.89
C LYS D 111 -82.44 49.20 -18.38
N VAL D 112 -82.33 47.84 -17.99
CA VAL D 112 -83.44 47.01 -17.46
C VAL D 112 -84.76 46.93 -18.25
N PRO D 113 -84.68 46.89 -19.60
CA PRO D 113 -85.91 46.80 -20.41
C PRO D 113 -86.19 45.38 -20.89
N PHE D 114 -85.80 44.39 -20.08
CA PHE D 114 -85.98 42.98 -20.40
C PHE D 114 -86.67 42.75 -21.75
N ALA D 115 -87.98 42.97 -21.79
CA ALA D 115 -88.77 42.77 -23.00
C ALA D 115 -87.93 42.72 -24.27
N SER D 116 -87.39 43.88 -24.66
CA SER D 116 -86.59 44.03 -25.87
C SER D 116 -85.35 43.12 -26.00
N ARG D 117 -84.89 42.54 -24.89
CA ARG D 117 -83.71 41.68 -24.87
C ARG D 117 -83.70 40.42 -25.75
N PHE D 118 -82.49 39.93 -26.04
CA PHE D 118 -82.29 38.73 -26.86
C PHE D 118 -81.27 37.78 -26.23
N VAL D 119 -80.59 38.28 -25.21
CA VAL D 119 -79.59 37.52 -24.50
C VAL D 119 -79.88 37.55 -23.03
N PHE D 120 -79.97 36.37 -22.41
CA PHE D 120 -80.23 36.31 -20.99
C PHE D 120 -79.53 35.16 -20.26
N GLU D 121 -79.31 35.37 -18.97
CA GLU D 121 -78.63 34.42 -18.09
C GLU D 121 -79.40 34.16 -16.80
N LYS D 122 -79.80 32.91 -16.58
CA LYS D 122 -80.52 32.49 -15.37
C LYS D 122 -79.40 32.40 -14.33
N LYS D 123 -79.27 33.43 -13.50
CA LYS D 123 -78.17 33.51 -12.53
C LYS D 123 -77.98 32.52 -11.39
N ARG D 124 -78.99 31.88 -10.88
CA ARG D 124 -78.69 31.32 -9.50
C ARG D 124 -77.98 30.03 -9.06
N GLU D 125 -78.14 28.91 -9.75
CA GLU D 125 -77.50 27.64 -9.36
C GLU D 125 -76.55 27.22 -10.47
N THR D 126 -77.15 26.56 -11.40
CA THR D 126 -76.53 26.16 -12.67
C THR D 126 -76.82 27.17 -13.79
N PRO D 127 -75.82 28.02 -14.13
CA PRO D 127 -75.99 29.03 -15.16
C PRO D 127 -76.59 28.52 -16.45
N LYS D 128 -77.54 29.28 -16.97
CA LYS D 128 -78.23 28.94 -18.20
C LYS D 128 -78.24 30.17 -19.08
N LEU D 129 -77.41 30.16 -20.12
CA LEU D 129 -77.36 31.30 -21.02
C LEU D 129 -78.34 31.02 -22.15
N ILE D 130 -79.18 32.00 -22.46
CA ILE D 130 -80.19 31.86 -23.52
C ILE D 130 -80.06 32.94 -24.56
N ILE D 131 -79.95 32.52 -25.82
CA ILE D 131 -79.77 33.43 -26.93
C ILE D 131 -80.63 33.15 -28.13
N ASN D 132 -81.20 34.21 -28.69
CA ASN D 132 -82.02 34.06 -29.87
C ASN D 132 -81.40 34.93 -30.95
N ILE D 133 -81.55 34.50 -32.19
CA ILE D 133 -81.01 35.27 -33.29
C ILE D 133 -82.13 35.47 -34.29
N LYS D 134 -82.13 36.61 -34.98
CA LYS D 134 -83.18 36.84 -35.95
C LYS D 134 -82.67 36.87 -37.38
N ASP D 135 -82.45 38.09 -38.02
CA ASP D 135 -81.97 37.99 -39.36
C ASP D 135 -80.49 38.25 -39.45
N TYR D 136 -80.05 38.27 -40.66
CA TYR D 136 -78.69 38.36 -40.95
C TYR D 136 -77.72 39.21 -40.04
N ALA D 137 -77.81 40.46 -39.52
CA ALA D 137 -76.42 40.79 -38.97
C ALA D 137 -75.99 41.66 -37.77
N ILE D 138 -75.10 40.98 -37.01
CA ILE D 138 -74.41 41.30 -35.75
C ILE D 138 -73.04 41.98 -35.94
N ASN D 139 -72.52 41.82 -37.11
CA ASN D 139 -71.19 42.29 -37.54
C ASN D 139 -71.08 43.74 -37.98
N SER D 140 -72.20 44.41 -38.20
CA SER D 140 -72.19 45.82 -38.61
C SER D 140 -71.80 46.68 -37.40
N GLU D 141 -72.64 46.67 -36.36
CA GLU D 141 -72.35 47.38 -35.13
C GLU D 141 -72.33 46.29 -34.06
N GLN D 142 -71.22 45.56 -34.02
CA GLN D 142 -70.99 44.47 -33.09
C GLN D 142 -71.32 44.84 -31.65
N SER D 143 -71.70 46.10 -31.44
CA SER D 143 -72.06 46.60 -30.13
C SER D 143 -73.27 45.82 -29.60
N LYS D 144 -73.70 44.83 -30.38
CA LYS D 144 -74.84 43.99 -30.01
C LYS D 144 -74.35 42.62 -29.51
N GLU D 145 -73.41 42.03 -30.24
CA GLU D 145 -72.86 40.74 -29.85
C GLU D 145 -72.08 40.86 -28.56
N VAL D 146 -71.55 42.06 -28.29
CA VAL D 146 -70.77 42.28 -27.08
C VAL D 146 -71.52 41.79 -25.85
N TYR D 147 -72.85 41.94 -25.86
CA TYR D 147 -73.62 41.51 -24.71
C TYR D 147 -73.73 40.01 -24.60
N TYR D 148 -73.53 39.32 -25.70
CA TYR D 148 -73.56 37.88 -25.63
C TYR D 148 -72.17 37.50 -25.12
N GLU D 149 -71.32 38.52 -24.99
CA GLU D 149 -69.96 38.32 -24.49
C GLU D 149 -69.91 38.62 -23.00
N ILE D 150 -70.23 39.86 -22.63
CA ILE D 150 -70.25 40.20 -21.23
C ILE D 150 -71.42 39.42 -20.65
N GLY D 151 -72.58 39.56 -21.29
CA GLY D 151 -73.76 38.85 -20.85
C GLY D 151 -73.32 37.47 -20.46
N LYS D 152 -72.26 37.00 -21.10
CA LYS D 152 -71.71 35.70 -20.80
C LYS D 152 -70.77 35.87 -19.63
N GLY D 153 -69.75 36.71 -19.83
CA GLY D 153 -68.77 36.96 -18.79
C GLY D 153 -69.30 36.92 -17.37
N ILE D 154 -70.59 37.23 -17.20
CA ILE D 154 -71.21 37.21 -15.88
C ILE D 154 -71.34 35.77 -15.41
N SER D 155 -70.87 34.84 -16.23
CA SER D 155 -70.89 33.43 -15.92
C SER D 155 -69.66 33.18 -15.07
N LEU D 156 -68.50 33.51 -15.66
CA LEU D 156 -67.20 33.28 -15.01
C LEU D 156 -66.57 34.33 -14.09
N ASP D 157 -67.13 35.48 -13.91
CA ASP D 157 -66.49 36.41 -13.02
C ASP D 157 -66.55 35.83 -11.61
N ILE D 158 -67.65 36.12 -11.03
CA ILE D 158 -68.07 35.79 -9.68
C ILE D 158 -67.75 34.33 -9.37
N ILE D 159 -67.25 33.62 -10.37
CA ILE D 159 -66.90 32.22 -10.24
C ILE D 159 -65.56 32.02 -10.96
N SER D 160 -65.20 32.99 -11.78
CA SER D 160 -63.96 32.94 -12.54
C SER D 160 -62.77 32.85 -11.62
N LYS D 161 -62.11 33.98 -11.54
CA LYS D 161 -60.94 34.08 -10.68
C LYS D 161 -61.12 35.35 -9.88
N ASP D 162 -61.98 36.21 -10.43
CA ASP D 162 -62.23 37.43 -9.67
C ASP D 162 -62.51 36.99 -8.25
N LYS D 163 -63.36 36.01 -8.02
CA LYS D 163 -63.59 35.67 -6.60
C LYS D 163 -63.72 34.16 -6.24
N SER D 164 -63.86 33.19 -7.19
CA SER D 164 -63.99 31.74 -6.87
C SER D 164 -62.89 31.40 -5.94
N LEU D 165 -61.69 31.16 -6.51
CA LEU D 165 -60.63 31.25 -5.56
C LEU D 165 -61.04 32.67 -5.24
N ASP D 166 -60.50 33.31 -4.25
CA ASP D 166 -61.03 34.65 -4.00
C ASP D 166 -60.44 35.70 -4.87
N PRO D 167 -60.91 36.94 -4.70
CA PRO D 167 -60.20 37.91 -5.43
C PRO D 167 -58.79 37.60 -5.04
N GLU D 168 -57.96 37.06 -5.84
CA GLU D 168 -56.67 36.91 -5.23
C GLU D 168 -55.83 38.13 -5.59
N PHE D 169 -54.86 38.50 -4.76
CA PHE D 169 -54.03 39.68 -5.10
C PHE D 169 -54.03 39.94 -6.61
N LEU D 170 -53.91 38.87 -7.41
CA LEU D 170 -53.91 38.99 -8.86
C LEU D 170 -54.89 40.08 -9.34
N ASN D 171 -56.18 39.88 -9.09
CA ASN D 171 -57.20 40.84 -9.49
C ASN D 171 -57.44 41.87 -8.38
N LEU D 172 -57.00 41.54 -7.17
CA LEU D 172 -57.17 42.47 -6.06
C LEU D 172 -56.21 43.65 -6.24
N ILE D 173 -55.04 43.37 -6.81
CA ILE D 173 -54.04 44.39 -7.06
C ILE D 173 -54.25 44.98 -8.45
N LYS D 174 -54.77 44.15 -9.37
CA LYS D 174 -55.02 44.58 -10.75
C LYS D 174 -56.20 45.55 -10.81
N SER D 175 -57.10 45.43 -9.84
CA SER D 175 -58.25 46.32 -9.78
C SER D 175 -57.69 47.61 -9.20
N LEU D 176 -56.66 47.47 -8.37
CA LEU D 176 -55.99 48.60 -7.73
C LEU D 176 -55.28 49.46 -8.77
N SER D 177 -55.09 48.91 -9.97
CA SER D 177 -54.46 49.66 -11.04
C SER D 177 -55.51 50.64 -11.54
N ASP D 178 -56.36 51.09 -10.63
CA ASP D 178 -57.34 52.08 -10.92
C ASP D 178 -56.50 53.23 -11.41
N ASP D 179 -55.59 53.63 -10.54
CA ASP D 179 -54.74 54.74 -10.90
C ASP D 179 -53.32 54.77 -10.31
N SER D 180 -52.73 53.66 -9.82
CA SER D 180 -51.42 53.85 -9.16
C SER D 180 -50.16 53.27 -9.84
N ASP D 181 -50.31 52.18 -10.57
CA ASP D 181 -49.20 51.49 -11.24
C ASP D 181 -48.66 52.19 -12.50
N SER D 182 -49.42 52.06 -13.59
CA SER D 182 -49.06 52.64 -14.90
C SER D 182 -49.68 54.02 -15.11
N SER D 183 -49.05 54.83 -15.98
CA SER D 183 -49.52 56.18 -16.31
C SER D 183 -50.76 56.20 -17.20
N ASP D 184 -51.70 55.31 -16.91
CA ASP D 184 -52.96 55.23 -17.66
C ASP D 184 -54.16 55.21 -16.70
N LEU D 185 -54.54 56.40 -16.23
CA LEU D 185 -55.68 56.57 -15.32
C LEU D 185 -56.96 56.49 -16.13
N LEU D 186 -56.97 55.55 -17.07
CA LEU D 186 -58.10 55.33 -17.96
C LEU D 186 -58.83 54.04 -17.57
N PHE D 187 -59.92 54.20 -16.85
CA PHE D 187 -60.75 53.09 -16.40
C PHE D 187 -62.19 53.58 -16.47
N SER D 188 -62.39 54.59 -17.30
CA SER D 188 -63.68 55.22 -17.53
C SER D 188 -64.74 54.22 -18.00
N GLN D 189 -64.29 53.20 -18.75
CA GLN D 189 -65.17 52.17 -19.31
C GLN D 189 -65.50 50.96 -18.43
N LYS D 190 -65.37 51.12 -17.11
CA LYS D 190 -65.67 50.04 -16.18
C LYS D 190 -65.93 50.56 -14.77
N PHE D 191 -65.51 51.79 -14.51
CA PHE D 191 -65.70 52.40 -13.19
C PHE D 191 -66.31 53.80 -13.24
N LYS D 192 -67.64 53.88 -13.06
CA LYS D 192 -68.32 55.17 -13.08
C LYS D 192 -69.05 55.46 -11.77
N GLU D 193 -70.33 55.15 -11.74
CA GLU D 193 -71.17 55.39 -10.58
C GLU D 193 -70.72 54.67 -9.30
N LYS D 194 -69.94 53.61 -9.44
CA LYS D 194 -69.50 52.86 -8.27
C LYS D 194 -68.01 53.03 -7.97
N LEU D 195 -67.27 53.59 -8.93
CA LEU D 195 -65.83 53.84 -8.74
C LEU D 195 -65.29 55.06 -9.49
N GLU D 196 -66.05 56.14 -9.47
CA GLU D 196 -65.60 57.39 -10.07
C GLU D 196 -64.86 57.97 -8.85
N LEU D 197 -64.79 57.10 -7.84
CA LEU D 197 -64.13 57.36 -6.56
C LEU D 197 -62.62 57.25 -6.79
N ASN D 198 -62.07 58.27 -7.49
CA ASN D 198 -60.64 58.34 -7.79
C ASN D 198 -59.88 58.71 -6.51
N ASN D 199 -60.64 59.08 -5.49
CA ASN D 199 -60.09 59.47 -4.20
C ASN D 199 -60.33 58.36 -3.16
N LYS D 200 -59.62 57.24 -3.33
CA LYS D 200 -59.72 56.09 -2.41
C LYS D 200 -58.69 55.02 -2.79
N SER D 201 -58.03 54.48 -1.79
CA SER D 201 -57.03 53.42 -1.99
C SER D 201 -57.77 52.09 -1.98
N ILE D 202 -58.12 51.62 -3.18
CA ILE D 202 -58.90 50.38 -3.35
C ILE D 202 -58.22 49.02 -3.18
N ASP D 203 -57.86 48.69 -1.94
CA ASP D 203 -57.23 47.40 -1.64
C ASP D 203 -58.33 46.58 -0.96
N ILE D 204 -58.00 45.95 0.16
CA ILE D 204 -58.97 45.13 0.89
C ILE D 204 -59.86 46.03 1.78
N ASN D 205 -59.59 47.29 1.70
CA ASN D 205 -60.40 48.07 2.55
C ASN D 205 -61.86 48.14 2.03
N PHE D 206 -62.04 48.30 0.72
CA PHE D 206 -63.38 48.56 0.20
C PHE D 206 -63.88 47.74 -1.01
N ILE D 207 -63.03 46.79 -1.44
CA ILE D 207 -63.43 45.98 -2.60
C ILE D 207 -64.40 44.81 -2.28
N LYS D 208 -64.54 44.47 -1.00
CA LYS D 208 -65.46 43.40 -0.60
C LYS D 208 -66.89 43.91 -0.77
N GLU D 209 -67.21 44.99 -0.04
CA GLU D 209 -68.53 45.63 -0.06
C GLU D 209 -69.27 45.43 -1.39
N ASN D 210 -68.60 45.68 -2.51
CA ASN D 210 -69.21 45.54 -3.82
C ASN D 210 -68.52 44.60 -4.80
N LEU D 211 -68.70 43.30 -4.59
CA LEU D 211 -68.14 42.28 -5.46
C LEU D 211 -68.75 42.43 -6.85
N THR D 212 -70.02 42.83 -6.88
CA THR D 212 -70.76 43.00 -8.12
C THR D 212 -70.17 43.98 -9.11
N GLU D 213 -69.79 45.18 -8.65
CA GLU D 213 -69.24 46.17 -9.56
C GLU D 213 -67.92 45.75 -10.18
N PHE D 214 -67.24 44.81 -9.53
CA PHE D 214 -65.98 44.35 -10.06
C PHE D 214 -66.19 43.11 -10.91
N GLN D 215 -67.45 42.90 -11.28
CA GLN D 215 -67.85 41.81 -12.14
C GLN D 215 -68.26 42.53 -13.41
N HIS D 216 -68.99 43.64 -13.25
CA HIS D 216 -69.43 44.45 -14.39
C HIS D 216 -68.18 44.85 -15.15
N ALA D 217 -67.03 44.64 -14.52
CA ALA D 217 -65.75 44.96 -15.11
C ALA D 217 -65.20 43.75 -15.84
N PHE D 218 -64.75 42.74 -15.09
CA PHE D 218 -64.20 41.53 -15.69
C PHE D 218 -65.03 41.12 -16.90
N SER D 219 -66.33 41.40 -16.83
CA SER D 219 -67.26 41.06 -17.88
C SER D 219 -67.05 41.95 -19.10
N LEU D 220 -66.96 43.26 -18.88
CA LEU D 220 -66.77 44.21 -19.97
C LEU D 220 -65.34 44.11 -20.50
N ALA D 221 -64.46 43.53 -19.70
CA ALA D 221 -63.07 43.36 -20.08
C ALA D 221 -62.96 42.12 -20.95
N PHE D 222 -63.90 41.20 -20.74
CA PHE D 222 -63.97 39.96 -21.49
C PHE D 222 -64.65 40.26 -22.82
N SER D 223 -65.82 40.88 -22.73
CA SER D 223 -66.59 41.26 -23.89
C SER D 223 -65.73 42.11 -24.80
N TYR D 224 -64.89 42.93 -24.18
CA TYR D 224 -64.04 43.77 -24.96
C TYR D 224 -62.89 42.98 -25.55
N TYR D 225 -62.39 41.97 -24.83
CA TYR D 225 -61.28 41.22 -25.39
C TYR D 225 -61.69 40.34 -26.54
N PHE D 226 -62.84 39.68 -26.42
CA PHE D 226 -63.28 38.78 -27.47
C PHE D 226 -64.27 39.34 -28.49
N ALA D 227 -64.73 40.56 -28.28
CA ALA D 227 -65.63 41.18 -29.23
C ALA D 227 -64.91 41.17 -30.56
N PRO D 228 -65.56 40.65 -31.62
CA PRO D 228 -65.02 40.55 -32.97
C PRO D 228 -64.51 41.87 -33.58
N ASP D 229 -64.90 42.99 -32.98
CA ASP D 229 -64.48 44.29 -33.50
C ASP D 229 -63.45 45.02 -32.65
N HIS D 230 -63.88 45.50 -31.48
CA HIS D 230 -62.99 46.26 -30.63
C HIS D 230 -62.08 45.43 -29.74
N ARG D 231 -60.90 45.09 -30.27
CA ARG D 231 -59.92 44.30 -29.53
C ARG D 231 -58.81 45.13 -28.88
N THR D 232 -58.33 46.13 -29.62
CA THR D 232 -57.25 46.99 -29.12
C THR D 232 -57.76 48.04 -28.14
N VAL D 233 -59.06 48.30 -28.17
CA VAL D 233 -59.62 49.28 -27.26
C VAL D 233 -59.14 48.93 -25.84
N LEU D 234 -59.13 47.65 -25.50
CA LEU D 234 -58.68 47.20 -24.18
C LEU D 234 -57.16 47.11 -24.08
N GLU D 235 -56.47 47.41 -25.18
CA GLU D 235 -55.00 47.36 -25.21
C GLU D 235 -54.46 48.78 -25.16
N LEU D 236 -55.19 49.69 -25.78
CA LEU D 236 -54.84 51.11 -25.83
C LEU D 236 -55.21 51.70 -24.49
N TYR D 237 -56.50 51.50 -24.11
CA TYR D 237 -57.11 52.07 -22.87
C TYR D 237 -56.93 51.43 -21.52
N ALA D 238 -57.20 50.17 -21.40
CA ALA D 238 -56.87 49.55 -20.17
C ALA D 238 -55.56 48.91 -20.57
N PRO D 239 -54.38 49.16 -19.85
CA PRO D 239 -53.13 48.49 -20.26
C PRO D 239 -52.88 47.14 -19.60
N ASP D 240 -53.47 46.93 -18.41
CA ASP D 240 -53.28 45.69 -17.68
C ASP D 240 -54.43 44.67 -17.84
N MET D 241 -55.67 45.09 -17.59
CA MET D 241 -56.81 44.18 -17.74
C MET D 241 -56.59 43.39 -19.00
N PHE D 242 -56.04 44.07 -20.01
CA PHE D 242 -55.74 43.43 -21.28
C PHE D 242 -54.79 42.27 -21.03
N GLU D 243 -53.61 42.59 -20.52
CA GLU D 243 -52.63 41.55 -20.24
C GLU D 243 -53.33 40.46 -19.44
N TYR D 244 -54.09 40.89 -18.44
CA TYR D 244 -54.84 40.00 -17.56
C TYR D 244 -55.59 38.96 -18.39
N MET D 245 -56.52 39.44 -19.20
CA MET D 245 -57.30 38.57 -20.06
C MET D 245 -56.38 37.72 -20.91
N ASN D 246 -55.45 38.37 -21.61
CA ASN D 246 -54.54 37.65 -22.50
C ASN D 246 -53.89 36.48 -21.78
N LYS D 247 -53.31 36.75 -20.62
CA LYS D 247 -52.69 35.67 -19.85
C LYS D 247 -53.74 34.56 -19.72
N LEU D 248 -54.96 34.96 -19.38
CA LEU D 248 -56.05 34.02 -19.21
C LEU D 248 -56.25 33.22 -20.48
N GLU D 249 -56.18 33.86 -21.65
CA GLU D 249 -56.33 33.10 -22.86
C GLU D 249 -55.09 32.24 -23.03
N LYS D 250 -53.94 32.82 -22.65
CA LYS D 250 -52.67 32.11 -22.77
C LYS D 250 -52.72 30.77 -22.04
N GLY D 251 -53.50 30.71 -20.95
CA GLY D 251 -53.62 29.48 -20.18
C GLY D 251 -54.37 29.62 -18.85
N GLY D 252 -54.86 30.82 -18.56
CA GLY D 252 -55.58 31.05 -17.31
C GLY D 252 -56.95 30.38 -17.24
N PHE D 253 -57.72 30.48 -18.32
CA PHE D 253 -59.04 29.87 -18.34
C PHE D 253 -58.89 28.37 -18.09
N GLU D 254 -57.82 27.78 -18.62
CA GLU D 254 -57.59 26.36 -18.41
C GLU D 254 -57.20 26.13 -16.96
N LYS D 255 -56.67 27.17 -16.32
CA LYS D 255 -56.27 27.09 -14.91
C LYS D 255 -57.48 26.62 -14.12
N ILE D 256 -58.42 27.55 -13.98
CA ILE D 256 -59.66 27.35 -13.26
C ILE D 256 -60.46 26.21 -13.88
N SER D 257 -60.38 26.07 -15.19
CA SER D 257 -61.11 25.02 -15.85
C SER D 257 -60.61 23.68 -15.32
N GLU D 258 -59.42 23.69 -14.75
CA GLU D 258 -58.85 22.47 -14.19
C GLU D 258 -58.89 22.44 -12.65
N SER D 259 -59.25 23.56 -12.05
CA SER D 259 -59.36 23.64 -10.60
C SER D 259 -60.80 23.32 -10.23
N LEU D 260 -61.70 23.47 -11.21
CA LEU D 260 -63.11 23.17 -11.00
C LEU D 260 -63.30 21.72 -11.42
N LYS D 261 -62.44 21.28 -12.33
CA LYS D 261 -62.48 19.91 -12.82
C LYS D 261 -62.02 18.99 -11.71
N LYS D 262 -60.91 19.34 -11.07
CA LYS D 262 -60.37 18.51 -9.99
C LYS D 262 -61.37 18.48 -8.83
N GLU D 263 -61.98 19.61 -8.52
CA GLU D 263 -62.96 19.59 -7.45
C GLU D 263 -64.26 19.06 -8.06
N GLY D 264 -64.14 18.41 -9.20
CA GLY D 264 -65.32 17.85 -9.81
C GLY D 264 -65.55 16.52 -9.14
N VAL D 265 -64.45 15.80 -8.93
CA VAL D 265 -64.47 14.50 -8.29
C VAL D 265 -64.39 14.66 -6.79
N GLU D 266 -63.28 15.21 -6.30
CA GLU D 266 -63.09 15.42 -4.86
C GLU D 266 -64.36 16.02 -4.24
N LYS D 267 -65.18 16.64 -5.09
CA LYS D 267 -66.43 17.24 -4.65
C LYS D 267 -67.38 16.10 -4.31
N ASP D 268 -68.09 15.63 -5.33
CA ASP D 268 -69.03 14.53 -5.20
C ASP D 268 -68.20 13.26 -5.31
N ARG D 269 -68.17 12.50 -4.23
CA ARG D 269 -67.40 11.28 -4.18
C ARG D 269 -68.01 10.45 -3.07
N ILE D 270 -67.30 9.40 -2.69
CA ILE D 270 -67.76 8.51 -1.64
C ILE D 270 -67.18 8.98 -0.31
N ASP D 271 -68.05 9.47 0.56
CA ASP D 271 -67.64 9.99 1.87
C ASP D 271 -67.01 8.88 2.70
N VAL D 272 -65.68 8.79 2.74
CA VAL D 272 -65.04 7.83 3.56
C VAL D 272 -64.07 8.66 4.33
N LEU D 273 -64.00 8.60 5.60
CA LEU D 273 -62.98 9.44 6.20
C LEU D 273 -61.59 8.83 5.88
N LYS D 274 -60.77 9.51 5.06
CA LYS D 274 -59.49 8.93 4.69
C LYS D 274 -58.48 9.35 5.74
N GLY D 275 -57.20 9.40 5.37
CA GLY D 275 -56.17 9.80 6.32
C GLY D 275 -56.14 9.00 7.62
N GLU D 276 -55.71 9.64 8.71
CA GLU D 276 -55.62 8.95 10.00
C GLU D 276 -56.92 8.92 10.80
N LYS D 277 -57.94 9.63 10.36
CA LYS D 277 -59.20 9.62 11.11
C LYS D 277 -59.75 8.21 11.08
N ALA D 278 -59.41 7.47 10.03
CA ALA D 278 -59.87 6.10 9.85
C ALA D 278 -59.08 5.23 10.79
N LEU D 279 -57.76 5.27 10.61
CA LEU D 279 -56.85 4.53 11.43
C LEU D 279 -57.31 4.58 12.90
N LYS D 280 -58.20 5.53 13.22
CA LYS D 280 -58.73 5.68 14.57
C LYS D 280 -59.74 4.60 14.88
N ALA D 281 -60.69 4.39 13.97
CA ALA D 281 -61.69 3.34 14.17
C ALA D 281 -61.13 2.04 13.63
N SER D 282 -60.00 2.15 12.94
CA SER D 282 -59.32 1.00 12.35
C SER D 282 -58.84 -0.02 13.39
N GLY D 283 -58.42 0.46 14.55
CA GLY D 283 -57.97 -0.43 15.59
C GLY D 283 -56.62 -1.03 15.29
N LEU D 284 -56.24 -1.03 14.03
CA LEU D 284 -54.94 -1.59 13.70
C LEU D 284 -53.84 -0.76 14.36
N VAL D 285 -52.75 -1.44 14.72
CA VAL D 285 -51.61 -0.81 15.35
C VAL D 285 -50.88 0.05 14.33
N PRO D 286 -51.01 1.37 14.46
CA PRO D 286 -50.39 2.35 13.57
C PRO D 286 -49.14 1.90 12.85
N GLU D 287 -48.12 1.52 13.61
CA GLU D 287 -46.86 1.11 12.98
C GLU D 287 -47.08 -0.03 11.98
N HIS D 288 -48.13 -0.82 12.24
CA HIS D 288 -48.50 -1.94 11.39
C HIS D 288 -49.19 -1.40 10.16
N ALA D 289 -50.23 -0.61 10.39
CA ALA D 289 -50.96 -0.03 9.28
C ALA D 289 -49.94 0.57 8.35
N ASP D 290 -49.10 1.43 8.90
CA ASP D 290 -48.05 2.07 8.11
C ASP D 290 -47.14 1.01 7.50
N ALA D 291 -46.88 -0.05 8.27
CA ALA D 291 -46.03 -1.17 7.82
C ALA D 291 -46.62 -1.86 6.60
N PHE D 292 -47.95 -2.01 6.61
CA PHE D 292 -48.70 -2.62 5.51
C PHE D 292 -48.67 -1.69 4.31
N LYS D 293 -48.78 -0.39 4.61
CA LYS D 293 -48.77 0.68 3.62
C LYS D 293 -47.75 0.40 2.51
N LYS D 294 -46.65 -0.23 2.87
CA LYS D 294 -45.61 -0.54 1.90
C LYS D 294 -45.87 -1.77 1.02
N ILE D 295 -46.55 -2.77 1.56
CA ILE D 295 -46.83 -3.98 0.76
C ILE D 295 -47.86 -3.72 -0.32
N ALA D 296 -48.92 -2.99 0.02
CA ALA D 296 -49.97 -2.68 -0.93
C ALA D 296 -49.35 -2.13 -2.20
N ARG D 297 -48.32 -1.30 -2.05
CA ARG D 297 -47.64 -0.71 -3.19
C ARG D 297 -46.85 -1.73 -4.01
N GLU D 298 -45.68 -2.12 -3.52
CA GLU D 298 -44.84 -3.09 -4.22
C GLU D 298 -45.68 -4.02 -5.07
N LEU D 299 -46.51 -4.84 -4.39
CA LEU D 299 -47.41 -5.82 -4.98
C LEU D 299 -48.63 -5.21 -5.70
N ASN D 300 -49.08 -4.06 -5.22
CA ASN D 300 -50.22 -3.37 -5.82
C ASN D 300 -51.50 -4.12 -5.62
N THR D 301 -52.05 -4.05 -4.41
CA THR D 301 -53.29 -4.72 -4.09
C THR D 301 -53.96 -4.12 -2.86
N TYR D 302 -55.25 -3.78 -2.98
CA TYR D 302 -55.96 -3.22 -1.84
C TYR D 302 -56.02 -4.25 -0.73
N ILE D 303 -55.82 -3.80 0.50
CA ILE D 303 -55.92 -4.70 1.61
C ILE D 303 -57.15 -4.21 2.39
N LEU D 304 -58.13 -5.08 2.63
CA LEU D 304 -59.30 -4.62 3.36
C LEU D 304 -59.46 -5.41 4.65
N PHE D 305 -59.51 -4.70 5.78
CA PHE D 305 -59.64 -5.34 7.11
C PHE D 305 -60.98 -5.08 7.78
N ARG D 306 -61.35 -5.93 8.75
CA ARG D 306 -62.59 -5.76 9.51
C ARG D 306 -62.27 -5.03 10.82
N PRO D 307 -63.29 -4.52 11.51
CA PRO D 307 -63.04 -3.80 12.76
C PRO D 307 -62.32 -4.61 13.82
N VAL D 308 -61.11 -4.16 14.16
CA VAL D 308 -60.27 -4.79 15.18
C VAL D 308 -60.56 -4.08 16.49
N ASN D 309 -61.05 -4.79 17.51
CA ASN D 309 -61.36 -4.18 18.81
C ASN D 309 -60.24 -3.23 19.26
N LYS D 310 -60.59 -2.06 19.81
CA LYS D 310 -59.57 -1.11 20.24
C LYS D 310 -58.83 -1.59 21.49
N LEU D 311 -59.54 -2.32 22.36
CA LEU D 311 -58.97 -2.86 23.59
C LEU D 311 -58.01 -3.98 23.24
N ALA D 312 -57.44 -3.96 22.04
CA ALA D 312 -56.50 -4.97 21.61
C ALA D 312 -55.43 -4.23 20.83
N THR D 313 -55.81 -3.04 20.37
CA THR D 313 -54.94 -2.16 19.60
C THR D 313 -53.54 -2.05 20.17
N ASN D 314 -53.47 -2.11 21.50
CA ASN D 314 -52.19 -2.01 22.18
C ASN D 314 -51.66 -3.37 22.65
N LEU D 315 -52.57 -4.28 23.04
CA LEU D 315 -52.18 -5.62 23.48
C LEU D 315 -51.35 -6.22 22.37
N ILE D 316 -51.53 -5.68 21.16
CA ILE D 316 -50.76 -6.14 20.04
C ILE D 316 -49.42 -5.45 20.05
N LYS D 317 -49.38 -4.14 19.75
CA LYS D 317 -48.10 -3.41 19.74
C LYS D 317 -47.29 -3.94 20.88
N SER D 318 -47.95 -4.08 22.03
CA SER D 318 -47.35 -4.63 23.23
C SER D 318 -46.56 -5.90 22.89
N GLY D 319 -47.25 -6.91 22.38
CA GLY D 319 -46.58 -8.14 22.02
C GLY D 319 -47.42 -9.37 22.23
N VAL D 320 -48.72 -9.18 22.48
CA VAL D 320 -49.63 -10.30 22.72
C VAL D 320 -49.97 -11.02 21.43
N ALA D 321 -50.15 -12.33 21.53
CA ALA D 321 -50.47 -13.13 20.36
C ALA D 321 -51.90 -12.87 19.89
N THR D 322 -52.24 -13.40 18.73
CA THR D 322 -53.55 -13.20 18.14
C THR D 322 -54.38 -14.46 17.94
N LYS D 323 -55.67 -14.38 18.27
CA LYS D 323 -56.57 -15.53 18.11
C LYS D 323 -56.58 -16.06 16.69
N GLY D 324 -56.29 -17.34 16.56
CA GLY D 324 -56.30 -17.96 15.25
C GLY D 324 -57.63 -18.63 15.02
N LEU D 325 -57.61 -19.72 14.28
CA LEU D 325 -58.83 -20.45 13.99
C LEU D 325 -59.13 -21.44 15.11
N ASN D 326 -58.07 -21.98 15.70
CA ASN D 326 -58.20 -22.94 16.78
C ASN D 326 -58.96 -22.42 17.99
N VAL D 327 -59.12 -21.09 18.12
CA VAL D 327 -59.85 -20.55 19.28
C VAL D 327 -61.14 -19.87 18.89
N HIS D 328 -62.18 -20.15 19.66
CA HIS D 328 -63.51 -19.58 19.42
C HIS D 328 -64.09 -18.98 20.72
N GLY D 329 -63.21 -18.53 21.61
CA GLY D 329 -63.67 -17.95 22.87
C GLY D 329 -64.19 -16.56 22.59
N LYS D 330 -64.77 -15.97 23.60
CA LYS D 330 -65.24 -14.65 23.37
C LYS D 330 -64.25 -13.68 24.03
N SER D 331 -64.05 -12.48 23.51
CA SER D 331 -63.16 -11.56 24.18
C SER D 331 -63.93 -10.91 25.31
N SER D 332 -63.36 -9.86 25.88
CA SER D 332 -64.03 -9.15 26.94
C SER D 332 -63.92 -7.66 26.69
N ASP D 333 -64.89 -6.95 27.24
CA ASP D 333 -65.05 -5.51 27.08
C ASP D 333 -65.21 -4.85 28.44
N TRP D 334 -64.53 -5.39 29.45
CA TRP D 334 -64.60 -4.87 30.82
C TRP D 334 -63.70 -5.69 31.77
N GLY D 335 -63.43 -5.12 32.94
CA GLY D 335 -62.60 -5.82 33.91
C GLY D 335 -61.13 -5.71 33.56
N PRO D 336 -60.25 -6.49 34.21
CA PRO D 336 -58.83 -6.42 33.89
C PRO D 336 -58.57 -7.30 32.68
N VAL D 337 -59.31 -8.39 32.61
CA VAL D 337 -59.19 -9.34 31.53
C VAL D 337 -59.49 -8.73 30.16
N ALA D 338 -60.34 -7.71 30.13
CA ALA D 338 -60.73 -7.03 28.89
C ALA D 338 -59.61 -6.89 27.86
N GLY D 339 -59.86 -7.37 26.65
CA GLY D 339 -58.84 -7.31 25.61
C GLY D 339 -58.20 -8.68 25.45
N TYR D 340 -58.48 -9.54 26.43
CA TYR D 340 -57.94 -10.89 26.43
C TYR D 340 -59.12 -11.88 26.32
N ILE D 341 -58.82 -13.13 26.00
CA ILE D 341 -59.87 -14.15 25.89
C ILE D 341 -59.91 -14.95 27.18
N PRO D 342 -60.68 -14.49 28.17
CA PRO D 342 -60.69 -15.29 29.40
C PRO D 342 -60.98 -16.76 29.14
N PHE D 343 -60.44 -17.60 30.00
CA PHE D 343 -60.68 -19.04 29.92
C PHE D 343 -62.01 -19.13 30.64
N ASP D 344 -62.19 -18.22 31.58
CA ASP D 344 -63.43 -18.15 32.34
C ASP D 344 -64.33 -17.32 31.43
N GLN D 345 -65.27 -17.97 30.78
CA GLN D 345 -66.16 -17.26 29.88
C GLN D 345 -66.95 -16.17 30.56
N ASP D 346 -67.44 -16.43 31.76
CA ASP D 346 -68.23 -15.42 32.46
C ASP D 346 -67.49 -14.11 32.70
N LEU D 347 -66.25 -14.04 32.20
CA LEU D 347 -65.47 -12.82 32.33
C LEU D 347 -65.27 -12.20 30.96
N SER D 348 -66.28 -12.39 30.10
CA SER D 348 -66.28 -11.86 28.74
C SER D 348 -67.61 -11.21 28.43
N LYS D 349 -67.73 -10.70 27.21
CA LYS D 349 -68.93 -10.00 26.72
C LYS D 349 -70.23 -10.71 27.06
N LYS D 350 -70.20 -12.04 27.01
CA LYS D 350 -71.40 -12.82 27.30
C LYS D 350 -71.55 -13.13 28.80
N HIS D 351 -71.48 -12.06 29.58
CA HIS D 351 -71.58 -12.09 31.04
C HIS D 351 -73.03 -12.18 31.53
N GLY D 352 -73.54 -13.40 31.67
CA GLY D 352 -74.91 -13.59 32.11
C GLY D 352 -75.64 -14.68 31.36
N GLN D 353 -75.53 -14.67 30.03
CA GLN D 353 -76.19 -15.68 29.20
C GLN D 353 -75.71 -17.00 29.72
N GLN D 354 -76.47 -17.54 30.65
CA GLN D 354 -76.12 -18.81 31.29
C GLN D 354 -75.92 -19.95 30.29
N LEU D 355 -75.81 -19.63 29.01
CA LEU D 355 -75.59 -20.64 27.98
C LEU D 355 -74.52 -20.26 26.97
N ALA D 356 -74.40 -18.96 26.69
CA ALA D 356 -73.38 -18.49 25.78
C ALA D 356 -72.07 -18.83 26.47
N VAL D 357 -72.15 -18.82 27.80
CA VAL D 357 -71.02 -19.10 28.67
C VAL D 357 -70.98 -20.62 28.94
N GLU D 358 -72.13 -21.22 29.26
CA GLU D 358 -72.20 -22.65 29.53
C GLU D 358 -71.86 -23.47 28.27
N LYS D 359 -71.90 -22.80 27.12
CA LYS D 359 -71.55 -23.44 25.87
C LYS D 359 -70.39 -22.60 25.34
N GLY D 360 -69.96 -21.65 26.18
CA GLY D 360 -68.84 -20.78 25.85
C GLY D 360 -67.57 -21.37 26.42
N ASN D 361 -67.60 -21.71 27.70
CA ASN D 361 -66.43 -22.31 28.32
C ASN D 361 -66.24 -23.59 27.53
N LEU D 362 -67.35 -24.31 27.34
CA LEU D 362 -67.35 -25.57 26.62
C LEU D 362 -66.51 -25.49 25.36
N GLU D 363 -66.25 -24.27 24.92
CA GLU D 363 -65.46 -24.02 23.71
C GLU D 363 -63.94 -24.00 23.96
N ASN D 364 -63.50 -23.17 24.91
CA ASN D 364 -62.09 -23.06 25.25
C ASN D 364 -61.56 -24.41 25.67
N LYS D 365 -62.28 -25.06 26.57
CA LYS D 365 -61.89 -26.37 27.03
C LYS D 365 -61.44 -27.23 25.84
N LYS D 366 -62.30 -27.37 24.83
CA LYS D 366 -61.96 -28.18 23.65
C LYS D 366 -60.78 -27.58 22.89
N SER D 367 -60.70 -26.25 22.88
CA SER D 367 -59.64 -25.55 22.18
C SER D 367 -58.29 -26.14 22.59
N ILE D 368 -58.20 -26.52 23.87
CA ILE D 368 -56.99 -27.12 24.41
C ILE D 368 -57.15 -28.61 24.32
N THR D 369 -58.24 -29.12 24.87
CA THR D 369 -58.54 -30.54 24.85
C THR D 369 -58.05 -31.21 23.56
N GLU D 370 -58.09 -30.49 22.44
CA GLU D 370 -57.66 -31.03 21.16
C GLU D 370 -56.22 -30.63 20.84
N HIS D 371 -56.03 -29.39 20.41
CA HIS D 371 -54.70 -28.89 20.06
C HIS D 371 -53.89 -28.57 21.33
N GLU D 372 -53.53 -29.60 22.11
CA GLU D 372 -52.73 -29.32 23.30
C GLU D 372 -51.27 -29.15 22.92
N GLY D 373 -50.63 -28.17 23.52
CA GLY D 373 -49.25 -27.91 23.18
C GLY D 373 -49.21 -26.57 22.46
N GLU D 374 -50.19 -26.36 21.58
CA GLU D 374 -50.29 -25.12 20.84
C GLU D 374 -51.28 -24.17 21.53
N ILE D 375 -52.42 -24.70 21.96
CA ILE D 375 -53.42 -23.86 22.63
C ILE D 375 -53.58 -24.21 24.12
N GLY D 376 -53.34 -23.24 24.98
CA GLY D 376 -53.45 -23.46 26.40
C GLY D 376 -53.92 -22.22 27.13
N LYS D 377 -53.90 -22.30 28.45
CA LYS D 377 -54.33 -21.21 29.33
C LYS D 377 -53.20 -20.77 30.26
N ILE D 378 -53.00 -19.46 30.37
CA ILE D 378 -51.97 -18.98 31.27
C ILE D 378 -52.53 -17.85 32.15
N PRO D 379 -51.90 -17.61 33.29
CA PRO D 379 -52.37 -16.55 34.19
C PRO D 379 -52.16 -15.17 33.63
N LEU D 380 -53.10 -14.29 33.95
CA LEU D 380 -53.07 -12.91 33.50
C LEU D 380 -51.96 -12.11 34.18
N LYS D 381 -51.35 -11.20 33.43
CA LYS D 381 -50.28 -10.35 33.96
C LYS D 381 -50.29 -8.98 33.27
N LEU D 382 -51.24 -8.13 33.66
CA LEU D 382 -51.36 -6.80 33.07
C LEU D 382 -50.09 -6.03 33.34
N ASP D 383 -49.43 -5.52 32.30
CA ASP D 383 -48.19 -4.77 32.50
C ASP D 383 -48.42 -3.34 33.00
N HIS D 384 -47.38 -2.52 32.94
CA HIS D 384 -47.47 -1.15 33.43
C HIS D 384 -48.38 -0.24 32.61
N LEU D 385 -48.03 0.02 31.36
CA LEU D 385 -48.82 0.88 30.49
C LEU D 385 -50.28 0.48 30.46
N ARG D 386 -50.52 -0.79 30.15
CA ARG D 386 -51.87 -1.33 30.07
C ARG D 386 -52.77 -0.83 31.18
N ILE D 387 -52.30 -0.92 32.43
CA ILE D 387 -53.09 -0.46 33.57
C ILE D 387 -53.48 1.00 33.37
N GLU D 388 -52.47 1.86 33.25
CA GLU D 388 -52.76 3.27 33.07
C GLU D 388 -53.73 3.51 31.93
N GLU D 389 -53.78 2.58 30.97
CA GLU D 389 -54.69 2.72 29.83
C GLU D 389 -56.15 2.40 30.16
N LEU D 390 -56.38 1.16 30.59
CA LEU D 390 -57.72 0.72 30.96
C LEU D 390 -58.26 1.71 31.98
N LYS D 391 -57.43 2.68 32.31
CA LYS D 391 -57.77 3.72 33.27
C LYS D 391 -58.58 4.82 32.59
N GLU D 392 -57.90 5.74 31.91
CA GLU D 392 -58.60 6.86 31.27
C GLU D 392 -59.65 6.36 30.28
N ASN D 393 -59.61 5.08 29.93
CA ASN D 393 -60.62 4.56 29.02
C ASN D 393 -61.80 4.16 29.91
N GLY D 394 -61.52 4.07 31.21
CA GLY D 394 -62.53 3.73 32.18
C GLY D 394 -62.98 2.29 32.33
N ILE D 395 -62.05 1.35 32.37
CA ILE D 395 -62.45 -0.05 32.52
C ILE D 395 -62.15 -0.54 33.93
N ILE D 396 -61.13 0.03 34.54
CA ILE D 396 -60.70 -0.31 35.89
C ILE D 396 -60.33 0.96 36.66
N LEU D 397 -60.33 0.85 37.98
CA LEU D 397 -59.99 1.98 38.86
C LEU D 397 -59.00 1.49 39.92
N LYS D 398 -57.74 1.91 39.78
CA LYS D 398 -56.69 1.53 40.72
C LYS D 398 -56.78 2.37 41.99
N GLY D 399 -56.98 1.70 43.14
CA GLY D 399 -57.10 2.40 44.40
C GLY D 399 -56.51 1.73 45.63
N LYS D 400 -57.26 1.79 46.74
CA LYS D 400 -56.81 1.22 48.01
C LYS D 400 -56.05 -0.10 47.89
N LYS D 401 -55.08 -0.28 48.81
CA LYS D 401 -54.23 -1.45 48.86
C LYS D 401 -54.67 -2.44 49.92
N GLU D 402 -54.06 -3.61 49.90
CA GLU D 402 -54.36 -4.67 50.86
C GLU D 402 -53.15 -5.59 51.00
N ILE D 403 -53.18 -6.46 52.00
CA ILE D 403 -52.09 -7.39 52.27
C ILE D 403 -52.51 -8.76 52.70
N ASP D 404 -51.96 -9.77 52.04
CA ASP D 404 -52.25 -11.14 52.38
C ASP D 404 -51.01 -12.00 52.28
N ASN D 405 -50.88 -12.90 53.26
CA ASN D 405 -49.76 -13.83 53.32
C ASN D 405 -48.40 -13.13 53.35
N GLY D 406 -48.40 -11.80 53.29
CA GLY D 406 -47.15 -11.06 53.33
C GLY D 406 -46.83 -10.31 52.06
N LYS D 407 -47.58 -10.62 51.01
CA LYS D 407 -47.38 -9.97 49.71
C LYS D 407 -48.34 -8.79 49.53
N LYS D 408 -47.89 -7.80 48.78
CA LYS D 408 -48.69 -6.62 48.53
C LYS D 408 -49.64 -6.83 47.37
N TYR D 409 -50.80 -6.19 47.46
CA TYR D 409 -51.84 -6.27 46.43
C TYR D 409 -52.55 -4.95 46.27
N TYR D 410 -52.39 -4.31 45.11
CA TYR D 410 -53.11 -3.07 44.86
C TYR D 410 -54.49 -3.58 44.44
N LEU D 411 -55.55 -2.93 44.90
CA LEU D 411 -56.89 -3.39 44.59
C LEU D 411 -57.41 -2.80 43.29
N LEU D 412 -57.96 -3.67 42.45
CA LEU D 412 -58.52 -3.25 41.19
C LEU D 412 -60.02 -3.32 41.29
N GLU D 413 -60.66 -2.16 41.12
CA GLU D 413 -62.11 -2.03 41.20
C GLU D 413 -62.78 -1.97 39.82
N SER D 414 -63.91 -2.68 39.70
CA SER D 414 -64.71 -2.70 38.48
C SER D 414 -66.18 -2.76 38.89
N ASN D 415 -66.97 -1.80 38.42
CA ASN D 415 -68.37 -1.74 38.81
C ASN D 415 -69.22 -2.91 38.36
N ASN D 416 -68.67 -4.12 38.46
CA ASN D 416 -69.44 -5.29 38.13
C ASN D 416 -70.07 -5.66 39.47
N GLN D 417 -71.06 -6.54 39.45
CA GLN D 417 -71.72 -6.92 40.68
C GLN D 417 -71.62 -8.40 41.01
N VAL D 418 -70.51 -9.04 40.65
CA VAL D 418 -70.35 -10.47 40.95
C VAL D 418 -68.88 -10.90 41.17
N TYR D 419 -67.95 -10.14 40.60
CA TYR D 419 -66.53 -10.48 40.73
C TYR D 419 -65.71 -9.30 41.24
N GLU D 420 -64.82 -9.58 42.18
CA GLU D 420 -63.93 -8.55 42.72
C GLU D 420 -62.57 -8.94 42.20
N PHE D 421 -61.79 -7.95 41.78
CA PHE D 421 -60.49 -8.22 41.19
C PHE D 421 -59.34 -7.57 41.95
N ARG D 422 -58.15 -8.17 41.81
CA ARG D 422 -56.94 -7.64 42.46
C ARG D 422 -55.67 -8.07 41.73
N ILE D 423 -54.78 -7.18 41.49
CA ILE D 423 -53.52 -7.56 40.82
C ILE D 423 -52.47 -7.82 41.91
N SER D 424 -51.35 -8.37 41.55
CA SER D 424 -50.36 -8.58 42.60
C SER D 424 -49.40 -7.40 42.65
N ASP D 425 -48.19 -7.56 43.10
CA ASP D 425 -47.18 -6.53 43.16
C ASP D 425 -45.84 -7.08 42.70
N GLU D 426 -45.51 -8.26 43.20
CA GLU D 426 -44.26 -8.91 42.82
C GLU D 426 -44.38 -9.11 41.32
N ASN D 427 -45.16 -10.13 40.95
CA ASN D 427 -45.45 -10.44 39.55
C ASN D 427 -46.85 -9.84 39.43
N ASN D 428 -47.05 -8.97 38.45
CA ASN D 428 -48.35 -8.32 38.30
C ASN D 428 -49.50 -9.24 37.95
N GLU D 429 -49.58 -10.41 38.58
CA GLU D 429 -50.70 -11.30 38.29
C GLU D 429 -51.99 -10.57 38.65
N VAL D 430 -53.11 -11.22 38.40
CA VAL D 430 -54.40 -10.63 38.68
C VAL D 430 -55.27 -11.75 39.23
N GLN D 431 -56.26 -11.38 40.03
CA GLN D 431 -57.10 -12.40 40.62
C GLN D 431 -58.53 -11.92 40.85
N TYR D 432 -59.46 -12.89 40.86
CA TYR D 432 -60.87 -12.62 41.09
C TYR D 432 -61.46 -13.64 42.07
N LYS D 433 -62.72 -13.45 42.44
CA LYS D 433 -63.41 -14.33 43.36
C LYS D 433 -64.86 -13.87 43.39
N THR D 434 -65.78 -14.76 43.75
CA THR D 434 -67.17 -14.34 43.81
C THR D 434 -67.31 -13.56 45.10
N LYS D 435 -68.06 -12.46 45.06
CA LYS D 435 -68.26 -11.62 46.23
C LYS D 435 -69.04 -12.37 47.33
N GLU D 436 -68.83 -11.94 48.58
CA GLU D 436 -69.48 -12.55 49.76
C GLU D 436 -71.00 -12.46 49.73
N GLY D 437 -71.54 -11.92 48.64
CA GLY D 437 -72.98 -11.77 48.49
C GLY D 437 -73.39 -11.86 47.03
N LYS D 438 -72.97 -12.94 46.37
CA LYS D 438 -73.32 -13.17 44.98
C LYS D 438 -72.81 -14.54 44.49
N ILE D 439 -73.38 -14.99 43.38
CA ILE D 439 -73.02 -16.28 42.79
C ILE D 439 -72.75 -16.15 41.27
N THR D 440 -72.31 -17.25 40.65
CA THR D 440 -72.02 -17.27 39.23
C THR D 440 -73.23 -17.90 38.54
N VAL D 441 -73.62 -17.36 37.39
CA VAL D 441 -74.79 -17.88 36.68
C VAL D 441 -74.82 -19.40 36.55
N LEU D 442 -73.66 -20.04 36.54
CA LEU D 442 -73.62 -21.49 36.44
C LEU D 442 -73.88 -22.11 37.80
N GLY D 443 -73.62 -21.34 38.85
CA GLY D 443 -73.85 -21.81 40.21
C GLY D 443 -72.59 -22.03 41.02
N GLU D 444 -71.57 -21.23 40.75
CA GLU D 444 -70.28 -21.34 41.44
C GLU D 444 -70.00 -20.16 42.37
N LYS D 445 -69.08 -20.35 43.31
CA LYS D 445 -68.67 -19.33 44.26
C LYS D 445 -67.25 -19.67 44.68
N PHE D 446 -66.33 -18.72 44.60
CA PHE D 446 -64.95 -19.01 44.99
C PHE D 446 -64.12 -17.85 45.52
N ASN D 447 -63.01 -18.23 46.16
CA ASN D 447 -62.15 -17.22 46.71
C ASN D 447 -61.07 -16.84 45.70
N TRP D 448 -60.25 -15.88 46.04
CA TRP D 448 -59.21 -15.43 45.13
C TRP D 448 -58.49 -16.54 44.35
N ARG D 449 -58.50 -16.37 43.00
CA ARG D 449 -57.83 -17.30 42.09
C ARG D 449 -57.13 -16.42 41.08
N ASN D 450 -56.28 -17.01 40.26
CA ASN D 450 -55.58 -16.23 39.25
C ASN D 450 -56.44 -16.23 37.98
N ILE D 451 -56.58 -15.07 37.35
CA ILE D 451 -57.38 -14.97 36.12
C ILE D 451 -56.62 -15.62 34.97
N GLU D 452 -57.24 -16.60 34.33
CA GLU D 452 -56.60 -17.26 33.20
C GLU D 452 -57.14 -16.77 31.85
N VAL D 453 -56.21 -16.48 30.96
CA VAL D 453 -56.53 -16.03 29.64
C VAL D 453 -56.14 -17.18 28.73
N MET D 454 -56.54 -17.12 27.46
CA MET D 454 -56.18 -18.18 26.54
C MET D 454 -54.83 -17.80 25.96
N ALA D 455 -54.06 -18.80 25.53
CA ALA D 455 -52.75 -18.53 24.96
C ALA D 455 -52.27 -19.62 24.02
N LYS D 456 -51.96 -19.22 22.79
CA LYS D 456 -51.47 -20.15 21.78
C LYS D 456 -50.00 -20.33 22.06
N ASN D 457 -49.33 -21.10 21.22
CA ASN D 457 -47.92 -21.37 21.38
C ASN D 457 -47.06 -20.57 20.40
N VAL D 458 -46.23 -19.69 20.94
CA VAL D 458 -45.36 -18.86 20.12
C VAL D 458 -43.90 -19.19 20.41
N GLU D 459 -43.24 -19.84 19.46
CA GLU D 459 -41.83 -20.17 19.65
C GLU D 459 -41.68 -20.84 21.01
N GLY D 460 -42.41 -21.93 21.21
CA GLY D 460 -42.33 -22.64 22.48
C GLY D 460 -42.61 -21.84 23.73
N VAL D 461 -43.50 -20.86 23.65
CA VAL D 461 -43.84 -20.09 24.83
C VAL D 461 -45.30 -19.69 24.79
N LEU D 462 -46.11 -20.21 25.71
CA LEU D 462 -47.53 -19.84 25.70
C LEU D 462 -47.76 -18.35 25.92
N LYS D 463 -47.92 -17.60 24.84
CA LYS D 463 -48.21 -16.19 24.93
C LYS D 463 -49.72 -16.06 24.96
N PRO D 464 -50.26 -15.02 25.65
CA PRO D 464 -51.71 -14.81 25.75
C PRO D 464 -52.36 -14.39 24.42
N LEU D 465 -53.68 -14.56 24.35
CA LEU D 465 -54.38 -14.23 23.11
C LEU D 465 -55.35 -13.06 23.15
N THR D 466 -55.27 -12.24 22.11
CA THR D 466 -56.16 -11.11 21.92
C THR D 466 -56.57 -11.20 20.47
N ALA D 467 -57.48 -10.32 20.05
CA ALA D 467 -57.97 -10.30 18.68
C ALA D 467 -56.86 -10.28 17.63
N ASP D 468 -57.19 -10.81 16.45
CA ASP D 468 -56.26 -10.86 15.32
C ASP D 468 -56.77 -9.92 14.27
N TYR D 469 -55.98 -9.70 13.23
CA TYR D 469 -56.42 -8.84 12.15
C TYR D 469 -57.19 -9.74 11.20
N ASP D 470 -58.50 -9.54 11.06
CA ASP D 470 -59.26 -10.38 10.15
C ASP D 470 -59.43 -9.63 8.83
N LEU D 471 -58.77 -10.12 7.78
CA LEU D 471 -58.87 -9.49 6.45
C LEU D 471 -60.28 -9.59 5.83
N PHE D 472 -60.87 -8.46 5.43
CA PHE D 472 -62.19 -8.50 4.80
C PHE D 472 -62.09 -8.96 3.35
N ALA D 473 -60.93 -8.76 2.74
CA ALA D 473 -60.73 -9.19 1.36
C ALA D 473 -59.40 -8.68 0.87
N LEU D 474 -58.90 -9.27 -0.21
CA LEU D 474 -57.64 -8.81 -0.78
C LEU D 474 -57.85 -8.56 -2.26
N ALA D 475 -57.58 -7.35 -2.73
CA ALA D 475 -57.78 -7.07 -4.14
C ALA D 475 -56.47 -6.81 -4.81
N PRO D 476 -55.99 -7.75 -5.61
CA PRO D 476 -54.72 -7.57 -6.30
C PRO D 476 -54.91 -7.04 -7.70
N SER D 477 -53.95 -6.27 -8.18
CA SER D 477 -54.06 -5.75 -9.53
C SER D 477 -54.23 -6.92 -10.47
N LEU D 478 -55.20 -6.77 -11.37
CA LEU D 478 -55.48 -7.79 -12.35
C LEU D 478 -54.21 -8.25 -13.04
N THR D 479 -53.18 -7.40 -13.03
CA THR D 479 -51.93 -7.76 -13.68
C THR D 479 -51.02 -8.55 -12.76
N GLU D 480 -51.09 -8.22 -11.48
CA GLU D 480 -50.28 -8.89 -10.49
C GLU D 480 -50.51 -10.40 -10.56
N ILE D 481 -51.70 -10.79 -11.01
CA ILE D 481 -52.01 -12.22 -11.13
C ILE D 481 -51.21 -12.80 -12.28
N LYS D 482 -51.08 -12.07 -13.37
CA LYS D 482 -50.32 -12.56 -14.52
C LYS D 482 -48.92 -12.92 -14.04
N LYS D 483 -48.37 -12.06 -13.19
CA LYS D 483 -47.05 -12.25 -12.60
C LYS D 483 -47.19 -13.39 -11.60
N GLN D 484 -48.09 -14.33 -11.91
CA GLN D 484 -48.32 -15.46 -11.01
C GLN D 484 -48.29 -16.73 -11.84
N ILE D 485 -48.69 -16.61 -13.09
CA ILE D 485 -48.72 -17.76 -13.98
C ILE D 485 -47.32 -17.98 -14.54
N PRO D 486 -46.79 -19.21 -14.44
CA PRO D 486 -45.45 -19.53 -14.95
C PRO D 486 -45.38 -19.30 -16.45
N GLN D 487 -44.50 -18.39 -16.85
CA GLN D 487 -44.32 -17.97 -18.24
C GLN D 487 -44.54 -18.96 -19.36
N LYS D 488 -44.45 -20.26 -19.07
CA LYS D 488 -44.67 -21.25 -20.11
C LYS D 488 -46.12 -21.64 -20.23
N GLU D 489 -46.80 -21.78 -19.10
CA GLU D 489 -48.20 -22.14 -19.14
C GLU D 489 -49.00 -21.06 -19.88
N TRP D 490 -48.89 -19.82 -19.42
CA TRP D 490 -49.62 -18.73 -20.06
C TRP D 490 -49.24 -18.65 -21.50
N ASP D 491 -48.08 -19.22 -21.81
CA ASP D 491 -47.54 -19.24 -23.17
C ASP D 491 -48.25 -20.32 -23.97
N LYS D 492 -48.04 -21.57 -23.57
CA LYS D 492 -48.65 -22.69 -24.23
C LYS D 492 -50.14 -22.48 -24.47
N VAL D 493 -50.71 -21.45 -23.85
CA VAL D 493 -52.13 -21.18 -24.00
C VAL D 493 -52.45 -20.21 -25.10
N VAL D 494 -51.74 -19.08 -25.14
CA VAL D 494 -51.98 -18.05 -26.15
C VAL D 494 -51.49 -18.46 -27.54
N ASN D 495 -50.46 -19.31 -27.58
CA ASN D 495 -49.93 -19.80 -28.86
C ASN D 495 -50.87 -20.85 -29.43
N THR D 496 -52.17 -20.60 -29.29
CA THR D 496 -53.21 -21.51 -29.77
C THR D 496 -53.99 -20.84 -30.89
N PRO D 497 -54.47 -21.65 -31.86
CA PRO D 497 -55.24 -21.16 -33.02
C PRO D 497 -56.67 -20.71 -32.71
N ASN D 498 -57.48 -21.64 -32.23
CA ASN D 498 -58.87 -21.38 -31.93
C ASN D 498 -59.11 -20.11 -31.12
N SER D 499 -59.68 -19.10 -31.78
CA SER D 499 -59.97 -17.82 -31.14
C SER D 499 -60.84 -18.00 -29.88
N LEU D 500 -61.73 -18.97 -29.94
CA LEU D 500 -62.64 -19.22 -28.83
C LEU D 500 -61.95 -19.93 -27.68
N GLU D 501 -61.14 -20.93 -28.01
CA GLU D 501 -60.43 -21.72 -27.03
C GLU D 501 -59.28 -20.94 -26.41
N LYS D 502 -58.81 -19.91 -27.10
CA LYS D 502 -57.73 -19.10 -26.59
C LYS D 502 -58.26 -18.24 -25.45
N GLN D 503 -59.58 -18.18 -25.34
CA GLN D 503 -60.21 -17.42 -24.28
C GLN D 503 -60.38 -18.36 -23.11
N LYS D 504 -61.10 -19.46 -23.38
CA LYS D 504 -61.34 -20.47 -22.38
C LYS D 504 -60.01 -20.75 -21.70
N GLY D 505 -58.96 -20.97 -22.49
CA GLY D 505 -57.66 -21.24 -21.93
C GLY D 505 -57.21 -20.15 -20.96
N VAL D 506 -57.36 -18.90 -21.39
CA VAL D 506 -56.97 -17.77 -20.56
C VAL D 506 -57.78 -17.79 -19.29
N THR D 507 -59.10 -17.59 -19.42
CA THR D 507 -60.01 -17.59 -18.28
C THR D 507 -59.65 -18.67 -17.24
N ASN D 508 -59.48 -19.91 -17.68
CA ASN D 508 -59.13 -20.97 -16.77
C ASN D 508 -57.83 -20.65 -16.07
N LEU D 509 -56.91 -20.02 -16.79
CA LEU D 509 -55.63 -19.64 -16.19
C LEU D 509 -55.89 -18.62 -15.09
N LEU D 510 -56.66 -17.59 -15.46
CA LEU D 510 -57.05 -16.51 -14.55
C LEU D 510 -57.68 -17.17 -13.31
N ILE D 511 -58.51 -18.16 -13.57
CA ILE D 511 -59.20 -18.91 -12.52
C ILE D 511 -58.24 -19.75 -11.68
N LYS D 512 -57.45 -20.58 -12.35
CA LYS D 512 -56.48 -21.44 -11.67
C LYS D 512 -55.44 -20.67 -10.85
N TYR D 513 -55.00 -19.52 -11.36
CA TYR D 513 -54.01 -18.76 -10.65
C TYR D 513 -54.54 -17.60 -9.86
N GLY D 514 -55.80 -17.26 -10.06
CA GLY D 514 -56.32 -16.11 -9.36
C GLY D 514 -57.55 -16.25 -8.50
N ILE D 515 -58.58 -16.90 -9.03
CA ILE D 515 -59.84 -17.05 -8.32
C ILE D 515 -59.95 -18.29 -7.41
N GLU D 516 -59.41 -19.42 -7.85
CA GLU D 516 -59.47 -20.66 -7.10
C GLU D 516 -59.09 -20.50 -5.64
N ARG D 517 -59.76 -21.29 -4.81
CA ARG D 517 -59.56 -21.27 -3.36
C ARG D 517 -59.62 -22.69 -2.79
N LYS D 518 -58.46 -23.18 -2.35
CA LYS D 518 -58.38 -24.51 -1.76
C LYS D 518 -58.48 -24.31 -0.25
N PRO D 519 -58.81 -25.38 0.50
CA PRO D 519 -58.91 -25.25 1.96
C PRO D 519 -57.52 -25.33 2.56
N ASP D 520 -57.42 -25.43 3.88
CA ASP D 520 -56.10 -25.48 4.45
C ASP D 520 -56.08 -25.96 5.88
N SER D 521 -55.05 -26.74 6.14
CA SER D 521 -54.77 -27.35 7.43
C SER D 521 -54.71 -26.31 8.53
N THR D 522 -54.08 -25.17 8.24
CA THR D 522 -53.93 -24.14 9.25
C THR D 522 -54.51 -22.76 8.96
N LYS D 523 -54.36 -22.24 7.74
CA LYS D 523 -54.82 -20.89 7.43
C LYS D 523 -56.23 -20.66 6.91
N GLY D 524 -57.16 -21.53 7.27
CA GLY D 524 -58.53 -21.41 6.82
C GLY D 524 -58.70 -21.86 5.39
N THR D 525 -59.55 -21.15 4.65
CA THR D 525 -59.77 -21.46 3.23
C THR D 525 -59.35 -20.22 2.49
N LEU D 526 -58.25 -20.29 1.75
CA LEU D 526 -57.82 -19.11 1.02
C LEU D 526 -57.05 -19.43 -0.22
N SER D 527 -56.90 -18.41 -1.04
CA SER D 527 -56.22 -18.52 -2.30
C SER D 527 -54.78 -18.86 -2.03
N ASN D 528 -54.01 -19.02 -3.10
CA ASN D 528 -52.59 -19.29 -2.97
C ASN D 528 -51.84 -17.98 -2.80
N TRP D 529 -52.03 -17.04 -3.73
CA TRP D 529 -51.37 -15.76 -3.59
C TRP D 529 -51.87 -15.14 -2.29
N GLN D 530 -53.11 -15.44 -1.93
CA GLN D 530 -53.66 -14.90 -0.71
C GLN D 530 -52.77 -15.31 0.44
N LYS D 531 -52.26 -16.53 0.41
CA LYS D 531 -51.38 -16.95 1.47
C LYS D 531 -50.10 -16.16 1.35
N GLN D 532 -49.49 -16.18 0.17
CA GLN D 532 -48.25 -15.46 -0.02
C GLN D 532 -48.42 -14.04 0.50
N MET D 533 -49.56 -13.42 0.19
CA MET D 533 -49.84 -12.07 0.66
C MET D 533 -49.88 -12.12 2.17
N LEU D 534 -50.59 -13.12 2.67
CA LEU D 534 -50.76 -13.28 4.11
C LEU D 534 -49.41 -13.40 4.80
N ASP D 535 -48.39 -13.85 4.08
CA ASP D 535 -47.08 -13.94 4.72
C ASP D 535 -46.48 -12.55 4.78
N ARG D 536 -46.21 -11.94 3.62
CA ARG D 536 -45.62 -10.61 3.54
C ARG D 536 -46.19 -9.63 4.57
N LEU D 537 -47.45 -9.82 4.95
CA LEU D 537 -48.06 -8.94 5.93
C LEU D 537 -47.45 -9.21 7.29
N ASN D 538 -47.39 -10.48 7.66
CA ASN D 538 -46.81 -10.88 8.94
C ASN D 538 -45.31 -10.57 9.08
N GLU D 539 -44.54 -10.88 8.04
CA GLU D 539 -43.09 -10.62 8.07
C GLU D 539 -42.85 -9.12 8.04
N ALA D 540 -43.81 -8.38 7.52
CA ALA D 540 -43.67 -6.94 7.45
C ALA D 540 -43.87 -6.35 8.81
N VAL D 541 -44.85 -6.85 9.56
CA VAL D 541 -45.11 -6.34 10.89
C VAL D 541 -44.21 -6.98 11.91
N LYS D 542 -43.15 -7.62 11.43
CA LYS D 542 -42.21 -8.28 12.32
C LYS D 542 -40.90 -7.51 12.30
N TYR D 543 -40.49 -7.01 11.13
CA TYR D 543 -39.26 -6.22 11.00
C TYR D 543 -39.55 -4.85 11.58
N THR D 544 -40.74 -4.74 12.17
CA THR D 544 -41.20 -3.50 12.79
C THR D 544 -40.94 -3.60 14.27
N GLY D 545 -41.15 -4.78 14.84
CA GLY D 545 -40.90 -4.98 16.25
C GLY D 545 -41.95 -5.80 17.00
N TYR D 546 -42.69 -6.66 16.30
CA TYR D 546 -43.72 -7.49 16.93
C TYR D 546 -43.07 -8.77 17.43
N THR D 547 -43.54 -9.27 18.57
CA THR D 547 -42.99 -10.49 19.19
C THR D 547 -44.01 -11.58 19.46
N GLY D 548 -45.15 -11.55 18.77
CA GLY D 548 -46.17 -12.55 18.99
C GLY D 548 -46.38 -13.40 17.76
N GLY D 549 -45.46 -13.27 16.80
CA GLY D 549 -45.55 -14.04 15.59
C GLY D 549 -46.31 -13.37 14.47
N ASP D 550 -47.37 -14.04 13.99
CA ASP D 550 -48.21 -13.54 12.91
C ASP D 550 -49.38 -12.74 13.49
N VAL D 551 -49.92 -11.82 12.69
CA VAL D 551 -51.02 -11.04 13.19
C VAL D 551 -52.23 -11.17 12.24
N VAL D 552 -52.06 -12.01 11.23
CA VAL D 552 -53.13 -12.31 10.26
C VAL D 552 -53.03 -13.83 10.15
N ASN D 553 -54.02 -14.54 10.69
CA ASN D 553 -53.99 -15.99 10.73
C ASN D 553 -54.72 -16.87 9.72
N HIS D 554 -55.64 -16.29 8.95
CA HIS D 554 -56.44 -17.07 7.99
C HIS D 554 -56.91 -16.24 6.81
N GLY D 555 -57.47 -16.93 5.82
CA GLY D 555 -57.98 -16.28 4.62
C GLY D 555 -58.95 -15.14 4.84
N THR D 556 -59.38 -14.54 3.75
CA THR D 556 -60.30 -13.40 3.77
C THR D 556 -61.74 -13.68 4.09
N GLU D 557 -62.32 -12.88 4.97
CA GLU D 557 -63.72 -13.02 5.35
C GLU D 557 -64.70 -13.35 4.19
N GLN D 558 -64.27 -13.08 2.95
CA GLN D 558 -65.10 -13.36 1.77
C GLN D 558 -65.06 -14.83 1.42
N ASP D 559 -64.70 -15.64 2.43
CA ASP D 559 -64.65 -17.08 2.32
C ASP D 559 -65.25 -17.66 3.57
N ASN D 560 -65.58 -16.77 4.48
CA ASN D 560 -66.21 -17.17 5.70
C ASN D 560 -67.66 -17.40 5.28
N GLU D 561 -67.86 -18.40 4.42
CA GLU D 561 -69.19 -18.77 3.90
C GLU D 561 -70.10 -19.27 5.02
N GLU D 562 -69.50 -20.03 5.93
CA GLU D 562 -70.16 -20.60 7.09
C GLU D 562 -70.84 -19.58 8.00
N PHE D 563 -70.04 -18.80 8.73
CA PHE D 563 -70.58 -17.79 9.65
C PHE D 563 -70.20 -16.37 9.28
N PRO D 564 -70.57 -15.94 8.06
CA PRO D 564 -70.29 -14.61 7.52
C PRO D 564 -70.83 -13.53 8.43
N GLU D 565 -70.10 -12.42 8.58
CA GLU D 565 -70.55 -11.31 9.43
C GLU D 565 -70.54 -9.99 8.66
N LYS D 566 -71.59 -9.21 8.86
CA LYS D 566 -71.77 -7.93 8.16
C LYS D 566 -71.23 -6.71 8.89
N ASP D 567 -70.00 -6.32 8.60
CA ASP D 567 -69.41 -5.15 9.25
C ASP D 567 -69.70 -3.88 8.49
N ASN D 568 -70.12 -2.86 9.22
CA ASN D 568 -70.42 -1.61 8.59
C ASN D 568 -69.11 -1.00 8.13
N GLU D 569 -68.37 -0.42 9.07
CA GLU D 569 -67.11 0.21 8.74
C GLU D 569 -66.04 -0.80 8.30
N ILE D 570 -65.27 -0.45 7.28
CA ILE D 570 -64.22 -1.32 6.78
C ILE D 570 -62.99 -0.50 6.41
N PHE D 571 -61.88 -0.74 7.10
CA PHE D 571 -60.64 -0.04 6.81
C PHE D 571 -60.09 -0.68 5.51
N ILE D 572 -59.62 0.17 4.58
CA ILE D 572 -59.06 -0.29 3.31
C ILE D 572 -57.71 0.37 3.15
N ILE D 573 -56.90 -0.09 2.22
CA ILE D 573 -55.59 0.51 2.03
C ILE D 573 -55.21 0.48 0.56
N ASN D 574 -55.58 1.49 -0.23
CA ASN D 574 -55.27 1.43 -1.66
C ASN D 574 -53.82 1.16 -1.97
N PRO D 575 -53.55 0.64 -3.16
CA PRO D 575 -52.19 0.30 -3.62
C PRO D 575 -51.21 1.47 -3.64
N GLU D 576 -51.55 2.51 -2.89
CA GLU D 576 -50.71 3.70 -2.84
C GLU D 576 -50.24 4.03 -1.43
N GLY D 577 -51.10 3.84 -0.45
CA GLY D 577 -50.70 4.11 0.92
C GLY D 577 -51.67 4.99 1.67
N GLU D 578 -52.91 5.05 1.19
CA GLU D 578 -53.91 5.87 1.84
C GLU D 578 -54.87 5.01 2.63
N PHE D 579 -55.09 5.37 3.89
CA PHE D 579 -55.99 4.60 4.74
C PHE D 579 -57.38 5.15 4.56
N ILE D 580 -58.29 4.28 4.13
CA ILE D 580 -59.66 4.70 3.90
C ILE D 580 -60.59 3.81 4.67
N LEU D 581 -61.43 4.40 5.50
CA LEU D 581 -62.35 3.59 6.26
C LEU D 581 -63.76 3.88 5.78
N THR D 582 -64.41 2.92 5.12
CA THR D 582 -65.77 3.17 4.68
C THR D 582 -66.69 3.31 5.90
N LYS D 583 -68.00 3.46 5.66
CA LYS D 583 -68.95 3.63 6.77
C LYS D 583 -70.24 2.81 6.61
N ASN D 584 -70.45 2.24 5.45
CA ASN D 584 -71.65 1.46 5.21
C ASN D 584 -71.35 0.11 4.61
N TRP D 585 -72.37 -0.75 4.58
CA TRP D 585 -72.22 -2.04 3.97
C TRP D 585 -72.38 -1.70 2.50
N GLU D 586 -73.15 -0.64 2.25
CA GLU D 586 -73.41 -0.16 0.90
C GLU D 586 -72.19 0.61 0.43
N MET D 587 -71.84 1.66 1.14
CA MET D 587 -70.69 2.44 0.76
C MET D 587 -69.56 1.48 0.45
N THR D 588 -69.37 0.52 1.35
CA THR D 588 -68.32 -0.47 1.19
C THR D 588 -68.49 -1.18 -0.11
N GLY D 589 -69.71 -1.61 -0.40
CA GLY D 589 -69.94 -2.31 -1.65
C GLY D 589 -69.84 -1.35 -2.83
N ARG D 590 -70.04 -0.07 -2.51
CA ARG D 590 -70.03 1.04 -3.47
C ARG D 590 -68.58 1.45 -3.76
N PHE D 591 -67.74 1.45 -2.74
CA PHE D 591 -66.35 1.81 -2.91
C PHE D 591 -65.60 0.73 -3.64
N ILE D 592 -66.09 -0.51 -3.57
CA ILE D 592 -65.41 -1.58 -4.26
C ILE D 592 -65.75 -1.54 -5.73
N GLU D 593 -67.00 -1.20 -6.06
CA GLU D 593 -67.43 -1.13 -7.45
C GLU D 593 -66.67 -0.05 -8.21
N LYS D 594 -66.59 1.12 -7.58
CA LYS D 594 -65.93 2.28 -8.15
C LYS D 594 -64.41 2.21 -8.25
N ASN D 595 -63.74 1.84 -7.17
CA ASN D 595 -62.28 1.78 -7.18
C ASN D 595 -61.62 0.43 -7.36
N ILE D 596 -62.32 -0.65 -7.06
CA ILE D 596 -61.74 -1.99 -7.22
C ILE D 596 -62.34 -2.68 -8.44
N THR D 597 -63.53 -3.24 -8.28
CA THR D 597 -64.20 -3.93 -9.39
C THR D 597 -63.87 -3.25 -10.71
N GLY D 598 -64.55 -2.12 -10.97
CA GLY D 598 -64.36 -1.38 -12.21
C GLY D 598 -63.10 -0.55 -12.35
N LYS D 599 -61.94 -1.04 -11.82
CA LYS D 599 -60.65 -0.38 -11.96
C LYS D 599 -59.90 -1.63 -12.32
N ASP D 600 -58.67 -1.77 -12.57
CA ASP D 600 -58.57 -3.16 -12.99
C ASP D 600 -58.05 -4.12 -11.90
N TYR D 601 -58.88 -4.43 -10.89
CA TYR D 601 -58.47 -5.28 -9.76
C TYR D 601 -59.36 -6.53 -9.59
N LEU D 602 -58.73 -7.67 -9.46
CA LEU D 602 -59.46 -8.91 -9.30
C LEU D 602 -60.09 -9.01 -7.93
N TYR D 603 -61.41 -8.93 -7.87
CA TYR D 603 -62.09 -9.07 -6.58
C TYR D 603 -63.15 -10.13 -6.76
N TYR D 604 -63.52 -10.80 -5.67
CA TYR D 604 -64.59 -11.82 -5.74
C TYR D 604 -65.34 -11.75 -4.42
N PHE D 605 -66.66 -11.73 -4.49
CA PHE D 605 -67.44 -11.60 -3.28
C PHE D 605 -67.99 -12.90 -2.72
N ASN D 606 -68.13 -12.91 -1.39
CA ASN D 606 -68.58 -14.07 -0.63
C ASN D 606 -69.64 -14.95 -1.24
N ARG D 607 -69.27 -16.21 -1.44
CA ARG D 607 -70.16 -17.17 -2.03
C ARG D 607 -71.49 -17.19 -1.36
N SER D 608 -71.53 -16.91 -0.08
CA SER D 608 -72.81 -16.97 0.60
C SER D 608 -73.59 -15.69 0.65
N TYR D 609 -73.17 -14.71 -0.14
CA TYR D 609 -73.90 -13.45 -0.17
C TYR D 609 -75.13 -13.67 -1.05
N ASN D 610 -76.27 -13.20 -0.57
CA ASN D 610 -77.56 -13.35 -1.27
C ASN D 610 -78.23 -14.68 -0.99
N LYS D 611 -77.55 -15.56 -0.25
CA LYS D 611 -78.13 -16.84 0.09
C LYS D 611 -78.19 -16.83 1.60
N ILE D 612 -78.73 -17.89 2.19
CA ILE D 612 -78.78 -17.97 3.64
C ILE D 612 -77.57 -18.80 4.01
N ALA D 613 -76.70 -18.26 4.85
CA ALA D 613 -75.49 -18.99 5.24
C ALA D 613 -75.79 -20.05 6.31
N PRO D 614 -75.58 -21.33 5.97
CA PRO D 614 -75.81 -22.50 6.83
C PRO D 614 -75.58 -22.32 8.32
N GLY D 615 -74.32 -22.07 8.70
CA GLY D 615 -73.96 -21.90 10.09
C GLY D 615 -74.81 -20.94 10.90
N ASN D 616 -74.65 -19.65 10.66
CA ASN D 616 -75.42 -18.65 11.40
C ASN D 616 -76.74 -18.35 10.70
N LYS D 617 -77.03 -19.14 9.67
CA LYS D 617 -78.28 -18.98 8.92
C LYS D 617 -78.57 -17.49 8.67
N ALA D 618 -77.62 -16.79 8.05
CA ALA D 618 -77.76 -15.36 7.78
C ALA D 618 -77.81 -15.01 6.29
N TYR D 619 -78.55 -13.95 5.99
CA TYR D 619 -78.72 -13.46 4.64
C TYR D 619 -78.05 -12.10 4.50
N ILE D 620 -76.97 -12.03 3.72
CA ILE D 620 -76.28 -10.77 3.49
C ILE D 620 -76.29 -10.41 1.99
N GLU D 621 -76.96 -9.31 1.68
CA GLU D 621 -77.12 -8.84 0.31
C GLU D 621 -75.88 -8.17 -0.29
N TRP D 622 -75.65 -8.42 -1.58
CA TRP D 622 -74.51 -7.85 -2.32
C TRP D 622 -74.77 -7.85 -3.82
N THR D 623 -75.00 -6.65 -4.39
CA THR D 623 -75.26 -6.49 -5.82
C THR D 623 -74.55 -7.47 -6.77
N ASP D 624 -75.29 -8.46 -7.25
CA ASP D 624 -74.75 -9.45 -8.17
C ASP D 624 -75.34 -9.10 -9.52
N PRO D 625 -74.48 -8.64 -10.46
CA PRO D 625 -74.87 -8.27 -11.80
C PRO D 625 -75.50 -9.41 -12.55
N ILE D 626 -75.02 -10.62 -12.35
CA ILE D 626 -75.64 -11.70 -13.09
C ILE D 626 -77.13 -11.68 -12.81
N THR D 627 -77.48 -11.64 -11.54
CA THR D 627 -78.85 -11.60 -11.13
C THR D 627 -79.53 -10.37 -11.74
N LYS D 628 -78.77 -9.31 -11.94
CA LYS D 628 -79.29 -8.07 -12.54
C LYS D 628 -80.05 -8.43 -13.83
N ALA D 629 -79.34 -9.11 -14.72
CA ALA D 629 -79.83 -9.52 -16.02
C ALA D 629 -80.69 -10.76 -16.03
N LYS D 630 -81.03 -11.30 -14.87
CA LYS D 630 -81.84 -12.49 -14.90
C LYS D 630 -83.24 -12.18 -15.40
N ILE D 631 -83.78 -11.04 -14.98
CA ILE D 631 -85.12 -10.65 -15.37
C ILE D 631 -85.38 -10.74 -16.86
N ASN D 632 -84.38 -10.46 -17.69
CA ASN D 632 -84.57 -10.52 -19.15
C ASN D 632 -83.83 -11.67 -19.77
N THR D 633 -83.78 -12.82 -19.12
CA THR D 633 -83.10 -13.96 -19.69
C THR D 633 -83.95 -15.21 -19.66
N ILE D 634 -84.11 -15.84 -20.81
CA ILE D 634 -84.90 -17.07 -20.87
C ILE D 634 -84.14 -18.13 -20.09
N PRO D 635 -84.81 -18.84 -19.21
CA PRO D 635 -84.18 -19.87 -18.40
C PRO D 635 -83.59 -21.02 -19.20
N THR D 636 -82.80 -21.84 -18.51
CA THR D 636 -82.14 -23.00 -19.08
C THR D 636 -82.89 -24.29 -18.73
N SER D 637 -82.76 -25.31 -19.58
CA SER D 637 -83.43 -26.58 -19.32
C SER D 637 -83.26 -26.91 -17.86
N ALA D 638 -82.00 -26.97 -17.45
CA ALA D 638 -81.64 -27.30 -16.07
C ALA D 638 -82.01 -26.26 -15.03
N GLU D 639 -82.08 -25.01 -15.42
CA GLU D 639 -82.44 -24.00 -14.45
C GLU D 639 -83.89 -24.28 -14.15
N PHE D 640 -84.59 -24.73 -15.19
CA PHE D 640 -86.03 -25.03 -15.14
C PHE D 640 -86.33 -26.26 -14.37
N ILE D 641 -85.81 -27.39 -14.82
CA ILE D 641 -86.03 -28.63 -14.11
C ILE D 641 -85.80 -28.33 -12.62
N LYS D 642 -84.62 -27.80 -12.30
CA LYS D 642 -84.24 -27.46 -10.92
C LYS D 642 -85.39 -26.82 -10.16
N ASN D 643 -85.86 -25.65 -10.61
CA ASN D 643 -86.96 -24.94 -9.95
C ASN D 643 -88.17 -25.82 -9.70
N LEU D 644 -88.46 -26.73 -10.63
CA LEU D 644 -89.58 -27.66 -10.45
C LEU D 644 -89.17 -28.50 -9.26
N SER D 645 -88.02 -29.16 -9.39
CA SER D 645 -87.47 -30.01 -8.34
C SER D 645 -87.54 -29.32 -7.00
N SER D 646 -87.52 -28.00 -6.99
CA SER D 646 -87.60 -27.29 -5.73
C SER D 646 -89.01 -27.30 -5.17
N ILE D 647 -89.92 -26.60 -5.84
CA ILE D 647 -91.31 -26.52 -5.40
C ILE D 647 -91.87 -27.88 -4.97
N ARG D 648 -91.31 -28.95 -5.52
CA ARG D 648 -91.74 -30.28 -5.16
C ARG D 648 -91.49 -30.37 -3.65
N ARG D 649 -90.23 -30.28 -3.26
CA ARG D 649 -89.87 -30.34 -1.86
C ARG D 649 -90.53 -29.26 -1.01
N SER D 650 -91.28 -28.33 -1.65
CA SER D 650 -91.96 -27.25 -0.95
C SER D 650 -93.43 -27.56 -0.74
N SER D 651 -94.24 -27.32 -1.79
CA SER D 651 -95.55 -27.88 -1.73
C SER D 651 -95.16 -29.32 -2.01
N ASN D 652 -95.58 -30.23 -1.17
CA ASN D 652 -95.20 -31.63 -1.44
C ASN D 652 -95.89 -32.18 -2.68
N VAL D 653 -96.14 -31.38 -3.68
CA VAL D 653 -96.78 -31.90 -4.87
C VAL D 653 -96.08 -31.44 -6.14
N GLY D 654 -95.73 -32.42 -7.00
CA GLY D 654 -95.04 -32.01 -8.21
C GLY D 654 -95.96 -31.67 -9.39
N VAL D 655 -95.43 -30.93 -10.36
CA VAL D 655 -96.21 -30.52 -11.53
C VAL D 655 -97.08 -31.63 -12.05
N TYR D 656 -96.52 -32.84 -12.10
CA TYR D 656 -97.27 -33.97 -12.58
C TYR D 656 -97.17 -35.09 -11.57
N LYS D 657 -98.31 -35.74 -11.31
CA LYS D 657 -98.33 -36.83 -10.35
C LYS D 657 -98.16 -38.16 -11.05
N ASP D 658 -97.69 -39.17 -10.32
CA ASP D 658 -97.54 -40.50 -10.88
C ASP D 658 -98.91 -41.08 -10.64
N SER D 659 -99.77 -41.05 -11.65
CA SER D 659 -101.14 -41.55 -11.54
C SER D 659 -101.64 -42.10 -12.86
N GLY D 660 -102.91 -42.48 -12.86
CA GLY D 660 -103.53 -43.01 -14.05
C GLY D 660 -104.23 -41.94 -14.87
N ASP D 661 -104.64 -40.83 -14.22
CA ASP D 661 -105.32 -39.75 -14.94
C ASP D 661 -104.48 -39.52 -16.16
N LYS D 662 -105.09 -39.36 -17.32
CA LYS D 662 -104.30 -39.16 -18.52
C LYS D 662 -104.03 -37.71 -18.72
N ASP D 663 -104.48 -36.88 -17.79
CA ASP D 663 -104.21 -35.47 -17.94
C ASP D 663 -102.90 -35.15 -17.26
N GLU D 664 -102.63 -35.89 -16.20
CA GLU D 664 -101.41 -35.71 -15.47
C GLU D 664 -100.32 -35.98 -16.51
N PHE D 665 -100.43 -37.10 -17.20
CA PHE D 665 -99.46 -37.44 -18.25
C PHE D 665 -99.35 -36.21 -19.15
N ALA D 666 -100.46 -35.81 -19.75
CA ALA D 666 -100.47 -34.65 -20.60
C ALA D 666 -99.52 -33.61 -20.08
N LYS D 667 -99.83 -33.12 -18.87
CA LYS D 667 -98.99 -32.12 -18.20
C LYS D 667 -97.56 -32.55 -18.23
N LYS D 668 -97.28 -33.78 -17.78
CA LYS D 668 -95.92 -34.28 -17.82
C LYS D 668 -95.37 -34.06 -19.22
N GLU D 669 -95.87 -34.82 -20.17
CA GLU D 669 -95.42 -34.71 -21.55
C GLU D 669 -95.12 -33.28 -21.93
N SER D 670 -95.97 -32.39 -21.46
CA SER D 670 -95.83 -30.98 -21.76
C SER D 670 -94.60 -30.30 -21.21
N VAL D 671 -94.27 -30.52 -19.94
CA VAL D 671 -93.10 -29.89 -19.39
C VAL D 671 -91.88 -30.49 -20.05
N LYS D 672 -91.94 -31.77 -20.42
CA LYS D 672 -90.82 -32.38 -21.08
C LYS D 672 -90.63 -31.63 -22.39
N LYS D 673 -91.70 -30.98 -22.83
CA LYS D 673 -91.66 -30.22 -24.10
C LYS D 673 -90.99 -28.86 -23.94
N ILE D 674 -91.28 -28.17 -22.84
CA ILE D 674 -90.66 -26.89 -22.55
C ILE D 674 -89.19 -27.14 -22.23
N ALA D 675 -88.93 -28.22 -21.52
CA ALA D 675 -87.58 -28.60 -21.14
C ALA D 675 -86.74 -28.63 -22.39
N GLY D 676 -87.38 -28.97 -23.51
CA GLY D 676 -86.64 -28.99 -24.76
C GLY D 676 -86.45 -27.56 -25.24
N TYR D 677 -87.54 -26.98 -25.75
CA TYR D 677 -87.55 -25.60 -26.26
C TYR D 677 -86.53 -24.72 -25.55
N LEU D 678 -86.49 -24.76 -24.23
CA LEU D 678 -85.51 -23.97 -23.52
C LEU D 678 -84.15 -24.46 -23.94
N SER D 679 -83.88 -25.73 -23.69
CA SER D 679 -82.61 -26.32 -24.04
C SER D 679 -82.26 -26.05 -25.47
N ASP D 680 -83.27 -25.83 -26.31
CA ASP D 680 -83.01 -25.59 -27.74
C ASP D 680 -82.58 -24.14 -27.97
N TYR D 681 -83.04 -23.23 -27.13
CA TYR D 681 -82.69 -21.82 -27.25
C TYR D 681 -81.19 -21.73 -27.18
N TYR D 682 -80.63 -22.34 -26.13
CA TYR D 682 -79.21 -22.33 -25.90
C TYR D 682 -78.44 -23.42 -26.67
N ASN D 683 -78.43 -23.33 -27.99
CA ASN D 683 -77.72 -24.32 -28.79
C ASN D 683 -76.40 -23.75 -29.27
N SER D 684 -75.34 -24.52 -29.12
CA SER D 684 -74.02 -24.07 -29.51
C SER D 684 -73.81 -23.98 -31.01
N ALA D 685 -74.70 -24.62 -31.79
CA ALA D 685 -74.56 -24.54 -33.22
C ALA D 685 -75.28 -23.30 -33.74
N ASN D 686 -75.61 -22.38 -32.83
CA ASN D 686 -76.26 -21.15 -33.25
C ASN D 686 -75.14 -20.30 -33.84
N HIS D 687 -73.91 -20.85 -33.84
CA HIS D 687 -72.73 -20.12 -34.33
C HIS D 687 -72.53 -20.10 -35.83
N ILE D 688 -72.95 -21.15 -36.52
CA ILE D 688 -72.83 -21.21 -37.97
C ILE D 688 -73.90 -20.35 -38.62
N PHE D 689 -74.53 -19.50 -37.83
CA PHE D 689 -75.55 -18.63 -38.36
C PHE D 689 -75.05 -17.20 -38.23
N SER D 690 -75.82 -16.28 -38.79
CA SER D 690 -75.49 -14.85 -38.76
C SER D 690 -76.17 -14.16 -37.61
N GLN D 691 -75.49 -13.21 -37.00
CA GLN D 691 -76.06 -12.49 -35.86
C GLN D 691 -77.56 -12.28 -36.03
N GLU D 692 -77.96 -11.89 -37.24
CA GLU D 692 -79.35 -11.64 -37.57
C GLU D 692 -80.22 -12.85 -37.22
N LYS D 693 -80.00 -13.94 -37.94
CA LYS D 693 -80.77 -15.16 -37.73
C LYS D 693 -80.80 -15.54 -36.24
N LYS D 694 -79.61 -15.63 -35.64
CA LYS D 694 -79.50 -15.96 -34.22
C LYS D 694 -80.67 -15.35 -33.47
N ARG D 695 -80.95 -14.06 -33.68
CA ARG D 695 -82.05 -13.40 -32.98
C ARG D 695 -83.38 -14.00 -33.38
N LYS D 696 -83.60 -14.12 -34.68
CA LYS D 696 -84.84 -14.69 -35.17
C LYS D 696 -84.94 -16.12 -34.64
N ILE D 697 -84.10 -17.00 -35.18
CA ILE D 697 -84.10 -18.39 -34.78
C ILE D 697 -84.37 -18.59 -33.28
N SER D 698 -83.80 -17.73 -32.44
CA SER D 698 -83.97 -17.81 -30.99
C SER D 698 -85.28 -17.19 -30.51
N ILE D 699 -85.72 -16.11 -31.15
CA ILE D 699 -86.97 -15.49 -30.73
C ILE D 699 -88.07 -16.53 -30.90
N PHE D 700 -87.92 -17.39 -31.89
CA PHE D 700 -88.93 -18.41 -32.09
C PHE D 700 -88.84 -19.45 -30.99
N ARG D 701 -87.66 -20.04 -30.86
CA ARG D 701 -87.39 -21.04 -29.84
C ARG D 701 -87.98 -20.45 -28.56
N GLY D 702 -87.69 -19.18 -28.33
CA GLY D 702 -88.22 -18.55 -27.15
C GLY D 702 -89.72 -18.71 -27.15
N ILE D 703 -90.38 -18.04 -28.10
CA ILE D 703 -91.85 -18.07 -28.28
C ILE D 703 -92.48 -19.44 -28.13
N GLN D 704 -91.86 -20.43 -28.75
CA GLN D 704 -92.34 -21.80 -28.66
C GLN D 704 -92.50 -22.17 -27.22
N ALA D 705 -91.52 -21.77 -26.42
CA ALA D 705 -91.54 -22.04 -24.99
C ALA D 705 -92.74 -21.35 -24.35
N TYR D 706 -92.83 -20.03 -24.58
CA TYR D 706 -93.92 -19.23 -24.04
C TYR D 706 -95.26 -19.87 -24.36
N ASN D 707 -95.25 -20.73 -25.37
CA ASN D 707 -96.46 -21.41 -25.78
C ASN D 707 -96.75 -22.58 -24.85
N GLU D 708 -95.99 -23.66 -24.98
CA GLU D 708 -96.22 -24.81 -24.12
C GLU D 708 -96.36 -24.39 -22.67
N ILE D 709 -95.95 -23.17 -22.35
CA ILE D 709 -96.12 -22.69 -21.00
C ILE D 709 -97.56 -22.22 -20.95
N GLU D 710 -97.91 -21.37 -21.91
CA GLU D 710 -99.26 -20.81 -22.03
C GLU D 710 -100.26 -21.95 -22.06
N ASN D 711 -99.81 -23.12 -22.51
CA ASN D 711 -100.65 -24.30 -22.63
C ASN D 711 -100.94 -24.91 -21.27
N VAL D 712 -99.93 -25.06 -20.44
CA VAL D 712 -100.14 -25.65 -19.13
C VAL D 712 -100.83 -24.71 -18.15
N LEU D 713 -100.51 -23.42 -18.22
CA LEU D 713 -101.12 -22.44 -17.33
C LEU D 713 -102.63 -22.52 -17.49
N LYS D 714 -103.03 -22.98 -18.68
CA LYS D 714 -104.43 -23.15 -19.02
C LYS D 714 -104.64 -24.67 -19.10
N SER D 715 -104.22 -25.29 -18.05
CA SER D 715 -104.36 -26.73 -17.99
C SER D 715 -105.38 -27.22 -16.97
N LYS D 716 -105.06 -28.36 -16.38
CA LYS D 716 -105.84 -28.96 -15.32
C LYS D 716 -105.33 -28.34 -14.04
N GLN D 717 -105.49 -29.03 -12.95
CA GLN D 717 -105.17 -28.43 -11.67
C GLN D 717 -103.71 -28.40 -11.23
N ILE D 718 -102.84 -27.85 -12.01
CA ILE D 718 -101.46 -27.70 -11.59
C ILE D 718 -101.58 -26.73 -10.43
N ALA D 719 -101.07 -27.14 -9.28
CA ALA D 719 -101.15 -26.30 -8.08
C ALA D 719 -100.80 -24.87 -8.39
N PRO D 720 -101.03 -23.97 -7.44
CA PRO D 720 -100.69 -22.57 -7.73
C PRO D 720 -99.18 -22.37 -7.65
N GLU D 721 -98.54 -23.06 -6.70
CA GLU D 721 -97.10 -22.99 -6.53
C GLU D 721 -96.47 -22.99 -7.91
N TYR D 722 -96.96 -23.89 -8.76
CA TYR D 722 -96.46 -23.98 -10.12
C TYR D 722 -97.18 -22.99 -10.99
N LYS D 723 -98.42 -22.69 -10.66
CA LYS D 723 -99.13 -21.72 -11.46
C LYS D 723 -98.31 -20.44 -11.44
N ASN D 724 -97.77 -20.10 -10.27
CA ASN D 724 -96.96 -18.91 -10.09
C ASN D 724 -95.64 -18.96 -10.88
N TYR D 725 -94.78 -19.93 -10.58
CA TYR D 725 -93.50 -20.10 -11.28
C TYR D 725 -93.71 -19.86 -12.76
N PHE D 726 -94.57 -20.68 -13.38
CA PHE D 726 -94.87 -20.52 -14.80
C PHE D 726 -95.28 -19.06 -15.03
N GLN D 727 -96.16 -18.52 -14.18
CA GLN D 727 -96.57 -17.14 -14.34
C GLN D 727 -95.32 -16.31 -14.55
N TYR D 728 -94.27 -16.66 -13.82
CA TYR D 728 -92.98 -15.97 -13.84
C TYR D 728 -92.11 -16.33 -15.05
N LEU D 729 -92.00 -17.62 -15.37
CA LEU D 729 -91.21 -18.05 -16.50
C LEU D 729 -91.64 -17.31 -17.76
N LYS D 730 -92.85 -16.79 -17.73
CA LYS D 730 -93.36 -16.08 -18.88
C LYS D 730 -92.69 -14.75 -18.99
N GLU D 731 -92.82 -13.93 -17.95
CA GLU D 731 -92.22 -12.61 -17.95
C GLU D 731 -90.77 -12.71 -18.45
N ARG D 732 -90.09 -13.79 -18.10
CA ARG D 732 -88.72 -13.96 -18.57
C ARG D 732 -88.77 -14.03 -20.09
N ILE D 733 -89.13 -15.20 -20.63
CA ILE D 733 -89.24 -15.42 -22.08
C ILE D 733 -89.61 -14.11 -22.72
N THR D 734 -90.79 -13.61 -22.38
CA THR D 734 -91.29 -12.35 -22.89
C THR D 734 -90.17 -11.33 -22.97
N ASN D 735 -89.64 -10.93 -21.81
CA ASN D 735 -88.55 -9.96 -21.77
C ASN D 735 -87.39 -10.35 -22.71
N GLN D 736 -86.93 -11.59 -22.59
CA GLN D 736 -85.84 -12.09 -23.41
C GLN D 736 -86.21 -11.95 -24.86
N VAL D 737 -87.44 -12.31 -25.17
CA VAL D 737 -87.91 -12.24 -26.54
C VAL D 737 -88.11 -10.79 -26.95
N GLN D 738 -88.41 -9.92 -26.00
CA GLN D 738 -88.60 -8.51 -26.32
C GLN D 738 -87.26 -7.89 -26.63
N LEU D 739 -86.30 -8.23 -25.78
CA LEU D 739 -84.93 -7.77 -25.91
C LEU D 739 -84.32 -8.17 -27.26
N LEU D 740 -84.52 -9.42 -27.66
CA LEU D 740 -84.00 -9.89 -28.93
C LEU D 740 -84.62 -9.15 -30.08
N LEU D 741 -85.71 -8.45 -29.80
CA LEU D 741 -86.38 -7.70 -30.83
C LEU D 741 -85.74 -6.32 -30.88
N THR D 742 -85.77 -5.58 -29.77
CA THR D 742 -85.18 -4.24 -29.78
C THR D 742 -83.69 -4.23 -30.11
N HIS D 743 -83.18 -5.26 -30.55
CA HIS D 743 -81.84 -5.17 -30.92
C HIS D 743 -81.91 -4.88 -32.41
N GLN D 744 -82.97 -5.29 -33.10
CA GLN D 744 -82.96 -5.18 -34.57
C GLN D 744 -84.05 -4.29 -35.24
N LYS D 745 -85.32 -4.66 -35.12
CA LYS D 745 -86.45 -3.91 -35.65
C LYS D 745 -87.55 -3.77 -34.54
N SER D 746 -87.72 -2.55 -33.91
CA SER D 746 -88.60 -2.43 -32.66
C SER D 746 -89.88 -1.62 -32.66
N ASN D 747 -90.81 -1.96 -33.53
CA ASN D 747 -92.08 -1.30 -33.60
C ASN D 747 -93.08 -2.33 -33.15
N ILE D 748 -92.61 -3.61 -33.12
CA ILE D 748 -93.32 -4.86 -32.82
C ILE D 748 -93.29 -5.16 -31.34
N GLU D 749 -94.41 -5.64 -30.83
CA GLU D 749 -94.51 -5.98 -29.42
C GLU D 749 -94.77 -7.46 -29.27
N PHE D 750 -94.24 -8.03 -28.19
CA PHE D 750 -94.42 -9.44 -27.95
C PHE D 750 -95.87 -9.82 -28.06
N LYS D 751 -96.70 -9.18 -27.23
CA LYS D 751 -98.14 -9.44 -27.18
C LYS D 751 -98.75 -9.59 -28.58
N LEU D 752 -98.48 -8.62 -29.43
CA LEU D 752 -98.99 -8.61 -30.79
C LEU D 752 -98.35 -9.73 -31.61
N LEU D 753 -97.03 -9.64 -31.78
CA LEU D 753 -96.28 -10.63 -32.55
C LEU D 753 -96.82 -12.01 -32.27
N TYR D 754 -97.20 -12.25 -31.03
CA TYR D 754 -97.73 -13.55 -30.63
C TYR D 754 -99.06 -13.80 -31.34
N LYS D 755 -100.01 -12.91 -31.11
CA LYS D 755 -101.34 -13.00 -31.71
C LYS D 755 -101.24 -13.55 -33.13
N GLN D 756 -100.51 -12.83 -33.97
CA GLN D 756 -100.34 -13.19 -35.38
C GLN D 756 -99.82 -14.60 -35.70
N LEU D 757 -99.49 -15.40 -34.69
CA LEU D 757 -99.01 -16.76 -34.94
C LEU D 757 -100.12 -17.79 -34.89
N ASN D 758 -99.84 -19.00 -35.38
CA ASN D 758 -100.83 -20.08 -35.39
C ASN D 758 -100.23 -21.41 -34.91
N PHE D 759 -100.25 -21.62 -33.60
CA PHE D 759 -99.73 -22.87 -33.01
C PHE D 759 -100.88 -23.81 -32.75
N THR D 760 -101.48 -24.34 -33.83
CA THR D 760 -102.61 -25.27 -33.72
C THR D 760 -102.23 -26.68 -34.19
N GLU D 761 -102.42 -26.98 -35.47
CA GLU D 761 -102.08 -28.30 -35.99
C GLU D 761 -100.88 -28.31 -36.93
N ASN D 762 -100.52 -27.15 -37.46
CA ASN D 762 -99.37 -27.04 -38.38
C ASN D 762 -98.41 -25.89 -38.05
N GLU D 763 -97.17 -26.25 -37.70
CA GLU D 763 -96.14 -25.27 -37.35
C GLU D 763 -95.35 -24.88 -38.61
N THR D 764 -95.33 -25.82 -39.58
CA THR D 764 -94.63 -25.64 -40.86
C THR D 764 -94.44 -24.20 -41.32
N ASP D 765 -95.47 -23.66 -41.98
CA ASP D 765 -95.39 -22.29 -42.49
C ASP D 765 -95.45 -21.22 -41.40
N ASN D 766 -95.75 -21.62 -40.17
CA ASN D 766 -95.84 -20.66 -39.08
C ASN D 766 -94.52 -19.94 -38.92
N PHE D 767 -93.42 -20.68 -39.03
CA PHE D 767 -92.12 -20.04 -38.92
C PHE D 767 -92.00 -19.11 -40.13
N GLU D 768 -92.44 -19.61 -41.30
CA GLU D 768 -92.40 -18.81 -42.51
C GLU D 768 -93.21 -17.54 -42.26
N VAL D 769 -94.30 -17.68 -41.51
CA VAL D 769 -95.16 -16.55 -41.18
C VAL D 769 -94.37 -15.58 -40.31
N PHE D 770 -93.65 -16.14 -39.35
CA PHE D 770 -92.85 -15.37 -38.43
C PHE D 770 -91.85 -14.46 -39.16
N GLN D 771 -91.12 -15.01 -40.12
CA GLN D 771 -90.14 -14.25 -40.88
C GLN D 771 -90.75 -12.94 -41.39
N LYS D 772 -91.83 -13.07 -42.15
CA LYS D 772 -92.51 -11.92 -42.72
C LYS D 772 -93.06 -10.96 -41.66
N ILE D 773 -93.13 -11.41 -40.42
CA ILE D 773 -93.63 -10.55 -39.37
C ILE D 773 -92.59 -9.49 -39.03
N ILE D 774 -91.38 -9.66 -39.55
CA ILE D 774 -90.32 -8.68 -39.31
C ILE D 774 -89.73 -8.13 -40.62
N ASP D 775 -90.45 -7.15 -41.20
CA ASP D 775 -90.06 -6.49 -42.43
C ASP D 775 -90.76 -5.13 -42.53
N ASN E 41 -12.60 79.15 -27.55
CA ASN E 41 -11.51 80.04 -28.08
C ASN E 41 -11.15 81.22 -27.16
N ASN E 42 -10.40 80.92 -26.10
CA ASN E 42 -9.96 81.91 -25.10
C ASN E 42 -9.13 83.06 -25.67
N LEU E 43 -9.61 84.29 -25.41
CA LEU E 43 -8.98 85.50 -25.91
C LEU E 43 -7.76 86.02 -25.18
N VAL E 44 -7.89 86.26 -23.89
CA VAL E 44 -6.76 86.80 -23.15
C VAL E 44 -5.81 85.77 -22.57
N LYS E 45 -4.53 86.05 -22.71
CA LYS E 45 -3.46 85.22 -22.22
C LYS E 45 -2.65 86.04 -21.23
N THR E 46 -2.38 85.48 -20.04
CA THR E 46 -1.59 86.18 -19.02
C THR E 46 -0.23 85.49 -18.92
N GLU E 47 0.81 86.16 -19.40
CA GLU E 47 2.13 85.56 -19.42
C GLU E 47 2.70 85.22 -18.07
N PHE E 48 3.08 86.18 -17.41
CA PHE E 48 3.69 85.94 -16.11
C PHE E 48 2.74 86.14 -14.92
N THR E 49 2.38 85.00 -14.33
CA THR E 49 1.58 85.01 -13.11
C THR E 49 2.61 85.30 -12.00
N ASN E 50 3.28 86.45 -12.14
CA ASN E 50 4.38 86.91 -11.25
C ASN E 50 4.03 87.91 -10.17
N GLU E 51 3.37 88.98 -10.52
CA GLU E 51 3.00 89.92 -9.47
C GLU E 51 1.86 89.28 -8.66
N THR E 52 1.27 90.00 -7.73
CA THR E 52 0.13 89.43 -7.07
C THR E 52 -1.05 89.98 -7.86
N LEU E 53 -2.13 90.20 -7.11
CA LEU E 53 -3.32 90.78 -7.69
C LEU E 53 -2.97 92.11 -8.34
N ASP E 54 -1.97 92.77 -7.79
CA ASP E 54 -1.55 94.06 -8.32
C ASP E 54 -1.44 94.04 -9.86
N LYS E 55 -0.83 92.99 -10.42
CA LYS E 55 -0.71 92.89 -11.87
C LYS E 55 -2.01 92.35 -12.43
N ILE E 56 -2.43 91.20 -11.90
CA ILE E 56 -3.66 90.55 -12.31
C ILE E 56 -4.82 91.53 -12.21
N GLN E 57 -5.12 91.92 -10.97
CA GLN E 57 -6.20 92.85 -10.71
C GLN E 57 -6.01 94.16 -11.46
N GLN E 58 -5.04 94.21 -12.36
CA GLN E 58 -4.82 95.43 -13.16
C GLN E 58 -5.20 95.12 -14.61
N THR E 59 -4.92 93.89 -15.04
CA THR E 59 -5.29 93.48 -16.38
C THR E 59 -6.81 93.29 -16.37
N GLN E 60 -7.37 92.95 -15.20
CA GLN E 60 -8.81 92.80 -15.08
C GLN E 60 -9.36 94.22 -15.14
N ASP E 61 -8.96 95.06 -14.18
CA ASP E 61 -9.43 96.44 -14.16
C ASP E 61 -9.29 97.02 -15.56
N LEU E 62 -8.60 96.30 -16.42
CA LEU E 62 -8.42 96.81 -17.76
C LEU E 62 -9.50 96.34 -18.73
N LEU E 63 -9.71 95.03 -18.78
CA LEU E 63 -10.71 94.47 -19.70
C LEU E 63 -12.15 94.72 -19.29
N LYS E 64 -12.40 94.82 -17.98
CA LYS E 64 -13.76 95.04 -17.47
C LYS E 64 -14.33 96.37 -17.92
N LYS E 65 -13.48 97.16 -18.56
CA LYS E 65 -13.88 98.47 -19.05
C LYS E 65 -14.17 98.43 -20.54
N ILE E 66 -13.53 97.51 -21.26
CA ILE E 66 -13.77 97.37 -22.69
C ILE E 66 -15.06 96.54 -22.82
N PRO E 67 -15.98 96.95 -23.70
CA PRO E 67 -17.25 96.26 -23.90
C PRO E 67 -17.15 94.83 -24.39
N LYS E 68 -17.57 93.92 -23.53
CA LYS E 68 -17.53 92.50 -23.82
C LYS E 68 -17.54 92.17 -25.30
N ASP E 69 -18.53 92.68 -26.01
CA ASP E 69 -18.64 92.41 -27.44
C ASP E 69 -17.45 92.87 -28.26
N VAL E 70 -16.90 94.03 -27.97
CA VAL E 70 -15.76 94.50 -28.76
C VAL E 70 -14.69 93.42 -28.68
N LEU E 71 -14.77 92.57 -27.66
CA LEU E 71 -13.81 91.48 -27.53
C LEU E 71 -14.24 90.37 -28.47
N GLU E 72 -15.53 90.03 -28.44
CA GLU E 72 -16.08 89.00 -29.32
C GLU E 72 -15.81 89.37 -30.78
N ILE E 73 -15.58 90.66 -31.03
CA ILE E 73 -15.28 91.15 -32.37
C ILE E 73 -13.82 90.83 -32.64
N TYR E 74 -13.07 90.77 -31.56
CA TYR E 74 -11.66 90.46 -31.66
C TYR E 74 -11.51 88.97 -31.86
N SER E 75 -11.90 88.20 -30.86
CA SER E 75 -11.78 86.75 -30.94
C SER E 75 -12.24 86.21 -32.27
N GLU E 76 -13.19 86.90 -32.89
CA GLU E 76 -13.71 86.46 -34.18
C GLU E 76 -12.61 86.66 -35.22
N LEU E 77 -11.97 87.81 -35.18
CA LEU E 77 -10.89 88.10 -36.10
C LEU E 77 -9.70 87.23 -35.67
N GLY E 78 -10.00 86.14 -34.98
CA GLY E 78 -8.95 85.24 -34.54
C GLY E 78 -7.89 85.88 -33.67
N GLY E 79 -8.19 87.07 -33.14
CA GLY E 79 -7.24 87.77 -32.28
C GLY E 79 -7.03 87.09 -30.94
N GLU E 80 -6.04 87.58 -30.20
CA GLU E 80 -5.71 87.05 -28.89
C GLU E 80 -5.00 88.20 -28.18
N ILE E 81 -5.39 88.58 -26.97
CA ILE E 81 -4.69 89.67 -26.33
C ILE E 81 -3.57 89.15 -25.41
N TYR E 82 -2.40 89.75 -25.50
CA TYR E 82 -1.28 89.29 -24.70
C TYR E 82 -0.86 90.22 -23.60
N PHE E 83 -0.98 89.76 -22.37
CA PHE E 83 -0.56 90.55 -21.21
C PHE E 83 0.68 89.87 -20.67
N THR E 84 1.71 90.59 -20.49
CA THR E 84 2.94 89.97 -19.97
C THR E 84 3.43 90.73 -18.74
N ASP E 85 4.58 90.29 -18.20
CA ASP E 85 5.19 90.88 -16.99
C ASP E 85 6.17 92.01 -17.33
N ILE E 86 7.45 91.72 -17.58
CA ILE E 86 8.39 92.76 -18.01
C ILE E 86 9.09 92.33 -19.28
N ASP E 87 8.40 92.58 -20.31
CA ASP E 87 8.84 92.40 -21.63
C ASP E 87 8.43 93.70 -22.27
N LEU E 88 9.36 94.59 -22.44
CA LEU E 88 8.93 95.78 -23.15
C LEU E 88 9.28 95.59 -24.61
N VAL E 89 10.60 95.65 -24.75
CA VAL E 89 11.23 95.53 -26.07
C VAL E 89 10.86 94.25 -26.81
N GLU E 90 11.44 94.09 -27.99
CA GLU E 90 11.22 92.92 -28.83
C GLU E 90 11.69 91.72 -28.03
N HIS E 91 11.03 91.46 -26.92
CA HIS E 91 11.43 90.34 -26.07
C HIS E 91 10.33 89.29 -25.96
N LYS E 92 9.10 89.69 -26.24
CA LYS E 92 8.00 88.75 -26.14
C LYS E 92 8.14 87.61 -27.15
N GLU E 93 7.75 86.43 -26.70
CA GLU E 93 7.82 85.23 -27.53
C GLU E 93 7.00 85.31 -28.81
N LEU E 94 6.61 86.52 -29.18
CA LEU E 94 5.82 86.77 -30.39
C LEU E 94 6.06 88.21 -30.87
N GLN E 95 7.10 88.85 -30.35
CA GLN E 95 7.42 90.23 -30.73
C GLN E 95 8.62 90.41 -31.65
N ASP E 96 8.98 89.32 -32.41
CA ASP E 96 10.12 89.34 -33.35
C ASP E 96 9.69 89.85 -34.77
N LEU E 97 10.43 89.48 -35.86
CA LEU E 97 10.30 90.03 -37.26
C LEU E 97 9.28 89.55 -38.30
N SER E 98 8.01 89.91 -38.18
CA SER E 98 7.02 89.39 -39.16
C SER E 98 6.45 90.50 -40.08
N GLU E 99 5.44 91.11 -39.59
CA GLU E 99 4.88 92.26 -40.24
C GLU E 99 5.15 93.37 -39.24
N GLU E 100 6.33 93.96 -39.24
CA GLU E 100 6.61 94.98 -38.25
C GLU E 100 6.23 96.39 -38.74
N GLU E 101 7.00 97.37 -38.26
CA GLU E 101 6.82 98.78 -38.59
C GLU E 101 7.32 99.15 -39.99
N LYS E 102 6.36 99.41 -40.89
CA LYS E 102 6.64 99.79 -42.27
C LYS E 102 6.61 101.32 -42.40
N ASN E 103 5.42 101.88 -42.50
CA ASN E 103 5.22 103.34 -42.58
C ASN E 103 4.82 103.92 -41.20
N SER E 104 5.48 105.04 -40.78
CA SER E 104 5.37 105.72 -39.47
C SER E 104 4.18 106.72 -39.24
N MET E 105 3.09 106.23 -38.67
CA MET E 105 1.87 106.93 -38.24
C MET E 105 1.67 106.04 -37.05
N ASN E 106 1.84 106.47 -35.85
CA ASN E 106 1.84 105.37 -34.90
C ASN E 106 0.87 105.54 -33.77
N SER E 107 1.23 106.32 -32.81
CA SER E 107 0.32 106.50 -31.72
C SER E 107 -0.65 107.56 -32.11
N ARG E 108 -1.47 107.92 -31.14
CA ARG E 108 -2.45 108.99 -31.32
C ARG E 108 -1.94 110.03 -32.31
N GLY E 109 -0.79 110.68 -31.93
CA GLY E 109 -0.03 111.70 -32.67
C GLY E 109 1.06 110.89 -33.37
N GLU E 110 2.24 111.37 -33.57
CA GLU E 110 3.11 110.38 -34.19
C GLU E 110 4.47 110.36 -33.56
N LYS E 111 4.89 109.22 -33.12
CA LYS E 111 6.11 109.32 -32.38
C LYS E 111 7.17 108.31 -32.85
N VAL E 112 6.72 107.10 -33.12
CA VAL E 112 7.56 105.97 -33.58
C VAL E 112 8.82 105.59 -32.77
N PRO E 113 8.75 105.66 -31.43
CA PRO E 113 9.91 105.30 -30.60
C PRO E 113 9.82 103.88 -30.04
N PHE E 114 9.17 103.00 -30.79
CA PHE E 114 8.97 101.60 -30.38
C PHE E 114 9.58 101.28 -29.02
N ALA E 115 10.90 101.14 -28.97
CA ALA E 115 11.62 100.82 -27.76
C ALA E 115 10.81 101.07 -26.48
N SER E 116 10.62 102.35 -26.17
CA SER E 116 9.89 102.78 -24.99
C SER E 116 8.45 102.25 -24.81
N ARG E 117 7.84 101.75 -25.89
CA ARG E 117 6.47 101.24 -25.84
C ARG E 117 6.14 100.08 -24.89
N PHE E 118 4.85 99.95 -24.58
CA PHE E 118 4.34 98.90 -23.69
C PHE E 118 3.10 98.23 -24.26
N VAL E 119 2.56 98.83 -25.31
CA VAL E 119 1.38 98.31 -25.98
C VAL E 119 1.66 98.17 -27.45
N PHE E 120 1.43 96.97 -27.98
CA PHE E 120 1.63 96.75 -29.41
C PHE E 120 0.64 95.79 -30.07
N GLU E 121 0.48 95.97 -31.37
CA GLU E 121 -0.44 95.19 -32.19
C GLU E 121 0.23 94.65 -33.47
N LYS E 122 0.28 93.33 -33.59
CA LYS E 122 0.85 92.66 -34.77
C LYS E 122 -0.26 92.81 -35.82
N LYS E 123 -0.12 93.79 -36.70
CA LYS E 123 -1.17 94.09 -37.69
C LYS E 123 -1.65 93.12 -38.77
N ARG E 124 -0.87 92.13 -39.33
CA ARG E 124 -1.32 91.60 -40.67
C ARG E 124 -2.37 90.53 -41.03
N GLU E 125 -2.52 89.45 -40.28
CA GLU E 125 -3.48 88.38 -40.59
C GLU E 125 -4.48 88.30 -39.47
N THR E 126 -4.04 87.61 -38.39
CA THR E 126 -4.73 87.45 -37.10
C THR E 126 -4.16 88.42 -36.04
N PRO E 127 -4.89 89.53 -35.77
CA PRO E 127 -4.45 90.52 -34.79
C PRO E 127 -3.98 89.95 -33.47
N LYS E 128 -2.87 90.47 -33.00
CA LYS E 128 -2.27 90.03 -31.75
C LYS E 128 -1.93 91.27 -30.95
N LEU E 129 -2.71 91.56 -29.90
CA LEU E 129 -2.45 92.71 -29.08
C LEU E 129 -1.56 92.25 -27.94
N ILE E 130 -0.49 93.00 -27.67
CA ILE E 130 0.44 92.65 -26.61
C ILE E 130 0.62 93.79 -25.63
N ILE E 131 0.42 93.49 -24.35
CA ILE E 131 0.50 94.48 -23.30
C ILE E 131 1.27 94.05 -22.08
N ASN E 132 2.10 94.96 -21.59
CA ASN E 132 2.86 94.67 -20.39
C ASN E 132 2.52 95.74 -19.37
N ILE E 133 2.56 95.37 -18.10
CA ILE E 133 2.25 96.31 -17.05
C ILE E 133 3.40 96.27 -16.07
N LYS E 134 3.71 97.40 -15.44
CA LYS E 134 4.79 97.40 -14.48
C LYS E 134 4.32 97.64 -13.06
N ASP E 135 4.38 98.79 -12.58
CA ASP E 135 3.91 98.91 -11.23
C ASP E 135 2.55 99.56 -11.18
N TYR E 136 2.15 99.77 -9.97
CA TYR E 136 0.87 100.24 -9.70
C TYR E 136 0.15 101.26 -10.66
N ALA E 137 0.57 102.41 -11.25
CA ALA E 137 -0.69 103.06 -11.83
C ALA E 137 -0.88 103.95 -13.08
N ILE E 138 -1.93 103.49 -13.81
CA ILE E 138 -2.52 103.91 -15.10
C ILE E 138 -3.65 104.94 -14.96
N ASN E 139 -4.15 105.07 -13.67
CA ASN E 139 -5.30 105.90 -13.29
C ASN E 139 -5.01 107.37 -12.93
N SER E 140 -3.75 107.73 -12.74
CA SER E 140 -3.38 109.11 -12.42
C SER E 140 -3.53 109.97 -13.69
N GLU E 141 -2.74 109.65 -14.71
CA GLU E 141 -2.83 110.34 -16.00
C GLU E 141 -3.15 109.24 -17.00
N GLN E 142 -4.43 108.84 -17.00
CA GLN E 142 -4.96 107.79 -17.86
C GLN E 142 -4.55 107.97 -19.32
N SER E 143 -3.86 109.07 -19.60
CA SER E 143 -3.37 109.37 -20.95
C SER E 143 -2.43 108.26 -21.41
N LYS E 144 -2.28 107.24 -20.58
CA LYS E 144 -1.40 106.11 -20.88
C LYS E 144 -2.25 104.90 -21.30
N GLU E 145 -3.31 104.62 -20.54
CA GLU E 145 -4.19 103.50 -20.85
C GLU E 145 -4.93 103.75 -22.16
N VAL E 146 -5.11 105.03 -22.50
CA VAL E 146 -5.81 105.38 -23.72
C VAL E 146 -5.22 104.62 -24.91
N TYR E 147 -3.91 104.42 -24.91
CA TYR E 147 -3.30 103.72 -26.02
C TYR E 147 -3.60 102.25 -26.04
N TYR E 148 -3.96 101.70 -24.89
CA TYR E 148 -4.33 100.31 -24.87
C TYR E 148 -5.77 100.29 -25.36
N GLU E 149 -6.32 101.48 -25.58
CA GLU E 149 -7.68 101.64 -26.06
C GLU E 149 -7.67 101.85 -27.57
N ILE E 150 -7.02 102.91 -28.03
CA ILE E 150 -6.92 103.16 -29.45
C ILE E 150 -6.01 102.05 -29.96
N GLY E 151 -4.85 101.92 -29.32
CA GLY E 151 -3.90 100.89 -29.71
C GLY E 151 -4.71 99.65 -30.02
N LYS E 152 -5.85 99.54 -29.36
CA LYS E 152 -6.74 98.42 -29.58
C LYS E 152 -7.61 98.76 -30.76
N GLY E 153 -8.37 99.84 -30.62
CA GLY E 153 -9.25 100.29 -31.69
C GLY E 153 -8.75 100.02 -33.10
N ILE E 154 -7.43 99.96 -33.27
CA ILE E 154 -6.85 99.70 -34.58
C ILE E 154 -7.12 98.24 -34.97
N SER E 155 -7.81 97.53 -34.08
CA SER E 155 -8.17 96.15 -34.31
C SER E 155 -9.42 96.19 -35.17
N LEU E 156 -10.49 96.82 -34.72
CA LEU E 156 -11.82 96.91 -35.36
C LEU E 156 -12.15 98.03 -36.35
N ASP E 157 -11.30 98.98 -36.60
CA ASP E 157 -11.68 100.00 -37.55
C ASP E 157 -11.79 99.33 -38.92
N ILE E 158 -10.61 99.32 -39.38
CA ILE E 158 -10.32 98.79 -40.71
C ILE E 158 -11.03 97.45 -40.94
N ILE E 159 -11.69 96.97 -39.88
CA ILE E 159 -12.41 95.71 -39.93
C ILE E 159 -13.73 95.92 -39.22
N SER E 160 -13.81 97.02 -38.46
CA SER E 160 -15.02 97.35 -37.71
C SER E 160 -16.20 97.52 -38.63
N LYS E 161 -16.57 98.74 -38.90
CA LYS E 161 -17.67 99.10 -39.77
C LYS E 161 -17.15 100.22 -40.65
N ASP E 162 -16.09 100.85 -40.15
CA ASP E 162 -15.53 101.92 -40.97
C ASP E 162 -15.39 101.34 -42.37
N LYS E 163 -14.84 100.15 -42.52
CA LYS E 163 -14.72 99.68 -43.92
C LYS E 163 -15.01 98.17 -44.20
N SER E 164 -15.13 97.26 -43.19
CA SER E 164 -15.40 95.81 -43.43
C SER E 164 -16.56 95.72 -44.34
N LEU E 165 -17.77 95.84 -43.75
CA LEU E 165 -18.78 96.16 -44.72
C LEU E 165 -18.01 97.39 -45.13
N ASP E 166 -18.36 98.09 -46.15
CA ASP E 166 -17.49 99.23 -46.48
C ASP E 166 -17.76 100.47 -45.65
N PRO E 167 -17.00 101.60 -45.81
CA PRO E 167 -17.35 102.79 -45.10
C PRO E 167 -18.76 102.96 -45.44
N GLU E 168 -19.69 102.41 -44.75
CA GLU E 168 -21.00 102.66 -45.31
C GLU E 168 -21.51 104.07 -45.00
N PHE E 169 -22.32 104.69 -45.89
CA PHE E 169 -22.83 106.03 -45.63
C PHE E 169 -22.75 106.38 -44.14
N LEU E 170 -23.15 105.43 -43.28
CA LEU E 170 -23.10 105.64 -41.83
C LEU E 170 -21.86 106.45 -41.41
N ASN E 171 -20.67 105.89 -41.65
CA ASN E 171 -19.43 106.56 -41.30
C ASN E 171 -18.94 107.43 -42.46
N LEU E 172 -19.45 107.15 -43.66
CA LEU E 172 -19.05 107.93 -44.82
C LEU E 172 -19.65 109.33 -44.71
N ILE E 173 -20.85 109.41 -44.14
CA ILE E 173 -21.54 110.68 -43.95
C ILE E 173 -21.16 111.28 -42.60
N LYS E 174 -20.88 110.41 -41.64
CA LYS E 174 -20.51 110.83 -40.29
C LYS E 174 -19.11 111.44 -40.27
N SER E 175 -18.28 111.02 -41.23
CA SER E 175 -16.93 111.57 -41.35
C SER E 175 -17.12 112.92 -42.01
N LEU E 176 -18.17 113.01 -42.84
CA LEU E 176 -18.52 114.23 -43.54
C LEU E 176 -18.95 115.31 -42.56
N SER E 177 -19.29 114.91 -41.33
CA SER E 177 -19.68 115.88 -40.31
C SER E 177 -18.38 116.56 -39.86
N ASP E 178 -17.51 116.68 -40.87
CA ASP E 178 -16.29 117.39 -40.64
C ASP E 178 -16.79 118.76 -40.22
N ASP E 179 -17.57 119.32 -41.12
CA ASP E 179 -18.07 120.64 -40.84
C ASP E 179 -19.44 121.02 -41.43
N SER E 180 -20.32 120.08 -41.87
CA SER E 180 -21.55 120.58 -42.54
C SER E 180 -22.90 120.40 -41.84
N ASP E 181 -22.99 119.38 -40.97
CA ASP E 181 -24.24 119.05 -40.26
C ASP E 181 -24.56 119.96 -39.06
N SER E 182 -23.86 119.70 -37.95
CA SER E 182 -24.03 120.43 -36.69
C SER E 182 -23.06 121.61 -36.55
N SER E 183 -23.45 122.60 -35.74
CA SER E 183 -22.63 123.80 -35.51
C SER E 183 -21.42 123.54 -34.60
N ASP E 184 -20.75 122.41 -34.82
CA ASP E 184 -19.55 122.05 -34.06
C ASP E 184 -18.41 121.65 -34.99
N LEU E 185 -17.72 122.66 -35.55
CA LEU E 185 -16.60 122.46 -36.46
C LEU E 185 -15.38 122.09 -35.63
N LEU E 186 -15.61 121.23 -34.64
CA LEU E 186 -14.57 120.77 -33.73
C LEU E 186 -14.23 119.31 -34.02
N PHE E 187 -13.13 119.12 -34.76
CA PHE E 187 -12.64 117.80 -35.13
C PHE E 187 -11.12 117.89 -35.08
N SER E 188 -10.65 118.86 -34.30
CA SER E 188 -9.24 119.13 -34.11
C SER E 188 -8.48 117.91 -33.57
N GLN E 189 -9.18 117.10 -32.77
CA GLN E 189 -8.61 115.91 -32.13
C GLN E 189 -8.62 114.61 -32.94
N LYS E 190 -8.72 114.72 -34.26
CA LYS E 190 -8.73 113.53 -35.12
C LYS E 190 -8.34 113.87 -36.56
N PHE E 191 -8.43 115.16 -36.91
CA PHE E 191 -8.11 115.61 -38.26
C PHE E 191 -7.12 116.80 -38.29
N LYS E 192 -5.83 116.50 -38.46
CA LYS E 192 -4.83 117.56 -38.51
C LYS E 192 -4.07 117.56 -39.82
N GLU E 193 -2.90 116.91 -39.83
CA GLU E 193 -2.05 116.85 -41.00
C GLU E 193 -2.68 116.20 -42.24
N LYS E 194 -3.72 115.40 -42.03
CA LYS E 194 -4.36 114.72 -43.15
C LYS E 194 -5.76 115.26 -43.47
N LEU E 195 -6.31 116.06 -42.55
CA LEU E 195 -7.61 116.68 -42.76
C LEU E 195 -7.80 118.05 -42.10
N GLU E 196 -6.78 118.88 -42.20
CA GLU E 196 -6.88 120.25 -41.68
C GLU E 196 -7.44 120.92 -42.94
N LEU E 197 -7.75 120.05 -43.90
CA LEU E 197 -8.33 120.39 -45.19
C LEU E 197 -9.81 120.71 -44.97
N ASN E 198 -10.06 121.88 -44.35
CA ASN E 198 -11.41 122.36 -44.05
C ASN E 198 -12.06 122.83 -45.35
N ASN E 199 -11.23 122.91 -46.39
CA ASN E 199 -11.67 123.35 -47.70
C ASN E 199 -11.75 122.16 -48.67
N LYS E 200 -12.73 121.29 -48.44
CA LYS E 200 -12.95 120.11 -49.28
C LYS E 200 -14.23 119.38 -48.85
N SER E 201 -15.04 118.97 -49.82
CA SER E 201 -16.27 118.25 -49.57
C SER E 201 -15.92 116.76 -49.49
N ILE E 202 -15.70 116.27 -48.26
CA ILE E 202 -15.26 114.89 -48.00
C ILE E 202 -16.30 113.77 -48.10
N ASP E 203 -16.75 113.46 -49.31
CA ASP E 203 -17.70 112.39 -49.54
C ASP E 203 -16.87 111.25 -50.15
N ILE E 204 -17.37 110.66 -51.24
CA ILE E 204 -16.66 109.57 -51.91
C ILE E 204 -15.58 110.14 -52.85
N ASN E 205 -15.54 111.43 -52.93
CA ASN E 205 -14.55 111.90 -53.82
C ASN E 205 -13.12 111.61 -53.29
N PHE E 206 -12.89 111.80 -52.00
CA PHE E 206 -11.53 111.72 -51.48
C PHE E 206 -11.25 110.86 -50.22
N ILE E 207 -12.28 110.21 -49.65
CA ILE E 207 -12.11 109.39 -48.44
C ILE E 207 -11.50 108.00 -48.69
N LYS E 208 -11.46 107.55 -49.94
CA LYS E 208 -10.86 106.24 -50.27
C LYS E 208 -9.35 106.36 -50.13
N GLU E 209 -8.76 107.26 -50.91
CA GLU E 209 -7.31 107.54 -50.92
C GLU E 209 -6.64 107.21 -49.57
N ASN E 210 -7.21 107.72 -48.48
CA ASN E 210 -6.64 107.49 -47.15
C ASN E 210 -7.56 106.83 -46.12
N LEU E 211 -7.73 105.53 -46.24
CA LEU E 211 -8.55 104.75 -45.32
C LEU E 211 -7.90 104.82 -43.93
N THR E 212 -6.57 104.86 -43.92
CA THR E 212 -5.80 104.90 -42.69
C THR E 212 -6.10 106.07 -41.76
N GLU E 213 -6.15 107.29 -42.30
CA GLU E 213 -6.40 108.46 -41.45
C GLU E 213 -7.78 108.42 -40.82
N PHE E 214 -8.69 107.67 -41.42
CA PHE E 214 -10.02 107.60 -40.88
C PHE E 214 -10.15 106.41 -39.95
N GLN E 215 -8.99 105.89 -39.56
CA GLN E 215 -8.88 104.79 -38.63
C GLN E 215 -8.28 105.45 -37.40
N HIS E 216 -7.28 106.31 -37.63
CA HIS E 216 -6.63 107.03 -36.53
C HIS E 216 -7.72 107.79 -35.80
N ALA E 217 -8.89 107.87 -36.44
CA ALA E 217 -10.05 108.56 -35.88
C ALA E 217 -10.90 107.59 -35.08
N PHE E 218 -11.60 106.70 -35.77
CA PHE E 218 -12.45 105.73 -35.09
C PHE E 218 -11.75 105.18 -33.86
N SER E 219 -10.43 105.08 -33.95
CA SER E 219 -9.61 104.58 -32.87
C SER E 219 -9.56 105.57 -31.70
N LEU E 220 -9.29 106.83 -32.01
CA LEU E 220 -9.21 107.86 -30.99
C LEU E 220 -10.61 108.18 -30.45
N ALA E 221 -11.62 107.81 -31.22
CA ALA E 221 -13.00 108.06 -30.83
C ALA E 221 -13.44 106.94 -29.89
N PHE E 222 -12.78 105.80 -30.04
CA PHE E 222 -13.03 104.63 -29.22
C PHE E 222 -12.29 104.83 -27.89
N SER E 223 -11.00 105.10 -28.02
CA SER E 223 -10.14 105.33 -26.87
C SER E 223 -10.74 106.44 -26.04
N TYR E 224 -11.33 107.42 -26.71
CA TYR E 224 -11.91 108.50 -25.99
C TYR E 224 -13.22 108.07 -25.36
N TYR E 225 -13.98 107.20 -26.02
CA TYR E 225 -15.26 106.81 -25.43
C TYR E 225 -15.08 105.92 -24.21
N PHE E 226 -14.16 104.98 -24.29
CA PHE E 226 -13.96 104.06 -23.18
C PHE E 226 -12.85 104.39 -22.19
N ALA E 227 -12.07 105.44 -22.47
CA ALA E 227 -11.03 105.84 -21.55
C ALA E 227 -11.72 106.11 -20.22
N PRO E 228 -11.23 105.50 -19.14
CA PRO E 228 -11.76 105.63 -17.78
C PRO E 228 -11.89 107.06 -17.26
N ASP E 229 -11.22 108.00 -17.93
CA ASP E 229 -11.27 109.39 -17.49
C ASP E 229 -12.07 110.32 -18.40
N HIS E 230 -11.54 110.60 -19.59
CA HIS E 230 -12.21 111.52 -20.49
C HIS E 230 -13.31 110.92 -21.33
N ARG E 231 -14.53 110.95 -20.79
CA ARG E 231 -15.70 110.40 -21.48
C ARG E 231 -16.55 111.44 -22.19
N THR E 232 -16.73 112.59 -21.53
CA THR E 232 -17.54 113.68 -22.09
C THR E 232 -16.78 114.47 -23.13
N VAL E 233 -15.45 114.39 -23.11
CA VAL E 233 -14.66 115.12 -24.07
C VAL E 233 -15.24 114.82 -25.46
N LEU E 234 -15.60 113.57 -25.72
CA LEU E 234 -16.16 113.18 -27.01
C LEU E 234 -17.65 113.49 -27.12
N GLU E 235 -18.22 114.04 -26.05
CA GLU E 235 -19.64 114.39 -26.02
C GLU E 235 -19.78 115.90 -26.18
N LEU E 236 -18.82 116.62 -25.59
CA LEU E 236 -18.78 118.08 -25.64
C LEU E 236 -18.28 118.46 -27.02
N TYR E 237 -17.13 117.84 -27.45
CA TYR E 237 -16.41 118.15 -28.71
C TYR E 237 -16.76 117.51 -30.02
N ALA E 238 -16.84 116.21 -30.07
CA ALA E 238 -17.34 115.64 -31.25
C ALA E 238 -18.77 115.39 -30.82
N PRO E 239 -19.81 115.96 -31.49
CA PRO E 239 -21.19 115.68 -31.05
C PRO E 239 -21.79 114.41 -31.63
N ASP E 240 -21.29 113.98 -32.79
CA ASP E 240 -21.82 112.78 -33.46
C ASP E 240 -20.99 111.52 -33.22
N MET E 241 -19.68 111.56 -33.49
CA MET E 241 -18.83 110.39 -33.27
C MET E 241 -19.25 109.77 -31.96
N PHE E 242 -19.57 110.63 -31.00
CA PHE E 242 -20.02 110.18 -29.71
C PHE E 242 -21.25 109.30 -29.89
N GLU E 243 -22.30 109.89 -30.43
CA GLU E 243 -23.53 109.14 -30.65
C GLU E 243 -23.17 107.87 -31.38
N TYR E 244 -22.32 108.01 -32.39
CA TYR E 244 -21.85 106.89 -33.21
C TYR E 244 -21.40 105.75 -32.31
N MET E 245 -20.38 106.02 -31.52
CA MET E 245 -19.85 105.01 -30.60
C MET E 245 -20.95 104.50 -29.70
N ASN E 246 -21.67 105.42 -29.06
CA ASN E 246 -22.73 105.03 -28.14
C ASN E 246 -23.67 104.03 -28.78
N LYS E 247 -24.17 104.37 -29.96
CA LYS E 247 -25.07 103.46 -30.67
C LYS E 247 -24.36 102.09 -30.73
N LEU E 248 -23.08 102.13 -31.08
CA LEU E 248 -22.27 100.91 -31.18
C LEU E 248 -22.28 100.17 -29.85
N GLU E 249 -22.17 100.88 -28.74
CA GLU E 249 -22.22 100.18 -27.47
C GLU E 249 -23.64 99.72 -27.26
N LYS E 250 -24.60 100.54 -27.69
CA LYS E 250 -26.01 100.21 -27.55
C LYS E 250 -26.33 98.86 -28.17
N GLY E 251 -25.62 98.55 -29.26
CA GLY E 251 -25.83 97.28 -29.95
C GLY E 251 -25.07 97.12 -31.26
N GLY E 252 -24.29 98.14 -31.64
CA GLY E 252 -23.55 98.07 -32.88
C GLY E 252 -22.41 97.06 -32.91
N PHE E 253 -21.63 97.02 -31.85
CA PHE E 253 -20.53 96.08 -31.78
C PHE E 253 -21.07 94.65 -31.94
N GLU E 254 -22.25 94.40 -31.38
CA GLU E 254 -22.87 93.09 -31.49
C GLU E 254 -23.33 92.88 -32.94
N LYS E 255 -23.56 93.99 -33.64
CA LYS E 255 -23.98 93.94 -35.04
C LYS E 255 -22.94 93.11 -35.78
N ILE E 256 -21.80 93.74 -35.98
CA ILE E 256 -20.66 93.17 -36.68
C ILE E 256 -20.18 91.89 -35.99
N SER E 257 -20.30 91.87 -34.66
CA SER E 257 -19.87 90.70 -33.93
C SER E 257 -20.72 89.52 -34.38
N GLU E 258 -21.86 89.80 -34.98
CA GLU E 258 -22.75 88.75 -35.45
C GLU E 258 -22.72 88.62 -36.99
N SER E 259 -22.08 89.57 -37.66
CA SER E 259 -21.98 89.51 -39.11
C SER E 259 -20.66 88.80 -39.45
N LEU E 260 -19.75 88.75 -38.48
CA LEU E 260 -18.47 88.07 -38.66
C LEU E 260 -18.69 86.65 -38.13
N LYS E 261 -19.63 86.52 -37.22
CA LYS E 261 -19.95 85.23 -36.63
C LYS E 261 -20.65 84.41 -37.68
N LYS E 262 -21.64 85.00 -38.36
CA LYS E 262 -22.38 84.29 -39.40
C LYS E 262 -21.44 83.91 -40.53
N GLU E 263 -20.55 84.82 -40.91
CA GLU E 263 -19.63 84.47 -41.96
C GLU E 263 -18.52 83.64 -41.32
N GLY E 264 -18.80 83.11 -40.15
CA GLY E 264 -17.81 82.29 -39.49
C GLY E 264 -17.95 80.91 -40.08
N VAL E 265 -19.20 80.51 -40.25
CA VAL E 265 -19.55 79.22 -40.81
C VAL E 265 -19.59 79.29 -42.32
N GLU E 266 -20.52 80.09 -42.85
CA GLU E 266 -20.66 80.25 -44.29
C GLU E 266 -19.28 80.45 -44.95
N LYS E 267 -18.32 80.89 -44.13
CA LYS E 267 -16.95 81.10 -44.59
C LYS E 267 -16.36 79.73 -44.85
N ASP E 268 -15.79 79.14 -43.81
CA ASP E 268 -15.18 77.81 -43.88
C ASP E 268 -16.34 76.80 -43.76
N ARG E 269 -16.57 76.08 -44.86
CA ARG E 269 -17.63 75.08 -44.95
C ARG E 269 -17.28 74.05 -46.01
N ILE E 270 -18.25 73.21 -46.33
CA ILE E 270 -18.06 72.16 -47.32
C ILE E 270 -18.52 72.68 -48.68
N ASP E 271 -17.55 72.87 -49.58
CA ASP E 271 -17.82 73.38 -50.92
C ASP E 271 -18.74 72.43 -51.68
N VAL E 272 -20.04 72.70 -51.63
CA VAL E 272 -20.91 71.91 -52.39
C VAL E 272 -21.65 72.92 -53.21
N LEU E 273 -21.73 72.82 -54.48
CA LEU E 273 -22.50 73.87 -55.14
C LEU E 273 -23.99 73.68 -54.79
N LYS E 274 -24.61 74.58 -54.12
CA LYS E 274 -25.99 74.38 -53.72
C LYS E 274 -26.86 75.00 -54.81
N GLY E 275 -28.08 75.41 -54.45
CA GLY E 275 -28.97 76.02 -55.43
C GLY E 275 -29.24 75.18 -56.68
N GLU E 276 -29.48 75.84 -57.81
CA GLU E 276 -29.76 75.12 -59.04
C GLU E 276 -28.53 74.70 -59.84
N LYS E 277 -27.35 75.14 -59.45
CA LYS E 277 -26.15 74.74 -60.18
C LYS E 277 -25.99 73.22 -60.04
N ALA E 278 -26.52 72.68 -58.95
CA ALA E 278 -26.44 71.24 -58.69
C ALA E 278 -27.45 70.56 -59.59
N LEU E 279 -28.70 70.97 -59.40
CA LEU E 279 -29.78 70.45 -60.19
C LEU E 279 -29.33 70.29 -61.65
N LYS E 280 -28.23 70.93 -62.02
CA LYS E 280 -27.70 70.85 -63.39
C LYS E 280 -27.02 69.52 -63.61
N ALA E 281 -26.15 69.12 -62.69
CA ALA E 281 -25.47 67.84 -62.82
C ALA E 281 -26.35 66.77 -62.20
N SER E 282 -27.41 67.22 -61.53
CA SER E 282 -28.35 66.33 -60.87
C SER E 282 -29.10 65.41 -61.84
N GLY E 283 -29.39 65.93 -63.03
CA GLY E 283 -30.09 65.13 -64.02
C GLY E 283 -31.54 64.94 -63.70
N LEU E 284 -31.90 65.11 -62.43
CA LEU E 284 -33.30 64.95 -62.08
C LEU E 284 -34.13 66.00 -62.79
N VAL E 285 -35.36 65.61 -63.13
CA VAL E 285 -36.31 66.48 -63.80
C VAL E 285 -36.76 67.56 -62.85
N PRO E 286 -36.29 68.80 -63.05
CA PRO E 286 -36.61 69.96 -62.23
C PRO E 286 -37.94 69.91 -61.50
N GLU E 287 -39.03 69.78 -62.24
CA GLU E 287 -40.34 69.75 -61.59
C GLU E 287 -40.43 68.65 -60.53
N HIS E 288 -39.63 67.60 -60.72
CA HIS E 288 -39.58 66.48 -59.80
C HIS E 288 -38.75 66.89 -58.60
N ALA E 289 -37.54 67.35 -58.87
CA ALA E 289 -36.65 67.77 -57.79
C ALA E 289 -37.48 68.68 -56.90
N ASP E 290 -38.06 69.71 -57.52
CA ASP E 290 -38.89 70.66 -56.78
C ASP E 290 -40.04 69.91 -56.11
N ALA E 291 -40.58 68.92 -56.81
CA ALA E 291 -41.69 68.10 -56.30
C ALA E 291 -41.29 67.36 -55.04
N PHE E 292 -40.07 66.86 -55.03
CA PHE E 292 -39.49 66.13 -53.90
C PHE E 292 -39.27 67.12 -52.75
N LYS E 293 -38.81 68.31 -53.14
CA LYS E 293 -38.51 69.40 -52.21
C LYS E 293 -39.56 69.48 -51.08
N LYS E 294 -40.79 69.14 -51.41
CA LYS E 294 -41.87 69.20 -50.43
C LYS E 294 -41.94 67.99 -49.49
N ILE E 295 -41.55 66.81 -49.95
CA ILE E 295 -41.61 65.64 -49.09
C ILE E 295 -40.53 65.67 -48.01
N ALA E 296 -39.32 66.08 -48.38
CA ALA E 296 -38.22 66.14 -47.44
C ALA E 296 -38.66 66.92 -46.21
N ARG E 297 -39.42 67.98 -46.42
CA ARG E 297 -39.92 68.80 -45.33
C ARG E 297 -40.94 68.09 -44.45
N GLU E 298 -42.17 67.99 -44.94
CA GLU E 298 -43.24 67.33 -44.18
C GLU E 298 -42.66 66.26 -43.26
N LEU E 299 -42.11 65.21 -43.89
CA LEU E 299 -41.50 64.05 -43.22
C LEU E 299 -40.14 64.36 -42.54
N ASN E 300 -39.40 65.31 -43.09
CA ASN E 300 -38.12 65.70 -42.52
C ASN E 300 -37.09 64.62 -42.67
N THR E 301 -36.55 64.47 -43.88
CA THR E 301 -35.54 63.46 -44.15
C THR E 301 -34.73 63.80 -45.41
N TYR E 302 -33.40 63.77 -45.30
CA TYR E 302 -32.57 64.05 -46.47
C TYR E 302 -32.81 62.99 -47.53
N ILE E 303 -32.91 63.41 -48.77
CA ILE E 303 -33.07 62.43 -49.83
C ILE E 303 -31.76 62.52 -50.62
N LEU E 304 -31.05 61.42 -50.80
CA LEU E 304 -29.81 61.48 -51.55
C LEU E 304 -29.86 60.61 -52.78
N PHE E 305 -29.64 61.20 -53.96
CA PHE E 305 -29.71 60.48 -55.25
C PHE E 305 -28.36 60.31 -55.92
N ARG E 306 -28.25 59.35 -56.84
CA ARG E 306 -27.00 59.14 -57.60
C ARG E 306 -27.14 59.85 -58.94
N PRO E 307 -26.03 60.02 -59.67
CA PRO E 307 -26.09 60.70 -60.96
C PRO E 307 -27.00 60.05 -61.97
N VAL E 308 -28.05 60.79 -62.36
CA VAL E 308 -29.03 60.32 -63.34
C VAL E 308 -28.60 60.86 -64.69
N ASN E 309 -28.31 59.98 -65.65
CA ASN E 309 -27.87 60.40 -66.98
C ASN E 309 -28.70 61.59 -67.50
N LYS E 310 -28.05 62.58 -68.11
CA LYS E 310 -28.77 63.76 -68.62
C LYS E 310 -29.63 63.41 -69.85
N LEU E 311 -29.15 62.47 -70.66
CA LEU E 311 -29.86 62.02 -71.86
C LEU E 311 -31.09 61.23 -71.44
N ALA E 312 -31.60 61.48 -70.25
CA ALA E 312 -32.79 60.78 -69.75
C ALA E 312 -33.60 61.83 -69.03
N THR E 313 -32.92 62.89 -68.63
CA THR E 313 -33.51 64.02 -67.92
C THR E 313 -34.84 64.46 -68.52
N ASN E 314 -34.94 64.35 -69.84
CA ASN E 314 -36.14 64.76 -70.54
C ASN E 314 -37.02 63.56 -70.92
N LEU E 315 -36.40 62.42 -71.26
CA LEU E 315 -37.15 61.20 -71.61
C LEU E 315 -38.10 60.93 -70.47
N ILE E 316 -37.76 61.46 -69.30
CA ILE E 316 -38.62 61.29 -68.14
C ILE E 316 -39.73 62.33 -68.21
N LYS E 317 -39.41 63.60 -68.00
CA LYS E 317 -40.43 64.66 -68.04
C LYS E 317 -41.37 64.29 -69.15
N SER E 318 -40.79 63.92 -70.29
CA SER E 318 -41.53 63.48 -71.46
C SER E 318 -42.63 62.49 -71.06
N GLY E 319 -42.22 61.36 -70.47
CA GLY E 319 -43.20 60.38 -70.03
C GLY E 319 -42.72 58.96 -70.17
N VAL E 320 -41.42 58.78 -70.42
CA VAL E 320 -40.84 57.44 -70.57
C VAL E 320 -40.69 56.74 -69.25
N ALA E 321 -40.88 55.43 -69.26
CA ALA E 321 -40.77 54.65 -68.03
C ALA E 321 -39.31 54.54 -67.58
N THR E 322 -39.13 54.00 -66.37
CA THR E 322 -37.81 53.87 -65.79
C THR E 322 -37.35 52.44 -65.52
N LYS E 323 -36.09 52.15 -65.84
CA LYS E 323 -35.53 50.83 -65.61
C LYS E 323 -35.62 50.40 -64.16
N GLY E 324 -36.24 49.26 -63.94
CA GLY E 324 -36.40 48.74 -62.60
C GLY E 324 -35.29 47.74 -62.33
N LEU E 325 -35.59 46.75 -61.51
CA LEU E 325 -34.62 45.74 -61.18
C LEU E 325 -34.60 44.64 -62.23
N ASN E 326 -35.77 44.38 -62.80
CA ASN E 326 -35.93 43.35 -63.82
C ASN E 326 -35.06 43.56 -65.06
N VAL E 327 -34.56 44.78 -65.26
CA VAL E 327 -33.72 45.04 -66.44
C VAL E 327 -32.29 45.36 -66.08
N HIS E 328 -31.36 44.77 -66.83
CA HIS E 328 -29.95 44.98 -66.63
C HIS E 328 -29.24 45.32 -67.94
N GLY E 329 -29.97 45.93 -68.87
CA GLY E 329 -29.38 46.30 -70.15
C GLY E 329 -28.50 47.51 -69.96
N LYS E 330 -27.77 47.92 -70.98
CA LYS E 330 -26.95 49.08 -70.81
C LYS E 330 -27.66 50.23 -71.55
N SER E 331 -27.52 51.47 -71.10
CA SER E 331 -28.14 52.55 -71.82
C SER E 331 -27.23 52.91 -72.99
N SER E 332 -27.54 53.97 -73.67
CA SER E 332 -26.72 54.41 -74.77
C SER E 332 -26.42 55.88 -74.62
N ASP E 333 -25.30 56.26 -75.19
CA ASP E 333 -24.76 57.61 -75.14
C ASP E 333 -24.42 58.11 -76.54
N TRP E 334 -25.25 57.72 -77.50
CA TRP E 334 -25.04 58.11 -78.90
C TRP E 334 -26.14 57.51 -79.81
N GLY E 335 -26.27 58.06 -81.02
CA GLY E 335 -27.27 57.57 -81.95
C GLY E 335 -28.65 58.08 -81.61
N PRO E 336 -29.71 57.53 -82.22
CA PRO E 336 -31.06 58.00 -81.92
C PRO E 336 -31.52 57.31 -80.66
N VAL E 337 -31.10 56.05 -80.51
CA VAL E 337 -31.47 55.24 -79.36
C VAL E 337 -31.00 55.83 -78.03
N ALA E 338 -29.91 56.58 -78.06
CA ALA E 338 -29.33 57.20 -76.86
C ALA E 338 -30.37 57.70 -75.86
N GLY E 339 -30.24 57.25 -74.61
CA GLY E 339 -31.19 57.64 -73.59
C GLY E 339 -32.17 56.51 -73.36
N TYR E 340 -32.16 55.55 -74.27
CA TYR E 340 -33.04 54.39 -74.19
C TYR E 340 -32.18 53.14 -74.02
N ILE E 341 -32.79 52.04 -73.61
CA ILE E 341 -32.05 50.79 -73.43
C ILE E 341 -32.24 49.92 -74.68
N PRO E 342 -31.39 50.10 -75.69
CA PRO E 342 -31.61 49.26 -76.85
C PRO E 342 -31.72 47.78 -76.51
N PHE E 343 -32.48 47.06 -77.33
CA PHE E 343 -32.63 45.62 -77.16
C PHE E 343 -31.38 45.11 -77.85
N ASP E 344 -30.96 45.88 -78.85
CA ASP E 344 -29.76 45.57 -79.60
C ASP E 344 -28.66 46.19 -78.75
N GLN E 345 -27.93 45.34 -78.05
CA GLN E 345 -26.88 45.86 -77.18
C GLN E 345 -25.83 46.65 -77.93
N ASP E 346 -25.45 46.18 -79.11
CA ASP E 346 -24.42 46.89 -79.86
C ASP E 346 -24.78 48.35 -80.17
N LEU E 347 -25.95 48.79 -79.71
CA LEU E 347 -26.37 50.16 -79.91
C LEU E 347 -26.37 50.89 -78.58
N SER E 348 -25.45 50.50 -77.71
CA SER E 348 -25.29 51.08 -76.39
C SER E 348 -23.83 51.36 -76.10
N LYS E 349 -23.57 51.90 -74.91
CA LYS E 349 -22.22 52.27 -74.46
C LYS E 349 -21.16 51.22 -74.75
N LYS E 350 -21.54 49.95 -74.62
CA LYS E 350 -20.61 48.87 -74.84
C LYS E 350 -20.56 48.44 -76.32
N HIS E 351 -20.34 49.44 -77.17
CA HIS E 351 -20.27 49.29 -78.62
C HIS E 351 -18.90 48.80 -79.09
N GLY E 352 -18.74 47.48 -79.15
CA GLY E 352 -17.48 46.90 -79.58
C GLY E 352 -17.06 45.70 -78.76
N GLN E 353 -17.15 45.82 -77.43
CA GLN E 353 -16.79 44.71 -76.53
C GLN E 353 -17.61 43.54 -76.98
N GLN E 354 -17.03 42.75 -77.87
CA GLN E 354 -17.71 41.60 -78.43
C GLN E 354 -18.21 40.61 -77.37
N LEU E 355 -18.22 41.04 -76.10
CA LEU E 355 -18.69 40.18 -75.01
C LEU E 355 -19.61 40.90 -74.04
N ALA E 356 -19.37 42.20 -73.85
CA ALA E 356 -20.21 42.98 -72.96
C ALA E 356 -21.57 42.97 -73.64
N VAL E 357 -21.50 42.88 -74.97
CA VAL E 357 -22.67 42.84 -75.83
C VAL E 357 -23.13 41.39 -76.00
N GLU E 358 -22.18 40.48 -76.27
CA GLU E 358 -22.50 39.06 -76.45
C GLU E 358 -23.03 38.45 -75.14
N LYS E 359 -22.80 39.16 -74.04
CA LYS E 359 -23.30 38.71 -72.76
C LYS E 359 -24.19 39.86 -72.30
N GLY E 360 -24.35 40.83 -73.19
CA GLY E 360 -25.20 41.99 -72.92
C GLY E 360 -26.59 41.74 -73.46
N ASN E 361 -26.67 41.32 -74.73
CA ASN E 361 -27.96 41.02 -75.32
C ASN E 361 -28.47 39.89 -74.44
N LEU E 362 -27.60 38.91 -74.21
CA LEU E 362 -27.93 37.74 -73.40
C LEU E 362 -28.71 38.13 -72.16
N GLU E 363 -28.62 39.41 -71.79
CA GLU E 363 -29.30 39.93 -70.61
C GLU E 363 -30.76 40.34 -70.87
N ASN E 364 -30.97 41.20 -71.87
CA ASN E 364 -32.31 41.66 -72.23
C ASN E 364 -33.18 40.49 -72.56
N LYS E 365 -32.67 39.61 -73.41
CA LYS E 365 -33.41 38.42 -73.80
C LYS E 365 -34.06 37.78 -72.55
N LYS E 366 -33.26 37.47 -71.53
CA LYS E 366 -33.78 36.88 -70.30
C LYS E 366 -34.75 37.82 -69.59
N SER E 367 -34.48 39.12 -69.68
CA SER E 367 -35.31 40.12 -69.03
C SER E 367 -36.76 39.89 -69.42
N ILE E 368 -36.96 39.47 -70.66
CA ILE E 368 -38.30 39.19 -71.18
C ILE E 368 -38.55 37.71 -70.98
N THR E 369 -37.65 36.90 -71.50
CA THR E 369 -37.73 35.45 -71.38
C THR E 369 -38.37 35.01 -70.06
N GLU E 370 -38.12 35.78 -68.99
CA GLU E 370 -38.69 35.45 -67.68
C GLU E 370 -39.95 36.24 -67.39
N HIS E 371 -39.79 37.51 -67.04
CA HIS E 371 -40.94 38.36 -66.73
C HIS E 371 -41.64 38.80 -68.02
N GLU E 372 -42.27 37.87 -68.73
CA GLU E 372 -42.98 38.27 -69.95
C GLU E 372 -44.34 38.86 -69.58
N GLY E 373 -44.70 39.94 -70.25
CA GLY E 373 -45.95 40.59 -69.94
C GLY E 373 -45.63 41.92 -69.30
N GLU E 374 -44.61 41.92 -68.43
CA GLU E 374 -44.18 43.14 -67.77
C GLU E 374 -42.98 43.74 -68.50
N ILE E 375 -42.03 42.90 -68.90
CA ILE E 375 -40.85 43.38 -69.61
C ILE E 375 -40.81 42.90 -71.08
N GLY E 376 -40.78 43.85 -72.00
CA GLY E 376 -40.73 43.53 -73.41
C GLY E 376 -39.96 44.56 -74.20
N LYS E 377 -40.01 44.40 -75.53
CA LYS E 377 -39.32 45.28 -76.46
C LYS E 377 -40.30 45.95 -77.42
N ILE E 378 -40.13 47.26 -77.63
CA ILE E 378 -41.01 47.94 -78.55
C ILE E 378 -40.19 48.82 -79.50
N PRO E 379 -40.74 49.16 -80.66
CA PRO E 379 -40.01 49.99 -81.62
C PRO E 379 -39.84 51.40 -81.16
N LEU E 380 -38.70 51.98 -81.52
CA LEU E 380 -38.36 53.34 -81.16
C LEU E 380 -39.21 54.35 -81.89
N LYS E 381 -39.54 55.45 -81.21
CA LYS E 381 -40.35 56.52 -81.79
C LYS E 381 -39.96 57.87 -81.19
N LEU E 382 -38.83 58.41 -81.62
CA LEU E 382 -38.35 59.69 -81.11
C LEU E 382 -39.38 60.76 -81.44
N ASP E 383 -39.86 61.50 -80.43
CA ASP E 383 -40.86 62.52 -80.69
C ASP E 383 -40.24 63.81 -81.28
N HIS E 384 -41.03 64.88 -81.28
CA HIS E 384 -40.59 66.14 -81.85
C HIS E 384 -39.45 66.83 -81.09
N LEU E 385 -39.71 67.24 -79.85
CA LEU E 385 -38.71 67.92 -79.04
C LEU E 385 -37.40 67.14 -78.97
N ARG E 386 -37.51 65.87 -78.58
CA ARG E 386 -36.35 65.00 -78.45
C ARG E 386 -35.35 65.17 -79.59
N ILE E 387 -35.84 65.13 -80.84
CA ILE E 387 -34.98 65.29 -82.00
C ILE E 387 -34.21 66.59 -81.89
N GLU E 388 -34.94 67.70 -81.82
CA GLU E 388 -34.30 68.99 -81.73
C GLU E 388 -33.27 69.03 -80.61
N GLU E 389 -33.46 68.19 -79.59
CA GLU E 389 -32.54 68.15 -78.45
C GLU E 389 -31.23 67.43 -78.76
N LEU E 390 -31.34 66.14 -79.10
CA LEU E 390 -30.18 65.34 -79.44
C LEU E 390 -29.40 66.08 -80.51
N LYS E 391 -29.95 67.22 -80.91
CA LYS E 391 -29.35 68.06 -81.92
C LYS E 391 -28.28 68.96 -81.32
N GLU E 392 -28.67 70.06 -80.71
CA GLU E 392 -27.69 70.98 -80.14
C GLU E 392 -26.79 70.29 -79.10
N ASN E 393 -27.17 69.09 -78.68
CA ASN E 393 -26.33 68.36 -77.72
C ASN E 393 -25.31 67.62 -78.58
N GLY E 394 -25.63 67.51 -79.87
CA GLY E 394 -24.75 66.86 -80.82
C GLY E 394 -24.70 65.35 -80.87
N ILE E 395 -25.85 64.69 -80.86
CA ILE E 395 -25.85 63.23 -80.93
C ILE E 395 -26.28 62.74 -82.29
N ILE E 396 -27.11 63.54 -82.95
CA ILE E 396 -27.64 63.24 -84.29
C ILE E 396 -27.66 64.52 -85.12
N LEU E 397 -27.70 64.34 -86.43
CA LEU E 397 -27.74 65.45 -87.38
C LEU E 397 -28.83 65.19 -88.42
N LYS E 398 -29.93 65.93 -88.31
CA LYS E 398 -31.05 65.78 -89.24
C LYS E 398 -30.76 66.48 -90.56
N GLY E 399 -30.77 65.72 -91.66
CA GLY E 399 -30.47 66.28 -92.96
C GLY E 399 -31.22 65.72 -94.15
N LYS E 400 -30.50 65.50 -95.25
CA LYS E 400 -31.09 64.99 -96.49
C LYS E 400 -32.20 63.95 -96.31
N LYS E 401 -33.17 63.98 -97.21
CA LYS E 401 -34.32 63.08 -97.19
C LYS E 401 -34.16 61.95 -98.19
N GLU E 402 -35.08 60.98 -98.10
CA GLU E 402 -35.08 59.83 -98.99
C GLU E 402 -36.49 59.26 -99.07
N ILE E 403 -36.70 58.35 -100.02
CA ILE E 403 -38.00 57.74 -100.22
C ILE E 403 -37.97 56.28 -100.57
N ASP E 404 -38.77 55.50 -99.86
CA ASP E 404 -38.86 54.07 -100.11
C ASP E 404 -40.29 53.59 -99.97
N ASN E 405 -40.67 52.70 -100.88
CA ASN E 405 -41.99 52.10 -100.89
C ASN E 405 -43.11 53.14 -100.99
N GLY E 406 -42.75 54.42 -101.00
CA GLY E 406 -43.76 55.47 -101.10
C GLY E 406 -43.85 56.35 -99.88
N LYS E 407 -43.20 55.92 -98.81
CA LYS E 407 -43.21 56.68 -97.55
C LYS E 407 -41.96 57.56 -97.43
N LYS E 408 -42.12 58.68 -96.75
CA LYS E 408 -41.03 59.62 -96.57
C LYS E 408 -40.16 59.23 -95.39
N TYR E 409 -38.87 59.53 -95.51
CA TYR E 409 -37.88 59.24 -94.49
C TYR E 409 -36.84 60.34 -94.40
N TYR E 410 -36.81 61.06 -93.28
CA TYR E 410 -35.78 62.07 -93.10
C TYR E 410 -34.60 61.24 -92.65
N LEU E 411 -33.41 61.54 -93.15
CA LEU E 411 -32.23 60.76 -92.80
C LEU E 411 -31.55 61.26 -91.53
N LEU E 412 -31.25 60.33 -90.63
CA LEU E 412 -30.58 60.67 -89.40
C LEU E 412 -29.15 60.19 -89.48
N GLU E 413 -28.23 61.15 -89.38
CA GLU E 413 -26.79 60.88 -89.46
C GLU E 413 -26.12 60.83 -88.08
N SER E 414 -25.23 59.87 -87.92
CA SER E 414 -24.45 59.71 -86.69
C SER E 414 -23.05 59.22 -87.08
N ASN E 415 -22.02 59.96 -86.67
CA ASN E 415 -20.67 59.61 -87.05
C ASN E 415 -20.15 58.29 -86.53
N ASN E 416 -21.01 57.28 -86.55
CA ASN E 416 -20.58 55.96 -86.14
C ASN E 416 -20.09 55.36 -87.45
N GLN E 417 -19.38 54.25 -87.37
CA GLN E 417 -18.85 53.62 -88.57
C GLN E 417 -19.35 52.20 -88.80
N VAL E 418 -20.58 51.91 -88.42
CA VAL E 418 -21.14 50.57 -88.63
C VAL E 418 -22.67 50.54 -88.83
N TYR E 419 -23.36 51.54 -88.32
CA TYR E 419 -24.81 51.59 -88.44
C TYR E 419 -25.29 52.91 -89.02
N GLU E 420 -26.23 52.83 -89.96
CA GLU E 420 -26.81 54.02 -90.55
C GLU E 420 -28.22 54.05 -90.01
N PHE E 421 -28.70 55.24 -89.66
CA PHE E 421 -30.03 55.37 -89.08
C PHE E 421 -30.97 56.25 -89.87
N ARG E 422 -32.27 56.01 -89.71
CA ARG E 422 -33.30 56.79 -90.39
C ARG E 422 -34.64 56.77 -89.65
N ILE E 423 -35.20 57.99 -89.42
CA ILE E 423 -36.50 58.00 -88.74
C ILE E 423 -37.60 57.97 -89.83
N SER E 424 -38.83 57.76 -89.44
CA SER E 424 -39.84 57.77 -90.48
C SER E 424 -40.44 59.16 -90.61
N ASP E 425 -41.71 59.19 -91.10
CA ASP E 425 -42.40 60.45 -91.24
C ASP E 425 -43.83 60.31 -90.76
N GLU E 426 -44.48 59.23 -91.17
CA GLU E 426 -45.85 58.97 -90.76
C GLU E 426 -45.77 58.82 -89.25
N ASN E 427 -45.29 57.66 -88.81
CA ASN E 427 -45.08 57.38 -87.41
C ASN E 427 -43.57 57.58 -87.30
N ASN E 428 -43.12 58.43 -86.38
CA ASN E 428 -41.71 58.71 -86.26
C ASN E 428 -40.84 57.54 -85.85
N GLU E 429 -41.09 56.36 -86.40
CA GLU E 429 -40.25 55.21 -86.05
C GLU E 429 -38.81 55.55 -86.45
N VAL E 430 -37.91 54.65 -86.14
CA VAL E 430 -36.51 54.84 -86.45
C VAL E 430 -35.99 53.50 -86.93
N GLN E 431 -34.95 53.53 -87.74
CA GLN E 431 -34.41 52.30 -88.26
C GLN E 431 -32.91 52.36 -88.51
N TYR E 432 -32.28 51.18 -88.45
CA TYR E 432 -30.84 51.04 -88.70
C TYR E 432 -30.56 49.85 -89.61
N LYS E 433 -29.29 49.67 -89.98
CA LYS E 433 -28.88 48.59 -90.85
C LYS E 433 -27.36 48.63 -90.89
N THR E 434 -26.72 47.50 -91.18
CA THR E 434 -25.26 47.51 -91.26
C THR E 434 -24.93 48.17 -92.58
N LYS E 435 -23.90 49.01 -92.61
CA LYS E 435 -23.50 49.69 -93.85
C LYS E 435 -22.97 48.69 -94.88
N GLU E 436 -23.06 49.08 -96.16
CA GLU E 436 -22.62 48.24 -97.29
C GLU E 436 -21.13 47.93 -97.26
N GLY E 437 -20.46 48.37 -96.19
CA GLY E 437 -19.03 48.13 -96.04
C GLY E 437 -18.63 48.02 -94.58
N LYS E 438 -19.32 47.14 -93.86
CA LYS E 438 -19.04 46.91 -92.45
C LYS E 438 -19.89 45.77 -91.88
N ILE E 439 -19.46 45.26 -90.74
CA ILE E 439 -20.13 44.14 -90.07
C ILE E 439 -20.35 44.44 -88.57
N THR E 440 -21.06 43.55 -87.89
CA THR E 440 -21.33 43.69 -86.46
C THR E 440 -20.32 42.80 -85.74
N VAL E 441 -19.79 43.28 -84.62
CA VAL E 441 -18.80 42.52 -83.87
C VAL E 441 -19.17 41.05 -83.65
N LEU E 442 -20.47 40.75 -83.60
CA LEU E 442 -20.90 39.38 -83.41
C LEU E 442 -20.83 38.63 -84.73
N GLY E 443 -20.89 39.38 -85.83
CA GLY E 443 -20.81 38.78 -87.15
C GLY E 443 -22.08 38.85 -87.95
N GLU E 444 -22.85 39.92 -87.75
CA GLU E 444 -24.12 40.11 -88.43
C GLU E 444 -24.08 41.26 -89.44
N LYS E 445 -25.04 41.27 -90.37
CA LYS E 445 -25.17 42.30 -91.39
C LYS E 445 -26.63 42.32 -91.79
N PHE E 446 -27.27 43.49 -91.79
CA PHE E 446 -28.67 43.55 -92.16
C PHE E 446 -29.16 44.86 -92.76
N ASN E 447 -30.28 44.88 -93.36
CA ASN E 447 -30.85 46.05 -93.98
C ASN E 447 -31.77 46.77 -93.00
N TRP E 448 -32.30 47.88 -93.40
CA TRP E 448 -33.18 48.65 -92.53
C TRP E 448 -34.17 47.83 -91.69
N ARG E 449 -34.16 47.95 -90.38
CA ARG E 449 -35.04 47.30 -89.43
C ARG E 449 -35.47 48.40 -88.47
N ASN E 450 -36.43 48.11 -87.62
CA ASN E 450 -36.88 49.12 -86.67
C ASN E 450 -36.05 48.94 -85.40
N ILE E 451 -35.59 50.06 -84.83
CA ILE E 451 -34.78 50.03 -83.60
C ILE E 451 -35.67 49.68 -82.41
N GLU E 452 -35.31 48.61 -81.71
CA GLU E 452 -36.11 48.22 -80.56
C GLU E 452 -35.45 48.62 -79.24
N VAL E 453 -36.26 49.23 -78.39
CA VAL E 453 -35.81 49.65 -77.08
C VAL E 453 -36.50 48.71 -76.09
N MET E 454 -36.07 48.73 -74.83
CA MET E 454 -36.70 47.87 -73.85
C MET E 454 -37.89 48.63 -73.31
N ALA E 455 -38.90 47.90 -72.83
CA ALA E 455 -40.08 48.54 -72.29
C ALA E 455 -40.82 47.69 -71.27
N LYS E 456 -41.01 48.23 -70.08
CA LYS E 456 -41.72 47.54 -69.01
C LYS E 456 -43.18 47.75 -69.29
N ASN E 457 -44.02 47.22 -68.41
CA ASN E 457 -45.46 47.34 -68.57
C ASN E 457 -46.07 48.40 -67.63
N VAL E 458 -46.62 49.44 -68.23
CA VAL E 458 -47.23 50.52 -67.48
C VAL E 458 -48.73 50.59 -67.75
N GLU E 459 -49.54 50.20 -66.76
CA GLU E 459 -50.99 50.23 -66.94
C GLU E 459 -51.31 49.55 -68.26
N GLY E 460 -50.91 48.29 -68.40
CA GLY E 460 -51.19 47.55 -69.61
C GLY E 460 -50.71 48.16 -70.91
N VAL E 461 -49.60 48.87 -70.89
CA VAL E 461 -49.08 49.44 -72.11
C VAL E 461 -47.56 49.44 -72.07
N LEU E 462 -46.92 48.67 -72.95
CA LEU E 462 -45.46 48.64 -72.96
C LEU E 462 -44.84 49.99 -73.28
N LYS E 463 -44.46 50.73 -72.24
CA LYS E 463 -43.82 52.01 -72.43
C LYS E 463 -42.32 51.74 -72.46
N PRO E 464 -41.54 52.54 -73.19
CA PRO E 464 -40.08 52.35 -73.30
C PRO E 464 -39.33 52.66 -72.01
N LEU E 465 -38.11 52.16 -71.90
CA LEU E 465 -37.33 52.35 -70.70
C LEU E 465 -36.07 53.22 -70.80
N THR E 466 -35.93 54.10 -69.81
CA THR E 466 -34.77 54.96 -69.68
C THR E 466 -34.38 54.86 -68.23
N ALA E 467 -33.26 55.47 -67.87
CA ALA E 467 -32.77 55.45 -66.50
C ALA E 467 -33.83 55.82 -65.45
N ASP E 468 -33.64 55.30 -64.23
CA ASP E 468 -34.54 55.56 -63.12
C ASP E 468 -33.78 56.40 -62.13
N TYR E 469 -34.47 56.89 -61.10
CA TYR E 469 -33.80 57.67 -60.08
C TYR E 469 -33.29 56.66 -59.06
N ASP E 470 -31.98 56.51 -58.93
CA ASP E 470 -31.46 55.55 -57.96
C ASP E 470 -31.07 56.30 -56.69
N LEU E 471 -31.84 56.08 -55.61
CA LEU E 471 -31.55 56.73 -54.33
C LEU E 471 -30.21 56.30 -53.69
N PHE E 472 -29.34 57.25 -53.35
CA PHE E 472 -28.08 56.90 -52.72
C PHE E 472 -28.28 56.58 -51.25
N ALA E 473 -29.34 57.12 -50.65
CA ALA E 473 -29.64 56.84 -49.25
C ALA E 473 -30.78 57.72 -48.80
N LEU E 474 -31.40 57.35 -47.69
CA LEU E 474 -32.48 58.17 -47.17
C LEU E 474 -32.19 58.45 -45.71
N ALA E 475 -32.12 59.71 -45.32
CA ALA E 475 -31.84 60.01 -43.93
C ALA E 475 -33.03 60.68 -43.28
N PRO E 476 -33.76 59.94 -42.43
CA PRO E 476 -34.93 60.50 -41.77
C PRO E 476 -34.58 61.04 -40.39
N SER E 477 -35.29 62.07 -39.96
CA SER E 477 -35.02 62.63 -38.65
C SER E 477 -35.15 61.52 -37.63
N LEU E 478 -34.17 61.45 -36.75
CA LEU E 478 -34.16 60.44 -35.70
C LEU E 478 -35.51 60.41 -34.97
N THR E 479 -36.26 61.49 -35.06
CA THR E 479 -37.56 61.52 -34.39
C THR E 479 -38.66 60.94 -35.27
N GLU E 480 -38.52 61.16 -36.57
CA GLU E 480 -39.49 60.68 -37.52
C GLU E 480 -39.67 59.18 -37.35
N ILE E 481 -38.64 58.49 -36.88
CA ILE E 481 -38.73 57.05 -36.68
C ILE E 481 -39.63 56.77 -35.48
N LYS E 482 -39.55 57.58 -34.44
CA LYS E 482 -40.39 57.38 -33.26
C LYS E 482 -41.85 57.38 -33.74
N LYS E 483 -42.15 58.31 -34.64
CA LYS E 483 -43.48 58.45 -35.23
C LYS E 483 -43.66 57.25 -36.15
N GLN E 484 -43.05 56.14 -35.79
CA GLN E 484 -43.14 54.93 -36.61
C GLN E 484 -43.50 53.77 -35.70
N ILE E 485 -43.06 53.86 -34.45
CA ILE E 485 -43.34 52.80 -33.49
C ILE E 485 -44.75 53.00 -32.93
N PRO E 486 -45.58 51.94 -32.96
CA PRO E 486 -46.95 52.03 -32.44
C PRO E 486 -46.93 52.36 -30.94
N GLN E 487 -47.53 53.50 -30.61
CA GLN E 487 -47.58 54.04 -29.26
C GLN E 487 -47.63 53.09 -28.07
N LYS E 488 -48.07 51.86 -28.28
CA LYS E 488 -48.13 50.91 -27.18
C LYS E 488 -46.82 50.15 -27.03
N GLU E 489 -46.21 49.75 -28.15
CA GLU E 489 -44.96 49.04 -28.07
C GLU E 489 -43.90 49.91 -27.39
N TRP E 490 -43.67 51.10 -27.92
CA TRP E 490 -42.66 52.00 -27.36
C TRP E 490 -43.00 52.26 -25.92
N ASP E 491 -44.26 52.06 -25.59
CA ASP E 491 -44.77 52.26 -24.23
C ASP E 491 -44.39 51.08 -23.36
N LYS E 492 -44.93 49.92 -23.69
CA LYS E 492 -44.64 48.71 -22.94
C LYS E 492 -43.13 48.52 -22.72
N VAL E 493 -42.31 49.30 -23.41
CA VAL E 493 -40.87 49.19 -23.25
C VAL E 493 -40.29 50.13 -22.21
N VAL E 494 -40.66 51.40 -22.26
CA VAL E 494 -40.14 52.38 -21.31
C VAL E 494 -40.72 52.21 -19.89
N ASN E 495 -41.93 51.67 -19.80
CA ASN E 495 -42.57 51.43 -18.51
C ASN E 495 -41.94 50.20 -17.86
N THR E 496 -40.62 50.08 -18.01
CA THR E 496 -39.86 48.96 -17.46
C THR E 496 -38.91 49.45 -16.38
N PRO E 497 -38.65 48.62 -15.37
CA PRO E 497 -37.78 48.94 -14.23
C PRO E 497 -36.29 48.98 -14.56
N ASN E 498 -35.76 47.84 -14.97
CA ASN E 498 -34.34 47.69 -15.29
C ASN E 498 -33.79 48.81 -16.18
N SER E 499 -32.97 49.66 -15.58
CA SER E 499 -32.36 50.77 -16.29
C SER E 499 -31.58 50.28 -17.53
N LEU E 500 -30.96 49.12 -17.40
CA LEU E 500 -30.18 48.56 -18.49
C LEU E 500 -31.04 47.99 -19.60
N GLU E 501 -32.08 47.28 -19.21
CA GLU E 501 -33.00 46.65 -20.14
C GLU E 501 -33.89 47.67 -20.83
N LYS E 502 -34.05 48.82 -20.19
CA LYS E 502 -34.89 49.87 -20.76
C LYS E 502 -34.16 50.49 -21.95
N GLN E 503 -32.87 50.16 -22.06
CA GLN E 503 -32.07 50.67 -23.17
C GLN E 503 -32.18 49.63 -24.27
N LYS E 504 -31.78 48.42 -23.93
CA LYS E 504 -31.83 47.31 -24.86
C LYS E 504 -33.18 47.36 -25.53
N GLY E 505 -34.25 47.48 -24.73
CA GLY E 505 -35.59 47.54 -25.27
C GLY E 505 -35.72 48.64 -26.31
N VAL E 506 -35.25 49.84 -25.95
CA VAL E 506 -35.32 50.97 -26.87
C VAL E 506 -34.57 50.66 -28.14
N THR E 507 -33.24 50.49 -28.01
CA THR E 507 -32.38 50.19 -29.15
C THR E 507 -33.02 49.18 -30.11
N ASN E 508 -33.51 48.06 -29.59
CA ASN E 508 -34.16 47.07 -30.44
C ASN E 508 -35.32 47.70 -31.16
N LEU E 509 -36.03 48.58 -30.48
CA LEU E 509 -37.17 49.25 -31.12
C LEU E 509 -36.64 50.10 -32.28
N LEU E 510 -35.63 50.91 -31.98
CA LEU E 510 -34.99 51.78 -32.94
C LEU E 510 -34.58 50.92 -34.13
N ILE E 511 -34.03 49.73 -33.81
CA ILE E 511 -33.58 48.77 -34.81
C ILE E 511 -34.74 48.19 -35.60
N LYS E 512 -35.71 47.64 -34.90
CA LYS E 512 -36.89 47.03 -35.52
C LYS E 512 -37.68 48.00 -36.39
N TYR E 513 -37.79 49.24 -35.95
CA TYR E 513 -38.55 50.21 -36.73
C TYR E 513 -37.74 51.13 -37.57
N GLY E 514 -36.43 51.11 -37.40
CA GLY E 514 -35.61 52.04 -38.16
C GLY E 514 -34.48 51.52 -39.00
N ILE E 515 -33.66 50.66 -38.40
CA ILE E 515 -32.48 50.12 -39.10
C ILE E 515 -32.73 48.85 -39.95
N GLU E 516 -33.55 47.94 -39.42
CA GLU E 516 -33.83 46.68 -40.11
C GLU E 516 -34.17 46.84 -41.57
N ARG E 517 -33.74 45.86 -42.34
CA ARG E 517 -33.95 45.84 -43.79
C ARG E 517 -34.29 44.42 -44.28
N LYS E 518 -35.54 44.23 -44.70
CA LYS E 518 -35.98 42.94 -45.20
C LYS E 518 -35.84 43.01 -46.71
N PRO E 519 -35.83 41.87 -47.40
CA PRO E 519 -35.70 41.87 -48.85
C PRO E 519 -37.09 42.13 -49.46
N ASP E 520 -37.22 41.97 -50.76
CA ASP E 520 -38.51 42.24 -51.36
C ASP E 520 -38.66 41.69 -52.75
N SER E 521 -39.87 41.21 -52.97
CA SER E 521 -40.32 40.61 -54.21
C SER E 521 -40.11 41.55 -55.38
N THR E 522 -40.41 42.83 -55.17
CA THR E 522 -40.29 43.82 -56.24
C THR E 522 -39.34 45.00 -56.04
N LYS E 523 -39.34 45.61 -54.85
CA LYS E 523 -38.53 46.80 -54.62
C LYS E 523 -37.10 46.69 -54.11
N GLY E 524 -36.45 45.57 -54.41
CA GLY E 524 -35.09 45.35 -53.96
C GLY E 524 -35.03 44.97 -52.51
N THR E 525 -34.02 45.46 -51.80
CA THR E 525 -33.87 45.20 -50.38
C THR E 525 -33.96 46.56 -49.72
N LEU E 526 -35.02 46.81 -48.97
CA LEU E 526 -35.11 48.11 -48.33
C LEU E 526 -35.92 48.09 -47.07
N SER E 527 -35.77 49.17 -46.32
CA SER E 527 -36.45 49.33 -45.06
C SER E 527 -37.93 49.38 -45.30
N ASN E 528 -38.70 49.49 -44.24
CA ASN E 528 -40.14 49.60 -44.36
C ASN E 528 -40.51 51.05 -44.61
N TRP E 529 -40.07 51.96 -43.74
CA TRP E 529 -40.37 53.37 -43.97
C TRP E 529 -39.73 53.73 -45.29
N GLN E 530 -38.62 53.09 -45.62
CA GLN E 530 -37.96 53.39 -46.87
C GLN E 530 -38.93 53.16 -48.01
N LYS E 531 -39.75 52.13 -47.90
CA LYS E 531 -40.72 51.89 -48.95
C LYS E 531 -41.74 53.00 -48.88
N GLN E 532 -42.32 53.22 -47.71
CA GLN E 532 -43.32 54.27 -47.57
C GLN E 532 -42.77 55.56 -48.18
N MET E 533 -41.53 55.87 -47.90
CA MET E 533 -40.90 57.07 -48.44
C MET E 533 -40.89 56.90 -49.94
N LEU E 534 -40.48 55.72 -50.39
CA LEU E 534 -40.38 55.42 -51.80
C LEU E 534 -41.71 55.63 -52.49
N ASP E 535 -42.80 55.51 -51.76
CA ASP E 535 -44.09 55.75 -52.40
C ASP E 535 -44.30 57.25 -52.56
N ARG E 536 -44.38 57.96 -51.44
CA ARG E 536 -44.59 59.41 -51.45
C ARG E 536 -43.79 60.14 -52.51
N LEU E 537 -42.63 59.59 -52.89
CA LEU E 537 -41.82 60.23 -53.91
C LEU E 537 -42.50 60.03 -55.26
N ASN E 538 -42.90 58.81 -55.56
CA ASN E 538 -43.58 58.49 -56.81
C ASN E 538 -44.93 59.18 -56.98
N GLU E 539 -45.75 59.16 -55.93
CA GLU E 539 -47.08 59.80 -55.98
C GLU E 539 -46.92 61.31 -56.04
N ALA E 540 -45.78 61.80 -55.57
CA ALA E 540 -45.53 63.22 -55.59
C ALA E 540 -45.18 63.65 -56.99
N VAL E 541 -44.39 62.84 -57.70
CA VAL E 541 -44.01 63.19 -59.06
C VAL E 541 -45.06 62.74 -60.04
N LYS E 542 -46.24 62.44 -59.52
CA LYS E 542 -47.35 62.02 -60.37
C LYS E 542 -48.40 63.12 -60.42
N TYR E 543 -48.64 63.77 -59.28
CA TYR E 543 -49.61 64.88 -59.22
C TYR E 543 -48.97 66.08 -59.88
N THR E 544 -47.80 65.83 -60.46
CA THR E 544 -47.03 66.85 -61.15
C THR E 544 -47.33 66.74 -62.63
N GLY E 545 -47.46 65.50 -63.11
CA GLY E 545 -47.76 65.28 -64.51
C GLY E 545 -46.97 64.18 -65.20
N TYR E 546 -46.47 63.20 -64.44
CA TYR E 546 -45.71 62.09 -65.02
C TYR E 546 -46.69 61.01 -65.44
N THR E 547 -46.39 60.33 -66.54
CA THR E 547 -47.25 59.27 -67.08
C THR E 547 -46.56 57.92 -67.27
N GLY E 548 -45.45 57.69 -66.58
CA GLY E 548 -44.74 56.44 -66.73
C GLY E 548 -44.75 55.64 -65.45
N GLY E 549 -45.58 56.08 -64.52
CA GLY E 549 -45.70 55.38 -63.26
C GLY E 549 -44.78 55.90 -62.16
N ASP E 550 -43.93 55.00 -61.65
CA ASP E 550 -42.97 55.31 -60.59
C ASP E 550 -41.64 55.72 -61.21
N VAL E 551 -40.87 56.52 -60.48
CA VAL E 551 -39.59 56.94 -61.02
C VAL E 551 -38.47 56.55 -60.06
N VAL E 552 -38.84 55.84 -59.00
CA VAL E 552 -37.89 55.33 -58.00
C VAL E 552 -38.39 53.89 -57.78
N ASN E 553 -37.62 52.92 -58.28
CA ASN E 553 -38.05 51.53 -58.23
C ASN E 553 -37.56 50.55 -57.16
N HIS E 554 -36.52 50.90 -56.41
CA HIS E 554 -35.95 50.00 -55.41
C HIS E 554 -35.26 50.75 -54.29
N GLY E 555 -34.90 50.01 -53.25
CA GLY E 555 -34.22 50.57 -52.08
C GLY E 555 -32.98 51.39 -52.38
N THR E 556 -32.39 51.92 -51.31
CA THR E 556 -31.20 52.76 -51.40
C THR E 556 -29.89 52.09 -51.69
N GLU E 557 -29.13 52.65 -52.61
CA GLU E 557 -27.82 52.11 -52.98
C GLU E 557 -26.96 51.60 -51.80
N GLN E 558 -27.29 52.04 -50.59
CA GLN E 558 -26.55 51.64 -49.39
C GLN E 558 -26.98 50.24 -48.95
N ASP E 559 -27.55 49.50 -49.91
CA ASP E 559 -28.00 48.14 -49.71
C ASP E 559 -27.58 47.33 -50.91
N ASN E 560 -27.04 48.06 -51.87
CA ASN E 560 -26.54 47.43 -53.05
C ASN E 560 -25.19 46.85 -52.61
N GLU E 561 -25.26 45.89 -51.69
CA GLU E 561 -24.07 45.20 -51.13
C GLU E 561 -23.33 44.38 -52.21
N GLU E 562 -24.13 43.76 -53.08
CA GLU E 562 -23.67 42.97 -54.19
C GLU E 562 -22.76 43.72 -55.17
N PHE E 563 -23.33 44.65 -55.94
CA PHE E 563 -22.55 45.40 -56.92
C PHE E 563 -22.52 46.90 -56.64
N PRO E 564 -22.04 47.29 -55.46
CA PRO E 564 -21.95 48.68 -55.00
C PRO E 564 -21.14 49.52 -55.97
N GLU E 565 -21.55 50.77 -56.19
CA GLU E 565 -20.83 51.66 -57.11
C GLU E 565 -20.46 52.97 -56.42
N LYS E 566 -19.24 53.43 -56.66
CA LYS E 566 -18.74 54.66 -56.05
C LYS E 566 -18.93 55.93 -56.85
N ASP E 567 -20.01 56.65 -56.60
CA ASP E 567 -20.27 57.89 -57.33
C ASP E 567 -19.64 59.07 -56.65
N ASN E 568 -18.98 59.91 -57.45
CA ASN E 568 -18.34 61.07 -56.88
C ASN E 568 -19.43 62.04 -56.48
N GLU E 569 -19.99 62.73 -57.45
CA GLU E 569 -21.04 63.71 -57.17
C GLU E 569 -22.33 63.06 -56.67
N ILE E 570 -22.97 63.66 -55.67
CA ILE E 570 -24.21 63.14 -55.13
C ILE E 570 -25.17 64.28 -54.81
N PHE E 571 -26.31 64.30 -55.50
CA PHE E 571 -27.31 65.32 -55.27
C PHE E 571 -28.00 64.95 -53.94
N ILE E 572 -28.21 65.94 -53.08
CA ILE E 572 -28.87 65.72 -51.78
C ILE E 572 -29.99 66.75 -51.67
N ILE E 573 -30.89 66.58 -50.72
CA ILE E 573 -31.99 67.52 -50.58
C ILE E 573 -32.34 67.67 -49.11
N ASN E 574 -31.70 68.59 -48.38
CA ASN E 574 -31.99 68.70 -46.93
C ASN E 574 -33.45 68.86 -46.62
N PRO E 575 -33.85 68.48 -45.40
CA PRO E 575 -35.25 68.57 -44.94
C PRO E 575 -35.88 69.95 -45.00
N GLU E 576 -35.28 70.82 -45.81
CA GLU E 576 -35.76 72.18 -45.95
C GLU E 576 -36.15 72.55 -47.37
N GLY E 577 -35.38 72.07 -48.33
CA GLY E 577 -35.70 72.35 -49.72
C GLY E 577 -34.55 72.89 -50.51
N GLU E 578 -33.33 72.65 -50.04
CA GLU E 578 -32.14 73.12 -50.72
C GLU E 578 -31.47 71.99 -51.45
N PHE E 579 -31.18 72.20 -52.72
CA PHE E 579 -30.53 71.16 -53.52
C PHE E 579 -29.03 71.32 -53.36
N ILE E 580 -28.39 70.27 -52.88
CA ILE E 580 -26.96 70.32 -52.67
C ILE E 580 -26.31 69.17 -53.38
N LEU E 581 -25.35 69.45 -54.23
CA LEU E 581 -24.69 68.39 -54.93
C LEU E 581 -23.25 68.30 -54.48
N THR E 582 -22.87 67.27 -53.75
CA THR E 582 -21.49 67.16 -53.31
C THR E 582 -20.56 66.98 -54.53
N LYS E 583 -19.27 66.79 -54.29
CA LYS E 583 -18.33 66.62 -55.40
C LYS E 583 -17.31 65.50 -55.20
N ASN E 584 -17.23 64.96 -53.99
CA ASN E 584 -16.28 63.90 -53.70
C ASN E 584 -16.92 62.73 -53.00
N TRP E 585 -16.18 61.63 -52.93
CA TRP E 585 -16.67 60.47 -52.22
C TRP E 585 -16.41 60.82 -50.78
N GLU E 586 -15.38 61.65 -50.58
CA GLU E 586 -14.98 62.14 -49.26
C GLU E 586 -15.94 63.24 -48.84
N MET E 587 -16.00 64.30 -49.62
CA MET E 587 -16.91 65.38 -49.32
C MET E 587 -18.25 64.77 -48.95
N THR E 588 -18.71 63.86 -49.80
CA THR E 588 -19.98 63.20 -49.58
C THR E 588 -19.99 62.54 -48.23
N GLY E 589 -18.94 61.82 -47.92
CA GLY E 589 -18.89 61.17 -46.63
C GLY E 589 -18.71 62.18 -45.52
N ARG E 590 -18.16 63.33 -45.91
CA ARG E 590 -17.88 64.47 -45.02
C ARG E 590 -19.15 65.27 -44.76
N PHE E 591 -19.97 65.42 -45.79
CA PHE E 591 -21.21 66.18 -45.65
C PHE E 591 -22.21 65.38 -44.85
N ILE E 592 -22.08 64.06 -44.85
CA ILE E 592 -23.02 63.25 -44.10
C ILE E 592 -22.66 63.28 -42.62
N GLU E 593 -21.37 63.29 -42.31
CA GLU E 593 -20.92 63.34 -40.91
C GLU E 593 -21.35 64.63 -40.25
N LYS E 594 -21.12 65.72 -40.95
CA LYS E 594 -21.44 67.06 -40.46
C LYS E 594 -22.91 67.40 -40.36
N ASN E 595 -23.68 67.16 -41.42
CA ASN E 595 -25.11 67.50 -41.42
C ASN E 595 -26.10 66.39 -41.15
N ILE E 596 -25.71 65.14 -41.38
CA ILE E 596 -26.63 64.03 -41.14
C ILE E 596 -26.23 63.28 -39.88
N THR E 597 -25.22 62.41 -39.98
CA THR E 597 -24.76 61.64 -38.84
C THR E 597 -24.87 62.46 -37.56
N GLY E 598 -23.91 63.38 -37.37
CA GLY E 598 -23.89 64.20 -36.18
C GLY E 598 -24.89 65.35 -36.10
N LYS E 599 -26.12 65.13 -36.54
CA LYS E 599 -27.13 66.19 -36.46
C LYS E 599 -28.53 65.66 -36.12
N ASP E 600 -28.55 64.41 -35.62
CA ASP E 600 -29.76 63.70 -35.19
C ASP E 600 -30.61 63.03 -36.27
N TYR E 601 -29.95 62.61 -37.36
CA TYR E 601 -30.63 61.91 -38.43
C TYR E 601 -30.11 60.45 -38.51
N LEU E 602 -31.03 59.52 -38.56
CA LEU E 602 -30.66 58.12 -38.65
C LEU E 602 -30.09 57.77 -40.00
N TYR E 603 -28.80 57.48 -40.07
CA TYR E 603 -28.20 57.09 -41.34
C TYR E 603 -27.46 55.79 -41.09
N TYR E 604 -27.30 54.97 -42.13
CA TYR E 604 -26.56 53.72 -41.98
C TYR E 604 -25.83 53.51 -43.29
N PHE E 605 -24.54 53.16 -43.22
CA PHE E 605 -23.77 53.00 -44.44
C PHE E 605 -23.61 51.57 -44.90
N ASN E 606 -23.48 51.44 -46.22
CA ASN E 606 -23.37 50.15 -46.91
C ASN E 606 -22.57 49.06 -46.25
N ARG E 607 -23.26 47.98 -45.96
CA ARG E 607 -22.66 46.85 -45.30
C ARG E 607 -21.38 46.44 -45.97
N SER E 608 -21.30 46.61 -47.27
CA SER E 608 -20.09 46.16 -47.93
C SER E 608 -19.00 47.19 -48.06
N TYR E 609 -19.10 48.29 -47.32
CA TYR E 609 -18.07 49.31 -47.38
C TYR E 609 -16.95 48.82 -46.49
N ASN E 610 -15.72 48.94 -46.98
CA ASN E 610 -14.51 48.49 -46.28
C ASN E 610 -14.22 47.01 -46.46
N LYS E 611 -15.12 46.30 -47.13
CA LYS E 611 -14.92 44.89 -47.40
C LYS E 611 -14.88 44.79 -48.90
N ILE E 612 -14.65 43.59 -49.42
CA ILE E 612 -14.63 43.41 -50.87
C ILE E 612 -16.03 42.91 -51.19
N ALA E 613 -16.73 43.61 -52.08
CA ALA E 613 -18.09 43.20 -52.42
C ALA E 613 -18.10 42.04 -53.42
N PRO E 614 -18.64 40.90 -53.00
CA PRO E 614 -18.76 39.66 -53.77
C PRO E 614 -18.94 39.80 -55.28
N GLY E 615 -20.09 40.36 -55.68
CA GLY E 615 -20.40 40.53 -57.08
C GLY E 615 -19.34 41.17 -57.96
N ASN E 616 -19.14 42.47 -57.79
CA ASN E 616 -18.15 43.18 -58.58
C ASN E 616 -16.79 43.15 -57.90
N LYS E 617 -16.70 42.37 -56.82
CA LYS E 617 -15.45 42.24 -56.07
C LYS E 617 -14.75 43.61 -55.90
N ALA E 618 -15.48 44.58 -55.35
CA ALA E 618 -14.94 45.92 -55.17
C ALA E 618 -14.80 46.34 -53.71
N TYR E 619 -13.81 47.19 -53.47
CA TYR E 619 -13.49 47.69 -52.14
C TYR E 619 -13.76 49.20 -52.09
N ILE E 620 -14.77 49.59 -51.34
CA ILE E 620 -15.11 51.02 -51.19
C ILE E 620 -14.99 51.44 -49.72
N GLU E 621 -14.04 52.34 -49.47
CA GLU E 621 -13.74 52.84 -48.13
C GLU E 621 -14.75 53.85 -47.57
N TRP E 622 -15.02 53.76 -46.27
CA TRP E 622 -15.96 54.65 -45.57
C TRP E 622 -15.70 54.68 -44.07
N THR E 623 -15.15 55.79 -43.58
CA THR E 623 -14.84 55.97 -42.15
C THR E 623 -15.77 55.30 -41.15
N ASP E 624 -15.33 54.16 -40.63
CA ASP E 624 -16.10 53.41 -39.64
C ASP E 624 -15.43 53.68 -38.30
N PRO E 625 -16.12 54.39 -37.41
CA PRO E 625 -15.63 54.74 -36.08
C PRO E 625 -15.32 53.52 -35.27
N ILE E 626 -16.11 52.47 -35.38
CA ILE E 626 -15.79 51.31 -34.57
C ILE E 626 -14.35 50.91 -34.85
N THR E 627 -14.03 50.77 -36.12
CA THR E 627 -12.70 50.42 -36.52
C THR E 627 -11.70 51.46 -35.97
N LYS E 628 -12.15 52.70 -35.85
CA LYS E 628 -11.30 53.79 -35.32
C LYS E 628 -10.67 53.32 -34.00
N ALA E 629 -11.53 52.91 -33.08
CA ALA E 629 -11.16 52.46 -31.76
C ALA E 629 -10.66 51.04 -31.67
N LYS E 630 -10.49 50.35 -32.79
CA LYS E 630 -10.03 48.99 -32.68
C LYS E 630 -8.58 48.95 -32.20
N ILE E 631 -7.76 49.87 -32.70
CA ILE E 631 -6.36 49.91 -32.31
C ILE E 631 -6.11 49.85 -30.81
N ASN E 632 -7.01 50.43 -30.01
CA ASN E 632 -6.82 50.42 -28.56
C ASN E 632 -7.83 49.55 -27.86
N THR E 633 -8.19 48.42 -28.45
CA THR E 633 -9.15 47.54 -27.80
C THR E 633 -8.67 46.11 -27.75
N ILE E 634 -8.67 45.52 -26.56
CA ILE E 634 -8.22 44.14 -26.42
C ILE E 634 -9.26 43.30 -27.13
N PRO E 635 -8.81 42.36 -27.97
CA PRO E 635 -9.71 41.48 -28.71
C PRO E 635 -10.58 40.59 -27.86
N THR E 636 -11.57 39.99 -28.50
CA THR E 636 -12.50 39.08 -27.86
C THR E 636 -12.14 37.61 -28.14
N SER E 637 -12.52 36.72 -27.21
CA SER E 637 -12.22 35.31 -27.38
C SER E 637 -12.49 34.94 -28.82
N ALA E 638 -13.72 35.20 -29.24
CA ALA E 638 -14.18 34.89 -30.59
C ALA E 638 -13.56 35.72 -31.70
N GLU E 639 -13.16 36.94 -31.38
CA GLU E 639 -12.55 37.75 -32.41
C GLU E 639 -11.22 37.08 -32.68
N PHE E 640 -10.66 36.52 -31.61
CA PHE E 640 -9.36 35.85 -31.63
C PHE E 640 -9.41 34.52 -32.33
N ILE E 641 -10.22 33.61 -31.80
CA ILE E 641 -10.34 32.32 -32.45
C ILE E 641 -10.50 32.57 -33.95
N LYS E 642 -11.50 33.38 -34.29
CA LYS E 642 -11.77 33.72 -35.69
C LYS E 642 -10.49 33.98 -36.49
N ASN E 643 -9.73 35.00 -36.11
CA ASN E 643 -8.49 35.34 -36.81
C ASN E 643 -7.56 34.16 -36.99
N LEU E 644 -7.51 33.27 -36.01
CA LEU E 644 -6.69 32.07 -36.13
C LEU E 644 -7.33 31.29 -37.27
N SER E 645 -8.61 30.97 -37.09
CA SER E 645 -9.37 30.25 -38.10
C SER E 645 -9.13 30.81 -39.48
N SER E 646 -8.79 32.08 -39.58
CA SER E 646 -8.56 32.65 -40.88
C SER E 646 -7.21 32.24 -41.42
N ILE E 647 -6.13 32.70 -40.79
CA ILE E 647 -4.77 32.37 -41.22
C ILE E 647 -4.60 30.90 -41.57
N ARG E 648 -5.43 30.05 -40.97
CA ARG E 648 -5.38 28.63 -41.23
C ARG E 648 -5.66 28.52 -42.72
N ARG E 649 -6.86 28.93 -43.13
CA ARG E 649 -7.24 28.87 -44.52
C ARG E 649 -6.31 29.68 -45.44
N SER E 650 -5.32 30.40 -44.84
CA SER E 650 -4.38 31.22 -45.61
C SER E 650 -3.06 30.50 -45.78
N SER E 651 -2.20 30.59 -44.75
CA SER E 651 -1.09 29.69 -44.76
C SER E 651 -1.84 28.43 -44.39
N ASN E 652 -1.69 27.40 -45.17
CA ASN E 652 -2.43 26.17 -44.83
C ASN E 652 -1.91 25.53 -43.55
N VAL E 653 -1.44 26.29 -42.60
CA VAL E 653 -0.95 25.70 -41.38
C VAL E 653 -1.49 26.39 -40.15
N GLY E 654 -2.09 25.63 -39.23
CA GLY E 654 -2.63 26.29 -38.05
C GLY E 654 -1.64 26.43 -36.90
N VAL E 655 -1.93 27.35 -35.98
CA VAL E 655 -1.07 27.60 -34.83
C VAL E 655 -0.54 26.33 -34.24
N TYR E 656 -1.39 25.33 -34.12
CA TYR E 656 -0.97 24.06 -33.56
C TYR E 656 -1.36 22.94 -34.49
N LYS E 657 -0.45 22.00 -34.71
CA LYS E 657 -0.73 20.89 -35.60
C LYS E 657 -1.26 19.70 -34.82
N ASP E 658 -1.98 18.81 -35.50
CA ASP E 658 -2.47 17.61 -34.84
C ASP E 658 -1.31 16.65 -35.05
N SER E 659 -0.47 16.52 -34.02
CA SER E 659 0.71 15.67 -34.10
C SER E 659 1.07 15.09 -32.75
N GLY E 660 2.20 14.39 -32.71
CA GLY E 660 2.66 13.78 -31.49
C GLY E 660 3.63 14.67 -30.74
N ASP E 661 4.31 15.59 -31.45
CA ASP E 661 5.26 16.49 -30.80
C ASP E 661 4.52 17.01 -29.59
N LYS E 662 5.17 17.07 -28.44
CA LYS E 662 4.47 17.54 -27.26
C LYS E 662 4.61 19.02 -27.16
N ASP E 663 5.24 19.64 -28.14
CA ASP E 663 5.37 21.07 -28.07
C ASP E 663 4.20 21.69 -28.78
N GLU E 664 3.72 20.98 -29.80
CA GLU E 664 2.58 21.45 -30.54
C GLU E 664 1.48 21.55 -29.49
N PHE E 665 1.27 20.49 -28.73
CA PHE E 665 0.27 20.49 -27.68
C PHE E 665 0.50 21.75 -26.86
N ALA E 666 1.68 21.87 -26.27
CA ALA E 666 2.02 23.05 -25.48
C ALA E 666 1.39 24.27 -26.09
N LYS E 667 1.79 24.57 -27.32
CA LYS E 667 1.25 25.72 -28.06
C LYS E 667 -0.26 25.69 -28.02
N LYS E 668 -0.86 24.57 -28.39
CA LYS E 668 -2.31 24.46 -28.33
C LYS E 668 -2.75 24.90 -26.96
N GLU E 669 -2.47 24.09 -25.94
CA GLU E 669 -2.86 24.39 -24.57
C GLU E 669 -2.75 25.88 -24.28
N SER E 670 -1.70 26.48 -24.81
CA SER E 670 -1.43 27.89 -24.60
C SER E 670 -2.46 28.85 -25.19
N VAL E 671 -2.84 28.63 -26.45
CA VAL E 671 -3.82 29.52 -27.04
C VAL E 671 -5.14 29.31 -26.34
N LYS E 672 -5.43 28.09 -25.91
CA LYS E 672 -6.67 27.84 -25.22
C LYS E 672 -6.63 28.69 -23.95
N LYS E 673 -5.42 29.07 -23.54
CA LYS E 673 -5.23 29.88 -22.34
C LYS E 673 -5.52 31.36 -22.59
N ILE E 674 -5.07 31.86 -23.74
CA ILE E 674 -5.32 33.26 -24.09
C ILE E 674 -6.81 33.39 -24.40
N ALA E 675 -7.35 32.37 -25.06
CA ALA E 675 -8.75 32.36 -25.41
C ALA E 675 -9.56 32.62 -24.17
N GLY E 676 -9.02 32.22 -23.02
CA GLY E 676 -9.72 32.46 -21.78
C GLY E 676 -9.52 33.91 -21.38
N TYR E 677 -8.31 34.22 -20.92
CA TYR E 677 -7.91 35.56 -20.49
C TYR E 677 -8.68 36.63 -21.26
N LEU E 678 -8.73 36.52 -22.58
CA LEU E 678 -9.47 37.50 -23.34
C LEU E 678 -10.92 37.43 -22.90
N SER E 679 -11.51 36.25 -23.07
CA SER E 679 -12.89 36.06 -22.70
C SER E 679 -13.15 36.51 -21.28
N ASP E 680 -12.11 36.50 -20.45
CA ASP E 680 -12.28 36.88 -19.05
C ASP E 680 -12.30 38.41 -18.90
N TYR E 681 -11.63 39.11 -19.80
CA TYR E 681 -11.57 40.57 -19.77
C TYR E 681 -13.00 41.06 -19.86
N TYR E 682 -13.70 40.54 -20.87
CA TYR E 682 -15.08 40.92 -21.11
C TYR E 682 -16.10 40.14 -20.28
N ASN E 683 -16.08 40.30 -18.95
CA ASN E 683 -17.03 39.59 -18.11
C ASN E 683 -18.13 40.53 -17.68
N SER E 684 -19.37 40.07 -17.77
CA SER E 684 -20.52 40.88 -17.43
C SER E 684 -20.67 41.12 -15.94
N ALA E 685 -20.00 40.32 -15.13
CA ALA E 685 -20.07 40.50 -13.69
C ALA E 685 -19.05 41.54 -13.26
N ASN E 686 -18.49 42.28 -14.21
CA ASN E 686 -17.53 43.33 -13.86
C ASN E 686 -18.38 44.47 -13.33
N HIS E 687 -19.70 44.28 -13.31
CA HIS E 687 -20.64 45.32 -12.88
C HIS E 687 -20.82 45.50 -11.38
N ILE E 688 -20.67 44.41 -10.63
CA ILE E 688 -20.78 44.47 -9.18
C ILE E 688 -19.53 45.04 -8.57
N PHE E 689 -18.70 45.66 -9.41
CA PHE E 689 -17.48 46.25 -8.92
C PHE E 689 -17.58 47.75 -9.14
N SER E 690 -16.58 48.46 -8.64
CA SER E 690 -16.52 49.93 -8.76
C SER E 690 -15.69 50.32 -9.95
N GLN E 691 -16.08 51.39 -10.63
CA GLN E 691 -15.36 51.86 -11.80
C GLN E 691 -13.85 51.67 -11.63
N GLU E 692 -13.35 52.01 -10.45
CA GLU E 692 -11.94 51.89 -10.12
C GLU E 692 -11.44 50.48 -10.39
N LYS E 693 -11.93 49.53 -9.61
CA LYS E 693 -11.52 48.14 -9.74
C LYS E 693 -11.61 47.68 -11.20
N LYS E 694 -12.78 47.86 -11.81
CA LYS E 694 -13.00 47.49 -13.20
C LYS E 694 -11.71 47.72 -13.98
N ARG E 695 -11.10 48.89 -13.86
CA ARG E 695 -9.87 49.18 -14.59
C ARG E 695 -8.75 48.27 -14.14
N LYS E 696 -8.55 48.19 -12.84
CA LYS E 696 -7.51 47.33 -12.30
C LYS E 696 -7.81 45.91 -12.74
N ILE E 697 -8.84 45.33 -12.15
CA ILE E 697 -9.22 43.95 -12.47
C ILE E 697 -9.03 43.60 -13.95
N SER E 698 -9.36 44.52 -14.84
CA SER E 698 -9.23 44.31 -16.29
C SER E 698 -7.81 44.53 -16.80
N ILE E 699 -7.08 45.47 -16.22
CA ILE E 699 -5.71 45.71 -16.66
C ILE E 699 -4.93 44.44 -16.41
N PHE E 700 -5.30 43.70 -15.38
CA PHE E 700 -4.60 42.46 -15.11
C PHE E 700 -4.98 41.42 -16.14
N ARG E 701 -6.27 41.16 -16.24
CA ARG E 701 -6.81 40.21 -17.20
C ARG E 701 -6.10 40.54 -18.52
N GLY E 702 -6.03 41.82 -18.83
CA GLY E 702 -5.37 42.23 -20.04
C GLY E 702 -3.98 41.65 -20.01
N ILE E 703 -3.14 42.20 -19.12
CA ILE E 703 -1.74 41.78 -18.93
C ILE E 703 -1.51 40.29 -18.99
N GLN E 704 -2.35 39.54 -18.30
CA GLN E 704 -2.25 38.09 -18.29
C GLN E 704 -2.22 37.61 -19.72
N ALA E 705 -3.06 38.21 -20.55
CA ALA E 705 -3.14 37.85 -21.95
C ALA E 705 -1.81 38.15 -22.64
N TYR E 706 -1.36 39.40 -22.49
CA TYR E 706 -0.11 39.84 -23.08
C TYR E 706 1.01 38.89 -22.70
N ASN E 707 0.79 38.12 -21.64
CA ASN E 707 1.77 37.16 -21.17
C ASN E 707 1.72 35.91 -22.02
N GLU E 708 0.70 35.08 -21.84
CA GLU E 708 0.61 33.86 -22.61
C GLU E 708 0.85 34.13 -24.09
N ILE E 709 0.77 35.39 -24.49
CA ILE E 709 1.06 35.73 -25.87
C ILE E 709 2.58 35.80 -25.93
N GLU E 710 3.15 36.58 -25.03
CA GLU E 710 4.60 36.76 -24.94
C GLU E 710 5.25 35.39 -24.82
N ASN E 711 4.51 34.43 -24.31
CA ASN E 711 4.99 33.07 -24.11
C ASN E 711 5.11 32.31 -25.42
N VAL E 712 4.08 32.38 -26.25
CA VAL E 712 4.10 31.68 -27.51
C VAL E 712 5.01 32.35 -28.55
N LEU E 713 5.06 33.68 -28.56
CA LEU E 713 5.90 34.40 -29.52
C LEU E 713 7.33 33.92 -29.34
N LYS E 714 7.60 33.44 -28.13
CA LYS E 714 8.91 32.92 -27.75
C LYS E 714 8.72 31.41 -27.58
N SER E 715 8.12 30.82 -28.57
CA SER E 715 7.86 29.39 -28.53
C SER E 715 8.70 28.60 -29.52
N LYS E 716 8.08 27.54 -30.05
CA LYS E 716 8.66 26.70 -31.06
C LYS E 716 8.33 27.35 -32.38
N GLN E 717 8.29 26.58 -33.42
CA GLN E 717 8.12 27.16 -34.73
C GLN E 717 6.73 27.57 -35.18
N ILE E 718 6.04 28.41 -34.47
CA ILE E 718 4.75 28.89 -34.91
C ILE E 718 5.12 29.72 -36.12
N ALA E 719 4.51 29.39 -37.26
CA ALA E 719 4.79 30.09 -38.50
C ALA E 719 4.85 31.60 -38.29
N PRO E 720 5.30 32.34 -39.29
CA PRO E 720 5.35 33.79 -39.10
C PRO E 720 3.95 34.38 -39.19
N GLU E 721 3.14 33.82 -40.10
CA GLU E 721 1.77 34.28 -40.29
C GLU E 721 1.17 34.52 -38.92
N TYR E 722 1.42 33.59 -38.00
CA TYR E 722 0.93 33.72 -36.64
C TYR E 722 1.89 34.54 -35.83
N LYS E 723 3.16 34.47 -36.16
CA LYS E 723 4.12 35.26 -35.43
C LYS E 723 3.68 36.71 -35.53
N ASN E 724 3.23 37.10 -36.72
CA ASN E 724 2.76 38.47 -36.98
C ASN E 724 1.50 38.82 -36.20
N TYR E 725 0.40 38.08 -36.45
CA TYR E 725 -0.86 38.31 -35.75
C TYR E 725 -0.58 38.57 -34.29
N PHE E 726 0.03 37.59 -33.61
CA PHE E 726 0.38 37.77 -32.19
C PHE E 726 1.16 39.08 -32.06
N GLN E 727 2.14 39.29 -32.93
CA GLN E 727 2.91 40.53 -32.85
C GLN E 727 1.93 41.68 -32.71
N TYR E 728 0.82 41.58 -33.43
CA TYR E 728 -0.22 42.60 -33.45
C TYR E 728 -1.17 42.57 -32.23
N LEU E 729 -1.61 41.37 -31.84
CA LEU E 729 -2.48 41.24 -30.68
C LEU E 729 -1.84 41.90 -29.46
N LYS E 730 -0.54 42.08 -29.52
CA LYS E 730 0.15 42.69 -28.40
C LYS E 730 -0.15 44.17 -28.38
N GLU E 731 0.19 44.85 -29.47
CA GLU E 731 -0.03 46.28 -29.56
C GLU E 731 -1.43 46.61 -29.08
N ARG E 732 -2.40 45.73 -29.36
CA ARG E 732 -3.76 45.96 -28.88
C ARG E 732 -3.71 45.99 -27.36
N ILE E 733 -3.67 44.80 -26.74
CA ILE E 733 -3.60 44.64 -25.29
C ILE E 733 -2.89 45.84 -24.72
N THR E 734 -1.63 45.97 -25.09
CA THR E 734 -0.81 47.08 -24.67
C THR E 734 -1.60 48.38 -24.65
N ASN E 735 -2.02 48.84 -25.83
CA ASN E 735 -2.81 50.07 -25.94
C ASN E 735 -4.02 50.05 -24.99
N GLN E 736 -4.79 48.97 -25.04
CA GLN E 736 -5.96 48.83 -24.20
C GLN E 736 -5.55 48.97 -22.76
N VAL E 737 -4.47 48.30 -22.41
CA VAL E 737 -3.97 48.33 -21.06
C VAL E 737 -3.39 49.70 -20.73
N GLN E 738 -2.87 50.39 -21.74
CA GLN E 738 -2.31 51.71 -21.50
C GLN E 738 -3.44 52.68 -21.24
N LEU E 739 -4.46 52.56 -22.06
CA LEU E 739 -5.66 53.39 -21.97
C LEU E 739 -6.34 53.26 -20.62
N LEU E 740 -6.48 52.02 -20.14
CA LEU E 740 -7.10 51.79 -18.83
C LEU E 740 -6.28 52.40 -17.72
N LEU E 741 -5.04 52.77 -18.04
CA LEU E 741 -4.19 53.37 -17.05
C LEU E 741 -4.43 54.88 -17.10
N THR E 742 -4.21 55.51 -18.25
CA THR E 742 -4.42 56.95 -18.32
C THR E 742 -5.86 57.39 -18.01
N HIS E 743 -6.64 56.48 -17.43
CA HIS E 743 -7.90 56.96 -17.08
C HIS E 743 -7.74 57.30 -15.60
N GLN E 744 -6.82 56.65 -14.89
CA GLN E 744 -6.80 56.85 -13.43
C GLN E 744 -5.49 57.47 -12.80
N LYS E 745 -4.38 56.75 -12.90
CA LYS E 745 -3.08 57.20 -12.39
C LYS E 745 -1.99 56.98 -13.51
N SER E 746 -1.51 58.07 -14.22
CA SER E 746 -0.64 57.88 -15.46
C SER E 746 0.81 58.30 -15.50
N ASN E 747 1.62 57.78 -14.61
CA ASN E 747 3.01 58.08 -14.57
C ASN E 747 3.71 56.79 -14.94
N ILE E 748 2.93 55.77 -14.99
CA ILE E 748 3.28 54.36 -15.20
C ILE E 748 3.15 53.98 -16.65
N GLU E 749 4.09 53.18 -17.13
CA GLU E 749 4.09 52.74 -18.52
C GLU E 749 3.95 51.25 -18.57
N PHE E 750 3.26 50.77 -19.62
CA PHE E 750 3.05 49.36 -19.77
C PHE E 750 4.36 48.61 -19.63
N LYS E 751 5.31 48.95 -20.50
CA LYS E 751 6.63 48.31 -20.51
C LYS E 751 7.19 48.08 -19.11
N LEU E 752 7.20 49.14 -18.32
CA LEU E 752 7.71 49.10 -16.95
C LEU E 752 6.80 48.25 -16.07
N LEU E 753 5.56 48.70 -15.91
CA LEU E 753 4.59 48.00 -15.09
C LEU E 753 4.72 46.51 -15.27
N TYR E 754 5.01 46.09 -16.50
CA TYR E 754 5.17 44.68 -16.82
C TYR E 754 6.38 44.13 -16.09
N LYS E 755 7.54 44.72 -16.37
CA LYS E 755 8.80 44.31 -15.75
C LYS E 755 8.57 43.89 -14.30
N GLN E 756 8.07 44.83 -13.51
CA GLN E 756 7.82 44.63 -12.09
C GLN E 756 6.95 43.42 -11.67
N LEU E 757 6.41 42.68 -12.64
CA LEU E 757 5.58 41.51 -12.30
C LEU E 757 6.38 40.22 -12.29
N ASN E 758 5.79 39.17 -11.72
CA ASN E 758 6.45 37.87 -11.64
C ASN E 758 5.51 36.72 -12.05
N PHE E 759 5.46 36.43 -13.34
CA PHE E 759 4.62 35.34 -13.83
C PHE E 759 5.47 34.10 -14.04
N THR E 760 5.91 33.50 -12.93
CA THR E 760 6.74 32.29 -12.97
C THR E 760 6.00 31.07 -12.41
N GLU E 761 6.13 30.81 -11.11
CA GLU E 761 5.45 29.66 -10.51
C GLU E 761 4.30 30.04 -9.59
N ASN E 762 4.26 31.30 -9.13
CA ASN E 762 3.20 31.75 -8.23
C ASN E 762 2.57 33.10 -8.65
N GLU E 763 1.28 33.06 -8.97
CA GLU E 763 0.55 34.26 -9.38
C GLU E 763 -0.08 34.91 -8.15
N THR E 764 -0.35 34.10 -7.14
CA THR E 764 -0.96 34.52 -5.88
C THR E 764 -0.75 35.99 -5.50
N ASP E 765 0.39 36.28 -4.87
CA ASP E 765 0.69 37.65 -4.44
C ASP E 765 1.02 38.59 -5.59
N ASN E 766 1.20 38.04 -6.81
CA ASN E 766 1.53 38.88 -7.95
C ASN E 766 0.44 39.92 -8.16
N PHE E 767 -0.82 39.51 -8.01
CA PHE E 767 -1.90 40.46 -8.17
C PHE E 767 -1.74 41.46 -7.02
N GLU E 768 -1.46 40.94 -5.83
CA GLU E 768 -1.26 41.80 -4.67
C GLU E 768 -0.14 42.78 -4.99
N VAL E 769 0.87 42.31 -5.72
CA VAL E 769 1.99 43.15 -6.12
C VAL E 769 1.49 44.23 -7.05
N PHE E 770 0.63 43.83 -7.98
CA PHE E 770 0.06 44.74 -8.94
C PHE E 770 -0.64 45.92 -8.29
N GLN E 771 -1.48 45.64 -7.30
CA GLN E 771 -2.22 46.68 -6.59
C GLN E 771 -1.27 47.81 -6.17
N LYS E 772 -0.26 47.44 -5.38
CA LYS E 772 0.71 48.41 -4.88
C LYS E 772 1.47 49.11 -6.00
N ILE E 773 1.41 48.58 -7.21
CA ILE E 773 2.11 49.21 -8.31
C ILE E 773 1.40 50.49 -8.72
N ILE E 774 0.19 50.68 -8.20
CA ILE E 774 -0.57 51.90 -8.50
C ILE E 774 -0.97 52.67 -7.23
N ASP E 775 -0.02 53.44 -6.72
CA ASP E 775 -0.19 54.27 -5.52
C ASP E 775 0.84 55.39 -5.50
N ASN F 41 60.91 45.53 -53.83
CA ASN F 41 61.90 45.15 -54.84
C ASN F 41 63.15 46.01 -54.60
N ASN F 42 64.30 45.66 -55.08
CA ASN F 42 65.40 46.55 -54.64
C ASN F 42 65.47 47.92 -55.36
N LEU F 43 65.47 49.07 -54.65
CA LEU F 43 65.43 50.37 -55.34
C LEU F 43 66.73 50.84 -55.97
N VAL F 44 67.80 50.88 -55.20
CA VAL F 44 69.05 51.36 -55.74
C VAL F 44 69.92 50.30 -56.37
N LYS F 45 70.48 50.66 -57.52
CA LYS F 45 71.37 49.80 -58.28
C LYS F 45 72.72 50.51 -58.39
N THR F 46 73.81 49.82 -58.08
CA THR F 46 75.16 50.39 -58.19
C THR F 46 75.87 49.75 -59.37
N GLU F 47 76.05 50.50 -60.44
CA GLU F 47 76.65 49.97 -61.64
C GLU F 47 78.07 49.46 -61.49
N PHE F 48 79.00 50.43 -61.42
CA PHE F 48 80.39 50.04 -61.30
C PHE F 48 80.94 50.04 -59.87
N THR F 49 81.16 48.82 -59.39
CA THR F 49 81.80 48.63 -58.08
C THR F 49 83.30 48.82 -58.37
N ASN F 50 83.62 50.01 -58.92
CA ASN F 50 84.99 50.38 -59.37
C ASN F 50 85.83 51.22 -58.41
N GLU F 51 85.29 52.30 -57.92
CA GLU F 51 86.08 53.07 -56.97
C GLU F 51 86.14 52.28 -55.65
N THR F 52 86.70 52.85 -54.60
CA THR F 52 86.64 52.15 -53.36
C THR F 52 85.40 52.75 -52.68
N LEU F 53 85.44 52.77 -51.32
CA LEU F 53 84.38 53.37 -50.53
C LEU F 53 84.15 54.79 -51.03
N ASP F 54 85.19 55.41 -51.55
CA ASP F 54 85.06 56.77 -52.05
C ASP F 54 83.82 56.97 -52.91
N LYS F 55 83.54 56.02 -53.81
CA LYS F 55 82.35 56.12 -54.66
C LYS F 55 81.16 55.61 -53.88
N ILE F 56 81.29 54.39 -53.37
CA ILE F 56 80.25 53.75 -52.58
C ILE F 56 79.84 54.66 -51.45
N GLN F 57 80.77 54.88 -50.52
CA GLN F 57 80.53 55.72 -49.37
C GLN F 57 80.12 57.13 -49.77
N GLN F 58 79.83 57.34 -51.05
CA GLN F 58 79.38 58.65 -51.51
C GLN F 58 77.92 58.53 -51.95
N THR F 59 77.58 57.39 -52.54
CA THR F 59 76.21 57.14 -52.93
C THR F 59 75.41 56.89 -51.64
N GLN F 60 76.09 56.38 -50.62
CA GLN F 60 75.44 56.15 -49.33
C GLN F 60 75.26 57.54 -48.73
N ASP F 61 76.35 58.27 -48.51
CA ASP F 61 76.27 59.62 -47.98
C ASP F 61 75.21 60.38 -48.74
N LEU F 62 74.75 59.81 -49.84
CA LEU F 62 73.75 60.50 -50.61
C LEU F 62 72.34 60.11 -50.22
N LEU F 63 72.05 58.81 -50.20
CA LEU F 63 70.71 58.35 -49.85
C LEU F 63 70.35 58.49 -48.38
N LYS F 64 71.35 58.40 -47.49
CA LYS F 64 71.11 58.49 -46.05
C LYS F 64 70.56 59.85 -45.66
N LYS F 65 70.52 60.76 -46.63
CA LYS F 65 70.03 62.09 -46.39
C LYS F 65 68.60 62.24 -46.91
N ILE F 66 68.22 61.47 -47.90
CA ILE F 66 66.86 61.50 -48.43
C ILE F 66 66.02 60.65 -47.47
N PRO F 67 64.83 61.15 -47.08
CA PRO F 67 63.93 60.43 -46.15
C PRO F 67 63.44 59.08 -46.64
N LYS F 68 63.88 58.05 -45.94
CA LYS F 68 63.51 56.68 -46.26
C LYS F 68 62.21 56.55 -47.02
N ASP F 69 61.15 57.14 -46.47
CA ASP F 69 59.85 57.04 -47.12
C ASP F 69 59.79 57.64 -48.51
N VAL F 70 60.44 58.78 -48.73
CA VAL F 70 60.39 59.38 -50.05
C VAL F 70 60.90 58.36 -51.06
N LEU F 71 61.64 57.36 -50.56
CA LEU F 71 62.15 56.31 -51.42
C LEU F 71 61.01 55.31 -51.63
N GLU F 72 60.35 54.93 -50.54
CA GLU F 72 59.22 54.01 -50.61
C GLU F 72 58.14 54.57 -51.54
N ILE F 73 58.18 55.89 -51.75
CA ILE F 73 57.23 56.57 -52.62
C ILE F 73 57.73 56.34 -54.03
N TYR F 74 59.04 56.18 -54.15
CA TYR F 74 59.62 55.94 -55.43
C TYR F 74 59.37 54.49 -55.81
N SER F 75 59.97 53.57 -55.06
CA SER F 75 59.82 52.15 -55.35
C SER F 75 58.38 51.78 -55.67
N GLU F 76 57.44 52.51 -55.08
CA GLU F 76 56.03 52.23 -55.33
C GLU F 76 55.73 52.60 -56.77
N LEU F 77 56.21 53.78 -57.19
CA LEU F 77 56.02 54.22 -58.56
C LEU F 77 56.89 53.35 -59.45
N GLY F 78 57.23 52.17 -58.97
CA GLY F 78 58.05 51.25 -59.73
C GLY F 78 59.39 51.81 -60.15
N GLY F 79 59.81 52.90 -59.52
CA GLY F 79 61.09 53.52 -59.85
C GLY F 79 62.29 52.69 -59.40
N GLU F 80 63.46 53.11 -59.83
CA GLU F 80 64.71 52.41 -59.49
C GLU F 80 65.79 53.49 -59.65
N ILE F 81 66.65 53.68 -58.66
CA ILE F 81 67.66 54.71 -58.83
C ILE F 81 68.96 54.11 -59.38
N TYR F 82 69.54 54.75 -60.37
CA TYR F 82 70.76 54.23 -60.98
C TYR F 82 72.01 55.03 -60.70
N PHE F 83 72.95 54.41 -60.02
CA PHE F 83 74.22 55.05 -59.72
C PHE F 83 75.25 54.35 -60.58
N THR F 84 76.08 55.16 -61.32
CA THR F 84 77.09 54.52 -62.17
C THR F 84 78.46 55.12 -61.92
N ASP F 85 79.46 54.66 -62.67
CA ASP F 85 80.87 55.12 -62.53
C ASP F 85 81.18 56.33 -63.42
N ILE F 86 81.59 56.12 -64.67
CA ILE F 86 81.80 57.24 -65.59
C ILE F 86 81.04 57.02 -66.87
N ASP F 87 79.83 57.37 -66.77
CA ASP F 87 78.89 57.38 -67.83
C ASP F 87 78.27 58.75 -67.66
N LEU F 88 78.68 59.69 -68.46
CA LEU F 88 77.97 60.94 -68.32
C LEU F 88 76.89 60.96 -69.37
N VAL F 89 77.38 61.02 -70.58
CA VAL F 89 76.56 61.10 -71.78
C VAL F 89 75.63 59.91 -71.96
N GLU F 90 74.90 59.93 -73.08
CA GLU F 90 73.95 58.88 -73.43
C GLU F 90 74.76 57.60 -73.56
N HIS F 91 75.35 57.15 -72.46
CA HIS F 91 76.17 55.96 -72.48
C HIS F 91 75.61 54.86 -71.58
N LYS F 92 74.77 55.24 -70.62
CA LYS F 92 74.21 54.25 -69.73
C LYS F 92 73.32 53.27 -70.46
N GLU F 93 73.39 52.03 -70.03
CA GLU F 93 72.61 50.95 -70.62
C GLU F 93 71.11 51.17 -70.55
N LEU F 94 70.70 52.41 -70.27
CA LEU F 94 69.29 52.79 -70.19
C LEU F 94 69.14 54.28 -70.49
N GLN F 95 70.17 54.89 -71.06
CA GLN F 95 70.15 56.31 -71.38
C GLN F 95 69.98 56.67 -72.85
N ASP F 96 69.48 55.78 -73.67
CA ASP F 96 69.26 55.97 -75.12
C ASP F 96 67.86 56.64 -75.41
N LEU F 97 67.27 56.46 -76.63
CA LEU F 97 66.07 57.19 -77.16
C LEU F 97 64.61 56.81 -76.85
N SER F 98 64.09 57.09 -75.67
CA SER F 98 62.70 56.67 -75.36
C SER F 98 61.73 57.87 -75.22
N GLU F 99 61.69 58.36 -74.04
CA GLU F 99 60.97 59.57 -73.78
C GLU F 99 62.06 60.54 -73.39
N GLU F 100 62.71 61.17 -74.34
CA GLU F 100 63.79 62.06 -73.97
C GLU F 100 63.32 63.51 -73.76
N GLU F 101 64.17 64.37 -74.08
CA GLU F 101 63.93 65.80 -73.95
C GLU F 101 63.01 66.36 -75.03
N LYS F 102 61.79 66.71 -74.64
CA LYS F 102 60.79 67.28 -75.54
C LYS F 102 60.80 68.82 -75.43
N ASN F 103 60.21 69.42 -74.38
CA ASN F 103 60.17 70.87 -74.10
C ASN F 103 61.21 71.24 -73.00
N SER F 104 61.99 72.32 -73.22
CA SER F 104 63.16 72.84 -72.41
C SER F 104 62.86 73.68 -71.15
N MET F 105 62.75 73.04 -70.07
CA MET F 105 62.61 73.68 -68.82
C MET F 105 63.35 72.68 -68.00
N ASN F 106 64.66 72.70 -67.95
CA ASN F 106 65.31 71.53 -67.31
C ASN F 106 65.60 71.57 -65.82
N SER F 107 66.76 72.12 -65.50
CA SER F 107 67.23 72.23 -64.14
C SER F 107 66.48 73.32 -63.40
N ARG F 108 66.93 73.54 -62.18
CA ARG F 108 66.38 74.59 -61.31
C ARG F 108 65.91 75.77 -62.17
N GLY F 109 66.90 76.46 -62.83
CA GLY F 109 66.74 77.61 -63.75
C GLY F 109 66.63 76.95 -65.12
N GLU F 110 67.10 77.49 -66.19
CA GLU F 110 66.93 76.62 -67.34
C GLU F 110 68.16 76.58 -68.20
N LYS F 111 68.64 75.41 -68.46
CA LYS F 111 69.91 75.47 -69.13
C LYS F 111 69.96 74.56 -70.38
N VAL F 112 69.35 73.31 -70.28
CA VAL F 112 69.25 72.28 -71.34
C VAL F 112 70.56 71.84 -72.05
N PRO F 113 71.68 71.73 -71.31
CA PRO F 113 72.94 71.31 -71.94
C PRO F 113 73.23 69.83 -71.71
N PHE F 114 72.19 69.02 -71.62
CA PHE F 114 72.31 67.59 -71.39
C PHE F 114 73.75 67.12 -71.26
N ALA F 115 74.44 67.01 -72.39
CA ALA F 115 75.82 66.56 -72.43
C ALA F 115 76.53 66.62 -71.06
N SER F 116 76.81 67.84 -70.61
CA SER F 116 77.50 68.08 -69.34
C SER F 116 76.86 67.47 -68.08
N ARG F 117 75.59 67.09 -68.15
CA ARG F 117 74.86 66.52 -67.01
C ARG F 117 75.41 65.24 -66.36
N PHE F 118 75.00 65.02 -65.11
CA PHE F 118 75.41 63.86 -64.32
C PHE F 118 74.21 63.21 -63.61
N VAL F 119 73.10 63.93 -63.62
CA VAL F 119 71.88 63.45 -62.99
C VAL F 119 70.75 63.52 -63.98
N PHE F 120 70.06 62.40 -64.18
CA PHE F 120 68.93 62.37 -65.10
C PHE F 120 67.77 61.47 -64.67
N GLU F 121 66.58 61.82 -65.16
CA GLU F 121 65.35 61.12 -64.87
C GLU F 121 64.55 60.78 -66.13
N LYS F 122 64.34 59.48 -66.37
CA LYS F 122 63.56 59.00 -67.51
C LYS F 122 62.10 59.25 -67.08
N LYS F 123 61.51 60.34 -67.55
CA LYS F 123 60.17 60.72 -67.11
C LYS F 123 58.90 59.89 -67.34
N ARG F 124 58.80 59.08 -68.39
CA ARG F 124 57.37 58.71 -68.73
C ARG F 124 56.42 57.66 -68.12
N GLU F 125 56.89 56.48 -67.73
CA GLU F 125 56.04 55.43 -67.17
C GLU F 125 56.47 55.16 -65.75
N THR F 126 57.49 54.29 -65.65
CA THR F 126 58.23 53.96 -64.42
C THR F 126 59.50 54.79 -64.28
N PRO F 127 59.48 55.82 -63.41
CA PRO F 127 60.64 56.70 -63.21
C PRO F 127 61.95 55.96 -62.99
N LYS F 128 62.97 56.45 -63.66
CA LYS F 128 64.30 55.88 -63.57
C LYS F 128 65.28 57.02 -63.36
N LEU F 129 65.79 57.13 -62.14
CA LEU F 129 66.74 58.17 -61.82
C LEU F 129 68.12 57.60 -62.05
N ILE F 130 68.97 58.34 -62.78
CA ILE F 130 70.32 57.89 -63.08
C ILE F 130 71.36 58.90 -62.63
N ILE F 131 72.31 58.43 -61.83
CA ILE F 131 73.35 59.28 -61.28
C ILE F 131 74.75 58.72 -61.37
N ASN F 132 75.68 59.57 -61.74
CA ASN F 132 77.07 59.16 -61.84
C ASN F 132 77.86 60.08 -60.91
N ILE F 133 78.93 59.54 -60.35
CA ILE F 133 79.76 60.32 -59.45
C ILE F 133 81.19 60.20 -59.96
N LYS F 134 81.99 61.25 -59.80
CA LYS F 134 83.36 61.16 -60.24
C LYS F 134 84.36 61.21 -59.09
N ASP F 135 84.97 62.33 -58.80
CA ASP F 135 85.89 62.25 -57.71
C ASP F 135 85.31 62.84 -56.45
N TYR F 136 86.16 62.85 -55.48
CA TYR F 136 85.78 63.23 -54.18
C TYR F 136 84.68 64.35 -53.96
N ALA F 137 84.49 65.58 -54.48
CA ALA F 137 83.42 66.25 -53.63
C ALA F 137 82.34 67.28 -54.00
N ILE F 138 81.13 66.89 -53.52
CA ILE F 138 79.78 67.45 -53.60
C ILE F 138 79.41 68.40 -52.46
N ASN F 139 80.20 68.34 -51.34
CA ASN F 139 80.03 69.07 -50.07
C ASN F 139 80.61 70.48 -49.99
N SER F 140 81.45 70.87 -50.95
CA SER F 140 82.04 72.21 -50.96
C SER F 140 80.96 73.22 -51.37
N GLU F 141 80.47 73.08 -52.61
CA GLU F 141 79.38 73.93 -53.09
C GLU F 141 78.26 72.95 -53.43
N GLN F 142 77.58 72.50 -52.38
CA GLN F 142 76.47 71.56 -52.48
C GLN F 142 75.45 71.95 -53.54
N SER F 143 75.67 73.11 -54.16
CA SER F 143 74.78 73.60 -55.22
C SER F 143 74.76 72.61 -56.38
N LYS F 144 75.47 71.50 -56.21
CA LYS F 144 75.55 70.44 -57.22
C LYS F 144 74.64 69.27 -56.83
N GLU F 145 74.72 68.85 -55.57
CA GLU F 145 73.90 67.75 -55.08
C GLU F 145 72.44 68.14 -55.07
N VAL F 146 72.17 69.43 -54.96
CA VAL F 146 70.81 69.93 -54.94
C VAL F 146 70.02 69.36 -56.12
N TYR F 147 70.68 69.21 -57.27
CA TYR F 147 69.96 68.70 -58.42
C TYR F 147 69.65 67.23 -58.33
N TYR F 148 70.40 66.52 -57.50
CA TYR F 148 70.10 65.12 -57.32
C TYR F 148 68.94 65.11 -56.32
N GLU F 149 68.59 66.29 -55.84
CA GLU F 149 67.49 66.44 -54.89
C GLU F 149 66.23 66.85 -55.64
N ILE F 150 66.27 68.00 -56.31
CA ILE F 150 65.13 68.44 -57.09
C ILE F 150 65.05 67.46 -58.25
N GLY F 151 66.18 67.28 -58.93
CA GLY F 151 66.23 66.36 -60.04
C GLY F 151 65.43 65.14 -59.65
N LYS F 152 65.41 64.88 -58.35
CA LYS F 152 64.67 63.77 -57.81
C LYS F 152 63.25 64.25 -57.63
N GLY F 153 63.07 65.25 -56.78
CA GLY F 153 61.75 65.80 -56.52
C GLY F 153 60.78 65.75 -57.68
N ILE F 154 61.31 65.77 -58.90
CA ILE F 154 60.46 65.70 -60.09
C ILE F 154 59.85 64.30 -60.20
N SER F 155 60.19 63.45 -59.25
CA SER F 155 59.67 62.09 -59.20
C SER F 155 58.31 62.20 -58.54
N LEU F 156 58.27 62.71 -57.33
CA LEU F 156 57.05 62.83 -56.49
C LEU F 156 56.14 64.06 -56.60
N ASP F 157 56.45 65.06 -57.34
CA ASP F 157 55.54 66.18 -57.39
C ASP F 157 54.25 65.70 -58.06
N ILE F 158 54.37 65.80 -59.37
CA ILE F 158 53.36 65.48 -60.31
C ILE F 158 52.68 64.16 -59.92
N ILE F 159 53.19 63.52 -58.88
CA ILE F 159 52.70 62.24 -58.42
C ILE F 159 52.61 62.30 -56.89
N SER F 160 53.41 63.23 -56.35
CA SER F 160 53.40 63.52 -54.93
C SER F 160 52.05 64.13 -54.71
N LYS F 161 51.83 64.82 -53.65
CA LYS F 161 50.53 65.35 -53.40
C LYS F 161 50.14 66.58 -54.23
N ASP F 162 51.14 67.19 -54.83
CA ASP F 162 50.83 68.38 -55.61
C ASP F 162 49.65 68.00 -56.48
N LYS F 163 49.68 66.86 -57.16
CA LYS F 163 48.51 66.58 -58.01
C LYS F 163 47.99 65.13 -58.06
N SER F 164 48.70 64.09 -57.55
CA SER F 164 48.22 62.66 -57.58
C SER F 164 46.84 62.64 -57.05
N LEU F 165 46.73 62.65 -55.72
CA LEU F 165 45.42 63.05 -55.29
C LEU F 165 45.59 64.35 -56.03
N ASP F 166 44.59 65.17 -56.17
CA ASP F 166 44.87 66.37 -56.96
C ASP F 166 45.56 67.49 -56.18
N PRO F 167 45.77 68.66 -56.86
CA PRO F 167 46.25 69.78 -56.08
C PRO F 167 45.33 69.87 -54.91
N GLU F 168 45.56 69.39 -53.74
CA GLU F 168 44.39 69.54 -52.89
C GLU F 168 44.46 70.82 -52.10
N PHE F 169 43.31 71.51 -51.94
CA PHE F 169 43.44 72.78 -51.23
C PHE F 169 44.79 72.92 -50.52
N LEU F 170 45.24 71.86 -49.87
CA LEU F 170 46.52 71.87 -49.16
C LEU F 170 47.59 72.67 -49.92
N ASN F 171 47.94 72.20 -51.12
CA ASN F 171 48.94 72.87 -51.94
C ASN F 171 48.28 73.89 -52.86
N LEU F 172 46.96 73.78 -53.04
CA LEU F 172 46.25 74.71 -53.89
C LEU F 172 46.16 76.06 -53.17
N ILE F 173 46.04 76.01 -51.85
CA ILE F 173 45.97 77.22 -51.03
C ILE F 173 47.38 77.65 -50.61
N LYS F 174 48.27 76.66 -50.46
CA LYS F 174 49.64 76.91 -50.06
C LYS F 174 50.43 77.57 -51.19
N SER F 175 49.99 77.33 -52.43
CA SER F 175 50.63 77.94 -53.58
C SER F 175 50.09 79.37 -53.62
N LEU F 176 48.86 79.51 -53.12
CA LEU F 176 48.20 80.81 -53.04
C LEU F 176 48.92 81.73 -52.07
N SER F 177 49.75 81.16 -51.21
CA SER F 177 50.52 81.95 -50.26
C SER F 177 51.63 82.63 -51.07
N ASP F 178 51.28 82.91 -52.33
CA ASP F 178 52.17 83.63 -53.20
C ASP F 178 52.41 84.91 -52.41
N ASP F 179 51.29 85.55 -52.13
CA ASP F 179 51.39 86.79 -51.43
C ASP F 179 50.22 87.20 -50.51
N SER F 180 49.32 86.29 -50.07
CA SER F 180 48.17 86.82 -49.30
C SER F 180 48.06 86.49 -47.81
N ASP F 181 48.59 85.36 -47.37
CA ASP F 181 48.52 84.90 -45.98
C ASP F 181 49.48 85.61 -45.00
N SER F 182 50.76 85.23 -45.07
CA SER F 182 51.82 85.78 -44.21
C SER F 182 52.55 86.97 -44.85
N SER F 183 53.14 87.83 -44.02
CA SER F 183 53.87 89.02 -44.48
C SER F 183 55.23 88.69 -45.09
N ASP F 184 55.28 87.64 -45.90
CA ASP F 184 56.51 87.22 -46.57
C ASP F 184 56.25 87.00 -48.07
N LEU F 185 56.22 88.11 -48.83
CA LEU F 185 56.00 88.08 -50.28
C LEU F 185 57.31 87.66 -50.95
N LEU F 186 57.95 86.67 -50.34
CA LEU F 186 59.22 86.12 -50.82
C LEU F 186 59.00 84.74 -51.42
N PHE F 187 58.92 84.70 -52.75
CA PHE F 187 58.74 83.47 -53.50
C PHE F 187 59.55 83.61 -54.77
N SER F 188 60.54 84.49 -54.68
CA SER F 188 61.46 84.79 -55.77
C SER F 188 62.19 83.54 -56.27
N GLN F 189 62.45 82.60 -55.36
CA GLN F 189 63.17 81.35 -55.65
C GLN F 189 62.35 80.17 -56.18
N LYS F 190 61.18 80.45 -56.75
CA LYS F 190 60.33 79.40 -57.30
C LYS F 190 59.33 79.94 -58.32
N PHE F 191 59.12 81.25 -58.28
CA PHE F 191 58.17 81.90 -59.19
C PHE F 191 58.76 83.12 -59.92
N LYS F 192 59.24 82.90 -61.16
CA LYS F 192 59.80 83.99 -61.94
C LYS F 192 59.07 84.21 -63.24
N GLU F 193 59.60 83.62 -64.31
CA GLU F 193 59.02 83.75 -65.63
C GLU F 193 57.59 83.25 -65.78
N LYS F 194 57.15 82.38 -64.87
CA LYS F 194 55.81 81.83 -64.95
C LYS F 194 54.87 82.35 -63.85
N LEU F 195 55.45 83.01 -62.85
CA LEU F 195 54.66 83.59 -61.77
C LEU F 195 55.26 84.84 -61.12
N GLU F 196 55.78 85.73 -61.96
CA GLU F 196 56.31 87.00 -61.48
C GLU F 196 55.01 87.81 -61.55
N LEU F 197 53.94 87.07 -61.85
CA LEU F 197 52.57 87.55 -61.97
C LEU F 197 52.05 87.78 -60.55
N ASN F 198 52.56 88.83 -59.91
CA ASN F 198 52.16 89.21 -58.55
C ASN F 198 50.76 89.82 -58.60
N ASN F 199 50.30 90.09 -59.83
CA ASN F 199 49.00 90.68 -60.07
C ASN F 199 48.02 89.63 -60.60
N LYS F 200 47.64 88.69 -59.73
CA LYS F 200 46.69 87.63 -60.09
C LYS F 200 46.34 86.80 -58.85
N SER F 201 45.06 86.48 -58.69
CA SER F 201 44.57 85.68 -57.57
C SER F 201 44.69 84.20 -58.00
N ILE F 202 45.80 83.58 -57.62
CA ILE F 202 46.11 82.19 -57.99
C ILE F 202 45.39 81.04 -57.28
N ASP F 203 44.10 80.89 -57.54
CA ASP F 203 43.32 79.81 -56.94
C ASP F 203 43.11 78.80 -58.08
N ILE F 204 41.88 78.35 -58.27
CA ILE F 204 41.56 77.39 -59.33
C ILE F 204 41.37 78.12 -60.66
N ASN F 205 41.49 79.40 -60.62
CA ASN F 205 41.28 80.02 -61.86
C ASN F 205 42.43 79.72 -62.85
N PHE F 206 43.67 79.76 -62.38
CA PHE F 206 44.81 79.65 -63.31
C PHE F 206 45.94 78.66 -63.01
N ILE F 207 45.80 77.92 -61.88
CA ILE F 207 46.83 76.94 -61.51
C ILE F 207 46.81 75.61 -62.31
N LYS F 208 45.72 75.34 -63.01
CA LYS F 208 45.62 74.13 -63.83
C LYS F 208 46.53 74.29 -65.04
N GLU F 209 46.24 75.31 -65.85
CA GLU F 209 46.99 75.63 -67.06
C GLU F 209 48.46 75.16 -67.01
N ASN F 210 49.15 75.50 -65.92
CA ASN F 210 50.55 75.13 -65.75
C ASN F 210 50.91 74.29 -64.52
N LEU F 211 50.59 73.00 -64.57
CA LEU F 211 50.90 72.08 -63.49
C LEU F 211 52.41 71.98 -63.34
N THR F 212 53.10 72.08 -64.47
CA THR F 212 54.54 71.98 -64.51
C THR F 212 55.29 73.01 -63.67
N GLU F 213 54.93 74.29 -63.77
CA GLU F 213 55.63 75.31 -63.01
C GLU F 213 55.46 75.15 -61.51
N PHE F 214 54.42 74.44 -61.11
CA PHE F 214 54.19 74.24 -59.70
C PHE F 214 54.82 72.93 -59.25
N GLN F 215 55.69 72.42 -60.11
CA GLN F 215 56.43 71.20 -59.84
C GLN F 215 57.86 71.71 -59.68
N HIS F 216 58.25 72.64 -60.55
CA HIS F 216 59.59 73.23 -60.49
C HIS F 216 59.74 73.84 -59.11
N ALA F 217 58.60 73.96 -58.42
CA ALA F 217 58.56 74.53 -57.07
C ALA F 217 58.72 73.42 -56.05
N PHE F 218 57.67 72.61 -55.87
CA PHE F 218 57.72 71.50 -54.91
C PHE F 218 59.09 70.82 -54.95
N SER F 219 59.68 70.81 -56.14
CA SER F 219 60.98 70.20 -56.35
C SER F 219 62.09 71.02 -55.71
N LEU F 220 62.08 72.32 -55.96
CA LEU F 220 63.09 73.21 -55.39
C LEU F 220 62.87 73.40 -53.90
N ALA F 221 61.66 73.10 -53.46
CA ALA F 221 61.30 73.23 -52.05
C ALA F 221 61.78 71.99 -51.32
N PHE F 222 61.88 70.90 -52.08
CA PHE F 222 62.35 69.61 -51.57
C PHE F 222 63.87 69.66 -51.52
N SER F 223 64.45 70.01 -52.67
CA SER F 223 65.90 70.11 -52.81
C SER F 223 66.40 71.08 -51.75
N TYR F 224 65.61 72.11 -51.49
CA TYR F 224 66.04 73.06 -50.51
C TYR F 224 65.86 72.50 -49.11
N TYR F 225 64.83 71.69 -48.87
CA TYR F 225 64.65 71.18 -47.52
C TYR F 225 65.69 70.14 -47.15
N PHE F 226 66.02 69.25 -48.10
CA PHE F 226 66.98 68.20 -47.82
C PHE F 226 68.43 68.45 -48.23
N ALA F 227 68.67 69.56 -48.92
CA ALA F 227 70.03 69.88 -49.31
C ALA F 227 70.85 69.93 -48.03
N PRO F 228 71.96 69.20 -47.97
CA PRO F 228 72.85 69.13 -46.82
C PRO F 228 73.36 70.47 -46.30
N ASP F 229 73.24 71.51 -47.12
CA ASP F 229 73.71 72.83 -46.71
C ASP F 229 72.62 73.84 -46.37
N HIS F 230 71.90 74.30 -47.39
CA HIS F 230 70.86 75.29 -47.18
C HIS F 230 69.53 74.77 -46.72
N ARG F 231 69.37 74.67 -45.40
CA ARG F 231 68.13 74.16 -44.81
C ARG F 231 67.19 75.27 -44.31
N THR F 232 67.78 76.31 -43.71
CA THR F 232 66.99 77.42 -43.18
C THR F 232 66.55 78.38 -44.28
N VAL F 233 67.25 78.35 -45.40
CA VAL F 233 66.90 79.23 -46.49
C VAL F 233 65.39 79.11 -46.74
N LEU F 234 64.86 77.88 -46.68
CA LEU F 234 63.43 77.65 -46.89
C LEU F 234 62.61 77.91 -45.62
N GLU F 235 63.29 78.28 -44.54
CA GLU F 235 62.62 78.57 -43.27
C GLU F 235 62.57 80.07 -43.06
N LEU F 236 63.61 80.75 -43.54
CA LEU F 236 63.73 82.20 -43.44
C LEU F 236 62.85 82.78 -44.52
N TYR F 237 63.06 82.28 -45.82
CA TYR F 237 62.38 82.79 -47.03
C TYR F 237 61.02 82.31 -47.45
N ALA F 238 60.82 81.03 -47.54
CA ALA F 238 59.50 80.60 -47.76
C ALA F 238 59.11 80.24 -46.34
N PRO F 239 58.01 80.83 -45.70
CA PRO F 239 57.65 80.44 -44.34
C PRO F 239 56.71 79.24 -44.24
N ASP F 240 55.95 78.99 -45.29
CA ASP F 240 55.00 77.88 -45.30
C ASP F 240 55.51 76.63 -46.03
N MET F 241 55.95 76.77 -47.28
CA MET F 241 56.46 75.62 -48.02
C MET F 241 57.31 74.80 -47.08
N PHE F 242 58.04 75.52 -46.23
CA PHE F 242 58.88 74.87 -45.24
C PHE F 242 58.01 73.98 -44.36
N GLU F 243 57.08 74.60 -43.66
CA GLU F 243 56.19 73.83 -42.80
C GLU F 243 55.63 72.68 -43.61
N TYR F 244 55.20 72.99 -44.84
CA TYR F 244 54.64 72.00 -45.76
C TYR F 244 55.53 70.78 -45.81
N MET F 245 56.75 70.98 -46.28
CA MET F 245 57.71 69.90 -46.37
C MET F 245 57.86 69.21 -45.04
N ASN F 246 58.14 70.00 -44.00
CA ASN F 246 58.36 69.43 -42.66
C ASN F 246 57.22 68.50 -42.29
N LYS F 247 55.99 68.97 -42.42
CA LYS F 247 54.85 68.13 -42.09
C LYS F 247 55.03 66.82 -42.88
N LEU F 248 55.39 66.96 -44.15
CA LEU F 248 55.60 65.81 -45.00
C LEU F 248 56.65 64.88 -44.42
N GLU F 249 57.74 65.44 -43.88
CA GLU F 249 58.73 64.58 -43.28
C GLU F 249 58.14 64.03 -41.99
N LYS F 250 57.35 64.87 -41.31
CA LYS F 250 56.73 64.47 -40.05
C LYS F 250 55.89 63.21 -40.24
N GLY F 251 55.30 63.06 -41.42
CA GLY F 251 54.49 61.89 -41.71
C GLY F 251 53.73 61.94 -43.03
N GLY F 252 53.91 63.02 -43.79
CA GLY F 252 53.23 63.17 -45.07
C GLY F 252 53.69 62.21 -46.16
N PHE F 253 54.99 62.07 -46.31
CA PHE F 253 55.52 61.18 -47.32
C PHE F 253 54.96 59.77 -47.07
N GLU F 254 54.83 59.38 -45.80
CA GLU F 254 54.29 58.07 -45.48
C GLU F 254 52.81 58.05 -45.83
N LYS F 255 52.20 59.23 -45.87
CA LYS F 255 50.77 59.34 -46.22
C LYS F 255 50.59 58.66 -47.56
N ILE F 256 51.07 59.37 -48.59
CA ILE F 256 50.99 58.93 -49.97
C ILE F 256 51.71 57.61 -50.17
N SER F 257 52.79 57.39 -49.42
CA SER F 257 53.51 56.15 -49.54
C SER F 257 52.59 55.01 -49.16
N GLU F 258 51.52 55.33 -48.44
CA GLU F 258 50.56 54.32 -48.02
C GLU F 258 49.25 54.40 -48.81
N SER F 259 49.11 55.45 -49.62
CA SER F 259 47.91 55.59 -50.43
C SER F 259 48.21 54.99 -51.81
N LEU F 260 49.51 54.85 -52.11
CA LEU F 260 49.94 54.25 -53.37
C LEU F 260 50.15 52.78 -53.07
N LYS F 261 50.44 52.47 -51.81
CA LYS F 261 50.66 51.11 -51.38
C LYS F 261 49.31 50.39 -51.39
N LYS F 262 48.30 51.03 -50.83
CA LYS F 262 46.96 50.43 -50.78
C LYS F 262 46.42 50.26 -52.19
N GLU F 263 46.65 51.24 -53.05
CA GLU F 263 46.20 51.08 -54.42
C GLU F 263 47.24 50.23 -55.13
N GLY F 264 48.04 49.53 -54.36
CA GLY F 264 49.05 48.67 -54.96
C GLY F 264 48.34 47.38 -55.27
N VAL F 265 47.50 46.95 -54.33
CA VAL F 265 46.74 45.73 -54.45
C VAL F 265 45.43 46.01 -55.17
N GLU F 266 44.58 46.84 -54.55
CA GLU F 266 43.29 47.19 -55.14
C GLU F 266 43.44 47.52 -56.62
N LYS F 267 44.67 47.87 -57.00
CA LYS F 267 45.00 48.20 -58.39
C LYS F 267 44.95 46.89 -59.17
N ASP F 268 46.10 46.20 -59.19
CA ASP F 268 46.23 44.93 -59.88
C ASP F 268 45.66 43.87 -58.94
N ARG F 269 44.57 43.24 -59.37
CA ARG F 269 43.89 42.22 -58.60
C ARG F 269 43.07 41.35 -59.54
N ILE F 270 42.22 40.53 -58.95
CA ILE F 270 41.38 39.64 -59.72
C ILE F 270 40.04 40.32 -59.96
N ASP F 271 39.77 40.65 -61.21
CA ASP F 271 38.54 41.34 -61.61
C ASP F 271 37.33 40.47 -61.30
N VAL F 272 36.67 40.69 -60.09
CA VAL F 272 35.51 39.97 -59.81
C VAL F 272 34.53 41.05 -59.49
N LEU F 273 33.38 41.11 -60.06
CA LEU F 273 32.53 42.20 -59.62
C LEU F 273 32.06 41.91 -58.19
N LYS F 274 32.45 42.68 -57.26
CA LYS F 274 32.07 42.39 -55.88
C LYS F 274 30.75 43.10 -55.61
N GLY F 275 30.48 43.40 -54.34
CA GLY F 275 29.24 44.10 -54.00
C GLY F 275 27.96 43.44 -54.49
N GLU F 276 26.94 44.23 -54.78
CA GLU F 276 25.67 43.67 -55.22
C GLU F 276 25.58 43.40 -56.72
N LYS F 277 26.56 43.83 -57.51
CA LYS F 277 26.51 43.59 -58.94
C LYS F 277 26.55 42.08 -59.16
N ALA F 278 27.17 41.37 -58.23
CA ALA F 278 27.30 39.91 -58.30
C ALA F 278 25.95 39.32 -57.95
N LEU F 279 25.51 39.65 -56.76
CA LEU F 279 24.22 39.20 -56.27
C LEU F 279 23.19 39.25 -57.40
N LYS F 280 23.50 39.98 -58.47
CA LYS F 280 22.61 40.10 -59.62
C LYS F 280 22.64 38.85 -60.45
N ALA F 281 23.83 38.37 -60.77
CA ALA F 281 23.94 37.15 -61.56
C ALA F 281 23.92 35.96 -60.59
N SER F 282 24.01 36.28 -59.30
CA SER F 282 23.99 35.27 -58.26
C SER F 282 22.69 34.47 -58.20
N GLY F 283 21.57 35.13 -58.49
CA GLY F 283 20.29 34.46 -58.47
C GLY F 283 19.81 34.15 -57.07
N LEU F 284 20.72 34.14 -56.12
CA LEU F 284 20.31 33.87 -54.75
C LEU F 284 19.37 34.97 -54.29
N VAL F 285 18.41 34.59 -53.44
CA VAL F 285 17.44 35.50 -52.88
C VAL F 285 18.13 36.41 -51.90
N PRO F 286 18.32 37.69 -52.28
CA PRO F 286 18.96 38.72 -51.48
C PRO F 286 18.90 38.52 -49.97
N GLU F 287 17.70 38.44 -49.41
CA GLU F 287 17.58 38.28 -47.98
C GLU F 287 18.34 37.05 -47.48
N HIS F 288 18.49 36.07 -48.36
CA HIS F 288 19.20 34.83 -48.07
C HIS F 288 20.68 35.11 -48.14
N ALA F 289 21.12 35.65 -49.27
CA ALA F 289 22.52 35.96 -49.44
C ALA F 289 22.95 36.70 -48.19
N ASP F 290 22.23 37.78 -47.89
CA ASP F 290 22.52 38.59 -46.72
C ASP F 290 22.44 37.71 -45.46
N ALA F 291 21.47 36.80 -45.45
CA ALA F 291 21.26 35.87 -44.32
C ALA F 291 22.47 34.99 -44.10
N PHE F 292 23.06 34.55 -45.21
CA PHE F 292 24.25 33.69 -45.21
C PHE F 292 25.44 34.53 -44.73
N LYS F 293 25.46 35.78 -45.19
CA LYS F 293 26.51 36.75 -44.86
C LYS F 293 26.94 36.64 -43.40
N LYS F 294 26.00 36.29 -42.53
CA LYS F 294 26.29 36.17 -41.11
C LYS F 294 26.95 34.85 -40.70
N ILE F 295 26.64 33.76 -41.39
CA ILE F 295 27.23 32.47 -41.03
C ILE F 295 28.72 32.41 -41.41
N ALA F 296 29.05 32.90 -42.60
CA ALA F 296 30.42 32.89 -43.08
C ALA F 296 31.32 33.49 -42.00
N ARG F 297 30.84 34.53 -41.34
CA ARG F 297 31.61 35.17 -40.29
C ARG F 297 31.77 34.31 -39.05
N GLU F 298 30.72 34.23 -38.23
CA GLU F 298 30.77 33.43 -37.01
C GLU F 298 31.74 32.27 -37.15
N LEU F 299 31.38 31.34 -38.05
CA LEU F 299 32.16 30.13 -38.36
C LEU F 299 33.45 30.40 -39.14
N ASN F 300 33.46 31.44 -39.96
CA ASN F 300 34.64 31.81 -40.73
C ASN F 300 34.93 30.80 -41.80
N THR F 301 34.15 30.84 -42.88
CA THR F 301 34.34 29.92 -44.00
C THR F 301 33.71 30.45 -45.29
N TYR F 302 34.47 30.46 -46.38
CA TYR F 302 33.92 30.92 -47.65
C TYR F 302 32.81 30.00 -48.08
N ILE F 303 31.73 30.57 -48.58
CA ILE F 303 30.65 29.75 -49.08
C ILE F 303 30.65 29.99 -50.58
N LEU F 304 30.76 28.95 -51.40
CA LEU F 304 30.77 29.18 -52.83
C LEU F 304 29.60 28.47 -53.49
N PHE F 305 28.75 29.22 -54.20
CA PHE F 305 27.56 28.68 -54.88
C PHE F 305 27.65 28.66 -56.39
N ARG F 306 26.83 27.83 -57.05
CA ARG F 306 26.79 27.77 -58.51
C ARG F 306 25.63 28.65 -59.01
N PRO F 307 25.61 28.95 -60.31
CA PRO F 307 24.54 29.80 -60.82
C PRO F 307 23.14 29.26 -60.60
N VAL F 308 22.36 30.00 -59.82
CA VAL F 308 20.97 29.64 -59.52
C VAL F 308 20.09 30.37 -60.53
N ASN F 309 19.32 29.63 -61.35
CA ASN F 309 18.45 30.24 -62.35
C ASN F 309 17.70 31.45 -61.77
N LYS F 310 17.59 32.54 -62.54
CA LYS F 310 16.90 33.74 -62.05
C LYS F 310 15.38 33.53 -61.96
N LEU F 311 14.84 32.73 -62.87
CA LEU F 311 13.42 32.42 -62.91
C LEU F 311 13.07 31.52 -61.72
N ALA F 312 13.85 31.59 -60.65
CA ALA F 312 13.60 30.80 -59.46
C ALA F 312 13.90 31.70 -58.29
N THR F 313 14.69 32.73 -58.58
CA THR F 313 15.11 33.73 -57.60
C THR F 313 13.96 34.19 -56.71
N ASN F 314 12.77 34.25 -57.30
CA ASN F 314 11.59 34.69 -56.57
C ASN F 314 10.71 33.53 -56.13
N LEU F 315 10.63 32.47 -56.95
CA LEU F 315 9.84 31.29 -56.61
C LEU F 315 10.30 30.82 -55.25
N ILE F 316 11.52 31.21 -54.90
CA ILE F 316 12.05 30.85 -53.61
C ILE F 316 11.53 31.84 -52.57
N LYS F 317 12.00 33.09 -52.60
CA LYS F 317 11.55 34.09 -51.63
C LYS F 317 10.07 33.84 -51.43
N SER F 318 9.37 33.64 -52.53
CA SER F 318 7.95 33.34 -52.53
C SER F 318 7.64 32.26 -51.48
N GLY F 319 8.23 31.07 -51.66
CA GLY F 319 8.01 30.02 -50.70
C GLY F 319 8.00 28.64 -51.33
N VAL F 320 8.44 28.55 -52.58
CA VAL F 320 8.49 27.29 -53.30
C VAL F 320 9.62 26.40 -52.83
N ALA F 321 9.40 25.10 -52.82
CA ALA F 321 10.41 24.17 -52.38
C ALA F 321 11.53 24.06 -53.41
N THR F 322 12.61 23.37 -53.02
CA THR F 322 13.77 23.22 -53.88
C THR F 322 14.11 21.80 -54.28
N LYS F 323 14.45 21.60 -55.56
CA LYS F 323 14.80 20.27 -56.06
C LYS F 323 15.95 19.66 -55.28
N GLY F 324 15.71 18.46 -54.76
CA GLY F 324 16.72 17.76 -54.01
C GLY F 324 17.44 16.80 -54.92
N LEU F 325 17.88 15.68 -54.36
CA LEU F 325 18.57 14.67 -55.13
C LEU F 325 17.57 13.73 -55.79
N ASN F 326 16.46 13.50 -55.10
CA ASN F 326 15.42 12.61 -55.57
C ASN F 326 14.83 13.03 -56.91
N VAL F 327 15.01 14.28 -57.33
CA VAL F 327 14.46 14.73 -58.61
C VAL F 327 15.53 15.06 -59.63
N HIS F 328 15.31 14.60 -60.87
CA HIS F 328 16.23 14.84 -61.96
C HIS F 328 15.50 15.39 -63.20
N GLY F 329 14.38 16.08 -62.97
CA GLY F 329 13.62 16.63 -64.08
C GLY F 329 14.34 17.85 -64.62
N LYS F 330 13.87 18.39 -65.70
CA LYS F 330 14.53 19.56 -66.21
C LYS F 330 13.66 20.77 -65.85
N SER F 331 14.23 21.94 -65.62
CA SER F 331 13.39 23.08 -65.33
C SER F 331 12.89 23.63 -66.67
N SER F 332 12.29 24.78 -66.64
CA SER F 332 11.80 25.38 -67.85
C SER F 332 12.23 26.84 -67.87
N ASP F 333 12.34 27.34 -69.10
CA ASP F 333 12.79 28.69 -69.39
C ASP F 333 11.82 29.39 -70.33
N TRP F 334 10.53 29.11 -70.15
CA TRP F 334 9.47 29.68 -70.98
C TRP F 334 8.08 29.17 -70.55
N GLY F 335 7.03 29.87 -70.99
CA GLY F 335 5.68 29.46 -70.64
C GLY F 335 5.32 29.88 -69.23
N PRO F 336 4.21 29.37 -68.69
CA PRO F 336 3.82 29.74 -67.33
C PRO F 336 4.59 28.86 -66.37
N VAL F 337 4.82 27.62 -66.79
CA VAL F 337 5.54 26.64 -65.98
C VAL F 337 6.96 27.06 -65.66
N ALA F 338 7.57 27.87 -66.53
CA ALA F 338 8.94 28.34 -66.36
C ALA F 338 9.33 28.67 -64.92
N GLY F 339 10.42 28.05 -64.44
CA GLY F 339 10.85 28.28 -63.08
C GLY F 339 10.43 27.08 -62.24
N TYR F 340 9.56 26.26 -62.81
CA TYR F 340 9.08 25.06 -62.14
C TYR F 340 9.54 23.83 -62.91
N ILE F 341 9.47 22.66 -62.30
CA ILE F 341 9.88 21.42 -62.97
C ILE F 341 8.65 20.72 -63.52
N PRO F 342 8.23 21.07 -64.73
CA PRO F 342 7.03 20.38 -65.22
C PRO F 342 7.13 18.86 -65.09
N PHE F 343 5.98 18.23 -64.93
CA PHE F 343 5.92 16.78 -64.86
C PHE F 343 5.91 16.43 -66.34
N ASP F 344 5.33 17.34 -67.12
CA ASP F 344 5.27 17.19 -68.56
C ASP F 344 6.62 17.73 -69.01
N GLN F 345 7.52 16.82 -69.38
CA GLN F 345 8.84 17.24 -69.80
C GLN F 345 8.82 18.17 -70.99
N ASP F 346 7.95 17.89 -71.97
CA ASP F 346 7.91 18.73 -73.15
C ASP F 346 7.60 20.20 -72.85
N LEU F 347 7.45 20.53 -71.57
CA LEU F 347 7.18 21.90 -71.16
C LEU F 347 8.39 22.44 -70.42
N SER F 348 9.56 21.97 -70.83
CA SER F 348 10.83 22.37 -70.23
C SER F 348 11.85 22.68 -71.31
N LYS F 349 13.04 23.06 -70.87
CA LYS F 349 14.16 23.43 -71.78
C LYS F 349 14.34 22.46 -72.93
N LYS F 350 14.14 21.18 -72.67
CA LYS F 350 14.33 20.17 -73.70
C LYS F 350 13.05 19.94 -74.52
N HIS F 351 12.52 21.06 -75.03
CA HIS F 351 11.31 21.10 -75.84
C HIS F 351 11.56 20.73 -77.31
N GLY F 352 11.46 19.43 -77.62
CA GLY F 352 11.69 18.98 -78.98
C GLY F 352 12.48 17.69 -79.03
N GLN F 353 13.59 17.62 -78.28
CA GLN F 353 14.44 16.44 -78.25
C GLN F 353 13.51 15.29 -77.89
N GLN F 354 12.98 14.66 -78.92
CA GLN F 354 12.05 13.56 -78.74
C GLN F 354 12.62 12.42 -77.87
N LEU F 355 13.73 12.67 -77.19
CA LEU F 355 14.33 11.66 -76.32
C LEU F 355 14.78 12.21 -74.97
N ALA F 356 15.18 13.48 -74.95
CA ALA F 356 15.58 14.10 -73.70
C ALA F 356 14.31 14.12 -72.89
N VAL F 357 13.20 14.21 -73.61
CA VAL F 357 11.86 14.25 -73.03
C VAL F 357 11.34 12.81 -72.89
N GLU F 358 11.51 11.99 -73.93
CA GLU F 358 11.05 10.59 -73.88
C GLU F 358 11.84 9.79 -72.84
N LYS F 359 12.97 10.35 -72.41
CA LYS F 359 13.78 9.73 -71.38
C LYS F 359 13.82 10.77 -70.27
N GLY F 360 13.08 11.84 -70.48
CA GLY F 360 12.98 12.92 -69.50
C GLY F 360 11.78 12.69 -68.60
N ASN F 361 10.62 12.44 -69.21
CA ASN F 361 9.44 12.17 -68.42
C ASN F 361 9.81 10.91 -67.66
N LEU F 362 10.37 9.95 -68.39
CA LEU F 362 10.77 8.67 -67.83
C LEU F 362 11.48 8.85 -66.50
N GLU F 363 11.95 10.07 -66.25
CA GLU F 363 12.67 10.40 -65.02
C GLU F 363 11.74 10.79 -63.86
N ASN F 364 10.86 11.75 -64.09
CA ASN F 364 9.91 12.22 -63.07
C ASN F 364 9.07 11.06 -62.61
N LYS F 365 8.52 10.32 -63.56
CA LYS F 365 7.70 9.17 -63.25
C LYS F 365 8.37 8.35 -62.13
N LYS F 366 9.63 7.94 -62.34
CA LYS F 366 10.35 7.16 -61.34
C LYS F 366 10.55 7.96 -60.05
N SER F 367 10.74 9.27 -60.20
CA SER F 367 10.97 10.13 -59.06
C SER F 367 9.87 9.91 -58.02
N ILE F 368 8.67 9.65 -58.51
CA ILE F 368 7.53 9.38 -57.66
C ILE F 368 7.42 7.89 -57.50
N THR F 369 7.37 7.19 -58.62
CA THR F 369 7.28 5.74 -58.63
C THR F 369 8.05 5.11 -57.46
N GLU F 370 9.15 5.72 -57.05
CA GLU F 370 9.97 5.20 -55.96
C GLU F 370 9.64 5.88 -54.64
N HIS F 371 10.13 7.11 -54.47
CA HIS F 371 9.90 7.87 -53.26
C HIS F 371 8.48 8.45 -53.25
N GLU F 372 7.45 7.60 -53.15
CA GLU F 372 6.10 8.13 -53.11
C GLU F 372 5.78 8.61 -51.70
N GLY F 373 5.12 9.75 -51.61
CA GLY F 373 4.80 10.30 -50.31
C GLY F 373 5.64 11.55 -50.14
N GLU F 374 6.90 11.48 -50.58
CA GLU F 374 7.80 12.61 -50.48
C GLU F 374 7.84 13.35 -51.84
N ILE F 375 7.91 12.61 -52.93
CA ILE F 375 7.95 13.23 -54.25
C ILE F 375 6.68 12.95 -55.07
N GLY F 376 5.99 14.02 -55.46
CA GLY F 376 4.78 13.87 -56.23
C GLY F 376 4.59 15.03 -57.20
N LYS F 377 3.43 15.06 -57.83
CA LYS F 377 3.06 16.09 -58.81
C LYS F 377 1.81 16.84 -58.38
N ILE F 378 1.83 18.16 -58.49
CA ILE F 378 0.66 18.93 -58.12
C ILE F 378 0.37 19.96 -59.21
N PRO F 379 -0.88 20.42 -59.30
CA PRO F 379 -1.26 21.41 -60.31
C PRO F 379 -0.64 22.76 -60.09
N LEU F 380 -0.32 23.42 -61.19
CA LEU F 380 0.30 24.73 -61.16
C LEU F 380 -0.67 25.81 -60.69
N LYS F 381 -0.15 26.78 -59.95
CA LYS F 381 -0.95 27.89 -59.43
C LYS F 381 -0.10 29.16 -59.32
N LEU F 382 0.16 29.79 -60.46
CA LEU F 382 0.95 31.02 -60.49
C LEU F 382 0.25 32.09 -59.67
N ASP F 383 0.93 32.65 -58.68
CA ASP F 383 0.29 33.67 -57.84
C ASP F 383 0.23 35.04 -58.52
N HIS F 384 -0.07 36.07 -57.74
CA HIS F 384 -0.20 37.42 -58.28
C HIS F 384 1.09 38.04 -58.81
N LEU F 385 2.05 38.27 -57.92
CA LEU F 385 3.34 38.87 -58.31
C LEU F 385 3.98 38.15 -59.47
N ARG F 386 4.14 36.84 -59.31
CA ARG F 386 4.76 36.00 -60.33
C ARG F 386 4.29 36.35 -61.74
N ILE F 387 2.98 36.47 -61.94
CA ILE F 387 2.45 36.82 -63.26
C ILE F 387 3.06 38.13 -63.73
N GLU F 388 2.84 39.19 -62.96
CA GLU F 388 3.37 40.48 -63.34
C GLU F 388 4.86 40.40 -63.65
N GLU F 389 5.55 39.43 -63.06
CA GLU F 389 7.00 39.26 -63.28
C GLU F 389 7.33 38.64 -64.64
N LEU F 390 6.86 37.41 -64.84
CA LEU F 390 7.09 36.70 -66.10
C LEU F 390 6.64 37.62 -67.23
N LYS F 391 6.13 38.78 -66.84
CA LYS F 391 5.64 39.77 -67.77
C LYS F 391 6.80 40.61 -68.31
N GLU F 392 7.22 41.62 -67.55
CA GLU F 392 8.30 42.48 -68.01
C GLU F 392 9.58 41.70 -68.33
N ASN F 393 9.63 40.43 -67.92
CA ASN F 393 10.80 39.63 -68.23
C ASN F 393 10.51 39.05 -69.61
N GLY F 394 9.25 39.10 -70.00
CA GLY F 394 8.82 38.63 -71.30
C GLY F 394 8.66 37.13 -71.52
N ILE F 395 8.02 36.43 -70.59
CA ILE F 395 7.83 35.00 -70.78
C ILE F 395 6.40 34.67 -71.14
N ILE F 396 5.48 35.52 -70.66
CA ILE F 396 4.04 35.38 -70.91
C ILE F 396 3.43 36.75 -71.19
N LEU F 397 2.28 36.75 -71.84
CA LEU F 397 1.55 37.98 -72.16
C LEU F 397 0.08 37.82 -71.77
N LYS F 398 -0.31 38.51 -70.70
CA LYS F 398 -1.70 38.44 -70.21
C LYS F 398 -2.60 39.31 -71.06
N GLY F 399 -3.61 38.70 -71.67
CA GLY F 399 -4.53 39.45 -72.52
C GLY F 399 -5.99 39.01 -72.53
N LYS F 400 -6.58 38.98 -73.73
CA LYS F 400 -7.99 38.63 -73.89
C LYS F 400 -8.48 37.51 -72.95
N LYS F 401 -9.76 37.63 -72.57
CA LYS F 401 -10.40 36.69 -71.67
C LYS F 401 -11.29 35.70 -72.41
N GLU F 402 -11.77 34.70 -71.68
CA GLU F 402 -12.64 33.68 -72.25
C GLU F 402 -13.49 33.08 -71.14
N ILE F 403 -14.51 32.30 -71.52
CA ILE F 403 -15.40 31.66 -70.56
C ILE F 403 -15.82 30.26 -70.91
N ASP F 404 -15.69 29.37 -69.95
CA ASP F 404 -16.08 27.99 -70.15
C ASP F 404 -16.73 27.43 -68.91
N ASN F 405 -17.80 26.66 -69.12
CA ASN F 405 -18.54 26.02 -68.05
C ASN F 405 -19.09 27.00 -67.02
N GLY F 406 -18.80 28.29 -67.21
CA GLY F 406 -19.30 29.30 -66.28
C GLY F 406 -18.21 30.00 -65.51
N LYS F 407 -17.00 29.47 -65.57
CA LYS F 407 -15.86 30.05 -64.87
C LYS F 407 -15.05 30.95 -65.78
N LYS F 408 -14.43 31.97 -65.19
CA LYS F 408 -13.64 32.92 -65.95
C LYS F 408 -12.23 32.40 -66.14
N TYR F 409 -11.64 32.77 -67.28
CA TYR F 409 -10.29 32.37 -67.64
C TYR F 409 -9.58 33.49 -68.38
N TYR F 410 -8.53 34.06 -67.77
CA TYR F 410 -7.76 35.09 -68.47
C TYR F 410 -6.85 34.24 -69.35
N LEU F 411 -6.64 34.66 -70.58
CA LEU F 411 -5.81 33.88 -71.49
C LEU F 411 -4.34 34.24 -71.39
N LEU F 412 -3.50 33.21 -71.29
CA LEU F 412 -2.07 33.41 -71.21
C LEU F 412 -1.46 33.00 -72.54
N GLU F 413 -0.82 33.97 -73.18
CA GLU F 413 -0.18 33.77 -74.48
C GLU F 413 1.34 33.57 -74.38
N SER F 414 1.85 32.62 -75.16
CA SER F 414 3.28 32.33 -75.23
C SER F 414 3.61 31.96 -76.67
N ASN F 415 4.56 32.68 -77.27
CA ASN F 415 4.89 32.45 -78.67
C ASN F 415 5.47 31.08 -78.98
N ASN F 416 4.92 30.05 -78.36
CA ASN F 416 5.35 28.70 -78.67
C ASN F 416 4.43 28.30 -79.80
N GLN F 417 4.75 27.22 -80.49
CA GLN F 417 3.94 26.79 -81.61
C GLN F 417 3.35 25.40 -81.44
N VAL F 418 3.02 25.00 -80.21
CA VAL F 418 2.43 23.68 -79.98
C VAL F 418 1.49 23.61 -78.78
N TYR F 419 1.67 24.52 -77.82
CA TYR F 419 0.83 24.52 -76.62
C TYR F 419 0.21 25.89 -76.38
N GLU F 420 -1.08 25.88 -76.03
CA GLU F 420 -1.77 27.13 -75.72
C GLU F 420 -2.03 27.02 -74.24
N PHE F 421 -1.86 28.13 -73.52
CA PHE F 421 -2.02 28.13 -72.09
C PHE F 421 -3.10 29.08 -71.58
N ARG F 422 -3.65 28.76 -70.41
CA ARG F 422 -4.68 29.59 -69.79
C ARG F 422 -4.73 29.42 -68.27
N ILE F 423 -4.74 30.52 -67.54
CA ILE F 423 -4.83 30.39 -66.07
C ILE F 423 -6.31 30.46 -65.68
N SER F 424 -6.63 30.15 -64.45
CA SER F 424 -8.04 30.25 -64.10
C SER F 424 -8.32 31.62 -63.50
N ASP F 425 -9.34 31.72 -62.67
CA ASP F 425 -9.70 32.96 -62.01
C ASP F 425 -10.03 32.71 -60.55
N GLU F 426 -10.82 31.67 -60.31
CA GLU F 426 -11.19 31.30 -58.96
C GLU F 426 -9.87 30.96 -58.28
N ASN F 427 -9.37 29.77 -58.59
CA ASN F 427 -8.08 29.30 -58.09
C ASN F 427 -7.20 29.56 -59.31
N ASN F 428 -6.11 30.28 -59.15
CA ASN F 428 -5.26 30.60 -60.27
C ASN F 428 -4.57 29.42 -60.94
N GLU F 429 -5.29 28.31 -61.13
CA GLU F 429 -4.67 27.18 -61.79
C GLU F 429 -4.24 27.62 -63.19
N VAL F 430 -3.60 26.72 -63.91
CA VAL F 430 -3.14 27.00 -65.25
C VAL F 430 -3.41 25.76 -66.07
N GLN F 431 -3.57 25.94 -67.37
CA GLN F 431 -3.85 24.81 -68.21
C GLN F 431 -3.29 24.96 -69.62
N TYR F 432 -3.04 23.82 -70.26
CA TYR F 432 -2.53 23.76 -71.63
C TYR F 432 -3.28 22.71 -72.46
N LYS F 433 -2.96 22.65 -73.75
CA LYS F 433 -3.59 21.70 -74.65
C LYS F 433 -2.86 21.82 -75.97
N THR F 434 -2.89 20.76 -76.79
CA THR F 434 -2.21 20.85 -78.06
C THR F 434 -3.12 21.68 -78.95
N LYS F 435 -2.54 22.56 -79.76
CA LYS F 435 -3.31 23.41 -80.66
C LYS F 435 -4.03 22.59 -81.73
N GLU F 436 -5.13 23.13 -82.25
CA GLU F 436 -5.94 22.48 -83.28
C GLU F 436 -5.20 22.22 -84.58
N GLY F 437 -3.90 22.52 -84.59
CA GLY F 437 -3.07 22.34 -85.76
C GLY F 437 -1.62 22.05 -85.38
N LYS F 438 -1.45 21.06 -84.51
CA LYS F 438 -0.12 20.66 -84.08
C LYS F 438 -0.17 19.42 -83.17
N ILE F 439 0.97 18.75 -83.04
CA ILE F 439 1.10 17.54 -82.23
C ILE F 439 2.30 17.63 -81.26
N THR F 440 2.43 16.62 -80.40
CA THR F 440 3.52 16.55 -79.44
C THR F 440 4.57 15.62 -80.03
N VAL F 441 5.85 15.98 -79.87
CA VAL F 441 6.93 15.15 -80.43
C VAL F 441 6.78 13.66 -80.15
N LEU F 442 6.13 13.31 -79.05
CA LEU F 442 5.95 11.89 -78.72
C LEU F 442 4.78 11.34 -79.52
N GLY F 443 3.89 12.22 -79.95
CA GLY F 443 2.74 11.81 -80.74
C GLY F 443 1.40 11.95 -80.04
N GLU F 444 1.30 12.95 -79.16
CA GLU F 444 0.08 13.17 -78.39
C GLU F 444 -0.65 14.45 -78.80
N LYS F 445 -1.93 14.54 -78.45
CA LYS F 445 -2.76 15.70 -78.75
C LYS F 445 -3.85 15.71 -77.69
N PHE F 446 -4.06 16.85 -77.02
CA PHE F 446 -5.09 16.91 -76.00
C PHE F 446 -5.74 18.26 -75.75
N ASN F 447 -6.84 18.27 -75.09
CA ASN F 447 -7.54 19.48 -74.79
C ASN F 447 -7.11 20.03 -73.43
N TRP F 448 -7.62 21.17 -73.06
CA TRP F 448 -7.25 21.77 -71.79
C TRP F 448 -7.11 20.81 -70.61
N ARG F 449 -5.94 20.81 -69.96
CA ARG F 449 -5.64 19.99 -68.78
C ARG F 449 -4.93 20.94 -67.82
N ASN F 450 -4.73 20.50 -66.59
CA ASN F 450 -4.06 21.35 -65.61
C ASN F 450 -2.56 21.05 -65.71
N ILE F 451 -1.74 22.10 -65.71
CA ILE F 451 -0.28 21.93 -65.79
C ILE F 451 0.24 21.39 -64.48
N GLU F 452 0.92 20.25 -64.54
CA GLU F 452 1.47 19.68 -63.32
C GLU F 452 2.98 19.92 -63.18
N VAL F 453 3.35 20.37 -61.99
CA VAL F 453 4.74 20.63 -61.68
C VAL F 453 5.14 19.54 -60.69
N MET F 454 6.43 19.40 -60.43
CA MET F 454 6.87 18.39 -59.47
C MET F 454 6.81 19.03 -58.11
N ALA F 455 6.62 18.21 -57.07
CA ALA F 455 6.55 18.73 -55.73
C ALA F 455 6.96 17.72 -54.66
N LYS F 456 7.95 18.09 -53.85
CA LYS F 456 8.42 17.23 -52.78
C LYS F 456 7.45 17.41 -51.64
N ASN F 457 7.74 16.75 -50.53
CA ASN F 457 6.88 16.82 -49.35
C ASN F 457 7.47 17.72 -48.27
N VAL F 458 6.78 18.80 -47.97
CA VAL F 458 7.21 19.77 -46.97
C VAL F 458 6.22 19.80 -45.81
N GLU F 459 6.61 19.25 -44.66
CA GLU F 459 5.72 19.25 -43.50
C GLU F 459 4.35 18.73 -43.95
N GLY F 460 4.34 17.52 -44.50
CA GLY F 460 3.09 16.94 -44.93
C GLY F 460 2.28 17.74 -45.92
N VAL F 461 2.93 18.48 -46.80
CA VAL F 461 2.19 19.24 -47.81
C VAL F 461 2.99 19.29 -49.10
N LEU F 462 2.49 18.67 -50.16
CA LEU F 462 3.23 18.70 -51.42
C LEU F 462 3.41 20.11 -51.98
N LYS F 463 4.56 20.72 -51.71
CA LYS F 463 4.84 22.04 -52.22
C LYS F 463 5.56 21.81 -53.56
N PRO F 464 5.41 22.74 -54.52
CA PRO F 464 6.05 22.63 -55.85
C PRO F 464 7.56 22.80 -55.80
N LEU F 465 8.22 22.33 -56.86
CA LEU F 465 9.69 22.39 -56.89
C LEU F 465 10.32 23.31 -57.93
N THR F 466 11.33 24.04 -57.47
CA THR F 466 12.10 24.94 -58.32
C THR F 466 13.53 24.66 -57.93
N ALA F 467 14.47 25.26 -58.64
CA ALA F 467 15.89 25.08 -58.39
C ALA F 467 16.29 25.26 -56.93
N ASP F 468 17.37 24.59 -56.53
CA ASP F 468 17.89 24.66 -55.17
C ASP F 468 19.21 25.39 -55.24
N TYR F 469 19.77 25.71 -54.09
CA TYR F 469 21.07 26.38 -54.06
C TYR F 469 22.09 25.25 -54.11
N ASP F 470 22.86 25.14 -55.18
CA ASP F 470 23.87 24.08 -55.24
C ASP F 470 25.22 24.67 -54.85
N LEU F 471 25.73 24.27 -53.69
CA LEU F 471 27.03 24.77 -53.21
C LEU F 471 28.22 24.30 -54.08
N PHE F 472 29.04 25.23 -54.56
CA PHE F 472 30.21 24.85 -55.37
C PHE F 472 31.33 24.33 -54.50
N ALA F 473 31.35 24.75 -53.24
CA ALA F 473 32.37 24.28 -52.31
C ALA F 473 32.25 25.04 -51.01
N LEU F 474 32.86 24.51 -49.96
CA LEU F 474 32.83 25.19 -48.68
C LEU F 474 34.25 25.28 -48.18
N ALA F 475 34.74 26.48 -47.91
CA ALA F 475 36.10 26.61 -47.42
C ALA F 475 36.10 27.12 -46.01
N PRO F 476 36.40 26.27 -45.04
CA PRO F 476 36.42 26.66 -43.64
C PRO F 476 37.82 27.03 -43.19
N SER F 477 37.93 27.96 -42.25
CA SER F 477 39.23 28.35 -41.77
C SER F 477 39.93 27.12 -41.26
N LEU F 478 41.19 26.98 -41.66
CA LEU F 478 41.98 25.85 -41.25
C LEU F 478 41.91 25.66 -39.74
N THR F 479 41.56 26.71 -39.02
CA THR F 479 41.47 26.58 -37.56
C THR F 479 40.11 26.10 -37.12
N GLU F 480 39.09 26.50 -37.87
CA GLU F 480 37.73 26.10 -37.56
C GLU F 480 37.65 24.58 -37.48
N ILE F 481 38.52 23.89 -38.20
CA ILE F 481 38.51 22.43 -38.17
C ILE F 481 39.03 21.94 -36.83
N LYS F 482 40.05 22.62 -36.29
CA LYS F 482 40.60 22.23 -34.99
C LYS F 482 39.46 22.24 -33.99
N LYS F 483 38.61 23.26 -34.09
CA LYS F 483 37.45 23.42 -33.22
C LYS F 483 36.45 22.35 -33.65
N GLN F 484 36.97 21.22 -34.10
CA GLN F 484 36.12 20.14 -34.56
C GLN F 484 36.59 18.85 -33.93
N ILE F 485 37.88 18.78 -33.66
CA ILE F 485 38.45 17.59 -33.04
C ILE F 485 38.23 17.66 -31.53
N PRO F 486 37.69 16.60 -30.94
CA PRO F 486 37.44 16.56 -29.49
C PRO F 486 38.76 16.69 -28.72
N GLN F 487 38.84 17.75 -27.92
CA GLN F 487 40.03 18.09 -27.14
C GLN F 487 40.93 17.00 -26.60
N LYS F 488 40.41 15.79 -26.46
CA LYS F 488 41.23 14.69 -25.96
C LYS F 488 41.96 13.97 -27.09
N GLU F 489 41.28 13.75 -28.21
CA GLU F 489 41.92 13.08 -29.32
C GLU F 489 43.11 13.90 -29.80
N TRP F 490 42.89 15.16 -30.14
CA TRP F 490 43.97 16.01 -30.63
C TRP F 490 45.06 16.07 -29.60
N ASP F 491 44.68 15.77 -28.36
CA ASP F 491 45.60 15.78 -27.23
C ASP F 491 46.43 14.50 -27.26
N LYS F 492 45.76 13.38 -27.06
CA LYS F 492 46.43 12.09 -27.07
C LYS F 492 47.38 11.93 -28.27
N VAL F 493 47.28 12.84 -29.23
CA VAL F 493 48.13 12.77 -30.41
C VAL F 493 49.42 13.57 -30.29
N VAL F 494 49.30 14.82 -29.85
CA VAL F 494 50.47 15.68 -29.73
C VAL F 494 51.37 15.29 -28.55
N ASN F 495 50.78 14.71 -27.51
CA ASN F 495 51.54 14.27 -26.34
C ASN F 495 52.30 13.00 -26.68
N THR F 496 52.83 12.94 -27.90
CA THR F 496 53.57 11.80 -28.40
C THR F 496 55.03 12.17 -28.61
N PRO F 497 55.95 11.22 -28.41
CA PRO F 497 57.39 11.42 -28.57
C PRO F 497 57.88 11.57 -30.00
N ASN F 498 57.69 10.51 -30.79
CA ASN F 498 58.12 10.47 -32.17
C ASN F 498 57.76 11.70 -32.99
N SER F 499 58.77 12.51 -33.31
CA SER F 499 58.58 13.73 -34.08
C SER F 499 57.88 13.44 -35.41
N LEU F 500 58.18 12.30 -36.00
CA LEU F 500 57.60 11.92 -37.27
C LEU F 500 56.16 11.49 -37.15
N GLU F 501 55.89 10.67 -36.13
CA GLU F 501 54.57 10.13 -35.88
C GLU F 501 53.63 11.20 -35.35
N LYS F 502 54.19 12.26 -34.77
CA LYS F 502 53.38 13.33 -34.24
C LYS F 502 52.79 14.13 -35.39
N GLN F 503 53.32 13.89 -36.58
CA GLN F 503 52.83 14.57 -37.78
C GLN F 503 51.74 13.67 -38.34
N LYS F 504 52.13 12.44 -38.64
CA LYS F 504 51.19 11.47 -39.17
C LYS F 504 49.93 11.55 -38.34
N GLY F 505 50.09 11.52 -37.01
CA GLY F 505 48.94 11.60 -36.13
C GLY F 505 48.08 12.83 -36.42
N VAL F 506 48.73 13.98 -36.51
CA VAL F 506 48.04 15.23 -36.80
C VAL F 506 47.31 15.12 -38.13
N THR F 507 48.07 14.99 -39.20
CA THR F 507 47.52 14.87 -40.56
C THR F 507 46.27 13.98 -40.58
N ASN F 508 46.37 12.77 -40.02
CA ASN F 508 45.22 11.89 -40.00
C ASN F 508 44.07 12.55 -39.28
N LEU F 509 44.36 13.32 -38.24
CA LEU F 509 43.31 14.02 -37.53
C LEU F 509 42.65 15.04 -38.47
N LEU F 510 43.51 15.84 -39.11
CA LEU F 510 43.10 16.87 -40.06
C LEU F 510 42.22 16.18 -41.10
N ILE F 511 42.64 14.98 -41.51
CA ILE F 511 41.94 14.18 -42.51
C ILE F 511 40.61 13.65 -41.97
N LYS F 512 40.66 12.98 -40.82
CA LYS F 512 39.47 12.41 -40.20
C LYS F 512 38.42 13.46 -39.85
N TYR F 513 38.85 14.63 -39.40
CA TYR F 513 37.89 15.67 -39.04
C TYR F 513 37.66 16.71 -40.08
N GLY F 514 38.49 16.74 -41.12
CA GLY F 514 38.33 17.78 -42.10
C GLY F 514 38.15 17.42 -43.55
N ILE F 515 38.99 16.54 -44.05
CA ILE F 515 38.94 16.15 -45.45
C ILE F 515 37.97 14.99 -45.80
N GLU F 516 37.91 13.98 -44.93
CA GLU F 516 37.07 12.81 -45.15
C GLU F 516 35.66 13.15 -45.57
N ARG F 517 35.12 12.31 -46.44
CA ARG F 517 33.78 12.47 -46.99
C ARG F 517 33.05 11.13 -47.08
N LYS F 518 32.04 10.94 -46.24
CA LYS F 518 31.27 9.70 -46.25
C LYS F 518 30.06 9.99 -47.13
N PRO F 519 29.36 8.94 -47.59
CA PRO F 519 28.18 9.14 -48.42
C PRO F 519 26.98 9.43 -47.52
N ASP F 520 25.78 9.44 -48.09
CA ASP F 520 24.65 9.75 -47.24
C ASP F 520 23.33 9.37 -47.85
N SER F 521 22.48 8.88 -46.97
CA SER F 521 21.13 8.44 -47.27
C SER F 521 20.32 9.54 -47.93
N THR F 522 20.48 10.77 -47.44
CA THR F 522 19.73 11.88 -47.98
C THR F 522 20.49 13.07 -48.57
N LYS F 523 21.56 13.51 -47.92
CA LYS F 523 22.28 14.70 -48.38
C LYS F 523 23.44 14.56 -49.36
N GLY F 524 23.40 13.54 -50.20
CA GLY F 524 24.46 13.31 -51.17
C GLY F 524 25.70 12.73 -50.51
N THR F 525 26.86 13.17 -50.98
CA THR F 525 28.14 12.73 -50.43
C THR F 525 28.79 13.97 -49.89
N LEU F 526 28.91 14.09 -48.57
CA LEU F 526 29.53 15.28 -48.03
C LEU F 526 30.19 15.07 -46.71
N SER F 527 31.01 16.04 -46.35
CA SER F 527 31.75 16.01 -45.11
C SER F 527 30.77 16.02 -43.97
N ASN F 528 31.32 15.95 -42.75
CA ASN F 528 30.49 16.02 -41.57
C ASN F 528 30.23 17.47 -41.22
N TRP F 529 31.28 18.27 -41.08
CA TRP F 529 31.07 19.69 -40.80
C TRP F 529 30.30 20.27 -41.97
N GLN F 530 30.53 19.72 -43.16
CA GLN F 530 29.81 20.19 -44.32
C GLN F 530 28.33 20.09 -44.08
N LYS F 531 27.91 19.02 -43.43
CA LYS F 531 26.50 18.88 -43.14
C LYS F 531 26.14 19.93 -42.11
N GLN F 532 26.87 19.97 -41.01
CA GLN F 532 26.58 20.95 -39.97
C GLN F 532 26.46 22.33 -40.60
N MET F 533 27.37 22.65 -41.51
CA MET F 533 27.33 23.93 -42.19
C MET F 533 26.04 23.97 -42.99
N LEU F 534 25.76 22.87 -43.68
CA LEU F 534 24.58 22.78 -44.50
C LEU F 534 23.32 23.04 -43.68
N ASP F 535 23.38 22.76 -42.39
CA ASP F 535 22.19 23.03 -41.58
C ASP F 535 22.10 24.52 -41.32
N ARG F 536 23.09 25.09 -40.62
CA ARG F 536 23.10 26.51 -40.30
C ARG F 536 22.67 27.40 -41.44
N LEU F 537 22.89 26.96 -42.68
CA LEU F 537 22.49 27.76 -43.82
C LEU F 537 20.97 27.72 -43.93
N ASN F 538 20.40 26.53 -43.86
CA ASN F 538 18.95 26.36 -43.95
C ASN F 538 18.18 27.01 -42.80
N GLU F 539 18.65 26.82 -41.56
CA GLU F 539 18.00 27.40 -40.39
C GLU F 539 18.17 28.91 -40.40
N ALA F 540 19.20 29.37 -41.09
CA ALA F 540 19.45 30.79 -41.17
C ALA F 540 18.47 31.43 -42.13
N VAL F 541 18.20 30.75 -43.25
CA VAL F 541 17.26 31.29 -44.22
C VAL F 541 15.84 30.94 -43.85
N LYS F 542 15.65 30.53 -42.60
CA LYS F 542 14.32 30.18 -42.13
C LYS F 542 13.85 31.23 -41.13
N TYR F 543 14.76 31.72 -40.29
CA TYR F 543 14.43 32.76 -39.31
C TYR F 543 14.31 34.08 -40.07
N THR F 544 14.38 33.95 -41.40
CA THR F 544 14.28 35.08 -42.30
C THR F 544 12.86 35.16 -42.79
N GLY F 545 12.26 34.00 -43.05
CA GLY F 545 10.88 33.95 -43.52
C GLY F 545 10.59 32.98 -44.65
N TYR F 546 11.40 31.93 -44.80
CA TYR F 546 11.18 30.94 -45.86
C TYR F 546 10.23 29.88 -45.32
N THR F 547 9.37 29.36 -46.21
CA THR F 547 8.37 28.35 -45.84
C THR F 547 8.43 27.08 -46.67
N GLY F 548 9.56 26.80 -47.31
CA GLY F 548 9.67 25.60 -48.13
C GLY F 548 10.69 24.64 -47.55
N GLY F 549 11.11 24.93 -46.32
CA GLY F 549 12.06 24.07 -45.67
C GLY F 549 13.51 24.47 -45.86
N ASP F 550 14.29 23.54 -46.43
CA ASP F 550 15.72 23.74 -46.68
C ASP F 550 15.91 24.28 -48.09
N VAL F 551 17.00 25.00 -48.31
CA VAL F 551 17.24 25.55 -49.64
C VAL F 551 18.59 25.09 -50.17
N VAL F 552 19.25 24.22 -49.39
CA VAL F 552 20.54 23.61 -49.74
C VAL F 552 20.32 22.15 -49.35
N ASN F 553 20.19 21.29 -50.36
CA ASN F 553 19.88 19.88 -50.10
C ASN F 553 20.96 18.79 -50.08
N HIS F 554 22.16 19.08 -50.59
CA HIS F 554 23.22 18.07 -50.66
C HIS F 554 24.61 18.70 -50.61
N GLY F 555 25.61 17.83 -50.48
CA GLY F 555 27.00 18.25 -50.42
C GLY F 555 27.47 19.15 -51.56
N THR F 556 28.72 19.56 -51.47
CA THR F 556 29.33 20.46 -52.45
C THR F 556 29.67 19.87 -53.79
N GLU F 557 29.34 20.59 -54.85
CA GLU F 557 29.65 20.15 -56.21
C GLU F 557 31.05 19.52 -56.42
N GLN F 558 31.97 19.78 -55.49
CA GLN F 558 33.33 19.25 -55.57
C GLN F 558 33.35 17.80 -55.13
N ASP F 559 32.18 17.18 -55.18
CA ASP F 559 32.00 15.78 -54.84
C ASP F 559 31.09 15.16 -55.88
N ASN F 560 30.62 16.04 -56.75
CA ASN F 560 29.79 15.58 -57.84
C ASN F 560 30.81 15.00 -58.82
N GLU F 561 31.48 13.93 -58.39
CA GLU F 561 32.47 13.21 -59.21
C GLU F 561 31.85 12.58 -60.48
N GLU F 562 30.65 12.05 -60.30
CA GLU F 562 29.85 11.43 -61.33
C GLU F 562 29.57 12.35 -62.51
N PHE F 563 28.70 13.34 -62.32
CA PHE F 563 28.33 14.26 -63.41
C PHE F 563 28.72 15.70 -63.13
N PRO F 564 30.02 15.95 -62.91
CA PRO F 564 30.58 17.26 -62.63
C PRO F 564 30.25 18.26 -63.72
N GLU F 565 29.97 19.51 -63.35
CA GLU F 565 29.64 20.54 -64.34
C GLU F 565 30.54 21.77 -64.16
N LYS F 566 31.00 22.31 -65.29
CA LYS F 566 31.91 23.45 -65.29
C LYS F 566 31.24 24.82 -65.41
N ASP F 567 30.97 25.45 -64.28
CA ASP F 567 30.34 26.77 -64.29
C ASP F 567 31.35 27.87 -64.37
N ASN F 568 31.08 28.82 -65.26
CA ASN F 568 31.99 29.92 -65.41
C ASN F 568 31.89 30.79 -64.17
N GLU F 569 30.83 31.58 -64.10
CA GLU F 569 30.63 32.47 -62.96
C GLU F 569 30.32 31.71 -61.66
N ILE F 570 30.92 32.14 -60.56
CA ILE F 570 30.70 31.51 -59.27
C ILE F 570 30.59 32.56 -58.18
N PHE F 571 29.43 32.64 -57.55
CA PHE F 571 29.20 33.56 -56.45
C PHE F 571 29.96 32.98 -55.23
N ILE F 572 30.68 33.84 -54.51
CA ILE F 572 31.44 33.43 -53.31
C ILE F 572 31.06 34.38 -52.20
N ILE F 573 31.40 34.05 -50.97
CA ILE F 573 31.06 34.92 -49.85
C ILE F 573 32.14 34.86 -48.79
N ASN F 574 33.18 35.70 -48.88
CA ASN F 574 34.27 35.60 -47.90
C ASN F 574 33.82 35.66 -46.48
N PRO F 575 34.61 35.12 -45.56
CA PRO F 575 34.30 35.08 -44.12
C PRO F 575 34.06 36.42 -43.47
N GLU F 576 33.76 37.42 -44.30
CA GLU F 576 33.53 38.77 -43.81
C GLU F 576 32.14 39.31 -44.16
N GLY F 577 31.67 38.98 -45.35
CA GLY F 577 30.35 39.44 -45.74
C GLY F 577 30.31 40.13 -47.08
N GLU F 578 31.31 39.88 -47.91
CA GLU F 578 31.38 40.49 -49.22
C GLU F 578 31.00 39.49 -50.28
N PHE F 579 30.07 39.88 -51.15
CA PHE F 579 29.63 38.99 -52.21
C PHE F 579 30.53 39.19 -53.41
N ILE F 580 31.18 38.12 -53.82
CA ILE F 580 32.10 38.18 -54.94
C ILE F 580 31.71 37.15 -55.97
N LEU F 581 31.49 37.60 -57.19
CA LEU F 581 31.14 36.65 -58.23
C LEU F 581 32.25 36.58 -59.24
N THR F 582 32.96 35.47 -59.31
CA THR F 582 34.03 35.36 -60.30
C THR F 582 33.44 35.36 -61.71
N LYS F 583 34.28 35.18 -62.72
CA LYS F 583 33.81 35.21 -64.11
C LYS F 583 34.40 34.11 -64.99
N ASN F 584 35.42 33.43 -64.50
CA ASN F 584 36.04 32.38 -65.28
C ASN F 584 36.20 31.09 -64.51
N TRP F 585 36.55 30.03 -65.22
CA TRP F 585 36.78 28.77 -64.57
C TRP F 585 38.19 28.94 -64.03
N GLU F 586 38.95 29.79 -64.73
CA GLU F 586 40.32 30.10 -64.37
C GLU F 586 40.30 31.08 -63.21
N MET F 587 39.69 32.24 -63.45
CA MET F 587 39.61 33.23 -62.40
C MET F 587 39.20 32.53 -61.13
N THR F 588 38.14 31.72 -61.25
CA THR F 588 37.61 30.98 -60.12
C THR F 588 38.70 30.16 -59.49
N GLY F 589 39.44 29.45 -60.32
CA GLY F 589 40.51 28.63 -59.77
C GLY F 589 41.64 29.49 -59.25
N ARG F 590 41.70 30.71 -59.81
CA ARG F 590 42.70 31.72 -59.50
C ARG F 590 42.36 32.43 -58.20
N PHE F 591 41.07 32.70 -58.00
CA PHE F 591 40.63 33.37 -56.78
C PHE F 591 40.71 32.43 -55.59
N ILE F 592 40.67 31.12 -55.85
CA ILE F 592 40.75 30.19 -54.75
C ILE F 592 42.20 30.03 -54.31
N GLU F 593 43.13 30.06 -55.27
CA GLU F 593 44.56 29.93 -54.96
C GLU F 593 45.03 31.09 -54.12
N LYS F 594 44.65 32.28 -54.55
CA LYS F 594 45.03 33.53 -53.90
C LYS F 594 44.40 33.80 -52.53
N ASN F 595 43.08 33.67 -52.44
CA ASN F 595 42.39 33.95 -51.18
C ASN F 595 42.00 32.78 -50.31
N ILE F 596 41.88 31.58 -50.88
CA ILE F 596 41.51 30.41 -50.09
C ILE F 596 42.73 29.52 -49.88
N THR F 597 43.06 28.70 -50.88
CA THR F 597 44.21 27.81 -50.79
C THR F 597 45.32 28.46 -49.96
N GLY F 598 46.03 29.40 -50.59
CA GLY F 598 47.18 30.16 -50.06
C GLY F 598 46.83 31.12 -48.95
N LYS F 599 45.61 31.05 -48.46
CA LYS F 599 45.28 31.80 -47.29
C LYS F 599 45.12 30.67 -46.33
N ASP F 600 44.64 30.75 -45.14
CA ASP F 600 44.81 29.48 -44.44
C ASP F 600 43.50 28.69 -44.33
N TYR F 601 42.88 28.46 -45.47
CA TYR F 601 41.59 27.79 -45.53
C TYR F 601 41.65 26.38 -46.14
N LEU F 602 41.05 25.42 -45.48
CA LEU F 602 41.04 24.06 -45.99
C LEU F 602 40.12 23.92 -47.18
N TYR F 603 40.70 23.70 -48.35
CA TYR F 603 39.89 23.50 -49.54
C TYR F 603 40.35 22.21 -50.18
N TYR F 604 39.47 21.55 -50.92
CA TYR F 604 39.86 20.32 -51.62
C TYR F 604 39.09 20.31 -52.93
N PHE F 605 39.77 20.02 -54.03
CA PHE F 605 39.11 20.05 -55.32
C PHE F 605 38.66 18.71 -55.84
N ASN F 606 37.58 18.75 -56.62
CA ASN F 606 36.93 17.58 -57.20
C ASN F 606 37.78 16.45 -57.67
N ARG F 607 37.58 15.31 -57.04
CA ARG F 607 38.34 14.12 -57.34
C ARG F 607 38.38 13.84 -58.81
N SER F 608 37.34 14.21 -59.53
CA SER F 608 37.34 13.90 -60.94
C SER F 608 37.90 14.96 -61.85
N TYR F 609 38.55 15.96 -61.25
CA TYR F 609 39.14 17.02 -62.07
C TYR F 609 40.43 16.45 -62.65
N ASN F 610 40.65 16.69 -63.94
CA ASN F 610 41.83 16.21 -64.67
C ASN F 610 41.67 14.77 -65.17
N LYS F 611 40.57 14.12 -64.80
CA LYS F 611 40.31 12.77 -65.25
C LYS F 611 39.03 12.87 -66.05
N ILE F 612 38.59 11.76 -66.63
CA ILE F 612 37.35 11.78 -67.39
C ILE F 612 36.32 11.27 -66.40
N ALA F 613 35.27 12.05 -66.16
CA ALA F 613 34.24 11.65 -65.21
C ALA F 613 33.27 10.63 -65.81
N PRO F 614 33.24 9.42 -65.26
CA PRO F 614 32.41 8.29 -65.68
C PRO F 614 31.04 8.62 -66.26
N GLY F 615 30.18 9.19 -65.42
CA GLY F 615 28.83 9.54 -65.83
C GLY F 615 28.69 10.34 -67.11
N ASN F 616 29.05 11.61 -67.08
CA ASN F 616 28.94 12.44 -68.26
C ASN F 616 30.22 12.37 -69.09
N LYS F 617 31.11 11.48 -68.70
CA LYS F 617 32.37 11.29 -69.41
C LYS F 617 33.00 12.65 -69.79
N ALA F 618 33.19 13.50 -68.79
CA ALA F 618 33.76 14.83 -69.01
C ALA F 618 35.12 15.06 -68.36
N TYR F 619 35.91 15.90 -69.01
CA TYR F 619 37.25 16.23 -68.57
C TYR F 619 37.29 17.71 -68.15
N ILE F 620 37.47 17.96 -66.85
CA ILE F 620 37.56 19.33 -66.35
C ILE F 620 38.92 19.55 -65.69
N GLU F 621 39.70 20.46 -66.27
CA GLU F 621 41.04 20.78 -65.81
C GLU F 621 41.10 21.66 -64.56
N TRP F 622 42.07 21.38 -63.68
CA TRP F 622 42.27 22.13 -62.43
C TRP F 622 43.69 21.98 -61.91
N THR F 623 44.48 23.04 -62.00
CA THR F 623 45.88 23.05 -61.54
C THR F 623 46.20 22.20 -60.32
N ASP F 624 46.78 21.02 -60.56
CA ASP F 624 47.16 20.11 -59.48
C ASP F 624 48.68 20.22 -59.36
N PRO F 625 49.15 20.79 -58.23
CA PRO F 625 50.56 20.97 -57.95
C PRO F 625 51.30 19.67 -57.93
N ILE F 626 50.69 18.60 -57.43
CA ILE F 626 51.44 17.37 -57.42
C ILE F 626 51.90 17.07 -58.83
N THR F 627 50.97 17.13 -59.76
CA THR F 627 51.27 16.88 -61.14
C THR F 627 52.35 17.86 -61.63
N LYS F 628 52.34 19.06 -61.05
CA LYS F 628 53.32 20.10 -61.39
C LYS F 628 54.73 19.49 -61.33
N ALA F 629 55.04 18.93 -60.16
CA ALA F 629 56.32 18.32 -59.87
C ALA F 629 56.51 16.93 -60.40
N LYS F 630 55.58 16.41 -61.18
CA LYS F 630 55.79 15.05 -61.65
C LYS F 630 56.93 15.01 -62.66
N ILE F 631 57.01 16.02 -63.52
CA ILE F 631 58.06 16.07 -64.52
C ILE F 631 59.44 15.80 -63.99
N ASN F 632 59.74 16.25 -62.76
CA ASN F 632 61.08 16.03 -62.19
C ASN F 632 61.08 15.04 -61.08
N THR F 633 60.28 13.99 -61.17
CA THR F 633 60.27 13.00 -60.12
C THR F 633 60.42 11.60 -60.66
N ILE F 634 61.38 10.86 -60.12
CA ILE F 634 61.59 9.48 -60.56
C ILE F 634 60.36 8.70 -60.11
N PRO F 635 59.79 7.91 -61.02
CA PRO F 635 58.60 7.11 -60.70
C PRO F 635 58.81 6.08 -59.61
N THR F 636 57.70 5.51 -59.16
CA THR F 636 57.69 4.48 -58.13
C THR F 636 57.51 3.08 -58.74
N SER F 637 58.02 2.07 -58.04
CA SER F 637 57.89 0.69 -58.52
C SER F 637 56.49 0.52 -59.04
N ALA F 638 55.53 0.77 -58.16
CA ALA F 638 54.11 0.63 -58.48
C ALA F 638 53.55 1.63 -59.49
N GLU F 639 54.14 2.81 -59.56
CA GLU F 639 53.65 3.78 -60.51
C GLU F 639 54.03 3.20 -61.85
N PHE F 640 55.19 2.53 -61.85
CA PHE F 640 55.77 1.92 -63.04
C PHE F 640 55.02 0.69 -63.49
N ILE F 641 54.97 -0.31 -62.64
CA ILE F 641 54.23 -1.52 -62.99
C ILE F 641 52.89 -1.06 -63.56
N LYS F 642 52.16 -0.26 -62.80
CA LYS F 642 50.86 0.26 -63.23
C LYS F 642 50.85 0.67 -64.69
N ASN F 643 51.66 1.67 -65.05
CA ASN F 643 51.73 2.16 -66.44
C ASN F 643 51.93 1.04 -67.45
N LEU F 644 52.71 0.02 -67.08
CA LEU F 644 52.92 -1.11 -67.98
C LEU F 644 51.55 -1.76 -68.09
N SER F 645 51.01 -2.15 -66.94
CA SER F 645 49.70 -2.77 -66.86
C SER F 645 48.67 -2.02 -67.70
N SER F 646 48.90 -0.73 -67.91
CA SER F 646 47.97 0.03 -68.71
C SER F 646 48.15 -0.26 -70.18
N ILE F 647 49.28 0.16 -70.73
CA ILE F 647 49.58 -0.05 -72.15
C ILE F 647 49.22 -1.46 -72.63
N ARG F 648 49.24 -2.41 -71.70
CA ARG F 648 48.90 -3.79 -72.02
C ARG F 648 47.47 -3.70 -72.55
N ARG F 649 46.56 -3.29 -71.67
CA ARG F 649 45.16 -3.19 -72.05
C ARG F 649 44.93 -2.22 -73.23
N SER F 650 46.03 -1.49 -73.71
CA SER F 650 45.93 -0.54 -74.80
C SER F 650 46.39 -1.18 -76.11
N SER F 651 47.72 -1.19 -76.31
CA SER F 651 48.19 -2.04 -77.37
C SER F 651 48.00 -3.35 -76.68
N ASN F 652 47.31 -4.28 -77.31
CA ASN F 652 47.12 -5.57 -76.62
C ASN F 652 48.41 -6.35 -76.50
N VAL F 653 49.54 -5.71 -76.33
CA VAL F 653 50.78 -6.45 -76.21
C VAL F 653 51.62 -5.94 -75.06
N GLY F 654 52.01 -6.89 -74.15
CA GLY F 654 52.81 -6.43 -73.03
C GLY F 654 54.30 -6.39 -73.29
N VAL F 655 55.02 -5.62 -72.47
CA VAL F 655 56.48 -5.49 -72.61
C VAL F 655 57.13 -6.81 -72.91
N TYR F 656 56.70 -7.85 -72.22
CA TYR F 656 57.27 -9.16 -72.43
C TYR F 656 56.16 -10.16 -72.67
N LYS F 657 56.36 -11.03 -73.66
CA LYS F 657 55.35 -12.03 -73.99
C LYS F 657 55.64 -13.33 -73.27
N ASP F 658 54.61 -14.14 -73.06
CA ASP F 658 54.79 -15.44 -72.44
C ASP F 658 55.12 -16.30 -73.64
N SER F 659 56.42 -16.55 -73.86
CA SER F 659 56.87 -17.33 -75.01
C SER F 659 58.15 -18.07 -74.68
N GLY F 660 58.69 -18.73 -75.71
CA GLY F 660 59.91 -19.47 -75.56
C GLY F 660 61.13 -18.65 -75.92
N ASP F 661 60.97 -17.64 -76.79
CA ASP F 661 62.10 -16.80 -77.18
C ASP F 661 62.79 -16.47 -75.88
N LYS F 662 64.11 -16.53 -75.86
CA LYS F 662 64.82 -16.24 -74.62
C LYS F 662 65.12 -14.78 -74.53
N ASP F 663 64.67 -14.02 -75.51
CA ASP F 663 64.91 -12.59 -75.44
C ASP F 663 63.77 -11.94 -74.73
N GLU F 664 62.59 -12.52 -74.90
CA GLU F 664 61.41 -12.01 -74.24
C GLU F 664 61.77 -12.09 -72.75
N PHE F 665 62.21 -13.26 -72.31
CA PHE F 665 62.60 -13.44 -70.92
C PHE F 665 63.54 -12.28 -70.57
N ALA F 666 64.66 -12.20 -71.27
CA ALA F 666 65.62 -11.12 -71.06
C ALA F 666 64.88 -9.86 -70.68
N LYS F 667 64.06 -9.38 -71.63
CA LYS F 667 63.27 -8.17 -71.42
C LYS F 667 62.54 -8.25 -70.10
N LYS F 668 61.81 -9.35 -69.89
CA LYS F 668 61.10 -9.51 -68.62
C LYS F 668 62.11 -9.28 -67.49
N GLU F 669 63.03 -10.22 -67.32
CA GLU F 669 64.02 -10.11 -66.26
C GLU F 669 64.46 -8.68 -66.06
N SER F 670 64.61 -7.98 -67.17
CA SER F 670 65.05 -6.59 -67.15
C SER F 670 64.12 -5.61 -66.47
N VAL F 671 62.83 -5.67 -66.79
CA VAL F 671 61.90 -4.74 -66.16
C VAL F 671 61.80 -5.10 -64.70
N LYS F 672 61.93 -6.36 -64.36
CA LYS F 672 61.86 -6.75 -62.97
C LYS F 672 63.05 -6.10 -62.28
N LYS F 673 64.05 -5.72 -63.07
CA LYS F 673 65.26 -5.06 -62.55
C LYS F 673 65.03 -3.58 -62.28
N ILE F 674 64.32 -2.91 -63.18
CA ILE F 674 64.02 -1.50 -63.02
C ILE F 674 63.02 -1.37 -61.87
N ALA F 675 62.09 -2.32 -61.83
CA ALA F 675 61.06 -2.35 -60.81
C ALA F 675 61.74 -2.29 -59.47
N GLY F 676 62.94 -2.84 -59.40
CA GLY F 676 63.67 -2.77 -58.14
C GLY F 676 64.25 -1.36 -57.97
N TYR F 677 65.31 -1.09 -58.74
CA TYR F 677 66.00 0.20 -58.74
C TYR F 677 65.06 1.33 -58.36
N LEU F 678 63.89 1.39 -58.98
CA LEU F 678 62.95 2.44 -58.63
C LEU F 678 62.57 2.25 -57.17
N SER F 679 62.03 1.09 -56.86
CA SER F 679 61.62 0.80 -55.51
C SER F 679 62.74 1.05 -54.54
N ASP F 680 63.98 0.95 -55.02
CA ASP F 680 65.13 1.15 -54.14
C ASP F 680 65.39 2.64 -53.90
N TYR F 681 65.03 3.47 -54.85
CA TYR F 681 65.22 4.91 -54.72
C TYR F 681 64.46 5.35 -53.49
N TYR F 682 63.20 4.95 -53.44
CA TYR F 682 62.33 5.31 -52.33
C TYR F 682 62.44 4.37 -51.12
N ASN F 683 63.60 4.36 -50.48
CA ASN F 683 63.78 3.50 -49.29
C ASN F 683 63.68 4.34 -48.04
N SER F 684 62.91 3.85 -47.07
CA SER F 684 62.70 4.56 -45.82
C SER F 684 63.92 4.58 -44.92
N ALA F 685 64.88 3.71 -45.18
CA ALA F 685 66.08 3.70 -44.35
C ALA F 685 67.07 4.71 -44.92
N ASN F 686 66.62 5.58 -45.81
CA ASN F 686 67.49 6.62 -46.36
C ASN F 686 67.62 7.65 -45.25
N HIS F 687 66.95 7.41 -44.12
CA HIS F 687 66.95 8.34 -42.98
C HIS F 687 68.16 8.30 -42.06
N ILE F 688 68.77 7.13 -41.92
CA ILE F 688 69.95 7.00 -41.08
C ILE F 688 71.18 7.53 -41.81
N PHE F 689 70.93 8.28 -42.88
CA PHE F 689 72.02 8.85 -43.63
C PHE F 689 71.93 10.35 -43.50
N SER F 690 72.94 11.04 -44.03
CA SER F 690 73.00 12.50 -43.99
C SER F 690 72.44 13.09 -45.26
N GLN F 691 71.77 14.22 -45.15
CA GLN F 691 71.18 14.87 -46.32
C GLN F 691 72.07 14.72 -47.54
N GLU F 692 73.37 14.93 -47.34
CA GLU F 692 74.36 14.83 -48.41
C GLU F 692 74.25 13.48 -49.12
N LYS F 693 74.59 12.41 -48.40
CA LYS F 693 74.55 11.07 -48.96
C LYS F 693 73.21 10.79 -49.66
N LYS F 694 72.11 11.02 -48.94
CA LYS F 694 70.77 10.82 -49.49
C LYS F 694 70.78 11.21 -50.97
N ARG F 695 71.32 12.39 -51.30
CA ARG F 695 71.36 12.82 -52.70
C ARG F 695 72.22 11.91 -53.54
N LYS F 696 73.43 11.65 -53.06
CA LYS F 696 74.34 10.77 -53.76
C LYS F 696 73.68 9.40 -53.88
N ILE F 697 73.59 8.70 -52.76
CA ILE F 697 72.99 7.38 -52.73
C ILE F 697 71.79 7.23 -53.68
N SER F 698 70.95 8.26 -53.74
CA SER F 698 69.76 8.26 -54.61
C SER F 698 70.08 8.60 -56.06
N ILE F 699 71.03 9.50 -56.29
CA ILE F 699 71.37 9.82 -57.67
C ILE F 699 71.85 8.56 -58.34
N PHE F 700 72.47 7.68 -57.58
CA PHE F 700 72.95 6.46 -58.18
C PHE F 700 71.77 5.54 -58.48
N ARG F 701 71.00 5.24 -57.44
CA ARG F 701 69.81 4.40 -57.56
C ARG F 701 69.09 4.93 -58.79
N GLY F 702 68.97 6.24 -58.88
CA GLY F 702 68.32 6.83 -60.01
C GLY F 702 69.00 6.32 -61.26
N ILE F 703 70.24 6.77 -61.47
CA ILE F 703 71.07 6.40 -62.62
C ILE F 703 70.99 4.93 -63.01
N GLN F 704 71.08 4.06 -62.02
CA GLN F 704 71.00 2.63 -62.24
C GLN F 704 69.75 2.33 -63.03
N ALA F 705 68.67 3.01 -62.66
CA ALA F 705 67.40 2.84 -63.33
C ALA F 705 67.54 3.28 -64.79
N TYR F 706 68.01 4.52 -64.96
CA TYR F 706 68.19 5.09 -66.29
C TYR F 706 68.98 4.14 -67.17
N ASN F 707 69.71 3.23 -66.52
CA ASN F 707 70.52 2.26 -67.24
C ASN F 707 69.65 1.13 -67.75
N GLU F 708 69.21 0.23 -66.87
CA GLU F 708 68.37 -0.87 -67.31
C GLU F 708 67.25 -0.40 -68.22
N ILE F 709 67.00 0.90 -68.23
CA ILE F 709 65.99 1.45 -69.13
C ILE F 709 66.72 1.57 -70.46
N GLU F 710 67.85 2.26 -70.42
CA GLU F 710 68.68 2.48 -71.59
C GLU F 710 68.99 1.14 -72.25
N ASN F 711 68.96 0.08 -71.44
CA ASN F 711 69.25 -1.27 -71.90
C ASN F 711 68.11 -1.83 -72.73
N VAL F 712 66.88 -1.69 -72.25
CA VAL F 712 65.75 -2.23 -72.99
C VAL F 712 65.39 -1.39 -74.22
N LEU F 713 65.54 -0.07 -74.12
CA LEU F 713 65.22 0.81 -75.25
C LEU F 713 66.06 0.36 -76.45
N LYS F 714 67.18 -0.25 -76.13
CA LYS F 714 68.12 -0.77 -77.12
C LYS F 714 68.01 -2.29 -77.00
N SER F 715 66.84 -2.69 -77.05
CA SER F 715 66.60 -4.12 -76.96
C SER F 715 66.11 -4.74 -78.26
N LYS F 716 65.25 -5.75 -78.09
CA LYS F 716 64.59 -6.42 -79.19
C LYS F 716 63.37 -5.62 -79.49
N GLN F 717 62.38 -6.24 -80.06
CA GLN F 717 61.22 -5.49 -80.51
C GLN F 717 60.16 -5.09 -79.50
N ILE F 718 60.48 -4.45 -78.47
CA ILE F 718 59.49 -3.96 -77.52
C ILE F 718 58.72 -2.97 -78.35
N ALA F 719 57.42 -3.17 -78.44
CA ALA F 719 56.56 -2.29 -79.23
C ALA F 719 56.91 -0.83 -79.01
N PRO F 720 56.36 0.06 -79.84
CA PRO F 720 56.69 1.46 -79.64
C PRO F 720 55.94 2.01 -78.41
N GLU F 721 54.71 1.55 -78.24
CA GLU F 721 53.88 1.96 -77.11
C GLU F 721 54.78 2.00 -75.88
N TYR F 722 55.60 0.97 -75.73
CA TYR F 722 56.52 0.89 -74.61
C TYR F 722 57.79 1.63 -74.95
N LYS F 723 58.15 1.66 -76.22
CA LYS F 723 59.34 2.38 -76.59
C LYS F 723 59.16 3.81 -76.10
N ASN F 724 57.96 4.35 -76.29
CA ASN F 724 57.62 5.71 -75.88
C ASN F 724 57.67 5.91 -74.36
N TYR F 725 56.83 5.17 -73.62
CA TYR F 725 56.80 5.25 -72.16
C TYR F 725 58.23 5.33 -71.64
N PHE F 726 59.02 4.30 -71.92
CA PHE F 726 60.43 4.29 -71.50
C PHE F 726 61.08 5.60 -71.97
N GLN F 727 60.85 5.97 -73.23
CA GLN F 727 61.42 7.21 -73.72
C GLN F 727 61.16 8.30 -72.69
N TYR F 728 59.97 8.23 -72.10
CA TYR F 728 59.51 9.21 -71.12
C TYR F 728 60.08 8.97 -69.71
N LEU F 729 60.07 7.73 -69.26
CA LEU F 729 60.61 7.40 -67.94
C LEU F 729 62.02 7.91 -67.80
N LYS F 730 62.67 8.15 -68.93
CA LYS F 730 64.02 8.64 -68.91
C LYS F 730 64.02 10.10 -68.49
N GLU F 731 63.32 10.93 -69.26
CA GLU F 731 63.28 12.35 -68.97
C GLU F 731 63.02 12.55 -67.48
N ARG F 732 62.20 11.68 -66.88
CA ARG F 732 61.94 11.79 -65.45
C ARG F 732 63.27 11.60 -64.72
N ILE F 733 63.69 10.34 -64.57
CA ILE F 733 64.96 10.00 -63.92
C ILE F 733 65.91 11.14 -64.12
N THR F 734 66.26 11.37 -65.38
CA THR F 734 67.15 12.46 -65.75
C THR F 734 66.87 13.70 -64.93
N ASN F 735 65.69 14.29 -65.13
CA ASN F 735 65.32 15.49 -64.38
C ASN F 735 65.53 15.30 -62.86
N GLN F 736 64.99 14.21 -62.33
CA GLN F 736 65.09 13.92 -60.91
C GLN F 736 66.54 13.86 -60.53
N VAL F 737 67.32 13.21 -61.36
CA VAL F 737 68.74 13.08 -61.10
C VAL F 737 69.45 14.41 -61.29
N GLN F 738 68.93 15.25 -62.18
CA GLN F 738 69.54 16.55 -62.41
C GLN F 738 69.28 17.43 -61.21
N LEU F 739 68.03 17.39 -60.74
CA LEU F 739 67.58 18.14 -59.59
C LEU F 739 68.39 17.80 -58.34
N LEU F 740 68.61 16.51 -58.11
CA LEU F 740 69.38 16.08 -56.94
C LEU F 740 70.81 16.57 -57.03
N LEU F 741 71.19 17.02 -58.21
CA LEU F 741 72.54 17.52 -58.39
C LEU F 741 72.52 19.00 -58.05
N THR F 742 71.70 19.79 -58.74
CA THR F 742 71.67 21.23 -58.45
C THR F 742 71.25 21.55 -57.03
N HIS F 743 71.23 20.63 -56.14
CA HIS F 743 70.93 20.99 -54.82
C HIS F 743 72.31 21.15 -54.19
N GLN F 744 73.32 20.45 -54.69
CA GLN F 744 74.60 20.45 -53.96
C GLN F 744 75.86 21.03 -54.69
N LYS F 745 76.28 20.38 -55.77
CA LYS F 745 77.42 20.81 -56.60
C LYS F 745 77.00 20.78 -58.10
N SER F 746 76.74 21.98 -58.77
CA SER F 746 76.11 21.98 -60.16
C SER F 746 76.85 22.48 -61.38
N ASN F 747 77.98 21.88 -61.68
CA ASN F 747 78.75 22.22 -62.83
C ASN F 747 78.67 21.02 -63.75
N ILE F 748 78.16 19.89 -63.23
CA ILE F 748 78.03 18.55 -63.77
C ILE F 748 76.68 18.36 -64.43
N GLU F 749 76.69 17.68 -65.57
CA GLU F 749 75.45 17.43 -66.30
C GLU F 749 75.19 15.94 -66.36
N PHE F 750 73.90 15.59 -66.35
CA PHE F 750 73.54 14.19 -66.38
C PHE F 750 74.24 13.48 -67.52
N LYS F 751 74.02 13.98 -68.73
CA LYS F 751 74.61 13.39 -69.94
C LYS F 751 76.07 13.01 -69.75
N LEU F 752 76.86 13.96 -69.24
CA LEU F 752 78.27 13.75 -69.00
C LEU F 752 78.48 12.76 -67.86
N LEU F 753 78.02 13.12 -66.68
CA LEU F 753 78.17 12.29 -65.49
C LEU F 753 77.94 10.84 -65.85
N TYR F 754 77.01 10.61 -66.77
CA TYR F 754 76.68 9.26 -67.20
C TYR F 754 77.87 8.66 -67.94
N LYS F 755 78.28 9.33 -69.01
CA LYS F 755 79.41 8.89 -69.83
C LYS F 755 80.49 8.27 -68.95
N GLN F 756 81.01 9.08 -68.03
CA GLN F 756 82.08 8.68 -67.12
C GLN F 756 81.86 7.40 -66.29
N LEU F 757 80.70 6.77 -66.38
CA LEU F 757 80.45 5.54 -65.63
C LEU F 757 80.74 4.28 -66.43
N ASN F 758 80.82 3.15 -65.75
CA ASN F 758 81.12 1.87 -66.41
C ASN F 758 80.18 0.75 -65.93
N PHE F 759 79.01 0.63 -66.56
CA PHE F 759 78.06 -0.41 -66.20
C PHE F 759 78.20 -1.58 -67.15
N THR F 760 79.31 -2.31 -67.05
CA THR F 760 79.59 -3.46 -67.90
C THR F 760 79.56 -4.77 -67.11
N GLU F 761 80.71 -5.20 -66.59
CA GLU F 761 80.78 -6.44 -65.83
C GLU F 761 81.02 -6.25 -64.33
N ASN F 762 81.51 -5.07 -63.95
CA ASN F 762 81.79 -4.77 -62.54
C ASN F 762 81.24 -3.41 -62.07
N GLU F 763 80.30 -3.45 -61.13
CA GLU F 763 79.68 -2.24 -60.58
C GLU F 763 80.47 -1.78 -59.34
N THR F 764 81.13 -2.74 -58.70
CA THR F 764 81.94 -2.51 -57.50
C THR F 764 82.51 -1.11 -57.34
N ASP F 765 83.65 -0.85 -57.96
CA ASP F 765 84.30 0.46 -57.88
C ASP F 765 83.58 1.56 -58.64
N ASN F 766 82.58 1.18 -59.45
CA ASN F 766 81.84 2.18 -60.22
C ASN F 766 81.22 3.19 -59.29
N PHE F 767 80.67 2.72 -58.19
CA PHE F 767 80.07 3.64 -57.23
C PHE F 767 81.22 4.48 -56.69
N GLU F 768 82.34 3.82 -56.39
CA GLU F 768 83.52 4.52 -55.89
C GLU F 768 83.90 5.58 -56.91
N VAL F 769 83.75 5.25 -58.19
CA VAL F 769 84.06 6.18 -59.27
C VAL F 769 83.11 7.36 -59.18
N PHE F 770 81.84 7.05 -58.96
CA PHE F 770 80.82 8.06 -58.86
C PHE F 770 81.13 9.11 -57.80
N GLN F 771 81.52 8.66 -56.62
CA GLN F 771 81.85 9.57 -55.52
C GLN F 771 82.80 10.67 -56.01
N LYS F 772 83.95 10.24 -56.52
CA LYS F 772 84.96 11.17 -57.02
C LYS F 772 84.47 12.05 -58.16
N ILE F 773 83.34 11.68 -58.77
CA ILE F 773 82.82 12.48 -59.85
C ILE F 773 82.22 13.76 -59.31
N ILE F 774 82.08 13.84 -57.99
CA ILE F 774 81.55 15.05 -57.37
C ILE F 774 82.50 15.63 -56.31
N ASP F 775 83.50 16.37 -56.79
CA ASP F 775 84.51 17.01 -55.95
C ASP F 775 85.16 18.17 -56.72
N GLN G 4 42.42 -77.32 -3.03
CA GLN G 4 42.94 -77.01 -1.69
C GLN G 4 42.07 -75.98 -1.00
N LEU G 5 40.81 -76.29 -0.73
CA LEU G 5 39.99 -75.28 -0.06
C LEU G 5 40.46 -75.02 1.37
N THR G 6 40.72 -73.76 1.73
CA THR G 6 41.14 -73.43 3.09
C THR G 6 40.10 -73.96 4.08
N GLU G 7 40.52 -74.19 5.32
CA GLU G 7 39.56 -74.69 6.29
C GLU G 7 38.37 -73.76 6.23
N GLU G 8 38.60 -72.48 6.52
CA GLU G 8 37.56 -71.45 6.51
C GLU G 8 36.65 -71.62 5.28
N GLN G 9 37.22 -72.09 4.17
CA GLN G 9 36.49 -72.29 2.92
C GLN G 9 35.59 -73.50 3.03
N ILE G 10 35.59 -74.11 4.20
CA ILE G 10 34.79 -75.29 4.47
C ILE G 10 33.63 -74.84 5.33
N ALA G 11 33.96 -74.01 6.31
CA ALA G 11 32.96 -73.47 7.20
C ALA G 11 31.76 -73.13 6.35
N GLU G 12 31.98 -72.30 5.33
CA GLU G 12 30.96 -71.86 4.39
C GLU G 12 30.33 -73.01 3.63
N PHE G 13 31.11 -73.66 2.79
CA PHE G 13 30.62 -74.78 2.01
C PHE G 13 29.83 -75.82 2.81
N LYS G 14 29.72 -75.63 4.13
CA LYS G 14 28.94 -76.52 4.98
C LYS G 14 27.82 -75.69 5.61
N GLU G 15 28.21 -74.62 6.30
CA GLU G 15 27.26 -73.71 6.93
C GLU G 15 26.18 -73.40 5.92
N ALA G 16 26.49 -73.57 4.65
CA ALA G 16 25.54 -73.31 3.59
C ALA G 16 24.93 -74.63 3.12
N PHE G 17 25.80 -75.62 2.95
CA PHE G 17 25.37 -76.96 2.53
C PHE G 17 24.27 -77.51 3.41
N SER G 18 24.44 -77.34 4.70
CA SER G 18 23.51 -77.80 5.70
C SER G 18 22.25 -77.00 5.79
N LEU G 19 22.36 -75.69 5.66
CA LEU G 19 21.18 -74.88 5.76
C LEU G 19 20.07 -75.36 4.84
N PHE G 20 20.43 -75.89 3.69
CA PHE G 20 19.37 -76.30 2.79
C PHE G 20 19.11 -77.78 2.77
N ASP G 21 19.70 -78.47 3.72
CA ASP G 21 19.52 -79.89 3.88
C ASP G 21 18.30 -79.96 4.78
N LYS G 22 17.14 -79.88 4.16
CA LYS G 22 15.87 -79.89 4.87
C LYS G 22 15.73 -81.12 5.81
N ASP G 23 15.71 -82.32 5.25
CA ASP G 23 15.57 -83.54 6.04
C ASP G 23 16.69 -83.84 7.05
N GLY G 24 17.38 -82.80 7.50
CA GLY G 24 18.45 -82.96 8.48
C GLY G 24 19.49 -84.08 8.49
N ASP G 25 19.65 -84.85 7.41
CA ASP G 25 20.66 -85.92 7.44
C ASP G 25 22.08 -85.47 7.14
N GLY G 26 22.52 -85.66 5.89
CA GLY G 26 23.86 -85.27 5.50
C GLY G 26 24.04 -85.45 4.02
N THR G 27 22.93 -85.44 3.31
CA THR G 27 22.94 -85.61 1.86
C THR G 27 21.85 -84.68 1.28
N ILE G 28 22.15 -83.96 0.20
CA ILE G 28 21.20 -83.05 -0.39
C ILE G 28 20.78 -83.47 -1.78
N THR G 29 19.49 -83.35 -2.05
CA THR G 29 18.95 -83.72 -3.34
C THR G 29 19.50 -82.81 -4.41
N THR G 30 19.30 -83.19 -5.67
CA THR G 30 19.77 -82.40 -6.80
C THR G 30 19.32 -80.95 -6.65
N LYS G 31 18.02 -80.71 -6.75
CA LYS G 31 17.49 -79.36 -6.62
C LYS G 31 18.12 -78.64 -5.44
N GLU G 32 18.39 -79.38 -4.37
CA GLU G 32 19.00 -78.78 -3.21
C GLU G 32 20.40 -78.35 -3.48
N LEU G 33 21.20 -79.22 -4.11
CA LEU G 33 22.57 -78.82 -4.41
C LEU G 33 22.44 -77.53 -5.22
N GLY G 34 21.58 -77.57 -6.25
CA GLY G 34 21.36 -76.40 -7.08
C GLY G 34 21.20 -75.18 -6.19
N THR G 35 20.40 -75.30 -5.16
CA THR G 35 20.14 -74.19 -4.26
C THR G 35 21.28 -73.86 -3.36
N VAL G 36 21.96 -74.88 -2.88
CA VAL G 36 23.05 -74.63 -1.95
C VAL G 36 24.02 -73.72 -2.61
N MET G 37 24.40 -74.06 -3.84
CA MET G 37 25.36 -73.27 -4.63
C MET G 37 24.90 -71.83 -4.92
N ARG G 38 23.75 -71.70 -5.58
CA ARG G 38 23.24 -70.37 -5.90
C ARG G 38 23.32 -69.51 -4.66
N SER G 39 22.84 -70.03 -3.54
CA SER G 39 22.87 -69.28 -2.30
C SER G 39 24.30 -68.80 -2.01
N LEU G 40 25.26 -69.68 -2.24
CA LEU G 40 26.65 -69.35 -2.01
C LEU G 40 27.20 -68.38 -3.04
N GLY G 41 26.45 -68.08 -4.11
CA GLY G 41 26.92 -67.10 -5.10
C GLY G 41 27.22 -67.55 -6.53
N GLN G 42 26.76 -68.75 -6.88
CA GLN G 42 26.95 -69.38 -8.20
C GLN G 42 25.67 -69.95 -8.69
N ASN G 43 25.76 -70.37 -9.92
CA ASN G 43 24.71 -71.00 -10.50
C ASN G 43 25.18 -71.82 -11.63
N PRO G 44 25.06 -73.11 -11.38
CA PRO G 44 25.41 -74.06 -12.41
C PRO G 44 24.14 -74.12 -13.30
N THR G 45 24.35 -74.37 -14.57
CA THR G 45 23.24 -74.43 -15.50
C THR G 45 22.36 -75.62 -15.17
N GLU G 46 21.16 -75.60 -15.74
CA GLU G 46 20.19 -76.67 -15.53
C GLU G 46 20.81 -78.05 -15.78
N ALA G 47 21.61 -78.18 -16.84
CA ALA G 47 22.22 -79.46 -17.19
C ALA G 47 23.66 -79.62 -16.68
N GLU G 48 24.37 -78.51 -16.49
CA GLU G 48 25.75 -78.54 -15.99
C GLU G 48 25.72 -78.97 -14.54
N LEU G 49 24.55 -78.86 -13.94
CA LEU G 49 24.31 -79.20 -12.54
C LEU G 49 24.40 -80.70 -12.26
N GLN G 50 24.14 -81.51 -13.29
CA GLN G 50 24.17 -82.96 -13.15
C GLN G 50 25.57 -83.59 -13.20
N ASP G 51 26.34 -83.25 -14.22
CA ASP G 51 27.70 -83.77 -14.38
C ASP G 51 28.48 -83.92 -13.08
N MET G 52 28.21 -83.04 -12.12
CA MET G 52 28.91 -83.06 -10.83
C MET G 52 28.35 -84.11 -9.87
N ILE G 53 27.02 -84.15 -9.78
CA ILE G 53 26.30 -85.07 -8.91
C ILE G 53 26.28 -86.47 -9.55
N ASN G 54 26.32 -86.48 -10.88
CA ASN G 54 26.30 -87.71 -11.66
C ASN G 54 27.57 -88.53 -11.52
N GLU G 55 28.72 -87.89 -11.48
CA GLU G 55 29.87 -88.74 -11.48
C GLU G 55 30.00 -89.69 -10.29
N VAL G 56 29.35 -89.42 -9.17
CA VAL G 56 29.60 -90.32 -8.03
C VAL G 56 28.34 -91.02 -7.49
N ASP G 57 27.71 -91.88 -8.30
CA ASP G 57 26.45 -92.51 -7.88
C ASP G 57 26.54 -93.64 -6.86
N ALA G 58 26.91 -93.31 -5.62
CA ALA G 58 27.01 -94.29 -4.54
C ALA G 58 25.90 -93.99 -3.55
N ASP G 59 24.79 -93.48 -4.09
CA ASP G 59 23.61 -93.11 -3.31
C ASP G 59 22.31 -93.64 -3.92
N GLY G 60 21.17 -93.07 -3.48
CA GLY G 60 19.88 -93.49 -4.01
C GLY G 60 19.76 -93.09 -5.46
N ASN G 61 20.91 -93.02 -6.13
CA ASN G 61 21.00 -92.63 -7.54
C ASN G 61 20.33 -91.27 -7.68
N GLY G 62 20.81 -90.29 -6.92
CA GLY G 62 20.24 -88.97 -7.00
C GLY G 62 20.69 -87.98 -5.94
N THR G 63 21.30 -88.45 -4.86
CA THR G 63 21.74 -87.54 -3.81
C THR G 63 23.25 -87.47 -3.66
N ILE G 64 23.71 -86.56 -2.80
CA ILE G 64 25.14 -86.34 -2.55
C ILE G 64 25.35 -85.86 -1.11
N ASP G 65 26.28 -86.47 -0.38
CA ASP G 65 26.52 -86.11 1.02
C ASP G 65 27.34 -84.86 1.29
N PHE G 66 28.01 -84.81 2.44
CA PHE G 66 28.83 -83.65 2.77
C PHE G 66 30.11 -83.75 1.94
N PRO G 67 30.92 -84.82 2.15
CA PRO G 67 32.16 -84.98 1.38
C PRO G 67 31.90 -84.94 -0.10
N GLU G 68 30.92 -85.71 -0.54
CA GLU G 68 30.57 -85.75 -1.96
C GLU G 68 30.57 -84.35 -2.54
N PHE G 69 30.22 -83.38 -1.69
CA PHE G 69 30.12 -81.96 -2.00
C PHE G 69 31.48 -81.28 -1.95
N LEU G 70 32.01 -81.17 -0.75
CA LEU G 70 33.30 -80.53 -0.51
C LEU G 70 34.36 -80.96 -1.51
N THR G 71 34.38 -82.23 -1.86
CA THR G 71 35.36 -82.77 -2.80
C THR G 71 35.04 -82.42 -4.25
N MET G 72 33.81 -81.98 -4.49
CA MET G 72 33.37 -81.61 -5.84
C MET G 72 33.51 -80.09 -6.04
N MET G 73 33.92 -79.38 -4.98
CA MET G 73 34.13 -77.95 -5.08
C MET G 73 35.63 -77.79 -5.26
N ALA G 74 36.06 -78.22 -6.44
CA ALA G 74 37.44 -78.16 -6.88
C ALA G 74 37.31 -78.10 -8.38
N ARG G 75 36.58 -79.06 -8.97
CA ARG G 75 36.33 -79.13 -10.43
C ARG G 75 36.31 -77.74 -11.02
N LYS G 76 35.74 -76.81 -10.28
CA LYS G 76 35.73 -75.47 -10.79
C LYS G 76 36.10 -74.48 -9.71
N MET G 77 36.91 -74.88 -8.74
CA MET G 77 37.25 -73.95 -7.66
C MET G 77 38.73 -74.02 -7.26
N LYS G 78 39.47 -74.89 -7.92
CA LYS G 78 40.90 -75.09 -7.64
C LYS G 78 41.77 -74.32 -8.64
N ASP G 79 41.12 -73.43 -9.39
CA ASP G 79 41.76 -72.59 -10.40
C ASP G 79 41.31 -71.13 -10.26
N THR G 80 39.98 -70.94 -10.32
CA THR G 80 39.33 -69.63 -10.23
C THR G 80 39.85 -68.72 -9.10
N ASP G 81 40.33 -67.54 -9.49
CA ASP G 81 40.87 -66.51 -8.58
C ASP G 81 40.45 -65.14 -9.13
N SER G 82 39.54 -65.17 -10.10
CA SER G 82 39.04 -63.97 -10.75
C SER G 82 38.35 -62.99 -9.81
N GLU G 83 37.74 -63.53 -8.77
CA GLU G 83 37.03 -62.70 -7.80
C GLU G 83 37.69 -61.38 -7.55
N GLU G 84 39.00 -61.40 -7.33
CA GLU G 84 39.76 -60.21 -7.03
C GLU G 84 39.83 -59.19 -8.15
N GLU G 85 40.38 -59.61 -9.29
CA GLU G 85 40.54 -58.78 -10.48
C GLU G 85 39.32 -57.88 -10.62
N ILE G 86 38.14 -58.51 -10.64
CA ILE G 86 36.88 -57.83 -10.77
C ILE G 86 36.62 -56.78 -9.70
N ARG G 87 37.14 -56.99 -8.50
CA ARG G 87 36.95 -56.01 -7.44
C ARG G 87 37.89 -54.83 -7.68
N GLU G 88 38.91 -55.04 -8.50
CA GLU G 88 39.88 -54.01 -8.79
C GLU G 88 39.41 -53.26 -9.99
N ALA G 89 38.80 -53.99 -10.92
CA ALA G 89 38.24 -53.37 -12.10
C ALA G 89 37.19 -52.43 -11.57
N PHE G 90 36.44 -52.84 -10.57
CA PHE G 90 35.43 -51.93 -10.02
C PHE G 90 36.08 -50.65 -9.52
N ARG G 91 36.94 -50.75 -8.51
CA ARG G 91 37.52 -49.52 -8.00
C ARG G 91 38.04 -48.63 -9.12
N VAL G 92 38.35 -49.21 -10.27
CA VAL G 92 38.86 -48.42 -11.40
C VAL G 92 37.80 -47.51 -12.01
N PHE G 93 36.64 -48.04 -12.38
CA PHE G 93 35.60 -47.22 -12.96
C PHE G 93 35.00 -46.32 -11.92
N ASP G 94 34.89 -46.81 -10.69
CA ASP G 94 34.34 -45.99 -9.66
C ASP G 94 35.38 -44.90 -9.44
N LYS G 95 35.50 -44.05 -10.44
CA LYS G 95 36.44 -42.96 -10.46
C LYS G 95 36.51 -42.04 -9.24
N ASP G 96 35.36 -41.66 -8.71
CA ASP G 96 35.29 -40.72 -7.58
C ASP G 96 35.35 -41.25 -6.17
N GLY G 97 35.26 -42.57 -6.03
CA GLY G 97 35.34 -43.21 -4.74
C GLY G 97 34.11 -43.14 -3.85
N ASN G 98 32.93 -43.20 -4.45
CA ASN G 98 31.70 -43.15 -3.70
C ASN G 98 31.22 -44.59 -3.48
N GLY G 99 31.88 -45.54 -4.13
CA GLY G 99 31.46 -46.90 -3.96
C GLY G 99 30.44 -47.28 -5.01
N TYR G 100 30.10 -46.32 -5.86
CA TYR G 100 29.13 -46.56 -6.91
C TYR G 100 29.72 -46.21 -8.29
N ILE G 101 29.17 -46.78 -9.36
CA ILE G 101 29.68 -46.48 -10.69
C ILE G 101 28.56 -45.81 -11.46
N SER G 102 28.69 -44.50 -11.60
CA SER G 102 27.73 -43.64 -12.32
C SER G 102 27.93 -43.64 -13.84
N ALA G 103 26.84 -43.54 -14.59
CA ALA G 103 26.92 -43.53 -16.05
C ALA G 103 27.94 -42.53 -16.57
N ALA G 104 28.20 -41.51 -15.77
CA ALA G 104 29.17 -40.50 -16.14
C ALA G 104 30.53 -41.14 -16.30
N GLU G 105 31.01 -41.76 -15.22
CA GLU G 105 32.32 -42.40 -15.20
C GLU G 105 32.41 -43.60 -16.10
N LEU G 106 31.35 -44.38 -16.20
CA LEU G 106 31.40 -45.52 -17.12
C LEU G 106 31.90 -44.97 -18.44
N ARG G 107 31.08 -44.12 -19.06
CA ARG G 107 31.40 -43.52 -20.34
C ARG G 107 32.77 -42.88 -20.35
N HIS G 108 33.15 -42.26 -19.24
CA HIS G 108 34.46 -41.63 -19.15
C HIS G 108 35.58 -42.64 -19.26
N VAL G 109 35.67 -43.57 -18.33
CA VAL G 109 36.75 -44.54 -18.39
C VAL G 109 36.60 -45.40 -19.62
N MET G 110 35.40 -45.49 -20.16
CA MET G 110 35.20 -46.28 -21.36
C MET G 110 35.97 -45.65 -22.51
N THR G 111 35.94 -44.33 -22.63
CA THR G 111 36.63 -43.68 -23.74
C THR G 111 38.17 -43.67 -23.66
N ASN G 112 38.72 -43.40 -22.48
CA ASN G 112 40.17 -43.40 -22.35
C ASN G 112 40.68 -44.74 -22.80
N LEU G 113 39.99 -45.80 -22.35
CA LEU G 113 40.36 -47.15 -22.73
C LEU G 113 40.10 -47.30 -24.23
N GLY G 114 39.66 -46.22 -24.86
CA GLY G 114 39.45 -46.24 -26.29
C GLY G 114 38.08 -46.52 -26.88
N GLU G 115 37.01 -46.48 -26.10
CA GLU G 115 35.72 -46.75 -26.70
C GLU G 115 34.74 -45.56 -26.73
N LYS G 116 34.43 -45.13 -27.94
CA LYS G 116 33.48 -44.03 -28.12
C LYS G 116 32.09 -44.58 -27.88
N LEU G 117 31.54 -44.27 -26.71
CA LEU G 117 30.21 -44.72 -26.38
C LEU G 117 29.19 -43.60 -26.53
N THR G 118 28.05 -43.96 -27.08
CA THR G 118 26.98 -43.01 -27.27
C THR G 118 26.29 -42.70 -25.96
N ASP G 119 26.07 -41.43 -25.70
CA ASP G 119 25.40 -41.04 -24.47
C ASP G 119 24.14 -41.90 -24.27
N GLU G 120 23.61 -42.43 -25.36
CA GLU G 120 22.38 -43.25 -25.31
C GLU G 120 22.61 -44.70 -24.92
N GLU G 121 23.81 -45.22 -25.19
CA GLU G 121 24.13 -46.59 -24.87
C GLU G 121 25.13 -46.71 -23.71
N VAL G 122 24.91 -45.88 -22.69
CA VAL G 122 25.73 -45.88 -21.49
C VAL G 122 24.69 -45.76 -20.41
N ASP G 123 23.75 -44.86 -20.63
CA ASP G 123 22.65 -44.66 -19.70
C ASP G 123 21.91 -45.98 -19.88
N GLN G 124 22.40 -46.76 -20.85
CA GLN G 124 21.83 -48.05 -21.21
C GLN G 124 22.47 -49.20 -20.44
N MET G 125 23.80 -49.28 -20.47
CA MET G 125 24.47 -50.33 -19.72
C MET G 125 24.08 -50.09 -18.25
N ILE G 126 24.45 -48.94 -17.70
CA ILE G 126 24.13 -48.62 -16.32
C ILE G 126 22.74 -49.05 -15.91
N ARG G 127 21.82 -49.12 -16.86
CA ARG G 127 20.47 -49.51 -16.50
C ARG G 127 20.40 -51.02 -16.34
N GLU G 128 20.71 -51.74 -17.40
CA GLU G 128 20.65 -53.20 -17.35
C GLU G 128 21.50 -53.79 -16.22
N ALA G 129 22.50 -53.04 -15.76
CA ALA G 129 23.38 -53.51 -14.71
C ALA G 129 22.75 -53.27 -13.36
N ASP G 130 21.90 -52.27 -13.29
CA ASP G 130 21.21 -51.90 -12.05
C ASP G 130 20.03 -52.79 -11.75
N ILE G 131 20.08 -53.41 -10.58
CA ILE G 131 19.06 -54.34 -10.13
C ILE G 131 18.07 -53.75 -9.14
N ASP G 132 18.56 -52.85 -8.29
CA ASP G 132 17.68 -52.28 -7.29
C ASP G 132 17.09 -50.94 -7.71
N GLY G 133 17.33 -50.54 -8.95
CA GLY G 133 16.77 -49.29 -9.47
C GLY G 133 17.27 -47.92 -9.04
N ASP G 134 18.38 -47.81 -8.33
CA ASP G 134 18.85 -46.50 -7.92
C ASP G 134 19.77 -45.78 -8.91
N GLY G 135 19.58 -46.05 -10.19
CA GLY G 135 20.39 -45.38 -11.20
C GLY G 135 21.89 -45.63 -11.24
N GLN G 136 22.44 -46.28 -10.21
CA GLN G 136 23.87 -46.57 -10.18
C GLN G 136 24.22 -48.03 -9.86
N VAL G 137 25.41 -48.47 -10.27
CA VAL G 137 25.86 -49.84 -10.04
C VAL G 137 26.88 -49.98 -8.92
N ASN G 138 26.52 -50.67 -7.84
CA ASN G 138 27.44 -50.86 -6.73
C ASN G 138 28.29 -52.11 -6.97
N TYR G 139 29.22 -52.40 -6.06
CA TYR G 139 30.06 -53.56 -6.27
C TYR G 139 29.21 -54.79 -6.47
N GLU G 140 28.22 -55.00 -5.62
CA GLU G 140 27.37 -56.17 -5.75
C GLU G 140 26.81 -56.37 -7.15
N GLU G 141 26.06 -55.40 -7.67
CA GLU G 141 25.45 -55.56 -9.00
C GLU G 141 26.47 -55.70 -10.09
N PHE G 142 27.62 -55.06 -9.87
CA PHE G 142 28.73 -55.09 -10.81
C PHE G 142 29.19 -56.55 -10.91
N VAL G 143 29.65 -57.10 -9.79
CA VAL G 143 30.11 -58.50 -9.72
C VAL G 143 29.12 -59.43 -10.37
N GLN G 144 27.84 -59.17 -10.12
CA GLN G 144 26.77 -59.97 -10.69
C GLN G 144 26.94 -59.93 -12.21
N MET G 145 26.77 -58.72 -12.75
CA MET G 145 26.87 -58.48 -14.19
C MET G 145 28.11 -59.09 -14.84
N MET G 146 29.25 -58.89 -14.19
CA MET G 146 30.52 -59.36 -14.69
C MET G 146 30.57 -60.86 -14.83
N THR G 147 30.61 -61.56 -13.70
CA THR G 147 30.68 -63.03 -13.72
C THR G 147 29.42 -63.70 -14.27
N ALA G 148 28.25 -63.18 -13.92
CA ALA G 148 27.02 -63.76 -14.43
C ALA G 148 27.23 -64.09 -15.90
N LYS G 149 27.41 -65.37 -16.21
CA LYS G 149 27.60 -65.78 -17.59
C LYS G 149 26.25 -65.81 -18.32
N GLN H 4 16.34 -95.60 61.27
CA GLN H 4 17.79 -95.44 61.53
C GLN H 4 18.03 -94.55 62.73
N LEU H 5 17.59 -94.95 63.91
CA LEU H 5 17.84 -94.06 65.05
C LEU H 5 19.33 -93.97 65.39
N THR H 6 19.89 -92.76 65.45
CA THR H 6 21.32 -92.58 65.79
C THR H 6 21.60 -93.27 67.12
N GLU H 7 22.85 -93.65 67.36
CA GLU H 7 23.14 -94.31 68.62
C GLU H 7 22.57 -93.42 69.71
N GLU H 8 23.05 -92.19 69.79
CA GLU H 8 22.61 -91.23 70.78
C GLU H 8 21.07 -91.26 70.93
N GLN H 9 20.38 -91.56 69.84
CA GLN H 9 18.92 -91.62 69.83
C GLN H 9 18.44 -92.87 70.53
N ILE H 10 19.40 -93.62 71.05
CA ILE H 10 19.11 -94.86 71.75
C ILE H 10 19.29 -94.58 73.22
N ALA H 11 20.36 -93.87 73.51
CA ALA H 11 20.68 -93.48 74.87
C ALA H 11 19.37 -93.10 75.52
N GLU H 12 18.69 -92.14 74.91
CA GLU H 12 17.41 -91.61 75.37
C GLU H 12 16.32 -92.68 75.41
N PHE H 13 15.94 -93.19 74.24
CA PHE H 13 14.92 -94.21 74.16
C PHE H 13 15.11 -95.39 75.15
N LYS H 14 16.20 -95.37 75.91
CA LYS H 14 16.45 -96.41 76.92
C LYS H 14 16.50 -95.72 78.28
N GLU H 15 17.40 -94.73 78.40
CA GLU H 15 17.52 -93.95 79.63
C GLU H 15 16.14 -93.56 80.09
N ALA H 16 15.20 -93.54 79.17
CA ALA H 16 13.82 -93.19 79.49
C ALA H 16 13.01 -94.45 79.64
N PHE H 17 13.20 -95.38 78.71
CA PHE H 17 12.49 -96.67 78.72
C PHE H 17 12.63 -97.37 80.05
N SER H 18 13.85 -97.37 80.56
CA SER H 18 14.17 -98.00 81.81
C SER H 18 13.69 -97.26 83.03
N LEU H 19 13.75 -95.95 82.99
CA LEU H 19 13.32 -95.21 84.16
C LEU H 19 11.94 -95.62 84.59
N PHE H 20 11.07 -95.96 83.66
CA PHE H 20 9.73 -96.30 84.07
C PHE H 20 9.43 -97.77 84.14
N ASP H 21 10.50 -98.55 84.03
CA ASP H 21 10.40 -100.00 84.13
C ASP H 21 10.56 -100.23 85.61
N LYS H 22 9.44 -100.13 86.31
CA LYS H 22 9.40 -100.29 87.75
C LYS H 22 10.01 -101.63 88.22
N ASP H 23 9.41 -102.75 87.83
CA ASP H 23 9.91 -104.07 88.22
C ASP H 23 11.31 -104.45 87.73
N GLY H 24 12.15 -103.45 87.47
CA GLY H 24 13.51 -103.69 87.04
C GLY H 24 13.95 -104.74 86.02
N ASP H 25 13.04 -105.36 85.25
CA ASP H 25 13.47 -106.37 84.29
C ASP H 25 13.98 -105.84 82.96
N GLY H 26 13.12 -105.86 81.95
CA GLY H 26 13.49 -105.35 80.64
C GLY H 26 12.31 -105.32 79.71
N THR H 27 11.13 -105.27 80.31
CA THR H 27 9.88 -105.24 79.58
C THR H 27 8.93 -104.28 80.32
N ILE H 28 8.22 -103.42 79.59
CA ILE H 28 7.30 -102.48 80.21
C ILE H 28 5.87 -102.73 79.84
N THR H 29 4.99 -102.63 80.83
CA THR H 29 3.58 -102.84 80.60
C THR H 29 3.02 -101.78 79.70
N THR H 30 1.81 -102.00 79.20
CA THR H 30 1.16 -101.05 78.31
C THR H 30 1.19 -99.65 78.92
N LYS H 31 0.46 -99.47 80.01
CA LYS H 31 0.43 -98.17 80.68
C LYS H 31 1.82 -97.58 80.80
N GLU H 32 2.81 -98.44 81.03
CA GLU H 32 4.18 -97.98 81.14
C GLU H 32 4.69 -97.45 79.84
N LEU H 33 4.48 -98.19 78.76
CA LEU H 33 4.95 -97.70 77.47
C LEU H 33 4.31 -96.33 77.31
N GLY H 34 2.99 -96.27 77.54
CA GLY H 34 2.28 -95.01 77.44
C GLY H 34 3.07 -93.93 78.14
N THR H 35 3.54 -94.20 79.34
CA THR H 35 4.28 -93.23 80.11
C THR H 35 5.66 -92.97 79.62
N VAL H 36 6.33 -94.02 79.18
CA VAL H 36 7.69 -93.86 78.72
C VAL H 36 7.71 -92.82 77.64
N MET H 37 6.80 -92.98 76.67
CA MET H 37 6.69 -92.07 75.54
C MET H 37 6.34 -90.61 75.92
N ARG H 38 5.21 -90.43 76.59
CA ARG H 38 4.79 -89.11 77.01
C ARG H 38 6.00 -88.42 77.65
N SER H 39 6.65 -89.09 78.59
CA SER H 39 7.81 -88.52 79.25
C SER H 39 8.82 -88.02 78.21
N LEU H 40 9.03 -88.83 77.18
CA LEU H 40 9.97 -88.47 76.15
C LEU H 40 9.44 -87.34 75.26
N GLY H 41 8.17 -86.95 75.41
CA GLY H 41 7.65 -85.82 74.62
C GLY H 41 6.53 -86.07 73.59
N GLN H 42 5.88 -87.24 73.70
CA GLN H 42 4.80 -87.69 72.80
C GLN H 42 3.67 -88.23 73.60
N ASN H 43 2.62 -88.48 72.86
CA ASN H 43 1.53 -89.07 73.42
C ASN H 43 0.73 -89.71 72.35
N PRO H 44 0.79 -91.03 72.43
CA PRO H 44 0.00 -91.81 71.51
C PRO H 44 -1.42 -91.80 72.16
N THR H 45 -2.43 -91.87 71.31
CA THR H 45 -3.79 -91.86 71.80
C THR H 45 -4.06 -93.12 72.59
N GLU H 46 -5.15 -93.08 73.36
CA GLU H 46 -5.57 -94.20 74.18
C GLU H 46 -5.60 -95.51 73.38
N ALA H 47 -6.12 -95.46 72.16
CA ALA H 47 -6.21 -96.66 71.32
C ALA H 47 -5.06 -96.83 70.32
N GLU H 48 -4.44 -95.72 69.91
CA GLU H 48 -3.31 -95.75 68.98
C GLU H 48 -2.12 -96.38 69.68
N LEU H 49 -2.20 -96.40 71.00
CA LEU H 49 -1.16 -96.94 71.86
C LEU H 49 -1.01 -98.45 71.77
N GLN H 50 -2.10 -99.13 71.40
CA GLN H 50 -2.09 -100.58 71.30
C GLN H 50 -1.49 -101.13 70.00
N ASP H 51 -1.94 -100.63 68.86
CA ASP H 51 -1.44 -101.07 67.56
C ASP H 51 0.06 -101.36 67.54
N MET H 52 0.83 -100.62 68.33
CA MET H 52 2.29 -100.79 68.37
C MET H 52 2.73 -101.97 69.22
N ILE H 53 2.13 -102.08 70.40
CA ILE H 53 2.42 -103.14 71.36
C ILE H 53 1.73 -104.44 70.92
N ASN H 54 0.61 -104.27 70.21
CA ASN H 54 -0.18 -105.39 69.71
C ASN H 54 0.49 -106.18 68.62
N GLU H 55 1.16 -105.50 67.72
CA GLU H 55 1.66 -106.29 66.66
C GLU H 55 2.66 -107.39 67.05
N VAL H 56 3.31 -107.30 68.20
CA VAL H 56 4.32 -108.32 68.47
C VAL H 56 4.10 -109.13 69.73
N ASP H 57 3.02 -109.91 69.75
CA ASP H 57 2.68 -110.64 70.97
C ASP H 57 3.50 -111.90 71.29
N ALA H 58 4.78 -111.71 71.62
CA ALA H 58 5.67 -112.82 71.98
C ALA H 58 5.97 -112.70 73.46
N ASP H 59 4.99 -112.18 74.21
CA ASP H 59 5.10 -111.96 75.65
C ASP H 59 3.86 -112.46 76.41
N GLY H 60 3.72 -112.00 77.65
CA GLY H 60 2.58 -112.39 78.46
C GLY H 60 1.31 -111.80 77.88
N ASN H 61 1.32 -111.60 76.56
CA ASN H 61 0.21 -111.03 75.82
C ASN H 61 -0.14 -109.69 76.47
N GLY H 62 0.86 -108.81 76.54
CA GLY H 62 0.62 -107.51 77.14
C GLY H 62 1.85 -106.65 77.37
N THR H 63 3.04 -107.23 77.33
CA THR H 63 4.24 -106.46 77.58
C THR H 63 5.14 -106.34 76.37
N ILE H 64 6.19 -105.53 76.48
CA ILE H 64 7.15 -105.29 75.40
C ILE H 64 8.54 -105.00 76.00
N ASP H 65 9.58 -105.65 75.50
CA ASP H 65 10.93 -105.48 76.02
C ASP H 65 11.69 -104.23 75.59
N PHE H 66 13.03 -104.31 75.59
CA PHE H 66 13.84 -103.17 75.17
C PHE H 66 13.77 -103.12 73.64
N PRO H 67 14.26 -104.16 72.93
CA PRO H 67 14.22 -104.17 71.47
C PRO H 67 12.83 -103.95 70.96
N GLU H 68 11.88 -104.70 71.49
CA GLU H 68 10.48 -104.56 71.10
C GLU H 68 10.11 -103.08 70.94
N PHE H 69 10.75 -102.25 71.77
CA PHE H 69 10.56 -100.81 71.84
C PHE H 69 11.36 -100.08 70.78
N LEU H 70 12.67 -100.12 70.93
CA LEU H 70 13.59 -99.47 70.01
C LEU H 70 13.23 -99.70 68.55
N THR H 71 12.83 -100.93 68.23
CA THR H 71 12.47 -101.29 66.87
C THR H 71 11.10 -100.77 66.46
N MET H 72 10.31 -100.34 67.43
CA MET H 72 8.97 -99.82 67.17
C MET H 72 9.01 -98.29 67.11
N MET H 73 10.18 -97.71 67.37
CA MET H 73 10.34 -96.27 67.28
C MET H 73 10.96 -96.01 65.92
N ALA H 74 10.14 -96.26 64.92
CA ALA H 74 10.46 -96.10 63.52
C ALA H 74 9.10 -95.84 62.88
N ARG H 75 8.15 -96.75 63.12
CA ARG H 75 6.77 -96.64 62.59
C ARG H 75 6.38 -95.18 62.46
N LYS H 76 6.79 -94.40 63.45
CA LYS H 76 6.47 -93.00 63.34
C LYS H 76 7.68 -92.15 63.65
N MET H 77 8.89 -92.64 63.40
CA MET H 77 10.06 -91.85 63.74
C MET H 77 11.15 -91.91 62.67
N LYS H 78 10.89 -92.64 61.58
CA LYS H 78 11.86 -92.81 60.48
C LYS H 78 11.51 -91.87 59.31
N ASP H 79 10.62 -90.92 59.59
CA ASP H 79 10.16 -89.93 58.61
C ASP H 79 10.18 -88.52 59.22
N THR H 80 9.48 -88.39 60.35
CA THR H 80 9.35 -87.12 61.09
C THR H 80 10.67 -86.36 61.31
N ASP H 81 10.69 -85.11 60.82
CA ASP H 81 11.83 -84.18 60.93
C ASP H 81 11.27 -82.78 61.15
N SER H 82 9.98 -82.72 61.45
CA SER H 82 9.27 -81.47 61.67
C SER H 82 9.83 -80.65 62.84
N GLU H 83 10.36 -81.34 63.83
CA GLU H 83 10.91 -80.68 65.01
C GLU H 83 11.59 -79.38 64.70
N GLU H 84 12.42 -79.38 63.66
CA GLU H 84 13.18 -78.20 63.29
C GLU H 84 12.36 -77.04 62.78
N GLU H 85 11.62 -77.28 61.70
CA GLU H 85 10.74 -76.31 61.06
C GLU H 85 10.09 -75.44 62.13
N ILE H 86 9.41 -76.11 63.05
CA ILE H 86 8.72 -75.46 64.14
C ILE H 86 9.62 -74.59 65.01
N ARG H 87 10.89 -74.93 65.13
CA ARG H 87 11.78 -74.11 65.92
C ARG H 87 12.15 -72.86 65.14
N GLU H 88 11.97 -72.93 63.83
CA GLU H 88 12.31 -71.82 62.95
C GLU H 88 11.10 -70.93 62.83
N ALA H 89 9.92 -71.56 62.81
CA ALA H 89 8.69 -70.81 62.77
C ALA H 89 8.70 -70.00 64.05
N PHE H 90 9.16 -70.57 65.15
CA PHE H 90 9.18 -69.80 66.38
C PHE H 90 10.06 -68.56 66.21
N ARG H 91 11.36 -68.74 65.98
CA ARG H 91 12.20 -67.57 65.85
C ARG H 91 11.59 -66.52 64.94
N VAL H 92 10.71 -66.93 64.03
CA VAL H 92 10.06 -65.99 63.12
C VAL H 92 9.09 -65.04 63.80
N PHE H 93 8.14 -65.56 64.57
CA PHE H 93 7.18 -64.72 65.26
C PHE H 93 7.85 -64.01 66.39
N ASP H 94 8.81 -64.65 67.05
CA ASP H 94 9.50 -63.99 68.13
C ASP H 94 10.31 -62.91 67.45
N LYS H 95 9.59 -61.92 66.94
CA LYS H 95 10.16 -60.79 66.23
C LYS H 95 11.31 -60.04 66.87
N ASP H 96 11.23 -59.79 68.17
CA ASP H 96 12.25 -59.01 68.88
C ASP H 96 13.44 -59.72 69.49
N GLY H 97 13.39 -61.05 69.50
CA GLY H 97 14.47 -61.85 70.01
C GLY H 97 14.62 -61.95 71.51
N ASN H 98 13.50 -61.98 72.22
CA ASN H 98 13.51 -62.09 73.66
C ASN H 98 13.32 -63.56 74.02
N GLY H 99 13.02 -64.39 73.04
CA GLY H 99 12.82 -65.78 73.34
C GLY H 99 11.37 -66.06 73.66
N TYR H 100 10.56 -65.02 73.63
CA TYR H 100 9.13 -65.16 73.92
C TYR H 100 8.28 -64.59 72.76
N ILE H 101 7.05 -65.05 72.64
CA ILE H 101 6.19 -64.56 71.57
C ILE H 101 5.03 -63.83 72.22
N SER H 102 5.08 -62.51 72.17
CA SER H 102 4.07 -61.60 72.71
C SER H 102 2.88 -61.38 71.79
N ALA H 103 1.69 -61.23 72.36
CA ALA H 103 0.48 -61.03 71.56
C ALA H 103 0.65 -59.91 70.52
N ALA H 104 1.57 -59.01 70.81
CA ALA H 104 1.83 -57.92 69.89
C ALA H 104 2.33 -58.48 68.58
N GLU H 105 3.43 -59.22 68.65
CA GLU H 105 4.05 -59.79 67.46
C GLU H 105 3.23 -60.85 66.81
N LEU H 106 2.51 -61.65 67.60
CA LEU H 106 1.65 -62.66 66.97
C LEU H 106 0.83 -61.93 65.94
N ARG H 107 -0.03 -61.04 66.43
CA ARG H 107 -0.92 -60.26 65.57
C ARG H 107 -0.17 -59.57 64.46
N HIS H 108 1.03 -59.10 64.75
CA HIS H 108 1.83 -58.42 63.73
C HIS H 108 2.22 -59.35 62.59
N VAL H 109 2.98 -60.39 62.89
CA VAL H 109 3.37 -61.31 61.84
C VAL H 109 2.16 -62.00 61.25
N MET H 110 1.09 -62.07 62.02
CA MET H 110 -0.11 -62.69 61.50
C MET H 110 -0.66 -61.90 60.34
N THR H 111 -0.64 -60.57 60.42
CA THR H 111 -1.18 -59.75 59.35
C THR H 111 -0.34 -59.68 58.07
N ASN H 112 0.98 -59.55 58.22
CA ASN H 112 1.83 -59.50 57.03
C ASN H 112 1.58 -60.77 56.24
N LEU H 113 1.51 -61.88 56.95
CA LEU H 113 1.26 -63.15 56.29
C LEU H 113 -0.18 -63.12 55.75
N GLY H 114 -0.84 -61.98 55.93
CA GLY H 114 -2.18 -61.81 55.40
C GLY H 114 -3.40 -62.08 56.25
N GLU H 115 -3.27 -62.19 57.56
CA GLU H 115 -4.47 -62.44 58.35
C GLU H 115 -4.88 -61.30 59.30
N LYS H 116 -6.04 -60.72 59.00
CA LYS H 116 -6.56 -59.65 59.83
C LYS H 116 -7.11 -60.28 61.10
N LEU H 117 -6.37 -60.14 62.19
CA LEU H 117 -6.80 -60.69 63.45
C LEU H 117 -7.35 -59.62 64.36
N THR H 118 -8.43 -59.95 65.04
CA THR H 118 -9.06 -59.04 65.97
C THR H 118 -8.25 -58.92 67.25
N ASP H 119 -8.01 -57.71 67.70
CA ASP H 119 -7.27 -57.52 68.92
C ASP H 119 -7.82 -58.45 70.02
N GLU H 120 -9.08 -58.85 69.88
CA GLU H 120 -9.73 -59.71 70.87
C GLU H 120 -9.40 -61.19 70.72
N GLU H 121 -9.08 -61.61 69.50
CA GLU H 121 -8.77 -63.02 69.24
C GLU H 121 -7.28 -63.23 68.95
N VAL H 122 -6.44 -62.56 69.73
CA VAL H 122 -5.00 -62.67 69.63
C VAL H 122 -4.58 -62.75 71.06
N ASP H 123 -5.19 -61.88 71.86
CA ASP H 123 -4.93 -61.85 73.29
C ASP H 123 -5.58 -63.16 73.70
N GLN H 124 -6.23 -63.79 72.72
CA GLN H 124 -6.95 -65.03 72.90
C GLN H 124 -6.06 -66.25 72.61
N MET H 125 -5.42 -66.27 71.46
CA MET H 125 -4.54 -67.37 71.14
C MET H 125 -3.46 -67.36 72.23
N ILE H 126 -2.69 -66.28 72.31
CA ILE H 126 -1.64 -66.15 73.30
C ILE H 126 -2.05 -66.69 74.67
N ARG H 127 -3.33 -66.66 74.97
CA ARG H 127 -3.75 -67.16 76.27
C ARG H 127 -3.78 -68.68 76.25
N GLU H 128 -4.60 -69.25 75.38
CA GLU H 128 -4.72 -70.69 75.31
C GLU H 128 -3.37 -71.40 75.08
N ALA H 129 -2.41 -70.67 74.53
CA ALA H 129 -1.10 -71.23 74.26
C ALA H 129 -0.23 -71.21 75.49
N ASP H 130 -0.52 -70.25 76.36
CA ASP H 130 0.22 -70.08 77.60
C ASP H 130 -0.20 -71.06 78.70
N ILE H 131 0.77 -71.83 79.16
CA ILE H 131 0.54 -72.85 80.17
C ILE H 131 0.94 -72.43 81.56
N ASP H 132 2.00 -71.64 81.66
CA ASP H 132 2.46 -71.24 82.98
C ASP H 132 1.93 -69.88 83.42
N GLY H 133 1.04 -69.30 82.63
CA GLY H 133 0.43 -68.04 82.98
C GLY H 133 1.17 -66.71 82.92
N ASP H 134 2.36 -66.66 82.33
CA ASP H 134 3.07 -65.38 82.27
C ASP H 134 2.75 -64.51 81.06
N GLY H 135 1.53 -64.60 80.55
CA GLY H 135 1.15 -63.78 79.42
C GLY H 135 1.85 -63.97 78.08
N GLN H 136 2.95 -64.72 78.06
CA GLN H 136 3.68 -64.95 76.80
C GLN H 136 3.99 -66.42 76.51
N VAL H 137 4.21 -66.74 75.23
CA VAL H 137 4.49 -68.12 74.81
C VAL H 137 5.96 -68.37 74.49
N ASN H 138 6.63 -69.20 75.27
CA ASN H 138 8.05 -69.51 75.01
C ASN H 138 8.16 -70.67 74.02
N TYR H 139 9.38 -71.04 73.66
CA TYR H 139 9.52 -72.12 72.70
C TYR H 139 8.79 -73.35 73.21
N GLU H 140 9.01 -73.72 74.46
CA GLU H 140 8.36 -74.90 74.99
C GLU H 140 6.85 -74.93 74.76
N GLU H 141 6.12 -73.93 75.26
CA GLU H 141 4.66 -73.94 75.10
C GLU H 141 4.24 -73.88 73.66
N PHE H 142 5.09 -73.25 72.85
CA PHE H 142 4.84 -73.10 71.42
C PHE H 142 4.84 -74.51 70.82
N VAL H 143 5.98 -75.19 70.94
CA VAL H 143 6.14 -76.57 70.44
C VAL H 143 4.98 -77.44 70.87
N GLN H 144 4.58 -77.27 72.12
CA GLN H 144 3.47 -78.01 72.67
C GLN H 144 2.25 -77.78 71.77
N MET H 145 1.80 -76.53 71.77
CA MET H 145 0.65 -76.10 71.01
C MET H 145 0.67 -76.55 69.55
N MET H 146 1.82 -76.39 68.91
CA MET H 146 2.00 -76.73 67.51
C MET H 146 1.78 -78.20 67.25
N THR H 147 2.70 -79.05 67.69
CA THR H 147 2.58 -80.49 67.48
C THR H 147 1.40 -81.13 68.21
N ALA H 148 1.16 -80.71 69.45
CA ALA H 148 0.05 -81.28 70.20
C ALA H 148 -1.15 -81.39 69.25
N LYS H 149 -1.43 -82.61 68.80
CA LYS H 149 -2.56 -82.83 67.91
C LYS H 149 -3.87 -82.83 68.70
N GLN I 4 -24.65 -18.42 48.74
CA GLN I 4 -25.99 -17.90 48.45
C GLN I 4 -26.00 -17.05 47.20
N LEU I 5 -25.69 -17.62 46.05
CA LEU I 5 -25.70 -16.77 44.85
C LEU I 5 -27.12 -16.33 44.50
N THR I 6 -27.33 -15.04 44.30
CA THR I 6 -28.65 -14.55 43.94
C THR I 6 -29.11 -15.22 42.65
N GLU I 7 -30.41 -15.26 42.43
CA GLU I 7 -30.88 -15.90 41.20
C GLU I 7 -30.11 -15.26 40.07
N GLU I 8 -30.24 -13.95 39.91
CA GLU I 8 -29.55 -13.20 38.85
C GLU I 8 -28.08 -13.66 38.73
N GLN I 9 -27.49 -14.05 39.85
CA GLN I 9 -26.11 -14.50 39.88
C GLN I 9 -25.99 -15.88 39.26
N ILE I 10 -27.10 -16.38 38.78
CA ILE I 10 -27.18 -17.70 38.15
C ILE I 10 -27.29 -17.47 36.66
N ALA I 11 -28.12 -16.51 36.31
CA ALA I 11 -28.34 -16.14 34.93
C ALA I 11 -26.97 -16.15 34.27
N GLU I 12 -26.05 -15.38 34.84
CA GLU I 12 -24.69 -15.26 34.35
C GLU I 12 -23.94 -16.58 34.39
N PHE I 13 -23.68 -17.09 35.59
CA PHE I 13 -22.96 -18.34 35.74
C PHE I 13 -23.48 -19.47 34.83
N LYS I 14 -24.53 -19.21 34.06
CA LYS I 14 -25.06 -20.19 33.11
C LYS I 14 -24.94 -19.60 31.71
N GLU I 15 -25.53 -18.42 31.53
CA GLU I 15 -25.46 -17.72 30.25
C GLU I 15 -24.04 -17.74 29.78
N ALA I 16 -23.11 -17.92 30.71
CA ALA I 16 -21.69 -17.97 30.38
C ALA I 16 -21.24 -19.42 30.33
N PHE I 17 -21.68 -20.20 31.30
CA PHE I 17 -21.35 -21.62 31.38
C PHE I 17 -21.67 -22.33 30.08
N SER I 18 -22.85 -22.04 29.56
CA SER I 18 -23.33 -22.64 28.35
C SER I 18 -22.68 -22.14 27.09
N LEU I 19 -22.41 -20.85 27.03
CA LEU I 19 -21.79 -20.33 25.83
C LEU I 19 -20.56 -21.13 25.45
N PHE I 20 -19.81 -21.63 26.41
CA PHE I 20 -18.61 -22.34 26.03
C PHE I 20 -18.72 -23.84 26.05
N ASP I 21 -19.96 -24.30 26.20
CA ASP I 21 -20.26 -25.72 26.20
C ASP I 21 -20.48 -25.99 24.71
N LYS I 22 -19.38 -26.23 24.03
CA LYS I 22 -19.38 -26.48 22.60
C LYS I 22 -20.35 -27.63 22.22
N ASP I 23 -20.07 -28.85 22.67
CA ASP I 23 -20.90 -30.01 22.35
C ASP I 23 -22.36 -29.96 22.85
N GLY I 24 -22.89 -28.77 23.05
CA GLY I 24 -24.27 -28.60 23.49
C GLY I 24 -24.96 -29.45 24.55
N ASP I 25 -24.26 -30.24 25.36
CA ASP I 25 -24.93 -31.04 26.39
C ASP I 25 -25.27 -30.30 27.68
N GLY I 26 -24.43 -30.48 28.70
CA GLY I 26 -24.66 -29.84 29.97
C GLY I 26 -23.50 -30.07 30.90
N THR I 27 -22.35 -30.37 30.30
CA THR I 27 -21.13 -30.63 31.06
C THR I 27 -19.96 -30.02 30.26
N ILE I 28 -19.04 -29.33 30.94
CA ILE I 28 -17.91 -28.70 30.28
C ILE I 28 -16.59 -29.30 30.67
N THR I 29 -15.74 -29.51 29.69
CA THR I 29 -14.43 -30.09 29.94
C THR I 29 -13.60 -29.14 30.79
N THR I 30 -12.48 -29.65 31.31
CA THR I 30 -11.59 -28.87 32.14
C THR I 30 -11.25 -27.55 31.46
N LYS I 31 -10.52 -27.62 30.36
CA LYS I 31 -10.13 -26.43 29.62
C LYS I 31 -11.33 -25.50 29.45
N GLU I 32 -12.50 -26.07 29.27
CA GLU I 32 -13.70 -25.27 29.11
C GLU I 32 -14.04 -24.53 30.37
N LEU I 33 -14.03 -25.24 31.50
CA LEU I 33 -14.35 -24.56 32.75
C LEU I 33 -13.36 -23.41 32.83
N GLY I 34 -12.07 -23.72 32.61
CA GLY I 34 -11.06 -22.71 32.66
C GLY I 34 -11.52 -21.50 31.88
N THR I 35 -12.08 -21.72 30.69
CA THR I 35 -12.52 -20.64 29.86
C THR I 35 -13.77 -19.98 30.31
N VAL I 36 -14.69 -20.77 30.81
CA VAL I 36 -15.96 -20.21 31.24
C VAL I 36 -15.69 -19.15 32.26
N MET I 37 -14.86 -19.49 33.25
CA MET I 37 -14.49 -18.56 34.33
C MET I 37 -13.78 -17.29 33.85
N ARG I 38 -12.64 -17.47 33.18
CA ARG I 38 -11.89 -16.33 32.68
C ARG I 38 -12.84 -15.37 32.00
N SER I 39 -13.67 -15.91 31.11
CA SER I 39 -14.63 -15.08 30.39
C SER I 39 -15.46 -14.28 31.40
N LEU I 40 -15.88 -14.93 32.48
CA LEU I 40 -16.68 -14.27 33.47
C LEU I 40 -15.86 -13.27 34.31
N GLY I 41 -14.53 -13.19 34.17
CA GLY I 41 -13.72 -12.19 34.91
C GLY I 41 -12.71 -12.68 35.96
N GLN I 42 -12.40 -13.97 35.93
CA GLN I 42 -11.47 -14.64 36.85
C GLN I 42 -10.54 -15.52 36.10
N ASN I 43 -9.59 -16.00 36.86
CA ASN I 43 -8.71 -16.89 36.36
C ASN I 43 -8.11 -17.67 37.46
N PRO I 44 -8.49 -18.95 37.42
CA PRO I 44 -7.94 -19.88 38.38
C PRO I 44 -6.59 -20.29 37.75
N THR I 45 -5.63 -20.59 38.61
CA THR I 45 -4.32 -20.97 38.14
C THR I 45 -4.39 -22.30 37.42
N GLU I 46 -3.33 -22.60 36.68
CA GLU I 46 -3.23 -23.83 35.92
C GLU I 46 -3.55 -25.05 36.80
N ALA I 47 -3.04 -25.07 38.03
CA ALA I 47 -3.26 -26.20 38.94
C ALA I 47 -4.41 -25.99 39.93
N GLU I 48 -4.71 -24.74 40.26
CA GLU I 48 -5.80 -24.41 41.19
C GLU I 48 -7.12 -24.74 40.52
N LEU I 49 -7.05 -24.86 39.19
CA LEU I 49 -8.22 -25.15 38.36
C LEU I 49 -8.75 -26.55 38.53
N GLN I 50 -7.90 -27.48 38.96
CA GLN I 50 -8.28 -28.87 39.15
C GLN I 50 -9.01 -29.15 40.47
N ASP I 51 -8.44 -28.72 41.58
CA ASP I 51 -9.02 -28.93 42.90
C ASP I 51 -10.55 -28.80 42.94
N MET I 52 -11.10 -27.93 42.09
CA MET I 52 -12.54 -27.71 42.05
C MET I 52 -13.30 -28.78 41.26
N ILE I 53 -12.75 -29.12 40.09
CA ILE I 53 -13.32 -30.12 39.20
C ILE I 53 -13.00 -31.52 39.73
N ASN I 54 -11.88 -31.62 40.43
CA ASN I 54 -11.41 -32.88 41.00
C ASN I 54 -12.27 -33.36 42.16
N GLU I 55 -12.75 -32.46 42.99
CA GLU I 55 -13.45 -33.00 44.12
C GLU I 55 -14.71 -33.80 43.79
N VAL I 56 -15.32 -33.62 42.64
CA VAL I 56 -16.57 -34.34 42.42
C VAL I 56 -16.57 -35.28 41.20
N ASP I 57 -15.74 -36.34 41.20
CA ASP I 57 -15.59 -37.23 40.03
C ASP I 57 -16.72 -38.24 39.79
N ALA I 58 -17.90 -37.73 39.42
CA ALA I 58 -19.06 -38.58 39.13
C ALA I 58 -19.34 -38.47 37.63
N ASP I 59 -18.26 -38.27 36.88
CA ASP I 59 -18.32 -38.13 35.43
C ASP I 59 -17.26 -38.99 34.71
N GLY I 60 -17.00 -38.66 33.44
CA GLY I 60 -16.02 -39.38 32.67
C GLY I 60 -14.63 -39.13 33.22
N ASN I 61 -14.59 -38.85 34.53
CA ASN I 61 -13.34 -38.57 35.24
C ASN I 61 -12.65 -37.41 34.51
N GLY I 62 -13.38 -36.30 34.38
CA GLY I 62 -12.80 -35.15 33.71
C GLY I 62 -13.76 -34.01 33.40
N THR I 63 -15.06 -34.25 33.47
CA THR I 63 -16.02 -33.19 33.17
C THR I 63 -16.84 -32.76 34.37
N ILE I 64 -17.64 -31.71 34.20
CA ILE I 64 -18.49 -31.15 35.25
C ILE I 64 -19.74 -30.53 34.62
N ASP I 65 -20.92 -30.85 35.16
CA ASP I 65 -22.19 -30.35 34.60
C ASP I 65 -22.58 -28.92 34.96
N PHE I 66 -23.89 -28.64 34.94
CA PHE I 66 -24.37 -27.31 35.29
C PHE I 66 -24.26 -27.17 36.81
N PRO I 67 -25.01 -28.00 37.58
CA PRO I 67 -24.96 -27.94 39.04
C PRO I 67 -23.57 -28.06 39.55
N GLU I 68 -22.85 -29.07 39.07
CA GLU I 68 -21.46 -29.29 39.46
C GLU I 68 -20.71 -27.96 39.54
N PHE I 69 -21.11 -27.05 38.66
CA PHE I 69 -20.53 -25.72 38.50
C PHE I 69 -21.10 -24.74 39.50
N LEU I 70 -22.39 -24.43 39.35
CA LEU I 70 -23.08 -23.49 40.22
C LEU I 70 -22.79 -23.74 41.70
N THR I 71 -22.73 -24.99 42.09
CA THR I 71 -22.47 -25.37 43.47
C THR I 71 -21.01 -25.20 43.87
N MET I 72 -20.15 -25.08 42.88
CA MET I 72 -18.71 -24.91 43.12
C MET I 72 -18.34 -23.42 43.09
N MET I 73 -19.31 -22.56 42.79
CA MET I 73 -19.08 -21.13 42.78
C MET I 73 -19.59 -20.64 44.12
N ALA I 74 -18.86 -21.05 45.14
CA ALA I 74 -19.12 -20.72 46.53
C ALA I 74 -17.74 -20.80 47.16
N ARG I 75 -17.06 -21.93 46.99
CA ARG I 75 -15.71 -22.15 47.53
C ARG I 75 -14.94 -20.85 47.57
N LYS I 76 -15.14 -20.00 46.58
CA LYS I 76 -14.46 -18.74 46.61
C LYS I 76 -15.39 -17.60 46.22
N MET I 77 -16.68 -17.73 46.49
CA MET I 77 -17.61 -16.68 46.09
C MET I 77 -18.66 -16.38 47.17
N LYS I 78 -18.60 -17.14 48.25
CA LYS I 78 -19.55 -16.98 49.35
C LYS I 78 -18.96 -16.11 50.46
N ASP I 79 -17.85 -15.45 50.14
CA ASP I 79 -17.13 -14.56 51.06
C ASP I 79 -16.78 -13.24 50.37
N THR I 80 -16.07 -13.36 49.24
CA THR I 80 -15.62 -12.23 48.42
C THR I 80 -16.68 -11.15 48.15
N ASP I 81 -16.36 -9.92 48.56
CA ASP I 81 -17.22 -8.74 48.39
C ASP I 81 -16.30 -7.54 48.09
N SER I 82 -15.04 -7.84 47.80
CA SER I 82 -14.03 -6.84 47.50
C SER I 82 -14.35 -5.98 46.29
N GLU I 83 -15.05 -6.57 45.33
CA GLU I 83 -15.41 -5.86 44.12
C GLU I 83 -15.71 -4.40 44.34
N GLU I 84 -16.51 -4.12 45.35
CA GLU I 84 -16.92 -2.76 45.65
C GLU I 84 -15.81 -1.84 46.09
N GLU I 85 -15.16 -2.19 47.21
CA GLU I 85 -14.05 -1.45 47.79
C GLU I 85 -13.18 -0.85 46.68
N ILE I 86 -12.72 -1.74 45.80
CA ILE I 86 -11.88 -1.37 44.68
C ILE I 86 -12.51 -0.35 43.75
N ARG I 87 -13.84 -0.34 43.64
CA ARG I 87 -14.47 0.65 42.78
C ARG I 87 -14.50 1.99 43.50
N GLU I 88 -14.33 1.95 44.81
CA GLU I 88 -14.35 3.16 45.61
C GLU I 88 -12.95 3.70 45.70
N ALA I 89 -12.00 2.78 45.77
CA ALA I 89 -10.60 3.19 45.78
C ALA I 89 -10.41 3.88 44.44
N PHE I 90 -11.00 3.38 43.37
CA PHE I 90 -10.83 4.06 42.10
C PHE I 90 -11.34 5.49 42.19
N ARG I 91 -12.64 5.68 42.42
CA ARG I 91 -13.13 7.04 42.46
C ARG I 91 -12.25 7.95 43.32
N VAL I 92 -11.50 7.36 44.26
CA VAL I 92 -10.63 8.16 45.13
C VAL I 92 -9.45 8.77 44.40
N PHE I 93 -8.67 7.96 43.67
CA PHE I 93 -7.53 8.47 42.93
C PHE I 93 -7.99 9.28 41.76
N ASP I 94 -9.08 8.86 41.13
CA ASP I 94 -9.58 9.62 40.00
C ASP I 94 -10.06 10.92 40.61
N LYS I 95 -9.10 11.70 41.07
CA LYS I 95 -9.34 12.98 41.71
C LYS I 95 -10.25 13.97 41.01
N ASP I 96 -10.12 14.12 39.68
CA ASP I 96 -10.89 15.10 38.93
C ASP I 96 -12.22 14.70 38.35
N GLY I 97 -12.53 13.40 38.43
CA GLY I 97 -13.81 12.89 37.96
C GLY I 97 -13.99 12.74 36.46
N ASN I 98 -12.92 12.36 35.77
CA ASN I 98 -12.97 12.18 34.33
C ASN I 98 -13.18 10.71 34.06
N GLY I 99 -13.11 9.89 35.10
CA GLY I 99 -13.29 8.48 34.88
C GLY I 99 -11.98 7.80 34.60
N TYR I 100 -10.92 8.58 34.57
CA TYR I 100 -9.59 8.05 34.31
C TYR I 100 -8.61 8.43 35.43
N ILE I 101 -7.53 7.67 35.60
CA ILE I 101 -6.58 7.99 36.64
C ILE I 101 -5.28 8.33 35.96
N SER I 102 -4.97 9.62 35.93
CA SER I 102 -3.75 10.17 35.34
C SER I 102 -2.53 10.12 36.26
N ALA I 103 -1.34 9.92 35.69
CA ALA I 103 -0.12 9.83 36.48
C ALA I 103 0.02 11.01 37.45
N ALA I 104 -0.60 12.11 37.11
CA ALA I 104 -0.55 13.28 37.95
C ALA I 104 -1.18 12.95 39.29
N GLU I 105 -2.46 12.54 39.26
CA GLU I 105 -3.20 12.22 40.47
C GLU I 105 -2.69 11.03 41.20
N LEU I 106 -2.22 10.02 40.46
CA LEU I 106 -1.67 8.86 41.14
C LEU I 106 -0.66 9.40 42.15
N ARG I 107 0.42 9.98 41.63
CA ARG I 107 1.48 10.55 42.45
C ARG I 107 0.94 11.49 43.51
N HIS I 108 -0.08 12.25 43.16
CA HIS I 108 -0.66 13.17 44.13
C HIS I 108 -1.29 12.46 45.31
N VAL I 109 -2.29 11.64 45.08
CA VAL I 109 -2.92 10.93 46.18
C VAL I 109 -1.93 9.98 46.82
N MET I 110 -0.93 9.57 46.08
CA MET I 110 0.07 8.68 46.65
C MET I 110 0.80 9.38 47.76
N THR I 111 1.15 10.65 47.57
CA THR I 111 1.91 11.36 48.62
C THR I 111 1.12 11.73 49.88
N ASN I 112 -0.11 12.21 49.72
CA ASN I 112 -0.90 12.55 50.89
C ASN I 112 -1.01 11.32 51.76
N LEU I 113 -1.25 10.17 51.12
CA LEU I 113 -1.33 8.91 51.86
C LEU I 113 0.06 8.61 52.40
N GLY I 114 1.00 9.51 52.16
CA GLY I 114 2.34 9.34 52.70
C GLY I 114 3.45 8.71 51.87
N GLU I 115 3.27 8.56 50.57
CA GLU I 115 4.36 7.95 49.81
C GLU I 115 5.05 8.86 48.80
N LYS I 116 6.33 9.14 49.08
CA LYS I 116 7.12 9.97 48.18
C LYS I 116 7.46 9.14 46.96
N LEU I 117 6.78 9.41 45.86
CA LEU I 117 7.04 8.69 44.64
C LEU I 117 7.84 9.52 43.66
N THR I 118 8.79 8.87 43.01
CA THR I 118 9.63 9.53 42.04
C THR I 118 8.89 9.77 40.76
N ASP I 119 8.98 10.97 40.22
CA ASP I 119 8.31 11.28 38.98
C ASP I 119 8.58 10.18 37.95
N GLU I 120 9.68 9.46 38.13
CA GLU I 120 10.07 8.39 37.20
C GLU I 120 9.35 7.06 37.44
N GLU I 121 8.94 6.81 38.67
CA GLU I 121 8.26 5.57 39.02
C GLU I 121 6.77 5.78 39.30
N VAL I 122 6.14 6.60 38.48
CA VAL I 122 4.72 6.88 38.57
C VAL I 122 4.29 6.84 37.14
N ASP I 123 5.09 7.48 36.30
CA ASP I 123 4.84 7.48 34.86
C ASP I 123 5.12 6.02 34.53
N GLN I 124 5.58 5.30 35.55
CA GLN I 124 5.94 3.90 35.45
C GLN I 124 4.76 2.99 35.81
N MET I 125 4.16 3.21 36.97
CA MET I 125 3.00 2.40 37.34
C MET I 125 1.95 2.64 36.24
N ILE I 126 1.51 3.88 36.09
CA ILE I 126 0.52 4.22 35.08
C ILE I 126 0.76 3.51 33.76
N ARG I 127 1.99 3.17 33.46
CA ARG I 127 2.26 2.51 32.20
C ARG I 127 1.89 1.04 32.32
N GLU I 128 2.53 0.32 33.22
CA GLU I 128 2.25 -1.09 33.38
C GLU I 128 0.77 -1.39 33.64
N ALA I 129 0.03 -0.40 34.13
CA ALA I 129 -1.38 -0.58 34.43
C ALA I 129 -2.21 -0.38 33.19
N ASP I 130 -1.68 0.40 32.26
CA ASP I 130 -2.36 0.70 31.01
C ASP I 130 -2.21 -0.43 29.98
N ILE I 131 -3.37 -0.94 29.56
CA ILE I 131 -3.43 -2.04 28.61
C ILE I 131 -3.71 -1.61 27.19
N ASP I 132 -4.52 -0.57 27.02
CA ASP I 132 -4.86 -0.14 25.70
C ASP I 132 -3.98 0.99 25.18
N GLY I 133 -2.96 1.35 25.94
CA GLY I 133 -2.04 2.39 25.51
C GLY I 133 -2.39 3.87 25.49
N ASP I 134 -3.52 4.28 26.07
CA ASP I 134 -3.86 5.70 26.04
C ASP I 134 -3.31 6.52 27.19
N GLY I 135 -2.17 6.13 27.72
CA GLY I 135 -1.56 6.89 28.80
C GLY I 135 -2.28 6.98 30.14
N GLN I 136 -3.53 6.56 30.21
CA GLN I 136 -4.29 6.61 31.47
C GLN I 136 -4.97 5.29 31.84
N VAL I 137 -5.27 5.12 33.13
CA VAL I 137 -5.92 3.91 33.62
C VAL I 137 -7.40 4.07 33.95
N ASN I 138 -8.28 3.40 33.22
CA ASN I 138 -9.71 3.51 33.49
C ASN I 138 -10.13 2.49 34.53
N TYR I 139 -11.40 2.48 34.90
CA TYR I 139 -11.83 1.53 35.92
C TYR I 139 -11.47 0.12 35.50
N GLU I 140 -11.77 -0.25 34.27
CA GLU I 140 -11.46 -1.59 33.81
C GLU I 140 -10.02 -2.01 34.07
N GLU I 141 -9.05 -1.28 33.51
CA GLU I 141 -7.65 -1.67 33.69
C GLU I 141 -7.22 -1.64 35.13
N PHE I 142 -7.85 -0.76 35.89
CA PHE I 142 -7.58 -0.60 37.31
C PHE I 142 -7.94 -1.91 38.00
N VAL I 143 -9.22 -2.27 37.92
CA VAL I 143 -9.74 -3.51 38.51
C VAL I 143 -8.87 -4.69 38.12
N GLN I 144 -8.43 -4.70 36.86
CA GLN I 144 -7.58 -5.76 36.37
C GLN I 144 -6.34 -5.80 37.26
N MET I 145 -5.57 -4.73 37.19
CA MET I 145 -4.34 -4.57 37.95
C MET I 145 -4.49 -4.92 39.42
N MET I 146 -5.55 -4.41 40.04
CA MET I 146 -5.80 -4.62 41.44
C MET I 146 -5.97 -6.07 41.81
N THR I 147 -7.08 -6.66 41.40
CA THR I 147 -7.35 -8.07 41.72
C THR I 147 -6.40 -9.04 41.04
N ALA I 148 -6.06 -8.79 39.78
CA ALA I 148 -5.15 -9.67 39.07
C ALA I 148 -4.03 -10.05 40.03
N LYS I 149 -4.07 -11.27 40.56
CA LYS I 149 -3.05 -11.73 41.48
C LYS I 149 -1.77 -12.14 40.69
N GLN J 4 -71.11 -37.74 -2.50
CA GLN J 4 -71.99 -37.25 -1.43
C GLN J 4 -72.98 -36.24 -1.96
N LEU J 5 -73.86 -36.64 -2.87
CA LEU J 5 -74.81 -35.64 -3.35
C LEU J 5 -75.80 -35.21 -2.28
N THR J 6 -75.93 -33.92 -2.07
CA THR J 6 -76.87 -33.43 -1.07
C THR J 6 -78.27 -33.95 -1.38
N GLU J 7 -79.13 -34.02 -0.39
CA GLU J 7 -80.49 -34.50 -0.66
C GLU J 7 -81.00 -33.69 -1.83
N GLU J 8 -81.08 -32.37 -1.66
CA GLU J 8 -81.55 -31.46 -2.69
C GLU J 8 -80.96 -31.84 -4.06
N GLN J 9 -79.74 -32.35 -4.05
CA GLN J 9 -79.05 -32.75 -5.28
C GLN J 9 -79.65 -34.02 -5.83
N ILE J 10 -80.68 -34.50 -5.17
CA ILE J 10 -81.36 -35.72 -5.55
C ILE J 10 -82.67 -35.30 -6.18
N ALA J 11 -83.31 -34.33 -5.54
CA ALA J 11 -84.57 -33.80 -6.01
C ALA J 11 -84.44 -33.67 -7.51
N GLU J 12 -83.42 -32.93 -7.93
CA GLU J 12 -83.12 -32.70 -9.34
C GLU J 12 -82.83 -33.97 -10.11
N PHE J 13 -81.73 -34.63 -9.77
CA PHE J 13 -81.35 -35.86 -10.44
C PHE J 13 -82.48 -36.87 -10.58
N LYS J 14 -83.66 -36.56 -10.04
CA LYS J 14 -84.84 -37.44 -10.15
C LYS J 14 -85.92 -36.66 -10.89
N GLU J 15 -86.26 -35.49 -10.36
CA GLU J 15 -87.26 -34.62 -10.98
C GLU J 15 -86.93 -34.53 -12.45
N ALA J 16 -85.68 -34.78 -12.80
CA ALA J 16 -85.24 -34.74 -14.18
C ALA J 16 -85.20 -36.14 -14.76
N PHE J 17 -84.67 -37.06 -13.97
CA PHE J 17 -84.57 -38.46 -14.37
C PHE J 17 -85.90 -39.01 -14.81
N SER J 18 -86.92 -38.69 -14.03
CA SER J 18 -88.26 -39.15 -14.28
C SER J 18 -88.95 -38.46 -15.41
N LEU J 19 -88.73 -37.16 -15.55
CA LEU J 19 -89.40 -36.46 -16.62
C LEU J 19 -89.19 -37.13 -17.94
N PHE J 20 -88.03 -37.74 -18.16
CA PHE J 20 -87.81 -38.34 -19.46
C PHE J 20 -87.99 -39.84 -19.51
N ASP J 21 -88.54 -40.36 -18.42
CA ASP J 21 -88.83 -41.77 -18.31
C ASP J 21 -90.24 -41.85 -18.89
N LYS J 22 -90.29 -41.96 -20.21
CA LYS J 22 -91.54 -42.02 -20.94
C LYS J 22 -92.46 -43.14 -20.43
N ASP J 23 -92.03 -44.40 -20.57
CA ASP J 23 -92.84 -45.53 -20.13
C ASP J 23 -93.16 -45.62 -18.62
N GLY J 24 -93.15 -44.49 -17.94
CA GLY J 24 -93.46 -44.44 -16.52
C GLY J 24 -92.98 -45.45 -15.48
N ASP J 25 -92.01 -46.31 -15.77
CA ASP J 25 -91.55 -47.27 -14.75
C ASP J 25 -90.55 -46.73 -13.75
N GLY J 26 -89.27 -47.01 -13.97
CA GLY J 26 -88.23 -46.54 -13.07
C GLY J 26 -86.86 -46.85 -13.63
N THR J 27 -86.82 -47.02 -14.94
CA THR J 27 -85.58 -47.32 -15.64
C THR J 27 -85.60 -46.57 -16.98
N ILE J 28 -84.49 -45.94 -17.35
CA ILE J 28 -84.43 -45.18 -18.60
C ILE J 28 -83.46 -45.78 -19.60
N THR J 29 -83.88 -45.82 -20.84
CA THR J 29 -83.06 -46.36 -21.90
C THR J 29 -81.83 -45.50 -22.09
N THR J 30 -80.85 -46.04 -22.83
CA THR J 30 -79.61 -45.33 -23.11
C THR J 30 -79.91 -43.92 -23.61
N LYS J 31 -80.47 -43.82 -24.81
CA LYS J 31 -80.79 -42.52 -25.37
C LYS J 31 -81.47 -41.63 -24.34
N GLU J 32 -82.28 -42.23 -23.48
CA GLU J 32 -82.95 -41.45 -22.45
C GLU J 32 -81.98 -40.93 -21.44
N LEU J 33 -81.07 -41.76 -20.97
CA LEU J 33 -80.10 -41.28 -20.00
C LEU J 33 -79.42 -40.10 -20.68
N GLY J 34 -78.97 -40.33 -21.93
CA GLY J 34 -78.33 -39.28 -22.69
C GLY J 34 -79.12 -37.99 -22.55
N THR J 35 -80.43 -38.07 -22.70
CA THR J 35 -81.26 -36.90 -22.62
C THR J 35 -81.45 -36.38 -21.23
N VAL J 36 -81.57 -37.28 -20.27
CA VAL J 36 -81.79 -36.83 -18.91
C VAL J 36 -80.69 -35.90 -18.52
N MET J 37 -79.45 -36.33 -18.78
CA MET J 37 -78.25 -35.54 -18.46
C MET J 37 -78.18 -34.18 -19.18
N ARG J 38 -78.18 -34.23 -20.51
CA ARG J 38 -78.13 -33.00 -21.29
C ARG J 38 -79.12 -32.01 -20.70
N SER J 39 -80.35 -32.45 -20.50
CA SER J 39 -81.37 -31.58 -19.95
C SER J 39 -80.85 -30.94 -18.64
N LEU J 40 -80.21 -31.76 -17.82
CA LEU J 40 -79.69 -31.27 -16.57
C LEU J 40 -78.47 -30.37 -16.74
N GLY J 41 -77.93 -30.21 -17.94
CA GLY J 41 -76.79 -29.28 -18.16
C GLY J 41 -75.42 -29.86 -18.56
N GLN J 42 -75.41 -31.12 -18.97
CA GLN J 42 -74.21 -31.88 -19.37
C GLN J 42 -74.45 -32.60 -20.64
N ASN J 43 -73.37 -33.14 -21.13
CA ASN J 43 -73.43 -33.92 -22.23
C ASN J 43 -72.26 -34.82 -22.27
N PRO J 44 -72.59 -36.09 -22.11
CA PRO J 44 -71.58 -37.12 -22.20
C PRO J 44 -71.47 -37.39 -23.73
N THR J 45 -70.27 -37.74 -24.15
CA THR J 45 -70.05 -38.00 -25.55
C THR J 45 -70.82 -39.23 -25.98
N GLU J 46 -70.95 -39.39 -27.29
CA GLU J 46 -71.66 -40.51 -27.88
C GLU J 46 -71.19 -41.84 -27.29
N ALA J 47 -69.87 -42.01 -27.13
CA ALA J 47 -69.32 -43.25 -26.60
C ALA J 47 -69.03 -43.23 -25.08
N GLU J 48 -68.79 -42.04 -24.54
CA GLU J 48 -68.51 -41.88 -23.11
C GLU J 48 -69.78 -42.18 -22.34
N LEU J 49 -70.90 -42.11 -23.07
CA LEU J 49 -72.23 -42.33 -22.52
C LEU J 49 -72.49 -43.78 -22.11
N GLN J 50 -71.77 -44.70 -22.72
CA GLN J 50 -71.94 -46.12 -22.45
C GLN J 50 -71.21 -46.62 -21.19
N ASP J 51 -69.93 -46.32 -21.09
CA ASP J 51 -69.12 -46.72 -19.94
C ASP J 51 -69.86 -46.66 -18.61
N MET J 52 -70.77 -45.71 -18.46
CA MET J 52 -71.53 -45.54 -17.22
C MET J 52 -72.68 -46.53 -17.08
N ILE J 53 -73.43 -46.69 -18.16
CA ILE J 53 -74.58 -47.58 -18.22
C ILE J 53 -74.10 -49.03 -18.38
N ASN J 54 -72.94 -49.18 -19.00
CA ASN J 54 -72.33 -50.47 -19.25
C ASN J 54 -71.82 -51.14 -17.98
N GLU J 55 -71.26 -50.38 -17.05
CA GLU J 55 -70.71 -51.10 -15.93
C GLU J 55 -71.71 -51.90 -15.10
N VAL J 56 -72.99 -51.59 -15.13
CA VAL J 56 -73.87 -52.34 -14.24
C VAL J 56 -75.00 -53.10 -14.96
N ASP J 57 -74.69 -54.11 -15.78
CA ASP J 57 -75.70 -54.83 -16.59
C ASP J 57 -76.58 -55.83 -15.85
N ALA J 58 -77.44 -55.33 -14.95
CA ALA J 58 -78.36 -56.19 -14.19
C ALA J 58 -79.77 -55.89 -14.70
N ASP J 59 -79.85 -55.55 -15.99
CA ASP J 59 -81.11 -55.22 -16.65
C ASP J 59 -81.26 -55.93 -18.01
N GLY J 60 -82.19 -55.43 -18.83
CA GLY J 60 -82.42 -56.01 -20.14
C GLY J 60 -81.21 -55.77 -21.02
N ASN J 61 -80.04 -55.67 -20.38
CA ASN J 61 -78.78 -55.42 -21.06
C ASN J 61 -78.93 -54.15 -21.89
N GLY J 62 -79.32 -53.06 -21.23
CA GLY J 62 -79.49 -51.81 -21.94
C GLY J 62 -80.13 -50.68 -21.15
N THR J 63 -80.76 -50.98 -20.03
CA THR J 63 -81.40 -49.93 -19.25
C THR J 63 -80.76 -49.70 -17.90
N ILE J 64 -81.21 -48.67 -17.19
CA ILE J 64 -80.70 -48.29 -15.87
C ILE J 64 -81.81 -47.65 -15.03
N ASP J 65 -81.99 -48.10 -13.79
CA ASP J 65 -83.06 -47.57 -12.93
C ASP J 65 -82.81 -46.22 -12.26
N PHE J 66 -83.47 -45.99 -11.12
CA PHE J 66 -83.28 -44.73 -10.40
C PHE J 66 -81.91 -44.81 -9.71
N PRO J 67 -81.72 -45.76 -8.76
CA PRO J 67 -80.45 -45.89 -8.07
C PRO J 67 -79.31 -46.02 -9.03
N GLU J 68 -79.46 -46.91 -9.99
CA GLU J 68 -78.43 -47.14 -11.01
C GLU J 68 -77.85 -45.80 -11.47
N PHE J 69 -78.72 -44.79 -11.48
CA PHE J 69 -78.44 -43.42 -11.91
C PHE J 69 -77.79 -42.62 -10.83
N LEU J 70 -78.53 -42.35 -9.77
CA LEU J 70 -78.05 -41.57 -8.64
C LEU J 70 -76.67 -41.98 -8.17
N THR J 71 -76.42 -43.28 -8.15
CA THR J 71 -75.14 -43.83 -7.72
C THR J 71 -74.04 -43.66 -8.76
N MET J 72 -74.43 -43.36 -9.99
CA MET J 72 -73.48 -43.17 -11.09
C MET J 72 -73.18 -41.68 -11.28
N MET J 73 -73.85 -40.83 -10.49
CA MET J 73 -73.60 -39.40 -10.56
C MET J 73 -72.68 -39.11 -9.39
N ALA J 74 -71.47 -39.62 -9.54
CA ALA J 74 -70.38 -39.49 -8.59
C ALA J 74 -69.14 -39.60 -9.46
N ARG J 75 -69.06 -40.67 -10.26
CA ARG J 75 -67.94 -40.91 -11.19
C ARG J 75 -67.37 -39.59 -11.69
N LYS J 76 -68.26 -38.63 -11.91
CA LYS J 76 -67.76 -37.35 -12.34
C LYS J 76 -68.46 -36.22 -11.63
N MET J 77 -68.91 -36.43 -10.39
CA MET J 77 -69.61 -35.37 -9.69
C MET J 77 -69.21 -35.26 -8.21
N LYS J 78 -68.31 -36.15 -7.81
CA LYS J 78 -67.84 -36.19 -6.43
C LYS J 78 -66.50 -35.45 -6.28
N ASP J 79 -66.15 -34.71 -7.34
CA ASP J 79 -64.92 -33.92 -7.40
C ASP J 79 -65.21 -32.50 -7.92
N THR J 80 -65.82 -32.45 -9.10
CA THR J 80 -66.18 -31.21 -9.78
C THR J 80 -66.86 -30.15 -8.89
N ASP J 81 -66.23 -28.97 -8.84
CA ASP J 81 -66.69 -27.80 -8.06
C ASP J 81 -66.38 -26.54 -8.87
N SER J 82 -66.01 -26.75 -10.14
CA SER J 82 -65.65 -25.68 -11.05
C SER J 82 -66.77 -24.68 -11.29
N GLU J 83 -68.01 -25.16 -11.22
CA GLU J 83 -69.16 -24.31 -11.46
C GLU J 83 -68.98 -22.91 -10.94
N GLU J 84 -68.50 -22.79 -9.71
CA GLU J 84 -68.33 -21.50 -9.08
C GLU J 84 -67.29 -20.60 -9.69
N GLU J 85 -66.05 -21.08 -9.74
CA GLU J 85 -64.91 -20.38 -10.32
C GLU J 85 -65.38 -19.62 -11.55
N ILE J 86 -65.97 -20.36 -12.48
CA ILE J 86 -66.48 -19.80 -13.72
C ILE J 86 -67.49 -18.68 -13.56
N ARG J 87 -68.26 -18.71 -12.49
CA ARG J 87 -69.22 -17.65 -12.25
C ARG J 87 -68.50 -16.42 -11.73
N GLU J 88 -67.29 -16.63 -11.22
CA GLU J 88 -66.51 -15.54 -10.67
C GLU J 88 -65.67 -14.96 -11.79
N ALA J 89 -65.22 -15.84 -12.67
CA ALA J 89 -64.46 -15.40 -13.81
C ALA J 89 -65.41 -14.51 -14.58
N PHE J 90 -66.69 -14.88 -14.63
CA PHE J 90 -67.63 -14.02 -15.36
C PHE J 90 -67.68 -12.63 -14.73
N ARG J 91 -68.12 -12.53 -13.49
CA ARG J 91 -68.20 -11.21 -12.89
C ARG J 91 -66.93 -10.40 -13.13
N VAL J 92 -65.82 -11.07 -13.37
CA VAL J 92 -64.55 -10.37 -13.60
C VAL J 92 -64.51 -9.62 -14.92
N PHE J 93 -64.82 -10.29 -16.04
CA PHE J 93 -64.81 -9.64 -17.33
C PHE J 93 -65.99 -8.69 -17.45
N ASP J 94 -67.11 -9.07 -16.86
CA ASP J 94 -68.26 -8.18 -16.92
C ASP J 94 -67.86 -7.01 -16.06
N LYS J 95 -66.91 -6.25 -16.58
CA LYS J 95 -66.37 -5.08 -15.93
C LYS J 95 -67.34 -4.05 -15.38
N ASP J 96 -68.38 -3.71 -16.14
CA ASP J 96 -69.33 -2.67 -15.75
C ASP J 96 -70.55 -3.05 -14.93
N GLY J 97 -70.75 -4.36 -14.77
CA GLY J 97 -71.86 -4.85 -13.96
C GLY J 97 -73.24 -4.80 -14.59
N ASN J 98 -73.32 -5.05 -15.89
CA ASN J 98 -74.59 -5.03 -16.57
C ASN J 98 -75.08 -6.46 -16.68
N GLY J 99 -74.23 -7.41 -16.32
CA GLY J 99 -74.65 -8.78 -16.41
C GLY J 99 -74.29 -9.36 -17.74
N TYR J 100 -73.70 -8.54 -18.59
CA TYR J 100 -73.29 -8.97 -19.91
C TYR J 100 -71.78 -8.71 -20.15
N ILE J 101 -71.17 -9.44 -21.07
CA ILE J 101 -69.76 -9.24 -21.35
C ILE J 101 -69.65 -8.75 -22.77
N SER J 102 -69.38 -7.46 -22.92
CA SER J 102 -69.23 -6.78 -24.20
C SER J 102 -67.82 -6.90 -24.79
N ALA J 103 -67.72 -6.98 -26.12
CA ALA J 103 -66.42 -7.11 -26.79
C ALA J 103 -65.41 -6.08 -26.31
N ALA J 104 -65.93 -4.96 -25.82
CA ALA J 104 -65.07 -3.91 -25.32
C ALA J 104 -64.28 -4.43 -24.14
N GLU J 105 -64.99 -4.90 -23.11
CA GLU J 105 -64.36 -5.40 -21.89
C GLU J 105 -63.60 -6.67 -22.11
N LEU J 106 -64.08 -7.55 -22.97
CA LEU J 106 -63.31 -8.78 -23.22
C LEU J 106 -61.90 -8.32 -23.53
N ARG J 107 -61.75 -7.63 -24.66
CA ARG J 107 -60.45 -7.14 -25.11
C ARG J 107 -59.73 -6.38 -24.01
N HIS J 108 -60.47 -5.61 -23.22
CA HIS J 108 -59.86 -4.85 -22.14
C HIS J 108 -59.22 -5.74 -21.10
N VAL J 109 -60.02 -6.57 -20.43
CA VAL J 109 -59.46 -7.43 -19.41
C VAL J 109 -58.50 -8.43 -20.04
N MET J 110 -58.67 -8.69 -21.33
CA MET J 110 -57.76 -9.60 -21.99
C MET J 110 -56.35 -9.03 -21.99
N THR J 111 -56.21 -7.74 -22.25
CA THR J 111 -54.87 -7.15 -22.30
C THR J 111 -54.17 -6.98 -20.96
N ASN J 112 -54.89 -6.53 -19.93
CA ASN J 112 -54.26 -6.38 -18.62
C ASN J 112 -53.68 -7.72 -18.23
N LEU J 113 -54.45 -8.79 -18.47
CA LEU J 113 -53.99 -10.13 -18.16
C LEU J 113 -52.84 -10.45 -19.10
N GLY J 114 -52.49 -9.49 -19.94
CA GLY J 114 -51.36 -9.68 -20.84
C GLY J 114 -51.56 -10.16 -22.26
N GLU J 115 -52.78 -10.14 -22.78
CA GLU J 115 -52.93 -10.58 -24.16
C GLU J 115 -53.36 -9.50 -25.17
N LYS J 116 -52.45 -9.21 -26.10
CA LYS J 116 -52.72 -8.23 -27.14
C LYS J 116 -53.67 -8.88 -28.14
N LEU J 117 -54.93 -8.49 -28.07
CA LEU J 117 -55.91 -9.04 -28.99
C LEU J 117 -56.26 -8.05 -30.08
N THR J 118 -56.39 -8.58 -31.28
CA THR J 118 -56.73 -7.76 -32.43
C THR J 118 -58.20 -7.38 -32.40
N ASP J 119 -58.49 -6.11 -32.61
CA ASP J 119 -59.86 -5.65 -32.63
C ASP J 119 -60.71 -6.60 -33.48
N GLU J 120 -60.07 -7.29 -34.43
CA GLU J 120 -60.77 -8.21 -35.34
C GLU J 120 -61.06 -9.59 -34.74
N GLU J 121 -60.23 -10.01 -33.79
CA GLU J 121 -60.40 -11.32 -33.18
C GLU J 121 -60.88 -11.22 -31.73
N VAL J 122 -61.83 -10.31 -31.51
CA VAL J 122 -62.45 -10.12 -30.22
C VAL J 122 -63.90 -9.99 -30.57
N ASP J 123 -64.15 -9.21 -31.62
CA ASP J 123 -65.51 -9.02 -32.13
C ASP J 123 -65.78 -10.42 -32.67
N GLN J 124 -64.74 -11.24 -32.63
CA GLN J 124 -64.77 -12.61 -33.12
C GLN J 124 -65.15 -13.60 -32.03
N MET J 125 -64.46 -13.56 -30.90
CA MET J 125 -64.80 -14.46 -29.82
C MET J 125 -66.25 -14.11 -29.44
N ILE J 126 -66.49 -12.88 -29.01
CA ILE J 126 -67.83 -12.45 -28.64
C ILE J 126 -68.91 -12.96 -29.57
N ARG J 127 -68.56 -13.20 -30.81
CA ARG J 127 -69.57 -13.68 -31.74
C ARG J 127 -69.81 -15.18 -31.51
N GLU J 128 -68.77 -15.98 -31.69
CA GLU J 128 -68.90 -17.41 -31.51
C GLU J 128 -69.47 -17.80 -30.15
N ALA J 129 -69.32 -16.92 -29.17
CA ALA J 129 -69.80 -17.20 -27.82
C ALA J 129 -71.27 -16.88 -27.70
N ASP J 130 -71.72 -15.95 -28.53
CA ASP J 130 -73.11 -15.52 -28.55
C ASP J 130 -74.03 -16.49 -29.30
N ILE J 131 -75.03 -16.98 -28.58
CA ILE J 131 -75.97 -17.94 -29.11
C ILE J 131 -77.29 -17.35 -29.53
N ASP J 132 -77.74 -16.33 -28.82
CA ASP J 132 -79.01 -15.75 -29.15
C ASP J 132 -78.90 -14.53 -30.04
N GLY J 133 -77.69 -14.22 -30.49
CA GLY J 133 -77.49 -13.10 -31.40
C GLY J 133 -77.54 -11.64 -30.94
N ASP J 134 -77.59 -11.36 -29.65
CA ASP J 134 -77.66 -9.98 -29.23
C ASP J 134 -76.30 -9.29 -29.03
N GLY J 135 -75.30 -9.70 -29.80
CA GLY J 135 -74.00 -9.06 -29.70
C GLY J 135 -73.22 -9.18 -28.40
N GLN J 136 -73.86 -9.66 -27.33
CA GLN J 136 -73.16 -9.81 -26.05
C GLN J 136 -73.32 -11.19 -25.41
N VAL J 137 -72.37 -11.56 -24.53
CA VAL J 137 -72.39 -12.84 -23.85
C VAL J 137 -72.84 -12.78 -22.39
N ASN J 138 -73.99 -13.38 -22.07
CA ASN J 138 -74.48 -13.37 -20.70
C ASN J 138 -73.89 -14.55 -19.92
N TYR J 139 -74.23 -14.66 -18.64
CA TYR J 139 -73.65 -15.75 -17.88
C TYR J 139 -73.95 -17.07 -18.54
N GLU J 140 -75.20 -17.28 -18.93
CA GLU J 140 -75.55 -18.54 -19.56
C GLU J 140 -74.66 -18.92 -20.72
N GLU J 141 -74.57 -18.09 -21.75
CA GLU J 141 -73.74 -18.44 -22.90
C GLU J 141 -72.28 -18.59 -22.56
N PHE J 142 -71.87 -17.86 -21.54
CA PHE J 142 -70.50 -17.87 -21.06
C PHE J 142 -70.22 -19.27 -20.52
N VAL J 143 -70.98 -19.67 -19.51
CA VAL J 143 -70.86 -21.00 -18.89
C VAL J 143 -70.85 -22.08 -19.95
N GLN J 144 -71.70 -21.91 -20.96
CA GLN J 144 -71.78 -22.85 -22.04
C GLN J 144 -70.41 -22.96 -22.67
N MET J 145 -69.97 -21.85 -23.25
CA MET J 145 -68.67 -21.75 -23.92
C MET J 145 -67.52 -22.30 -23.09
N MET J 146 -67.49 -21.91 -21.83
CA MET J 146 -66.43 -22.32 -20.92
C MET J 146 -66.34 -23.81 -20.75
N THR J 147 -67.31 -24.39 -20.05
CA THR J 147 -67.32 -25.84 -19.81
C THR J 147 -67.51 -26.67 -21.07
N ALA J 148 -68.38 -26.23 -21.97
CA ALA J 148 -68.60 -26.98 -23.20
C ALA J 148 -67.25 -27.43 -23.71
N LYS J 149 -66.95 -28.71 -23.55
CA LYS J 149 -65.67 -29.24 -24.02
C LYS J 149 -65.74 -29.49 -25.53
N GLN K 4 -27.27 26.83 -43.58
CA GLN K 4 -26.30 27.01 -44.67
C GLN K 4 -25.07 27.75 -44.18
N LEU K 5 -24.32 27.18 -43.25
CA LEU K 5 -23.13 27.91 -42.81
C LEU K 5 -22.07 28.02 -43.93
N THR K 6 -21.62 29.24 -44.25
CA THR K 6 -20.57 29.43 -45.28
C THR K 6 -19.36 28.58 -44.93
N GLU K 7 -18.56 28.22 -45.92
CA GLU K 7 -17.39 27.42 -45.62
C GLU K 7 -16.67 28.12 -44.49
N GLU K 8 -16.24 29.37 -44.74
CA GLU K 8 -15.52 30.17 -43.75
C GLU K 8 -16.18 30.05 -42.37
N GLN K 9 -17.50 29.88 -42.36
CA GLN K 9 -18.25 29.76 -41.11
C GLN K 9 -18.02 28.40 -40.48
N ILE K 10 -17.16 27.62 -41.12
CA ILE K 10 -16.82 26.28 -40.65
C ILE K 10 -15.44 26.37 -40.04
N ALA K 11 -14.57 27.09 -40.73
CA ALA K 11 -13.21 27.29 -40.29
C ALA K 11 -13.29 27.54 -38.79
N GLU K 12 -14.07 28.55 -38.42
CA GLU K 12 -14.27 28.95 -37.04
C GLU K 12 -14.89 27.84 -36.19
N PHE K 13 -16.13 27.48 -36.51
CA PHE K 13 -16.82 26.44 -35.76
C PHE K 13 -15.99 25.15 -35.56
N LYS K 14 -14.79 25.11 -36.12
CA LYS K 14 -13.90 23.97 -35.94
C LYS K 14 -12.64 24.47 -35.24
N GLU K 15 -11.99 25.46 -35.83
CA GLU K 15 -10.80 26.08 -35.25
C GLU K 15 -11.07 26.35 -33.79
N ALA K 16 -12.34 26.46 -33.44
CA ALA K 16 -12.73 26.70 -32.06
C ALA K 16 -13.13 25.39 -31.42
N PHE K 17 -13.92 24.61 -32.15
CA PHE K 17 -14.39 23.32 -31.66
C PHE K 17 -13.24 22.45 -31.19
N SER K 18 -12.19 22.44 -31.99
CA SER K 18 -11.00 21.65 -31.70
C SER K 18 -10.15 22.18 -30.60
N LEU K 19 -10.01 23.50 -30.54
CA LEU K 19 -9.16 24.06 -29.51
C LEU K 19 -9.54 23.55 -28.13
N PHE K 20 -10.81 23.28 -27.89
CA PHE K 20 -11.17 22.84 -26.56
C PHE K 20 -11.40 21.36 -26.43
N ASP K 21 -11.04 20.65 -27.49
CA ASP K 21 -11.13 19.20 -27.51
C ASP K 21 -9.80 18.78 -26.92
N LYS K 22 -9.76 18.74 -25.60
CA LYS K 22 -8.57 18.39 -24.85
C LYS K 22 -7.98 17.03 -25.29
N ASP K 23 -8.72 15.95 -25.09
CA ASP K 23 -8.26 14.61 -25.45
C ASP K 23 -8.00 14.35 -26.94
N GLY K 24 -7.71 15.41 -27.69
CA GLY K 24 -7.41 15.29 -29.11
C GLY K 24 -8.16 14.39 -30.10
N ASP K 25 -9.32 13.84 -29.76
CA ASP K 25 -10.03 12.98 -30.72
C ASP K 25 -10.86 13.71 -31.77
N GLY K 26 -12.17 13.79 -31.53
CA GLY K 26 -13.05 14.48 -32.46
C GLY K 26 -14.43 14.58 -31.90
N THR K 27 -14.52 14.51 -30.58
CA THR K 27 -15.78 14.59 -29.88
C THR K 27 -15.55 15.40 -28.58
N ILE K 28 -16.45 16.32 -28.25
CA ILE K 28 -16.29 17.13 -27.05
C ILE K 28 -17.36 16.87 -26.02
N THR K 29 -16.96 16.81 -24.77
CA THR K 29 -17.88 16.55 -23.69
C THR K 29 -18.84 17.72 -23.56
N THR K 30 -19.91 17.52 -22.79
CA THR K 30 -20.92 18.54 -22.57
C THR K 30 -20.24 19.85 -22.15
N LYS K 31 -19.66 19.86 -20.96
CA LYS K 31 -18.99 21.05 -20.46
C LYS K 31 -18.12 21.68 -21.54
N GLU K 32 -17.51 20.84 -22.37
CA GLU K 32 -16.67 21.33 -23.44
C GLU K 32 -17.47 22.06 -24.48
N LEU K 33 -18.58 21.46 -24.91
CA LEU K 33 -19.38 22.13 -25.92
C LEU K 33 -19.72 23.48 -25.29
N GLY K 34 -20.20 23.47 -24.04
CA GLY K 34 -20.53 24.69 -23.36
C GLY K 34 -19.42 25.71 -23.58
N THR K 35 -18.18 25.28 -23.41
CA THR K 35 -17.06 26.17 -23.55
C THR K 35 -16.76 26.55 -24.96
N VAL K 36 -16.88 25.60 -25.86
CA VAL K 36 -16.57 25.88 -27.24
C VAL K 36 -17.38 27.06 -27.69
N MET K 37 -18.69 26.99 -27.41
CA MET K 37 -19.63 28.05 -27.79
C MET K 37 -19.34 29.40 -27.15
N ARG K 38 -19.33 29.45 -25.82
CA ARG K 38 -19.05 30.70 -25.12
C ARG K 38 -17.83 31.35 -25.76
N SER K 39 -16.77 30.57 -25.93
CA SER K 39 -15.55 31.10 -26.53
C SER K 39 -15.89 31.78 -27.86
N LEU K 40 -16.74 31.12 -28.64
CA LEU K 40 -17.11 31.65 -29.93
C LEU K 40 -18.05 32.87 -29.79
N GLY K 41 -18.53 33.17 -28.58
CA GLY K 41 -19.37 34.38 -28.40
C GLY K 41 -20.84 34.22 -27.98
N GLN K 42 -21.19 33.02 -27.50
CA GLN K 42 -22.54 32.65 -27.06
C GLN K 42 -22.50 31.96 -25.74
N ASN K 43 -23.68 31.77 -25.24
CA ASN K 43 -23.82 31.07 -24.09
C ASN K 43 -25.19 30.54 -24.00
N PRO K 44 -25.19 29.24 -24.15
CA PRO K 44 -26.45 28.55 -24.01
C PRO K 44 -26.61 28.42 -22.47
N THR K 45 -27.86 28.42 -22.03
CA THR K 45 -28.14 28.30 -20.62
C THR K 45 -27.72 26.94 -20.12
N GLU K 46 -27.62 26.84 -18.79
CA GLU K 46 -27.22 25.60 -18.14
C GLU K 46 -28.05 24.41 -18.64
N ALA K 47 -29.36 24.59 -18.81
CA ALA K 47 -30.24 23.52 -19.28
C ALA K 47 -30.53 23.53 -20.78
N GLU K 48 -30.45 24.71 -21.39
CA GLU K 48 -30.68 24.85 -22.85
C GLU K 48 -29.54 24.18 -23.58
N LEU K 49 -28.45 23.99 -22.86
CA LEU K 49 -27.22 23.38 -23.38
C LEU K 49 -27.37 21.90 -23.70
N GLN K 50 -28.30 21.24 -23.03
CA GLN K 50 -28.53 19.81 -23.23
C GLN K 50 -29.37 19.46 -24.45
N ASP K 51 -30.54 20.09 -24.58
CA ASP K 51 -31.43 19.85 -25.71
C ASP K 51 -30.72 19.63 -27.04
N MET K 52 -29.58 20.28 -27.23
CA MET K 52 -28.81 20.18 -28.48
C MET K 52 -27.97 18.91 -28.56
N ILE K 53 -27.28 18.62 -27.46
CA ILE K 53 -26.41 17.45 -27.34
C ILE K 53 -27.27 16.20 -27.11
N ASN K 54 -28.42 16.40 -26.48
CA ASN K 54 -29.36 15.34 -26.16
C ASN K 54 -30.02 14.72 -27.36
N GLU K 55 -30.40 15.53 -28.32
CA GLU K 55 -31.12 14.90 -29.36
C GLU K 55 -30.38 13.82 -30.15
N VAL K 56 -29.06 13.78 -30.12
CA VAL K 56 -28.41 12.76 -30.96
C VAL K 56 -27.52 11.79 -30.22
N ASP K 57 -28.12 10.97 -29.36
CA ASP K 57 -27.31 10.08 -28.54
C ASP K 57 -26.74 8.83 -29.21
N ALA K 58 -25.79 9.03 -30.12
CA ALA K 58 -25.14 7.92 -30.82
C ALA K 58 -23.70 7.85 -30.34
N ASP K 59 -23.52 8.24 -29.07
CA ASP K 59 -22.20 8.27 -28.43
C ASP K 59 -22.23 7.63 -27.03
N GLY K 60 -21.20 7.91 -26.23
CA GLY K 60 -21.12 7.35 -24.89
C GLY K 60 -22.21 7.96 -24.03
N ASN K 61 -23.32 8.33 -24.68
CA ASN K 61 -24.46 8.95 -24.03
C ASN K 61 -23.95 10.18 -23.27
N GLY K 62 -23.30 11.09 -23.99
CA GLY K 62 -22.80 12.28 -23.35
C GLY K 62 -21.89 13.16 -24.20
N THR K 63 -21.38 12.63 -25.30
CA THR K 63 -20.48 13.42 -26.14
C THR K 63 -21.05 13.73 -27.51
N ILE K 64 -20.33 14.56 -28.27
CA ILE K 64 -20.74 14.98 -29.61
C ILE K 64 -19.51 15.25 -30.48
N ASP K 65 -19.47 14.71 -31.70
CA ASP K 65 -18.31 14.89 -32.58
C ASP K 65 -18.18 16.21 -33.32
N PHE K 66 -17.50 16.18 -34.47
CA PHE K 66 -17.35 17.39 -35.26
C PHE K 66 -18.69 17.64 -35.95
N PRO K 67 -19.14 16.73 -36.84
CA PRO K 67 -20.42 16.91 -37.53
C PRO K 67 -21.55 17.14 -36.58
N GLU K 68 -21.63 16.28 -35.57
CA GLU K 68 -22.67 16.42 -34.55
C GLU K 68 -22.86 17.88 -34.15
N PHE K 69 -21.74 18.61 -34.21
CA PHE K 69 -21.64 20.04 -33.86
C PHE K 69 -22.07 20.92 -35.01
N LEU K 70 -21.28 20.92 -36.07
CA LEU K 70 -21.55 21.73 -37.25
C LEU K 70 -23.00 21.67 -37.70
N THR K 71 -23.59 20.49 -37.64
CA THR K 71 -24.97 20.30 -38.04
C THR K 71 -25.97 20.81 -37.02
N MET K 72 -25.50 21.07 -35.80
CA MET K 72 -26.35 21.57 -34.73
C MET K 72 -26.24 23.10 -34.63
N MET K 73 -25.37 23.69 -35.45
CA MET K 73 -25.23 25.13 -35.49
C MET K 73 -26.06 25.59 -36.67
N ALA K 74 -27.36 25.44 -36.49
CA ALA K 74 -28.37 25.80 -37.46
C ALA K 74 -29.59 26.08 -36.58
N ARG K 75 -29.96 25.12 -35.73
CA ARG K 75 -31.10 25.24 -34.81
C ARG K 75 -31.28 26.67 -34.39
N LYS K 76 -30.16 27.34 -34.15
CA LYS K 76 -30.29 28.71 -33.78
C LYS K 76 -29.33 29.56 -34.58
N MET K 77 -28.97 29.17 -35.79
CA MET K 77 -28.01 29.95 -36.56
C MET K 77 -28.37 30.08 -38.04
N LYS K 78 -29.49 29.51 -38.43
CA LYS K 78 -29.95 29.52 -39.83
C LYS K 78 -31.05 30.59 -40.03
N ASP K 79 -31.17 31.47 -39.03
CA ASP K 79 -32.16 32.55 -39.01
C ASP K 79 -31.49 33.87 -38.58
N THR K 80 -30.86 33.83 -37.40
CA THR K 80 -30.18 34.97 -36.78
C THR K 80 -29.25 35.75 -37.73
N ASP K 81 -29.55 37.05 -37.86
CA ASP K 81 -28.79 38.00 -38.70
C ASP K 81 -28.75 39.35 -37.96
N SER K 82 -29.15 39.31 -36.69
CA SER K 82 -29.20 40.50 -35.84
C SER K 82 -27.84 41.18 -35.65
N GLU K 83 -26.78 40.38 -35.69
CA GLU K 83 -25.43 40.88 -35.50
C GLU K 83 -25.23 42.25 -36.10
N GLU K 84 -25.69 42.42 -37.33
CA GLU K 84 -25.51 43.68 -38.05
C GLU K 84 -26.25 44.85 -37.48
N GLU K 85 -27.58 44.72 -37.42
CA GLU K 85 -28.49 45.74 -36.88
C GLU K 85 -27.82 46.43 -35.70
N ILE K 86 -27.44 45.61 -34.72
CA ILE K 86 -26.80 46.07 -33.52
C ILE K 86 -25.52 46.87 -33.75
N ARG K 87 -24.80 46.56 -34.82
CA ARG K 87 -23.58 47.31 -35.11
C ARG K 87 -23.95 48.66 -35.71
N GLU K 88 -25.18 48.75 -36.21
CA GLU K 88 -25.65 49.98 -36.82
C GLU K 88 -26.29 50.83 -35.74
N ALA K 89 -26.97 50.16 -34.81
CA ALA K 89 -27.56 50.87 -33.70
C ALA K 89 -26.39 51.50 -32.99
N PHE K 90 -25.26 50.80 -32.89
CA PHE K 90 -24.12 51.41 -32.23
C PHE K 90 -23.71 52.70 -32.93
N ARG K 91 -23.26 52.60 -34.18
CA ARG K 91 -22.82 53.81 -34.83
C ARG K 91 -23.82 54.95 -34.65
N VAL K 92 -25.08 54.62 -34.38
CA VAL K 92 -26.10 55.65 -34.21
C VAL K 92 -25.92 56.47 -32.93
N PHE K 93 -25.79 55.80 -31.78
CA PHE K 93 -25.62 56.50 -30.52
C PHE K 93 -24.25 57.10 -30.46
N ASP K 94 -23.26 56.41 -31.01
CA ASP K 94 -21.92 56.95 -30.99
C ASP K 94 -21.98 58.14 -31.93
N LYS K 95 -22.69 59.15 -31.47
CA LYS K 95 -22.92 60.39 -32.19
C LYS K 95 -21.71 61.09 -32.78
N ASP K 96 -20.61 61.16 -32.04
CA ASP K 96 -19.41 61.89 -32.47
C ASP K 96 -18.35 61.15 -33.28
N GLY K 97 -18.50 59.83 -33.37
CA GLY K 97 -17.58 59.02 -34.14
C GLY K 97 -16.23 58.72 -33.51
N ASN K 98 -16.20 58.55 -32.19
CA ASN K 98 -14.97 58.25 -31.49
C ASN K 98 -14.89 56.75 -31.30
N GLY K 99 -15.96 56.05 -31.62
CA GLY K 99 -15.94 54.62 -31.44
C GLY K 99 -16.43 54.24 -30.07
N TYR K 100 -16.77 55.24 -29.27
CA TYR K 100 -17.26 55.01 -27.93
C TYR K 100 -18.63 55.68 -27.71
N ILE K 101 -19.41 55.19 -26.75
CA ILE K 101 -20.71 55.79 -26.50
C ILE K 101 -20.67 56.38 -25.11
N SER K 102 -20.56 57.70 -25.04
CA SER K 102 -20.53 58.47 -23.81
C SER K 102 -21.92 58.76 -23.22
N ALA K 103 -22.01 58.80 -21.89
CA ALA K 103 -23.30 59.05 -21.22
C ALA K 103 -23.99 60.29 -21.78
N ALA K 104 -23.21 61.20 -22.32
CA ALA K 104 -23.75 62.41 -22.89
C ALA K 104 -24.68 62.04 -24.04
N GLU K 105 -24.11 61.36 -25.04
CA GLU K 105 -24.87 60.96 -26.23
C GLU K 105 -25.94 59.96 -25.95
N LEU K 106 -25.71 59.04 -25.03
CA LEU K 106 -26.77 58.09 -24.70
C LEU K 106 -28.00 58.91 -24.43
N ARG K 107 -27.94 59.70 -23.35
CA ARG K 107 -29.06 60.54 -22.94
C ARG K 107 -29.58 61.40 -24.08
N HIS K 108 -28.66 61.89 -24.91
CA HIS K 108 -29.06 62.72 -26.04
C HIS K 108 -29.91 61.98 -27.03
N VAL K 109 -29.37 60.93 -27.64
CA VAL K 109 -30.16 60.19 -28.61
C VAL K 109 -31.34 59.53 -27.94
N MET K 110 -31.24 59.30 -26.63
CA MET K 110 -32.36 58.70 -25.92
C MET K 110 -33.56 59.63 -25.96
N THR K 111 -33.34 60.94 -25.79
CA THR K 111 -34.48 61.87 -25.77
C THR K 111 -35.12 62.14 -27.13
N ASN K 112 -34.32 62.31 -28.17
CA ASN K 112 -34.90 62.55 -29.50
C ASN K 112 -35.83 61.39 -29.81
N LEU K 113 -35.36 60.19 -29.50
CA LEU K 113 -36.17 59.00 -29.74
C LEU K 113 -37.36 59.05 -28.78
N GLY K 114 -37.44 60.13 -28.01
CA GLY K 114 -38.55 60.30 -27.11
C GLY K 114 -38.47 59.88 -25.66
N GLU K 115 -37.29 59.59 -25.13
CA GLU K 115 -37.25 59.20 -23.73
C GLU K 115 -36.55 60.18 -22.78
N LYS K 116 -37.33 60.75 -21.87
CA LYS K 116 -36.78 61.68 -20.90
C LYS K 116 -36.04 60.85 -19.85
N LEU K 117 -34.71 60.89 -19.94
CA LEU K 117 -33.91 60.15 -18.99
C LEU K 117 -33.30 61.08 -17.96
N THR K 118 -33.30 60.61 -16.72
CA THR K 118 -32.74 61.38 -15.62
C THR K 118 -31.23 61.34 -15.66
N ASP K 119 -30.60 62.50 -15.51
CA ASP K 119 -29.17 62.57 -15.52
C ASP K 119 -28.60 61.47 -14.60
N GLU K 120 -29.39 61.03 -13.62
CA GLU K 120 -28.96 60.02 -12.66
C GLU K 120 -29.06 58.58 -13.17
N GLU K 121 -29.98 58.34 -14.09
CA GLU K 121 -30.17 57.00 -14.63
C GLU K 121 -29.68 56.88 -16.08
N VAL K 122 -28.52 57.48 -16.35
CA VAL K 122 -27.89 57.44 -17.65
C VAL K 122 -26.45 57.20 -17.30
N ASP K 123 -25.99 57.93 -16.30
CA ASP K 123 -24.63 57.77 -15.79
C ASP K 123 -24.74 56.41 -15.16
N GLN K 124 -25.97 55.88 -15.16
CA GLN K 124 -26.29 54.59 -14.58
C GLN K 124 -26.20 53.47 -15.62
N MET K 125 -26.88 53.63 -16.74
CA MET K 125 -26.80 52.60 -17.78
C MET K 125 -25.31 52.53 -18.17
N ILE K 126 -24.77 53.63 -18.67
CA ILE K 126 -23.36 53.65 -19.06
C ILE K 126 -22.46 52.93 -18.09
N ARG K 127 -22.84 52.85 -16.83
CA ARG K 127 -21.99 52.17 -15.87
C ARG K 127 -22.17 50.66 -16.02
N GLU K 128 -23.39 50.19 -15.81
CA GLU K 128 -23.64 48.76 -15.89
C GLU K 128 -23.21 48.15 -17.23
N ALA K 129 -23.13 48.99 -18.26
CA ALA K 129 -22.74 48.52 -19.58
C ALA K 129 -21.24 48.41 -19.70
N ASP K 130 -20.55 49.23 -18.92
CA ASP K 130 -19.10 49.28 -18.93
C ASP K 130 -18.47 48.15 -18.12
N ILE K 131 -17.65 47.36 -18.80
CA ILE K 131 -17.00 46.21 -18.21
C ILE K 131 -15.56 46.46 -17.81
N ASP K 132 -14.86 47.26 -18.58
CA ASP K 132 -13.47 47.50 -18.29
C ASP K 132 -13.25 48.76 -17.47
N GLY K 133 -14.32 49.40 -17.03
CA GLY K 133 -14.20 50.59 -16.20
C GLY K 133 -13.76 51.94 -16.73
N ASP K 134 -13.66 52.12 -18.04
CA ASP K 134 -13.22 53.42 -18.55
C ASP K 134 -14.33 54.43 -18.79
N GLY K 135 -15.40 54.35 -18.01
CA GLY K 135 -16.49 55.31 -18.15
C GLY K 135 -17.29 55.33 -19.45
N GLN K 136 -16.83 54.63 -20.49
CA GLN K 136 -17.55 54.61 -21.76
C GLN K 136 -17.78 53.21 -22.32
N VAL K 137 -18.78 53.06 -23.19
CA VAL K 137 -19.12 51.76 -23.79
C VAL K 137 -18.67 51.62 -25.24
N ASN K 138 -17.75 50.71 -25.52
CA ASN K 138 -17.28 50.51 -26.89
C ASN K 138 -18.17 49.50 -27.60
N TYR K 139 -17.89 49.23 -28.86
CA TYR K 139 -18.74 48.28 -29.57
C TYR K 139 -18.79 46.97 -28.83
N GLU K 140 -17.64 46.45 -28.42
CA GLU K 140 -17.64 45.19 -27.72
C GLU K 140 -18.61 45.12 -26.54
N GLU K 141 -18.46 46.01 -25.56
CA GLU K 141 -19.34 45.96 -24.39
C GLU K 141 -20.78 46.20 -24.73
N PHE K 142 -20.99 46.94 -25.81
CA PHE K 142 -22.32 47.27 -26.29
C PHE K 142 -22.97 45.97 -26.73
N VAL K 143 -22.36 45.32 -27.73
CA VAL K 143 -22.84 44.05 -28.25
C VAL K 143 -23.14 43.08 -27.14
N GLN K 144 -22.26 43.08 -26.14
CA GLN K 144 -22.42 42.21 -24.99
C GLN K 144 -23.77 42.51 -24.38
N MET K 145 -23.89 43.72 -23.86
CA MET K 145 -25.09 44.21 -23.21
C MET K 145 -26.37 43.95 -24.00
N MET K 146 -26.32 44.24 -25.29
CA MET K 146 -27.45 44.09 -26.18
C MET K 146 -27.93 42.66 -26.26
N THR K 147 -27.16 41.80 -26.92
CA THR K 147 -27.54 40.40 -27.08
C THR K 147 -27.57 39.62 -25.77
N ALA K 148 -26.61 39.86 -24.90
CA ALA K 148 -26.59 39.15 -23.62
C ALA K 148 -28.00 39.11 -23.09
N LYS K 149 -28.65 37.95 -23.18
CA LYS K 149 -30.01 37.81 -22.69
C LYS K 149 -29.99 37.65 -21.16
N GLN L 4 35.58 -6.11 -54.58
CA GLN L 4 35.16 -5.75 -55.94
C GLN L 4 36.26 -5.03 -56.68
N LEU L 5 37.39 -5.68 -56.92
CA LEU L 5 38.44 -4.97 -57.65
C LEU L 5 38.04 -4.69 -59.10
N THR L 6 38.13 -3.43 -59.53
CA THR L 6 37.79 -3.10 -60.92
C THR L 6 38.63 -3.93 -61.87
N GLU L 7 38.17 -4.12 -63.09
CA GLU L 7 38.94 -4.92 -64.02
C GLU L 7 40.35 -4.34 -64.01
N GLU L 8 40.46 -3.07 -64.38
CA GLU L 8 41.75 -2.36 -64.41
C GLU L 8 42.59 -2.70 -63.17
N GLN L 9 41.91 -2.92 -62.05
CA GLN L 9 42.58 -3.24 -60.79
C GLN L 9 43.12 -4.67 -60.81
N ILE L 10 42.94 -5.30 -61.95
CA ILE L 10 43.37 -6.67 -62.14
C ILE L 10 44.60 -6.61 -63.01
N ALA L 11 44.52 -5.77 -64.04
CA ALA L 11 45.62 -5.57 -64.96
C ALA L 11 46.89 -5.52 -64.12
N GLU L 12 46.89 -4.60 -63.16
CA GLU L 12 48.01 -4.41 -62.25
C GLU L 12 48.31 -5.65 -61.42
N PHE L 13 47.38 -6.01 -60.53
CA PHE L 13 47.56 -7.17 -59.68
C PHE L 13 48.04 -8.42 -60.42
N LYS L 14 48.18 -8.34 -61.73
CA LYS L 14 48.68 -9.46 -62.53
C LYS L 14 49.97 -9.01 -63.20
N GLU L 15 49.88 -7.93 -63.96
CA GLU L 15 51.04 -7.35 -64.63
C GLU L 15 52.17 -7.28 -63.64
N ALA L 16 51.83 -7.28 -62.35
CA ALA L 16 52.84 -7.23 -61.32
C ALA L 16 53.06 -8.63 -60.77
N PHE L 17 51.97 -9.35 -60.55
CA PHE L 17 52.01 -10.72 -60.04
C PHE L 17 52.92 -11.60 -60.87
N SER L 18 52.78 -11.47 -62.18
CA SER L 18 53.56 -12.23 -63.13
C SER L 18 54.99 -11.80 -63.26
N LEU L 19 55.23 -10.51 -63.22
CA LEU L 19 56.59 -10.04 -63.36
C LEU L 19 57.53 -10.76 -62.41
N PHE L 20 57.06 -11.10 -61.23
CA PHE L 20 57.97 -11.73 -60.28
C PHE L 20 57.83 -13.22 -60.18
N ASP L 21 57.05 -13.77 -61.09
CA ASP L 21 56.85 -15.20 -61.18
C ASP L 21 58.00 -15.64 -62.06
N LYS L 22 59.14 -15.84 -61.44
CA LYS L 22 60.36 -16.24 -62.13
C LYS L 22 60.15 -17.52 -62.99
N ASP L 23 59.84 -18.65 -62.36
CA ASP L 23 59.65 -19.91 -63.08
C ASP L 23 58.47 -19.95 -64.07
N GLY L 24 58.08 -18.79 -64.59
CA GLY L 24 57.01 -18.71 -65.57
C GLY L 24 55.71 -19.51 -65.52
N ASP L 25 55.35 -20.15 -64.40
CA ASP L 25 54.09 -20.89 -64.37
C ASP L 25 52.83 -20.05 -64.10
N GLY L 26 52.37 -20.06 -62.85
CA GLY L 26 51.20 -19.30 -62.48
C GLY L 26 50.99 -19.33 -61.00
N THR L 27 52.07 -19.58 -60.27
CA THR L 27 52.04 -19.65 -58.83
C THR L 27 53.32 -19.02 -58.29
N ILE L 28 53.24 -18.19 -57.26
CA ILE L 28 54.41 -17.52 -56.72
C ILE L 28 54.72 -17.96 -55.31
N THR L 29 56.00 -18.18 -55.04
CA THR L 29 56.43 -18.60 -53.73
C THR L 29 56.15 -17.51 -52.72
N THR L 30 56.25 -17.85 -51.43
CA THR L 30 56.03 -16.91 -50.35
C THR L 30 56.85 -15.65 -50.58
N LYS L 31 58.17 -15.76 -50.50
CA LYS L 31 59.04 -14.63 -50.70
C LYS L 31 58.62 -13.83 -51.93
N GLU L 32 58.15 -14.53 -52.95
CA GLU L 32 57.71 -13.85 -54.16
C GLU L 32 56.48 -13.04 -53.92
N LEU L 33 55.48 -13.62 -53.26
CA LEU L 33 54.27 -12.85 -52.99
C LEU L 33 54.76 -11.61 -52.25
N GLY L 34 55.59 -11.81 -51.21
CA GLY L 34 56.13 -10.70 -50.45
C GLY L 34 56.60 -9.62 -51.41
N THR L 35 57.34 -10.02 -52.43
CA THR L 35 57.87 -9.07 -53.39
C THR L 35 56.85 -8.50 -54.31
N VAL L 36 55.93 -9.32 -54.74
CA VAL L 36 54.94 -8.83 -55.69
C VAL L 36 54.24 -7.65 -55.09
N MET L 37 53.80 -7.81 -53.84
CA MET L 37 53.10 -6.75 -53.11
C MET L 37 53.92 -5.47 -52.90
N ARG L 38 55.07 -5.61 -52.23
CA ARG L 38 55.93 -4.46 -51.99
C ARG L 38 56.08 -3.67 -53.29
N SER L 39 56.39 -4.38 -54.37
CA SER L 39 56.54 -3.72 -55.66
C SER L 39 55.29 -2.89 -55.97
N LEU L 40 54.14 -3.47 -55.69
CA LEU L 40 52.90 -2.80 -55.97
C LEU L 40 52.64 -1.64 -54.97
N GLY L 41 53.46 -1.47 -53.92
CA GLY L 41 53.28 -0.33 -52.98
C GLY L 41 52.88 -0.61 -51.52
N GLN L 42 53.00 -1.86 -51.11
CA GLN L 42 52.65 -2.35 -49.76
C GLN L 42 53.74 -3.21 -49.22
N ASN L 43 53.55 -3.51 -47.96
CA ASN L 43 54.39 -4.36 -47.34
C ASN L 43 53.72 -4.97 -46.18
N PRO L 44 53.49 -6.27 -46.36
CA PRO L 44 52.91 -7.03 -45.29
C PRO L 44 54.13 -7.38 -44.40
N THR L 45 53.87 -7.49 -43.11
CA THR L 45 54.93 -7.79 -42.17
C THR L 45 55.44 -9.19 -42.43
N GLU L 46 56.61 -9.47 -41.86
CA GLU L 46 57.26 -10.76 -41.99
C GLU L 46 56.29 -11.91 -41.65
N ALA L 47 55.50 -11.76 -40.60
CA ALA L 47 54.56 -12.80 -40.18
C ALA L 47 53.12 -12.60 -40.69
N GLU L 48 52.75 -11.34 -40.95
CA GLU L 48 51.40 -11.02 -41.45
C GLU L 48 51.30 -11.54 -42.88
N LEU L 49 52.46 -11.79 -43.47
CA LEU L 49 52.57 -12.27 -44.84
C LEU L 49 52.09 -13.70 -45.04
N GLN L 50 52.12 -14.48 -43.97
CA GLN L 50 51.70 -15.88 -44.01
C GLN L 50 50.19 -16.10 -43.94
N ASP L 51 49.55 -15.50 -42.93
CA ASP L 51 48.10 -15.63 -42.75
C ASP L 51 47.30 -15.63 -44.06
N MET L 52 47.78 -14.91 -45.07
CA MET L 52 47.09 -14.82 -46.36
C MET L 52 47.34 -16.04 -47.25
N ILE L 53 48.61 -16.44 -47.33
CA ILE L 53 49.04 -17.58 -48.13
C ILE L 53 48.69 -18.88 -47.42
N ASN L 54 48.66 -18.82 -46.08
CA ASN L 54 48.35 -19.95 -45.23
C ASN L 54 46.90 -20.41 -45.32
N GLU L 55 45.98 -19.48 -45.41
CA GLU L 55 44.64 -19.97 -45.38
C GLU L 55 44.26 -20.92 -46.51
N VAL L 56 44.94 -20.90 -47.65
CA VAL L 56 44.46 -21.77 -48.72
C VAL L 56 45.47 -22.81 -49.21
N ASP L 57 45.83 -23.77 -48.36
CA ASP L 57 46.87 -24.76 -48.71
C ASP L 57 46.46 -25.87 -49.67
N ALA L 58 46.20 -25.53 -50.93
CA ALA L 58 45.82 -26.51 -51.96
C ALA L 58 46.97 -26.58 -52.95
N ASP L 59 48.18 -26.35 -52.43
CA ASP L 59 49.39 -26.36 -53.23
C ASP L 59 50.52 -27.18 -52.57
N GLY L 60 51.75 -26.97 -53.04
CA GLY L 60 52.89 -27.69 -52.49
C GLY L 60 53.13 -27.24 -51.06
N ASN L 61 52.04 -26.83 -50.40
CA ASN L 61 52.08 -26.35 -49.02
C ASN L 61 53.09 -25.22 -48.95
N GLY L 62 52.89 -24.20 -49.79
CA GLY L 62 53.81 -23.08 -49.78
C GLY L 62 53.63 -22.07 -50.89
N THR L 63 52.91 -22.42 -51.95
CA THR L 63 52.72 -21.49 -53.05
C THR L 63 51.28 -21.03 -53.21
N ILE L 64 51.07 -20.07 -54.12
CA ILE L 64 49.76 -19.49 -54.39
C ILE L 64 49.66 -19.06 -55.87
N ASP L 65 48.60 -19.45 -56.56
CA ASP L 65 48.46 -19.11 -57.98
C ASP L 65 47.99 -17.69 -58.33
N PHE L 66 47.36 -17.54 -59.50
CA PHE L 66 46.87 -16.22 -59.90
C PHE L 66 45.63 -15.93 -59.06
N PRO L 67 44.55 -16.75 -59.23
CA PRO L 67 43.33 -16.52 -58.45
C PRO L 67 43.59 -16.46 -56.98
N GLU L 68 44.33 -17.44 -56.48
CA GLU L 68 44.69 -17.49 -55.07
C GLU L 68 45.07 -16.10 -54.56
N PHE L 69 45.66 -15.32 -55.47
CA PHE L 69 46.14 -13.96 -55.24
C PHE L 69 45.03 -12.95 -55.35
N LEU L 70 44.52 -12.79 -56.56
CA LEU L 70 43.45 -11.83 -56.84
C LEU L 70 42.32 -11.88 -55.83
N THR L 71 41.96 -13.08 -55.40
CA THR L 71 40.88 -13.28 -54.45
C THR L 71 41.30 -12.95 -53.01
N MET L 72 42.61 -12.84 -52.79
CA MET L 72 43.13 -12.52 -51.46
C MET L 72 43.42 -11.01 -51.35
N MET L 73 43.21 -10.29 -52.46
CA MET L 73 43.39 -8.85 -52.44
C MET L 73 42.00 -8.27 -52.28
N ALA L 74 41.48 -8.50 -51.09
CA ALA L 74 40.17 -8.05 -50.65
C ALA L 74 40.32 -7.95 -49.14
N ARG L 75 40.78 -9.03 -48.51
CA ARG L 75 41.00 -9.06 -47.05
C ARG L 75 41.41 -7.70 -46.54
N LYS L 76 42.21 -7.00 -47.32
CA LYS L 76 42.58 -5.68 -46.89
C LYS L 76 42.48 -4.69 -48.02
N MET L 77 41.58 -4.90 -48.98
CA MET L 77 41.50 -3.99 -50.11
C MET L 77 40.06 -3.68 -50.51
N LYS L 78 39.11 -4.29 -49.82
CA LYS L 78 37.68 -4.11 -50.10
C LYS L 78 37.05 -3.07 -49.15
N ASP L 79 37.93 -2.35 -48.45
CA ASP L 79 37.54 -1.31 -47.50
C ASP L 79 38.37 -0.04 -47.72
N THR L 80 39.70 -0.21 -47.67
CA THR L 80 40.68 0.86 -47.82
C THR L 80 40.42 1.80 -49.02
N ASP L 81 40.28 3.09 -48.70
CA ASP L 81 40.04 4.17 -49.67
C ASP L 81 40.81 5.41 -49.19
N SER L 82 41.69 5.20 -48.23
CA SER L 82 42.51 6.26 -47.64
C SER L 82 43.41 6.96 -48.64
N GLU L 83 43.86 6.21 -49.64
CA GLU L 83 44.74 6.75 -50.65
C GLU L 83 44.46 8.19 -50.99
N GLU L 84 43.20 8.51 -51.20
CA GLU L 84 42.79 9.85 -51.59
C GLU L 84 43.00 10.91 -50.53
N GLU L 85 42.37 10.71 -49.38
CA GLU L 85 42.46 11.61 -48.23
C GLU L 85 43.88 12.17 -48.13
N ILE L 86 44.84 11.25 -48.06
CA ILE L 86 46.24 11.58 -47.96
C ILE L 86 46.77 12.45 -49.10
N ARG L 87 46.19 12.32 -50.29
CA ARG L 87 46.64 13.15 -51.39
C ARG L 87 46.05 14.55 -51.24
N GLU L 88 45.02 14.65 -50.43
CA GLU L 88 44.38 15.93 -50.20
C GLU L 88 45.04 16.61 -49.03
N ALA L 89 45.44 15.80 -48.05
CA ALA L 89 46.14 16.32 -46.91
C ALA L 89 47.40 16.89 -47.51
N PHE L 90 47.99 16.23 -48.49
CA PHE L 90 49.21 16.79 -49.08
C PHE L 90 48.93 18.18 -49.66
N ARG L 91 48.09 18.27 -50.67
CA ARG L 91 47.85 19.57 -51.25
C ARG L 91 47.60 20.63 -50.18
N VAL L 92 47.15 20.22 -48.99
CA VAL L 92 46.89 21.19 -47.92
C VAL L 92 48.16 21.83 -47.35
N PHE L 93 49.15 21.02 -46.95
CA PHE L 93 50.36 21.56 -46.41
C PHE L 93 51.18 22.19 -47.50
N ASP L 94 51.12 21.62 -48.70
CA ASP L 94 51.88 22.21 -49.78
C ASP L 94 51.17 23.51 -50.07
N LYS L 95 51.30 24.42 -49.11
CA LYS L 95 50.69 25.73 -49.17
C LYS L 95 50.86 26.56 -50.43
N ASP L 96 52.07 26.59 -50.99
CA ASP L 96 52.37 27.41 -52.17
C ASP L 96 52.16 26.82 -53.54
N GLY L 97 51.88 25.52 -53.59
CA GLY L 97 51.63 24.85 -54.86
C GLY L 97 52.83 24.54 -55.75
N ASN L 98 53.95 24.18 -55.13
CA ASN L 98 55.13 23.85 -55.87
C ASN L 98 55.20 22.34 -56.00
N GLY L 99 54.33 21.64 -55.30
CA GLY L 99 54.35 20.20 -55.39
C GLY L 99 55.24 19.63 -54.32
N TYR L 100 55.83 20.50 -53.53
CA TYR L 100 56.71 20.06 -52.45
C TYR L 100 56.26 20.65 -51.09
N ILE L 101 56.64 20.01 -49.98
CA ILE L 101 56.25 20.51 -48.68
C ILE L 101 57.50 20.91 -47.95
N SER L 102 57.74 22.21 -47.88
CA SER L 102 58.89 22.82 -47.21
C SER L 102 58.72 22.97 -45.70
N ALA L 103 59.81 22.82 -44.96
CA ALA L 103 59.75 22.94 -43.49
C ALA L 103 59.04 24.21 -43.03
N ALA L 104 59.06 25.21 -43.90
CA ALA L 104 58.40 26.47 -43.59
C ALA L 104 56.92 26.22 -43.41
N GLU L 105 56.29 25.69 -44.46
CA GLU L 105 54.85 25.42 -44.44
C GLU L 105 54.44 24.35 -43.48
N LEU L 106 55.26 23.32 -43.32
CA LEU L 106 54.91 22.29 -42.34
C LEU L 106 54.59 23.02 -41.05
N ARG L 107 55.62 23.66 -40.49
CA ARG L 107 55.47 24.41 -39.24
C ARG L 107 54.32 25.39 -39.28
N HIS L 108 54.13 26.03 -40.42
CA HIS L 108 53.04 26.98 -40.55
C HIS L 108 51.67 26.33 -40.40
N VAL L 109 51.33 25.39 -41.27
CA VAL L 109 50.03 24.76 -41.17
C VAL L 109 49.95 23.96 -39.87
N MET L 110 51.10 23.57 -39.33
CA MET L 110 51.08 22.85 -38.08
C MET L 110 50.53 23.72 -36.98
N THR L 111 50.91 25.00 -36.94
CA THR L 111 50.43 25.88 -35.87
C THR L 111 48.96 26.30 -35.97
N ASN L 112 48.49 26.63 -37.16
CA ASN L 112 47.09 27.01 -37.30
C ASN L 112 46.24 25.88 -36.78
N LEU L 113 46.62 24.66 -37.15
CA LEU L 113 45.90 23.48 -36.70
C LEU L 113 46.11 23.36 -35.19
N GLY L 114 46.84 24.32 -34.62
CA GLY L 114 47.05 24.33 -33.19
C GLY L 114 48.29 23.72 -32.58
N GLU L 115 49.33 23.42 -33.35
CA GLU L 115 50.51 22.86 -32.72
C GLU L 115 51.77 23.72 -32.76
N LYS L 116 52.20 24.14 -31.58
CA LYS L 116 53.40 24.95 -31.46
C LYS L 116 54.60 24.03 -31.66
N LEU L 117 55.19 24.12 -32.84
CA LEU L 117 56.35 23.30 -33.13
C LEU L 117 57.64 24.10 -33.04
N THR L 118 58.64 23.48 -32.47
CA THR L 118 59.94 24.10 -32.32
C THR L 118 60.68 24.15 -33.65
N ASP L 119 61.23 25.29 -33.98
CA ASP L 119 61.97 25.42 -35.21
C ASP L 119 62.94 24.24 -35.36
N GLU L 120 63.33 23.64 -34.24
CA GLU L 120 64.28 22.53 -34.23
C GLU L 120 63.66 21.17 -34.55
N GLU L 121 62.37 21.01 -34.25
CA GLU L 121 61.68 19.75 -34.49
C GLU L 121 60.69 19.85 -35.64
N VAL L 122 61.11 20.52 -36.70
CA VAL L 122 60.31 20.69 -37.91
C VAL L 122 61.33 20.45 -38.99
N ASP L 123 62.49 21.06 -38.81
CA ASP L 123 63.59 20.90 -39.74
C ASP L 123 63.96 19.45 -39.47
N GLN L 124 63.28 18.89 -38.48
CA GLN L 124 63.47 17.51 -38.03
C GLN L 124 62.54 16.55 -38.74
N MET L 125 61.24 16.82 -38.71
CA MET L 125 60.30 15.95 -39.41
C MET L 125 60.72 15.99 -40.89
N ILE L 126 60.68 17.15 -41.50
CA ILE L 126 61.06 17.30 -42.89
C ILE L 126 62.28 16.48 -43.27
N ARG L 127 63.16 16.22 -42.31
CA ARG L 127 64.34 15.46 -42.63
C ARG L 127 64.00 13.98 -42.70
N GLU L 128 63.50 13.43 -41.60
CA GLU L 128 63.17 12.02 -41.57
C GLU L 128 62.19 11.61 -42.68
N ALA L 129 61.42 12.58 -43.17
CA ALA L 129 60.45 12.31 -44.22
C ALA L 129 61.09 12.28 -45.58
N ASP L 130 62.19 13.01 -45.70
CA ASP L 130 62.93 13.11 -46.95
C ASP L 130 63.83 11.92 -47.19
N ILE L 131 63.60 11.26 -48.32
CA ILE L 131 64.34 10.07 -48.70
C ILE L 131 65.44 10.31 -49.71
N ASP L 132 65.20 11.24 -50.62
CA ASP L 132 66.20 11.51 -51.64
C ASP L 132 67.12 12.65 -51.30
N GLY L 133 67.00 13.20 -50.09
CA GLY L 133 67.88 14.26 -49.65
C GLY L 133 67.78 15.69 -50.16
N ASP L 134 66.74 16.04 -50.89
CA ASP L 134 66.64 17.41 -51.38
C ASP L 134 65.97 18.41 -50.44
N GLY L 135 66.09 18.18 -49.14
CA GLY L 135 65.49 19.10 -48.18
C GLY L 135 63.98 19.26 -48.14
N GLN L 136 63.26 18.72 -49.13
CA GLN L 136 61.80 18.84 -49.14
C GLN L 136 61.08 17.51 -49.38
N VAL L 137 59.81 17.43 -48.94
CA VAL L 137 59.01 16.22 -49.10
C VAL L 137 57.98 16.29 -50.23
N ASN L 138 58.13 15.47 -51.25
CA ASN L 138 57.18 15.47 -52.36
C ASN L 138 56.01 14.53 -52.06
N TYR L 139 55.05 14.44 -52.96
CA TYR L 139 53.92 13.56 -52.68
C TYR L 139 54.40 12.15 -52.40
N GLU L 140 55.28 11.64 -53.23
CA GLU L 140 55.78 10.30 -53.02
C GLU L 140 56.29 10.04 -51.61
N GLU L 141 57.29 10.79 -51.14
CA GLU L 141 57.83 10.55 -49.80
C GLU L 141 56.82 10.77 -48.72
N PHE L 142 55.88 11.67 -49.00
CA PHE L 142 54.81 12.00 -48.07
C PHE L 142 53.98 10.73 -47.87
N VAL L 143 53.38 10.25 -48.96
CA VAL L 143 52.56 9.03 -48.94
C VAL L 143 53.28 7.91 -48.23
N GLN L 144 54.58 7.80 -48.49
CA GLN L 144 55.39 6.79 -47.86
C GLN L 144 55.26 6.95 -46.35
N MET L 145 55.75 8.09 -45.87
CA MET L 145 55.74 8.43 -44.46
C MET L 145 54.39 8.22 -43.79
N MET L 146 53.34 8.69 -44.46
CA MET L 146 51.99 8.61 -43.94
C MET L 146 51.53 7.19 -43.71
N THR L 147 51.28 6.45 -44.79
CA THR L 147 50.83 5.07 -44.68
C THR L 147 51.86 4.12 -44.08
N ALA L 148 53.12 4.28 -44.45
CA ALA L 148 54.16 3.42 -43.91
C ALA L 148 53.89 3.25 -42.42
N LYS L 149 53.37 2.09 -42.03
CA LYS L 149 53.09 1.82 -40.63
C LYS L 149 54.38 1.46 -39.90
#